data_7XC2
#
_entry.id   7XC2
#
_cell.length_a   1.00
_cell.length_b   1.00
_cell.length_c   1.00
_cell.angle_alpha   90.00
_cell.angle_beta   90.00
_cell.angle_gamma   90.00
#
_symmetry.space_group_name_H-M   'P 1'
#
loop_
_entity.id
_entity.type
_entity.pdbx_description
1 polymer CNL9
2 polymer 'Avirulence factor'
3 non-polymer "ADENOSINE-5'-TRIPHOSPHATE"
#
loop_
_entity_poly.entity_id
_entity_poly.type
_entity_poly.pdbx_seq_one_letter_code
_entity_poly.pdbx_strand_id
1 'polypeptide(L)'
;TITLEKKVRKGIESLITELKLMQAVLSKVSKVPADQLDEGVKIWAGNVKELSYQMEDIVDAFMVRVGDGGESTNPKNRVK
KILKKVKKLFKNGKDLHRISAALEEVVLQAKQLAELRQRYEQEMRDTSAQTSVDPRMMALYTDVTELVGIEETRDKLINM
LTEGDDWSKHPLKTISIVGFGGLGKTTLAKAAYDKIKVQFDCGAFVSVSRNPEMKKVLKDILYGLDKVKYENIHNAARDE
KYLIDDIIEFLNDKRYLIVIDDIWNEKAWELIKCAFSKKSPGSRLITTTRNVSVSEACCSSEDDIYRMEPLSNDVSRTLF
CKRIFSQEEGCPQELLKVSEEILKKCGGVPLAIITIASLLANKGHIKAKDEWYALLSSIGHGLTKNRSLEQMKKILLFSY
YDLPSYLKPCLLYLSIFPEDREIRRARLVWRWISEGFVYSEKQDISLYELGDSYFNELVNRSMIQPIGIDDEGKVKACRV
HDMVLDLICSLSSEENFVTILDDPRRKMPNSESKVRRLSIQNSKIDVDTTRMEHMRSVTVFSDNVVGKVLDISRFKVLRV
LDLEGCHVSDVGYVGNLLHLRYLGLKGTHVKDLPMEVGKLQFLLTLDLRGTKIEVLPWSVVQLRRLMCLYVDYGMKLPSG
IGNLTFLEVLDDLGLSDVDLDFVKELGRLTKLRVLRLDFHGFDQSMGKALEESISNMYKLDSLDVFVNRGLINCLSEHWV
PPPRLCRLAFPSKRSWFKTLPSWINPSSLPLLSYLDITLFEVRSEDIQLLGTLPALVYLEIWNYSVFEEAHEVEAPVLSS
GAALFPCATECRFIGIGAVPSMFPQGAAPRLKRLWFTFPAKWSSSENIGLGMRHLPSLQRVVVDVISEGASREEADEAEA
ALRAAAEDHPNRPILDIW
;
C,A,E,G,I
2 'polypeptide(L)'
;VNFPFPKKMITESNSKDIREYLASTFPFEQQSTILDSVKSIAKVQIDDRKAFDLQLKFRQENLAELKDQIILSLGANNGN
QNWQKLLDYTNKLDELSNTKISPEEFIEEIQKVLYKVKLESTSTSKLYSQFNLSIQDFALQIIHSKYKSNQISQNDLLKL
ITEDEMLKILAKTKVLTYKMKYFDSASKMGINKYISTEMMDLDWQFSHYKTFNDALKKNKASDSSYLGWLTHGYSIKYGL
SPNNERSMFFQDGRKYAELYAFSKSPHRKIIPGEHLKDLLAKINKSKGIFLDQNALLDKRIYAFHELNTLETHFPGITSS
FTDDLKSNYRKKMESVSLTCQVLQEIGNIHRFIESKVPYHSSTEYGLFSIPKIFSIPIDYKHGEKENLVSYVDFLYSTAH
ERILQDNSINQLCLDPLQESLNRIKSNIPVFFNL
;
D,B,F,H,J
#
loop_
_chem_comp.id
_chem_comp.type
_chem_comp.name
_chem_comp.formula
ATP non-polymer ADENOSINE-5'-TRIPHOSPHATE 'C10 H16 N5 O13 P3'
#
# COMPACT_ATOMS: atom_id res chain seq x y z
N THR A 1 -47.86 -9.99 -4.21
CA THR A 1 -47.48 -8.67 -3.70
C THR A 1 -46.68 -8.81 -2.41
N ILE A 2 -46.77 -9.96 -1.77
CA ILE A 2 -46.05 -10.21 -0.53
C ILE A 2 -44.55 -10.16 -0.75
N THR A 3 -44.11 -10.71 -1.88
CA THR A 3 -42.69 -10.75 -2.22
C THR A 3 -42.12 -9.34 -2.40
N LEU A 4 -42.89 -8.46 -3.02
CA LEU A 4 -42.45 -7.09 -3.26
C LEU A 4 -42.20 -6.34 -1.96
N GLU A 5 -43.08 -6.54 -0.98
CA GLU A 5 -42.93 -5.87 0.30
C GLU A 5 -41.66 -6.32 1.00
N LYS A 6 -41.37 -7.62 0.94
CA LYS A 6 -40.18 -8.18 1.56
C LYS A 6 -38.90 -7.64 0.93
N LYS A 7 -38.91 -7.51 -0.40
CA LYS A 7 -37.75 -7.02 -1.13
C LYS A 7 -37.46 -5.54 -0.85
N VAL A 8 -38.48 -4.71 -0.93
CA VAL A 8 -38.33 -3.28 -0.69
C VAL A 8 -37.75 -3.04 0.69
N ARG A 9 -38.20 -3.79 1.69
CA ARG A 9 -37.63 -3.65 3.04
C ARG A 9 -36.13 -3.91 3.03
N LYS A 10 -35.73 -5.01 2.39
CA LYS A 10 -34.30 -5.33 2.34
C LYS A 10 -33.52 -4.22 1.67
N GLY A 11 -33.99 -3.75 0.52
CA GLY A 11 -33.31 -2.68 -0.17
C GLY A 11 -33.15 -1.45 0.69
N ILE A 12 -34.20 -1.12 1.45
CA ILE A 12 -34.14 0.09 2.27
C ILE A 12 -33.09 -0.06 3.36
N GLU A 13 -33.04 -1.22 4.01
CA GLU A 13 -32.03 -1.42 5.04
C GLU A 13 -30.62 -1.29 4.46
N SER A 14 -30.40 -1.87 3.28
CA SER A 14 -29.11 -1.73 2.63
C SER A 14 -28.78 -0.27 2.38
N LEU A 15 -29.76 0.50 1.91
CA LEU A 15 -29.50 1.92 1.66
C LEU A 15 -29.10 2.63 2.94
N ILE A 16 -29.73 2.28 4.05
CA ILE A 16 -29.43 2.98 5.30
C ILE A 16 -27.98 2.74 5.71
N THR A 17 -27.53 1.49 5.62
CA THR A 17 -26.13 1.22 5.94
C THR A 17 -25.19 1.98 5.00
N GLU A 18 -25.49 1.96 3.70
CA GLU A 18 -24.65 2.64 2.74
C GLU A 18 -24.57 4.14 3.04
N LEU A 19 -25.68 4.72 3.46
CA LEU A 19 -25.70 6.14 3.79
C LEU A 19 -24.77 6.44 4.95
N LYS A 20 -24.80 5.58 5.98
CA LYS A 20 -23.87 5.77 7.09
C LYS A 20 -22.43 5.79 6.60
N LEU A 21 -22.06 4.82 5.77
CA LEU A 21 -20.68 4.76 5.30
C LEU A 21 -20.30 5.99 4.49
N MET A 22 -21.20 6.43 3.59
CA MET A 22 -20.91 7.59 2.77
C MET A 22 -20.71 8.83 3.63
N GLN A 23 -21.54 9.00 4.65
CA GLN A 23 -21.37 10.19 5.49
C GLN A 23 -20.06 10.14 6.24
N ALA A 24 -19.65 8.96 6.69
CA ALA A 24 -18.34 8.85 7.32
C ALA A 24 -17.24 9.33 6.40
N VAL A 25 -17.27 8.86 5.15
CA VAL A 25 -16.21 9.22 4.20
C VAL A 25 -16.22 10.73 3.95
N LEU A 26 -17.39 11.30 3.72
CA LEU A 26 -17.47 12.72 3.40
C LEU A 26 -16.97 13.57 4.55
N SER A 27 -17.34 13.20 5.79
CA SER A 27 -16.87 13.93 6.94
C SER A 27 -15.35 13.84 7.07
N LYS A 28 -14.80 12.67 6.78
CA LYS A 28 -13.34 12.54 6.80
C LYS A 28 -12.68 13.44 5.78
N VAL A 29 -13.26 13.54 4.58
CA VAL A 29 -12.67 14.35 3.53
C VAL A 29 -12.73 15.83 3.89
N SER A 30 -13.86 16.28 4.43
CA SER A 30 -14.08 17.71 4.56
C SER A 30 -13.20 18.37 5.62
N LYS A 31 -12.24 17.67 6.20
CA LYS A 31 -11.36 18.29 7.18
C LYS A 31 -10.12 18.89 6.56
N VAL A 32 -9.68 18.38 5.42
CA VAL A 32 -8.41 18.81 4.84
C VAL A 32 -8.58 20.19 4.21
N PRO A 33 -7.65 21.11 4.42
CA PRO A 33 -7.73 22.40 3.73
C PRO A 33 -7.54 22.21 2.24
N ALA A 34 -8.16 23.10 1.46
CA ALA A 34 -8.26 22.90 0.02
C ALA A 34 -6.90 22.83 -0.67
N ASP A 35 -5.83 23.26 -0.02
CA ASP A 35 -4.53 23.26 -0.65
C ASP A 35 -3.82 21.91 -0.57
N GLN A 36 -4.38 20.94 0.12
CA GLN A 36 -3.76 19.63 0.23
C GLN A 36 -4.58 18.52 -0.42
N LEU A 37 -5.81 18.77 -0.81
CA LEU A 37 -6.54 17.81 -1.61
C LEU A 37 -6.03 17.79 -3.04
N ASP A 38 -6.13 16.64 -3.68
CA ASP A 38 -5.92 16.54 -5.11
C ASP A 38 -7.25 16.45 -5.83
N GLU A 39 -7.22 16.70 -7.13
CA GLU A 39 -8.47 16.90 -7.87
C GLU A 39 -9.30 15.64 -7.91
N GLY A 40 -8.67 14.46 -8.01
CA GLY A 40 -9.43 13.24 -8.12
C GLY A 40 -10.36 13.02 -6.95
N VAL A 41 -9.83 13.14 -5.74
CA VAL A 41 -10.63 12.94 -4.54
C VAL A 41 -11.74 13.98 -4.48
N LYS A 42 -11.45 15.22 -4.88
CA LYS A 42 -12.44 16.28 -4.82
C LYS A 42 -13.63 15.96 -5.73
N ILE A 43 -13.34 15.58 -6.97
CA ILE A 43 -14.42 15.27 -7.92
C ILE A 43 -15.22 14.08 -7.44
N TRP A 44 -14.53 13.03 -7.01
CA TRP A 44 -15.23 11.85 -6.52
C TRP A 44 -16.12 12.19 -5.34
N ALA A 45 -15.66 13.08 -4.47
CA ALA A 45 -16.45 13.46 -3.31
C ALA A 45 -17.70 14.22 -3.71
N GLY A 46 -17.59 15.12 -4.69
CA GLY A 46 -18.79 15.79 -5.18
C GLY A 46 -19.84 14.81 -5.67
N ASN A 47 -19.41 13.84 -6.47
CA ASN A 47 -20.37 12.87 -6.99
C ASN A 47 -20.99 12.04 -5.88
N VAL A 48 -20.18 11.66 -4.88
CA VAL A 48 -20.72 10.91 -3.75
C VAL A 48 -21.79 11.72 -3.04
N LYS A 49 -21.56 13.02 -2.87
CA LYS A 49 -22.55 13.86 -2.23
C LYS A 49 -23.88 13.82 -2.98
N GLU A 50 -23.84 13.94 -4.30
CA GLU A 50 -25.08 13.90 -5.07
C GLU A 50 -25.82 12.59 -4.86
N LEU A 51 -25.09 11.47 -4.94
CA LEU A 51 -25.75 10.17 -4.73
C LEU A 51 -26.40 10.11 -3.36
N SER A 52 -25.72 10.67 -2.35
CA SER A 52 -26.28 10.67 -1.01
C SER A 52 -27.62 11.38 -0.98
N TYR A 53 -27.71 12.52 -1.65
CA TYR A 53 -28.98 13.23 -1.71
C TYR A 53 -30.08 12.34 -2.29
N GLN A 54 -29.79 11.69 -3.41
CA GLN A 54 -30.83 10.86 -4.04
C GLN A 54 -31.29 9.74 -3.13
N MET A 55 -30.34 9.06 -2.47
CA MET A 55 -30.73 7.94 -1.62
C MET A 55 -31.56 8.40 -0.43
N GLU A 56 -31.21 9.54 0.16
CA GLU A 56 -32.02 10.08 1.23
C GLU A 56 -33.45 10.31 0.77
N ASP A 57 -33.62 10.87 -0.43
CA ASP A 57 -34.97 11.10 -0.93
C ASP A 57 -35.75 9.80 -1.06
N ILE A 58 -35.11 8.75 -1.56
CA ILE A 58 -35.82 7.47 -1.72
C ILE A 58 -36.27 6.93 -0.37
N VAL A 59 -35.36 6.94 0.60
CA VAL A 59 -35.71 6.43 1.93
C VAL A 59 -36.88 7.21 2.51
N ASP A 60 -36.86 8.53 2.36
CA ASP A 60 -37.94 9.34 2.91
C ASP A 60 -39.26 9.04 2.22
N ALA A 61 -39.24 8.86 0.90
CA ALA A 61 -40.47 8.51 0.21
C ALA A 61 -41.06 7.23 0.74
N PHE A 62 -40.21 6.22 0.96
CA PHE A 62 -40.74 4.97 1.52
C PHE A 62 -41.33 5.18 2.90
N MET A 63 -40.64 5.95 3.75
CA MET A 63 -41.12 6.13 5.11
C MET A 63 -42.46 6.85 5.14
N VAL A 64 -42.65 7.81 4.24
CA VAL A 64 -43.88 8.59 4.27
C VAL A 64 -45.03 7.82 3.64
N ARG A 65 -44.84 7.32 2.43
CA ARG A 65 -45.96 6.77 1.68
C ARG A 65 -46.31 5.34 2.06
N VAL A 66 -45.66 4.75 3.05
CA VAL A 66 -45.98 3.37 3.43
C VAL A 66 -46.03 3.23 4.94
N ASN A 92 -51.38 1.08 -3.20
CA ASN A 92 -50.02 0.79 -2.78
C ASN A 92 -49.16 0.26 -3.92
N GLY A 93 -49.80 -0.40 -4.88
CA GLY A 93 -49.07 -1.04 -5.95
C GLY A 93 -48.19 -0.07 -6.72
N LYS A 94 -48.77 1.06 -7.15
CA LYS A 94 -48.02 2.02 -7.93
C LYS A 94 -46.86 2.60 -7.13
N ASP A 95 -47.07 2.85 -5.84
CA ASP A 95 -46.00 3.40 -5.01
C ASP A 95 -44.86 2.41 -4.88
N LEU A 96 -45.17 1.15 -4.58
CA LEU A 96 -44.12 0.16 -4.45
C LEU A 96 -43.39 -0.05 -5.77
N HIS A 97 -44.11 0.03 -6.89
CA HIS A 97 -43.45 -0.13 -8.18
C HIS A 97 -42.49 1.01 -8.46
N ARG A 98 -42.92 2.25 -8.23
CA ARG A 98 -42.02 3.38 -8.40
C ARG A 98 -40.82 3.27 -7.49
N ILE A 99 -41.04 2.86 -6.24
CA ILE A 99 -39.94 2.79 -5.30
C ILE A 99 -38.94 1.72 -5.72
N SER A 100 -39.43 0.58 -6.20
CA SER A 100 -38.52 -0.46 -6.67
C SER A 100 -37.72 0.00 -7.86
N ALA A 101 -38.36 0.71 -8.80
CA ALA A 101 -37.63 1.23 -9.93
C ALA A 101 -36.50 2.17 -9.50
N ALA A 102 -36.84 3.13 -8.63
CA ALA A 102 -35.83 4.08 -8.18
C ALA A 102 -34.70 3.38 -7.44
N LEU A 103 -35.04 2.37 -6.65
CA LEU A 103 -34.04 1.60 -5.93
C LEU A 103 -33.04 0.98 -6.89
N GLU A 104 -33.54 0.27 -7.90
CA GLU A 104 -32.64 -0.36 -8.85
C GLU A 104 -31.75 0.65 -9.53
N GLU A 105 -32.32 1.77 -9.97
CA GLU A 105 -31.53 2.75 -10.69
C GLU A 105 -30.40 3.31 -9.83
N VAL A 106 -30.71 3.65 -8.57
CA VAL A 106 -29.66 4.27 -7.76
C VAL A 106 -28.58 3.26 -7.42
N VAL A 107 -28.94 1.99 -7.24
CA VAL A 107 -27.90 0.99 -6.99
C VAL A 107 -26.97 0.89 -8.19
N LEU A 108 -27.54 0.88 -9.39
CA LEU A 108 -26.72 0.82 -10.60
C LEU A 108 -25.76 2.01 -10.66
N GLN A 109 -26.26 3.21 -10.38
CA GLN A 109 -25.39 4.38 -10.45
C GLN A 109 -24.24 4.29 -9.46
N ALA A 110 -24.53 3.79 -8.25
CA ALA A 110 -23.46 3.67 -7.27
C ALA A 110 -22.36 2.73 -7.75
N LYS A 111 -22.76 1.57 -8.26
CA LYS A 111 -21.75 0.64 -8.80
C LYS A 111 -20.92 1.29 -9.89
N GLN A 112 -21.58 2.02 -10.78
CA GLN A 112 -20.87 2.64 -11.89
C GLN A 112 -19.84 3.64 -11.40
N LEU A 113 -20.20 4.48 -10.43
CA LEU A 113 -19.24 5.46 -9.93
C LEU A 113 -18.07 4.77 -9.25
N ALA A 114 -18.32 3.65 -8.55
CA ALA A 114 -17.21 2.93 -7.93
C ALA A 114 -16.22 2.45 -8.97
N GLU A 115 -16.71 1.80 -10.03
CA GLU A 115 -15.81 1.35 -11.08
C GLU A 115 -15.05 2.51 -11.69
N LEU A 116 -15.74 3.62 -11.91
CA LEU A 116 -15.10 4.78 -12.51
C LEU A 116 -13.93 5.26 -11.67
N ARG A 117 -14.13 5.36 -10.36
CA ARG A 117 -13.02 5.79 -9.51
C ARG A 117 -11.87 4.80 -9.58
N GLN A 118 -12.17 3.50 -9.50
CA GLN A 118 -11.10 2.52 -9.54
C GLN A 118 -10.31 2.57 -10.83
N ARG A 119 -10.91 3.05 -11.90
CA ARG A 119 -10.27 2.95 -13.21
C ARG A 119 -9.03 3.83 -13.33
N TYR A 120 -9.07 5.05 -12.79
CA TYR A 120 -8.01 6.03 -13.04
C TYR A 120 -7.27 6.42 -11.77
N GLU A 121 -7.09 5.51 -10.84
CA GLU A 121 -6.38 5.81 -9.61
C GLU A 121 -4.91 5.48 -9.76
N GLN A 122 -4.05 6.44 -9.48
CA GLN A 122 -2.61 6.26 -9.60
C GLN A 122 -1.94 6.92 -8.40
N GLU A 123 -1.11 6.18 -7.70
CA GLU A 123 -0.55 6.68 -6.46
C GLU A 123 0.56 7.70 -6.70
N MET A 124 1.38 7.48 -7.72
CA MET A 124 2.50 8.36 -8.05
C MET A 124 3.44 8.47 -6.85
N GLN A 130 6.25 20.93 -0.49
CA GLN A 130 6.46 20.86 0.95
C GLN A 130 5.28 21.48 1.70
N THR A 131 5.54 21.90 2.93
CA THR A 131 4.54 22.50 3.80
C THR A 131 4.73 24.00 3.85
N SER A 132 3.62 24.74 3.88
CA SER A 132 3.74 26.19 3.96
C SER A 132 3.82 26.61 5.43
N VAL A 133 4.11 27.89 5.63
CA VAL A 133 4.25 28.46 6.95
C VAL A 133 2.96 29.18 7.30
N ASP A 134 2.70 29.33 8.58
CA ASP A 134 1.53 30.04 9.07
C ASP A 134 1.52 31.47 8.54
N PRO A 135 0.47 31.91 7.85
CA PRO A 135 0.45 33.28 7.33
C PRO A 135 0.50 34.34 8.41
N ARG A 136 0.17 33.99 9.64
CA ARG A 136 0.17 34.98 10.72
C ARG A 136 1.56 35.23 11.27
N MET A 137 2.58 34.53 10.77
CA MET A 137 3.91 34.67 11.35
C MET A 137 4.56 35.97 10.91
N MET A 138 4.34 36.39 9.68
CA MET A 138 4.97 37.62 9.20
C MET A 138 4.54 38.84 9.98
N ALA A 139 3.33 38.82 10.54
CA ALA A 139 2.82 40.00 11.22
C ALA A 139 3.64 40.37 12.45
N LEU A 140 4.41 39.42 13.00
CA LEU A 140 5.24 39.74 14.14
C LEU A 140 6.42 40.62 13.78
N TYR A 141 6.72 40.78 12.49
CA TYR A 141 7.86 41.61 12.09
C TYR A 141 7.41 42.91 11.44
N THR A 142 6.14 43.26 11.59
CA THR A 142 5.66 44.56 11.17
C THR A 142 6.28 45.65 12.01
N ASP A 143 6.66 46.76 11.36
CA ASP A 143 7.22 47.89 12.07
C ASP A 143 6.23 48.44 13.09
N VAL A 144 6.76 49.06 14.14
CA VAL A 144 5.92 49.55 15.23
C VAL A 144 5.34 50.92 14.94
N THR A 145 5.95 51.69 14.05
CA THR A 145 5.43 53.01 13.73
C THR A 145 4.22 52.97 12.82
N GLU A 146 3.70 51.78 12.51
CA GLU A 146 2.55 51.65 11.64
C GLU A 146 1.30 51.24 12.38
N LEU A 147 1.32 51.22 13.70
CA LEU A 147 0.14 50.90 14.48
C LEU A 147 -0.52 52.20 14.93
N VAL A 148 -1.84 52.24 14.83
CA VAL A 148 -2.55 53.51 14.94
C VAL A 148 -2.97 53.81 16.36
N GLY A 149 -3.83 52.98 16.93
CA GLY A 149 -4.47 53.35 18.18
C GLY A 149 -4.18 52.47 19.37
N ILE A 150 -2.92 52.09 19.57
CA ILE A 150 -2.62 51.14 20.63
C ILE A 150 -2.49 51.78 22.01
N GLU A 151 -1.95 53.00 22.11
CA GLU A 151 -1.52 53.55 23.39
C GLU A 151 -2.51 53.31 24.52
N GLU A 152 -3.79 53.62 24.29
CA GLU A 152 -4.80 53.48 25.33
C GLU A 152 -4.94 52.04 25.79
N THR A 153 -5.19 51.13 24.86
CA THR A 153 -5.38 49.73 25.25
C THR A 153 -4.12 49.15 25.86
N ARG A 154 -2.96 49.52 25.31
CA ARG A 154 -1.69 49.04 25.83
C ARG A 154 -1.52 49.45 27.28
N ASP A 155 -1.79 50.72 27.59
CA ASP A 155 -1.63 51.17 28.96
C ASP A 155 -2.69 50.58 29.88
N LYS A 156 -3.91 50.37 29.38
CA LYS A 156 -4.91 49.73 30.21
C LYS A 156 -4.49 48.32 30.59
N LEU A 157 -3.98 47.56 29.63
CA LEU A 157 -3.52 46.21 29.93
C LEU A 157 -2.35 46.24 30.91
N ILE A 158 -1.40 47.14 30.69
CA ILE A 158 -0.26 47.22 31.59
C ILE A 158 -0.73 47.50 33.01
N ASN A 159 -1.71 48.39 33.18
CA ASN A 159 -2.22 48.66 34.52
C ASN A 159 -2.95 47.45 35.07
N MET A 160 -3.66 46.71 34.23
CA MET A 160 -4.30 45.48 34.69
C MET A 160 -3.26 44.47 35.16
N LEU A 161 -2.04 44.52 34.65
CA LEU A 161 -1.01 43.59 35.10
C LEU A 161 -0.42 44.01 36.43
N THR A 162 0.23 45.17 36.49
CA THR A 162 0.89 45.59 37.72
C THR A 162 -0.12 45.96 38.80
N GLU A 163 -0.84 47.06 38.59
CA GLU A 163 -1.95 47.44 39.46
C GLU A 163 -1.50 47.59 40.92
N GLY A 164 -0.75 48.64 41.17
CA GLY A 164 -0.41 49.02 42.52
C GLY A 164 1.05 49.39 42.63
N ASP A 165 1.54 49.42 43.87
CA ASP A 165 2.95 49.60 44.15
C ASP A 165 3.62 48.33 44.64
N ASP A 166 2.86 47.46 45.29
CA ASP A 166 3.36 46.19 45.80
C ASP A 166 2.95 45.03 44.91
N TRP A 167 2.82 45.27 43.60
CA TRP A 167 2.46 44.18 42.70
C TRP A 167 3.51 43.09 42.73
N SER A 168 4.73 43.45 43.10
CA SER A 168 5.82 42.49 43.18
C SER A 168 5.79 41.67 44.44
N LYS A 169 4.67 41.66 45.16
CA LYS A 169 4.51 40.81 46.34
C LYS A 169 3.20 40.04 46.37
N HIS A 170 2.36 40.17 45.37
CA HIS A 170 1.11 39.44 45.38
C HIS A 170 1.26 38.11 44.66
N PRO A 171 0.36 37.17 44.88
CA PRO A 171 0.50 35.87 44.21
C PRO A 171 0.40 35.93 42.69
N LEU A 172 0.62 34.79 42.06
CA LEU A 172 0.66 34.70 40.60
C LEU A 172 -0.71 34.99 40.01
N LYS A 173 -0.74 35.76 38.92
CA LYS A 173 -1.98 36.14 38.27
C LYS A 173 -1.92 35.81 36.79
N THR A 174 -3.10 35.55 36.22
CA THR A 174 -3.26 35.16 34.83
C THR A 174 -4.29 36.05 34.17
N ILE A 175 -3.97 36.58 33.00
CA ILE A 175 -4.88 37.41 32.23
C ILE A 175 -5.16 36.71 30.90
N SER A 176 -6.33 36.96 30.33
CA SER A 176 -6.66 36.34 29.06
C SER A 176 -7.33 37.36 28.15
N ILE A 177 -7.18 37.14 26.86
CA ILE A 177 -7.69 38.04 25.83
C ILE A 177 -8.49 37.22 24.83
N VAL A 178 -9.69 37.68 24.52
CA VAL A 178 -10.61 36.94 23.65
C VAL A 178 -11.20 37.87 22.60
N GLY A 179 -11.63 37.26 21.51
CA GLY A 179 -12.19 37.99 20.39
C GLY A 179 -12.15 37.13 19.14
N PHE A 180 -12.56 37.72 18.04
CA PHE A 180 -12.53 37.01 16.77
C PHE A 180 -11.19 37.23 16.07
N GLY A 181 -10.99 36.51 14.97
CA GLY A 181 -9.73 36.58 14.27
C GLY A 181 -9.50 37.92 13.60
N GLY A 182 -8.24 38.29 13.49
CA GLY A 182 -7.88 39.55 12.85
C GLY A 182 -8.16 40.77 13.68
N LEU A 183 -8.43 40.62 14.97
CA LEU A 183 -8.81 41.75 15.80
C LEU A 183 -7.62 42.48 16.40
N GLY A 184 -6.48 41.83 16.54
CA GLY A 184 -5.30 42.49 17.06
C GLY A 184 -4.92 42.07 18.46
N LYS A 185 -5.09 40.79 18.78
CA LYS A 185 -4.79 40.33 20.13
C LYS A 185 -3.30 40.14 20.35
N THR A 186 -2.64 39.35 19.50
CA THR A 186 -1.23 39.09 19.68
C THR A 186 -0.41 40.37 19.49
N THR A 187 -0.89 41.30 18.68
CA THR A 187 -0.20 42.58 18.55
C THR A 187 -0.18 43.32 19.87
N LEU A 188 -1.31 43.38 20.55
CA LEU A 188 -1.37 44.06 21.84
C LEU A 188 -0.51 43.34 22.87
N ALA A 189 -0.58 42.02 22.90
CA ALA A 189 0.24 41.28 23.84
C ALA A 189 1.72 41.54 23.61
N LYS A 190 2.14 41.53 22.35
CA LYS A 190 3.52 41.81 22.01
C LYS A 190 3.93 43.21 22.47
N ALA A 191 3.06 44.19 22.26
CA ALA A 191 3.37 45.55 22.66
C ALA A 191 3.60 45.64 24.16
N ALA A 192 2.65 45.13 24.96
CA ALA A 192 2.80 45.20 26.41
C ALA A 192 4.03 44.44 26.87
N TYR A 193 4.29 43.29 26.27
CA TYR A 193 5.44 42.48 26.65
C TYR A 193 6.74 43.23 26.42
N ASP A 194 6.93 43.75 25.21
CA ASP A 194 8.13 44.52 24.92
C ASP A 194 8.25 45.73 25.82
N LYS A 195 7.12 46.30 26.25
CA LYS A 195 7.21 47.50 27.06
C LYS A 195 7.68 47.20 28.47
N ILE A 196 7.15 46.17 29.11
CA ILE A 196 7.39 45.96 30.54
C ILE A 196 8.28 44.76 30.84
N LYS A 197 8.88 44.13 29.84
CA LYS A 197 9.72 42.98 30.15
C LYS A 197 10.90 43.31 31.05
N VAL A 198 11.24 44.58 31.21
CA VAL A 198 12.45 44.93 31.92
C VAL A 198 12.33 44.64 33.41
N GLN A 199 11.13 44.72 33.96
CA GLN A 199 10.94 44.62 35.40
C GLN A 199 10.80 43.19 35.89
N PHE A 200 11.25 42.21 35.12
CA PHE A 200 11.18 40.82 35.50
C PHE A 200 12.56 40.19 35.35
N ASP A 201 12.66 38.91 35.67
CA ASP A 201 13.92 38.19 35.55
C ASP A 201 13.99 37.42 34.23
N CYS A 202 12.97 36.60 33.96
CA CYS A 202 12.92 35.81 32.74
C CYS A 202 11.53 35.86 32.10
N GLY A 203 11.48 35.67 30.79
CA GLY A 203 10.22 35.69 30.06
C GLY A 203 10.30 34.92 28.76
N ALA A 204 9.13 34.64 28.16
CA ALA A 204 9.08 33.91 26.91
C ALA A 204 7.80 34.30 26.18
N PHE A 205 7.79 34.02 24.89
CA PHE A 205 6.65 34.36 24.03
C PHE A 205 6.42 33.17 23.11
N VAL A 206 5.49 32.31 23.47
CA VAL A 206 5.28 31.05 22.78
C VAL A 206 3.93 31.08 22.10
N SER A 207 3.82 30.31 21.03
CA SER A 207 2.57 30.23 20.27
C SER A 207 2.20 28.77 20.08
N VAL A 208 0.99 28.42 20.48
CA VAL A 208 0.42 27.09 20.30
C VAL A 208 -0.50 27.13 19.10
N SER A 209 -0.43 26.12 18.25
CA SER A 209 -1.27 26.10 17.06
C SER A 209 -2.55 25.33 17.33
N ARG A 210 -3.23 24.94 16.26
CA ARG A 210 -4.50 24.22 16.39
C ARG A 210 -4.28 22.78 16.87
N ASN A 211 -3.43 22.02 16.20
CA ASN A 211 -3.16 20.64 16.59
C ASN A 211 -1.74 20.56 17.13
N PRO A 212 -1.53 20.81 18.42
CA PRO A 212 -0.18 20.98 18.94
C PRO A 212 0.46 19.67 19.35
N GLU A 213 1.79 19.71 19.42
CA GLU A 213 2.60 18.67 20.04
C GLU A 213 3.18 19.23 21.32
N MET A 214 2.85 18.61 22.44
CA MET A 214 3.21 19.20 23.72
C MET A 214 4.71 19.27 23.92
N LYS A 215 5.45 18.28 23.41
CA LYS A 215 6.90 18.34 23.50
C LYS A 215 7.44 19.61 22.86
N LYS A 216 6.89 19.97 21.69
CA LYS A 216 7.38 21.15 21.01
C LYS A 216 7.11 22.41 21.81
N VAL A 217 5.94 22.50 22.44
CA VAL A 217 5.61 23.68 23.24
C VAL A 217 6.54 23.79 24.43
N LEU A 218 6.80 22.68 25.11
CA LEU A 218 7.67 22.75 26.28
C LEU A 218 9.09 23.08 25.90
N LYS A 219 9.58 22.52 24.79
CA LYS A 219 10.91 22.87 24.31
C LYS A 219 10.98 24.34 23.92
N ASP A 220 9.90 24.87 23.34
CA ASP A 220 9.90 26.29 22.99
C ASP A 220 10.00 27.16 24.23
N ILE A 221 9.25 26.82 25.28
CA ILE A 221 9.35 27.59 26.52
C ILE A 221 10.78 27.55 27.06
N LEU A 222 11.36 26.35 27.11
CA LEU A 222 12.70 26.21 27.66
C LEU A 222 13.71 27.02 26.86
N TYR A 223 13.66 26.92 25.54
CA TYR A 223 14.61 27.65 24.71
C TYR A 223 14.41 29.15 24.80
N GLY A 224 13.17 29.60 25.03
CA GLY A 224 12.94 31.01 25.20
C GLY A 224 13.43 31.55 26.52
N LEU A 225 13.45 30.71 27.56
CA LEU A 225 13.87 31.20 28.86
C LEU A 225 15.37 31.46 28.91
N ASP A 226 16.18 30.63 28.25
CA ASP A 226 17.62 30.81 28.26
C ASP A 226 18.20 30.21 26.98
N LYS A 227 18.62 31.07 26.04
CA LYS A 227 19.09 30.59 24.76
C LYS A 227 20.45 29.91 24.84
N VAL A 228 21.22 30.16 25.89
CA VAL A 228 22.57 29.62 25.97
C VAL A 228 22.58 28.25 26.63
N LYS A 229 21.98 28.14 27.81
CA LYS A 229 21.97 26.87 28.53
C LYS A 229 21.22 25.81 27.74
N TYR A 230 19.97 26.07 27.40
CA TYR A 230 19.16 25.12 26.65
C TYR A 230 19.22 25.40 25.16
N GLU A 231 20.43 25.53 24.63
CA GLU A 231 20.56 25.92 23.23
C GLU A 231 20.20 24.77 22.31
N ASN A 232 20.49 23.54 22.72
CA ASN A 232 20.25 22.37 21.89
C ASN A 232 19.06 21.56 22.38
N ILE A 233 18.15 22.21 23.09
CA ILE A 233 17.05 21.49 23.72
C ILE A 233 16.10 20.90 22.71
N HIS A 234 16.05 21.43 21.50
CA HIS A 234 15.12 20.89 20.52
C HIS A 234 15.52 19.53 19.99
N ASN A 235 16.72 19.07 20.27
CA ASN A 235 17.17 17.75 19.84
C ASN A 235 17.06 16.70 20.93
N ALA A 236 16.86 17.10 22.18
CA ALA A 236 16.70 16.14 23.26
C ALA A 236 15.46 15.28 23.03
N ALA A 237 15.49 14.06 23.55
CA ALA A 237 14.38 13.12 23.39
C ALA A 237 14.00 12.56 24.76
N ARG A 238 13.25 13.33 25.53
CA ARG A 238 12.68 12.90 26.80
C ARG A 238 11.17 13.08 26.75
N ASP A 239 10.46 12.46 27.69
CA ASP A 239 9.02 12.63 27.68
C ASP A 239 8.64 13.95 28.33
N GLU A 240 7.34 14.18 28.44
CA GLU A 240 6.85 15.45 28.97
C GLU A 240 7.18 15.62 30.43
N LYS A 241 7.23 14.54 31.22
CA LYS A 241 7.45 14.69 32.65
C LYS A 241 8.79 15.33 32.93
N TYR A 242 9.83 14.92 32.21
CA TYR A 242 11.15 15.46 32.50
C TYR A 242 11.29 16.89 32.00
N LEU A 243 10.64 17.24 30.90
CA LEU A 243 10.66 18.63 30.46
C LEU A 243 9.94 19.52 31.47
N ILE A 244 8.81 19.06 32.00
CA ILE A 244 8.10 19.84 33.01
C ILE A 244 8.96 20.00 34.26
N ASP A 245 9.67 18.94 34.64
CA ASP A 245 10.56 19.06 35.79
C ASP A 245 11.66 20.08 35.55
N ASP A 246 12.21 20.10 34.33
CA ASP A 246 13.24 21.09 34.02
C ASP A 246 12.68 22.51 34.13
N ILE A 247 11.49 22.73 33.59
CA ILE A 247 10.89 24.07 33.67
C ILE A 247 10.66 24.46 35.12
N ILE A 248 10.21 23.51 35.94
CA ILE A 248 9.95 23.83 37.34
C ILE A 248 11.25 24.17 38.06
N GLU A 249 12.32 23.43 37.78
CA GLU A 249 13.57 23.69 38.47
C GLU A 249 14.19 25.01 38.05
N PHE A 250 14.02 25.40 36.79
CA PHE A 250 14.64 26.65 36.35
C PHE A 250 13.95 27.87 36.93
N LEU A 251 12.64 27.82 37.12
CA LEU A 251 11.87 28.97 37.56
C LEU A 251 11.88 29.16 39.06
N ASN A 252 12.65 28.37 39.80
CA ASN A 252 12.66 28.47 41.24
C ASN A 252 13.29 29.78 41.67
N ASP A 253 12.54 30.58 42.43
CA ASP A 253 13.03 31.83 43.01
C ASP A 253 13.32 32.87 41.92
N LYS A 254 12.34 33.10 41.06
CA LYS A 254 12.46 34.13 40.03
C LYS A 254 11.08 34.72 39.77
N ARG A 255 11.08 35.97 39.30
CA ARG A 255 9.87 36.60 38.78
C ARG A 255 9.86 36.43 37.27
N TYR A 256 8.76 35.93 36.73
CA TYR A 256 8.70 35.69 35.30
C TYR A 256 7.40 36.23 34.72
N LEU A 257 7.47 36.59 33.45
CA LEU A 257 6.32 37.08 32.70
C LEU A 257 6.24 36.23 31.44
N ILE A 258 5.18 35.46 31.28
CA ILE A 258 5.12 34.52 30.18
C ILE A 258 3.83 34.71 29.40
N VAL A 259 3.93 34.72 28.08
CA VAL A 259 2.79 34.89 27.18
C VAL A 259 2.59 33.60 26.41
N ILE A 260 1.35 33.12 26.38
CA ILE A 260 0.97 31.93 25.65
C ILE A 260 -0.16 32.29 24.70
N ASP A 261 0.00 31.91 23.45
CA ASP A 261 -0.73 32.50 22.35
C ASP A 261 -1.49 31.44 21.59
N ASP A 262 -2.72 31.77 21.18
CA ASP A 262 -3.44 30.98 20.20
C ASP A 262 -3.80 29.60 20.74
N ILE A 263 -4.39 29.57 21.92
CA ILE A 263 -4.89 28.33 22.50
C ILE A 263 -6.24 28.03 21.89
N TRP A 264 -6.44 26.78 21.47
CA TRP A 264 -7.65 26.42 20.74
C TRP A 264 -8.59 25.49 21.49
N ASN A 265 -8.14 24.81 22.54
CA ASN A 265 -9.06 24.04 23.36
C ASN A 265 -8.46 23.88 24.74
N GLU A 266 -9.04 22.95 25.51
CA GLU A 266 -8.84 22.91 26.96
C GLU A 266 -7.71 21.98 27.39
N LYS A 267 -7.54 20.84 26.73
CA LYS A 267 -6.54 19.88 27.15
C LYS A 267 -5.14 20.51 27.15
N ALA A 268 -4.85 21.33 26.15
CA ALA A 268 -3.54 21.96 26.07
C ALA A 268 -3.23 22.77 27.31
N TRP A 269 -4.16 23.63 27.71
CA TRP A 269 -3.94 24.42 28.91
C TRP A 269 -3.89 23.53 30.14
N GLU A 270 -4.74 22.52 30.19
CA GLU A 270 -4.74 21.61 31.32
C GLU A 270 -3.38 20.96 31.53
N LEU A 271 -2.66 20.70 30.45
CA LEU A 271 -1.34 20.09 30.60
C LEU A 271 -0.26 21.14 30.90
N ILE A 272 -0.28 22.26 30.17
CA ILE A 272 0.75 23.29 30.37
C ILE A 272 0.66 23.94 31.74
N LYS A 273 -0.51 23.92 32.37
CA LYS A 273 -0.67 24.54 33.67
C LYS A 273 0.18 23.86 34.74
N CYS A 274 0.64 22.64 34.50
CA CYS A 274 1.38 21.91 35.52
C CYS A 274 2.74 22.54 35.77
N ALA A 275 3.35 23.16 34.76
CA ALA A 275 4.68 23.72 34.91
C ALA A 275 4.69 24.96 35.79
N PHE A 276 3.53 25.58 36.00
CA PHE A 276 3.42 26.75 36.86
C PHE A 276 2.65 26.42 38.12
N SER A 277 2.95 25.27 38.71
CA SER A 277 2.20 24.78 39.86
C SER A 277 2.66 25.42 41.15
N LYS A 278 3.97 25.54 41.35
CA LYS A 278 4.48 26.16 42.56
C LYS A 278 4.03 27.61 42.65
N LYS A 279 4.19 28.19 43.84
CA LYS A 279 3.79 29.57 44.06
C LYS A 279 5.00 30.47 43.98
N SER A 280 4.82 31.61 43.31
CA SER A 280 5.91 32.52 43.05
C SER A 280 5.40 33.94 43.08
N PRO A 281 5.69 34.71 44.12
CA PRO A 281 5.09 36.04 44.28
C PRO A 281 5.65 37.02 43.27
N GLY A 282 4.77 37.57 42.43
CA GLY A 282 5.13 38.60 41.49
C GLY A 282 5.15 38.19 40.04
N SER A 283 4.86 36.94 39.72
CA SER A 283 4.96 36.46 38.35
C SER A 283 3.61 36.58 37.66
N ARG A 284 3.64 36.67 36.32
CA ARG A 284 2.45 36.96 35.55
C ARG A 284 2.34 36.09 34.31
N LEU A 285 1.12 35.71 33.96
CA LEU A 285 0.85 34.96 32.74
C LEU A 285 -0.19 35.70 31.90
N ILE A 286 -0.01 35.63 30.59
CA ILE A 286 -0.99 36.17 29.65
C ILE A 286 -1.32 35.08 28.64
N THR A 287 -2.59 34.97 28.26
CA THR A 287 -2.99 34.03 27.22
C THR A 287 -3.92 34.72 26.25
N THR A 288 -3.84 34.33 24.98
CA THR A 288 -4.76 34.88 23.98
C THR A 288 -5.46 33.75 23.25
N THR A 289 -6.73 33.94 22.93
CA THR A 289 -7.51 32.87 22.32
C THR A 289 -8.75 33.43 21.64
N ARG A 290 -9.36 32.60 20.79
CA ARG A 290 -10.62 32.91 20.13
C ARG A 290 -11.83 32.30 20.82
N ASN A 291 -11.62 31.40 21.77
CA ASN A 291 -12.69 30.63 22.39
C ASN A 291 -12.96 31.18 23.78
N VAL A 292 -14.23 31.26 24.15
CA VAL A 292 -14.59 31.93 25.40
C VAL A 292 -14.46 30.99 26.59
N SER A 293 -14.90 29.74 26.44
CA SER A 293 -14.80 28.80 27.55
C SER A 293 -13.35 28.57 27.94
N VAL A 294 -12.44 28.59 26.98
CA VAL A 294 -11.03 28.44 27.29
C VAL A 294 -10.55 29.58 28.17
N SER A 295 -11.00 30.80 27.88
CA SER A 295 -10.61 31.94 28.69
C SER A 295 -11.21 31.85 30.08
N GLU A 296 -12.43 31.35 30.19
CA GLU A 296 -13.01 31.17 31.52
C GLU A 296 -12.26 30.11 32.30
N ALA A 297 -11.70 29.11 31.62
CA ALA A 297 -10.94 28.07 32.29
C ALA A 297 -9.55 28.53 32.68
N CYS A 298 -8.97 29.50 31.95
CA CYS A 298 -7.65 30.01 32.31
C CYS A 298 -7.72 30.89 33.56
N CYS A 299 -8.50 31.96 33.49
CA CYS A 299 -8.54 32.93 34.56
C CYS A 299 -9.36 32.41 35.73
N SER A 300 -9.15 33.02 36.90
CA SER A 300 -9.90 32.66 38.09
C SER A 300 -11.17 33.50 38.23
N SER A 301 -11.02 34.81 38.30
CA SER A 301 -12.15 35.73 38.37
C SER A 301 -12.51 36.22 36.98
N GLU A 302 -13.78 36.58 36.80
CA GLU A 302 -14.21 37.12 35.51
C GLU A 302 -13.88 38.59 35.37
N ASP A 303 -13.08 39.13 36.28
CA ASP A 303 -12.52 40.46 36.15
C ASP A 303 -11.16 40.46 35.49
N ASP A 304 -10.54 39.28 35.35
CA ASP A 304 -9.24 39.12 34.71
C ASP A 304 -9.38 38.71 33.26
N ILE A 305 -10.46 39.10 32.60
CA ILE A 305 -10.67 38.82 31.20
C ILE A 305 -10.74 40.13 30.46
N TYR A 306 -9.94 40.27 29.41
CA TYR A 306 -9.96 41.43 28.55
C TYR A 306 -10.64 41.03 27.24
N ARG A 307 -11.66 41.78 26.87
CA ARG A 307 -12.40 41.52 25.63
C ARG A 307 -11.99 42.54 24.59
N MET A 308 -11.32 42.09 23.55
CA MET A 308 -10.95 42.99 22.46
C MET A 308 -12.21 43.48 21.78
N GLU A 309 -12.19 44.75 21.37
CA GLU A 309 -13.30 45.34 20.65
C GLU A 309 -12.76 46.16 19.48
N PRO A 310 -13.51 46.25 18.40
CA PRO A 310 -12.99 46.90 17.20
C PRO A 310 -12.71 48.38 17.41
N LEU A 311 -11.96 48.95 16.47
CA LEU A 311 -11.61 50.36 16.53
C LEU A 311 -12.85 51.22 16.31
N SER A 312 -12.74 52.47 16.72
CA SER A 312 -13.81 53.44 16.51
C SER A 312 -13.80 53.86 15.04
N ASN A 313 -14.61 54.85 14.69
CA ASN A 313 -14.67 55.26 13.29
C ASN A 313 -13.51 56.16 12.91
N ASP A 314 -13.17 57.12 13.77
CA ASP A 314 -12.08 58.03 13.43
C ASP A 314 -10.76 57.28 13.32
N VAL A 315 -10.50 56.37 14.24
CA VAL A 315 -9.26 55.61 14.20
C VAL A 315 -9.20 54.78 12.93
N SER A 316 -10.31 54.12 12.59
CA SER A 316 -10.33 53.32 11.37
C SER A 316 -10.06 54.19 10.16
N ARG A 317 -10.65 55.37 10.10
CA ARG A 317 -10.46 56.24 8.96
C ARG A 317 -9.02 56.71 8.84
N THR A 318 -8.37 57.03 9.97
CA THR A 318 -6.98 57.45 9.90
C THR A 318 -6.09 56.29 9.46
N LEU A 319 -6.37 55.09 9.94
CA LEU A 319 -5.60 53.93 9.49
C LEU A 319 -5.75 53.74 7.98
N PHE A 320 -6.98 53.79 7.50
CA PHE A 320 -7.25 53.70 6.06
C PHE A 320 -6.42 54.73 5.29
N CYS A 321 -6.63 56.01 5.58
CA CYS A 321 -5.92 57.08 4.89
C CYS A 321 -4.42 56.84 4.92
N LYS A 322 -3.87 56.65 6.12
CA LYS A 322 -2.45 56.43 6.30
C LYS A 322 -1.92 55.32 5.40
N ARG A 323 -2.65 54.21 5.35
CA ARG A 323 -2.26 53.07 4.53
C ARG A 323 -2.25 53.37 3.03
N ILE A 324 -3.23 54.13 2.56
CA ILE A 324 -3.33 54.44 1.13
C ILE A 324 -2.83 55.84 0.70
N PHE A 325 -3.47 56.90 1.16
CA PHE A 325 -3.08 58.25 0.77
C PHE A 325 -1.81 58.69 1.49
N SER A 326 -0.95 57.72 1.85
CA SER A 326 -0.02 57.74 2.99
C SER A 326 0.47 59.15 3.31
N GLN A 327 0.97 59.91 2.33
CA GLN A 327 1.57 61.20 2.66
C GLN A 327 0.55 62.32 2.59
N GLU A 328 -0.27 62.37 1.53
CA GLU A 328 -1.22 63.45 1.44
C GLU A 328 -2.22 63.45 2.58
N GLU A 329 -2.64 62.25 3.02
CA GLU A 329 -3.74 62.05 3.99
C GLU A 329 -4.96 62.93 3.67
N GLY A 330 -5.19 63.16 2.38
CA GLY A 330 -6.34 63.96 1.95
C GLY A 330 -7.24 63.22 1.00
N CYS A 331 -8.39 62.83 1.47
CA CYS A 331 -9.25 62.09 0.56
C CYS A 331 -9.99 63.05 -0.35
N PRO A 332 -9.95 62.82 -1.67
CA PRO A 332 -10.76 63.61 -2.58
C PRO A 332 -12.24 63.40 -2.34
N GLN A 333 -13.04 64.39 -2.74
CA GLN A 333 -14.45 64.41 -2.36
C GLN A 333 -15.25 63.31 -3.03
N GLU A 334 -15.00 63.06 -4.32
CA GLU A 334 -15.80 62.08 -5.04
C GLU A 334 -15.69 60.69 -4.40
N LEU A 335 -14.62 60.47 -3.63
CA LEU A 335 -14.41 59.17 -3.02
C LEU A 335 -14.95 59.08 -1.59
N LEU A 336 -15.47 60.18 -1.05
CA LEU A 336 -15.89 60.20 0.35
C LEU A 336 -16.95 59.15 0.66
N LYS A 337 -18.03 59.14 -0.11
CA LYS A 337 -19.17 58.31 0.28
C LYS A 337 -18.90 56.82 0.05
N VAL A 338 -18.21 56.49 -1.04
CA VAL A 338 -17.78 55.10 -1.20
C VAL A 338 -16.81 54.71 -0.11
N SER A 339 -15.95 55.65 0.30
CA SER A 339 -15.06 55.37 1.42
C SER A 339 -15.86 55.03 2.67
N GLU A 340 -16.90 55.80 2.93
CA GLU A 340 -17.70 55.58 4.14
C GLU A 340 -18.43 54.25 4.10
N GLU A 341 -18.98 53.90 2.94
CA GLU A 341 -19.66 52.61 2.84
C GLU A 341 -18.67 51.46 3.01
N ILE A 342 -17.48 51.59 2.43
CA ILE A 342 -16.48 50.54 2.59
C ILE A 342 -16.08 50.40 4.05
N LEU A 343 -15.84 51.52 4.72
CA LEU A 343 -15.48 51.46 6.12
C LEU A 343 -16.58 50.86 6.97
N LYS A 344 -17.84 51.11 6.61
CA LYS A 344 -18.93 50.47 7.33
C LYS A 344 -18.94 48.97 7.11
N LYS A 345 -18.63 48.54 5.89
CA LYS A 345 -18.60 47.10 5.63
C LYS A 345 -17.44 46.41 6.35
N CYS A 346 -16.31 47.11 6.52
CA CYS A 346 -15.18 46.50 7.22
C CYS A 346 -15.52 46.23 8.67
N GLY A 347 -16.10 47.19 9.36
CA GLY A 347 -16.58 46.99 10.70
C GLY A 347 -15.58 47.29 11.80
N GLY A 348 -14.46 47.90 11.48
CA GLY A 348 -13.48 48.23 12.49
C GLY A 348 -12.50 47.13 12.81
N VAL A 349 -12.41 46.09 11.98
CA VAL A 349 -11.48 45.00 12.17
C VAL A 349 -10.21 45.31 11.40
N PRO A 350 -9.05 45.44 12.05
CA PRO A 350 -7.85 45.90 11.34
C PRO A 350 -7.45 45.04 10.18
N LEU A 351 -7.66 43.72 10.25
CA LEU A 351 -7.25 42.86 9.15
C LEU A 351 -7.97 43.22 7.86
N ALA A 352 -9.30 43.36 7.94
CA ALA A 352 -10.07 43.69 6.76
C ALA A 352 -9.70 45.07 6.22
N ILE A 353 -9.53 46.04 7.11
CA ILE A 353 -9.16 47.39 6.70
C ILE A 353 -7.86 47.35 5.92
N ILE A 354 -6.86 46.66 6.47
CA ILE A 354 -5.55 46.61 5.83
C ILE A 354 -5.62 45.94 4.48
N THR A 355 -6.31 44.80 4.39
CA THR A 355 -6.36 44.09 3.12
C THR A 355 -7.07 44.90 2.05
N ILE A 356 -8.21 45.51 2.38
CA ILE A 356 -8.93 46.28 1.37
C ILE A 356 -8.16 47.54 1.00
N ALA A 357 -7.45 48.13 1.95
CA ALA A 357 -6.65 49.30 1.60
C ALA A 357 -5.51 48.93 0.67
N SER A 358 -4.91 47.77 0.88
CA SER A 358 -3.88 47.35 -0.07
C SER A 358 -4.47 47.03 -1.43
N LEU A 359 -5.69 46.50 -1.45
CA LEU A 359 -6.35 46.20 -2.72
C LEU A 359 -6.64 47.47 -3.50
N LEU A 360 -7.14 48.51 -2.83
CA LEU A 360 -7.47 49.74 -3.52
C LEU A 360 -6.26 50.61 -3.78
N ALA A 361 -5.18 50.41 -3.03
CA ALA A 361 -3.99 51.23 -3.23
C ALA A 361 -3.41 51.02 -4.62
N ASN A 362 -3.12 49.77 -4.97
CA ASN A 362 -2.54 49.43 -6.26
C ASN A 362 -1.32 50.31 -6.53
N LYS A 363 -0.28 50.06 -5.71
CA LYS A 363 0.80 50.99 -5.42
C LYS A 363 1.19 51.86 -6.60
N GLY A 364 1.16 51.30 -7.81
CA GLY A 364 1.34 52.08 -9.00
C GLY A 364 0.37 53.24 -9.09
N HIS A 365 -0.93 52.96 -8.96
CA HIS A 365 -1.93 54.00 -9.15
C HIS A 365 -3.17 53.72 -8.31
N ILE A 366 -3.70 54.79 -7.71
CA ILE A 366 -5.02 54.71 -7.11
C ILE A 366 -6.04 54.39 -8.20
N LYS A 367 -7.01 53.55 -7.86
CA LYS A 367 -7.99 53.13 -8.85
C LYS A 367 -9.03 54.22 -9.06
N ALA A 368 -9.92 53.99 -10.02
CA ALA A 368 -10.95 54.97 -10.39
C ALA A 368 -12.20 54.78 -9.55
N LYS A 369 -12.97 55.87 -9.46
CA LYS A 369 -14.16 55.88 -8.60
C LYS A 369 -15.13 54.77 -8.96
N ASP A 370 -15.39 54.58 -10.25
CA ASP A 370 -16.29 53.51 -10.66
C ASP A 370 -15.72 52.14 -10.27
N GLU A 371 -14.40 52.01 -10.28
CA GLU A 371 -13.80 50.76 -9.84
C GLU A 371 -13.99 50.56 -8.35
N TRP A 372 -13.94 51.66 -7.58
CA TRP A 372 -14.28 51.57 -6.17
C TRP A 372 -15.71 51.09 -5.98
N TYR A 373 -16.65 51.61 -6.79
CA TYR A 373 -18.03 51.14 -6.70
C TYR A 373 -18.14 49.67 -7.01
N ALA A 374 -17.45 49.22 -8.07
CA ALA A 374 -17.49 47.82 -8.44
C ALA A 374 -16.96 46.93 -7.32
N LEU A 375 -15.87 47.35 -6.69
CA LEU A 375 -15.33 46.60 -5.56
C LEU A 375 -16.34 46.55 -4.41
N LEU A 376 -16.92 47.69 -4.08
CA LEU A 376 -17.88 47.73 -2.98
C LEU A 376 -19.04 46.79 -3.22
N SER A 377 -19.60 46.79 -4.43
CA SER A 377 -20.73 45.91 -4.71
C SER A 377 -20.31 44.45 -4.65
N SER A 378 -19.05 44.15 -4.96
CA SER A 378 -18.57 42.78 -5.00
C SER A 378 -17.98 42.35 -3.67
N ASN A 386 -5.37 37.91 -5.89
CA ASN A 386 -4.47 38.75 -5.10
C ASN A 386 -3.96 37.99 -3.88
N ARG A 387 -2.75 38.33 -3.44
CA ARG A 387 -2.12 37.59 -2.35
C ARG A 387 -2.75 37.92 -1.01
N SER A 388 -2.90 39.21 -0.71
CA SER A 388 -3.44 39.60 0.59
C SER A 388 -4.84 39.02 0.80
N LEU A 389 -5.65 38.99 -0.25
CA LEU A 389 -7.00 38.48 -0.12
C LEU A 389 -6.99 36.98 0.17
N GLU A 390 -6.12 36.23 -0.52
CA GLU A 390 -5.98 34.81 -0.22
C GLU A 390 -5.53 34.59 1.21
N GLN A 391 -4.60 35.41 1.69
CA GLN A 391 -4.15 35.26 3.06
C GLN A 391 -5.27 35.52 4.05
N MET A 392 -6.05 36.57 3.83
CA MET A 392 -7.14 36.86 4.75
C MET A 392 -8.16 35.73 4.77
N LYS A 393 -8.52 35.21 3.60
CA LYS A 393 -9.46 34.10 3.55
C LYS A 393 -8.92 32.88 4.29
N LYS A 394 -7.65 32.55 4.03
CA LYS A 394 -7.06 31.39 4.68
C LYS A 394 -7.02 31.58 6.20
N ILE A 395 -6.79 32.80 6.66
CA ILE A 395 -6.74 33.04 8.10
C ILE A 395 -8.11 32.89 8.72
N LEU A 396 -9.14 33.47 8.09
CA LEU A 396 -10.47 33.38 8.67
C LEU A 396 -11.02 31.97 8.64
N LEU A 397 -10.56 31.14 7.70
CA LEU A 397 -11.16 29.81 7.63
C LEU A 397 -10.70 28.85 8.72
N PHE A 398 -9.81 29.28 9.62
CA PHE A 398 -9.35 28.38 10.68
C PHE A 398 -10.50 28.01 11.60
N SER A 399 -11.36 28.97 11.93
CA SER A 399 -12.52 28.71 12.77
C SER A 399 -13.55 27.83 12.09
N TYR A 400 -13.57 27.78 10.76
CA TYR A 400 -14.48 26.86 10.12
C TYR A 400 -13.91 25.46 10.09
N TYR A 401 -12.63 25.33 9.80
CA TYR A 401 -12.05 23.99 9.75
C TYR A 401 -11.92 23.34 11.12
N ASP A 402 -12.22 24.07 12.19
CA ASP A 402 -12.09 23.54 13.53
C ASP A 402 -13.40 23.04 14.12
N LEU A 403 -14.53 23.32 13.47
CA LEU A 403 -15.81 22.92 14.02
C LEU A 403 -15.95 21.41 14.02
N PRO A 404 -16.75 20.86 14.93
CA PRO A 404 -17.13 19.46 14.82
C PRO A 404 -17.92 19.22 13.56
N SER A 405 -17.95 17.96 13.12
CA SER A 405 -18.51 17.68 11.80
C SER A 405 -20.01 17.94 11.74
N TYR A 406 -20.71 17.81 12.86
CA TYR A 406 -22.16 18.00 12.86
C TYR A 406 -22.56 19.46 12.96
N LEU A 407 -21.61 20.38 13.04
CA LEU A 407 -21.91 21.80 13.11
C LEU A 407 -21.65 22.53 11.81
N LYS A 408 -20.98 21.90 10.84
CA LYS A 408 -20.67 22.60 9.60
C LYS A 408 -21.91 22.93 8.80
N PRO A 409 -22.88 22.03 8.60
CA PRO A 409 -24.10 22.45 7.90
C PRO A 409 -24.85 23.56 8.60
N CYS A 410 -25.01 23.46 9.92
CA CYS A 410 -25.72 24.48 10.67
C CYS A 410 -25.14 25.87 10.42
N LEU A 411 -23.84 25.95 10.13
CA LEU A 411 -23.26 27.26 9.84
C LEU A 411 -23.56 27.69 8.42
N LEU A 412 -23.40 26.79 7.45
CA LEU A 412 -23.64 27.17 6.06
C LEU A 412 -25.07 27.61 5.85
N TYR A 413 -26.00 27.08 6.66
CA TYR A 413 -27.39 27.46 6.55
C TYR A 413 -27.61 28.94 6.74
N LEU A 414 -26.65 29.65 7.33
CA LEU A 414 -26.82 31.08 7.50
C LEU A 414 -26.71 31.85 6.21
N SER A 415 -26.27 31.24 5.12
CA SER A 415 -26.13 31.97 3.87
C SER A 415 -27.44 32.15 3.16
N ILE A 416 -28.56 31.82 3.78
CA ILE A 416 -29.86 32.01 3.16
C ILE A 416 -30.41 33.41 3.38
N PHE A 417 -30.07 34.03 4.46
CA PHE A 417 -30.67 35.29 4.86
C PHE A 417 -29.92 36.48 4.27
N PRO A 418 -30.59 37.62 4.12
CA PRO A 418 -29.96 38.79 3.50
C PRO A 418 -28.81 39.36 4.32
N GLU A 419 -28.22 40.47 3.88
CA GLU A 419 -26.90 40.83 4.35
C GLU A 419 -26.89 41.36 5.78
N ASP A 420 -27.52 42.52 6.00
CA ASP A 420 -27.22 43.27 7.21
C ASP A 420 -28.27 43.05 8.29
N ARG A 421 -29.43 42.51 7.94
CA ARG A 421 -30.49 42.28 8.92
C ARG A 421 -30.04 41.29 9.99
N GLU A 422 -30.90 41.13 10.99
CA GLU A 422 -30.67 40.20 12.08
C GLU A 422 -31.69 39.07 12.07
N ILE A 423 -31.30 37.92 12.62
CA ILE A 423 -32.01 36.67 12.46
C ILE A 423 -32.54 36.22 13.81
N ARG A 424 -33.83 35.90 13.87
CA ARG A 424 -34.38 35.32 15.09
C ARG A 424 -33.78 33.94 15.31
N ARG A 425 -33.51 33.60 16.57
CA ARG A 425 -32.89 32.30 16.82
C ARG A 425 -33.91 31.17 16.80
N ALA A 426 -35.15 31.44 17.23
CA ALA A 426 -36.16 30.39 17.22
C ALA A 426 -36.43 29.91 15.80
N ARG A 427 -36.49 30.85 14.85
CA ARG A 427 -36.62 30.51 13.45
C ARG A 427 -35.50 29.56 13.02
N LEU A 428 -34.26 29.92 13.34
CA LEU A 428 -33.11 29.10 12.99
C LEU A 428 -33.25 27.70 13.58
N VAL A 429 -33.57 27.60 14.87
CA VAL A 429 -33.57 26.31 15.55
C VAL A 429 -34.63 25.40 14.95
N TRP A 430 -35.83 25.94 14.74
CA TRP A 430 -36.88 25.10 14.18
C TRP A 430 -36.58 24.70 12.75
N ARG A 431 -35.93 25.56 11.98
CA ARG A 431 -35.59 25.17 10.61
C ARG A 431 -34.49 24.14 10.58
N TRP A 432 -33.53 24.23 11.51
CA TRP A 432 -32.51 23.19 11.61
C TRP A 432 -33.13 21.85 11.94
N ILE A 433 -34.07 21.84 12.89
CA ILE A 433 -34.71 20.58 13.25
C ILE A 433 -35.51 20.03 12.07
N SER A 434 -36.18 20.90 11.32
CA SER A 434 -36.97 20.44 10.19
C SER A 434 -36.11 19.88 9.08
N GLU A 435 -34.97 20.50 8.81
CA GLU A 435 -34.12 20.05 7.72
C GLU A 435 -33.49 18.69 8.01
N GLY A 436 -33.37 18.31 9.26
CA GLY A 436 -32.78 17.05 9.63
C GLY A 436 -31.35 17.12 10.13
N PHE A 437 -30.87 18.30 10.49
CA PHE A 437 -29.50 18.43 10.97
C PHE A 437 -29.34 18.05 12.43
N VAL A 438 -30.43 17.89 13.17
CA VAL A 438 -30.40 17.66 14.61
C VAL A 438 -30.98 16.28 14.88
N TYR A 439 -30.20 15.42 15.51
CA TYR A 439 -30.68 14.09 15.86
C TYR A 439 -29.77 13.50 16.93
N SER A 440 -30.32 12.55 17.68
CA SER A 440 -29.55 11.81 18.67
C SER A 440 -30.19 10.45 18.87
N GLU A 441 -29.43 9.55 19.50
CA GLU A 441 -29.92 8.20 19.77
C GLU A 441 -30.38 7.98 21.20
N LYS A 442 -30.00 8.85 22.13
CA LYS A 442 -30.47 8.71 23.49
C LYS A 442 -31.99 8.73 23.53
N GLN A 443 -32.55 8.13 24.58
CA GLN A 443 -33.98 7.93 24.65
C GLN A 443 -34.70 9.11 25.29
N ASP A 444 -34.00 9.95 26.04
CA ASP A 444 -34.68 10.89 26.92
C ASP A 444 -34.28 12.33 26.62
N ILE A 445 -34.06 12.65 25.36
CA ILE A 445 -33.51 13.92 24.94
C ILE A 445 -34.56 14.65 24.12
N SER A 446 -34.61 15.97 24.27
CA SER A 446 -35.50 16.82 23.50
C SER A 446 -34.68 17.55 22.46
N LEU A 447 -35.15 17.50 21.21
CA LEU A 447 -34.38 18.10 20.14
C LEU A 447 -34.27 19.61 20.27
N TYR A 448 -35.23 20.25 20.93
CA TYR A 448 -35.18 21.69 21.08
C TYR A 448 -33.96 22.12 21.86
N GLU A 449 -33.66 21.43 22.95
CA GLU A 449 -32.49 21.84 23.74
C GLU A 449 -31.19 21.46 23.06
N LEU A 450 -31.18 20.38 22.27
CA LEU A 450 -30.01 20.11 21.44
C LEU A 450 -29.75 21.26 20.48
N GLY A 451 -30.78 21.71 19.76
CA GLY A 451 -30.58 22.83 18.86
C GLY A 451 -30.11 24.07 19.58
N ASP A 452 -30.67 24.33 20.76
CA ASP A 452 -30.22 25.48 21.52
C ASP A 452 -28.75 25.34 21.90
N SER A 453 -28.32 24.12 22.22
CA SER A 453 -26.91 23.91 22.52
C SER A 453 -26.03 24.18 21.31
N TYR A 454 -26.48 23.76 20.13
CA TYR A 454 -25.72 24.06 18.91
C TYR A 454 -25.56 25.56 18.73
N PHE A 455 -26.65 26.30 18.93
CA PHE A 455 -26.58 27.75 18.76
C PHE A 455 -25.62 28.37 19.75
N ASN A 456 -25.71 27.96 21.02
CA ASN A 456 -24.82 28.51 22.02
C ASN A 456 -23.37 28.16 21.74
N GLU A 457 -23.12 27.00 21.15
CA GLU A 457 -21.74 26.66 20.80
C GLU A 457 -21.23 27.54 19.67
N LEU A 458 -22.07 27.80 18.68
CA LEU A 458 -21.65 28.72 17.62
C LEU A 458 -21.34 30.10 18.18
N VAL A 459 -22.14 30.56 19.14
CA VAL A 459 -21.83 31.84 19.77
C VAL A 459 -20.55 31.76 20.56
N ASN A 460 -20.28 30.61 21.17
CA ASN A 460 -19.11 30.46 22.04
C ASN A 460 -17.81 30.63 21.28
N ARG A 461 -17.76 30.17 20.03
CA ARG A 461 -16.54 30.26 19.25
C ARG A 461 -16.37 31.59 18.54
N SER A 462 -17.13 32.62 18.91
CA SER A 462 -16.95 33.97 18.38
C SER A 462 -17.17 34.04 16.87
N MET A 463 -18.18 33.33 16.39
CA MET A 463 -18.54 33.39 14.97
C MET A 463 -19.88 34.07 14.75
N ILE A 464 -20.54 34.51 15.81
CA ILE A 464 -21.88 35.09 15.75
C ILE A 464 -21.99 36.13 16.86
N GLN A 465 -22.60 37.26 16.55
CA GLN A 465 -22.80 38.27 17.57
C GLN A 465 -24.22 38.16 18.11
N PRO A 466 -24.42 37.86 19.38
CA PRO A 466 -25.78 37.77 19.91
C PRO A 466 -26.34 39.15 20.24
N ILE A 467 -27.67 39.28 20.15
CA ILE A 467 -28.34 40.55 20.31
C ILE A 467 -29.65 40.35 21.05
N GLY A 468 -29.85 41.12 22.11
CA GLY A 468 -31.13 41.17 22.79
C GLY A 468 -31.39 39.99 23.69
N ILE A 469 -32.54 40.02 24.35
CA ILE A 469 -32.98 38.94 25.22
C ILE A 469 -34.41 38.57 24.84
N ASP A 470 -34.60 37.29 24.55
CA ASP A 470 -35.90 36.77 24.17
C ASP A 470 -36.91 36.93 25.30
N ASP A 471 -38.16 36.62 25.01
CA ASP A 471 -39.20 36.66 26.02
C ASP A 471 -39.28 35.37 26.82
N GLU A 472 -38.38 34.41 26.59
CA GLU A 472 -38.28 33.22 27.42
C GLU A 472 -36.92 33.13 28.10
N GLY A 473 -36.20 34.23 28.18
CA GLY A 473 -34.96 34.29 28.93
C GLY A 473 -33.71 33.95 28.17
N LYS A 474 -33.77 33.84 26.86
CA LYS A 474 -32.62 33.47 26.06
C LYS A 474 -32.28 34.60 25.09
N VAL A 475 -31.27 34.34 24.25
CA VAL A 475 -30.89 35.32 23.25
C VAL A 475 -32.05 35.57 22.31
N LYS A 476 -32.12 36.76 21.73
CA LYS A 476 -33.20 37.05 20.80
C LYS A 476 -32.77 36.83 19.36
N ALA A 477 -31.72 37.51 18.92
CA ALA A 477 -31.32 37.46 17.53
C ALA A 477 -29.81 37.39 17.43
N CYS A 478 -29.31 37.32 16.21
CA CYS A 478 -27.89 37.21 15.99
C CYS A 478 -27.52 37.98 14.72
N ARG A 479 -26.27 38.45 14.68
CA ARG A 479 -25.71 39.14 13.53
C ARG A 479 -24.42 38.46 13.09
N VAL A 480 -24.08 38.66 11.82
CA VAL A 480 -22.89 38.09 11.21
C VAL A 480 -22.09 39.19 10.54
N HIS A 481 -20.77 39.14 10.68
CA HIS A 481 -19.90 40.04 9.97
C HIS A 481 -20.03 39.83 8.46
N ASP A 482 -19.66 40.85 7.69
CA ASP A 482 -19.94 40.80 6.26
C ASP A 482 -18.93 39.98 5.49
N MET A 483 -17.65 40.09 5.83
CA MET A 483 -16.64 39.27 5.16
C MET A 483 -16.87 37.80 5.45
N VAL A 484 -17.23 37.48 6.69
CA VAL A 484 -17.60 36.12 7.03
C VAL A 484 -18.77 35.67 6.19
N LEU A 485 -19.72 36.56 5.95
CA LEU A 485 -20.89 36.20 5.14
C LEU A 485 -20.49 35.90 3.71
N ASP A 486 -19.55 36.67 3.15
CA ASP A 486 -19.09 36.39 1.80
C ASP A 486 -18.38 35.05 1.73
N LEU A 487 -17.54 34.76 2.71
CA LEU A 487 -16.86 33.46 2.74
C LEU A 487 -17.87 32.32 2.80
N ILE A 488 -18.88 32.46 3.65
CA ILE A 488 -19.88 31.41 3.79
C ILE A 488 -20.65 31.23 2.50
N CYS A 489 -21.00 32.34 1.84
CA CYS A 489 -21.75 32.22 0.59
C CYS A 489 -20.94 31.50 -0.47
N SER A 490 -19.65 31.83 -0.59
CA SER A 490 -18.83 31.13 -1.60
C SER A 490 -18.72 29.65 -1.27
N LEU A 491 -18.48 29.33 0.01
CA LEU A 491 -18.36 27.93 0.40
C LEU A 491 -19.63 27.16 0.10
N SER A 492 -20.80 27.73 0.44
CA SER A 492 -22.04 27.01 0.25
C SER A 492 -22.44 26.95 -1.21
N SER A 493 -21.99 27.91 -2.01
CA SER A 493 -22.26 27.85 -3.44
C SER A 493 -21.42 26.80 -4.13
N GLU A 494 -20.19 26.59 -3.67
CA GLU A 494 -19.38 25.56 -4.34
C GLU A 494 -19.89 24.16 -4.11
N GLU A 495 -21.05 23.92 -3.50
CA GLU A 495 -21.50 22.56 -3.25
C GLU A 495 -22.99 22.39 -3.51
N ASN A 496 -23.65 23.34 -4.15
CA ASN A 496 -25.08 23.31 -4.37
C ASN A 496 -25.86 23.17 -3.07
N PHE A 497 -25.30 23.72 -1.98
CA PHE A 497 -26.04 23.73 -0.73
C PHE A 497 -27.20 24.70 -0.78
N VAL A 498 -26.98 25.89 -1.35
CA VAL A 498 -27.98 26.94 -1.40
C VAL A 498 -27.80 27.71 -2.71
N THR A 499 -28.90 28.08 -3.35
CA THR A 499 -28.85 28.96 -4.52
C THR A 499 -29.63 30.23 -4.21
N ILE A 500 -28.95 31.36 -4.31
CA ILE A 500 -29.54 32.67 -4.05
C ILE A 500 -29.95 33.29 -5.37
N LEU A 501 -30.99 34.11 -5.34
CA LEU A 501 -31.48 34.78 -6.55
C LEU A 501 -31.49 36.29 -6.34
N ASP A 502 -30.43 36.94 -6.79
CA ASP A 502 -30.40 38.39 -6.99
C ASP A 502 -30.21 38.67 -8.47
N ASP A 503 -30.68 39.83 -8.90
CA ASP A 503 -30.56 40.14 -10.33
C ASP A 503 -29.19 40.70 -10.70
N PRO A 504 -28.64 41.70 -9.99
CA PRO A 504 -27.32 42.22 -10.38
C PRO A 504 -26.22 41.17 -10.28
N ARG A 505 -26.11 40.55 -9.11
CA ARG A 505 -25.17 39.47 -8.89
C ARG A 505 -25.93 38.20 -8.53
N ARG A 506 -25.23 37.07 -8.56
CA ARG A 506 -25.77 35.80 -8.11
C ARG A 506 -27.05 35.45 -8.89
N LYS A 507 -26.86 35.19 -10.17
CA LYS A 507 -27.95 34.74 -11.03
C LYS A 507 -28.04 33.22 -11.00
N MET A 508 -28.95 32.67 -11.79
CA MET A 508 -29.14 31.24 -11.82
C MET A 508 -27.85 30.56 -12.26
N PRO A 509 -27.52 29.39 -11.70
CA PRO A 509 -26.28 28.71 -12.10
C PRO A 509 -26.32 28.35 -13.57
N ASN A 510 -25.16 28.46 -14.22
CA ASN A 510 -25.11 28.34 -15.67
C ASN A 510 -25.53 26.95 -16.12
N SER A 511 -24.94 25.91 -15.54
CA SER A 511 -25.24 24.52 -15.90
C SER A 511 -25.55 23.74 -14.63
N GLU A 512 -26.81 23.79 -14.22
CA GLU A 512 -27.25 23.04 -13.04
C GLU A 512 -28.71 22.67 -13.21
N SER A 513 -28.99 21.37 -13.23
CA SER A 513 -30.35 20.89 -13.33
C SER A 513 -30.96 20.50 -11.99
N LYS A 514 -30.13 20.31 -10.97
CA LYS A 514 -30.58 19.84 -9.67
C LYS A 514 -30.25 20.88 -8.60
N VAL A 515 -31.28 21.58 -8.15
CA VAL A 515 -31.19 22.59 -7.11
C VAL A 515 -32.06 22.13 -5.95
N ARG A 516 -31.52 22.16 -4.74
CA ARG A 516 -32.27 21.67 -3.59
C ARG A 516 -32.83 22.78 -2.71
N ARG A 517 -32.10 23.86 -2.49
CA ARG A 517 -32.54 24.93 -1.60
C ARG A 517 -32.44 26.26 -2.32
N LEU A 518 -33.54 27.01 -2.31
CA LEU A 518 -33.68 28.23 -3.08
C LEU A 518 -33.94 29.41 -2.15
N SER A 519 -33.37 30.56 -2.47
CA SER A 519 -33.56 31.76 -1.66
C SER A 519 -33.83 32.96 -2.56
N ILE A 520 -35.07 33.44 -2.56
CA ILE A 520 -35.49 34.53 -3.43
C ILE A 520 -35.33 35.85 -2.69
N GLN A 521 -34.46 36.72 -3.19
CA GLN A 521 -34.23 38.01 -2.55
C GLN A 521 -34.56 39.21 -3.42
N ASN A 522 -34.44 39.10 -4.74
CA ASN A 522 -34.81 40.16 -5.66
C ASN A 522 -35.91 39.66 -6.56
N SER A 523 -37.12 40.14 -6.34
CA SER A 523 -38.31 39.67 -7.04
C SER A 523 -38.32 40.06 -8.52
N LYS A 524 -37.34 40.86 -8.97
CA LYS A 524 -37.32 41.28 -10.37
C LYS A 524 -37.16 40.09 -11.31
N ILE A 525 -36.36 39.10 -10.89
CA ILE A 525 -36.11 37.93 -11.72
C ILE A 525 -37.38 37.10 -11.90
N ASP A 526 -37.43 36.34 -12.98
CA ASP A 526 -38.46 35.32 -13.14
C ASP A 526 -37.81 33.94 -13.10
N VAL A 527 -38.55 32.96 -12.60
CA VAL A 527 -38.01 31.65 -12.28
C VAL A 527 -38.63 30.61 -13.21
N ASP A 528 -37.82 29.62 -13.59
CA ASP A 528 -38.31 28.54 -14.43
C ASP A 528 -39.09 27.52 -13.62
N THR A 529 -38.42 26.87 -12.66
CA THR A 529 -39.05 25.96 -11.71
C THR A 529 -39.84 24.87 -12.42
N THR A 530 -39.32 24.39 -13.55
CA THR A 530 -39.81 23.19 -14.17
C THR A 530 -38.78 22.07 -14.21
N ARG A 531 -37.51 22.40 -13.98
CA ARG A 531 -36.47 21.41 -13.80
C ARG A 531 -36.16 21.14 -12.33
N MET A 532 -36.68 21.95 -11.42
CA MET A 532 -36.41 21.80 -9.99
C MET A 532 -37.42 20.83 -9.39
N GLU A 533 -37.25 19.56 -9.76
CA GLU A 533 -38.11 18.52 -9.23
C GLU A 533 -37.82 18.27 -7.76
N HIS A 534 -36.54 18.18 -7.41
CA HIS A 534 -36.15 17.81 -6.05
C HIS A 534 -35.80 19.06 -5.26
N MET A 535 -36.81 19.85 -4.95
CA MET A 535 -36.62 20.93 -4.00
C MET A 535 -36.70 20.39 -2.58
N ARG A 536 -36.23 21.19 -1.63
CA ARG A 536 -36.38 20.81 -0.23
C ARG A 536 -36.87 21.99 0.59
N SER A 537 -36.53 23.20 0.18
CA SER A 537 -36.83 24.36 0.99
C SER A 537 -36.90 25.59 0.10
N VAL A 538 -37.93 26.40 0.32
CA VAL A 538 -38.12 27.64 -0.41
C VAL A 538 -38.31 28.76 0.59
N THR A 539 -37.71 29.90 0.33
CA THR A 539 -37.83 31.05 1.22
C THR A 539 -37.90 32.31 0.38
N VAL A 540 -38.86 33.17 0.69
CA VAL A 540 -39.05 34.41 -0.05
C VAL A 540 -38.85 35.58 0.91
N PHE A 541 -38.04 36.54 0.49
CA PHE A 541 -37.69 37.68 1.32
C PHE A 541 -38.24 38.98 0.76
N SER A 542 -39.07 38.90 -0.26
CA SER A 542 -39.51 40.08 -0.99
C SER A 542 -40.87 40.50 -0.47
N ASP A 543 -41.02 41.79 -0.21
CA ASP A 543 -42.33 42.39 -0.04
C ASP A 543 -43.11 42.46 -1.35
N ASN A 544 -42.53 41.98 -2.44
CA ASN A 544 -43.07 42.29 -3.76
C ASN A 544 -44.20 41.35 -4.13
N VAL A 545 -45.09 41.84 -4.99
CA VAL A 545 -46.19 41.03 -5.49
C VAL A 545 -45.67 39.91 -6.39
N VAL A 546 -44.66 40.21 -7.22
CA VAL A 546 -44.13 39.19 -8.12
C VAL A 546 -43.55 38.02 -7.34
N GLY A 547 -43.24 38.23 -6.06
CA GLY A 547 -42.76 37.13 -5.24
C GLY A 547 -43.76 36.01 -5.11
N LYS A 548 -45.05 36.36 -5.02
CA LYS A 548 -46.07 35.32 -4.90
C LYS A 548 -46.43 34.71 -6.26
N VAL A 549 -45.75 35.12 -7.33
CA VAL A 549 -46.13 34.68 -8.65
C VAL A 549 -45.78 33.22 -8.89
N LEU A 550 -44.59 32.78 -8.42
CA LEU A 550 -44.11 31.47 -8.81
C LEU A 550 -45.03 30.37 -8.27
N ASP A 551 -45.17 29.30 -9.04
CA ASP A 551 -46.02 28.21 -8.62
C ASP A 551 -45.28 27.29 -7.67
N ILE A 552 -46.00 26.85 -6.63
CA ILE A 552 -45.41 26.01 -5.59
C ILE A 552 -45.92 24.58 -5.63
N SER A 553 -47.15 24.33 -6.06
CA SER A 553 -47.73 23.00 -5.99
C SER A 553 -46.99 21.97 -6.82
N ARG A 554 -45.96 22.37 -7.56
CA ARG A 554 -45.20 21.43 -8.37
C ARG A 554 -44.02 20.83 -7.62
N PHE A 555 -43.63 21.41 -6.49
CA PHE A 555 -42.55 20.86 -5.68
C PHE A 555 -43.13 19.77 -4.79
N LYS A 556 -43.27 18.57 -5.38
CA LYS A 556 -43.97 17.51 -4.69
C LYS A 556 -43.23 16.99 -3.47
N VAL A 557 -41.98 17.37 -3.27
CA VAL A 557 -41.21 16.99 -2.10
C VAL A 557 -40.69 18.27 -1.48
N LEU A 558 -41.36 18.77 -0.46
CA LEU A 558 -40.88 19.92 0.28
C LEU A 558 -40.77 19.57 1.75
N ARG A 559 -39.93 20.32 2.46
CA ARG A 559 -39.83 20.11 3.89
C ARG A 559 -39.98 21.42 4.62
N VAL A 560 -39.59 22.52 3.98
CA VAL A 560 -39.61 23.83 4.62
C VAL A 560 -40.25 24.82 3.66
N LEU A 561 -41.38 25.37 4.06
CA LEU A 561 -42.03 26.46 3.33
C LEU A 561 -42.05 27.66 4.26
N ASP A 562 -41.37 28.74 3.86
CA ASP A 562 -41.19 29.90 4.71
C ASP A 562 -41.57 31.14 3.93
N LEU A 563 -42.77 31.67 4.18
CA LEU A 563 -43.28 32.84 3.48
C LEU A 563 -43.50 34.00 4.44
N GLU A 564 -42.69 34.09 5.48
CA GLU A 564 -42.89 35.12 6.50
C GLU A 564 -42.67 36.50 5.91
N GLY A 565 -43.67 37.37 6.05
CA GLY A 565 -43.60 38.73 5.59
C GLY A 565 -44.24 38.98 4.25
N CYS A 566 -44.33 37.97 3.40
CA CYS A 566 -44.89 38.16 2.06
C CYS A 566 -46.36 38.53 2.16
N HIS A 567 -46.93 38.90 1.01
CA HIS A 567 -48.31 39.34 0.93
C HIS A 567 -49.17 38.31 0.20
N VAL A 568 -48.86 37.02 0.38
CA VAL A 568 -49.74 36.01 -0.17
C VAL A 568 -51.08 36.10 0.54
N SER A 569 -52.09 35.65 -0.13
CA SER A 569 -53.44 35.87 0.38
C SER A 569 -54.12 34.60 0.84
N ASP A 570 -54.00 33.51 0.09
CA ASP A 570 -54.58 32.24 0.51
C ASP A 570 -53.83 31.11 -0.15
N VAL A 571 -53.70 29.99 0.55
CA VAL A 571 -52.93 28.83 0.09
C VAL A 571 -53.82 27.61 0.26
N GLY A 572 -54.39 27.13 -0.84
CA GLY A 572 -55.20 25.93 -0.78
C GLY A 572 -54.41 24.70 -1.15
N TYR A 573 -53.26 24.90 -1.78
CA TYR A 573 -52.41 23.82 -2.23
C TYR A 573 -51.48 23.30 -1.15
N VAL A 574 -51.66 23.69 0.11
CA VAL A 574 -50.71 23.26 1.13
C VAL A 574 -50.88 21.77 1.40
N GLY A 575 -52.11 21.30 1.38
CA GLY A 575 -52.34 19.87 1.23
C GLY A 575 -51.77 19.39 -0.08
N ASN A 576 -51.72 18.07 -0.22
CA ASN A 576 -51.08 17.39 -1.34
C ASN A 576 -49.57 17.51 -1.32
N LEU A 577 -48.99 18.01 -0.23
CA LEU A 577 -47.53 18.11 -0.11
C LEU A 577 -46.93 16.96 0.68
N LEU A 578 -47.58 16.55 1.76
CA LEU A 578 -47.35 15.23 2.36
C LEU A 578 -45.96 15.05 2.93
N HIS A 579 -45.08 16.02 2.72
CA HIS A 579 -43.70 15.91 3.18
C HIS A 579 -43.28 17.05 4.08
N LEU A 580 -44.10 18.08 4.23
CA LEU A 580 -43.70 19.28 4.94
C LEU A 580 -43.27 18.97 6.36
N ARG A 581 -42.47 19.85 6.93
CA ARG A 581 -42.12 19.75 8.34
C ARG A 581 -42.28 21.11 9.01
N TYR A 582 -42.14 22.17 8.23
CA TYR A 582 -42.16 23.53 8.74
C TYR A 582 -43.04 24.37 7.85
N LEU A 583 -44.10 24.92 8.41
CA LEU A 583 -45.02 25.78 7.66
C LEU A 583 -45.03 27.14 8.33
N GLY A 584 -44.31 28.09 7.75
CA GLY A 584 -44.20 29.41 8.35
C GLY A 584 -45.01 30.46 7.62
N LEU A 585 -46.12 30.86 8.22
CA LEU A 585 -47.01 31.88 7.66
C LEU A 585 -47.19 32.93 8.73
N LYS A 586 -46.29 33.91 8.78
CA LYS A 586 -46.34 34.95 9.79
C LYS A 586 -46.34 36.30 9.11
N GLY A 587 -47.28 37.16 9.47
CA GLY A 587 -47.38 38.45 8.85
C GLY A 587 -47.86 38.41 7.42
N THR A 588 -48.63 37.40 7.05
CA THR A 588 -49.23 37.29 5.73
C THR A 588 -50.72 37.58 5.82
N HIS A 589 -51.34 37.76 4.67
CA HIS A 589 -52.77 38.10 4.60
C HIS A 589 -53.61 36.85 4.35
N VAL A 590 -53.42 35.83 5.18
CA VAL A 590 -54.18 34.60 5.04
C VAL A 590 -55.42 34.67 5.91
N LYS A 591 -56.56 34.37 5.33
CA LYS A 591 -57.84 34.47 6.05
C LYS A 591 -58.30 33.15 6.62
N ASP A 592 -58.00 32.04 5.95
CA ASP A 592 -58.50 30.75 6.36
C ASP A 592 -57.71 29.65 5.66
N LEU A 593 -57.59 28.52 6.34
CA LEU A 593 -56.83 27.32 6.02
C LEU A 593 -57.72 26.26 5.38
N PRO A 594 -57.17 25.47 4.46
CA PRO A 594 -57.96 24.38 3.89
C PRO A 594 -58.11 23.27 4.92
N MET A 595 -59.32 22.72 5.00
CA MET A 595 -59.56 21.67 5.99
C MET A 595 -59.03 20.37 5.38
N GLU A 596 -57.75 20.38 5.06
CA GLU A 596 -57.04 19.16 4.68
C GLU A 596 -55.65 19.08 5.29
N VAL A 597 -55.28 20.04 6.15
CA VAL A 597 -53.99 19.99 6.81
C VAL A 597 -53.85 18.72 7.63
N GLY A 598 -54.95 18.06 7.98
CA GLY A 598 -54.87 16.82 8.70
C GLY A 598 -54.10 15.73 7.98
N LYS A 599 -53.83 15.91 6.68
CA LYS A 599 -53.07 14.91 5.95
C LYS A 599 -51.58 14.96 6.26
N LEU A 600 -51.08 16.12 6.69
CA LEU A 600 -49.65 16.31 6.93
C LEU A 600 -49.29 15.64 8.24
N GLN A 601 -49.14 14.31 8.20
CA GLN A 601 -48.85 13.56 9.40
C GLN A 601 -47.48 13.87 9.97
N PHE A 602 -46.58 14.42 9.18
CA PHE A 602 -45.30 14.93 9.65
C PHE A 602 -45.37 16.43 9.54
N LEU A 603 -45.43 17.11 10.67
CA LEU A 603 -45.44 18.58 10.65
C LEU A 603 -44.98 19.03 12.04
N LEU A 604 -43.75 19.50 12.14
CA LEU A 604 -43.22 19.86 13.44
C LEU A 604 -43.72 21.22 13.89
N THR A 605 -43.68 22.22 13.01
CA THR A 605 -43.95 23.59 13.39
C THR A 605 -45.09 24.15 12.56
N LEU A 606 -45.92 24.97 13.20
CA LEU A 606 -47.03 25.63 12.53
C LEU A 606 -47.15 27.03 13.12
N ASP A 607 -46.79 28.03 12.33
CA ASP A 607 -46.60 29.39 12.82
C ASP A 607 -47.66 30.30 12.21
N LEU A 608 -48.58 30.78 13.04
CA LEU A 608 -49.68 31.64 12.60
C LEU A 608 -49.72 32.85 13.52
N ARG A 609 -49.14 33.96 13.10
CA ARG A 609 -49.13 35.16 13.93
C ARG A 609 -49.19 36.38 13.03
N GLY A 610 -50.06 37.31 13.37
CA GLY A 610 -50.26 38.45 12.52
C GLY A 610 -51.08 38.18 11.29
N THR A 611 -51.66 37.00 11.16
CA THR A 611 -52.54 36.69 10.06
C THR A 611 -53.96 37.10 10.43
N LYS A 612 -54.89 36.91 9.50
CA LYS A 612 -56.29 37.31 9.69
C LYS A 612 -57.19 36.12 9.99
N ILE A 613 -56.63 35.01 10.45
CA ILE A 613 -57.44 33.83 10.75
C ILE A 613 -58.21 34.06 12.04
N GLU A 614 -59.40 33.47 12.12
CA GLU A 614 -60.22 33.56 13.33
C GLU A 614 -60.49 32.22 13.98
N VAL A 615 -60.84 31.19 13.20
CA VAL A 615 -61.16 29.89 13.74
C VAL A 615 -60.33 28.84 13.01
N LEU A 616 -59.61 28.05 13.77
CA LEU A 616 -58.81 27.01 13.15
C LEU A 616 -59.69 25.84 12.72
N PRO A 617 -59.39 25.23 11.58
CA PRO A 617 -60.15 24.04 11.17
C PRO A 617 -60.01 22.91 12.16
N TRP A 618 -61.05 22.09 12.20
CA TRP A 618 -61.11 21.02 13.19
C TRP A 618 -60.02 19.98 12.96
N SER A 619 -59.74 19.63 11.70
CA SER A 619 -58.82 18.54 11.41
C SER A 619 -57.43 18.77 11.99
N VAL A 620 -57.12 19.99 12.44
CA VAL A 620 -55.87 20.29 13.12
C VAL A 620 -55.63 19.35 14.28
N VAL A 621 -56.70 18.84 14.90
CA VAL A 621 -56.53 17.93 16.02
C VAL A 621 -55.71 16.71 15.60
N GLN A 622 -55.83 16.30 14.35
CA GLN A 622 -55.21 15.06 13.89
C GLN A 622 -53.82 15.27 13.29
N LEU A 623 -52.96 16.01 13.99
CA LEU A 623 -51.56 16.17 13.61
C LEU A 623 -50.75 15.62 14.78
N ARG A 624 -50.54 14.31 14.80
CA ARG A 624 -50.03 13.68 16.01
C ARG A 624 -48.60 14.13 16.32
N ARG A 625 -47.76 14.22 15.30
CA ARG A 625 -46.41 14.75 15.49
C ARG A 625 -46.48 16.25 15.28
N LEU A 626 -46.47 17.00 16.36
CA LEU A 626 -46.44 18.46 16.29
C LEU A 626 -45.80 18.96 17.56
N MET A 627 -44.75 19.77 17.42
CA MET A 627 -43.97 20.17 18.58
C MET A 627 -44.06 21.64 18.91
N CYS A 628 -44.61 22.48 18.05
CA CYS A 628 -44.63 23.90 18.31
C CYS A 628 -45.84 24.53 17.63
N LEU A 629 -46.59 25.33 18.38
CA LEU A 629 -47.82 25.94 17.86
C LEU A 629 -47.85 27.40 18.27
N TYR A 630 -47.54 28.29 17.34
CA TYR A 630 -47.66 29.72 17.58
C TYR A 630 -49.00 30.21 17.07
N VAL A 631 -49.68 31.01 17.87
CA VAL A 631 -51.03 31.44 17.54
C VAL A 631 -51.35 32.68 18.35
N ASP A 632 -52.29 33.49 17.87
CA ASP A 632 -52.75 34.65 18.61
C ASP A 632 -53.88 34.28 19.55
N TYR A 633 -54.06 35.09 20.59
CA TYR A 633 -55.10 34.78 21.56
C TYR A 633 -56.50 35.07 21.04
N GLY A 634 -56.63 35.67 19.87
CA GLY A 634 -57.91 35.93 19.28
C GLY A 634 -58.44 34.82 18.40
N MET A 635 -57.80 33.65 18.39
CA MET A 635 -58.19 32.55 17.53
C MET A 635 -58.82 31.43 18.35
N LYS A 636 -59.83 30.79 17.78
CA LYS A 636 -60.58 29.73 18.44
C LYS A 636 -59.92 28.39 18.20
N LEU A 637 -59.67 27.67 19.26
CA LEU A 637 -59.11 26.36 19.00
C LEU A 637 -60.19 25.30 19.05
N PRO A 638 -60.06 24.24 18.27
CA PRO A 638 -61.05 23.16 18.31
C PRO A 638 -61.02 22.43 19.64
N SER A 639 -61.84 21.39 19.79
CA SER A 639 -62.05 20.81 21.10
C SER A 639 -60.97 19.80 21.48
N GLY A 640 -60.75 18.79 20.64
CA GLY A 640 -59.90 17.68 21.06
C GLY A 640 -58.41 17.96 21.07
N ILE A 641 -58.00 19.07 21.69
CA ILE A 641 -56.59 19.45 21.70
C ILE A 641 -55.74 18.54 22.58
N GLY A 642 -56.37 17.68 23.38
CA GLY A 642 -55.59 16.80 24.24
C GLY A 642 -54.77 15.77 23.48
N ASN A 643 -55.13 15.49 22.22
CA ASN A 643 -54.44 14.47 21.47
C ASN A 643 -53.04 14.90 21.04
N LEU A 644 -52.78 16.20 20.98
CA LEU A 644 -51.49 16.70 20.51
C LEU A 644 -50.44 16.55 21.61
N THR A 645 -50.06 15.31 21.87
CA THR A 645 -48.88 15.11 22.70
C THR A 645 -47.65 15.56 21.93
N PHE A 646 -46.51 15.54 22.60
CA PHE A 646 -45.23 16.02 22.11
C PHE A 646 -45.17 17.53 21.99
N LEU A 647 -46.26 18.25 22.21
CA LEU A 647 -46.20 19.70 22.18
C LEU A 647 -45.21 20.21 23.21
N GLU A 648 -44.15 20.88 22.75
CA GLU A 648 -43.16 21.43 23.65
C GLU A 648 -43.28 22.94 23.83
N VAL A 649 -43.96 23.62 22.92
CA VAL A 649 -44.12 25.07 23.01
C VAL A 649 -45.54 25.42 22.58
N LEU A 650 -46.27 26.12 23.44
CA LEU A 650 -47.61 26.58 23.11
C LEU A 650 -47.69 28.05 23.48
N ASP A 651 -48.15 28.87 22.55
CA ASP A 651 -48.08 30.32 22.70
C ASP A 651 -49.47 30.93 22.62
N ASP A 652 -49.81 31.72 23.63
CA ASP A 652 -51.02 32.56 23.63
C ASP A 652 -52.29 31.74 23.45
N LEU A 653 -52.57 30.89 24.43
CA LEU A 653 -53.88 30.26 24.48
C LEU A 653 -54.96 31.32 24.58
N GLY A 654 -56.09 31.04 23.94
CA GLY A 654 -57.23 31.92 24.02
C GLY A 654 -57.80 31.96 25.42
N LEU A 655 -58.30 30.82 25.89
CA LEU A 655 -58.92 30.70 27.20
C LEU A 655 -60.04 31.74 27.36
N SER A 656 -61.07 31.55 26.54
CA SER A 656 -62.27 32.36 26.58
C SER A 656 -63.38 31.57 25.91
N ASP A 657 -64.57 31.57 26.51
CA ASP A 657 -65.72 30.83 25.99
C ASP A 657 -65.40 29.34 25.87
N VAL A 658 -64.90 28.79 26.97
CA VAL A 658 -64.41 27.41 26.99
C VAL A 658 -65.02 26.68 28.18
N ASP A 659 -65.41 25.43 27.97
CA ASP A 659 -65.95 24.57 29.01
C ASP A 659 -64.83 23.86 29.79
N LEU A 660 -65.24 23.01 30.74
CA LEU A 660 -64.28 22.41 31.66
C LEU A 660 -63.45 21.30 31.04
N ASP A 661 -64.04 20.48 30.17
CA ASP A 661 -63.28 19.37 29.61
C ASP A 661 -62.07 19.87 28.84
N PHE A 662 -62.16 21.08 28.30
CA PHE A 662 -61.00 21.70 27.66
C PHE A 662 -59.88 21.92 28.66
N VAL A 663 -60.20 22.55 29.78
CA VAL A 663 -59.19 22.85 30.80
C VAL A 663 -58.69 21.57 31.44
N LYS A 664 -59.46 20.49 31.35
CA LYS A 664 -58.98 19.20 31.86
C LYS A 664 -58.07 18.53 30.85
N GLU A 665 -58.40 18.62 29.57
CA GLU A 665 -57.52 18.12 28.52
C GLU A 665 -56.16 18.77 28.61
N LEU A 666 -56.14 20.07 28.92
CA LEU A 666 -54.86 20.78 29.04
C LEU A 666 -53.87 20.05 29.93
N GLY A 667 -54.35 19.24 30.86
CA GLY A 667 -53.48 18.51 31.75
C GLY A 667 -52.80 17.31 31.15
N ARG A 668 -53.09 16.97 29.90
CA ARG A 668 -52.49 15.81 29.27
C ARG A 668 -51.19 16.11 28.54
N LEU A 669 -50.98 17.35 28.12
CA LEU A 669 -49.74 17.72 27.46
C LEU A 669 -48.62 17.73 28.49
N THR A 670 -47.89 16.63 28.59
CA THR A 670 -47.00 16.46 29.74
C THR A 670 -45.59 17.00 29.47
N LYS A 671 -45.07 16.83 28.26
CA LYS A 671 -43.74 17.34 27.95
C LYS A 671 -43.87 18.68 27.25
N LEU A 672 -44.15 19.71 28.04
CA LEU A 672 -44.42 21.04 27.51
C LEU A 672 -43.60 22.04 28.31
N ARG A 673 -42.74 22.80 27.63
CA ARG A 673 -41.75 23.61 28.31
C ARG A 673 -42.02 25.11 28.28
N VAL A 674 -43.00 25.57 27.52
CA VAL A 674 -43.34 26.99 27.46
C VAL A 674 -44.84 27.12 27.38
N LEU A 675 -45.40 28.09 28.11
CA LEU A 675 -46.84 28.28 28.12
C LEU A 675 -47.16 29.76 28.29
N ARG A 676 -48.24 30.20 27.64
CA ARG A 676 -48.71 31.58 27.74
C ARG A 676 -50.23 31.59 27.69
N LEU A 677 -50.85 32.30 28.63
CA LEU A 677 -52.31 32.31 28.76
C LEU A 677 -52.83 33.73 28.59
N ASP A 678 -54.16 33.87 28.56
CA ASP A 678 -54.71 35.20 28.33
C ASP A 678 -55.83 35.60 29.29
N PHE A 679 -56.58 34.63 29.83
CA PHE A 679 -57.62 34.90 30.82
C PHE A 679 -58.59 36.01 30.39
N HIS A 680 -58.83 36.13 29.09
CA HIS A 680 -59.58 37.29 28.59
C HIS A 680 -61.05 37.20 28.95
N GLY A 681 -61.74 36.20 28.43
CA GLY A 681 -63.14 36.00 28.72
C GLY A 681 -63.32 34.81 29.63
N PHE A 682 -62.22 34.13 29.90
CA PHE A 682 -62.21 32.97 30.78
C PHE A 682 -62.91 33.29 32.09
N ASP A 683 -63.86 32.45 32.47
CA ASP A 683 -64.60 32.68 33.69
C ASP A 683 -63.80 32.19 34.89
N GLN A 684 -63.54 33.11 35.82
CA GLN A 684 -62.72 32.80 36.99
C GLN A 684 -63.58 32.16 38.09
N SER A 685 -64.06 30.96 37.78
CA SER A 685 -64.75 30.11 38.75
C SER A 685 -64.13 28.73 38.71
N MET A 686 -63.43 28.44 37.61
CA MET A 686 -62.84 27.13 37.35
C MET A 686 -61.32 27.14 37.46
N GLY A 687 -60.75 28.15 38.12
CA GLY A 687 -59.31 28.26 38.18
C GLY A 687 -58.63 27.08 38.84
N LYS A 688 -59.36 26.36 39.70
CA LYS A 688 -58.75 25.24 40.40
C LYS A 688 -58.37 24.11 39.45
N ALA A 689 -59.28 23.76 38.53
CA ALA A 689 -58.96 22.75 37.54
C ALA A 689 -57.76 23.18 36.71
N LEU A 690 -57.69 24.47 36.38
CA LEU A 690 -56.57 24.95 35.58
C LEU A 690 -55.26 24.81 36.34
N GLU A 691 -55.27 25.14 37.64
CA GLU A 691 -54.03 25.05 38.40
C GLU A 691 -53.61 23.60 38.62
N GLU A 692 -54.57 22.68 38.75
CA GLU A 692 -54.20 21.27 38.82
C GLU A 692 -53.57 20.82 37.50
N SER A 693 -54.22 21.15 36.38
CA SER A 693 -53.67 20.78 35.08
C SER A 693 -52.27 21.34 34.89
N ILE A 694 -52.00 22.54 35.42
CA ILE A 694 -50.66 23.08 35.31
C ILE A 694 -49.69 22.31 36.19
N SER A 695 -50.08 22.05 37.44
CA SER A 695 -49.23 21.28 38.33
C SER A 695 -48.94 19.88 37.80
N ASN A 696 -49.71 19.40 36.83
CA ASN A 696 -49.43 18.11 36.23
C ASN A 696 -48.23 18.09 35.29
N MET A 697 -47.79 19.24 34.80
CA MET A 697 -46.67 19.31 33.85
C MET A 697 -45.37 19.34 34.63
N TYR A 698 -44.60 18.26 34.56
CA TYR A 698 -43.38 18.18 35.36
C TYR A 698 -42.27 19.03 34.75
N LYS A 699 -41.95 18.80 33.49
CA LYS A 699 -40.94 19.60 32.80
C LYS A 699 -41.59 20.88 32.33
N LEU A 700 -41.05 22.02 32.79
CA LEU A 700 -41.58 23.31 32.39
C LEU A 700 -40.60 24.38 32.84
N ASP A 701 -40.40 25.39 31.99
CA ASP A 701 -39.43 26.44 32.27
C ASP A 701 -40.06 27.82 32.43
N SER A 702 -40.90 28.22 31.50
CA SER A 702 -41.45 29.57 31.51
C SER A 702 -42.96 29.49 31.61
N LEU A 703 -43.56 30.58 32.09
CA LEU A 703 -45.00 30.66 32.24
C LEU A 703 -45.42 32.11 32.25
N ASP A 704 -46.51 32.43 31.56
CA ASP A 704 -47.12 33.74 31.62
C ASP A 704 -48.56 33.62 32.03
N VAL A 705 -49.06 34.65 32.70
CA VAL A 705 -50.48 34.84 32.93
C VAL A 705 -50.77 36.31 32.69
N PHE A 706 -51.64 36.59 31.73
CA PHE A 706 -52.04 37.96 31.43
C PHE A 706 -53.48 38.14 31.86
N VAL A 707 -53.74 39.19 32.63
CA VAL A 707 -55.09 39.48 33.13
C VAL A 707 -55.35 40.95 32.96
N ASN A 708 -56.53 41.29 32.42
CA ASN A 708 -56.84 42.70 32.16
C ASN A 708 -56.88 43.50 33.45
N ARG A 709 -57.80 43.16 34.35
CA ARG A 709 -58.04 43.96 35.54
C ARG A 709 -58.41 43.04 36.70
N GLY A 710 -58.66 43.65 37.84
CA GLY A 710 -59.23 42.92 38.96
C GLY A 710 -58.21 42.13 39.74
N LEU A 711 -58.72 41.22 40.55
CA LEU A 711 -57.92 40.36 41.39
C LEU A 711 -57.81 38.99 40.74
N ILE A 712 -56.59 38.45 40.71
CA ILE A 712 -56.35 37.17 40.06
C ILE A 712 -56.91 36.05 40.93
N ASN A 713 -57.82 35.27 40.38
CA ASN A 713 -58.58 34.27 41.11
C ASN A 713 -58.12 32.86 40.78
N CYS A 714 -56.84 32.68 40.49
CA CYS A 714 -56.28 31.37 40.22
C CYS A 714 -54.96 31.24 40.95
N LEU A 715 -54.30 30.10 40.77
CA LEU A 715 -53.02 29.81 41.43
C LEU A 715 -53.11 30.03 42.93
N SER A 716 -54.18 29.52 43.53
CA SER A 716 -54.40 29.64 44.96
C SER A 716 -53.27 28.96 45.73
N GLU A 717 -53.23 29.21 47.03
CA GLU A 717 -52.24 28.58 47.87
C GLU A 717 -52.47 27.08 47.95
N HIS A 718 -51.46 26.37 48.42
CA HIS A 718 -51.43 24.91 48.36
C HIS A 718 -51.57 24.43 46.92
N TRP A 719 -50.59 24.84 46.11
CA TRP A 719 -50.63 24.56 44.67
C TRP A 719 -49.54 23.62 44.21
N VAL A 720 -48.37 23.62 44.86
CA VAL A 720 -47.26 22.74 44.49
C VAL A 720 -46.84 22.98 43.04
N PRO A 721 -46.17 24.09 42.76
CA PRO A 721 -45.75 24.39 41.39
C PRO A 721 -44.79 23.33 40.87
N PRO A 722 -44.57 23.27 39.56
CA PRO A 722 -43.64 22.30 39.02
C PRO A 722 -42.22 22.61 39.49
N PRO A 723 -41.38 21.60 39.64
CA PRO A 723 -40.10 21.83 40.31
C PRO A 723 -39.10 22.59 39.48
N ARG A 724 -39.07 22.37 38.17
CA ARG A 724 -38.01 22.90 37.34
C ARG A 724 -38.26 24.32 36.85
N LEU A 725 -39.35 24.95 37.29
CA LEU A 725 -39.68 26.30 36.83
C LEU A 725 -38.50 27.23 37.01
N CYS A 726 -38.28 28.10 36.03
CA CYS A 726 -37.12 28.99 36.04
C CYS A 726 -37.48 30.42 35.69
N ARG A 727 -38.68 30.70 35.21
CA ARG A 727 -39.05 32.05 34.81
C ARG A 727 -40.55 32.20 34.96
N LEU A 728 -40.97 33.29 35.61
CA LEU A 728 -42.37 33.52 35.91
C LEU A 728 -42.67 35.00 35.76
N ALA A 729 -43.80 35.32 35.14
CA ALA A 729 -44.11 36.71 34.84
C ALA A 729 -45.61 36.93 34.76
N PHE A 730 -46.05 38.07 35.29
CA PHE A 730 -47.43 38.53 35.16
C PHE A 730 -47.36 39.96 34.64
N PRO A 731 -47.36 40.14 33.33
CA PRO A 731 -47.12 41.47 32.77
C PRO A 731 -48.34 42.37 32.79
N SER A 732 -49.35 42.02 33.59
CA SER A 732 -50.59 42.77 33.57
C SER A 732 -50.38 44.22 33.99
N LYS A 733 -49.84 44.43 35.19
CA LYS A 733 -49.56 45.73 35.82
C LYS A 733 -50.81 46.46 36.27
N ARG A 734 -52.00 45.93 36.00
CA ARG A 734 -53.23 46.49 36.53
C ARG A 734 -54.11 45.46 37.22
N SER A 735 -53.72 44.19 37.25
CA SER A 735 -54.40 43.17 38.02
C SER A 735 -53.46 42.69 39.10
N TRP A 736 -53.85 42.90 40.36
CA TRP A 736 -52.97 42.66 41.49
C TRP A 736 -53.17 41.27 42.08
N PHE A 737 -52.14 40.80 42.76
CA PHE A 737 -52.32 39.76 43.76
C PHE A 737 -52.77 40.38 45.08
N LYS A 738 -53.21 39.54 46.00
CA LYS A 738 -53.33 39.95 47.38
C LYS A 738 -51.95 39.76 47.98
N THR A 739 -51.82 39.74 49.31
CA THR A 739 -50.56 39.95 50.02
C THR A 739 -49.35 39.35 49.32
N LEU A 740 -49.34 38.04 49.16
CA LEU A 740 -48.30 37.35 48.40
C LEU A 740 -48.66 35.88 48.31
N PRO A 741 -48.37 35.21 47.19
CA PRO A 741 -48.56 33.76 47.16
C PRO A 741 -47.70 33.11 48.22
N SER A 742 -48.25 32.08 48.85
CA SER A 742 -47.52 31.37 49.89
C SER A 742 -46.45 30.46 49.34
N TRP A 743 -46.59 30.02 48.09
CA TRP A 743 -45.70 29.03 47.50
C TRP A 743 -44.41 29.63 46.94
N ILE A 744 -44.01 30.82 47.38
CA ILE A 744 -42.82 31.49 46.86
C ILE A 744 -41.61 31.15 47.73
N ASN A 745 -41.80 30.28 48.70
CA ASN A 745 -40.70 29.92 49.59
C ASN A 745 -39.58 29.25 48.80
N PRO A 746 -38.32 29.43 49.22
CA PRO A 746 -37.19 28.93 48.43
C PRO A 746 -37.10 27.41 48.39
N SER A 747 -37.96 26.70 49.10
CA SER A 747 -37.94 25.25 49.00
C SER A 747 -38.76 24.78 47.80
N SER A 748 -39.89 25.43 47.54
CA SER A 748 -40.76 24.99 46.46
C SER A 748 -40.24 25.44 45.11
N LEU A 749 -39.54 26.57 45.06
CA LEU A 749 -38.96 27.10 43.84
C LEU A 749 -37.44 27.23 44.00
N PRO A 750 -36.73 26.11 44.05
CA PRO A 750 -35.27 26.21 44.21
C PRO A 750 -34.61 26.93 43.05
N LEU A 751 -35.13 26.75 41.85
CA LEU A 751 -34.61 27.43 40.66
C LEU A 751 -35.57 28.55 40.31
N LEU A 752 -35.02 29.77 40.20
CA LEU A 752 -35.78 30.91 39.71
C LEU A 752 -34.82 32.04 39.41
N SER A 753 -34.83 32.54 38.17
CA SER A 753 -33.94 33.61 37.79
C SER A 753 -34.68 34.80 37.22
N TYR A 754 -35.99 34.87 37.41
CA TYR A 754 -36.78 35.96 36.85
C TYR A 754 -38.10 36.01 37.58
N LEU A 755 -38.58 37.21 37.85
CA LEU A 755 -39.85 37.37 38.54
C LEU A 755 -40.37 38.77 38.25
N ASP A 756 -41.69 38.88 38.13
CA ASP A 756 -42.31 40.15 37.78
C ASP A 756 -43.74 40.12 38.33
N ILE A 757 -43.96 40.84 39.43
CA ILE A 757 -45.25 40.77 40.11
C ILE A 757 -45.73 42.17 40.45
N THR A 758 -47.05 42.33 40.47
CA THR A 758 -47.68 43.57 40.94
C THR A 758 -48.61 43.21 42.09
N LEU A 759 -48.22 43.57 43.31
CA LEU A 759 -49.01 43.26 44.48
C LEU A 759 -49.95 44.40 44.81
N PHE A 760 -50.98 44.08 45.59
CA PHE A 760 -51.92 45.12 46.02
C PHE A 760 -51.26 46.04 47.03
N GLU A 761 -50.79 45.48 48.15
CA GLU A 761 -50.07 46.24 49.16
C GLU A 761 -48.88 45.43 49.62
N VAL A 762 -47.70 46.03 49.55
CA VAL A 762 -46.48 45.35 49.94
C VAL A 762 -46.24 45.54 51.43
N ARG A 763 -45.79 44.49 52.09
CA ARG A 763 -45.40 44.57 53.49
C ARG A 763 -43.89 44.83 53.58
N SER A 764 -43.37 44.85 54.80
CA SER A 764 -41.94 44.98 55.00
C SER A 764 -41.25 43.63 55.00
N GLU A 765 -41.96 42.59 55.43
CA GLU A 765 -41.39 41.24 55.51
C GLU A 765 -41.78 40.40 54.31
N ASP A 766 -41.98 41.08 53.18
CA ASP A 766 -42.17 40.44 51.89
C ASP A 766 -40.88 40.38 51.10
N ILE A 767 -40.12 41.48 51.10
CA ILE A 767 -38.78 41.49 50.53
C ILE A 767 -37.91 40.44 51.21
N GLN A 768 -38.19 40.15 52.49
CA GLN A 768 -37.44 39.11 53.19
C GLN A 768 -37.58 37.77 52.48
N LEU A 769 -38.81 37.38 52.17
CA LEU A 769 -39.03 36.11 51.46
C LEU A 769 -38.30 36.08 50.14
N LEU A 770 -38.13 37.24 49.48
CA LEU A 770 -37.37 37.28 48.25
C LEU A 770 -35.88 37.15 48.52
N GLY A 771 -35.42 37.64 49.66
CA GLY A 771 -34.04 37.39 50.04
C GLY A 771 -33.76 35.91 50.24
N THR A 772 -34.78 35.15 50.62
CA THR A 772 -34.59 33.73 50.84
C THR A 772 -34.34 32.96 49.55
N LEU A 773 -34.67 33.53 48.40
CA LEU A 773 -34.61 32.79 47.16
C LEU A 773 -33.16 32.65 46.70
N PRO A 774 -32.72 31.46 46.30
CA PRO A 774 -31.30 31.24 46.00
C PRO A 774 -30.77 32.06 44.83
N ALA A 775 -31.37 31.96 43.64
CA ALA A 775 -30.76 32.59 42.46
C ALA A 775 -31.31 33.98 42.20
N LEU A 776 -32.59 34.07 41.83
CA LEU A 776 -33.31 35.33 41.65
C LEU A 776 -32.44 36.42 41.01
N VAL A 777 -32.01 36.15 39.78
CA VAL A 777 -31.14 37.11 39.09
C VAL A 777 -31.87 38.43 38.85
N TYR A 778 -33.11 38.36 38.38
CA TYR A 778 -33.87 39.55 38.03
C TYR A 778 -35.14 39.61 38.88
N LEU A 779 -35.59 40.83 39.16
CA LEU A 779 -36.74 41.02 40.02
C LEU A 779 -37.41 42.35 39.70
N GLU A 780 -38.74 42.38 39.77
CA GLU A 780 -39.49 43.60 39.51
C GLU A 780 -40.84 43.51 40.21
N ILE A 781 -41.10 44.44 41.12
CA ILE A 781 -42.33 44.47 41.90
C ILE A 781 -43.01 45.81 41.70
N TRP A 782 -44.33 45.77 41.58
CA TRP A 782 -45.15 46.97 41.58
C TRP A 782 -46.07 46.99 42.78
N ASN A 783 -46.33 48.19 43.29
CA ASN A 783 -47.27 48.40 44.39
C ASN A 783 -48.53 49.02 43.80
N TYR A 784 -49.59 48.22 43.73
CA TYR A 784 -50.80 48.66 43.03
C TYR A 784 -51.52 49.77 43.78
N SER A 785 -51.42 49.79 45.10
CA SER A 785 -52.17 50.75 45.89
C SER A 785 -51.61 52.16 45.76
N VAL A 786 -50.31 52.29 45.50
CA VAL A 786 -49.71 53.63 45.43
C VAL A 786 -50.28 54.41 44.26
N PHE A 787 -50.39 53.77 43.09
CA PHE A 787 -50.81 54.46 41.88
C PHE A 787 -52.33 54.52 41.75
N GLU A 788 -52.98 53.35 41.72
CA GLU A 788 -54.41 53.32 41.45
C GLU A 788 -55.21 53.83 42.64
N GLU A 789 -54.86 53.41 43.85
CA GLU A 789 -55.45 53.99 45.05
C GLU A 789 -54.67 55.25 45.39
N ALA A 790 -54.89 55.80 46.59
CA ALA A 790 -54.25 57.03 47.00
C ALA A 790 -53.30 56.84 48.17
N HIS A 791 -52.86 55.61 48.41
CA HIS A 791 -51.92 55.37 49.50
C HIS A 791 -50.60 56.08 49.23
N GLU A 792 -49.76 56.13 50.26
CA GLU A 792 -48.50 56.85 50.21
C GLU A 792 -47.33 55.88 50.31
N VAL A 793 -46.18 56.34 49.85
CA VAL A 793 -44.98 55.51 49.85
C VAL A 793 -44.56 55.26 51.29
N GLU A 794 -44.39 53.99 51.65
CA GLU A 794 -44.00 53.59 52.99
C GLU A 794 -42.60 52.99 52.94
N ALA A 795 -41.78 53.36 53.91
CA ALA A 795 -40.39 52.93 53.90
C ALA A 795 -40.29 51.49 54.42
N PRO A 796 -39.83 50.56 53.60
CA PRO A 796 -39.63 49.19 54.09
C PRO A 796 -38.27 49.04 54.75
N VAL A 797 -38.24 48.19 55.78
CA VAL A 797 -37.04 47.97 56.57
C VAL A 797 -36.70 46.50 56.52
N LEU A 798 -35.43 46.20 56.28
CA LEU A 798 -34.92 44.84 56.20
C LEU A 798 -34.05 44.58 57.43
N SER A 799 -34.18 43.37 57.97
CA SER A 799 -33.54 43.05 59.24
C SER A 799 -33.27 41.57 59.31
N SER A 800 -32.48 41.19 60.32
CA SER A 800 -32.27 39.80 60.71
C SER A 800 -31.66 38.98 59.57
N GLY A 801 -30.46 39.39 59.17
CA GLY A 801 -29.76 38.63 58.17
C GLY A 801 -28.67 39.36 57.41
N ALA A 802 -27.81 38.58 56.77
CA ALA A 802 -26.79 39.08 55.87
C ALA A 802 -26.80 38.19 54.65
N ALA A 803 -26.21 38.69 53.56
CA ALA A 803 -26.26 38.03 52.26
C ALA A 803 -27.72 37.75 51.87
N LEU A 804 -28.51 38.82 51.87
CA LEU A 804 -29.93 38.68 51.60
C LEU A 804 -30.20 38.38 50.14
N PHE A 805 -29.53 39.09 49.22
CA PHE A 805 -29.77 38.92 47.79
C PHE A 805 -28.52 38.41 47.10
N PRO A 806 -28.23 37.11 47.20
CA PRO A 806 -27.13 36.55 46.40
C PRO A 806 -27.55 36.46 44.95
N CYS A 807 -26.70 36.96 44.05
CA CYS A 807 -26.94 36.94 42.62
C CYS A 807 -28.21 37.71 42.26
N ALA A 808 -28.20 39.01 42.57
CA ALA A 808 -29.28 39.90 42.18
C ALA A 808 -28.67 41.07 41.42
N THR A 809 -28.64 40.99 40.10
CA THR A 809 -27.98 42.01 39.32
C THR A 809 -28.88 43.20 38.99
N GLU A 810 -30.19 43.04 39.05
CA GLU A 810 -31.11 44.15 38.83
C GLU A 810 -32.28 44.01 39.77
N CYS A 811 -32.80 45.15 40.20
CA CYS A 811 -33.98 45.19 41.07
C CYS A 811 -34.70 46.50 40.80
N ARG A 812 -36.01 46.41 40.60
CA ARG A 812 -36.83 47.59 40.29
C ARG A 812 -38.01 47.59 41.25
N PHE A 813 -37.84 48.24 42.39
CA PHE A 813 -38.92 48.36 43.37
C PHE A 813 -39.81 49.56 43.02
N ILE A 814 -40.48 49.45 41.88
CA ILE A 814 -41.32 50.56 41.41
C ILE A 814 -42.51 50.69 42.35
N GLY A 815 -42.57 51.81 43.07
CA GLY A 815 -43.61 52.07 44.05
C GLY A 815 -43.14 52.07 45.49
N ILE A 816 -41.94 51.56 45.77
CA ILE A 816 -41.41 51.46 47.13
C ILE A 816 -39.90 51.65 47.09
N GLY A 817 -39.37 52.52 47.93
CA GLY A 817 -37.94 52.78 47.85
C GLY A 817 -37.23 53.11 49.15
N ALA A 818 -36.04 52.54 49.34
CA ALA A 818 -35.14 52.92 50.42
C ALA A 818 -33.77 52.35 50.12
N VAL A 819 -32.75 53.21 50.05
CA VAL A 819 -31.38 52.75 49.77
C VAL A 819 -30.72 52.09 50.97
N PRO A 820 -30.54 52.80 52.11
CA PRO A 820 -29.71 52.23 53.17
C PRO A 820 -30.36 51.07 53.90
N SER A 821 -31.56 51.32 54.43
CA SER A 821 -32.20 50.34 55.31
C SER A 821 -32.51 49.06 54.59
N MET A 822 -32.64 49.12 53.27
CA MET A 822 -32.82 47.91 52.48
C MET A 822 -31.64 46.97 52.65
N PHE A 823 -30.43 47.49 52.51
CA PHE A 823 -29.25 46.63 52.44
C PHE A 823 -28.34 46.86 53.63
N PRO A 824 -28.44 46.05 54.68
CA PRO A 824 -27.57 46.20 55.84
C PRO A 824 -26.34 45.33 55.72
N GLN A 825 -25.25 45.78 56.34
CA GLN A 825 -24.03 44.98 56.49
C GLN A 825 -23.33 44.74 55.16
N GLY A 826 -24.00 45.05 54.05
CA GLY A 826 -23.50 44.73 52.73
C GLY A 826 -24.12 43.44 52.25
N ALA A 827 -25.17 43.56 51.46
CA ALA A 827 -25.88 42.43 50.92
C ALA A 827 -26.16 42.72 49.46
N ALA A 828 -26.39 41.67 48.69
CA ALA A 828 -26.45 41.76 47.24
C ALA A 828 -25.16 42.39 46.70
N PRO A 829 -24.02 41.74 46.86
CA PRO A 829 -22.78 42.31 46.33
C PRO A 829 -22.60 42.01 44.86
N ARG A 830 -23.69 42.13 44.11
CA ARG A 830 -23.64 41.99 42.66
C ARG A 830 -24.59 42.94 41.95
N LEU A 831 -25.32 43.77 42.68
CA LEU A 831 -26.31 44.63 42.06
C LEU A 831 -25.62 45.64 41.15
N LYS A 832 -26.29 45.97 40.05
CA LYS A 832 -25.76 46.92 39.10
C LYS A 832 -26.74 48.00 38.67
N ARG A 833 -28.04 47.79 38.86
CA ARG A 833 -29.03 48.79 38.50
C ARG A 833 -30.11 48.78 39.57
N LEU A 834 -30.39 49.94 40.14
CA LEU A 834 -31.39 50.05 41.19
C LEU A 834 -32.44 51.07 40.78
N TRP A 835 -33.70 50.72 40.99
CA TRP A 835 -34.83 51.60 40.75
C TRP A 835 -35.61 51.74 42.05
N PHE A 836 -35.75 52.96 42.54
CA PHE A 836 -36.52 53.18 43.75
C PHE A 836 -37.16 54.55 43.72
N THR A 837 -38.17 54.71 44.58
CA THR A 837 -38.89 55.96 44.73
C THR A 837 -38.55 56.60 46.07
N PHE A 838 -38.56 57.93 46.10
CA PHE A 838 -38.17 58.68 47.30
C PHE A 838 -39.05 59.92 47.44
N PRO A 839 -39.89 60.00 48.47
CA PRO A 839 -40.67 61.21 48.68
C PRO A 839 -39.78 62.36 49.13
N ALA A 840 -40.15 63.57 48.72
CA ALA A 840 -39.38 64.74 49.16
C ALA A 840 -39.62 65.03 50.63
N LYS A 841 -40.68 64.45 51.21
CA LYS A 841 -40.93 64.60 52.64
C LYS A 841 -39.75 64.11 53.47
N TRP A 842 -39.12 63.02 53.05
CA TRP A 842 -38.04 62.45 53.84
C TRP A 842 -36.72 63.12 53.52
N SER A 843 -36.70 64.45 53.52
CA SER A 843 -35.41 65.12 53.34
C SER A 843 -34.58 65.02 54.61
N SER A 844 -35.23 64.83 55.76
CA SER A 844 -34.54 64.76 57.04
C SER A 844 -34.56 63.34 57.60
N ILE A 848 -32.16 58.25 58.06
CA ILE A 848 -32.01 57.76 56.70
C ILE A 848 -30.84 58.46 56.00
N GLY A 849 -29.90 57.67 55.50
CA GLY A 849 -28.76 58.19 54.79
C GLY A 849 -28.55 57.50 53.45
N LEU A 850 -28.15 58.25 52.44
CA LEU A 850 -28.08 57.72 51.08
C LEU A 850 -26.70 57.18 50.74
N GLY A 851 -26.00 56.65 51.74
CA GLY A 851 -24.68 56.10 51.53
C GLY A 851 -24.65 54.92 50.60
N MET A 852 -23.93 55.05 49.48
CA MET A 852 -23.88 54.02 48.45
C MET A 852 -22.63 53.16 48.56
N ARG A 853 -22.04 53.06 49.74
CA ARG A 853 -20.85 52.22 49.92
C ARG A 853 -21.17 50.86 50.50
N HIS A 854 -22.44 50.58 50.82
CA HIS A 854 -22.85 49.21 51.08
C HIS A 854 -22.61 48.35 49.86
N LEU A 855 -22.88 48.89 48.68
CA LEU A 855 -22.95 48.13 47.45
C LEU A 855 -21.77 48.45 46.57
N PRO A 856 -20.82 47.56 46.40
CA PRO A 856 -19.66 47.87 45.55
C PRO A 856 -20.05 48.02 44.09
N SER A 857 -20.77 47.06 43.56
CA SER A 857 -20.89 46.93 42.12
C SER A 857 -21.90 47.88 41.48
N LEU A 858 -22.39 48.89 42.20
CA LEU A 858 -23.39 49.79 41.62
C LEU A 858 -22.84 50.47 40.37
N GLN A 859 -23.68 50.57 39.35
CA GLN A 859 -23.32 51.27 38.12
C GLN A 859 -24.41 52.17 37.58
N ARG A 860 -25.64 52.07 38.06
CA ARG A 860 -26.73 52.87 37.51
C ARG A 860 -27.86 52.91 38.53
N VAL A 861 -28.39 54.11 38.75
CA VAL A 861 -29.51 54.29 39.66
C VAL A 861 -30.53 55.20 39.00
N VAL A 862 -31.81 54.82 39.06
CA VAL A 862 -32.91 55.59 38.50
C VAL A 862 -33.87 55.89 39.65
N VAL A 863 -34.10 57.17 39.91
CA VAL A 863 -34.93 57.60 41.02
C VAL A 863 -36.08 58.45 40.48
N ASP A 864 -37.14 58.52 41.26
CA ASP A 864 -38.22 59.47 41.03
C ASP A 864 -38.72 60.00 42.37
N VAL A 865 -38.98 61.30 42.42
CA VAL A 865 -39.26 62.01 43.66
C VAL A 865 -40.71 62.46 43.65
N ILE A 866 -41.34 62.41 44.81
CA ILE A 866 -42.71 62.89 45.00
C ILE A 866 -42.64 64.20 45.75
N SER A 867 -43.07 65.28 45.10
CA SER A 867 -42.81 66.62 45.59
C SER A 867 -44.04 67.36 46.07
N GLU A 868 -45.20 66.72 46.22
CA GLU A 868 -46.36 67.55 46.52
C GLU A 868 -46.43 67.83 48.02
N GLY A 869 -46.07 66.83 48.83
CA GLY A 869 -46.08 67.02 50.27
C GLY A 869 -45.05 68.02 50.75
N ALA A 870 -43.82 67.91 50.26
CA ALA A 870 -42.76 68.81 50.70
C ALA A 870 -42.61 69.97 49.71
N SER A 871 -42.09 71.08 50.20
CA SER A 871 -41.90 72.25 49.37
C SER A 871 -40.70 72.07 48.45
N ARG A 872 -40.59 72.97 47.47
CA ARG A 872 -39.46 72.94 46.53
C ARG A 872 -38.13 73.12 47.25
N GLU A 873 -38.12 73.90 48.32
CA GLU A 873 -36.87 74.13 49.06
C GLU A 873 -36.35 72.83 49.68
N GLU A 874 -37.25 71.91 50.05
CA GLU A 874 -36.79 70.57 50.40
C GLU A 874 -36.50 69.73 49.16
N ALA A 875 -37.19 70.01 48.06
CA ALA A 875 -37.04 69.19 46.86
C ALA A 875 -35.62 69.29 46.29
N ASP A 876 -35.17 70.51 45.99
CA ASP A 876 -33.82 70.67 45.45
C ASP A 876 -32.78 70.29 46.47
N GLU A 877 -33.08 70.49 47.75
CA GLU A 877 -32.19 70.01 48.81
C GLU A 877 -31.95 68.52 48.68
N ALA A 878 -33.03 67.72 48.64
CA ALA A 878 -32.89 66.28 48.52
C ALA A 878 -32.23 65.90 47.21
N GLU A 879 -32.52 66.65 46.14
CA GLU A 879 -31.88 66.38 44.85
C GLU A 879 -30.38 66.48 44.95
N ALA A 880 -29.88 67.64 45.40
CA ALA A 880 -28.44 67.81 45.54
C ALA A 880 -27.86 66.80 46.51
N ALA A 881 -28.62 66.46 47.56
CA ALA A 881 -28.12 65.51 48.55
C ALA A 881 -27.86 64.14 47.93
N LEU A 882 -28.84 63.58 47.22
CA LEU A 882 -28.64 62.27 46.62
C LEU A 882 -27.64 62.33 45.48
N ARG A 883 -27.56 63.49 44.81
CA ARG A 883 -26.52 63.63 43.79
C ARG A 883 -25.13 63.48 44.39
N ALA A 884 -24.88 64.18 45.50
CA ALA A 884 -23.60 64.04 46.19
C ALA A 884 -23.39 62.61 46.66
N ALA A 885 -24.46 61.99 47.17
CA ALA A 885 -24.36 60.61 47.65
C ALA A 885 -23.99 59.67 46.52
N ALA A 886 -24.38 60.00 45.29
CA ALA A 886 -23.96 59.19 44.15
C ALA A 886 -22.54 59.53 43.72
N GLU A 887 -22.14 60.79 43.90
CA GLU A 887 -20.81 61.20 43.46
C GLU A 887 -19.71 60.63 44.35
N ASP A 888 -20.00 60.42 45.63
CA ASP A 888 -18.96 59.92 46.52
C ASP A 888 -18.55 58.49 46.18
N HIS A 889 -19.48 57.71 45.64
CA HIS A 889 -19.21 56.30 45.35
C HIS A 889 -18.08 56.19 44.34
N PRO A 890 -17.15 55.23 44.53
CA PRO A 890 -16.00 55.15 43.62
C PRO A 890 -16.39 54.80 42.19
N ASN A 891 -17.35 53.88 42.01
CA ASN A 891 -17.78 53.53 40.67
C ASN A 891 -18.50 54.68 39.98
N ARG A 892 -19.06 55.62 40.74
CA ARG A 892 -19.72 56.81 40.22
C ARG A 892 -20.86 56.44 39.28
N PRO A 893 -21.94 55.88 39.78
CA PRO A 893 -23.07 55.52 38.91
C PRO A 893 -23.77 56.76 38.37
N ILE A 894 -24.69 56.51 37.45
CA ILE A 894 -25.44 57.57 36.78
C ILE A 894 -26.79 57.71 37.46
N LEU A 895 -27.28 58.95 37.55
CA LEU A 895 -28.55 59.23 38.19
C LEU A 895 -29.60 59.69 37.20
N ASP A 896 -30.85 59.56 37.62
CA ASP A 896 -32.02 60.08 36.91
C ASP A 896 -33.11 60.34 37.94
N ILE A 897 -33.54 61.59 38.05
CA ILE A 897 -34.50 61.96 39.10
C ILE A 897 -35.93 61.88 38.60
N TRP A 898 -36.16 62.30 37.36
CA TRP A 898 -37.49 62.20 36.75
C TRP A 898 -38.59 62.90 37.56
N VAL B 1 -62.38 78.35 -10.73
CA VAL B 1 -62.17 79.51 -9.88
C VAL B 1 -62.25 79.16 -8.39
N ASN B 2 -61.33 79.73 -7.62
CA ASN B 2 -61.35 79.64 -6.17
C ASN B 2 -61.72 80.99 -5.56
N PHE B 3 -62.78 80.98 -4.75
CA PHE B 3 -63.19 82.19 -4.04
C PHE B 3 -62.12 82.57 -3.03
N PRO B 4 -61.75 83.85 -2.96
CA PRO B 4 -60.67 84.25 -2.05
C PRO B 4 -61.13 84.23 -0.60
N PHE B 5 -60.16 84.02 0.29
CA PHE B 5 -60.47 83.88 1.71
C PHE B 5 -60.95 85.21 2.29
N PRO B 6 -61.93 85.18 3.19
CA PRO B 6 -62.30 86.39 3.92
C PRO B 6 -61.19 86.77 4.88
N LYS B 7 -60.97 88.08 5.00
CA LYS B 7 -59.89 88.63 5.83
C LYS B 7 -60.50 89.65 6.79
N LYS B 8 -60.98 89.16 7.93
CA LYS B 8 -61.57 90.03 8.93
C LYS B 8 -60.94 89.73 10.29
N MET B 9 -60.77 90.78 11.06
CA MET B 9 -60.33 90.68 12.43
C MET B 9 -61.55 90.81 13.33
N ILE B 10 -61.64 89.96 14.35
CA ILE B 10 -62.91 89.73 15.04
C ILE B 10 -63.25 90.93 15.92
N THR B 11 -64.48 91.42 15.80
CA THR B 11 -64.95 92.61 16.48
C THR B 11 -66.00 92.24 17.52
N GLU B 12 -65.96 92.89 18.68
CA GLU B 12 -66.97 92.66 19.69
C GLU B 12 -68.35 93.10 19.24
N SER B 13 -68.39 94.07 18.33
CA SER B 13 -69.65 94.58 17.80
C SER B 13 -70.47 93.46 17.15
N ASN B 14 -69.94 92.86 16.08
CA ASN B 14 -70.65 91.75 15.44
C ASN B 14 -70.61 90.51 16.32
N SER B 15 -69.62 90.44 17.22
CA SER B 15 -69.60 89.37 18.22
C SER B 15 -70.89 89.32 19.01
N LYS B 16 -71.38 90.47 19.47
CA LYS B 16 -72.63 90.49 20.21
C LYS B 16 -73.75 89.85 19.40
N ASP B 17 -73.94 90.31 18.16
CA ASP B 17 -75.04 89.81 17.35
C ASP B 17 -74.92 88.32 17.10
N ILE B 18 -73.73 87.88 16.66
CA ILE B 18 -73.54 86.47 16.37
C ILE B 18 -73.70 85.63 17.64
N ARG B 19 -73.29 86.18 18.78
CA ARG B 19 -73.40 85.44 20.03
C ARG B 19 -74.84 85.22 20.44
N GLU B 20 -75.65 86.29 20.48
CA GLU B 20 -77.05 86.07 20.83
C GLU B 20 -77.77 85.26 19.76
N TYR B 21 -77.33 85.35 18.50
CA TYR B 21 -77.95 84.53 17.47
C TYR B 21 -77.71 83.05 17.75
N LEU B 22 -76.47 82.69 18.09
CA LEU B 22 -76.18 81.30 18.43
C LEU B 22 -76.88 80.88 19.71
N ALA B 23 -77.03 81.80 20.65
CA ALA B 23 -77.70 81.48 21.91
C ALA B 23 -79.20 81.36 21.76
N SER B 24 -79.77 81.93 20.69
CA SER B 24 -81.20 81.93 20.48
C SER B 24 -81.68 80.76 19.61
N THR B 25 -81.00 80.51 18.49
CA THR B 25 -81.42 79.45 17.59
C THR B 25 -81.14 78.08 18.20
N PHE B 26 -82.03 77.13 17.91
CA PHE B 26 -82.05 75.86 18.63
C PHE B 26 -80.76 75.06 18.50
N PRO B 27 -80.31 74.67 17.30
CA PRO B 27 -79.20 73.72 17.22
C PRO B 27 -77.90 74.28 17.76
N PHE B 28 -77.69 75.59 17.65
CA PHE B 28 -76.45 76.20 18.09
C PHE B 28 -76.43 76.49 19.58
N GLU B 29 -77.52 76.23 20.30
CA GLU B 29 -77.53 76.43 21.74
C GLU B 29 -76.66 75.38 22.45
N GLN B 30 -76.98 74.11 22.22
CA GLN B 30 -76.31 73.03 22.95
C GLN B 30 -74.89 72.78 22.47
N GLN B 31 -74.53 73.27 21.29
CA GLN B 31 -73.17 73.15 20.79
C GLN B 31 -72.34 74.39 21.16
N SER B 32 -71.05 74.14 21.42
CA SER B 32 -70.07 75.20 21.54
C SER B 32 -69.27 75.28 20.23
N THR B 33 -68.57 76.39 20.08
CA THR B 33 -67.95 76.76 18.81
C THR B 33 -66.47 76.96 19.00
N ILE B 34 -65.73 76.96 17.89
CA ILE B 34 -64.31 77.23 18.00
C ILE B 34 -64.10 78.69 18.37
N LEU B 35 -65.05 79.56 18.01
CA LEU B 35 -64.87 80.99 18.20
C LEU B 35 -64.76 81.38 19.66
N ASP B 36 -65.13 80.48 20.57
CA ASP B 36 -64.93 80.73 22.00
C ASP B 36 -63.46 80.90 22.32
N SER B 37 -62.58 80.40 21.45
CA SER B 37 -61.14 80.51 21.60
C SER B 37 -60.64 81.92 21.30
N VAL B 38 -61.47 82.77 20.71
CA VAL B 38 -61.03 84.10 20.29
C VAL B 38 -60.92 85.00 21.52
N LYS B 39 -60.18 86.10 21.39
CA LYS B 39 -59.93 87.00 22.51
C LYS B 39 -61.23 87.53 23.12
N SER B 40 -61.98 88.29 22.32
CA SER B 40 -63.14 89.04 22.83
C SER B 40 -64.37 88.72 21.98
N ILE B 41 -65.04 87.62 22.32
CA ILE B 41 -66.40 87.35 21.87
C ILE B 41 -67.26 87.00 23.09
N ALA B 42 -66.89 87.52 24.24
CA ALA B 42 -67.46 87.07 25.50
C ALA B 42 -68.91 87.54 25.61
N LYS B 43 -69.47 87.45 26.82
CA LYS B 43 -70.89 87.68 27.09
C LYS B 43 -71.79 86.62 26.47
N VAL B 44 -71.76 85.41 27.04
CA VAL B 44 -72.61 84.31 26.56
C VAL B 44 -74.03 84.38 27.17
N GLN B 45 -74.14 84.60 28.48
CA GLN B 45 -75.41 84.51 29.25
C GLN B 45 -76.23 83.28 28.86
N ILE B 46 -75.77 82.08 29.18
CA ILE B 46 -76.62 80.90 28.95
C ILE B 46 -76.84 80.15 30.25
N ASP B 47 -78.08 79.66 30.42
CA ASP B 47 -78.49 78.76 31.50
C ASP B 47 -78.92 77.42 30.92
N ASP B 48 -78.51 76.34 31.58
CA ASP B 48 -78.74 75.00 31.05
C ASP B 48 -80.02 74.35 31.54
N ARG B 49 -80.74 74.94 32.51
CA ARG B 49 -81.96 74.31 32.99
C ARG B 49 -83.00 74.19 31.89
N LYS B 50 -83.21 75.28 31.14
CA LYS B 50 -84.15 75.23 30.03
C LYS B 50 -83.69 74.27 28.94
N ALA B 51 -82.40 74.31 28.59
CA ALA B 51 -81.89 73.35 27.63
C ALA B 51 -82.09 71.92 28.13
N PHE B 52 -82.02 71.75 29.45
CA PHE B 52 -82.14 70.43 30.05
C PHE B 52 -83.56 69.89 29.93
N ASP B 53 -84.55 70.69 30.31
CA ASP B 53 -85.92 70.20 30.19
C ASP B 53 -86.34 70.09 28.72
N LEU B 54 -85.73 70.92 27.86
CA LEU B 54 -85.89 70.73 26.42
C LEU B 54 -85.39 69.36 25.99
N GLN B 55 -84.22 68.96 26.48
CA GLN B 55 -83.70 67.63 26.16
C GLN B 55 -84.63 66.56 26.70
N LEU B 56 -85.21 66.79 27.88
CA LEU B 56 -86.18 65.86 28.44
C LEU B 56 -87.35 65.65 27.48
N LYS B 57 -87.93 66.76 27.00
CA LYS B 57 -89.04 66.68 26.06
C LYS B 57 -88.60 65.99 24.77
N PHE B 58 -87.40 66.31 24.28
CA PHE B 58 -86.90 65.69 23.07
C PHE B 58 -86.81 64.18 23.22
N ARG B 59 -86.26 63.72 24.34
CA ARG B 59 -86.13 62.29 24.58
C ARG B 59 -87.49 61.61 24.69
N GLN B 60 -88.41 62.24 25.43
CA GLN B 60 -89.77 61.70 25.53
C GLN B 60 -90.40 61.55 24.15
N GLU B 61 -90.34 62.61 23.35
CA GLU B 61 -90.95 62.57 22.03
C GLU B 61 -90.31 61.51 21.15
N ASN B 62 -88.98 61.38 21.20
CA ASN B 62 -88.31 60.44 20.31
C ASN B 62 -88.61 59.00 20.70
N LEU B 63 -88.62 58.70 22.01
CA LEU B 63 -88.97 57.35 22.43
C LEU B 63 -90.41 57.02 22.05
N ALA B 64 -91.32 57.98 22.23
CA ALA B 64 -92.70 57.76 21.83
C ALA B 64 -92.80 57.48 20.34
N GLU B 65 -92.07 58.25 19.53
CA GLU B 65 -92.14 58.10 18.07
C GLU B 65 -91.63 56.75 17.63
N LEU B 66 -90.47 56.33 18.15
CA LEU B 66 -89.95 55.02 17.78
C LEU B 66 -90.87 53.89 18.25
N LYS B 67 -91.50 54.06 19.41
CA LYS B 67 -92.49 53.07 19.84
C LYS B 67 -93.64 52.99 18.84
N ASP B 68 -94.12 54.16 18.42
CA ASP B 68 -95.15 54.23 17.37
C ASP B 68 -94.73 53.41 16.16
N GLN B 69 -93.47 53.58 15.75
CA GLN B 69 -93.00 52.84 14.58
C GLN B 69 -92.85 51.35 14.89
N ILE B 70 -92.59 51.02 16.15
CA ILE B 70 -92.34 49.62 16.52
C ILE B 70 -93.62 48.80 16.42
N ILE B 71 -94.75 49.36 16.87
CA ILE B 71 -96.01 48.62 16.75
C ILE B 71 -96.29 48.23 15.30
N LEU B 72 -96.22 49.21 14.39
CA LEU B 72 -96.55 48.92 12.99
C LEU B 72 -95.47 48.09 12.31
N SER B 73 -94.22 48.20 12.76
CA SER B 73 -93.18 47.31 12.25
C SER B 73 -93.41 45.88 12.71
N LEU B 74 -94.00 45.68 13.88
CA LEU B 74 -94.43 44.35 14.29
C LEU B 74 -95.64 43.89 13.49
N GLY B 75 -96.47 44.83 13.05
CA GLY B 75 -97.66 44.47 12.31
C GLY B 75 -97.38 43.69 11.04
N ALA B 76 -96.47 44.20 10.20
CA ALA B 76 -96.13 43.58 8.92
C ALA B 76 -94.61 43.46 8.82
N ASN B 77 -94.09 42.31 9.22
CA ASN B 77 -92.67 42.06 9.28
C ASN B 77 -92.30 40.93 8.34
N ASN B 78 -91.11 41.02 7.74
CA ASN B 78 -90.64 40.04 6.78
C ASN B 78 -89.74 39.03 7.49
N GLY B 79 -90.36 38.07 8.17
CA GLY B 79 -89.61 37.19 9.04
C GLY B 79 -89.65 37.75 10.44
N ASN B 80 -90.46 37.15 11.32
CA ASN B 80 -90.70 37.74 12.63
C ASN B 80 -89.41 37.78 13.42
N GLN B 81 -89.02 38.99 13.85
CA GLN B 81 -87.78 39.20 14.58
C GLN B 81 -88.02 39.46 16.06
N ASN B 82 -89.13 38.99 16.61
CA ASN B 82 -89.45 39.17 18.02
C ASN B 82 -89.44 40.66 18.38
N TRP B 83 -90.16 41.43 17.57
CA TRP B 83 -90.15 42.88 17.73
C TRP B 83 -90.82 43.29 19.04
N GLN B 84 -91.73 42.47 19.55
CA GLN B 84 -92.34 42.78 20.84
C GLN B 84 -91.32 42.76 21.96
N LYS B 85 -90.19 42.08 21.75
CA LYS B 85 -89.10 42.12 22.73
C LYS B 85 -88.48 43.51 22.80
N LEU B 86 -88.12 44.08 21.65
CA LEU B 86 -87.67 45.47 21.63
C LEU B 86 -88.77 46.40 22.14
N LEU B 87 -90.03 46.03 21.92
CA LEU B 87 -91.12 46.83 22.45
C LEU B 87 -91.11 46.81 23.98
N ASP B 88 -90.94 45.63 24.57
CA ASP B 88 -90.81 45.56 26.03
C ASP B 88 -89.61 46.36 26.50
N TYR B 89 -88.55 46.38 25.70
CA TYR B 89 -87.38 47.17 26.04
C TYR B 89 -87.74 48.65 26.11
N THR B 90 -88.45 49.15 25.09
CA THR B 90 -88.85 50.56 25.14
C THR B 90 -89.93 50.79 26.20
N ASN B 91 -90.68 49.74 26.55
CA ASN B 91 -91.63 49.86 27.65
C ASN B 91 -90.92 50.14 28.96
N LYS B 92 -89.96 49.30 29.33
CA LYS B 92 -89.20 49.56 30.55
C LYS B 92 -88.39 50.84 30.42
N LEU B 93 -88.00 51.20 29.20
CA LEU B 93 -87.34 52.47 28.93
C LEU B 93 -88.21 53.64 29.37
N ASP B 94 -89.44 53.72 28.86
CA ASP B 94 -90.33 54.81 29.27
C ASP B 94 -90.66 54.71 30.76
N GLU B 95 -90.80 53.49 31.28
CA GLU B 95 -91.06 53.33 32.71
C GLU B 95 -89.98 53.99 33.55
N LEU B 96 -88.73 53.56 33.36
CA LEU B 96 -87.61 54.14 34.08
C LEU B 96 -87.51 55.64 33.84
N SER B 97 -87.86 56.08 32.63
CA SER B 97 -87.70 57.49 32.28
C SER B 97 -88.68 58.39 33.00
N ASN B 98 -89.90 57.90 33.29
CA ASN B 98 -90.89 58.83 33.81
C ASN B 98 -90.85 58.96 35.33
N THR B 99 -90.73 57.86 36.06
CA THR B 99 -90.89 57.92 37.51
C THR B 99 -89.58 58.29 38.20
N LYS B 100 -89.72 58.82 39.41
CA LYS B 100 -88.58 58.90 40.32
C LYS B 100 -88.54 57.65 41.19
N ILE B 101 -87.37 57.02 41.26
CA ILE B 101 -87.18 55.80 42.03
C ILE B 101 -85.92 55.92 42.88
N SER B 102 -85.64 54.89 43.67
CA SER B 102 -84.41 54.86 44.43
C SER B 102 -83.23 54.65 43.48
N PRO B 103 -82.05 55.16 43.83
CA PRO B 103 -80.88 54.96 42.95
C PRO B 103 -80.54 53.51 42.68
N GLU B 104 -80.70 52.63 43.68
CA GLU B 104 -80.32 51.23 43.49
C GLU B 104 -81.19 50.56 42.44
N GLU B 105 -82.50 50.78 42.49
CA GLU B 105 -83.39 50.16 41.50
C GLU B 105 -83.04 50.60 40.09
N PHE B 106 -82.76 51.89 39.91
CA PHE B 106 -82.35 52.40 38.61
C PHE B 106 -81.07 51.72 38.14
N ILE B 107 -80.10 51.57 39.05
CA ILE B 107 -78.88 50.84 38.70
C ILE B 107 -79.22 49.44 38.19
N GLU B 108 -80.00 48.70 38.98
CA GLU B 108 -80.29 47.30 38.63
C GLU B 108 -80.94 47.20 37.26
N GLU B 109 -81.97 48.00 37.03
CA GLU B 109 -82.76 47.84 35.81
C GLU B 109 -81.98 48.34 34.60
N ILE B 110 -81.23 49.43 34.76
CA ILE B 110 -80.38 49.92 33.69
C ILE B 110 -79.35 48.88 33.30
N GLN B 111 -78.67 48.30 34.30
CA GLN B 111 -77.68 47.27 34.01
C GLN B 111 -78.33 46.07 33.35
N LYS B 112 -79.51 45.67 33.80
CA LYS B 112 -80.18 44.50 33.23
C LYS B 112 -80.48 44.70 31.75
N VAL B 113 -81.17 45.80 31.44
CA VAL B 113 -81.53 46.08 30.06
C VAL B 113 -80.28 46.19 29.20
N LEU B 114 -79.26 46.91 29.69
CA LEU B 114 -78.06 47.12 28.90
C LEU B 114 -77.32 45.81 28.66
N TYR B 115 -77.25 44.95 29.67
CA TYR B 115 -76.51 43.70 29.53
C TYR B 115 -77.27 42.70 28.66
N LYS B 116 -78.60 42.78 28.61
CA LYS B 116 -79.31 41.83 27.76
C LYS B 116 -79.45 42.32 26.32
N VAL B 117 -79.37 43.64 26.08
CA VAL B 117 -79.27 44.05 24.68
C VAL B 117 -77.89 43.73 24.11
N LYS B 118 -76.92 43.40 24.97
CA LYS B 118 -75.58 43.08 24.52
C LYS B 118 -75.56 41.99 23.46
N LEU B 119 -76.31 40.92 23.68
CA LEU B 119 -76.33 39.82 22.73
C LEU B 119 -77.38 40.11 21.66
N SER B 123 -79.17 40.06 13.49
CA SER B 123 -78.38 40.22 12.28
C SER B 123 -79.25 40.06 11.04
N THR B 124 -80.54 39.81 11.25
CA THR B 124 -81.46 39.58 10.14
C THR B 124 -81.70 40.86 9.33
N SER B 125 -82.27 41.87 9.96
CA SER B 125 -82.54 43.15 9.32
C SER B 125 -81.50 44.19 9.72
N LYS B 126 -81.45 45.27 8.96
CA LYS B 126 -80.48 46.32 9.27
C LYS B 126 -81.08 47.39 10.16
N LEU B 127 -82.30 47.84 9.85
CA LEU B 127 -82.98 48.80 10.70
C LEU B 127 -83.41 48.18 12.02
N TYR B 128 -83.51 46.86 12.06
CA TYR B 128 -83.63 46.17 13.34
C TYR B 128 -82.45 46.50 14.25
N SER B 129 -81.24 46.29 13.73
CA SER B 129 -80.05 46.66 14.48
C SER B 129 -80.00 48.15 14.77
N GLN B 130 -80.50 48.97 13.83
CA GLN B 130 -80.59 50.41 14.08
C GLN B 130 -81.47 50.69 15.30
N PHE B 131 -82.60 50.01 15.39
CA PHE B 131 -83.49 50.16 16.54
C PHE B 131 -82.80 49.72 17.82
N ASN B 132 -82.04 48.63 17.75
CA ASN B 132 -81.28 48.17 18.92
C ASN B 132 -80.31 49.25 19.38
N LEU B 133 -79.55 49.79 18.43
CA LEU B 133 -78.57 50.81 18.73
C LEU B 133 -79.24 52.05 19.32
N SER B 134 -80.39 52.44 18.76
CA SER B 134 -81.11 53.58 19.30
C SER B 134 -81.61 53.29 20.71
N ILE B 135 -82.04 52.06 20.98
CA ILE B 135 -82.43 51.68 22.33
C ILE B 135 -81.27 51.92 23.29
N GLN B 136 -80.09 51.43 22.93
CA GLN B 136 -78.92 51.61 23.80
C GLN B 136 -78.60 53.08 24.00
N ASP B 137 -78.61 53.86 22.91
CA ASP B 137 -78.28 55.27 23.00
C ASP B 137 -79.26 56.01 23.90
N PHE B 138 -80.56 55.72 23.74
CA PHE B 138 -81.56 56.37 24.57
C PHE B 138 -81.41 55.96 26.03
N ALA B 139 -81.05 54.70 26.28
CA ALA B 139 -80.84 54.28 27.66
C ALA B 139 -79.72 55.07 28.32
N LEU B 140 -78.56 55.17 27.66
CA LEU B 140 -77.46 55.90 28.29
C LEU B 140 -77.72 57.41 28.29
N GLN B 141 -78.54 57.91 27.36
CA GLN B 141 -79.00 59.30 27.47
C GLN B 141 -79.85 59.50 28.71
N ILE B 142 -80.72 58.53 29.00
CA ILE B 142 -81.49 58.56 30.24
C ILE B 142 -80.55 58.59 31.43
N ILE B 143 -79.48 57.80 31.37
CA ILE B 143 -78.48 57.79 32.44
C ILE B 143 -77.90 59.18 32.64
N HIS B 144 -77.47 59.82 31.55
CA HIS B 144 -76.88 61.15 31.65
C HIS B 144 -77.87 62.16 32.23
N SER B 145 -79.10 62.16 31.72
CA SER B 145 -80.09 63.09 32.24
C SER B 145 -80.34 62.85 33.73
N LYS B 146 -80.47 61.58 34.12
CA LYS B 146 -80.71 61.24 35.52
C LYS B 146 -79.59 61.74 36.40
N TYR B 147 -78.34 61.60 35.95
CA TYR B 147 -77.23 62.13 36.73
C TYR B 147 -77.33 63.65 36.82
N LYS B 148 -77.62 64.31 35.70
CA LYS B 148 -77.74 65.76 35.72
C LYS B 148 -78.95 66.20 36.53
N SER B 149 -79.95 65.33 36.71
CA SER B 149 -81.11 65.66 37.51
C SER B 149 -80.85 65.53 39.01
N ASN B 150 -79.59 65.35 39.42
CA ASN B 150 -79.15 65.31 40.81
C ASN B 150 -79.82 64.19 41.61
N GLN B 151 -80.44 63.24 40.93
CA GLN B 151 -81.04 62.10 41.61
C GLN B 151 -80.04 60.99 41.88
N ILE B 152 -78.84 61.09 41.31
CA ILE B 152 -77.81 60.08 41.44
C ILE B 152 -76.51 60.76 41.84
N SER B 153 -75.79 60.15 42.76
CA SER B 153 -74.56 60.73 43.29
C SER B 153 -73.43 60.62 42.27
N GLN B 154 -72.23 60.96 42.71
CA GLN B 154 -71.05 60.74 41.87
C GLN B 154 -70.47 59.36 42.12
N ASN B 155 -70.47 58.92 43.39
CA ASN B 155 -69.86 57.66 43.77
C ASN B 155 -70.48 56.50 42.99
N ASP B 156 -71.82 56.42 43.03
CA ASP B 156 -72.53 55.36 42.32
C ASP B 156 -72.38 55.49 40.81
N LEU B 157 -72.36 56.73 40.29
CA LEU B 157 -72.17 56.89 38.85
C LEU B 157 -70.84 56.30 38.41
N LEU B 158 -69.79 56.53 39.19
CA LEU B 158 -68.49 55.94 38.87
C LEU B 158 -68.54 54.42 38.98
N LYS B 159 -69.08 53.90 40.09
CA LYS B 159 -69.21 52.45 40.24
C LYS B 159 -70.00 51.83 39.10
N LEU B 160 -70.87 52.61 38.48
CA LEU B 160 -71.64 52.15 37.34
C LEU B 160 -70.80 52.16 36.07
N ILE B 161 -70.08 53.26 35.83
CA ILE B 161 -69.46 53.46 34.52
C ILE B 161 -68.10 52.80 34.44
N THR B 162 -67.37 52.75 35.56
CA THR B 162 -66.00 52.26 35.53
C THR B 162 -65.90 50.75 35.40
N GLU B 163 -66.96 50.00 35.68
CA GLU B 163 -66.90 48.56 35.51
C GLU B 163 -66.73 48.24 34.02
N ASP B 164 -66.07 47.10 33.75
CA ASP B 164 -65.49 46.85 32.42
C ASP B 164 -66.55 46.88 31.32
N GLU B 165 -67.67 46.19 31.51
CA GLU B 165 -68.63 46.02 30.42
C GLU B 165 -69.19 47.35 29.95
N MET B 166 -69.44 48.28 30.87
CA MET B 166 -69.93 49.59 30.46
C MET B 166 -68.89 50.33 29.64
N LEU B 167 -67.62 50.19 30.00
CA LEU B 167 -66.55 50.79 29.20
C LEU B 167 -66.51 50.18 27.81
N LYS B 168 -66.74 48.88 27.71
CA LYS B 168 -66.72 48.23 26.40
C LYS B 168 -67.96 48.53 25.58
N ILE B 169 -68.93 49.23 26.14
CA ILE B 169 -70.17 49.56 25.45
C ILE B 169 -70.21 51.02 25.06
N LEU B 170 -69.68 51.90 25.91
CA LEU B 170 -69.68 53.32 25.61
C LEU B 170 -69.03 53.60 24.26
N ALA B 171 -67.85 53.02 24.02
CA ALA B 171 -67.14 53.30 22.77
C ALA B 171 -67.88 52.73 21.57
N LYS B 172 -68.40 51.51 21.72
CA LYS B 172 -69.16 50.89 20.64
C LYS B 172 -70.31 51.80 20.21
N THR B 173 -71.11 52.25 21.18
CA THR B 173 -72.24 53.09 20.82
C THR B 173 -71.77 54.43 20.26
N LYS B 174 -70.78 55.05 20.92
CA LYS B 174 -70.33 56.37 20.51
C LYS B 174 -69.81 56.38 19.08
N VAL B 175 -69.23 55.28 18.62
CA VAL B 175 -68.75 55.22 17.24
C VAL B 175 -69.86 54.81 16.28
N LEU B 176 -70.61 53.77 16.63
CA LEU B 176 -71.58 53.22 15.69
C LEU B 176 -72.71 54.20 15.42
N THR B 177 -73.21 54.87 16.46
CA THR B 177 -74.30 55.83 16.25
C THR B 177 -73.84 57.00 15.40
N TYR B 178 -72.64 57.52 15.68
CA TYR B 178 -72.12 58.62 14.87
C TYR B 178 -71.98 58.21 13.41
N LYS B 179 -71.45 57.01 13.16
CA LYS B 179 -71.37 56.52 11.79
C LYS B 179 -72.75 56.47 11.15
N MET B 180 -73.66 55.70 11.76
CA MET B 180 -75.01 55.53 11.22
C MET B 180 -75.72 56.84 10.98
N LYS B 181 -75.40 57.87 11.77
CA LYS B 181 -76.11 59.13 11.65
C LYS B 181 -75.47 60.12 10.69
N TYR B 182 -74.15 60.07 10.50
CA TYR B 182 -73.47 61.13 9.77
C TYR B 182 -72.62 60.66 8.60
N PHE B 183 -72.53 59.36 8.33
CA PHE B 183 -71.57 58.90 7.32
C PHE B 183 -71.97 59.34 5.92
N ASP B 184 -73.25 59.22 5.59
CA ASP B 184 -73.70 59.61 4.24
C ASP B 184 -73.57 61.11 4.05
N SER B 185 -73.91 61.89 5.08
CA SER B 185 -73.72 63.33 5.00
C SER B 185 -72.25 63.68 4.79
N ALA B 186 -71.35 63.00 5.50
CA ALA B 186 -69.93 63.29 5.37
C ALA B 186 -69.41 62.88 4.00
N SER B 187 -69.93 61.79 3.45
CA SER B 187 -69.53 61.35 2.13
C SER B 187 -69.98 62.32 1.05
N LYS B 188 -71.25 62.72 1.07
CA LYS B 188 -71.73 63.69 0.08
C LYS B 188 -71.02 65.03 0.23
N MET B 189 -70.72 65.43 1.46
CA MET B 189 -69.94 66.64 1.67
C MET B 189 -68.47 66.46 1.34
N GLY B 190 -68.00 65.21 1.29
CA GLY B 190 -66.63 64.95 0.92
C GLY B 190 -65.60 65.24 1.99
N ILE B 191 -66.00 65.20 3.27
CA ILE B 191 -65.07 65.40 4.38
C ILE B 191 -64.88 64.15 5.22
N ASN B 192 -65.57 63.05 4.88
CA ASN B 192 -65.49 61.83 5.68
C ASN B 192 -64.04 61.37 5.87
N LYS B 193 -63.16 61.67 4.92
CA LYS B 193 -61.75 61.39 5.10
C LYS B 193 -61.14 62.17 6.26
N TYR B 194 -61.86 63.14 6.81
CA TYR B 194 -61.41 63.90 7.98
C TYR B 194 -62.49 63.76 9.05
N ILE B 195 -62.42 62.66 9.80
CA ILE B 195 -63.33 62.39 10.91
C ILE B 195 -62.50 61.79 12.04
N SER B 196 -62.32 62.55 13.12
CA SER B 196 -61.48 62.12 14.23
C SER B 196 -62.35 61.71 15.40
N THR B 197 -62.03 60.55 16.00
CA THR B 197 -62.70 60.15 17.22
C THR B 197 -62.48 61.14 18.34
N GLU B 198 -61.45 61.98 18.24
CA GLU B 198 -61.15 62.92 19.32
C GLU B 198 -62.20 64.02 19.43
N MET B 199 -62.78 64.43 18.30
CA MET B 199 -63.73 65.53 18.27
C MET B 199 -65.16 65.05 18.09
N MET B 200 -65.43 63.77 18.38
CA MET B 200 -66.79 63.26 18.29
C MET B 200 -67.72 63.98 19.26
N ASP B 201 -67.28 64.16 20.51
CA ASP B 201 -68.13 64.74 21.52
C ASP B 201 -68.10 66.26 21.48
N LEU B 202 -68.32 66.83 20.29
CA LEU B 202 -68.49 68.27 20.15
C LEU B 202 -69.80 68.61 19.46
N ASP B 203 -70.62 67.60 19.16
CA ASP B 203 -71.95 67.80 18.60
C ASP B 203 -72.97 67.72 19.72
N TRP B 204 -74.07 68.47 19.57
CA TRP B 204 -75.16 68.37 20.54
C TRP B 204 -75.74 66.97 20.59
N GLN B 205 -75.56 66.19 19.52
CA GLN B 205 -76.04 64.81 19.50
C GLN B 205 -75.23 63.91 20.42
N PHE B 206 -74.02 64.32 20.80
CA PHE B 206 -73.17 63.50 21.64
C PHE B 206 -72.59 64.32 22.79
N SER B 207 -73.39 65.22 23.34
CA SER B 207 -72.93 65.99 24.49
C SER B 207 -72.84 65.12 25.74
N HIS B 208 -73.83 64.26 25.95
CA HIS B 208 -73.85 63.40 27.12
C HIS B 208 -72.53 62.63 27.28
N TYR B 209 -72.04 62.00 26.20
CA TYR B 209 -70.74 61.34 26.25
C TYR B 209 -69.70 62.25 26.88
N LYS B 210 -69.56 63.48 26.36
CA LYS B 210 -68.61 64.45 26.88
C LYS B 210 -68.68 64.53 28.40
N THR B 211 -69.88 64.61 28.95
CA THR B 211 -70.04 64.62 30.41
C THR B 211 -69.25 63.48 31.03
N PHE B 212 -69.65 62.24 30.72
CA PHE B 212 -68.91 61.08 31.20
C PHE B 212 -67.40 61.30 31.07
N ASN B 213 -66.96 61.76 29.90
CA ASN B 213 -65.54 61.97 29.67
C ASN B 213 -64.91 62.80 30.78
N ASP B 214 -65.40 64.03 30.99
CA ASP B 214 -64.77 64.86 32.01
C ASP B 214 -64.93 64.23 33.39
N ALA B 215 -66.03 63.51 33.61
CA ALA B 215 -66.22 62.78 34.85
C ALA B 215 -65.01 61.91 35.15
N LEU B 216 -64.54 61.15 34.16
CA LEU B 216 -63.35 60.34 34.37
C LEU B 216 -62.12 61.21 34.54
N LYS B 217 -62.03 62.31 33.77
CA LYS B 217 -60.97 63.28 34.01
C LYS B 217 -61.11 63.89 35.40
N LYS B 218 -62.31 63.82 35.98
CA LYS B 218 -62.52 64.17 37.38
C LYS B 218 -61.72 63.26 38.29
N ASN B 219 -61.81 61.95 38.07
CA ASN B 219 -61.55 61.00 39.14
C ASN B 219 -60.41 60.03 38.84
N LYS B 220 -60.46 59.39 37.67
CA LYS B 220 -59.49 58.36 37.32
C LYS B 220 -59.05 58.63 35.88
N ALA B 221 -57.89 59.26 35.72
CA ALA B 221 -57.41 59.55 34.38
C ALA B 221 -57.06 58.27 33.63
N SER B 222 -56.60 57.25 34.35
CA SER B 222 -56.24 55.99 33.71
C SER B 222 -57.39 55.45 32.89
N ASP B 223 -58.60 55.41 33.47
CA ASP B 223 -59.75 54.90 32.75
C ASP B 223 -60.12 55.80 31.59
N SER B 224 -59.89 57.11 31.70
CA SER B 224 -60.18 57.98 30.58
C SER B 224 -59.29 57.65 29.38
N SER B 225 -57.99 57.52 29.64
CA SER B 225 -57.07 57.16 28.57
C SER B 225 -57.40 55.80 27.99
N TYR B 226 -57.79 54.87 28.87
CA TYR B 226 -58.19 53.54 28.41
C TYR B 226 -59.41 53.62 27.51
N LEU B 227 -60.37 54.48 27.88
CA LEU B 227 -61.57 54.63 27.07
C LEU B 227 -61.22 55.21 25.70
N GLY B 228 -60.29 56.16 25.66
CA GLY B 228 -59.88 56.70 24.37
C GLY B 228 -59.19 55.67 23.51
N TRP B 229 -58.25 54.93 24.09
CA TRP B 229 -57.56 53.89 23.34
C TRP B 229 -58.52 52.81 22.88
N LEU B 230 -59.62 52.61 23.61
CA LEU B 230 -60.61 51.63 23.19
C LEU B 230 -61.46 52.15 22.05
N THR B 231 -61.91 53.41 22.14
CA THR B 231 -62.80 53.92 21.13
C THR B 231 -62.09 54.12 19.80
N HIS B 232 -60.80 54.46 19.81
CA HIS B 232 -60.11 54.58 18.53
C HIS B 232 -59.99 53.22 17.85
N GLY B 233 -59.67 52.18 18.62
CA GLY B 233 -59.63 50.85 18.04
C GLY B 233 -60.97 50.42 17.48
N TYR B 234 -62.05 50.71 18.22
CA TYR B 234 -63.37 50.34 17.73
C TYR B 234 -63.73 51.12 16.47
N SER B 235 -63.24 52.36 16.34
CA SER B 235 -63.49 53.09 15.10
C SER B 235 -62.77 52.47 13.93
N ILE B 236 -61.50 52.08 14.13
CA ILE B 236 -60.77 51.42 13.06
C ILE B 236 -61.46 50.11 12.67
N LYS B 237 -61.99 49.39 13.65
CA LYS B 237 -62.58 48.08 13.36
C LYS B 237 -63.76 48.19 12.41
N TYR B 238 -64.69 49.11 12.69
CA TYR B 238 -65.92 49.21 11.91
C TYR B 238 -65.77 50.11 10.69
N GLY B 239 -64.56 50.31 10.22
CA GLY B 239 -64.35 50.87 8.89
C GLY B 239 -64.62 52.35 8.72
N LEU B 240 -64.32 53.16 9.74
CA LEU B 240 -64.31 54.59 9.50
C LEU B 240 -63.00 55.02 8.84
N SER B 241 -61.90 54.36 9.16
CA SER B 241 -60.60 54.63 8.58
C SER B 241 -59.95 53.33 8.16
N PRO B 242 -60.07 52.94 6.89
CA PRO B 242 -59.48 51.67 6.44
C PRO B 242 -57.98 51.78 6.19
N ASN B 243 -57.19 50.91 6.83
CA ASN B 243 -55.77 50.85 6.58
C ASN B 243 -55.38 49.71 5.64
N ASN B 244 -56.30 48.78 5.41
CA ASN B 244 -56.30 47.72 4.41
C ASN B 244 -55.39 46.56 4.77
N GLU B 245 -54.52 46.67 5.76
CA GLU B 245 -53.71 45.52 6.17
C GLU B 245 -53.90 45.16 7.63
N ARG B 246 -53.60 46.07 8.56
CA ARG B 246 -53.53 45.74 9.98
C ARG B 246 -53.17 46.96 10.80
N SER B 247 -53.59 47.01 12.07
CA SER B 247 -53.16 48.05 12.99
C SER B 247 -52.06 47.47 13.86
N MET B 248 -51.00 48.24 14.09
CA MET B 248 -49.89 47.74 14.87
C MET B 248 -50.20 47.69 16.35
N PHE B 249 -50.95 48.67 16.87
CA PHE B 249 -51.02 48.83 18.32
C PHE B 249 -52.40 49.28 18.80
N PHE B 250 -53.47 48.84 18.17
CA PHE B 250 -54.76 49.30 18.66
C PHE B 250 -55.73 48.20 19.04
N GLN B 251 -55.70 47.05 18.39
CA GLN B 251 -56.67 46.02 18.70
C GLN B 251 -56.16 45.02 19.72
N ASP B 252 -54.90 45.11 20.13
CA ASP B 252 -54.28 44.10 20.97
C ASP B 252 -54.31 44.52 22.43
N GLY B 253 -54.59 43.56 23.31
CA GLY B 253 -54.66 43.87 24.72
C GLY B 253 -53.29 44.12 25.33
N ARG B 254 -52.26 43.41 24.86
CA ARG B 254 -50.95 43.55 25.46
C ARG B 254 -50.25 44.83 25.09
N LYS B 255 -50.84 45.67 24.24
CA LYS B 255 -50.25 46.95 23.93
C LYS B 255 -50.64 48.02 24.94
N TYR B 256 -51.91 47.99 25.37
CA TYR B 256 -52.34 48.92 26.38
C TYR B 256 -51.57 48.73 27.68
N ALA B 257 -51.19 47.49 27.99
CA ALA B 257 -50.41 47.25 29.19
C ALA B 257 -49.07 47.97 29.11
N GLU B 258 -48.40 47.87 27.96
CA GLU B 258 -47.11 48.55 27.80
C GLU B 258 -47.28 50.05 27.87
N LEU B 259 -48.33 50.58 27.24
CA LEU B 259 -48.55 52.02 27.28
C LEU B 259 -48.80 52.50 28.70
N TYR B 260 -49.60 51.77 29.47
CA TYR B 260 -49.85 52.14 30.84
C TYR B 260 -48.57 52.10 31.67
N ALA B 261 -47.79 51.03 31.51
CA ALA B 261 -46.54 50.91 32.24
C ALA B 261 -45.64 52.10 31.96
N PHE B 262 -45.52 52.50 30.70
CA PHE B 262 -44.74 53.69 30.39
C PHE B 262 -45.35 54.92 31.04
N SER B 263 -46.68 55.02 31.03
CA SER B 263 -47.34 56.20 31.55
C SER B 263 -47.12 56.37 33.04
N LYS B 264 -46.88 55.28 33.76
CA LYS B 264 -46.66 55.40 35.20
C LYS B 264 -45.20 55.64 35.56
N SER B 265 -44.27 55.01 34.85
CA SER B 265 -42.83 55.24 35.07
C SER B 265 -42.19 55.53 33.72
N PRO B 266 -41.94 56.80 33.40
CA PRO B 266 -41.56 57.14 32.02
C PRO B 266 -40.18 56.66 31.64
N HIS B 267 -39.29 56.45 32.61
CA HIS B 267 -37.91 56.11 32.27
C HIS B 267 -37.80 54.83 31.45
N ARG B 268 -38.86 54.02 31.41
CA ARG B 268 -38.85 52.84 30.57
C ARG B 268 -38.49 53.18 29.14
N LYS B 269 -38.85 54.37 28.68
CA LYS B 269 -38.54 54.76 27.31
C LYS B 269 -37.04 54.80 27.06
N ILE B 270 -36.26 55.20 28.07
CA ILE B 270 -34.82 55.30 27.88
C ILE B 270 -34.19 53.91 27.81
N ILE B 271 -34.63 53.00 28.67
CA ILE B 271 -34.16 51.62 28.66
C ILE B 271 -35.32 50.72 28.27
N PRO B 272 -35.64 50.61 26.98
CA PRO B 272 -36.85 49.90 26.59
C PRO B 272 -36.66 48.40 26.59
N GLY B 273 -37.76 47.69 26.87
CA GLY B 273 -37.82 46.28 26.61
C GLY B 273 -38.06 46.04 25.12
N GLU B 274 -38.38 44.79 24.80
CA GLU B 274 -38.58 44.42 23.42
C GLU B 274 -39.90 44.97 22.89
N HIS B 275 -40.98 44.84 23.66
CA HIS B 275 -42.27 45.32 23.20
C HIS B 275 -42.28 46.85 23.12
N LEU B 276 -41.60 47.51 24.04
CA LEU B 276 -41.45 48.95 23.87
C LEU B 276 -40.60 49.27 22.65
N LYS B 277 -39.60 48.43 22.36
CA LYS B 277 -38.73 48.69 21.22
C LYS B 277 -39.50 48.67 19.92
N ASP B 278 -40.23 47.59 19.67
CA ASP B 278 -40.95 47.53 18.40
C ASP B 278 -42.11 48.52 18.38
N LEU B 279 -42.67 48.85 19.55
CA LEU B 279 -43.61 49.98 19.60
C LEU B 279 -42.97 51.25 19.04
N LEU B 280 -41.80 51.64 19.58
CA LEU B 280 -41.18 52.89 19.16
C LEU B 280 -40.73 52.83 17.71
N ALA B 281 -40.33 51.65 17.24
CA ALA B 281 -39.97 51.51 15.83
C ALA B 281 -41.18 51.78 14.94
N LYS B 282 -42.32 51.19 15.27
CA LYS B 282 -43.52 51.43 14.46
C LYS B 282 -43.91 52.90 14.52
N ILE B 283 -43.74 53.53 15.68
CA ILE B 283 -44.09 54.95 15.80
C ILE B 283 -43.21 55.79 14.89
N ASN B 284 -41.91 55.56 14.90
CA ASN B 284 -41.02 56.32 14.02
C ASN B 284 -41.34 56.06 12.55
N LYS B 285 -41.67 54.82 12.20
CA LYS B 285 -42.01 54.52 10.82
C LYS B 285 -43.26 55.27 10.38
N SER B 286 -44.30 55.25 11.21
CA SER B 286 -45.53 55.97 10.87
C SER B 286 -45.30 57.47 10.82
N LYS B 287 -44.42 57.98 11.68
CA LYS B 287 -44.06 59.40 11.63
C LYS B 287 -43.43 59.74 10.30
N GLY B 288 -42.42 58.95 9.89
CA GLY B 288 -41.78 59.18 8.62
C GLY B 288 -42.78 59.16 7.48
N ILE B 289 -43.68 58.19 7.48
CA ILE B 289 -44.71 58.13 6.44
C ILE B 289 -45.54 59.40 6.45
N PHE B 290 -45.87 59.91 7.63
CA PHE B 290 -46.69 61.11 7.73
C PHE B 290 -45.95 62.35 7.22
N LEU B 291 -44.62 62.37 7.26
CA LEU B 291 -43.87 63.58 6.94
C LEU B 291 -43.22 63.56 5.55
N ASP B 292 -43.80 62.82 4.61
CA ASP B 292 -43.35 62.84 3.21
C ASP B 292 -44.53 63.22 2.32
N GLN B 293 -44.32 64.21 1.44
CA GLN B 293 -45.40 64.94 0.81
C GLN B 293 -45.99 64.23 -0.39
N ASN B 294 -45.21 63.42 -1.10
CA ASN B 294 -45.74 62.74 -2.26
C ASN B 294 -46.17 61.31 -1.97
N ALA B 295 -46.16 60.87 -0.73
CA ALA B 295 -46.96 59.69 -0.44
C ALA B 295 -48.44 60.01 -0.64
N LEU B 296 -49.27 58.97 -0.63
CA LEU B 296 -50.69 59.17 -0.90
C LEU B 296 -51.34 59.92 0.27
N LEU B 297 -52.56 60.43 0.03
CA LEU B 297 -53.24 61.20 1.06
C LEU B 297 -53.78 60.32 2.17
N ASP B 298 -54.35 59.17 1.81
CA ASP B 298 -55.03 58.33 2.80
C ASP B 298 -54.04 57.81 3.84
N LYS B 299 -52.85 57.40 3.39
CA LYS B 299 -51.83 56.95 4.32
C LYS B 299 -51.46 58.04 5.31
N ARG B 300 -51.25 59.27 4.80
CA ARG B 300 -50.88 60.37 5.68
C ARG B 300 -52.00 60.68 6.67
N ILE B 301 -53.25 60.61 6.23
CA ILE B 301 -54.36 60.89 7.14
C ILE B 301 -54.44 59.82 8.22
N TYR B 302 -54.30 58.55 7.83
CA TYR B 302 -54.32 57.47 8.81
C TYR B 302 -53.19 57.62 9.83
N ALA B 303 -51.99 57.90 9.35
CA ALA B 303 -50.86 58.09 10.25
C ALA B 303 -51.11 59.26 11.19
N PHE B 304 -51.66 60.35 10.68
CA PHE B 304 -51.98 61.48 11.54
C PHE B 304 -52.97 61.09 12.62
N HIS B 305 -54.02 60.36 12.25
CA HIS B 305 -55.02 59.97 13.23
C HIS B 305 -54.40 59.14 14.35
N GLU B 306 -53.61 58.13 13.98
CA GLU B 306 -52.98 57.29 14.98
C GLU B 306 -52.07 58.09 15.90
N LEU B 307 -51.17 58.89 15.30
CA LEU B 307 -50.23 59.65 16.12
C LEU B 307 -50.97 60.64 17.02
N ASN B 308 -52.06 61.22 16.51
CA ASN B 308 -52.82 62.18 17.31
C ASN B 308 -53.45 61.50 18.52
N THR B 309 -54.06 60.34 18.32
CA THR B 309 -54.65 59.62 19.45
C THR B 309 -53.59 59.28 20.48
N LEU B 310 -52.46 58.73 20.03
CA LEU B 310 -51.39 58.38 20.97
C LEU B 310 -50.93 59.59 21.76
N GLU B 311 -50.73 60.72 21.09
CA GLU B 311 -50.20 61.88 21.78
C GLU B 311 -51.23 62.48 22.73
N THR B 312 -52.51 62.47 22.35
CA THR B 312 -53.49 63.09 23.21
C THR B 312 -53.81 62.24 24.42
N HIS B 313 -53.62 60.92 24.34
CA HIS B 313 -53.98 60.12 25.50
C HIS B 313 -52.78 59.68 26.33
N PHE B 314 -51.63 59.48 25.69
CA PHE B 314 -50.39 59.15 26.39
C PHE B 314 -49.36 60.21 26.08
N PRO B 315 -49.32 61.30 26.85
CA PRO B 315 -48.50 62.46 26.45
C PRO B 315 -47.01 62.15 26.55
N GLY B 316 -46.26 62.60 25.54
CA GLY B 316 -44.83 62.52 25.56
C GLY B 316 -44.23 61.28 24.94
N ILE B 317 -45.05 60.30 24.53
CA ILE B 317 -44.48 59.07 24.01
C ILE B 317 -43.98 59.26 22.58
N THR B 318 -44.64 60.10 21.79
CA THR B 318 -44.24 60.32 20.41
C THR B 318 -43.10 61.31 20.26
N SER B 319 -42.63 61.89 21.35
CA SER B 319 -41.65 62.96 21.28
C SER B 319 -40.23 62.42 21.23
N SER B 320 -39.44 62.90 20.27
CA SER B 320 -37.99 62.75 20.25
C SER B 320 -37.40 64.12 20.00
N PHE B 321 -36.55 64.58 20.93
CA PHE B 321 -36.22 66.00 20.98
C PHE B 321 -35.61 66.50 19.67
N THR B 322 -34.51 65.89 19.23
CA THR B 322 -33.69 66.50 18.19
C THR B 322 -34.46 66.70 16.89
N ASP B 323 -34.94 65.61 16.29
CA ASP B 323 -35.47 65.69 14.93
C ASP B 323 -36.78 66.47 14.85
N ASP B 324 -37.46 66.65 15.98
CA ASP B 324 -38.72 67.37 15.97
C ASP B 324 -38.57 68.80 15.47
N LEU B 325 -37.41 69.40 15.70
CA LEU B 325 -37.21 70.79 15.28
C LEU B 325 -36.89 70.88 13.80
N LYS B 326 -36.07 69.96 13.29
CA LYS B 326 -35.78 69.91 11.86
C LYS B 326 -37.03 69.59 11.06
N SER B 327 -37.89 68.70 11.58
CA SER B 327 -39.14 68.42 10.89
C SER B 327 -40.19 69.47 11.20
N ASN B 328 -40.29 69.88 12.47
CA ASN B 328 -41.30 70.84 12.94
C ASN B 328 -42.70 70.35 12.59
N TYR B 329 -43.02 69.16 13.09
CA TYR B 329 -44.29 68.52 12.80
C TYR B 329 -45.34 68.79 13.86
N ARG B 330 -44.95 69.29 15.03
CA ARG B 330 -45.90 69.56 16.10
C ARG B 330 -46.97 70.55 15.64
N LYS B 331 -46.52 71.72 15.18
CA LYS B 331 -47.46 72.73 14.68
C LYS B 331 -48.29 72.18 13.52
N LYS B 332 -47.68 71.31 12.71
CA LYS B 332 -48.44 70.65 11.65
C LYS B 332 -49.60 69.85 12.23
N MET B 333 -49.33 69.06 13.27
CA MET B 333 -50.39 68.30 13.93
C MET B 333 -51.49 69.23 14.41
N GLU B 334 -51.11 70.32 15.08
CA GLU B 334 -52.12 71.26 15.56
C GLU B 334 -52.94 71.81 14.41
N SER B 335 -52.30 72.09 13.27
CA SER B 335 -53.02 72.65 12.14
C SER B 335 -54.05 71.66 11.61
N VAL B 336 -53.65 70.38 11.47
CA VAL B 336 -54.58 69.38 10.95
C VAL B 336 -55.74 69.20 11.92
N SER B 337 -55.47 69.21 13.22
CA SER B 337 -56.54 69.12 14.20
C SER B 337 -57.51 70.29 14.05
N LEU B 338 -56.96 71.50 13.91
CA LEU B 338 -57.80 72.67 13.72
C LEU B 338 -58.66 72.51 12.47
N THR B 339 -58.06 71.96 11.40
CA THR B 339 -58.79 71.72 10.16
C THR B 339 -59.95 70.77 10.39
N CYS B 340 -59.72 69.67 11.10
CA CYS B 340 -60.80 68.70 11.32
C CYS B 340 -61.94 69.34 12.10
N GLN B 341 -61.61 70.11 13.14
CA GLN B 341 -62.65 70.78 13.91
C GLN B 341 -63.48 71.71 13.04
N VAL B 342 -62.81 72.59 12.30
CA VAL B 342 -63.53 73.58 11.50
C VAL B 342 -64.33 72.91 10.41
N LEU B 343 -63.82 71.81 9.86
CA LEU B 343 -64.57 71.08 8.84
C LEU B 343 -65.83 70.47 9.41
N GLN B 344 -65.75 69.90 10.61
CA GLN B 344 -66.93 69.36 11.25
C GLN B 344 -67.98 70.46 11.44
N GLU B 345 -67.54 71.64 11.88
CA GLU B 345 -68.52 72.72 12.08
C GLU B 345 -69.12 73.18 10.76
N ILE B 346 -68.33 73.22 9.69
CA ILE B 346 -68.87 73.61 8.39
C ILE B 346 -69.90 72.59 7.91
N GLY B 347 -69.64 71.30 8.14
CA GLY B 347 -70.64 70.29 7.84
C GLY B 347 -71.90 70.47 8.64
N ASN B 348 -71.75 70.86 9.91
CA ASN B 348 -72.93 71.16 10.73
C ASN B 348 -73.76 72.29 10.12
N ILE B 349 -73.09 73.36 9.69
CA ILE B 349 -73.79 74.48 9.08
C ILE B 349 -74.49 74.05 7.80
N HIS B 350 -73.81 73.25 6.98
CA HIS B 350 -74.41 72.78 5.74
C HIS B 350 -75.64 71.93 6.00
N ARG B 351 -75.61 71.10 7.04
CA ARG B 351 -76.78 70.32 7.40
C ARG B 351 -77.90 71.23 7.92
N PHE B 352 -77.53 72.27 8.66
CA PHE B 352 -78.53 73.20 9.19
C PHE B 352 -79.24 73.95 8.06
N ILE B 353 -78.53 74.22 6.97
CA ILE B 353 -79.11 74.91 5.83
C ILE B 353 -80.35 74.18 5.34
N GLU B 354 -80.35 72.86 5.44
CA GLU B 354 -81.50 72.08 4.95
C GLU B 354 -82.77 72.41 5.71
N SER B 355 -82.65 72.88 6.95
CA SER B 355 -83.82 73.31 7.68
C SER B 355 -84.48 74.52 7.02
N LYS B 356 -83.73 75.24 6.19
CA LYS B 356 -84.25 76.44 5.55
C LYS B 356 -85.04 76.12 4.29
N VAL B 357 -84.99 74.88 3.83
CA VAL B 357 -85.70 74.52 2.59
C VAL B 357 -87.21 74.58 2.84
N PRO B 358 -87.99 75.19 1.96
CA PRO B 358 -89.45 75.22 2.16
C PRO B 358 -90.07 73.86 2.38
N TYR B 359 -89.63 72.85 1.64
CA TYR B 359 -90.15 71.50 1.77
C TYR B 359 -89.02 70.58 2.22
N HIS B 360 -88.75 70.57 3.52
CA HIS B 360 -87.84 69.57 4.07
C HIS B 360 -88.32 69.08 5.43
N SER B 361 -89.60 68.74 5.54
CA SER B 361 -90.11 68.09 6.75
C SER B 361 -89.22 66.94 7.19
N SER B 362 -88.65 66.21 6.23
CA SER B 362 -87.75 65.11 6.55
C SER B 362 -86.48 65.63 7.20
N THR B 363 -86.10 65.00 8.31
CA THR B 363 -84.90 65.41 9.01
C THR B 363 -83.65 65.02 8.21
N GLU B 364 -82.62 65.86 8.32
CA GLU B 364 -81.39 65.71 7.56
C GLU B 364 -80.23 65.30 8.47
N TYR B 365 -80.50 64.91 9.70
CA TYR B 365 -79.47 64.53 10.65
C TYR B 365 -79.43 63.03 10.90
N GLY B 366 -80.57 62.36 10.88
CA GLY B 366 -80.59 60.93 11.11
C GLY B 366 -81.89 60.50 11.76
N LEU B 367 -81.99 59.20 11.98
CA LEU B 367 -83.19 58.64 12.59
C LEU B 367 -83.37 59.19 13.99
N PHE B 368 -84.55 59.74 14.26
CA PHE B 368 -84.94 60.23 15.59
C PHE B 368 -83.99 61.30 16.09
N SER B 369 -83.33 62.01 15.18
CA SER B 369 -82.53 63.15 15.58
C SER B 369 -83.40 64.27 16.13
N ILE B 370 -84.53 64.53 15.47
CA ILE B 370 -85.43 65.60 15.88
C ILE B 370 -86.87 65.11 15.82
N PRO B 371 -87.64 65.26 16.89
CA PRO B 371 -89.07 64.94 16.82
C PRO B 371 -89.85 66.02 16.10
N LYS B 372 -90.82 65.58 15.30
CA LYS B 372 -91.57 66.53 14.49
C LYS B 372 -92.46 67.44 15.32
N ILE B 373 -92.56 67.20 16.63
CA ILE B 373 -93.28 68.13 17.49
C ILE B 373 -92.60 69.49 17.51
N PHE B 374 -91.29 69.53 17.33
CA PHE B 374 -90.57 70.79 17.23
C PHE B 374 -90.29 71.15 15.79
N SER B 375 -89.56 70.29 15.07
CA SER B 375 -89.39 70.37 13.61
C SER B 375 -89.11 71.82 13.19
N ILE B 376 -87.94 72.29 13.61
CA ILE B 376 -87.49 73.67 13.38
C ILE B 376 -87.87 74.10 11.97
N PRO B 377 -88.48 75.27 11.82
CA PRO B 377 -89.25 75.57 10.62
C PRO B 377 -88.42 76.24 9.53
N ILE B 378 -89.15 76.66 8.49
CA ILE B 378 -88.57 77.34 7.33
C ILE B 378 -88.51 78.85 7.53
N ASP B 379 -88.99 79.34 8.67
CA ASP B 379 -89.22 80.77 8.88
C ASP B 379 -87.88 81.50 8.96
N TYR B 380 -87.50 82.08 7.83
CA TYR B 380 -86.35 82.98 7.82
C TYR B 380 -86.59 84.16 8.75
N LYS B 381 -85.68 84.35 9.69
CA LYS B 381 -85.76 85.46 10.62
C LYS B 381 -84.89 86.63 10.17
N HIS B 382 -85.03 87.74 10.88
CA HIS B 382 -84.34 88.97 10.51
C HIS B 382 -82.83 88.76 10.43
N GLY B 383 -82.26 88.17 11.47
CA GLY B 383 -80.80 88.13 11.56
C GLY B 383 -80.18 87.03 10.73
N GLU B 384 -80.89 85.92 10.55
CA GLU B 384 -80.28 84.68 10.04
C GLU B 384 -79.51 84.90 8.74
N LYS B 385 -80.13 85.58 7.78
CA LYS B 385 -79.52 85.73 6.45
C LYS B 385 -78.16 86.43 6.53
N GLU B 386 -77.98 87.31 7.51
CA GLU B 386 -76.70 87.99 7.71
C GLU B 386 -75.78 87.23 8.65
N ASN B 387 -76.36 86.63 9.69
CA ASN B 387 -75.57 85.97 10.73
C ASN B 387 -74.88 84.74 10.18
N LEU B 388 -75.55 84.00 9.30
CA LEU B 388 -74.94 82.80 8.72
C LEU B 388 -73.72 83.14 7.88
N VAL B 389 -73.87 84.08 6.94
CA VAL B 389 -72.73 84.44 6.10
C VAL B 389 -71.64 85.05 6.94
N SER B 390 -71.99 85.87 7.92
CA SER B 390 -70.98 86.43 8.81
C SER B 390 -70.25 85.32 9.56
N TYR B 391 -70.99 84.33 10.07
CA TYR B 391 -70.39 83.28 10.87
C TYR B 391 -69.44 82.44 10.04
N VAL B 392 -69.81 82.11 8.80
CA VAL B 392 -68.91 81.32 7.97
C VAL B 392 -67.65 82.12 7.61
N ASP B 393 -67.81 83.42 7.34
CA ASP B 393 -66.65 84.25 7.04
C ASP B 393 -65.72 84.35 8.26
N PHE B 394 -66.30 84.58 9.45
CA PHE B 394 -65.50 84.62 10.67
C PHE B 394 -64.81 83.28 10.92
N LEU B 395 -65.49 82.17 10.63
CA LEU B 395 -64.86 80.86 10.79
C LEU B 395 -63.62 80.76 9.92
N TYR B 396 -63.77 81.07 8.63
CA TYR B 396 -62.64 80.95 7.72
C TYR B 396 -61.52 81.92 8.08
N SER B 397 -61.89 83.11 8.54
CA SER B 397 -60.88 84.10 8.93
C SER B 397 -60.09 83.63 10.15
N THR B 398 -60.80 83.16 11.18
CA THR B 398 -60.13 82.63 12.36
C THR B 398 -59.25 81.45 12.01
N ALA B 399 -59.66 80.63 11.04
CA ALA B 399 -58.86 79.47 10.68
C ALA B 399 -57.62 79.86 9.89
N HIS B 400 -57.74 80.85 9.00
CA HIS B 400 -56.65 81.14 8.08
C HIS B 400 -55.39 81.63 8.79
N GLU B 401 -55.52 82.08 10.03
CA GLU B 401 -54.37 82.66 10.72
C GLU B 401 -53.44 81.59 11.28
N ARG B 402 -53.99 80.68 12.09
CA ARG B 402 -53.16 79.74 12.83
C ARG B 402 -52.56 78.65 11.95
N ILE B 403 -53.14 78.40 10.78
CA ILE B 403 -52.60 77.38 9.88
C ILE B 403 -51.22 77.81 9.39
N LEU B 404 -50.29 76.87 9.39
CA LEU B 404 -49.00 77.11 8.76
C LEU B 404 -49.07 76.75 7.28
N GLN B 405 -48.29 77.47 6.49
CA GLN B 405 -48.38 77.42 5.04
C GLN B 405 -47.09 76.85 4.46
N ASP B 406 -47.14 75.60 4.01
CA ASP B 406 -46.02 74.97 3.31
C ASP B 406 -46.56 73.78 2.54
N ASN B 407 -46.11 73.66 1.28
CA ASN B 407 -46.75 72.73 0.35
C ASN B 407 -46.65 71.29 0.83
N SER B 408 -45.60 70.94 1.57
CA SER B 408 -45.56 69.62 2.19
C SER B 408 -46.73 69.41 3.15
N ILE B 409 -47.12 70.44 3.90
CA ILE B 409 -48.28 70.41 4.79
C ILE B 409 -49.53 70.98 4.12
N ASN B 410 -49.38 71.78 3.06
CA ASN B 410 -50.52 72.40 2.40
C ASN B 410 -51.51 71.36 1.89
N GLN B 411 -51.04 70.15 1.62
CA GLN B 411 -51.87 69.14 0.97
C GLN B 411 -53.02 68.68 1.85
N LEU B 412 -52.88 68.80 3.16
CA LEU B 412 -53.90 68.20 4.03
C LEU B 412 -54.81 69.20 4.71
N CYS B 413 -54.41 70.48 4.79
CA CYS B 413 -55.20 71.48 5.51
C CYS B 413 -55.66 72.62 4.60
N LEU B 414 -54.82 73.07 3.67
CA LEU B 414 -55.24 74.16 2.81
C LEU B 414 -56.35 73.75 1.85
N ASP B 415 -56.10 72.72 1.01
CA ASP B 415 -57.09 72.40 -0.02
C ASP B 415 -58.44 71.92 0.52
N PRO B 416 -58.56 71.21 1.67
CA PRO B 416 -59.92 70.91 2.16
C PRO B 416 -60.71 72.17 2.48
N LEU B 417 -60.05 73.14 3.11
CA LEU B 417 -60.69 74.40 3.44
C LEU B 417 -61.05 75.16 2.17
N GLN B 418 -60.16 75.17 1.19
CA GLN B 418 -60.43 75.87 -0.06
C GLN B 418 -61.62 75.27 -0.78
N GLU B 419 -61.65 73.94 -0.90
CA GLU B 419 -62.75 73.26 -1.57
C GLU B 419 -64.05 73.47 -0.81
N SER B 420 -64.01 73.44 0.52
CA SER B 420 -65.23 73.66 1.29
C SER B 420 -65.72 75.09 1.12
N LEU B 421 -64.82 76.07 1.17
CA LEU B 421 -65.22 77.44 0.92
C LEU B 421 -65.86 77.58 -0.46
N ASN B 422 -65.33 76.86 -1.45
CA ASN B 422 -65.91 76.90 -2.79
C ASN B 422 -67.32 76.33 -2.80
N ARG B 423 -67.49 75.11 -2.31
CA ARG B 423 -68.81 74.49 -2.28
C ARG B 423 -69.80 75.38 -1.52
N ILE B 424 -69.37 75.94 -0.40
CA ILE B 424 -70.26 76.71 0.45
C ILE B 424 -70.64 78.03 -0.21
N LYS B 425 -69.66 78.74 -0.78
CA LYS B 425 -69.96 80.00 -1.46
C LYS B 425 -70.80 79.76 -2.70
N SER B 426 -70.71 78.56 -3.29
CA SER B 426 -71.52 78.27 -4.46
C SER B 426 -72.96 77.95 -4.08
N ASN B 427 -73.16 77.20 -2.98
CA ASN B 427 -74.50 76.74 -2.68
C ASN B 427 -75.26 77.66 -1.73
N ILE B 428 -74.57 78.56 -1.02
CA ILE B 428 -75.28 79.52 -0.16
C ILE B 428 -76.32 80.32 -0.92
N PRO B 429 -76.01 80.96 -2.06
CA PRO B 429 -77.03 81.80 -2.69
C PRO B 429 -78.24 81.03 -3.17
N VAL B 430 -78.03 79.94 -3.91
CA VAL B 430 -79.15 79.22 -4.53
C VAL B 430 -80.16 78.82 -3.48
N PHE B 431 -79.69 78.45 -2.30
CA PHE B 431 -80.61 78.21 -1.19
C PHE B 431 -81.18 79.52 -0.64
N PHE B 432 -80.42 80.61 -0.72
CA PHE B 432 -80.91 81.87 -0.17
C PHE B 432 -82.06 82.46 -0.98
N ASN B 433 -82.11 82.17 -2.27
CA ASN B 433 -83.27 82.60 -3.06
C ASN B 433 -84.52 81.83 -2.64
N LEU B 434 -84.49 80.52 -2.78
CA LEU B 434 -85.64 79.68 -2.49
C LEU B 434 -85.21 78.51 -1.61
N THR C 1 -31.88 -36.78 -3.37
CA THR C 1 -31.78 -36.16 -2.06
C THR C 1 -30.38 -36.32 -1.49
N ILE C 2 -29.57 -37.13 -2.17
CA ILE C 2 -28.18 -37.32 -1.75
C ILE C 2 -27.39 -36.04 -1.97
N THR C 3 -27.55 -35.44 -3.14
CA THR C 3 -26.83 -34.22 -3.47
C THR C 3 -27.23 -33.07 -2.55
N LEU C 4 -28.49 -33.05 -2.12
CA LEU C 4 -28.87 -32.09 -1.07
C LEU C 4 -27.97 -32.24 0.13
N GLU C 5 -27.82 -33.46 0.63
CA GLU C 5 -26.98 -33.69 1.80
C GLU C 5 -25.55 -33.23 1.55
N LYS C 6 -24.99 -33.58 0.39
CA LYS C 6 -23.59 -33.23 0.14
C LYS C 6 -23.41 -31.73 -0.01
N LYS C 7 -24.31 -31.05 -0.73
CA LYS C 7 -24.23 -29.61 -0.85
C LYS C 7 -24.31 -28.93 0.50
N VAL C 8 -25.22 -29.41 1.36
CA VAL C 8 -25.36 -28.78 2.68
C VAL C 8 -24.08 -28.98 3.48
N ARG C 9 -23.48 -30.18 3.41
CA ARG C 9 -22.23 -30.40 4.12
C ARG C 9 -21.16 -29.42 3.67
N LYS C 10 -21.01 -29.27 2.35
CA LYS C 10 -20.00 -28.36 1.83
C LYS C 10 -20.24 -26.94 2.33
N GLY C 11 -21.49 -26.47 2.22
CA GLY C 11 -21.81 -25.14 2.69
C GLY C 11 -21.47 -24.94 4.15
N ILE C 12 -21.74 -25.96 4.97
CA ILE C 12 -21.48 -25.82 6.40
C ILE C 12 -19.99 -25.70 6.67
N GLU C 13 -19.18 -26.51 5.99
CA GLU C 13 -17.73 -26.41 6.18
C GLU C 13 -17.22 -25.02 5.79
N SER C 14 -17.73 -24.50 4.67
CA SER C 14 -17.34 -23.15 4.26
C SER C 14 -17.71 -22.14 5.34
N LEU C 15 -18.91 -22.26 5.91
CA LEU C 15 -19.31 -21.32 6.95
C LEU C 15 -18.37 -21.39 8.14
N ILE C 16 -17.93 -22.59 8.50
CA ILE C 16 -17.06 -22.72 9.68
C ILE C 16 -15.75 -21.99 9.45
N THR C 17 -15.15 -22.17 8.28
CA THR C 17 -13.92 -21.44 7.99
C THR C 17 -14.14 -19.92 8.03
N GLU C 18 -15.23 -19.48 7.40
CA GLU C 18 -15.52 -18.05 7.38
C GLU C 18 -15.70 -17.50 8.79
N LEU C 19 -16.33 -18.27 9.67
CA LEU C 19 -16.50 -17.84 11.05
C LEU C 19 -15.16 -17.65 11.75
N LYS C 20 -14.24 -18.58 11.53
CA LYS C 20 -12.92 -18.41 12.11
C LYS C 20 -12.28 -17.09 11.67
N LEU C 21 -12.34 -16.81 10.37
CA LEU C 21 -11.72 -15.58 9.86
C LEU C 21 -12.38 -14.34 10.46
N MET C 22 -13.70 -14.33 10.51
CA MET C 22 -14.41 -13.18 11.05
C MET C 22 -14.04 -12.94 12.50
N GLN C 23 -13.95 -14.00 13.29
CA GLN C 23 -13.60 -13.81 14.70
C GLN C 23 -12.18 -13.27 14.85
N ALA C 24 -11.26 -13.72 13.99
CA ALA C 24 -9.93 -13.17 14.03
C ALA C 24 -9.97 -11.66 13.79
N VAL C 25 -10.70 -11.22 12.77
CA VAL C 25 -10.75 -9.80 12.46
C VAL C 25 -11.35 -9.01 13.61
N LEU C 26 -12.46 -9.49 14.17
CA LEU C 26 -13.13 -8.75 15.23
C LEU C 26 -12.25 -8.63 16.45
N SER C 27 -11.55 -9.71 16.80
CA SER C 27 -10.65 -9.65 17.95
C SER C 27 -9.52 -8.66 17.69
N LYS C 28 -9.01 -8.61 16.47
CA LYS C 28 -7.99 -7.63 16.15
C LYS C 28 -8.50 -6.22 16.31
N VAL C 29 -9.74 -5.97 15.88
CA VAL C 29 -10.29 -4.62 15.96
C VAL C 29 -10.51 -4.20 17.40
N SER C 30 -11.03 -5.11 18.23
CA SER C 30 -11.49 -4.71 19.55
C SER C 30 -10.37 -4.34 20.51
N LYS C 31 -9.12 -4.27 20.07
CA LYS C 31 -8.03 -3.87 20.95
C LYS C 31 -7.80 -2.37 20.96
N VAL C 32 -8.14 -1.68 19.89
CA VAL C 32 -7.81 -0.26 19.77
C VAL C 32 -8.75 0.55 20.67
N PRO C 33 -8.25 1.52 21.42
CA PRO C 33 -9.14 2.40 22.17
C PRO C 33 -9.98 3.25 21.24
N ALA C 34 -11.18 3.60 21.70
CA ALA C 34 -12.18 4.19 20.83
C ALA C 34 -11.74 5.51 20.22
N ASP C 35 -10.68 6.13 20.75
CA ASP C 35 -10.24 7.42 20.23
C ASP C 35 -9.34 7.30 19.01
N GLN C 36 -8.95 6.09 18.63
CA GLN C 36 -8.10 5.92 17.47
C GLN C 36 -8.77 5.18 16.32
N LEU C 37 -9.94 4.60 16.52
CA LEU C 37 -10.70 4.06 15.41
C LEU C 37 -11.33 5.18 14.61
N ASP C 38 -11.52 4.94 13.32
CA ASP C 38 -12.32 5.81 12.49
C ASP C 38 -13.68 5.18 12.25
N GLU C 39 -14.63 6.00 11.80
CA GLU C 39 -16.02 5.57 11.80
C GLU C 39 -16.25 4.43 10.82
N GLY C 40 -15.57 4.44 9.68
CA GLY C 40 -15.80 3.41 8.69
C GLY C 40 -15.55 2.01 9.23
N VAL C 41 -14.41 1.81 9.86
CA VAL C 41 -14.07 0.51 10.41
C VAL C 41 -15.06 0.12 11.50
N LYS C 42 -15.49 1.09 12.30
CA LYS C 42 -16.42 0.79 13.38
C LYS C 42 -17.75 0.29 12.85
N ILE C 43 -18.30 0.98 11.85
CA ILE C 43 -19.58 0.57 11.28
C ILE C 43 -19.45 -0.80 10.62
N TRP C 44 -18.40 -0.99 9.84
CA TRP C 44 -18.20 -2.27 9.18
C TRP C 44 -18.07 -3.40 10.20
N ALA C 45 -17.42 -3.13 11.32
CA ALA C 45 -17.26 -4.15 12.34
C ALA C 45 -18.59 -4.51 12.98
N GLY C 46 -19.44 -3.52 13.23
CA GLY C 46 -20.77 -3.84 13.75
C GLY C 46 -21.54 -4.77 12.82
N ASN C 47 -21.52 -4.46 11.53
CA ASN C 47 -22.25 -5.32 10.59
C ASN C 47 -21.66 -6.71 10.53
N VAL C 48 -20.34 -6.81 10.59
CA VAL C 48 -19.70 -8.14 10.59
C VAL C 48 -20.15 -8.94 11.79
N LYS C 49 -20.26 -8.28 12.95
CA LYS C 49 -20.72 -8.97 14.15
C LYS C 49 -22.12 -9.56 13.94
N GLU C 50 -23.02 -8.78 13.38
CA GLU C 50 -24.38 -9.30 13.14
C GLU C 50 -24.35 -10.52 12.23
N LEU C 51 -23.62 -10.44 11.12
CA LEU C 51 -23.53 -11.60 10.24
C LEU C 51 -23.00 -12.82 10.96
N SER C 52 -22.02 -12.62 11.84
CA SER C 52 -21.47 -13.74 12.59
C SER C 52 -22.55 -14.41 13.42
N TYR C 53 -23.39 -13.62 14.06
CA TYR C 53 -24.50 -14.20 14.84
C TYR C 53 -25.37 -15.09 13.96
N GLN C 54 -25.76 -14.57 12.79
CA GLN C 54 -26.66 -15.36 11.93
C GLN C 54 -26.02 -16.67 11.49
N MET C 55 -24.74 -16.63 11.11
CA MET C 55 -24.10 -17.84 10.63
C MET C 55 -23.96 -18.87 11.74
N GLU C 56 -23.66 -18.42 12.96
CA GLU C 56 -23.62 -19.35 14.08
C GLU C 56 -24.96 -20.04 14.25
N ASP C 57 -26.06 -19.29 14.15
CA ASP C 57 -27.36 -19.91 14.31
C ASP C 57 -27.61 -20.97 13.25
N ILE C 58 -27.23 -20.70 12.01
CA ILE C 58 -27.46 -21.70 10.95
C ILE C 58 -26.67 -22.98 11.23
N VAL C 59 -25.39 -22.83 11.59
CA VAL C 59 -24.57 -24.01 11.87
C VAL C 59 -25.18 -24.82 13.00
N ASP C 60 -25.64 -24.14 14.05
CA ASP C 60 -26.22 -24.86 15.18
C ASP C 60 -27.49 -25.60 14.77
N ALA C 61 -28.33 -24.97 13.96
CA ALA C 61 -29.54 -25.64 13.50
C ALA C 61 -29.20 -26.92 12.76
N PHE C 62 -28.19 -26.86 11.88
CA PHE C 62 -27.81 -28.08 11.17
C PHE C 62 -27.30 -29.14 12.14
N MET C 63 -26.48 -28.75 13.10
CA MET C 63 -25.93 -29.75 14.01
C MET C 63 -27.01 -30.42 14.85
N VAL C 64 -28.03 -29.67 15.25
CA VAL C 64 -29.06 -30.23 16.12
C VAL C 64 -30.03 -31.07 15.32
N ARG C 65 -30.59 -30.51 14.25
CA ARG C 65 -31.70 -31.17 13.58
C ARG C 65 -31.27 -32.26 12.60
N VAL C 66 -29.99 -32.57 12.49
CA VAL C 66 -29.55 -33.60 11.56
C VAL C 66 -28.50 -34.51 12.20
N ASN C 92 -37.07 -35.03 7.10
CA ASN C 92 -35.77 -34.39 6.86
C ASN C 92 -35.84 -33.40 5.70
N GLY C 93 -36.74 -33.66 4.76
CA GLY C 93 -36.80 -32.83 3.57
C GLY C 93 -37.02 -31.36 3.88
N LYS C 94 -38.01 -31.06 4.72
CA LYS C 94 -38.32 -29.67 5.03
C LYS C 94 -37.15 -28.99 5.74
N ASP C 95 -36.49 -29.73 6.64
CA ASP C 95 -35.35 -29.15 7.36
C ASP C 95 -34.22 -28.81 6.41
N LEU C 96 -33.87 -29.76 5.53
CA LEU C 96 -32.79 -29.50 4.59
C LEU C 96 -33.16 -28.36 3.65
N HIS C 97 -34.43 -28.26 3.27
CA HIS C 97 -34.82 -27.17 2.38
C HIS C 97 -34.69 -25.82 3.07
N ARG C 98 -35.18 -25.72 4.30
CA ARG C 98 -35.02 -24.47 5.05
C ARG C 98 -33.56 -24.12 5.23
N ILE C 99 -32.73 -25.12 5.54
CA ILE C 99 -31.32 -24.85 5.78
C ILE C 99 -30.63 -24.38 4.51
N SER C 100 -30.98 -24.98 3.37
CA SER C 100 -30.38 -24.53 2.12
C SER C 100 -30.80 -23.11 1.79
N ALA C 101 -32.07 -22.77 2.03
CA ALA C 101 -32.51 -21.41 1.78
C ALA C 101 -31.72 -20.41 2.64
N ALA C 102 -31.63 -20.68 3.94
CA ALA C 102 -30.92 -19.77 4.83
C ALA C 102 -29.46 -19.66 4.44
N LEU C 103 -28.85 -20.77 4.01
CA LEU C 103 -27.47 -20.75 3.57
C LEU C 103 -27.27 -19.79 2.41
N GLU C 104 -28.10 -19.94 1.37
CA GLU C 104 -27.97 -19.06 0.21
C GLU C 104 -28.14 -17.61 0.61
N GLU C 105 -29.14 -17.30 1.43
CA GLU C 105 -29.38 -15.91 1.79
C GLU C 105 -28.19 -15.30 2.53
N VAL C 106 -27.64 -16.03 3.49
CA VAL C 106 -26.56 -15.44 4.26
C VAL C 106 -25.30 -15.27 3.42
N VAL C 107 -25.06 -16.18 2.48
CA VAL C 107 -23.91 -16.00 1.60
C VAL C 107 -24.08 -14.73 0.76
N LEU C 108 -25.29 -14.51 0.25
CA LEU C 108 -25.54 -13.31 -0.54
C LEU C 108 -25.28 -12.05 0.29
N GLN C 109 -25.77 -12.04 1.54
CA GLN C 109 -25.57 -10.85 2.37
C GLN C 109 -24.09 -10.58 2.63
N ALA C 110 -23.32 -11.64 2.84
CA ALA C 110 -21.89 -11.45 3.07
C ALA C 110 -21.22 -10.81 1.86
N LYS C 111 -21.50 -11.33 0.66
CA LYS C 111 -20.93 -10.73 -0.54
C LYS C 111 -21.31 -9.26 -0.64
N GLN C 112 -22.57 -8.95 -0.37
CA GLN C 112 -23.03 -7.57 -0.51
C GLN C 112 -22.29 -6.63 0.43
N LEU C 113 -22.11 -7.05 1.68
CA LEU C 113 -21.40 -6.20 2.63
C LEU C 113 -19.95 -6.00 2.20
N ALA C 114 -19.33 -7.03 1.64
CA ALA C 114 -17.95 -6.88 1.18
C ALA C 114 -17.86 -5.82 0.09
N GLU C 115 -18.73 -5.90 -0.92
CA GLU C 115 -18.72 -4.89 -1.96
C GLU C 115 -18.96 -3.50 -1.40
N LEU C 116 -19.89 -3.40 -0.46
CA LEU C 116 -20.20 -2.11 0.14
C LEU C 116 -18.97 -1.50 0.79
N ARG C 117 -18.24 -2.28 1.57
CA ARG C 117 -17.04 -1.74 2.18
C ARG C 117 -16.03 -1.30 1.13
N GLN C 118 -15.82 -2.13 0.11
CA GLN C 118 -14.84 -1.77 -0.91
C GLN C 118 -15.21 -0.48 -1.63
N ARG C 119 -16.49 -0.15 -1.67
CA ARG C 119 -16.92 0.97 -2.52
C ARG C 119 -16.43 2.32 -2.00
N TYR C 120 -16.42 2.54 -0.68
CA TYR C 120 -16.17 3.87 -0.13
C TYR C 120 -14.91 3.92 0.73
N GLU C 121 -13.90 3.14 0.39
CA GLU C 121 -12.67 3.14 1.16
C GLU C 121 -11.69 4.15 0.57
N GLN C 122 -11.19 5.05 1.41
CA GLN C 122 -10.26 6.08 0.98
C GLN C 122 -9.18 6.23 2.04
N GLU C 123 -7.93 6.13 1.63
CA GLU C 123 -6.84 6.10 2.59
C GLU C 123 -6.56 7.48 3.18
N MET C 124 -6.64 8.53 2.35
CA MET C 124 -6.37 9.89 2.77
C MET C 124 -4.94 9.99 3.33
N GLN C 130 -2.25 14.14 16.70
CA GLN C 130 -1.11 13.52 17.35
C GLN C 130 -1.55 12.52 18.42
N THR C 131 -0.66 12.25 19.36
CA THR C 131 -0.90 11.32 20.45
C THR C 131 -1.17 12.09 21.73
N SER C 132 -2.10 11.60 22.54
CA SER C 132 -2.37 12.27 23.79
C SER C 132 -1.44 11.75 24.87
N VAL C 133 -1.47 12.41 26.02
CA VAL C 133 -0.64 12.07 27.15
C VAL C 133 -1.47 11.27 28.14
N ASP C 134 -0.80 10.46 28.94
CA ASP C 134 -1.45 9.66 29.97
C ASP C 134 -2.23 10.56 30.92
N PRO C 135 -3.53 10.35 31.10
CA PRO C 135 -4.28 11.22 32.02
C PRO C 135 -3.82 11.14 33.45
N ARG C 136 -3.09 10.10 33.84
CA ARG C 136 -2.63 9.97 35.21
C ARG C 136 -1.40 10.79 35.49
N MET C 137 -0.85 11.49 34.49
CA MET C 137 0.38 12.21 34.70
C MET C 137 0.16 13.49 35.50
N MET C 138 -0.96 14.17 35.26
CA MET C 138 -1.21 15.42 35.97
C MET C 138 -1.31 15.23 37.47
N ALA C 139 -1.74 14.05 37.92
CA ALA C 139 -1.94 13.83 39.34
C ALA C 139 -0.65 13.93 40.14
N LEU C 140 0.50 13.80 39.50
CA LEU C 140 1.75 13.93 40.22
C LEU C 140 2.05 15.37 40.61
N TYR C 141 1.32 16.33 40.06
CA TYR C 141 1.56 17.74 40.39
C TYR C 141 0.46 18.32 41.24
N THR C 142 -0.39 17.47 41.81
CA THR C 142 -1.38 17.92 42.78
C THR C 142 -0.70 18.41 44.04
N ASP C 143 -1.21 19.50 44.60
CA ASP C 143 -0.65 20.04 45.83
C ASP C 143 -0.78 19.02 46.96
N VAL C 144 0.12 19.12 47.93
CA VAL C 144 0.17 18.16 49.03
C VAL C 144 -0.81 18.48 50.14
N THR C 145 -1.24 19.74 50.26
CA THR C 145 -2.17 20.10 51.31
C THR C 145 -3.60 19.69 50.99
N GLU C 146 -3.82 18.95 49.90
CA GLU C 146 -5.16 18.52 49.52
C GLU C 146 -5.38 17.04 49.73
N LEU C 147 -4.44 16.35 50.37
CA LEU C 147 -4.60 14.94 50.67
C LEU C 147 -5.10 14.79 52.10
N VAL C 148 -6.07 13.90 52.28
CA VAL C 148 -6.83 13.89 53.53
C VAL C 148 -6.22 12.96 54.56
N GLY C 149 -6.17 11.67 54.26
CA GLY C 149 -5.85 10.71 55.30
C GLY C 149 -4.59 9.90 55.11
N ILE C 150 -3.49 10.54 54.70
CA ILE C 150 -2.30 9.78 54.37
C ILE C 150 -1.46 9.43 55.59
N GLU C 151 -1.37 10.31 56.59
CA GLU C 151 -0.35 10.20 57.65
C GLU C 151 -0.18 8.76 58.16
N GLU C 152 -1.28 8.10 58.49
CA GLU C 152 -1.21 6.76 59.04
C GLU C 152 -0.58 5.77 58.07
N THR C 153 -1.12 5.68 56.86
CA THR C 153 -0.59 4.72 55.90
C THR C 153 0.84 5.07 55.51
N ARG C 154 1.13 6.36 55.38
CA ARG C 154 2.47 6.80 55.04
C ARG C 154 3.48 6.33 56.09
N ASP C 155 3.15 6.53 57.37
CA ASP C 155 4.06 6.12 58.42
C ASP C 155 4.15 4.61 58.53
N LYS C 156 3.06 3.90 58.29
CA LYS C 156 3.13 2.44 58.31
C LYS C 156 4.07 1.93 57.23
N LEU C 157 3.98 2.48 56.02
CA LEU C 157 4.88 2.06 54.96
C LEU C 157 6.33 2.41 55.28
N ILE C 158 6.55 3.61 55.81
CA ILE C 158 7.90 3.99 56.17
C ILE C 158 8.49 3.03 57.19
N ASN C 159 7.69 2.61 58.16
CA ASN C 159 8.19 1.65 59.14
C ASN C 159 8.43 0.30 58.50
N MET C 160 7.58 -0.09 57.55
CA MET C 160 7.83 -1.33 56.83
C MET C 160 9.13 -1.29 56.05
N LEU C 161 9.58 -0.09 55.67
CA LEU C 161 10.85 0.01 54.94
C LEU C 161 12.03 -0.09 55.87
N THR C 162 12.17 0.87 56.79
CA THR C 162 13.35 0.89 57.66
C THR C 162 13.30 -0.25 58.66
N GLU C 163 12.37 -0.19 59.61
CA GLU C 163 12.12 -1.29 60.54
C GLU C 163 13.37 -1.67 61.34
N GLY C 164 13.75 -0.79 62.24
CA GLY C 164 14.80 -1.09 63.19
C GLY C 164 15.74 0.08 63.33
N ASP C 165 16.91 -0.22 63.91
CA ASP C 165 17.99 0.74 63.99
C ASP C 165 19.14 0.43 63.05
N ASP C 166 19.33 -0.87 62.75
CA ASP C 166 20.37 -1.32 61.85
C ASP C 166 19.82 -1.65 60.47
N TRP C 167 18.77 -0.96 60.05
CA TRP C 167 18.22 -1.22 58.73
C TRP C 167 19.25 -0.96 57.65
N SER C 168 20.22 -0.11 57.95
CA SER C 168 21.27 0.23 57.02
C SER C 168 22.35 -0.83 56.95
N LYS C 169 22.10 -2.03 57.47
CA LYS C 169 23.04 -3.13 57.36
C LYS C 169 22.40 -4.44 56.93
N HIS C 170 21.12 -4.47 56.66
CA HIS C 170 20.50 -5.70 56.22
C HIS C 170 20.49 -5.78 54.70
N PRO C 171 20.29 -6.97 54.15
CA PRO C 171 20.30 -7.09 52.69
C PRO C 171 19.18 -6.33 51.99
N LEU C 172 19.22 -6.35 50.66
CA LEU C 172 18.27 -5.59 49.86
C LEU C 172 16.86 -6.14 50.01
N LYS C 173 15.88 -5.25 50.12
CA LYS C 173 14.49 -5.64 50.32
C LYS C 173 13.61 -4.96 49.28
N THR C 174 12.50 -5.64 48.96
CA THR C 174 11.56 -5.18 47.95
C THR C 174 10.15 -5.20 48.54
N ILE C 175 9.42 -4.11 48.35
CA ILE C 175 8.04 -4.01 48.80
C ILE C 175 7.15 -3.81 47.60
N SER C 176 5.90 -4.25 47.70
CA SER C 176 4.99 -4.09 46.59
C SER C 176 3.63 -3.65 47.10
N ILE C 177 2.90 -2.95 46.24
CA ILE C 177 1.59 -2.39 46.57
C ILE C 177 0.61 -2.80 45.48
N VAL C 178 -0.55 -3.31 45.90
CA VAL C 178 -1.54 -3.84 44.98
C VAL C 178 -2.93 -3.31 45.33
N GLY C 179 -3.80 -3.31 44.33
CA GLY C 179 -5.14 -2.81 44.48
C GLY C 179 -5.72 -2.50 43.12
N PHE C 180 -6.93 -1.96 43.13
CA PHE C 180 -7.55 -1.58 41.88
C PHE C 180 -7.21 -0.14 41.52
N GLY C 181 -7.63 0.28 40.34
CA GLY C 181 -7.28 1.59 39.85
C GLY C 181 -7.97 2.69 40.61
N GLY C 182 -7.31 3.84 40.70
CA GLY C 182 -7.86 4.98 41.39
C GLY C 182 -7.83 4.89 42.88
N LEU C 183 -7.08 3.94 43.44
CA LEU C 183 -7.09 3.72 44.87
C LEU C 183 -6.10 4.59 45.62
N GLY C 184 -5.05 5.06 44.95
CA GLY C 184 -4.09 5.93 45.60
C GLY C 184 -2.75 5.29 45.89
N LYS C 185 -2.27 4.44 44.99
CA LYS C 185 -1.02 3.74 45.22
C LYS C 185 0.17 4.63 44.95
N THR C 186 0.26 5.19 43.75
CA THR C 186 1.41 6.03 43.42
C THR C 186 1.46 7.26 44.28
N THR C 187 0.31 7.76 44.75
CA THR C 187 0.32 8.89 45.66
C THR C 187 1.03 8.54 46.96
N LEU C 188 0.73 7.38 47.51
CA LEU C 188 1.38 6.95 48.75
C LEU C 188 2.86 6.72 48.53
N ALA C 189 3.21 6.08 47.42
CA ALA C 189 4.63 5.85 47.14
C ALA C 189 5.38 7.16 47.02
N LYS C 190 4.80 8.13 46.32
CA LYS C 190 5.41 9.44 46.18
C LYS C 190 5.60 10.10 47.54
N ALA C 191 4.59 10.00 48.41
CA ALA C 191 4.70 10.62 49.72
C ALA C 191 5.85 10.03 50.52
N ALA C 192 5.89 8.70 50.62
CA ALA C 192 6.97 8.08 51.38
C ALA C 192 8.34 8.40 50.79
N TYR C 193 8.43 8.40 49.46
CA TYR C 193 9.69 8.67 48.79
C TYR C 193 10.19 10.07 49.12
N ASP C 194 9.33 11.07 48.93
CA ASP C 194 9.72 12.43 49.25
C ASP C 194 10.06 12.58 50.72
N LYS C 195 9.45 11.78 51.58
CA LYS C 195 9.72 11.94 53.01
C LYS C 195 11.09 11.41 53.39
N ILE C 196 11.46 10.23 52.90
CA ILE C 196 12.67 9.57 53.40
C ILE C 196 13.81 9.53 52.40
N LYS C 197 13.71 10.21 51.27
CA LYS C 197 14.82 10.15 50.32
C LYS C 197 16.12 10.68 50.87
N VAL C 198 16.10 11.40 51.99
CA VAL C 198 17.31 12.07 52.46
C VAL C 198 18.33 11.06 52.97
N GLN C 199 17.88 9.93 53.49
CA GLN C 199 18.76 8.99 54.16
C GLN C 199 19.42 8.01 53.20
N PHE C 200 19.46 8.31 51.92
CA PHE C 200 20.08 7.44 50.93
C PHE C 200 21.07 8.25 50.11
N ASP C 201 21.73 7.59 49.18
CA ASP C 201 22.70 8.25 48.31
C ASP C 201 22.05 8.67 46.98
N CYS C 202 21.44 7.71 46.30
CA CYS C 202 20.79 7.97 45.02
C CYS C 202 19.43 7.29 44.93
N GLY C 203 18.53 7.87 44.13
CA GLY C 203 17.19 7.32 43.96
C GLY C 203 16.58 7.71 42.62
N ALA C 204 15.43 7.13 42.31
CA ALA C 204 14.74 7.42 41.07
C ALA C 204 13.28 7.04 41.22
N PHE C 205 12.45 7.60 40.34
CA PHE C 205 11.02 7.38 40.37
C PHE C 205 10.57 7.18 38.93
N VAL C 206 10.44 5.93 38.52
CA VAL C 206 10.18 5.60 37.13
C VAL C 206 8.80 4.98 37.01
N SER C 207 8.20 5.13 35.84
CA SER C 207 6.88 4.59 35.57
C SER C 207 6.93 3.78 34.30
N VAL C 208 6.48 2.53 34.38
CA VAL C 208 6.35 1.63 33.25
C VAL C 208 4.90 1.60 32.82
N SER C 209 4.65 1.67 31.52
CA SER C 209 3.28 1.68 31.04
C SER C 209 2.82 0.27 30.71
N ARG C 210 1.75 0.16 29.93
CA ARG C 210 1.20 -1.14 29.57
C ARG C 210 2.07 -1.87 28.56
N ASN C 211 2.39 -1.23 27.44
CA ASN C 211 3.24 -1.84 26.42
C ASN C 211 4.59 -1.13 26.42
N PRO C 212 5.53 -1.55 27.24
CA PRO C 212 6.75 -0.77 27.44
C PRO C 212 7.84 -1.09 26.44
N GLU C 213 8.76 -0.14 26.31
CA GLU C 213 10.02 -0.34 25.60
C GLU C 213 11.13 -0.35 26.64
N MET C 214 11.86 -1.46 26.72
CA MET C 214 12.81 -1.62 27.81
C MET C 214 13.93 -0.59 27.74
N LYS C 215 14.36 -0.23 26.54
CA LYS C 215 15.37 0.80 26.41
C LYS C 215 14.93 2.09 27.09
N LYS C 216 13.66 2.47 26.90
CA LYS C 216 13.18 3.71 27.48
C LYS C 216 13.20 3.64 29.01
N VAL C 217 12.82 2.50 29.58
CA VAL C 217 12.81 2.36 31.02
C VAL C 217 14.22 2.46 31.58
N LEU C 218 15.18 1.79 30.94
CA LEU C 218 16.54 1.83 31.45
C LEU C 218 17.13 3.23 31.33
N LYS C 219 16.86 3.91 30.22
CA LYS C 219 17.33 5.28 30.08
C LYS C 219 16.69 6.19 31.12
N ASP C 220 15.42 5.95 31.45
CA ASP C 220 14.76 6.74 32.49
C ASP C 220 15.45 6.55 33.83
N ILE C 221 15.76 5.30 34.18
CA ILE C 221 16.46 5.05 35.44
C ILE C 221 17.78 5.79 35.46
N LEU C 222 18.55 5.66 34.37
CA LEU C 222 19.87 6.29 34.34
C LEU C 222 19.77 7.80 34.47
N TYR C 223 18.86 8.42 33.73
CA TYR C 223 18.72 9.86 33.80
C TYR C 223 18.22 10.32 35.14
N GLY C 224 17.42 9.50 35.83
CA GLY C 224 16.98 9.86 37.16
C GLY C 224 18.07 9.76 38.20
N LEU C 225 19.02 8.85 38.00
CA LEU C 225 20.07 8.69 39.00
C LEU C 225 21.03 9.87 39.03
N ASP C 226 21.35 10.43 37.87
CA ASP C 226 22.26 11.57 37.81
C ASP C 226 21.95 12.40 36.58
N LYS C 227 21.35 13.58 36.77
CA LYS C 227 20.92 14.39 35.65
C LYS C 227 22.07 15.03 34.91
N VAL C 228 23.24 15.16 35.53
CA VAL C 228 24.36 15.85 34.90
C VAL C 228 25.20 14.90 34.06
N LYS C 229 25.65 13.80 34.66
CA LYS C 229 26.49 12.85 33.93
C LYS C 229 25.75 12.26 32.74
N TYR C 230 24.60 11.64 33.00
CA TYR C 230 23.81 11.03 31.93
C TYR C 230 22.75 11.98 31.40
N GLU C 231 23.16 13.21 31.07
CA GLU C 231 22.19 14.21 30.68
C GLU C 231 21.64 13.94 29.30
N ASN C 232 22.45 13.39 28.41
CA ASN C 232 22.06 13.14 27.03
C ASN C 232 21.83 11.66 26.76
N ILE C 233 21.53 10.90 27.82
CA ILE C 233 21.44 9.46 27.68
C ILE C 233 20.27 9.04 26.81
N HIS C 234 19.26 9.88 26.66
CA HIS C 234 18.11 9.47 25.86
C HIS C 234 18.40 9.45 24.38
N ASN C 235 19.54 9.98 23.94
CA ASN C 235 19.91 9.96 22.54
C ASN C 235 20.88 8.84 22.20
N ALA C 236 21.48 8.20 23.20
CA ALA C 236 22.40 7.10 22.94
C ALA C 236 21.66 5.94 22.28
N ALA C 237 22.38 5.15 21.49
CA ALA C 237 21.79 4.01 20.79
C ALA C 237 22.63 2.78 21.05
N ARG C 238 22.44 2.15 22.21
CA ARG C 238 23.06 0.89 22.55
C ARG C 238 21.96 -0.10 22.90
N ASP C 239 22.30 -1.38 22.96
CA ASP C 239 21.29 -2.35 23.31
C ASP C 239 21.09 -2.39 24.82
N GLU C 240 20.24 -3.30 25.27
CA GLU C 240 19.92 -3.38 26.69
C GLU C 240 21.09 -3.83 27.53
N LYS C 241 21.96 -4.69 26.99
CA LYS C 241 23.04 -5.22 27.80
C LYS C 241 23.97 -4.11 28.29
N TYR C 242 24.30 -3.16 27.42
CA TYR C 242 25.21 -2.11 27.82
C TYR C 242 24.56 -1.13 28.78
N LEU C 243 23.27 -0.86 28.61
CA LEU C 243 22.58 -0.01 29.57
C LEU C 243 22.54 -0.66 30.95
N ILE C 244 22.28 -1.97 30.99
CA ILE C 244 22.28 -2.68 32.27
C ILE C 244 23.65 -2.64 32.90
N ASP C 245 24.70 -2.79 32.09
CA ASP C 245 26.05 -2.70 32.63
C ASP C 245 26.33 -1.32 33.21
N ASP C 246 25.86 -0.27 32.53
CA ASP C 246 26.05 1.07 33.07
C ASP C 246 25.36 1.22 34.42
N ILE C 247 24.12 0.75 34.51
CA ILE C 247 23.40 0.85 35.79
C ILE C 247 24.13 0.10 36.88
N ILE C 248 24.65 -1.09 36.56
CA ILE C 248 25.35 -1.88 37.57
C ILE C 248 26.62 -1.16 38.01
N GLU C 249 27.35 -0.56 37.09
CA GLU C 249 28.59 0.11 37.47
C GLU C 249 28.34 1.35 38.28
N PHE C 250 27.24 2.07 38.01
CA PHE C 250 27.01 3.29 38.76
C PHE C 250 26.60 3.03 40.20
N LEU C 251 25.87 1.94 40.45
CA LEU C 251 25.33 1.66 41.76
C LEU C 251 26.31 0.96 42.68
N ASN C 252 27.55 0.79 42.25
CA ASN C 252 28.52 0.07 43.06
C ASN C 252 28.86 0.88 44.30
N ASP C 253 28.66 0.29 45.47
CA ASP C 253 29.02 0.89 46.75
C ASP C 253 28.18 2.13 47.06
N LYS C 254 26.86 1.97 46.97
CA LYS C 254 25.94 3.04 47.31
C LYS C 254 24.68 2.44 47.90
N ARG C 255 23.99 3.23 48.72
CA ARG C 255 22.65 2.91 49.17
C ARG C 255 21.66 3.62 48.29
N TYR C 256 20.70 2.90 47.75
CA TYR C 256 19.74 3.50 46.84
C TYR C 256 18.32 3.09 47.21
N LEU C 257 17.39 3.98 46.88
CA LEU C 257 15.97 3.75 47.08
C LEU C 257 15.29 3.99 45.74
N ILE C 258 14.69 2.96 45.17
CA ILE C 258 14.15 3.09 43.81
C ILE C 258 12.69 2.64 43.78
N VAL C 259 11.86 3.41 43.11
CA VAL C 259 10.44 3.14 42.98
C VAL C 259 10.14 2.83 41.52
N ILE C 260 9.42 1.74 41.29
CA ILE C 260 9.01 1.33 39.96
C ILE C 260 7.50 1.17 39.96
N ASP C 261 6.86 1.77 38.99
CA ASP C 261 5.45 2.08 39.05
C ASP C 261 4.72 1.46 37.88
N ASP C 262 3.52 0.94 38.15
CA ASP C 262 2.58 0.58 37.09
C ASP C 262 3.11 -0.57 36.23
N ILE C 263 3.53 -1.64 36.89
CA ILE C 263 3.96 -2.86 36.19
C ILE C 263 2.71 -3.65 35.83
N TRP C 264 2.65 -4.13 34.59
CA TRP C 264 1.44 -4.77 34.12
C TRP C 264 1.58 -6.25 33.83
N ASN C 265 2.80 -6.78 33.71
CA ASN C 265 2.97 -8.22 33.59
C ASN C 265 4.37 -8.59 34.07
N GLU C 266 4.78 -9.81 33.75
CA GLU C 266 5.90 -10.46 34.40
C GLU C 266 7.22 -10.27 33.67
N LYS C 267 7.20 -10.29 32.34
CA LYS C 267 8.44 -10.20 31.58
C LYS C 267 9.19 -8.93 31.90
N ALA C 268 8.46 -7.82 32.06
CA ALA C 268 9.11 -6.55 32.35
C ALA C 268 9.94 -6.63 33.62
N TRP C 269 9.35 -7.14 34.70
CA TRP C 269 10.10 -7.27 35.94
C TRP C 269 11.23 -8.25 35.79
N GLU C 270 10.98 -9.35 35.07
CA GLU C 270 12.02 -10.36 34.87
C GLU C 270 13.25 -9.75 34.22
N LEU C 271 13.07 -8.78 33.34
CA LEU C 271 14.23 -8.16 32.70
C LEU C 271 14.85 -7.08 33.58
N ILE C 272 14.03 -6.21 34.17
CA ILE C 272 14.57 -5.12 35.00
C ILE C 272 15.26 -5.62 36.24
N LYS C 273 14.90 -6.81 36.72
CA LYS C 273 15.52 -7.35 37.92
C LYS C 273 17.01 -7.58 37.76
N CYS C 274 17.50 -7.66 36.53
CA CYS C 274 18.91 -7.98 36.31
C CYS C 274 19.81 -6.85 36.76
N ALA C 275 19.35 -5.61 36.69
CA ALA C 275 20.19 -4.47 37.05
C ALA C 275 20.43 -4.39 38.54
N PHE C 276 19.64 -5.07 39.35
CA PHE C 276 19.81 -5.09 40.80
C PHE C 276 20.26 -6.47 41.26
N SER C 277 21.20 -7.06 40.53
CA SER C 277 21.61 -8.42 40.80
C SER C 277 22.63 -8.49 41.92
N LYS C 278 23.61 -7.59 41.93
CA LYS C 278 24.61 -7.59 42.99
C LYS C 278 23.95 -7.33 44.34
N LYS C 279 24.70 -7.59 45.39
CA LYS C 279 24.20 -7.38 46.74
C LYS C 279 24.69 -6.06 47.29
N SER C 280 23.80 -5.36 47.95
CA SER C 280 24.09 -4.02 48.43
C SER C 280 23.36 -3.78 49.74
N PRO C 281 24.06 -3.78 50.88
CA PRO C 281 23.37 -3.72 52.17
C PRO C 281 22.78 -2.34 52.42
N GLY C 282 21.46 -2.30 52.61
CA GLY C 282 20.77 -1.08 52.96
C GLY C 282 19.90 -0.49 51.89
N SER C 283 19.84 -1.08 50.69
CA SER C 283 19.10 -0.50 49.58
C SER C 283 17.69 -1.05 49.55
N ARG C 284 16.77 -0.29 48.95
CA ARG C 284 15.36 -0.63 48.99
C ARG C 284 14.69 -0.42 47.64
N LEU C 285 13.73 -1.29 47.33
CA LEU C 285 12.94 -1.18 46.12
C LEU C 285 11.46 -1.16 46.48
N ILE C 286 10.68 -0.38 45.74
CA ILE C 286 9.23 -0.36 45.87
C ILE C 286 8.63 -0.54 44.49
N THR C 287 7.56 -1.30 44.40
CA THR C 287 6.84 -1.47 43.14
C THR C 287 5.35 -1.33 43.37
N THR C 288 4.64 -0.76 42.41
CA THR C 288 3.19 -0.66 42.50
C THR C 288 2.54 -1.28 41.29
N THR C 289 1.42 -1.96 41.48
CA THR C 289 0.77 -2.66 40.38
C THR C 289 -0.68 -2.98 40.70
N ARG C 290 -1.43 -3.33 39.66
CA ARG C 290 -2.82 -3.76 39.78
C ARG C 290 -2.98 -5.27 39.80
N ASN C 291 -1.93 -6.01 39.46
CA ASN C 291 -2.01 -7.46 39.29
C ASN C 291 -1.39 -8.15 40.49
N VAL C 292 -2.01 -9.23 40.93
CA VAL C 292 -1.58 -9.86 42.18
C VAL C 292 -0.41 -10.81 41.96
N SER C 293 -0.45 -11.60 40.88
CA SER C 293 0.64 -12.52 40.61
C SER C 293 1.96 -11.78 40.41
N VAL C 294 1.89 -10.59 39.80
CA VAL C 294 3.10 -9.80 39.61
C VAL C 294 3.69 -9.42 40.96
N SER C 295 2.85 -9.05 41.92
CA SER C 295 3.34 -8.70 43.23
C SER C 295 3.90 -9.91 43.96
N GLU C 296 3.30 -11.07 43.76
CA GLU C 296 3.89 -12.27 44.35
C GLU C 296 5.23 -12.61 43.73
N ALA C 297 5.41 -12.27 42.45
CA ALA C 297 6.68 -12.53 41.79
C ALA C 297 7.75 -11.53 42.18
N CYS C 298 7.36 -10.31 42.54
CA CYS C 298 8.36 -9.31 42.96
C CYS C 298 8.90 -9.63 44.35
N CYS C 299 8.03 -9.69 45.33
CA CYS C 299 8.47 -9.87 46.71
C CYS C 299 8.87 -11.31 46.98
N SER C 300 9.63 -11.49 48.05
CA SER C 300 10.06 -12.83 48.47
C SER C 300 9.06 -13.45 49.42
N SER C 301 8.83 -12.80 50.56
CA SER C 301 7.87 -13.26 51.54
C SER C 301 6.52 -12.58 51.32
N GLU C 302 5.46 -13.25 51.73
CA GLU C 302 4.14 -12.65 51.61
C GLU C 302 3.84 -11.70 52.75
N ASP C 303 4.85 -11.35 53.54
CA ASP C 303 4.75 -10.29 54.52
C ASP C 303 5.21 -8.95 53.98
N ASP C 304 5.86 -8.95 52.82
CA ASP C 304 6.34 -7.74 52.16
C ASP C 304 5.37 -7.24 51.11
N ILE C 305 4.09 -7.52 51.28
CA ILE C 305 3.05 -7.04 50.36
C ILE C 305 2.12 -6.13 51.13
N TYR C 306 1.91 -4.94 50.59
CA TYR C 306 0.97 -3.98 51.15
C TYR C 306 -0.26 -3.97 50.27
N ARG C 307 -1.42 -4.18 50.87
CA ARG C 307 -2.68 -4.19 50.14
C ARG C 307 -3.41 -2.88 50.43
N MET C 308 -3.55 -2.04 49.42
CA MET C 308 -4.31 -0.82 49.59
C MET C 308 -5.76 -1.15 49.86
N GLU C 309 -6.39 -0.37 50.73
CA GLU C 309 -7.79 -0.53 51.04
C GLU C 309 -8.46 0.83 51.07
N PRO C 310 -9.73 0.91 50.73
CA PRO C 310 -10.39 2.21 50.59
C PRO C 310 -10.48 2.94 51.92
N LEU C 311 -10.79 4.22 51.82
CA LEU C 311 -10.92 5.07 52.99
C LEU C 311 -12.14 4.66 53.81
N SER C 312 -12.14 5.07 55.07
CA SER C 312 -13.28 4.84 55.96
C SER C 312 -14.40 5.80 55.57
N ASN C 313 -15.47 5.83 56.36
CA ASN C 313 -16.58 6.71 56.01
C ASN C 313 -16.33 8.16 56.42
N ASP C 314 -15.78 8.37 57.62
CA ASP C 314 -15.54 9.74 58.06
C ASP C 314 -14.53 10.43 57.17
N VAL C 315 -13.45 9.73 56.82
CA VAL C 315 -12.43 10.32 55.96
C VAL C 315 -13.03 10.66 54.61
N SER C 316 -13.82 9.75 54.04
CA SER C 316 -14.44 10.03 52.75
C SER C 316 -15.34 11.25 52.84
N ARG C 317 -16.11 11.36 53.91
CA ARG C 317 -17.01 12.49 54.06
C ARG C 317 -16.25 13.80 54.17
N THR C 318 -15.14 13.81 54.92
CA THR C 318 -14.37 15.04 55.03
C THR C 318 -13.76 15.43 53.70
N LEU C 319 -13.28 14.43 52.94
CA LEU C 319 -12.74 14.72 51.62
C LEU C 319 -13.81 15.33 50.72
N PHE C 320 -14.99 14.72 50.71
CA PHE C 320 -16.12 15.24 49.96
C PHE C 320 -16.39 16.70 50.32
N CYS C 321 -16.70 16.96 51.60
CA CYS C 321 -16.99 18.31 52.04
C CYS C 321 -15.90 19.27 51.64
N LYS C 322 -14.66 18.96 52.00
CA LYS C 322 -13.53 19.82 51.68
C LYS C 322 -13.48 20.11 50.18
N ARG C 323 -13.75 19.10 49.38
CA ARG C 323 -13.74 19.23 47.93
C ARG C 323 -14.78 20.20 47.40
N ILE C 324 -15.98 20.17 47.99
CA ILE C 324 -17.06 21.04 47.53
C ILE C 324 -17.42 22.23 48.43
N PHE C 325 -17.87 21.97 49.66
CA PHE C 325 -18.25 23.07 50.56
C PHE C 325 -17.03 23.79 51.10
N SER C 326 -15.94 23.81 50.34
CA SER C 326 -14.54 23.88 50.78
C SER C 326 -14.39 24.69 52.06
N GLN C 327 -14.95 25.91 52.14
CA GLN C 327 -14.69 26.74 53.31
C GLN C 327 -15.74 26.54 54.39
N GLU C 328 -17.02 26.51 54.02
CA GLU C 328 -18.04 26.33 55.05
C GLU C 328 -17.92 25.01 55.76
N GLU C 329 -17.56 23.95 55.02
CA GLU C 329 -17.58 22.55 55.50
C GLU C 329 -18.85 22.22 56.28
N GLY C 330 -19.97 22.83 55.87
CA GLY C 330 -21.24 22.57 56.50
C GLY C 330 -22.30 22.09 55.53
N CYS C 331 -22.63 20.84 55.61
CA CYS C 331 -23.62 20.36 54.66
C CYS C 331 -25.03 20.73 55.12
N PRO C 332 -25.83 21.36 54.26
CA PRO C 332 -27.23 21.59 54.60
C PRO C 332 -27.98 20.29 54.78
N GLN C 333 -29.08 20.36 55.53
CA GLN C 333 -29.77 19.16 55.96
C GLN C 333 -30.46 18.44 54.80
N GLU C 334 -31.10 19.19 53.91
CA GLU C 334 -31.84 18.56 52.83
C GLU C 334 -30.94 17.69 51.96
N LEU C 335 -29.64 17.96 51.98
CA LEU C 335 -28.71 17.22 51.15
C LEU C 335 -28.07 16.05 51.87
N LEU C 336 -28.35 15.85 53.16
CA LEU C 336 -27.68 14.82 53.93
C LEU C 336 -27.88 13.43 53.37
N LYS C 337 -29.13 13.04 53.12
CA LYS C 337 -29.39 11.65 52.78
C LYS C 337 -28.94 11.32 51.36
N VAL C 338 -29.13 12.24 50.43
CA VAL C 338 -28.57 12.03 49.09
C VAL C 338 -27.05 11.99 49.16
N SER C 339 -26.46 12.81 50.04
CA SER C 339 -25.01 12.74 50.23
C SER C 339 -24.60 11.36 50.69
N GLU C 340 -25.34 10.78 51.63
CA GLU C 340 -24.98 9.49 52.17
C GLU C 340 -25.12 8.40 51.13
N GLU C 341 -26.18 8.44 50.33
CA GLU C 341 -26.33 7.44 49.28
C GLU C 341 -25.24 7.56 48.23
N ILE C 342 -24.87 8.79 47.88
CA ILE C 342 -23.79 8.97 46.91
C ILE C 342 -22.48 8.43 47.45
N LEU C 343 -22.18 8.74 48.72
CA LEU C 343 -20.96 8.24 49.31
C LEU C 343 -20.95 6.73 49.39
N LYS C 344 -22.11 6.12 49.61
CA LYS C 344 -22.16 4.66 49.60
C LYS C 344 -21.89 4.11 48.21
N LYS C 345 -22.39 4.80 47.18
CA LYS C 345 -22.15 4.33 45.82
C LYS C 345 -20.67 4.49 45.43
N CYS C 346 -20.01 5.51 45.93
CA CYS C 346 -18.59 5.70 45.58
C CYS C 346 -17.75 4.57 46.14
N GLY C 347 -17.94 4.21 47.39
CA GLY C 347 -17.28 3.06 47.95
C GLY C 347 -15.95 3.34 48.61
N GLY C 348 -15.59 4.59 48.82
CA GLY C 348 -14.33 4.91 49.44
C GLY C 348 -13.15 4.97 48.52
N VAL C 349 -13.37 5.02 47.21
CA VAL C 349 -12.29 5.12 46.24
C VAL C 349 -12.06 6.60 45.93
N PRO C 350 -10.87 7.15 46.19
CA PRO C 350 -10.69 8.59 46.04
C PRO C 350 -10.97 9.13 44.66
N LEU C 351 -10.69 8.36 43.61
CA LEU C 351 -10.92 8.86 42.26
C LEU C 351 -12.40 9.17 42.03
N ALA C 352 -13.26 8.23 42.39
CA ALA C 352 -14.70 8.43 42.20
C ALA C 352 -15.20 9.59 43.04
N ILE C 353 -14.76 9.66 44.30
CA ILE C 353 -15.18 10.74 45.18
C ILE C 353 -14.82 12.08 44.56
N ILE C 354 -13.59 12.23 44.10
CA ILE C 354 -13.13 13.49 43.55
C ILE C 354 -13.91 13.86 42.29
N THR C 355 -14.11 12.90 41.39
CA THR C 355 -14.81 13.24 40.16
C THR C 355 -16.25 13.64 40.42
N ILE C 356 -16.96 12.89 41.26
CA ILE C 356 -18.35 13.24 41.53
C ILE C 356 -18.46 14.55 42.30
N ALA C 357 -17.50 14.83 43.19
CA ALA C 357 -17.53 16.09 43.89
C ALA C 357 -17.30 17.25 42.93
N SER C 358 -16.42 17.08 41.95
CA SER C 358 -16.26 18.15 40.96
C SER C 358 -17.50 18.30 40.11
N LEU C 359 -18.18 17.19 39.82
CA LEU C 359 -19.41 17.24 39.03
C LEU C 359 -20.50 18.00 39.76
N LEU C 360 -20.67 17.74 41.05
CA LEU C 360 -21.71 18.40 41.82
C LEU C 360 -21.33 19.81 42.25
N ALA C 361 -20.03 20.11 42.29
CA ALA C 361 -19.60 21.44 42.71
C ALA C 361 -20.11 22.49 41.74
N ASN C 362 -19.80 22.35 40.46
CA ASN C 362 -20.21 23.30 39.44
C ASN C 362 -19.82 24.72 39.87
N LYS C 363 -18.50 24.92 39.90
CA LYS C 363 -17.84 25.97 40.68
C LYS C 363 -18.63 27.26 40.77
N GLY C 364 -19.32 27.62 39.70
CA GLY C 364 -20.24 28.74 39.75
C GLY C 364 -21.28 28.58 40.83
N HIS C 365 -21.98 27.45 40.86
CA HIS C 365 -23.08 27.28 41.79
C HIS C 365 -23.25 25.82 42.17
N ILE C 366 -23.50 25.56 43.46
CA ILE C 366 -23.96 24.25 43.88
C ILE C 366 -25.28 23.96 43.22
N LYS C 367 -25.47 22.70 42.83
CA LYS C 367 -26.68 22.32 42.11
C LYS C 367 -27.85 22.16 43.10
N ALA C 368 -29.03 21.91 42.56
CA ALA C 368 -30.24 21.80 43.36
C ALA C 368 -30.47 20.36 43.80
N LYS C 369 -31.22 20.23 44.90
CA LYS C 369 -31.42 18.92 45.51
C LYS C 369 -32.02 17.90 44.53
N ASP C 370 -33.01 18.32 43.75
CA ASP C 370 -33.59 17.41 42.78
C ASP C 370 -32.56 17.02 41.73
N GLU C 371 -31.65 17.93 41.40
CA GLU C 371 -30.59 17.59 40.46
C GLU C 371 -29.63 16.57 41.08
N TRP C 372 -29.38 16.68 42.39
CA TRP C 372 -28.62 15.64 43.08
C TRP C 372 -29.32 14.30 42.97
N TYR C 373 -30.64 14.27 43.15
CA TYR C 373 -31.37 13.02 43.01
C TYR C 373 -31.24 12.45 41.60
N ALA C 374 -31.38 13.32 40.59
CA ALA C 374 -31.26 12.88 39.21
C ALA C 374 -29.88 12.28 38.95
N LEU C 375 -28.84 12.92 39.46
CA LEU C 375 -27.48 12.38 39.29
C LEU C 375 -27.36 11.03 39.97
N LEU C 376 -27.85 10.92 41.21
CA LEU C 376 -27.75 9.67 41.94
C LEU C 376 -28.43 8.53 41.19
N SER C 377 -29.63 8.77 40.67
CA SER C 377 -30.32 7.71 39.95
C SER C 377 -29.59 7.34 38.67
N SER C 378 -28.88 8.29 38.07
CA SER C 378 -28.19 8.06 36.81
C SER C 378 -26.75 7.60 37.02
N ASN C 386 -18.57 15.99 30.24
CA ASN C 386 -17.66 16.60 31.20
C ASN C 386 -16.28 15.99 31.09
N ARG C 387 -15.25 16.79 31.41
CA ARG C 387 -13.88 16.35 31.24
C ARG C 387 -13.46 15.32 32.29
N SER C 388 -13.73 15.62 33.56
CA SER C 388 -13.31 14.71 34.61
C SER C 388 -13.94 13.34 34.45
N LEU C 389 -15.20 13.29 34.01
CA LEU C 389 -15.86 12.01 33.85
C LEU C 389 -15.24 11.20 32.71
N GLU C 390 -14.91 11.88 31.60
CA GLU C 390 -14.21 11.21 30.52
C GLU C 390 -12.86 10.68 30.98
N GLN C 391 -12.14 11.45 31.78
CA GLN C 391 -10.85 10.99 32.27
C GLN C 391 -11.00 9.77 33.15
N MET C 392 -11.98 9.77 34.06
CA MET C 392 -12.16 8.63 34.93
C MET C 392 -12.50 7.38 34.13
N LYS C 393 -13.40 7.51 33.15
CA LYS C 393 -13.75 6.36 32.32
C LYS C 393 -12.54 5.84 31.57
N LYS C 394 -11.77 6.74 30.96
CA LYS C 394 -10.60 6.33 30.22
C LYS C 394 -9.58 5.64 31.12
N ILE C 395 -9.46 6.08 32.36
CA ILE C 395 -8.50 5.47 33.28
C ILE C 395 -8.96 4.08 33.67
N LEU C 396 -10.24 3.92 34.01
CA LEU C 396 -10.70 2.61 34.43
C LEU C 396 -10.70 1.61 33.29
N LEU C 397 -10.79 2.07 32.04
CA LEU C 397 -10.87 1.09 30.96
C LEU C 397 -9.54 0.43 30.63
N PHE C 398 -8.44 0.80 31.30
CA PHE C 398 -7.15 0.17 31.01
C PHE C 398 -7.19 -1.32 31.31
N SER C 399 -7.81 -1.69 32.43
CA SER C 399 -7.95 -3.09 32.81
C SER C 399 -8.84 -3.87 31.87
N TYR C 400 -9.75 -3.20 31.16
CA TYR C 400 -10.55 -3.93 30.19
C TYR C 400 -9.79 -4.12 28.89
N TYR C 401 -9.08 -3.09 28.44
CA TYR C 401 -8.35 -3.24 27.19
C TYR C 401 -7.15 -4.15 27.31
N ASP C 402 -6.81 -4.61 28.51
CA ASP C 402 -5.66 -5.45 28.71
C ASP C 402 -5.99 -6.93 28.77
N LEU C 403 -7.27 -7.29 28.87
CA LEU C 403 -7.65 -8.69 29.00
C LEU C 403 -7.31 -9.45 27.72
N PRO C 404 -7.05 -10.76 27.83
CA PRO C 404 -6.99 -11.59 26.64
C PRO C 404 -8.33 -11.60 25.92
N SER C 405 -8.29 -11.94 24.63
CA SER C 405 -9.48 -11.78 23.81
C SER C 405 -10.60 -12.73 24.23
N TYR C 406 -10.27 -13.89 24.79
CA TYR C 406 -11.29 -14.84 25.16
C TYR C 406 -11.90 -14.56 26.53
N LEU C 407 -11.48 -13.50 27.20
CA LEU C 407 -12.03 -13.13 28.49
C LEU C 407 -12.95 -11.93 28.42
N LYS C 408 -13.00 -11.22 27.30
CA LYS C 408 -13.83 -10.03 27.23
C LYS C 408 -15.32 -10.36 27.30
N PRO C 409 -15.84 -11.36 26.58
CA PRO C 409 -17.26 -11.69 26.77
C PRO C 409 -17.59 -12.11 28.19
N CYS C 410 -16.77 -12.99 28.77
CA CYS C 410 -17.03 -13.43 30.14
C CYS C 410 -17.19 -12.27 31.11
N LEU C 411 -16.55 -11.15 30.83
CA LEU C 411 -16.73 -9.99 31.71
C LEU C 411 -18.03 -9.27 31.41
N LEU C 412 -18.34 -9.04 30.13
CA LEU C 412 -19.55 -8.31 29.80
C LEU C 412 -20.78 -9.06 30.29
N TYR C 413 -20.70 -10.38 30.37
CA TYR C 413 -21.82 -11.18 30.85
C TYR C 413 -22.26 -10.78 32.25
N LEU C 414 -21.41 -10.09 33.00
CA LEU C 414 -21.81 -9.67 34.34
C LEU C 414 -22.84 -8.56 34.34
N SER C 415 -23.12 -7.95 33.19
CA SER C 415 -24.08 -6.86 33.18
C SER C 415 -25.52 -7.36 33.17
N ILE C 416 -25.74 -8.65 33.36
CA ILE C 416 -27.09 -9.18 33.41
C ILE C 416 -27.71 -9.08 34.79
N PHE C 417 -26.90 -9.13 35.83
CA PHE C 417 -27.40 -9.23 37.18
C PHE C 417 -27.64 -7.85 37.79
N PRO C 418 -28.51 -7.76 38.79
CA PRO C 418 -28.84 -6.46 39.39
C PRO C 418 -27.68 -5.81 40.10
N GLU C 419 -27.90 -4.66 40.73
CA GLU C 419 -26.80 -3.78 41.08
C GLU C 419 -25.98 -4.30 42.25
N ASP C 420 -26.55 -4.37 43.45
CA ASP C 420 -25.74 -4.46 44.65
C ASP C 420 -25.64 -5.89 45.16
N ARG C 421 -26.51 -6.80 44.69
CA ARG C 421 -26.48 -8.18 45.14
C ARG C 421 -25.17 -8.86 44.78
N GLU C 422 -25.01 -10.09 45.26
CA GLU C 422 -23.84 -10.90 44.98
C GLU C 422 -24.22 -12.13 44.16
N ILE C 423 -23.24 -12.63 43.41
CA ILE C 423 -23.49 -13.62 42.37
C ILE C 423 -22.78 -14.91 42.74
N ARG C 424 -23.51 -16.02 42.69
CA ARG C 424 -22.88 -17.32 42.88
C ARG C 424 -21.93 -17.61 41.73
N ARG C 425 -20.79 -18.23 42.02
CA ARG C 425 -19.84 -18.48 40.96
C ARG C 425 -20.21 -19.70 40.14
N ALA C 426 -20.81 -20.71 40.77
CA ALA C 426 -21.20 -21.89 40.01
C ALA C 426 -22.22 -21.55 38.94
N ARG C 427 -23.18 -20.68 39.28
CA ARG C 427 -24.12 -20.19 38.29
C ARG C 427 -23.41 -19.57 37.11
N LEU C 428 -22.46 -18.67 37.39
CA LEU C 428 -21.69 -18.02 36.34
C LEU C 428 -20.98 -19.05 35.46
N VAL C 429 -20.29 -19.99 36.08
CA VAL C 429 -19.46 -20.91 35.31
C VAL C 429 -20.31 -21.77 34.40
N TRP C 430 -21.42 -22.30 34.93
CA TRP C 430 -22.26 -23.13 34.09
C TRP C 430 -22.93 -22.34 32.99
N ARG C 431 -23.26 -21.08 33.25
CA ARG C 431 -23.87 -20.29 32.18
C ARG C 431 -22.85 -19.92 31.12
N TRP C 432 -21.60 -19.67 31.51
CA TRP C 432 -20.55 -19.44 30.53
C TRP C 432 -20.36 -20.65 29.65
N ILE C 433 -20.34 -21.84 30.24
CA ILE C 433 -20.16 -23.05 29.44
C ILE C 433 -21.35 -23.24 28.51
N SER C 434 -22.56 -22.95 28.97
CA SER C 434 -23.74 -23.15 28.14
C SER C 434 -23.76 -22.17 26.97
N GLU C 435 -23.36 -20.92 27.20
CA GLU C 435 -23.40 -19.93 26.14
C GLU C 435 -22.40 -20.22 25.03
N GLY C 436 -21.35 -20.96 25.32
CA GLY C 436 -20.34 -21.27 24.34
C GLY C 436 -19.07 -20.47 24.43
N PHE C 437 -18.83 -19.79 25.55
CA PHE C 437 -17.63 -18.99 25.70
C PHE C 437 -16.41 -19.82 26.08
N VAL C 438 -16.59 -21.08 26.47
CA VAL C 438 -15.51 -21.92 26.99
C VAL C 438 -15.32 -23.08 26.04
N TYR C 439 -14.11 -23.23 25.50
CA TYR C 439 -13.82 -24.35 24.61
C TYR C 439 -12.31 -24.50 24.51
N SER C 440 -11.89 -25.72 24.17
CA SER C 440 -10.49 -26.00 23.91
C SER C 440 -10.40 -27.17 22.95
N GLU C 441 -9.21 -27.35 22.39
CA GLU C 441 -8.96 -28.43 21.44
C GLU C 441 -8.23 -29.62 22.04
N LYS C 442 -7.57 -29.46 23.19
CA LYS C 442 -6.92 -30.58 23.82
C LYS C 442 -7.92 -31.70 24.08
N GLN C 443 -7.40 -32.92 24.18
CA GLN C 443 -8.25 -34.09 24.27
C GLN C 443 -8.64 -34.43 25.70
N ASP C 444 -7.89 -33.95 26.68
CA ASP C 444 -8.01 -34.49 28.02
C ASP C 444 -8.36 -33.42 29.04
N ILE C 445 -9.17 -32.45 28.65
CA ILE C 445 -9.45 -31.27 29.44
C ILE C 445 -10.92 -31.28 29.81
N SER C 446 -11.22 -30.81 31.02
CA SER C 446 -12.58 -30.69 31.49
C SER C 446 -12.97 -29.22 31.46
N LEU C 447 -14.12 -28.92 30.88
CA LEU C 447 -14.52 -27.52 30.73
C LEU C 447 -14.79 -26.86 32.07
N TYR C 448 -15.15 -27.64 33.09
CA TYR C 448 -15.42 -27.04 34.39
C TYR C 448 -14.19 -26.37 34.96
N GLU C 449 -13.04 -27.03 34.88
CA GLU C 449 -11.84 -26.42 35.44
C GLU C 449 -11.32 -25.29 34.58
N LEU C 450 -11.56 -25.33 33.26
CA LEU C 450 -11.27 -24.17 32.44
C LEU C 450 -12.07 -22.96 32.91
N GLY C 451 -13.38 -23.13 33.09
CA GLY C 451 -14.19 -22.03 33.55
C GLY C 451 -13.74 -21.51 34.90
N ASP C 452 -13.37 -22.43 35.80
CA ASP C 452 -12.87 -22.01 37.09
C ASP C 452 -11.59 -21.19 36.94
N SER C 453 -10.74 -21.58 36.01
CA SER C 453 -9.52 -20.81 35.76
C SER C 453 -9.84 -19.42 35.25
N TYR C 454 -10.84 -19.30 34.36
CA TYR C 454 -11.25 -17.99 33.90
C TYR C 454 -11.69 -17.12 35.06
N PHE C 455 -12.51 -17.67 35.95
CA PHE C 455 -12.99 -16.91 37.10
C PHE C 455 -11.83 -16.46 37.98
N ASN C 456 -10.91 -17.36 38.27
CA ASN C 456 -9.77 -17.01 39.11
C ASN C 456 -8.90 -15.96 38.45
N GLU C 457 -8.80 -15.98 37.13
CA GLU C 457 -8.03 -14.94 36.46
C GLU C 457 -8.71 -13.59 36.57
N LEU C 458 -10.03 -13.56 36.42
CA LEU C 458 -10.73 -12.29 36.61
C LEU C 458 -10.53 -11.76 38.02
N VAL C 459 -10.54 -12.64 39.02
CA VAL C 459 -10.27 -12.18 40.38
C VAL C 459 -8.84 -11.70 40.51
N ASN C 460 -7.91 -12.33 39.80
CA ASN C 460 -6.50 -12.01 39.93
C ASN C 460 -6.20 -10.59 39.49
N ARG C 461 -6.89 -10.10 38.47
CA ARG C 461 -6.63 -8.76 37.97
C ARG C 461 -7.39 -7.68 38.72
N SER C 462 -7.94 -7.97 39.89
CA SER C 462 -8.56 -6.97 40.76
C SER C 462 -9.76 -6.30 40.09
N MET C 463 -10.58 -7.09 39.40
CA MET C 463 -11.80 -6.59 38.80
C MET C 463 -13.04 -7.14 39.47
N ILE C 464 -12.88 -7.99 40.47
CA ILE C 464 -13.97 -8.68 41.14
C ILE C 464 -13.59 -8.88 42.58
N GLN C 465 -14.53 -8.67 43.50
CA GLN C 465 -14.25 -8.92 44.90
C GLN C 465 -14.81 -10.28 45.29
N PRO C 466 -13.98 -11.24 45.70
CA PRO C 466 -14.51 -12.53 46.11
C PRO C 466 -15.06 -12.51 47.52
N ILE C 467 -16.03 -13.38 47.78
CA ILE C 467 -16.73 -13.39 49.06
C ILE C 467 -17.04 -14.82 49.45
N GLY C 468 -16.68 -15.19 50.67
CA GLY C 468 -17.09 -16.45 51.24
C GLY C 468 -16.30 -17.63 50.71
N ILE C 469 -16.62 -18.81 51.26
CA ILE C 469 -16.02 -20.06 50.84
C ILE C 469 -17.13 -21.06 50.53
N ASP C 470 -17.09 -21.62 49.34
CA ASP C 470 -18.08 -22.58 48.89
C ASP C 470 -18.03 -23.84 49.76
N ASP C 471 -18.98 -24.73 49.53
CA ASP C 471 -18.99 -26.01 50.22
C ASP C 471 -18.11 -27.05 49.54
N GLU C 472 -17.41 -26.69 48.47
CA GLU C 472 -16.43 -27.59 47.87
C GLU C 472 -15.03 -27.00 47.91
N GLY C 473 -14.80 -26.02 48.78
CA GLY C 473 -13.48 -25.50 49.03
C GLY C 473 -13.06 -24.34 48.17
N LYS C 474 -13.96 -23.73 47.43
CA LYS C 474 -13.64 -22.64 46.54
C LYS C 474 -14.41 -21.39 46.95
N VAL C 475 -14.24 -20.33 46.18
CA VAL C 475 -14.94 -19.09 46.45
C VAL C 475 -16.43 -19.33 46.35
N LYS C 476 -17.21 -18.55 47.10
CA LYS C 476 -18.66 -18.72 47.04
C LYS C 476 -19.30 -17.74 46.07
N ALA C 477 -19.09 -16.45 46.27
CA ALA C 477 -19.77 -15.44 45.47
C ALA C 477 -18.79 -14.33 45.14
N CYS C 478 -19.28 -13.35 44.39
CA CYS C 478 -18.45 -12.23 43.98
C CYS C 478 -19.28 -10.96 43.93
N ARG C 479 -18.61 -9.83 44.13
CA ARG C 479 -19.22 -8.51 44.05
C ARG C 479 -18.46 -7.64 43.06
N VAL C 480 -19.16 -6.63 42.55
CA VAL C 480 -18.63 -5.70 41.57
C VAL C 480 -18.87 -4.28 42.07
N HIS C 481 -17.87 -3.42 41.88
CA HIS C 481 -18.03 -2.00 42.17
C HIS C 481 -19.10 -1.41 41.25
N ASP C 482 -19.66 -0.29 41.68
CA ASP C 482 -20.82 0.25 40.97
C ASP C 482 -20.43 1.04 39.73
N MET C 483 -19.37 1.84 39.81
CA MET C 483 -18.93 2.56 38.62
C MET C 483 -18.46 1.59 37.55
N VAL C 484 -17.76 0.53 37.95
CA VAL C 484 -17.38 -0.50 37.00
C VAL C 484 -18.63 -1.12 36.38
N LEU C 485 -19.68 -1.29 37.16
CA LEU C 485 -20.90 -1.87 36.63
C LEU C 485 -21.54 -0.95 35.59
N ASP C 486 -21.51 0.36 35.83
CA ASP C 486 -22.05 1.28 34.84
C ASP C 486 -21.24 1.25 33.55
N LEU C 487 -19.91 1.23 33.68
CA LEU C 487 -19.08 1.13 32.49
C LEU C 487 -19.40 -0.13 31.70
N ILE C 488 -19.52 -1.27 32.39
CA ILE C 488 -19.79 -2.53 31.72
C ILE C 488 -21.15 -2.47 31.04
N CYS C 489 -22.15 -1.90 31.70
CA CYS C 489 -23.48 -1.83 31.09
C CYS C 489 -23.46 -1.00 29.82
N SER C 490 -22.77 0.14 29.84
CA SER C 490 -22.71 0.96 28.63
C SER C 490 -21.99 0.23 27.51
N LEU C 491 -20.86 -0.41 27.84
CA LEU C 491 -20.12 -1.16 26.83
C LEU C 491 -20.96 -2.25 26.21
N SER C 492 -21.67 -3.02 27.04
CA SER C 492 -22.42 -4.15 26.51
C SER C 492 -23.67 -3.69 25.78
N SER C 493 -24.20 -2.51 26.14
CA SER C 493 -25.35 -1.99 25.42
C SER C 493 -24.95 -1.48 24.04
N GLU C 494 -23.75 -0.92 23.91
CA GLU C 494 -23.38 -0.43 22.59
C GLU C 494 -23.16 -1.53 21.58
N GLU C 495 -23.45 -2.80 21.86
CA GLU C 495 -23.20 -3.86 20.89
C GLU C 495 -24.32 -4.89 20.84
N ASN C 496 -25.48 -4.60 21.43
CA ASN C 496 -26.58 -5.55 21.51
C ASN C 496 -26.16 -6.85 22.17
N PHE C 497 -25.21 -6.79 23.09
CA PHE C 497 -24.84 -7.97 23.83
C PHE C 497 -25.93 -8.37 24.80
N VAL C 498 -26.50 -7.39 25.51
CA VAL C 498 -27.51 -7.62 26.53
C VAL C 498 -28.50 -6.47 26.49
N THR C 499 -29.78 -6.77 26.66
CA THR C 499 -30.80 -5.73 26.82
C THR C 499 -31.48 -5.90 28.17
N ILE C 500 -31.42 -4.86 28.98
CA ILE C 500 -32.01 -4.85 30.32
C ILE C 500 -33.37 -4.18 30.25
N LEU C 501 -34.27 -4.60 31.12
CA LEU C 501 -35.62 -4.01 31.15
C LEU C 501 -35.91 -3.47 32.55
N ASP C 502 -35.69 -2.17 32.73
CA ASP C 502 -36.22 -1.41 33.85
C ASP C 502 -37.19 -0.38 33.32
N ASP C 503 -38.14 0.03 34.16
CA ASP C 503 -39.12 1.00 33.70
C ASP C 503 -38.62 2.44 33.78
N PRO C 504 -38.05 2.89 34.91
CA PRO C 504 -37.58 4.29 34.96
C PRO C 504 -36.47 4.58 33.96
N ARG C 505 -35.42 3.77 33.99
CA ARG C 505 -34.33 3.86 33.03
C ARG C 505 -34.24 2.56 32.25
N ARG C 506 -33.46 2.59 31.16
CA ARG C 506 -33.16 1.40 30.38
C ARG C 506 -34.45 0.73 29.89
N LYS C 507 -35.13 1.44 29.00
CA LYS C 507 -36.31 0.90 28.36
C LYS C 507 -35.92 0.15 27.08
N MET C 508 -36.93 -0.33 26.36
CA MET C 508 -36.66 -1.09 25.14
C MET C 508 -35.91 -0.21 24.15
N PRO C 509 -34.97 -0.77 23.39
CA PRO C 509 -34.21 0.04 22.42
C PRO C 509 -35.15 0.63 21.38
N ASN C 510 -34.84 1.86 20.98
CA ASN C 510 -35.77 2.61 20.14
C ASN C 510 -35.97 1.94 18.80
N SER C 511 -34.88 1.60 18.11
CA SER C 511 -34.94 0.97 16.79
C SER C 511 -34.05 -0.28 16.82
N GLU C 512 -34.62 -1.40 17.25
CA GLU C 512 -33.90 -2.66 17.26
C GLU C 512 -34.90 -3.80 17.08
N SER C 513 -34.72 -4.56 16.01
CA SER C 513 -35.56 -5.71 15.75
C SER C 513 -34.93 -7.02 16.18
N LYS C 514 -33.61 -7.04 16.41
CA LYS C 514 -32.90 -8.27 16.72
C LYS C 514 -32.25 -8.13 18.10
N VAL C 515 -32.83 -8.81 19.07
CA VAL C 515 -32.33 -8.86 20.44
C VAL C 515 -32.00 -10.30 20.77
N ARG C 516 -30.81 -10.53 21.31
CA ARG C 516 -30.38 -11.90 21.58
C ARG C 516 -30.47 -12.28 23.05
N ARG C 517 -30.14 -11.40 23.97
CA ARG C 517 -30.13 -11.72 25.39
C ARG C 517 -30.93 -10.68 26.16
N LEU C 518 -31.89 -11.16 26.97
CA LEU C 518 -32.85 -10.32 27.64
C LEU C 518 -32.72 -10.48 29.15
N SER C 519 -32.89 -9.39 29.89
CA SER C 519 -32.80 -9.44 31.34
C SER C 519 -33.94 -8.64 31.95
N ILE C 520 -34.90 -9.32 32.55
CA ILE C 520 -36.09 -8.69 33.12
C ILE C 520 -35.86 -8.39 34.58
N GLN C 521 -35.86 -7.10 34.95
CA GLN C 521 -35.64 -6.71 36.33
C GLN C 521 -36.80 -5.96 36.96
N ASN C 522 -37.60 -5.23 36.18
CA ASN C 522 -38.77 -4.55 36.69
C ASN C 522 -39.99 -5.09 35.98
N SER C 523 -40.78 -5.88 36.68
CA SER C 523 -41.92 -6.57 36.11
C SER C 523 -43.05 -5.64 35.70
N LYS C 524 -42.94 -4.34 36.01
CA LYS C 524 -44.01 -3.39 35.66
C LYS C 524 -44.20 -3.31 34.15
N ILE C 525 -43.10 -3.38 33.40
CA ILE C 525 -43.15 -3.27 31.95
C ILE C 525 -43.89 -4.46 31.35
N ASP C 526 -44.46 -4.27 30.16
CA ASP C 526 -44.96 -5.37 29.37
C ASP C 526 -44.11 -5.53 28.11
N VAL C 527 -43.99 -6.77 27.64
CA VAL C 527 -43.04 -7.12 26.60
C VAL C 527 -43.79 -7.52 25.35
N ASP C 528 -43.22 -7.18 24.19
CA ASP C 528 -43.83 -7.56 22.92
C ASP C 528 -43.50 -9.00 22.58
N THR C 529 -42.21 -9.30 22.41
CA THR C 529 -41.73 -10.66 22.19
C THR C 529 -42.43 -11.34 21.02
N THR C 530 -42.72 -10.56 19.98
CA THR C 530 -43.13 -11.14 18.71
C THR C 530 -42.14 -10.85 17.60
N ARG C 531 -41.23 -9.91 17.80
CA ARG C 531 -40.13 -9.68 16.88
C ARG C 531 -38.84 -10.34 17.34
N MET C 532 -38.79 -10.85 18.56
CA MET C 532 -37.58 -11.47 19.11
C MET C 532 -37.58 -12.96 18.74
N GLU C 533 -37.35 -13.19 17.45
CA GLU C 533 -37.27 -14.56 16.96
C GLU C 533 -35.99 -15.22 17.43
N HIS C 534 -34.87 -14.53 17.34
CA HIS C 534 -33.58 -15.12 17.65
C HIS C 534 -33.14 -14.73 19.05
N MET C 535 -33.85 -15.29 20.03
CA MET C 535 -33.37 -15.17 21.40
C MET C 535 -32.30 -16.21 21.66
N ARG C 536 -31.56 -16.03 22.74
CA ARG C 536 -30.60 -17.04 23.15
C ARG C 536 -30.70 -17.32 24.64
N SER C 537 -31.09 -16.31 25.41
CA SER C 537 -31.06 -16.45 26.86
C SER C 537 -32.07 -15.51 27.47
N VAL C 538 -32.84 -16.01 28.42
CA VAL C 538 -33.83 -15.22 29.14
C VAL C 538 -33.58 -15.41 30.63
N THR C 539 -33.68 -14.32 31.38
CA THR C 539 -33.48 -14.37 32.82
C THR C 539 -34.47 -13.43 33.48
N VAL C 540 -35.14 -13.91 34.52
CA VAL C 540 -36.12 -13.13 35.24
C VAL C 540 -35.67 -12.97 36.67
N PHE C 541 -35.69 -11.73 37.17
CA PHE C 541 -35.21 -11.42 38.50
C PHE C 541 -36.33 -10.95 39.41
N SER C 542 -37.57 -11.05 38.96
CA SER C 542 -38.69 -10.46 39.67
C SER C 542 -39.37 -11.54 40.49
N ASP C 543 -39.66 -11.23 41.74
CA ASP C 543 -40.59 -12.00 42.54
C ASP C 543 -42.02 -11.85 42.06
N ASN C 544 -42.25 -11.06 41.02
CA ASN C 544 -43.61 -10.63 40.70
C ASN C 544 -44.35 -11.66 39.88
N VAL C 545 -45.68 -11.64 40.01
CA VAL C 545 -46.52 -12.54 39.22
C VAL C 545 -46.48 -12.16 37.75
N VAL C 546 -46.44 -10.86 37.44
CA VAL C 546 -46.43 -10.45 36.03
C VAL C 546 -45.16 -10.96 35.34
N GLY C 547 -44.14 -11.30 36.11
CA GLY C 547 -42.94 -11.87 35.51
C GLY C 547 -43.21 -13.17 34.77
N LYS C 548 -44.11 -14.00 35.30
CA LYS C 548 -44.42 -15.27 34.64
C LYS C 548 -45.41 -15.07 33.49
N VAL C 549 -45.80 -13.83 33.20
CA VAL C 549 -46.86 -13.60 32.21
C VAL C 549 -46.35 -13.86 30.80
N LEU C 550 -45.12 -13.45 30.49
CA LEU C 550 -44.68 -13.46 29.10
C LEU C 550 -44.62 -14.89 28.58
N ASP C 551 -44.93 -15.05 27.29
CA ASP C 551 -44.90 -16.38 26.70
C ASP C 551 -43.50 -16.76 26.29
N ILE C 552 -43.15 -18.01 26.54
CA ILE C 552 -41.80 -18.50 26.26
C ILE C 552 -41.76 -19.47 25.10
N SER C 553 -42.80 -20.25 24.85
CA SER C 553 -42.77 -21.29 23.84
C SER C 553 -42.55 -20.77 22.44
N ARG C 554 -42.48 -19.46 22.25
CA ARG C 554 -42.25 -18.89 20.92
C ARG C 554 -40.78 -18.69 20.61
N PHE C 555 -39.91 -18.74 21.61
CA PHE C 555 -38.47 -18.63 21.40
C PHE C 555 -37.94 -19.99 20.99
N LYS C 556 -38.10 -20.31 19.70
CA LYS C 556 -37.80 -21.66 19.24
C LYS C 556 -36.32 -21.99 19.31
N VAL C 557 -35.45 -21.02 19.53
CA VAL C 557 -34.02 -21.25 19.67
C VAL C 557 -33.61 -20.62 21.00
N LEU C 558 -33.51 -21.43 22.04
CA LEU C 558 -33.00 -20.98 23.32
C LEU C 558 -31.82 -21.82 23.74
N ARG C 559 -30.99 -21.26 24.60
CA ARG C 559 -29.88 -22.03 25.13
C ARG C 559 -29.85 -21.95 26.64
N VAL C 560 -30.34 -20.85 27.20
CA VAL C 560 -30.29 -20.63 28.63
C VAL C 560 -31.64 -20.15 29.10
N LEU C 561 -32.30 -20.94 29.93
CA LEU C 561 -33.53 -20.56 30.60
C LEU C 561 -33.26 -20.53 32.09
N ASP C 562 -33.39 -19.36 32.70
CA ASP C 562 -33.01 -19.16 34.09
C ASP C 562 -34.16 -18.49 34.82
N LEU C 563 -34.94 -19.26 35.57
CA LEU C 563 -36.09 -18.75 36.30
C LEU C 563 -35.91 -18.89 37.81
N GLU C 564 -34.68 -18.83 38.29
CA GLU C 564 -34.41 -19.05 39.69
C GLU C 564 -35.06 -17.98 40.55
N GLY C 565 -35.88 -18.41 41.51
CA GLY C 565 -36.53 -17.52 42.43
C GLY C 565 -37.95 -17.15 42.06
N CYS C 566 -38.32 -17.22 40.79
CA CYS C 566 -39.65 -16.83 40.37
C CYS C 566 -40.69 -17.79 40.96
N HIS C 567 -41.95 -17.43 40.78
CA HIS C 567 -43.06 -18.21 41.31
C HIS C 567 -43.84 -18.90 40.20
N VAL C 568 -43.15 -19.33 39.16
CA VAL C 568 -43.83 -20.12 38.15
C VAL C 568 -44.26 -21.44 38.77
N SER C 569 -45.27 -22.02 38.21
CA SER C 569 -45.88 -23.17 38.86
C SER C 569 -45.67 -24.46 38.11
N ASP C 570 -45.78 -24.46 36.79
CA ASP C 570 -45.52 -25.65 36.01
C ASP C 570 -45.15 -25.25 34.59
N VAL C 571 -44.26 -26.03 33.97
CA VAL C 571 -43.74 -25.73 32.64
C VAL C 571 -43.87 -27.01 31.82
N GLY C 572 -44.86 -27.06 30.94
CA GLY C 572 -45.02 -28.19 30.07
C GLY C 572 -44.41 -27.96 28.71
N TYR C 573 -44.12 -26.70 28.41
CA TYR C 573 -43.55 -26.32 27.13
C TYR C 573 -42.05 -26.44 27.08
N VAL C 574 -41.42 -27.06 28.07
CA VAL C 574 -39.95 -27.10 28.07
C VAL C 574 -39.46 -28.02 26.97
N GLY C 575 -40.17 -29.12 26.73
CA GLY C 575 -40.01 -29.83 25.49
C GLY C 575 -40.38 -28.93 24.33
N ASN C 576 -40.08 -29.40 23.13
CA ASN C 576 -40.23 -28.64 21.88
C ASN C 576 -39.23 -27.49 21.78
N LEU C 577 -38.24 -27.43 22.66
CA LEU C 577 -37.22 -26.40 22.59
C LEU C 577 -35.94 -26.88 21.92
N LEU C 578 -35.51 -28.10 22.20
CA LEU C 578 -34.58 -28.83 21.34
C LEU C 578 -33.20 -28.20 21.26
N HIS C 579 -33.02 -27.03 21.85
CA HIS C 579 -31.76 -26.33 21.78
C HIS C 579 -31.18 -25.99 23.14
N LEU C 580 -31.92 -26.20 24.22
CA LEU C 580 -31.52 -25.77 25.54
C LEU C 580 -30.15 -26.35 25.91
N ARG C 581 -29.48 -25.67 26.83
CA ARG C 581 -28.26 -26.21 27.40
C ARG C 581 -28.29 -26.08 28.91
N TYR C 582 -29.03 -25.10 29.41
CA TYR C 582 -29.08 -24.78 30.83
C TYR C 582 -30.53 -24.59 31.23
N LEU C 583 -31.00 -25.41 32.14
CA LEU C 583 -32.38 -25.32 32.64
C LEU C 583 -32.32 -25.07 34.13
N GLY C 584 -32.50 -23.83 34.54
CA GLY C 584 -32.39 -23.49 35.94
C GLY C 584 -33.72 -23.24 36.60
N LEU C 585 -34.18 -24.18 37.42
CA LEU C 585 -35.45 -24.09 38.14
C LEU C 585 -35.14 -24.32 39.60
N LYS C 586 -34.77 -23.27 40.31
CA LYS C 586 -34.41 -23.38 41.72
C LYS C 586 -35.26 -22.42 42.53
N GLY C 587 -35.89 -22.94 43.58
CA GLY C 587 -36.76 -22.10 44.38
C GLY C 587 -38.05 -21.71 43.71
N THR C 588 -38.52 -22.53 42.78
CA THR C 588 -39.80 -22.32 42.12
C THR C 588 -40.82 -23.31 42.64
N HIS C 589 -42.08 -23.07 42.30
CA HIS C 589 -43.17 -23.93 42.77
C HIS C 589 -43.56 -24.96 41.71
N VAL C 590 -42.57 -25.71 41.23
CA VAL C 590 -42.82 -26.72 40.21
C VAL C 590 -43.07 -28.05 40.91
N LYS C 591 -44.16 -28.71 40.54
CA LYS C 591 -44.55 -29.96 41.17
C LYS C 591 -44.09 -31.19 40.39
N ASP C 592 -44.02 -31.09 39.07
CA ASP C 592 -43.71 -32.25 38.24
C ASP C 592 -43.35 -31.79 36.84
N LEU C 593 -42.49 -32.56 36.20
CA LEU C 593 -41.86 -32.36 34.90
C LEU C 593 -42.59 -33.13 33.82
N PRO C 594 -42.62 -32.60 32.60
CA PRO C 594 -43.22 -33.34 31.50
C PRO C 594 -42.32 -34.49 31.09
N MET C 595 -42.90 -35.65 30.85
CA MET C 595 -42.10 -36.80 30.49
C MET C 595 -41.79 -36.67 29.00
N GLU C 596 -41.16 -35.56 28.64
CA GLU C 596 -40.59 -35.38 27.31
C GLU C 596 -39.23 -34.74 27.35
N VAL C 597 -38.66 -34.49 28.53
CA VAL C 597 -37.33 -33.92 28.62
C VAL C 597 -36.30 -34.81 27.93
N GLY C 598 -36.62 -36.08 27.72
CA GLY C 598 -35.72 -36.96 27.00
C GLY C 598 -35.39 -36.49 25.59
N LYS C 599 -36.14 -35.53 25.06
CA LYS C 599 -35.85 -35.03 23.72
C LYS C 599 -34.66 -34.09 23.70
N LEU C 600 -34.36 -33.44 24.82
CA LEU C 600 -33.28 -32.45 24.89
C LEU C 600 -31.95 -33.18 24.93
N GLN C 601 -31.51 -33.61 23.75
CA GLN C 601 -30.27 -34.38 23.67
C GLN C 601 -29.05 -33.55 24.02
N PHE C 602 -29.15 -32.23 23.94
CA PHE C 602 -28.11 -31.33 24.41
C PHE C 602 -28.67 -30.66 25.66
N LEU C 603 -28.13 -31.00 26.83
CA LEU C 603 -28.55 -30.36 28.06
C LEU C 603 -27.43 -30.56 29.07
N LEU C 604 -26.67 -29.51 29.33
CA LEU C 604 -25.53 -29.65 30.21
C LEU C 604 -25.94 -29.66 31.67
N THR C 605 -26.79 -28.73 32.07
CA THR C 605 -27.11 -28.52 33.48
C THR C 605 -28.60 -28.66 33.71
N LEU C 606 -28.95 -29.25 34.85
CA LEU C 606 -30.35 -29.42 35.25
C LEU C 606 -30.42 -29.19 36.75
N ASP C 607 -31.00 -28.07 37.17
CA ASP C 607 -30.93 -27.61 38.54
C ASP C 607 -32.32 -27.65 39.16
N LEU C 608 -32.51 -28.55 40.13
CA LEU C 608 -33.78 -28.74 40.80
C LEU C 608 -33.52 -28.73 42.30
N ARG C 609 -33.74 -27.60 42.95
CA ARG C 609 -33.50 -27.50 44.38
C ARG C 609 -34.50 -26.53 44.98
N GLY C 610 -35.12 -26.95 46.08
CA GLY C 610 -36.17 -26.13 46.67
C GLY C 610 -37.48 -26.20 45.93
N THR C 611 -37.61 -27.07 44.95
CA THR C 611 -38.88 -27.27 44.27
C THR C 611 -39.69 -28.32 45.01
N LYS C 612 -40.90 -28.58 44.53
CA LYS C 612 -41.80 -29.52 45.17
C LYS C 612 -41.88 -30.86 44.44
N ILE C 613 -40.87 -31.18 43.64
CA ILE C 613 -40.88 -32.44 42.91
C ILE C 613 -40.57 -33.58 43.87
N GLU C 614 -41.15 -34.75 43.59
CA GLU C 614 -40.88 -35.95 44.39
C GLU C 614 -40.24 -37.07 43.61
N VAL C 615 -40.72 -37.37 42.42
CA VAL C 615 -40.19 -38.46 41.61
C VAL C 615 -39.84 -37.93 40.24
N LEU C 616 -38.62 -38.15 39.82
CA LEU C 616 -38.20 -37.70 38.51
C LEU C 616 -38.76 -38.63 37.43
N PRO C 617 -39.16 -38.07 36.29
CA PRO C 617 -39.61 -38.92 35.19
C PRO C 617 -38.52 -39.85 34.70
N TRP C 618 -38.95 -40.99 34.18
CA TRP C 618 -38.01 -42.02 33.76
C TRP C 618 -37.14 -41.57 32.59
N SER C 619 -37.72 -40.84 31.63
CA SER C 619 -36.98 -40.51 30.42
C SER C 619 -35.73 -39.70 30.69
N VAL C 620 -35.57 -39.18 31.91
CA VAL C 620 -34.34 -38.49 32.32
C VAL C 620 -33.12 -39.35 32.07
N VAL C 621 -33.27 -40.67 32.10
CA VAL C 621 -32.12 -41.55 31.85
C VAL C 621 -31.51 -41.26 30.49
N GLN C 622 -32.33 -40.86 29.53
CA GLN C 622 -31.88 -40.71 28.15
C GLN C 622 -31.42 -39.29 27.82
N LEU C 623 -30.57 -38.72 28.68
CA LEU C 623 -29.94 -37.42 28.41
C LEU C 623 -28.44 -37.70 28.40
N ARG C 624 -27.92 -38.14 27.27
CA ARG C 624 -26.57 -38.67 27.26
C ARG C 624 -25.53 -37.60 27.58
N ARG C 625 -25.68 -36.41 27.02
CA ARG C 625 -24.80 -35.30 27.36
C ARG C 625 -25.42 -34.57 28.54
N LEU C 626 -24.89 -34.81 29.73
CA LEU C 626 -25.33 -34.12 30.92
C LEU C 626 -24.17 -34.10 31.89
N MET C 627 -23.80 -32.91 32.36
CA MET C 627 -22.59 -32.77 33.16
C MET C 627 -22.83 -32.37 34.59
N CYS C 628 -24.04 -31.96 34.96
CA CYS C 628 -24.28 -31.48 36.31
C CYS C 628 -25.73 -31.72 36.68
N LEU C 629 -25.96 -32.31 37.85
CA LEU C 629 -27.30 -32.67 38.30
C LEU C 629 -27.46 -32.26 39.76
N TYR C 630 -28.14 -31.16 40.00
CA TYR C 630 -28.46 -30.75 41.35
C TYR C 630 -29.86 -31.24 41.71
N VAL C 631 -29.99 -31.80 42.91
CA VAL C 631 -31.24 -32.43 43.31
C VAL C 631 -31.25 -32.53 44.83
N ASP C 632 -32.44 -32.62 45.41
CA ASP C 632 -32.58 -32.83 46.84
C ASP C 632 -32.58 -34.32 47.17
N TYR C 633 -32.22 -34.64 48.40
CA TYR C 633 -32.16 -36.04 48.78
C TYR C 633 -33.53 -36.66 48.98
N GLY C 634 -34.60 -35.86 48.93
CA GLY C 634 -35.93 -36.38 49.05
C GLY C 634 -36.57 -36.78 47.74
N MET C 635 -35.81 -36.82 46.64
CA MET C 635 -36.35 -37.14 45.33
C MET C 635 -35.90 -38.52 44.88
N LYS C 636 -36.79 -39.24 44.20
CA LYS C 636 -36.53 -40.59 43.75
C LYS C 636 -35.88 -40.57 42.38
N LEU C 637 -34.78 -41.25 42.26
CA LEU C 637 -34.20 -41.29 40.93
C LEU C 637 -34.58 -42.58 40.21
N PRO C 638 -34.75 -42.53 38.90
CA PRO C 638 -35.07 -43.75 38.15
C PRO C 638 -33.94 -44.75 38.19
N SER C 639 -34.08 -45.87 37.49
CA SER C 639 -33.16 -46.98 37.68
C SER C 639 -31.89 -46.84 36.86
N GLY C 640 -32.01 -46.68 35.55
CA GLY C 640 -30.84 -46.76 34.69
C GLY C 640 -29.92 -45.57 34.70
N ILE C 641 -29.53 -45.10 35.90
CA ILE C 641 -28.69 -43.91 36.01
C ILE C 641 -27.28 -44.17 35.55
N GLY C 642 -26.89 -45.42 35.31
CA GLY C 642 -25.53 -45.69 34.87
C GLY C 642 -25.21 -45.15 33.49
N ASN C 643 -26.24 -44.87 32.68
CA ASN C 643 -26.00 -44.41 31.33
C ASN C 643 -25.48 -42.99 31.26
N LEU C 644 -25.71 -42.19 32.31
CA LEU C 644 -25.32 -40.78 32.30
C LEU C 644 -23.81 -40.67 32.57
N THR C 645 -23.03 -41.08 31.58
CA THR C 645 -21.62 -40.74 31.65
C THR C 645 -21.45 -39.24 31.47
N PHE C 646 -20.21 -38.78 31.61
CA PHE C 646 -19.83 -37.38 31.58
C PHE C 646 -20.30 -36.61 32.80
N LEU C 647 -21.09 -37.21 33.69
CA LEU C 647 -21.49 -36.51 34.91
C LEU C 647 -20.26 -36.11 35.70
N GLU C 648 -20.05 -34.80 35.88
CA GLU C 648 -18.93 -34.31 36.65
C GLU C 648 -19.32 -33.85 38.04
N VAL C 649 -20.59 -33.55 38.29
CA VAL C 649 -21.05 -33.08 39.59
C VAL C 649 -22.39 -33.73 39.87
N LEU C 650 -22.49 -34.40 41.01
CA LEU C 650 -23.75 -35.00 41.44
C LEU C 650 -23.97 -34.62 42.89
N ASP C 651 -25.15 -34.10 43.20
CA ASP C 651 -25.41 -33.49 44.49
C ASP C 651 -26.57 -34.19 45.18
N ASP C 652 -26.34 -34.63 46.42
CA ASP C 652 -27.37 -35.13 47.31
C ASP C 652 -28.12 -36.32 46.72
N LEU C 653 -27.39 -37.41 46.52
CA LEU C 653 -28.05 -38.66 46.21
C LEU C 653 -29.01 -39.04 47.33
N GLY C 654 -30.12 -39.65 46.93
CA GLY C 654 -31.08 -40.13 47.90
C GLY C 654 -30.52 -41.28 48.72
N LEU C 655 -30.21 -42.39 48.05
CA LEU C 655 -29.68 -43.58 48.71
C LEU C 655 -30.62 -44.02 49.84
N SER C 656 -31.82 -44.43 49.42
CA SER C 656 -32.83 -44.97 50.31
C SER C 656 -33.81 -45.76 49.47
N ASP C 657 -34.20 -46.94 49.95
CA ASP C 657 -35.12 -47.84 49.23
C ASP C 657 -34.55 -48.19 47.86
N VAL C 658 -33.31 -48.65 47.85
CA VAL C 658 -32.57 -48.91 46.62
C VAL C 658 -31.95 -50.30 46.68
N ASP C 659 -32.01 -51.02 45.57
CA ASP C 659 -31.41 -52.34 45.45
C ASP C 659 -29.93 -52.25 45.06
N LEU C 660 -29.30 -53.42 44.87
CA LEU C 660 -27.85 -53.47 44.68
C LEU C 660 -27.41 -53.03 43.30
N ASP C 661 -28.17 -53.35 42.25
CA ASP C 661 -27.73 -52.99 40.91
C ASP C 661 -27.60 -51.50 40.77
N PHE C 662 -28.37 -50.74 41.55
CA PHE C 662 -28.20 -49.28 41.57
C PHE C 662 -26.83 -48.90 42.09
N VAL C 663 -26.45 -49.44 43.24
CA VAL C 663 -25.17 -49.12 43.85
C VAL C 663 -24.02 -49.66 43.00
N LYS C 664 -24.29 -50.65 42.16
CA LYS C 664 -23.26 -51.12 41.25
C LYS C 664 -23.15 -50.23 40.04
N GLU C 665 -24.29 -49.76 39.51
CA GLU C 665 -24.27 -48.78 38.43
C GLU C 665 -23.47 -47.55 38.83
N LEU C 666 -23.62 -47.13 40.09
CA LEU C 666 -22.89 -45.95 40.56
C LEU C 666 -21.40 -46.03 40.23
N GLY C 667 -20.86 -47.23 40.08
CA GLY C 667 -19.45 -47.38 39.77
C GLY C 667 -19.07 -47.10 38.34
N ARG C 668 -20.03 -46.79 37.48
CA ARG C 668 -19.72 -46.53 36.08
C ARG C 668 -19.44 -45.08 35.77
N LEU C 669 -19.95 -44.15 36.59
CA LEU C 669 -19.67 -42.74 36.39
C LEU C 669 -18.21 -42.46 36.74
N THR C 670 -17.34 -42.46 35.74
CA THR C 670 -15.92 -42.50 36.04
C THR C 670 -15.31 -41.09 36.16
N LYS C 671 -15.74 -40.15 35.33
CA LYS C 671 -15.20 -38.80 35.40
C LYS C 671 -16.15 -37.94 36.21
N LEU C 672 -16.10 -38.11 37.53
CA LEU C 672 -17.01 -37.44 38.45
C LEU C 672 -16.20 -36.83 39.57
N ARG C 673 -16.30 -35.52 39.75
CA ARG C 673 -15.41 -34.79 40.63
C ARG C 673 -16.04 -34.32 41.93
N VAL C 674 -17.35 -34.42 42.10
CA VAL C 674 -18.02 -34.02 43.33
C VAL C 674 -19.13 -35.01 43.62
N LEU C 675 -19.27 -35.38 44.89
CA LEU C 675 -20.28 -36.35 45.29
C LEU C 675 -20.80 -36.02 46.67
N ARG C 676 -22.09 -36.27 46.89
CA ARG C 676 -22.73 -36.06 48.19
C ARG C 676 -23.78 -37.14 48.40
N LEU C 677 -23.77 -37.78 49.56
CA LEU C 677 -24.64 -38.90 49.87
C LEU C 677 -25.52 -38.56 51.07
N ASP C 678 -26.47 -39.44 51.37
CA ASP C 678 -27.38 -39.15 52.47
C ASP C 678 -27.58 -40.29 53.46
N PHE C 679 -27.44 -41.54 53.02
CA PHE C 679 -27.53 -42.71 53.90
C PHE C 679 -28.79 -42.69 54.78
N HIS C 680 -29.88 -42.14 54.26
CA HIS C 680 -31.05 -41.91 55.11
C HIS C 680 -31.77 -43.20 55.44
N GLY C 681 -32.31 -43.88 54.43
CA GLY C 681 -32.98 -45.14 54.62
C GLY C 681 -32.14 -46.27 54.09
N PHE C 682 -31.02 -45.91 53.47
CA PHE C 682 -30.08 -46.87 52.92
C PHE C 682 -29.73 -47.93 53.96
N ASP C 683 -29.88 -49.19 53.57
CA ASP C 683 -29.60 -50.28 54.50
C ASP C 683 -28.10 -50.54 54.56
N GLN C 684 -27.56 -50.44 55.76
CA GLN C 684 -26.12 -50.60 55.97
C GLN C 684 -25.76 -52.08 56.11
N SER C 685 -25.96 -52.79 55.00
CA SER C 685 -25.50 -54.17 54.86
C SER C 685 -24.71 -54.31 53.57
N MET C 686 -24.92 -53.36 52.66
CA MET C 686 -24.34 -53.37 51.34
C MET C 686 -23.25 -52.31 51.17
N GLY C 687 -22.71 -51.80 52.27
CA GLY C 687 -21.72 -50.73 52.17
C GLY C 687 -20.48 -51.11 51.40
N LYS C 688 -20.17 -52.41 51.32
CA LYS C 688 -18.96 -52.83 50.62
C LYS C 688 -19.05 -52.54 49.14
N ALA C 689 -20.19 -52.87 48.52
CA ALA C 689 -20.36 -52.56 47.11
C ALA C 689 -20.25 -51.06 46.87
N LEU C 690 -20.80 -50.26 47.80
CA LEU C 690 -20.73 -48.82 47.65
C LEU C 690 -19.29 -48.33 47.72
N GLU C 691 -18.50 -48.88 48.64
CA GLU C 691 -17.12 -48.42 48.75
C GLU C 691 -16.29 -48.87 47.56
N GLU C 692 -16.57 -50.03 47.00
CA GLU C 692 -15.87 -50.42 45.77
C GLU C 692 -16.23 -49.47 44.63
N SER C 693 -17.53 -49.20 44.46
CA SER C 693 -17.95 -48.28 43.41
C SER C 693 -17.29 -46.91 43.58
N ILE C 694 -17.10 -46.47 44.82
CA ILE C 694 -16.43 -45.19 45.03
C ILE C 694 -14.95 -45.29 44.66
N SER C 695 -14.29 -46.35 45.12
CA SER C 695 -12.88 -46.54 44.79
C SER C 695 -12.66 -46.67 43.29
N ASN C 696 -13.70 -46.91 42.51
CA ASN C 696 -13.56 -46.98 41.06
C ASN C 696 -13.39 -45.62 40.39
N MET C 697 -13.76 -44.52 41.07
CA MET C 697 -13.68 -43.19 40.48
C MET C 697 -12.29 -42.63 40.70
N TYR C 698 -11.51 -42.52 39.63
CA TYR C 698 -10.12 -42.08 39.78
C TYR C 698 -10.03 -40.59 40.03
N LYS C 699 -10.63 -39.78 39.16
CA LYS C 699 -10.64 -38.34 39.34
C LYS C 699 -11.76 -37.99 40.30
N LEU C 700 -11.42 -37.35 41.42
CA LEU C 700 -12.42 -36.95 42.40
C LEU C 700 -11.76 -36.01 43.39
N ASP C 701 -12.49 -34.97 43.79
CA ASP C 701 -11.94 -33.95 44.68
C ASP C 701 -12.65 -33.90 46.03
N SER C 702 -13.97 -33.84 46.03
CA SER C 702 -14.71 -33.65 47.26
C SER C 702 -15.62 -34.83 47.48
N LEU C 703 -16.01 -35.06 48.73
CA LEU C 703 -16.89 -36.14 49.10
C LEU C 703 -17.59 -35.81 50.41
N ASP C 704 -18.87 -36.11 50.48
CA ASP C 704 -19.62 -36.00 51.73
C ASP C 704 -20.28 -37.32 52.05
N VAL C 705 -20.44 -37.59 53.34
CA VAL C 705 -21.29 -38.66 53.83
C VAL C 705 -22.06 -38.11 55.01
N PHE C 706 -23.38 -38.09 54.90
CA PHE C 706 -24.24 -37.63 55.98
C PHE C 706 -24.97 -38.83 56.56
N VAL C 707 -24.91 -38.97 57.89
CA VAL C 707 -25.55 -40.09 58.57
C VAL C 707 -26.27 -39.53 59.79
N ASN C 708 -27.51 -39.95 59.99
CA ASN C 708 -28.30 -39.43 61.10
C ASN C 708 -27.68 -39.78 62.44
N ARG C 709 -27.58 -41.08 62.73
CA ARG C 709 -27.16 -41.54 64.05
C ARG C 709 -26.34 -42.82 63.90
N GLY C 710 -25.89 -43.34 65.03
CA GLY C 710 -25.30 -44.66 65.06
C GLY C 710 -23.86 -44.68 64.62
N LEU C 711 -23.39 -45.88 64.33
CA LEU C 711 -22.03 -46.12 63.89
C LEU C 711 -22.02 -46.28 62.38
N ILE C 712 -21.07 -45.64 61.72
CA ILE C 712 -20.99 -45.67 60.27
C ILE C 712 -20.45 -47.02 59.83
N ASN C 713 -21.22 -47.74 59.04
CA ASN C 713 -20.92 -49.12 58.66
C ASN C 713 -20.45 -49.23 57.22
N CYS C 714 -19.75 -48.22 56.73
CA CYS C 714 -19.18 -48.25 55.38
C CYS C 714 -17.76 -47.73 55.45
N LEU C 715 -17.12 -47.66 54.29
CA LEU C 715 -15.73 -47.20 54.19
C LEU C 715 -14.82 -47.97 55.13
N SER C 716 -14.98 -49.28 55.15
CA SER C 716 -14.18 -50.13 56.01
C SER C 716 -12.70 -50.02 55.64
N GLU C 717 -11.86 -50.58 56.51
CA GLU C 717 -10.43 -50.57 56.24
C GLU C 717 -10.12 -51.44 55.04
N HIS C 718 -8.90 -51.27 54.50
CA HIS C 718 -8.51 -51.86 53.23
C HIS C 718 -9.46 -51.40 52.12
N TRP C 719 -9.48 -50.09 51.92
CA TRP C 719 -10.40 -49.47 50.98
C TRP C 719 -9.72 -48.84 49.77
N VAL C 720 -8.50 -48.34 49.92
CA VAL C 720 -7.76 -47.73 48.82
C VAL C 720 -8.53 -46.55 48.24
N PRO C 721 -8.60 -45.44 48.95
CA PRO C 721 -9.34 -44.26 48.45
C PRO C 721 -8.75 -43.75 47.14
N PRO C 722 -9.49 -42.93 46.41
CA PRO C 722 -8.96 -42.38 45.17
C PRO C 722 -7.77 -41.47 45.46
N PRO C 723 -6.81 -41.40 44.53
CA PRO C 723 -5.56 -40.72 44.87
C PRO C 723 -5.68 -39.21 44.96
N ARG C 724 -6.49 -38.59 44.11
CA ARG C 724 -6.52 -37.15 43.98
C ARG C 724 -7.41 -36.46 44.99
N LEU C 725 -8.02 -37.20 45.91
CA LEU C 725 -8.94 -36.61 46.87
C LEU C 725 -8.29 -35.43 47.58
N CYS C 726 -9.06 -34.38 47.80
CA CYS C 726 -8.54 -33.15 48.39
C CYS C 726 -9.42 -32.60 49.50
N ARG C 727 -10.64 -33.10 49.67
CA ARG C 727 -11.55 -32.56 50.67
C ARG C 727 -12.49 -33.67 51.11
N LEU C 728 -12.63 -33.84 52.42
CA LEU C 728 -13.43 -34.91 52.98
C LEU C 728 -14.16 -34.39 54.21
N ALA C 729 -15.43 -34.76 54.35
CA ALA C 729 -16.24 -34.22 55.42
C ALA C 729 -17.35 -35.17 55.80
N PHE C 730 -17.62 -35.26 57.10
CA PHE C 730 -18.76 -35.99 57.64
C PHE C 730 -19.48 -35.05 58.58
N PRO C 731 -20.43 -34.28 58.08
CA PRO C 731 -21.03 -33.22 58.90
C PRO C 731 -22.10 -33.73 59.86
N SER C 732 -22.12 -35.03 60.10
CA SER C 732 -23.18 -35.60 60.94
C SER C 732 -23.16 -35.03 62.34
N LYS C 733 -22.03 -35.17 63.05
CA LYS C 733 -21.79 -34.74 64.41
C LYS C 733 -22.52 -35.57 65.45
N ARG C 734 -23.34 -36.52 65.05
CA ARG C 734 -23.97 -37.46 65.97
C ARG C 734 -23.80 -38.90 65.58
N SER C 735 -23.16 -39.19 64.44
CA SER C 735 -22.79 -40.54 64.07
C SER C 735 -21.27 -40.64 64.07
N TRP C 736 -20.73 -41.50 64.93
CA TRP C 736 -19.30 -41.56 65.16
C TRP C 736 -18.64 -42.62 64.31
N PHE C 737 -17.35 -42.45 64.08
CA PHE C 737 -16.48 -43.56 63.73
C PHE C 737 -16.06 -44.31 64.99
N LYS C 738 -15.49 -45.48 64.78
CA LYS C 738 -14.73 -46.11 65.86
C LYS C 738 -13.33 -45.51 65.79
N THR C 739 -12.35 -46.14 66.41
CA THR C 739 -11.07 -45.50 66.77
C THR C 739 -10.57 -44.51 65.72
N LEU C 740 -10.30 -45.00 64.51
CA LEU C 740 -9.93 -44.15 63.39
C LEU C 740 -9.82 -45.00 62.14
N PRO C 741 -10.19 -44.49 60.97
CA PRO C 741 -9.93 -45.25 59.75
C PRO C 741 -8.44 -45.47 59.59
N SER C 742 -8.09 -46.66 59.12
CA SER C 742 -6.68 -46.99 58.92
C SER C 742 -6.08 -46.32 57.70
N TRP C 743 -6.90 -45.94 56.72
CA TRP C 743 -6.44 -45.42 55.46
C TRP C 743 -6.13 -43.93 55.49
N ILE C 744 -5.89 -43.35 56.66
CA ILE C 744 -5.64 -41.91 56.79
C ILE C 744 -4.14 -41.64 56.75
N ASN C 745 -3.35 -42.68 56.53
CA ASN C 745 -1.91 -42.50 56.51
C ASN C 745 -1.50 -41.56 55.37
N PRO C 746 -0.43 -40.79 55.55
CA PRO C 746 -0.07 -39.78 54.55
C PRO C 746 0.40 -40.35 53.22
N SER C 747 0.51 -41.66 53.11
CA SER C 747 0.86 -42.24 51.81
C SER C 747 -0.37 -42.40 50.94
N SER C 748 -1.49 -42.80 51.53
CA SER C 748 -2.69 -43.06 50.75
C SER C 748 -3.40 -41.77 50.37
N LEU C 749 -3.28 -40.74 51.21
CA LEU C 749 -3.88 -39.43 50.95
C LEU C 749 -2.79 -38.37 50.92
N PRO C 750 -1.96 -38.36 49.89
CA PRO C 750 -0.91 -37.34 49.83
C PRO C 750 -1.46 -35.94 49.76
N LEU C 751 -2.59 -35.75 49.08
CA LEU C 751 -3.24 -34.45 49.00
C LEU C 751 -4.45 -34.46 49.93
N LEU C 752 -4.50 -33.49 50.82
CA LEU C 752 -5.67 -33.28 51.66
C LEU C 752 -5.56 -31.91 52.33
N SER C 753 -6.56 -31.06 52.13
CA SER C 753 -6.53 -29.73 52.72
C SER C 753 -7.75 -29.46 53.57
N TYR C 754 -8.51 -30.47 53.92
CA TYR C 754 -9.73 -30.28 54.68
C TYR C 754 -10.14 -31.60 55.29
N LEU C 755 -10.61 -31.56 56.53
CA LEU C 755 -11.04 -32.77 57.20
C LEU C 755 -11.99 -32.39 58.32
N ASP C 756 -12.98 -33.24 58.57
CA ASP C 756 -14.00 -32.95 59.56
C ASP C 756 -14.57 -34.28 60.03
N ILE C 757 -14.16 -34.72 61.22
CA ILE C 757 -14.54 -36.05 61.70
C ILE C 757 -15.03 -35.96 63.13
N THR C 758 -15.95 -36.86 63.48
CA THR C 758 -16.40 -37.03 64.86
C THR C 758 -16.12 -38.48 65.27
N LEU C 759 -15.14 -38.66 66.13
CA LEU C 759 -14.77 -40.00 66.57
C LEU C 759 -15.50 -40.36 67.85
N PHE C 760 -15.57 -41.66 68.13
CA PHE C 760 -16.19 -42.11 69.36
C PHE C 760 -15.32 -41.76 70.56
N GLU C 761 -14.08 -42.26 70.57
CA GLU C 761 -13.12 -41.93 71.62
C GLU C 761 -11.78 -41.67 70.98
N VAL C 762 -11.20 -40.51 71.26
CA VAL C 762 -9.92 -40.11 70.70
C VAL C 762 -8.80 -40.66 71.58
N ARG C 763 -7.74 -41.13 70.95
CA ARG C 763 -6.54 -41.54 71.65
C ARG C 763 -5.56 -40.39 71.70
N SER C 764 -4.38 -40.64 72.25
CA SER C 764 -3.31 -39.64 72.24
C SER C 764 -2.46 -39.75 70.98
N GLU C 765 -2.35 -40.95 70.41
CA GLU C 765 -1.53 -41.16 69.23
C GLU C 765 -2.38 -41.18 67.96
N ASP C 766 -3.48 -40.43 68.01
CA ASP C 766 -4.31 -40.17 66.84
C ASP C 766 -3.96 -38.84 66.21
N ILE C 767 -3.77 -37.81 67.03
CA ILE C 767 -3.26 -36.53 66.55
C ILE C 767 -1.92 -36.72 65.87
N GLN C 768 -1.15 -37.72 66.29
CA GLN C 768 0.13 -38.01 65.64
C GLN C 768 -0.07 -38.32 64.18
N LEU C 769 -1.00 -39.23 63.86
CA LEU C 769 -1.26 -39.56 62.47
C LEU C 769 -1.68 -38.34 61.67
N LEU C 770 -2.34 -37.38 62.31
CA LEU C 770 -2.70 -36.14 61.62
C LEU C 770 -1.48 -35.26 61.41
N GLY C 771 -0.52 -35.31 62.33
CA GLY C 771 0.74 -34.62 62.09
C GLY C 771 1.49 -35.17 60.90
N THR C 772 1.28 -36.44 60.59
CA THR C 772 1.97 -37.06 59.46
C THR C 772 1.46 -36.53 58.12
N LEU C 773 0.29 -35.91 58.08
CA LEU C 773 -0.31 -35.53 56.81
C LEU C 773 0.39 -34.30 56.25
N PRO C 774 0.74 -34.29 54.97
CA PRO C 774 1.55 -33.19 54.42
C PRO C 774 0.88 -31.83 54.45
N ALA C 775 -0.32 -31.68 53.87
CA ALA C 775 -0.90 -30.34 53.72
C ALA C 775 -1.84 -29.99 54.86
N LEU C 776 -2.97 -30.69 54.94
CA LEU C 776 -3.95 -30.57 56.03
C LEU C 776 -4.11 -29.11 56.51
N VAL C 777 -4.59 -28.26 55.60
CA VAL C 777 -4.75 -26.85 55.94
C VAL C 777 -5.77 -26.68 57.05
N TYR C 778 -6.91 -27.35 56.94
CA TYR C 778 -8.01 -27.21 57.90
C TYR C 778 -8.29 -28.54 58.57
N LEU C 779 -8.74 -28.49 59.82
CA LEU C 779 -8.98 -29.70 60.59
C LEU C 779 -10.02 -29.44 61.66
N GLU C 780 -10.88 -30.43 61.91
CA GLU C 780 -11.90 -30.30 62.94
C GLU C 780 -12.30 -31.69 63.41
N ILE C 781 -12.13 -31.95 64.70
CA ILE C 781 -12.42 -33.24 65.30
C ILE C 781 -13.40 -33.06 66.45
N TRP C 782 -14.33 -33.97 66.56
CA TRP C 782 -15.25 -34.03 67.70
C TRP C 782 -15.03 -35.32 68.46
N ASN C 783 -15.20 -35.26 69.77
CA ASN C 783 -15.13 -36.42 70.65
C ASN C 783 -16.56 -36.77 71.08
N TYR C 784 -17.09 -37.85 70.51
CA TYR C 784 -18.50 -38.18 70.71
C TYR C 784 -18.79 -38.60 72.15
N SER C 785 -17.82 -39.22 72.81
CA SER C 785 -18.05 -39.75 74.14
C SER C 785 -18.17 -38.66 75.20
N VAL C 786 -17.51 -37.52 74.98
CA VAL C 786 -17.54 -36.46 75.99
C VAL C 786 -18.96 -35.92 76.16
N PHE C 787 -19.64 -35.66 75.05
CA PHE C 787 -20.95 -35.02 75.09
C PHE C 787 -22.07 -36.04 75.30
N GLU C 788 -22.19 -37.00 74.39
CA GLU C 788 -23.33 -37.91 74.45
C GLU C 788 -23.20 -38.90 75.59
N GLU C 789 -22.02 -39.47 75.79
CA GLU C 789 -21.75 -40.27 76.97
C GLU C 789 -21.36 -39.33 78.10
N ALA C 790 -20.84 -39.89 79.20
CA ALA C 790 -20.47 -39.10 80.36
C ALA C 790 -18.98 -39.11 80.64
N HIS C 791 -18.17 -39.46 79.64
CA HIS C 791 -16.73 -39.46 79.84
C HIS C 791 -16.23 -38.04 80.12
N GLU C 792 -14.98 -37.95 80.55
CA GLU C 792 -14.38 -36.69 80.94
C GLU C 792 -13.24 -36.32 80.00
N VAL C 793 -12.92 -35.04 79.98
CA VAL C 793 -11.88 -34.53 79.09
C VAL C 793 -10.53 -35.09 79.54
N GLU C 794 -9.83 -35.72 78.61
CA GLU C 794 -8.53 -36.32 78.88
C GLU C 794 -7.45 -35.53 78.14
N ALA C 795 -6.34 -35.29 78.82
CA ALA C 795 -5.27 -34.47 78.24
C ALA C 795 -4.46 -35.29 77.25
N PRO C 796 -4.44 -34.93 75.97
CA PRO C 796 -3.59 -35.65 75.03
C PRO C 796 -2.18 -35.09 75.02
N VAL C 797 -1.21 -35.97 74.81
CA VAL C 797 0.19 -35.60 74.84
C VAL C 797 0.81 -35.98 73.50
N LEU C 798 1.58 -35.05 72.94
CA LEU C 798 2.26 -35.25 71.67
C LEU C 798 3.75 -35.38 71.92
N SER C 799 4.38 -36.29 71.19
CA SER C 799 5.78 -36.63 71.46
C SER C 799 6.42 -37.13 70.18
N SER C 800 7.75 -37.26 70.24
CA SER C 800 8.56 -37.92 69.22
C SER C 800 8.40 -37.23 67.87
N GLY C 801 8.82 -35.96 67.84
CA GLY C 801 8.83 -35.26 66.58
C GLY C 801 8.83 -33.75 66.66
N ALA C 802 9.19 -33.12 65.55
CA ALA C 802 9.11 -31.69 65.37
C ALA C 802 8.52 -31.44 63.99
N ALA C 803 8.02 -30.22 63.79
CA ALA C 803 7.28 -29.86 62.58
C ALA C 803 6.12 -30.84 62.37
N LEU C 804 5.28 -30.94 63.40
CA LEU C 804 4.19 -31.89 63.36
C LEU C 804 3.09 -31.44 62.42
N PHE C 805 2.72 -30.17 62.46
CA PHE C 805 1.61 -29.66 61.64
C PHE C 805 2.13 -28.60 60.67
N PRO C 806 2.76 -29.02 59.56
CA PRO C 806 3.10 -28.05 58.52
C PRO C 806 1.85 -27.62 57.78
N CYS C 807 1.67 -26.30 57.63
CA CYS C 807 0.53 -25.74 56.93
C CYS C 807 -0.79 -26.13 57.61
N ALA C 808 -0.94 -25.72 58.86
CA ALA C 808 -2.19 -25.91 59.59
C ALA C 808 -2.63 -24.55 60.12
N THR C 809 -3.49 -23.87 59.37
CA THR C 809 -3.88 -22.52 59.75
C THR C 809 -5.03 -22.48 60.74
N GLU C 810 -5.83 -23.55 60.83
CA GLU C 810 -6.91 -23.60 61.80
C GLU C 810 -7.02 -25.02 62.34
N CYS C 811 -7.39 -25.12 63.60
CA CYS C 811 -7.60 -26.41 64.25
C CYS C 811 -8.64 -26.22 65.34
N ARG C 812 -9.63 -27.11 65.37
CA ARG C 812 -10.73 -27.03 66.33
C ARG C 812 -10.86 -28.39 66.99
N PHE C 813 -10.14 -28.59 68.09
CA PHE C 813 -10.23 -29.84 68.84
C PHE C 813 -11.40 -29.77 69.82
N ILE C 814 -12.61 -29.71 69.26
CA ILE C 814 -13.80 -29.58 70.10
C ILE C 814 -14.00 -30.88 70.86
N GLY C 815 -13.86 -30.82 72.18
CA GLY C 815 -13.96 -31.98 73.04
C GLY C 815 -12.66 -32.39 73.70
N ILE C 816 -11.52 -31.89 73.23
CA ILE C 816 -10.21 -32.27 73.75
C ILE C 816 -9.28 -31.07 73.66
N GLY C 817 -8.59 -30.75 74.74
CA GLY C 817 -7.76 -29.55 74.71
C GLY C 817 -6.49 -29.58 75.53
N ALA C 818 -5.40 -29.06 74.96
CA ALA C 818 -4.16 -28.81 75.69
C ALA C 818 -3.28 -27.91 74.85
N VAL C 819 -2.89 -26.76 75.39
CA VAL C 819 -2.05 -25.81 74.66
C VAL C 819 -0.58 -26.25 74.61
N PRO C 820 0.11 -26.41 75.75
CA PRO C 820 1.57 -26.62 75.67
C PRO C 820 1.95 -27.99 75.14
N SER C 821 1.44 -29.03 75.79
CA SER C 821 1.90 -30.39 75.50
C SER C 821 1.56 -30.80 74.09
N MET C 822 0.55 -30.16 73.50
CA MET C 822 0.24 -30.42 72.10
C MET C 822 1.41 -30.05 71.21
N PHE C 823 1.98 -28.87 71.40
CA PHE C 823 2.96 -28.37 70.45
C PHE C 823 4.32 -28.21 71.10
N PRO C 824 5.20 -29.20 70.96
CA PRO C 824 6.54 -29.11 71.53
C PRO C 824 7.53 -28.54 70.54
N GLN C 825 8.56 -27.88 71.09
CA GLN C 825 9.70 -27.42 70.29
C GLN C 825 9.32 -26.31 69.31
N GLY C 826 8.03 -26.08 69.13
CA GLY C 826 7.56 -25.16 68.12
C GLY C 826 7.18 -25.92 66.87
N ALA C 827 5.90 -26.21 66.74
CA ALA C 827 5.37 -26.95 65.60
C ALA C 827 4.10 -26.25 65.17
N ALA C 828 3.72 -26.47 63.93
CA ALA C 828 2.66 -25.70 63.28
C ALA C 828 2.96 -24.21 63.35
N PRO C 829 4.02 -23.75 62.70
CA PRO C 829 4.33 -22.32 62.75
C PRO C 829 3.53 -21.55 61.73
N ARG C 830 2.25 -21.88 61.62
CA ARG C 830 1.33 -21.14 60.76
C ARG C 830 -0.06 -21.05 61.35
N LEU C 831 -0.28 -21.59 62.54
CA LEU C 831 -1.62 -21.61 63.11
C LEU C 831 -2.07 -20.20 63.42
N LYS C 832 -3.37 -19.95 63.25
CA LYS C 832 -3.94 -18.63 63.50
C LYS C 832 -5.19 -18.66 64.35
N ARG C 833 -5.87 -19.79 64.47
CA ARG C 833 -7.07 -19.89 65.28
C ARG C 833 -7.06 -21.23 65.97
N LEU C 834 -7.18 -21.24 67.29
CA LEU C 834 -7.16 -22.47 68.06
C LEU C 834 -8.43 -22.57 68.89
N TRP C 835 -9.03 -23.75 68.88
CA TRP C 835 -10.20 -24.06 69.68
C TRP C 835 -9.87 -25.24 70.57
N PHE C 836 -9.99 -25.07 71.88
CA PHE C 836 -9.73 -26.18 72.78
C PHE C 836 -10.57 -26.03 74.03
N THR C 837 -10.70 -27.15 74.75
CA THR C 837 -11.44 -27.20 76.00
C THR C 837 -10.48 -27.38 77.16
N PHE C 838 -10.84 -26.82 78.32
CA PHE C 838 -9.97 -26.83 79.50
C PHE C 838 -10.81 -27.01 80.75
N PRO C 839 -10.69 -28.14 81.46
CA PRO C 839 -11.43 -28.28 82.72
C PRO C 839 -10.84 -27.37 83.78
N ALA C 840 -11.71 -26.89 84.67
CA ALA C 840 -11.24 -26.05 85.78
C ALA C 840 -10.46 -26.88 86.79
N LYS C 841 -10.60 -28.20 86.75
CA LYS C 841 -9.83 -29.06 87.63
C LYS C 841 -8.34 -28.86 87.45
N TRP C 842 -7.89 -28.66 86.21
CA TRP C 842 -6.47 -28.55 85.95
C TRP C 842 -5.99 -27.12 86.18
N SER C 843 -6.36 -26.52 87.30
CA SER C 843 -5.81 -25.21 87.61
C SER C 843 -4.35 -25.32 88.03
N SER C 844 -3.95 -26.47 88.54
CA SER C 844 -2.59 -26.68 89.01
C SER C 844 -1.82 -27.61 88.08
N ILE C 848 1.56 -28.34 83.61
CA ILE C 848 0.87 -27.72 82.49
C ILE C 848 0.97 -26.20 82.57
N GLY C 849 1.48 -25.61 81.50
CA GLY C 849 1.61 -24.17 81.41
C GLY C 849 1.04 -23.62 80.12
N LEU C 850 0.39 -22.46 80.20
CA LEU C 850 -0.34 -21.92 79.05
C LEU C 850 0.50 -20.99 78.22
N GLY C 851 1.81 -21.22 78.15
CA GLY C 851 2.70 -20.38 77.39
C GLY C 851 2.41 -20.40 75.91
N MET C 852 2.10 -19.24 75.36
CA MET C 852 1.72 -19.10 73.96
C MET C 852 2.87 -18.62 73.09
N ARG C 853 4.11 -18.87 73.49
CA ARG C 853 5.26 -18.47 72.70
C ARG C 853 5.84 -19.60 71.87
N HIS C 854 5.29 -20.81 71.99
CA HIS C 854 5.59 -21.85 71.02
C HIS C 854 5.16 -21.41 69.62
N LEU C 855 4.01 -20.74 69.54
CA LEU C 855 3.33 -20.49 68.28
C LEU C 855 3.43 -19.02 67.95
N PRO C 856 4.20 -18.63 66.96
CA PRO C 856 4.31 -17.21 66.61
C PRO C 856 3.01 -16.64 66.08
N SER C 857 2.42 -17.31 65.10
CA SER C 857 1.40 -16.69 64.29
C SER C 857 0.01 -16.67 64.93
N LEU C 858 -0.11 -16.97 66.22
CA LEU C 858 -1.44 -16.99 66.85
C LEU C 858 -2.11 -15.64 66.73
N GLN C 859 -3.41 -15.66 66.42
CA GLN C 859 -4.20 -14.44 66.34
C GLN C 859 -5.57 -14.55 67.01
N ARG C 860 -6.03 -15.75 67.35
CA ARG C 860 -7.36 -15.90 67.93
C ARG C 860 -7.44 -17.24 68.63
N VAL C 861 -7.98 -17.22 69.85
CA VAL C 861 -8.16 -18.44 70.63
C VAL C 861 -9.56 -18.42 71.22
N VAL C 862 -10.26 -19.55 71.12
CA VAL C 862 -11.60 -19.72 71.67
C VAL C 862 -11.54 -20.89 72.64
N VAL C 863 -11.89 -20.64 73.89
CA VAL C 863 -11.80 -21.63 74.95
C VAL C 863 -13.17 -21.82 75.57
N ASP C 864 -13.37 -22.98 76.18
CA ASP C 864 -14.53 -23.23 77.04
C ASP C 864 -14.09 -24.05 78.23
N VAL C 865 -14.61 -23.71 79.40
CA VAL C 865 -14.14 -24.25 80.67
C VAL C 865 -15.25 -25.11 81.27
N ILE C 866 -14.86 -26.20 81.91
CA ILE C 866 -15.78 -27.08 82.61
C ILE C 866 -15.60 -26.85 84.09
N SER C 867 -16.64 -26.35 84.76
CA SER C 867 -16.50 -25.83 86.10
C SER C 867 -17.21 -26.65 87.16
N GLU C 868 -17.70 -27.86 86.86
CA GLU C 868 -18.51 -28.50 87.90
C GLU C 868 -17.61 -29.22 88.89
N GLY C 869 -16.54 -29.82 88.40
CA GLY C 869 -15.60 -30.50 89.28
C GLY C 869 -14.86 -29.57 90.22
N ALA C 870 -14.34 -28.47 89.69
CA ALA C 870 -13.59 -27.53 90.53
C ALA C 870 -14.50 -26.40 90.99
N SER C 871 -14.13 -25.79 92.11
CA SER C 871 -14.90 -24.70 92.66
C SER C 871 -14.69 -23.42 91.87
N ARG C 872 -15.53 -22.42 92.13
CA ARG C 872 -15.41 -21.13 91.47
C ARG C 872 -14.08 -20.46 91.77
N GLU C 873 -13.56 -20.66 92.98
CA GLU C 873 -12.29 -20.06 93.35
C GLU C 873 -11.15 -20.58 92.48
N GLU C 874 -11.23 -21.82 92.02
CA GLU C 874 -10.30 -22.26 90.99
C GLU C 874 -10.72 -21.77 89.61
N ALA C 875 -12.02 -21.56 89.39
CA ALA C 875 -12.51 -21.18 88.07
C ALA C 875 -11.97 -19.81 87.66
N ASP C 876 -12.22 -18.78 88.47
CA ASP C 876 -11.74 -17.45 88.14
C ASP C 876 -10.22 -17.39 88.17
N GLU C 877 -9.60 -18.20 89.02
CA GLU C 877 -8.16 -18.32 89.01
C GLU C 877 -7.65 -18.73 87.63
N ALA C 878 -8.18 -19.84 87.11
CA ALA C 878 -7.75 -20.31 85.79
C ALA C 878 -8.10 -19.30 84.71
N GLU C 879 -9.24 -18.62 84.86
CA GLU C 879 -9.62 -17.61 83.88
C GLU C 879 -8.57 -16.51 83.80
N ALA C 880 -8.27 -15.88 84.94
CA ALA C 880 -7.25 -14.83 84.94
C ALA C 880 -5.91 -15.37 84.48
N ALA C 881 -5.61 -16.62 84.81
CA ALA C 881 -4.32 -17.20 84.42
C ALA C 881 -4.18 -17.28 82.92
N LEU C 882 -5.17 -17.87 82.24
CA LEU C 882 -5.07 -17.99 80.79
C LEU C 882 -5.20 -16.62 80.12
N ARG C 883 -5.94 -15.70 80.75
CA ARG C 883 -5.98 -14.34 80.20
C ARG C 883 -4.60 -13.72 80.18
N ALA C 884 -3.86 -13.82 81.29
CA ALA C 884 -2.49 -13.30 81.31
C ALA C 884 -1.63 -14.04 80.30
N ALA C 885 -1.81 -15.35 80.20
CA ALA C 885 -1.03 -16.13 79.24
C ALA C 885 -1.29 -15.68 77.81
N ALA C 886 -2.49 -15.18 77.54
CA ALA C 886 -2.76 -14.62 76.22
C ALA C 886 -2.19 -13.22 76.08
N GLU C 887 -2.16 -12.46 77.18
CA GLU C 887 -1.69 -11.08 77.10
C GLU C 887 -0.19 -11.01 76.91
N ASP C 888 0.56 -11.99 77.40
CA ASP C 888 2.02 -11.91 77.27
C ASP C 888 2.46 -12.06 75.81
N HIS C 889 1.69 -12.80 75.03
CA HIS C 889 2.07 -13.07 73.64
C HIS C 889 2.17 -11.76 72.87
N PRO C 890 3.19 -11.60 72.01
CA PRO C 890 3.35 -10.32 71.31
C PRO C 890 2.22 -10.01 70.35
N ASN C 891 1.72 -11.01 69.63
CA ASN C 891 0.60 -10.78 68.73
C ASN C 891 -0.68 -10.42 69.46
N ARG C 892 -0.79 -10.82 70.73
CA ARG C 892 -1.94 -10.51 71.58
C ARG C 892 -3.24 -10.99 70.96
N PRO C 893 -3.46 -12.31 70.90
CA PRO C 893 -4.70 -12.81 70.33
C PRO C 893 -5.90 -12.50 71.22
N ILE C 894 -7.08 -12.79 70.69
CA ILE C 894 -8.33 -12.52 71.38
C ILE C 894 -8.81 -13.80 72.04
N LEU C 895 -9.44 -13.66 73.20
CA LEU C 895 -9.93 -14.80 73.96
C LEU C 895 -11.45 -14.83 74.02
N ASP C 896 -11.96 -16.03 74.30
CA ASP C 896 -13.37 -16.27 74.57
C ASP C 896 -13.47 -17.49 75.46
N ILE C 897 -14.04 -17.32 76.66
CA ILE C 897 -14.06 -18.41 77.63
C ILE C 897 -15.35 -19.21 77.53
N TRP C 898 -16.47 -18.54 77.31
CA TRP C 898 -17.75 -19.23 77.11
C TRP C 898 -18.12 -20.16 78.28
N VAL D 1 -71.70 -5.01 70.55
CA VAL D 1 -71.31 -4.79 71.95
C VAL D 1 -70.24 -5.78 72.40
N ASN D 2 -69.27 -5.27 73.16
CA ASN D 2 -68.27 -6.08 73.81
C ASN D 2 -68.49 -6.08 75.32
N PHE D 3 -68.64 -7.28 75.88
CA PHE D 3 -68.78 -7.40 77.33
C PHE D 3 -67.48 -6.99 78.01
N PRO D 4 -67.55 -6.19 79.06
CA PRO D 4 -66.32 -5.71 79.70
C PRO D 4 -65.63 -6.81 80.49
N PHE D 5 -64.31 -6.68 80.61
CA PHE D 5 -63.52 -7.70 81.26
C PHE D 5 -63.82 -7.77 82.75
N PRO D 6 -63.85 -8.96 83.34
CA PRO D 6 -63.94 -9.07 84.79
C PRO D 6 -62.66 -8.60 85.44
N LYS D 7 -62.79 -7.93 86.57
CA LYS D 7 -61.66 -7.33 87.29
C LYS D 7 -61.72 -7.82 88.73
N LYS D 8 -61.12 -8.99 88.98
CA LYS D 8 -61.07 -9.55 90.31
C LYS D 8 -59.65 -9.95 90.64
N MET D 9 -59.31 -9.76 91.91
CA MET D 9 -58.03 -10.20 92.45
C MET D 9 -58.28 -11.51 93.20
N ILE D 10 -57.40 -12.49 93.01
CA ILE D 10 -57.72 -13.87 93.35
C ILE D 10 -57.68 -14.05 94.87
N THR D 11 -58.73 -14.66 95.41
CA THR D 11 -58.92 -14.82 96.84
C THR D 11 -58.81 -16.30 97.21
N GLU D 12 -58.19 -16.59 98.35
CA GLU D 12 -58.09 -17.97 98.82
C GLU D 12 -59.45 -18.52 99.17
N SER D 13 -60.39 -17.64 99.54
CA SER D 13 -61.74 -18.07 99.90
C SER D 13 -62.41 -18.81 98.74
N ASN D 14 -62.60 -18.14 97.61
CA ASN D 14 -63.19 -18.80 96.46
C ASN D 14 -62.22 -19.78 95.84
N SER D 15 -60.92 -19.58 96.09
CA SER D 15 -59.92 -20.55 95.68
C SER D 15 -60.22 -21.93 96.23
N LYS D 16 -60.57 -22.02 97.51
CA LYS D 16 -60.91 -23.31 98.10
C LYS D 16 -62.03 -23.98 97.32
N ASP D 17 -63.13 -23.26 97.11
CA ASP D 17 -64.29 -23.85 96.44
C ASP D 17 -63.94 -24.29 95.04
N ILE D 18 -63.32 -23.40 94.26
CA ILE D 18 -62.98 -23.74 92.88
C ILE D 18 -61.99 -24.89 92.84
N ARG D 19 -61.09 -24.95 93.82
CA ARG D 19 -60.09 -26.01 93.85
C ARG D 19 -60.72 -27.37 94.09
N GLU D 20 -61.54 -27.50 95.13
CA GLU D 20 -62.17 -28.80 95.33
C GLU D 20 -63.15 -29.13 94.21
N TYR D 21 -63.74 -28.10 93.59
CA TYR D 21 -64.62 -28.38 92.46
C TYR D 21 -63.85 -29.01 91.31
N LEU D 22 -62.68 -28.44 90.99
CA LEU D 22 -61.85 -29.03 89.94
C LEU D 22 -61.33 -30.40 90.34
N ALA D 23 -61.04 -30.59 91.63
CA ALA D 23 -60.53 -31.88 92.09
C ALA D 23 -61.62 -32.95 92.14
N SER D 24 -62.89 -32.54 92.16
CA SER D 24 -64.00 -33.47 92.28
C SER D 24 -64.56 -33.88 90.92
N THR D 25 -64.81 -32.91 90.04
CA THR D 25 -65.40 -33.22 88.75
C THR D 25 -64.41 -33.94 87.85
N PHE D 26 -64.93 -34.86 87.03
CA PHE D 26 -64.08 -35.81 86.33
C PHE D 26 -63.08 -35.17 85.38
N PRO D 27 -63.50 -34.38 84.37
CA PRO D 27 -62.51 -33.96 83.36
C PRO D 27 -61.44 -33.04 83.91
N PHE D 28 -61.75 -32.25 84.93
CA PHE D 28 -60.79 -31.30 85.48
C PHE D 28 -59.84 -31.94 86.48
N GLU D 29 -60.01 -33.22 86.80
CA GLU D 29 -59.08 -33.91 87.69
C GLU D 29 -57.73 -34.11 87.03
N GLN D 30 -57.72 -34.79 85.89
CA GLN D 30 -56.47 -35.17 85.23
C GLN D 30 -55.76 -33.99 84.56
N GLN D 31 -56.47 -32.89 84.33
CA GLN D 31 -55.86 -31.70 83.76
C GLN D 31 -55.42 -30.74 84.87
N SER D 32 -54.32 -30.04 84.60
CA SER D 32 -53.87 -28.92 85.41
C SER D 32 -54.25 -27.63 84.70
N THR D 33 -54.21 -26.55 85.45
CA THR D 33 -54.77 -25.27 85.04
C THR D 33 -53.70 -24.20 85.07
N ILE D 34 -53.97 -23.09 84.39
CA ILE D 34 -53.02 -21.99 84.46
C ILE D 34 -53.04 -21.38 85.85
N LEU D 35 -54.18 -21.49 86.55
CA LEU D 35 -54.34 -20.82 87.83
C LEU D 35 -53.38 -21.35 88.89
N ASP D 36 -52.75 -22.49 88.65
CA ASP D 36 -51.71 -22.98 89.55
C ASP D 36 -50.55 -22.00 89.63
N SER D 37 -50.41 -21.13 88.63
CA SER D 37 -49.38 -20.11 88.60
C SER D 37 -49.66 -18.96 89.56
N VAL D 38 -50.86 -18.88 90.10
CA VAL D 38 -51.24 -17.76 90.95
C VAL D 38 -50.58 -17.92 92.32
N LYS D 39 -50.49 -16.82 93.08
CA LYS D 39 -49.81 -16.84 94.37
C LYS D 39 -50.42 -17.86 95.32
N SER D 40 -51.69 -17.66 95.68
CA SER D 40 -52.34 -18.44 96.75
C SER D 40 -53.65 -19.02 96.23
N ILE D 41 -53.54 -20.18 95.57
CA ILE D 41 -54.68 -21.04 95.33
C ILE D 41 -54.33 -22.46 95.77
N ALA D 42 -53.44 -22.56 96.75
CA ALA D 42 -52.83 -23.84 97.09
C ALA D 42 -53.86 -24.74 97.77
N LYS D 43 -53.38 -25.83 98.39
CA LYS D 43 -54.22 -26.88 98.94
C LYS D 43 -54.94 -27.69 97.87
N VAL D 44 -54.20 -28.51 97.12
CA VAL D 44 -54.77 -29.36 96.08
C VAL D 44 -55.31 -30.68 96.65
N GLN D 45 -54.56 -31.36 97.53
CA GLN D 45 -54.85 -32.71 98.02
C GLN D 45 -55.32 -33.66 96.91
N ILE D 46 -54.44 -34.02 95.98
CA ILE D 46 -54.83 -35.04 95.00
C ILE D 46 -53.88 -36.23 95.07
N ASP D 47 -54.45 -37.42 94.91
CA ASP D 47 -53.73 -38.69 94.76
C ASP D 47 -54.03 -39.29 93.39
N ASP D 48 -52.99 -39.83 92.75
CA ASP D 48 -53.11 -40.31 91.38
C ASP D 48 -53.45 -41.79 91.28
N ARG D 49 -53.44 -42.54 92.37
CA ARG D 49 -53.74 -43.97 92.27
C ARG D 49 -55.17 -44.20 91.77
N LYS D 50 -56.14 -43.47 92.35
CA LYS D 50 -57.51 -43.60 91.89
C LYS D 50 -57.66 -43.12 90.45
N ALA D 51 -57.05 -41.99 90.11
CA ALA D 51 -57.10 -41.53 88.72
C ALA D 51 -56.47 -42.57 87.80
N PHE D 52 -55.47 -43.29 88.31
CA PHE D 52 -54.76 -44.28 87.51
C PHE D 52 -55.65 -45.48 87.21
N ASP D 53 -56.27 -46.05 88.23
CA ASP D 53 -57.13 -47.20 87.96
C ASP D 53 -58.38 -46.78 87.19
N LEU D 54 -58.81 -45.52 87.37
CA LEU D 54 -59.85 -44.97 86.49
C LEU D 54 -59.42 -44.99 85.05
N GLN D 55 -58.17 -44.56 84.77
CA GLN D 55 -57.66 -44.62 83.41
C GLN D 55 -57.61 -46.05 82.91
N LEU D 56 -57.26 -46.99 83.79
CA LEU D 56 -57.26 -48.39 83.43
C LEU D 56 -58.64 -48.83 82.95
N LYS D 57 -59.67 -48.51 83.74
CA LYS D 57 -61.04 -48.86 83.36
C LYS D 57 -61.43 -48.18 82.06
N PHE D 58 -61.05 -46.90 81.90
CA PHE D 58 -61.36 -46.18 80.67
C PHE D 58 -60.76 -46.86 79.46
N ARG D 59 -59.49 -47.26 79.56
CA ARG D 59 -58.83 -47.92 78.44
C ARG D 59 -59.47 -49.26 78.13
N GLN D 60 -59.77 -50.05 79.18
CA GLN D 60 -60.45 -51.32 78.98
C GLN D 60 -61.77 -51.13 78.25
N GLU D 61 -62.59 -50.20 78.74
CA GLU D 61 -63.89 -49.96 78.13
C GLU D 61 -63.76 -49.51 76.68
N ASN D 62 -62.79 -48.63 76.40
CA ASN D 62 -62.68 -48.08 75.05
C ASN D 62 -62.20 -49.15 74.07
N LEU D 63 -61.23 -49.97 74.47
CA LEU D 63 -60.78 -51.04 73.59
C LEU D 63 -61.92 -52.04 73.34
N ALA D 64 -62.68 -52.38 74.39
CA ALA D 64 -63.81 -53.26 74.20
C ALA D 64 -64.82 -52.68 73.23
N GLU D 65 -65.10 -51.37 73.36
CA GLU D 65 -66.11 -50.74 72.51
C GLU D 65 -65.68 -50.72 71.05
N LEU D 66 -64.41 -50.36 70.78
CA LEU D 66 -63.95 -50.36 69.40
C LEU D 66 -63.93 -51.76 68.83
N LYS D 67 -63.60 -52.76 69.66
CA LYS D 67 -63.68 -54.14 69.17
C LYS D 67 -65.11 -54.50 68.79
N ASP D 68 -66.06 -54.10 69.64
CA ASP D 68 -67.49 -54.27 69.32
C ASP D 68 -67.80 -53.69 67.95
N GLN D 69 -67.28 -52.48 67.69
CA GLN D 69 -67.55 -51.87 66.40
C GLN D 69 -66.81 -52.58 65.28
N ILE D 70 -65.67 -53.20 65.59
CA ILE D 70 -64.86 -53.83 64.56
C ILE D 70 -65.55 -55.07 64.00
N ILE D 71 -66.16 -55.87 64.88
CA ILE D 71 -66.86 -57.06 64.39
C ILE D 71 -67.93 -56.66 63.36
N LEU D 72 -68.79 -55.71 63.71
CA LEU D 72 -69.88 -55.34 62.82
C LEU D 72 -69.39 -54.57 61.61
N SER D 73 -68.27 -53.84 61.73
CA SER D 73 -67.67 -53.22 60.56
C SER D 73 -67.10 -54.26 59.61
N LEU D 74 -66.64 -55.40 60.13
CA LEU D 74 -66.26 -56.51 59.27
C LEU D 74 -67.49 -57.18 58.66
N GLY D 75 -68.62 -57.13 59.36
CA GLY D 75 -69.82 -57.78 58.86
C GLY D 75 -70.27 -57.24 57.51
N ALA D 76 -70.38 -55.92 57.38
CA ALA D 76 -70.85 -55.27 56.15
C ALA D 76 -69.87 -54.16 55.78
N ASN D 77 -68.91 -54.51 54.92
CA ASN D 77 -67.84 -53.62 54.53
C ASN D 77 -67.92 -53.36 53.03
N ASN D 78 -67.57 -52.14 52.63
CA ASN D 78 -67.61 -51.74 51.23
C ASN D 78 -66.24 -51.90 50.59
N GLY D 79 -65.91 -53.12 50.23
CA GLY D 79 -64.57 -53.44 49.80
C GLY D 79 -63.79 -53.95 50.99
N ASN D 80 -63.56 -55.26 51.05
CA ASN D 80 -63.00 -55.85 52.25
C ASN D 80 -61.59 -55.32 52.50
N GLN D 81 -61.39 -54.73 53.67
CA GLN D 81 -60.12 -54.12 54.03
C GLN D 81 -59.35 -54.95 55.04
N ASN D 82 -59.58 -56.26 55.08
CA ASN D 82 -58.88 -57.16 56.00
C ASN D 82 -59.06 -56.67 57.45
N TRP D 83 -60.32 -56.44 57.80
CA TRP D 83 -60.62 -55.87 59.11
C TRP D 83 -60.30 -56.85 60.23
N GLN D 84 -60.32 -58.14 59.94
CA GLN D 84 -59.94 -59.12 60.94
C GLN D 84 -58.47 -58.98 61.33
N LYS D 85 -57.66 -58.34 60.48
CA LYS D 85 -56.27 -58.05 60.84
C LYS D 85 -56.21 -57.03 61.97
N LEU D 86 -56.91 -55.91 61.81
CA LEU D 86 -57.04 -54.96 62.90
C LEU D 86 -57.70 -55.61 64.12
N LEU D 87 -58.59 -56.57 63.89
CA LEU D 87 -59.17 -57.29 65.02
C LEU D 87 -58.12 -58.10 65.76
N ASP D 88 -57.26 -58.81 65.04
CA ASP D 88 -56.15 -59.51 65.70
C ASP D 88 -55.26 -58.52 66.43
N TYR D 89 -55.10 -57.33 65.87
CA TYR D 89 -54.32 -56.31 66.55
C TYR D 89 -54.94 -55.95 67.89
N THR D 90 -56.25 -55.70 67.91
CA THR D 90 -56.89 -55.39 69.19
C THR D 90 -56.96 -56.63 70.08
N ASN D 91 -56.92 -57.83 69.49
CA ASN D 91 -56.84 -59.04 70.29
C ASN D 91 -55.55 -59.09 71.09
N LYS D 92 -54.40 -58.96 70.41
CA LYS D 92 -53.14 -58.93 71.13
C LYS D 92 -53.05 -57.71 72.04
N LEU D 93 -53.73 -56.63 71.65
CA LEU D 93 -53.83 -55.44 72.50
C LEU D 93 -54.45 -55.78 73.86
N ASP D 94 -55.65 -56.37 73.84
CA ASP D 94 -56.28 -56.75 75.11
C ASP D 94 -55.47 -57.81 75.83
N GLU D 95 -54.84 -58.73 75.09
CA GLU D 95 -54.00 -59.75 75.71
C GLU D 95 -52.89 -59.11 76.52
N LEU D 96 -52.06 -58.29 75.88
CA LEU D 96 -50.98 -57.59 76.57
C LEU D 96 -51.52 -56.73 77.70
N SER D 97 -52.70 -56.15 77.52
CA SER D 97 -53.24 -55.23 78.51
C SER D 97 -53.65 -55.93 79.79
N ASN D 98 -54.13 -57.18 79.71
CA ASN D 98 -54.71 -57.76 80.90
C ASN D 98 -53.68 -58.46 81.79
N THR D 99 -52.79 -59.25 81.21
CA THR D 99 -51.92 -60.10 82.01
C THR D 99 -50.69 -59.34 82.48
N LYS D 100 -50.09 -59.84 83.55
CA LYS D 100 -48.74 -59.46 83.91
C LYS D 100 -47.75 -60.44 83.29
N ILE D 101 -46.73 -59.91 82.61
CA ILE D 101 -45.73 -60.73 81.94
C ILE D 101 -44.34 -60.19 82.29
N SER D 102 -43.32 -60.86 81.77
CA SER D 102 -41.96 -60.37 81.94
C SER D 102 -41.77 -59.11 81.09
N PRO D 103 -40.87 -58.22 81.53
CA PRO D 103 -40.63 -56.99 80.73
C PRO D 103 -40.17 -57.25 79.31
N GLU D 104 -39.35 -58.28 79.09
CA GLU D 104 -38.82 -58.53 77.76
C GLU D 104 -39.93 -58.91 76.78
N GLU D 105 -40.84 -59.78 77.20
CA GLU D 105 -41.93 -60.19 76.31
C GLU D 105 -42.79 -59.00 75.91
N PHE D 106 -43.10 -58.13 76.88
CA PHE D 106 -43.85 -56.92 76.58
C PHE D 106 -43.12 -56.04 75.57
N ILE D 107 -41.81 -55.88 75.76
CA ILE D 107 -41.01 -55.15 74.78
C ILE D 107 -41.19 -55.75 73.39
N GLU D 108 -40.95 -57.06 73.28
CA GLU D 108 -40.99 -57.70 71.96
C GLU D 108 -42.33 -57.49 71.28
N GLU D 109 -43.41 -57.77 72.00
CA GLU D 109 -44.72 -57.78 71.35
C GLU D 109 -45.18 -56.36 71.05
N ILE D 110 -44.88 -55.41 71.95
CA ILE D 110 -45.19 -54.01 71.69
C ILE D 110 -44.45 -53.53 70.45
N GLN D 111 -43.15 -53.81 70.37
CA GLN D 111 -42.39 -53.40 69.20
C GLN D 111 -42.92 -54.05 67.93
N LYS D 112 -43.30 -55.33 68.01
CA LYS D 112 -43.80 -56.02 66.82
C LYS D 112 -45.07 -55.38 66.30
N VAL D 113 -46.07 -55.23 67.18
CA VAL D 113 -47.33 -54.64 66.76
C VAL D 113 -47.12 -53.23 66.23
N LEU D 114 -46.30 -52.43 66.94
CA LEU D 114 -46.10 -51.05 66.53
C LEU D 114 -45.40 -50.97 65.18
N TYR D 115 -44.41 -51.83 64.96
CA TYR D 115 -43.65 -51.78 63.72
C TYR D 115 -44.46 -52.32 62.54
N LYS D 116 -45.41 -53.22 62.78
CA LYS D 116 -46.19 -53.71 61.65
C LYS D 116 -47.41 -52.84 61.37
N VAL D 117 -47.90 -52.07 62.35
CA VAL D 117 -48.91 -51.08 61.98
C VAL D 117 -48.28 -49.92 61.21
N LYS D 118 -46.95 -49.82 61.22
CA LYS D 118 -46.27 -48.73 60.51
C LYS D 118 -46.67 -48.66 59.04
N LEU D 119 -46.71 -49.80 58.35
CA LEU D 119 -47.04 -49.81 56.95
C LEU D 119 -48.58 -49.87 56.81
N SER D 123 -55.35 -46.91 52.91
CA SER D 123 -55.69 -45.64 52.30
C SER D 123 -57.08 -45.68 51.67
N THR D 124 -57.72 -46.84 51.76
CA THR D 124 -59.03 -47.02 51.14
C THR D 124 -60.11 -46.20 51.86
N SER D 125 -60.36 -46.51 53.13
CA SER D 125 -61.35 -45.80 53.92
C SER D 125 -60.68 -44.80 54.85
N LYS D 126 -61.48 -43.88 55.39
CA LYS D 126 -60.91 -42.88 56.27
C LYS D 126 -61.02 -43.30 57.72
N LEU D 127 -62.18 -43.82 58.13
CA LEU D 127 -62.34 -44.32 59.49
C LEU D 127 -61.53 -45.60 59.69
N TYR D 128 -61.19 -46.29 58.60
CA TYR D 128 -60.20 -47.36 58.69
C TYR D 128 -58.89 -46.83 59.25
N SER D 129 -58.37 -45.77 58.62
CA SER D 129 -57.16 -45.14 59.13
C SER D 129 -57.37 -44.59 60.54
N GLN D 130 -58.58 -44.11 60.83
CA GLN D 130 -58.88 -43.67 62.19
C GLN D 130 -58.72 -44.81 63.19
N PHE D 131 -59.22 -45.99 62.82
CA PHE D 131 -59.07 -47.16 63.68
C PHE D 131 -57.61 -47.54 63.85
N ASN D 132 -56.83 -47.43 62.76
CA ASN D 132 -55.39 -47.70 62.86
C ASN D 132 -54.72 -46.75 63.85
N LEU D 133 -55.03 -45.46 63.71
CA LEU D 133 -54.47 -44.45 64.59
C LEU D 133 -54.86 -44.70 66.04
N SER D 134 -56.12 -45.06 66.26
CA SER D 134 -56.57 -45.37 67.61
C SER D 134 -55.86 -46.60 68.16
N ILE D 135 -55.62 -47.59 67.31
CA ILE D 135 -54.84 -48.75 67.74
C ILE D 135 -53.48 -48.32 68.25
N GLN D 136 -52.78 -47.48 67.47
CA GLN D 136 -51.46 -47.01 67.88
C GLN D 136 -51.53 -46.24 69.19
N ASP D 137 -52.50 -45.33 69.29
CA ASP D 137 -52.62 -44.50 70.49
C ASP D 137 -52.89 -45.37 71.72
N PHE D 138 -53.77 -46.35 71.59
CA PHE D 138 -54.06 -47.22 72.72
C PHE D 138 -52.85 -48.06 73.09
N ALA D 139 -52.07 -48.49 72.10
CA ALA D 139 -50.86 -49.25 72.40
C ALA D 139 -49.89 -48.43 73.24
N LEU D 140 -49.61 -47.19 72.81
CA LEU D 140 -48.65 -46.41 73.58
C LEU D 140 -49.25 -45.92 74.90
N GLN D 141 -50.58 -45.81 74.99
CA GLN D 141 -51.21 -45.58 76.29
C GLN D 141 -51.00 -46.76 77.21
N ILE D 142 -51.10 -47.98 76.68
CA ILE D 142 -50.77 -49.17 77.44
C ILE D 142 -49.34 -49.10 77.93
N ILE D 143 -48.43 -48.64 77.06
CA ILE D 143 -47.04 -48.48 77.44
C ILE D 143 -46.91 -47.54 78.65
N HIS D 144 -47.55 -46.38 78.56
CA HIS D 144 -47.47 -45.42 79.64
C HIS D 144 -48.03 -45.99 80.94
N SER D 145 -49.19 -46.61 80.88
CA SER D 145 -49.78 -47.21 82.09
C SER D 145 -48.86 -48.27 82.67
N LYS D 146 -48.32 -49.13 81.81
CA LYS D 146 -47.42 -50.19 82.27
C LYS D 146 -46.20 -49.61 82.98
N TYR D 147 -45.64 -48.53 82.43
CA TYR D 147 -44.51 -47.89 83.11
C TYR D 147 -44.95 -47.34 84.46
N LYS D 148 -46.11 -46.68 84.50
CA LYS D 148 -46.59 -46.14 85.76
C LYS D 148 -46.97 -47.25 86.73
N SER D 149 -47.27 -48.43 86.22
CA SER D 149 -47.59 -49.57 87.09
C SER D 149 -46.35 -50.22 87.70
N ASN D 150 -45.18 -49.59 87.57
CA ASN D 150 -43.92 -50.02 88.17
C ASN D 150 -43.51 -51.42 87.73
N GLN D 151 -44.11 -51.95 86.67
CA GLN D 151 -43.72 -53.25 86.15
C GLN D 151 -42.56 -53.15 85.17
N ILE D 152 -42.16 -51.93 84.79
CA ILE D 152 -41.08 -51.70 83.84
C ILE D 152 -40.14 -50.66 84.43
N SER D 153 -38.85 -50.89 84.27
CA SER D 153 -37.84 -50.02 84.84
C SER D 153 -37.74 -48.72 84.05
N GLN D 154 -36.74 -47.91 84.38
CA GLN D 154 -36.45 -46.72 83.59
C GLN D 154 -35.49 -47.04 82.46
N ASN D 155 -34.51 -47.90 82.73
CA ASN D 155 -33.47 -48.22 81.76
C ASN D 155 -34.09 -48.77 80.48
N ASP D 156 -34.92 -49.80 80.63
CA ASP D 156 -35.58 -50.42 79.48
C ASP D 156 -36.56 -49.46 78.81
N LEU D 157 -37.25 -48.63 79.58
CA LEU D 157 -38.16 -47.66 78.97
C LEU D 157 -37.40 -46.72 78.04
N LEU D 158 -36.22 -46.27 78.47
CA LEU D 158 -35.40 -45.43 77.61
C LEU D 158 -34.93 -46.19 76.38
N LYS D 159 -34.38 -47.39 76.59
CA LYS D 159 -33.94 -48.21 75.45
C LYS D 159 -35.08 -48.46 74.48
N LEU D 160 -36.31 -48.42 74.95
CA LEU D 160 -37.48 -48.58 74.10
C LEU D 160 -37.79 -47.31 73.34
N ILE D 161 -37.78 -46.17 74.04
CA ILE D 161 -38.32 -44.94 73.45
C ILE D 161 -37.27 -44.21 72.64
N THR D 162 -36.00 -44.29 73.06
CA THR D 162 -34.96 -43.49 72.42
C THR D 162 -34.55 -44.02 71.06
N GLU D 163 -34.86 -45.28 70.72
CA GLU D 163 -34.51 -45.78 69.40
C GLU D 163 -35.32 -45.02 68.34
N ASP D 164 -34.75 -44.90 67.14
CA ASP D 164 -35.20 -43.90 66.17
C ASP D 164 -36.66 -44.06 65.80
N GLU D 165 -37.08 -45.29 65.47
CA GLU D 165 -38.42 -45.49 64.93
C GLU D 165 -39.50 -45.05 65.91
N MET D 166 -39.32 -45.31 67.20
CA MET D 166 -40.30 -44.88 68.17
C MET D 166 -40.37 -43.36 68.24
N LEU D 167 -39.23 -42.69 68.10
CA LEU D 167 -39.24 -41.23 68.05
C LEU D 167 -39.99 -40.74 66.82
N LYS D 168 -39.84 -41.42 65.69
CA LYS D 168 -40.52 -41.01 64.48
C LYS D 168 -42.01 -41.35 64.50
N ILE D 169 -42.48 -42.04 65.53
CA ILE D 169 -43.87 -42.43 65.65
C ILE D 169 -44.60 -41.60 66.70
N LEU D 170 -43.91 -41.29 67.80
CA LEU D 170 -44.52 -40.48 68.86
C LEU D 170 -45.09 -39.19 68.30
N ALA D 171 -44.30 -38.45 67.51
CA ALA D 171 -44.76 -37.17 67.01
C ALA D 171 -45.91 -37.33 66.02
N LYS D 172 -45.81 -38.32 65.15
CA LYS D 172 -46.88 -38.58 64.19
C LYS D 172 -48.20 -38.79 64.91
N THR D 173 -48.20 -39.67 65.92
CA THR D 173 -49.45 -39.94 66.61
C THR D 173 -49.90 -38.72 67.39
N LYS D 174 -48.97 -38.06 68.11
CA LYS D 174 -49.32 -36.92 68.94
C LYS D 174 -49.96 -35.80 68.16
N VAL D 175 -49.57 -35.63 66.90
CA VAL D 175 -50.18 -34.58 66.08
C VAL D 175 -51.45 -35.06 65.42
N LEU D 176 -51.42 -36.25 64.81
CA LEU D 176 -52.55 -36.71 64.03
C LEU D 176 -53.78 -36.96 64.90
N THR D 177 -53.60 -37.57 66.07
CA THR D 177 -54.74 -37.82 66.93
C THR D 177 -55.35 -36.52 67.42
N TYR D 178 -54.51 -35.57 67.83
CA TYR D 178 -55.02 -34.28 68.27
C TYR D 178 -55.81 -33.59 67.17
N LYS D 179 -55.29 -33.61 65.94
CA LYS D 179 -56.03 -33.05 64.82
C LYS D 179 -57.38 -33.74 64.66
N MET D 180 -57.35 -35.06 64.46
CA MET D 180 -58.57 -35.83 64.23
C MET D 180 -59.59 -35.64 65.35
N LYS D 181 -59.13 -35.36 66.56
CA LYS D 181 -60.06 -35.26 67.69
C LYS D 181 -60.56 -33.85 67.94
N TYR D 182 -59.79 -32.81 67.60
CA TYR D 182 -60.14 -31.47 68.03
C TYR D 182 -60.25 -30.45 66.91
N PHE D 183 -59.98 -30.81 65.65
CA PHE D 183 -59.91 -29.79 64.61
C PHE D 183 -61.25 -29.16 64.33
N ASP D 184 -62.31 -29.97 64.25
CA ASP D 184 -63.64 -29.42 63.97
C ASP D 184 -64.13 -28.55 65.12
N SER D 185 -63.87 -28.99 66.36
CA SER D 185 -64.20 -28.17 67.51
C SER D 185 -63.48 -26.84 67.48
N ALA D 186 -62.19 -26.87 67.13
CA ALA D 186 -61.40 -25.63 67.09
C ALA D 186 -61.88 -24.71 65.97
N SER D 187 -62.29 -25.29 64.84
CA SER D 187 -62.80 -24.50 63.73
C SER D 187 -64.12 -23.83 64.08
N LYS D 188 -65.07 -24.59 64.64
CA LYS D 188 -66.35 -23.98 65.02
C LYS D 188 -66.15 -22.95 66.12
N MET D 189 -65.22 -23.21 67.05
CA MET D 189 -64.92 -22.21 68.07
C MET D 189 -64.10 -21.05 67.50
N GLY D 190 -63.46 -21.23 66.36
CA GLY D 190 -62.71 -20.16 65.74
C GLY D 190 -61.38 -19.85 66.39
N ILE D 191 -60.76 -20.82 67.04
CA ILE D 191 -59.44 -20.65 67.64
C ILE D 191 -58.38 -21.50 66.97
N ASN D 192 -58.75 -22.32 65.97
CA ASN D 192 -57.80 -23.21 65.32
C ASN D 192 -56.56 -22.47 64.82
N LYS D 193 -56.72 -21.19 64.46
CA LYS D 193 -55.57 -20.39 64.10
C LYS D 193 -54.59 -20.21 65.25
N TYR D 194 -54.97 -20.59 66.47
CA TYR D 194 -54.09 -20.53 67.64
C TYR D 194 -54.04 -21.94 68.22
N ILE D 195 -53.16 -22.77 67.66
CA ILE D 195 -52.94 -24.14 68.12
C ILE D 195 -51.43 -24.38 68.06
N SER D 196 -50.80 -24.50 69.22
CA SER D 196 -49.36 -24.66 69.30
C SER D 196 -49.01 -26.09 69.68
N THR D 197 -48.06 -26.67 68.95
CA THR D 197 -47.55 -27.98 69.32
C THR D 197 -46.92 -27.98 70.71
N GLU D 198 -46.54 -26.81 71.21
CA GLU D 198 -45.88 -26.74 72.50
C GLU D 198 -46.82 -27.07 73.64
N MET D 199 -48.10 -26.70 73.52
CA MET D 199 -49.07 -26.90 74.58
C MET D 199 -50.02 -28.07 74.29
N MET D 200 -49.64 -28.97 73.40
CA MET D 200 -50.46 -30.14 73.14
C MET D 200 -50.62 -30.99 74.38
N ASP D 201 -49.52 -31.25 75.09
CA ASP D 201 -49.56 -32.16 76.23
C ASP D 201 -50.01 -31.44 77.50
N LEU D 202 -51.13 -30.72 77.41
CA LEU D 202 -51.77 -30.12 78.58
C LEU D 202 -53.21 -30.57 78.72
N ASP D 203 -53.68 -31.45 77.84
CA ASP D 203 -55.01 -32.03 77.93
C ASP D 203 -54.91 -33.41 78.58
N TRP D 204 -55.95 -33.78 79.30
CA TRP D 204 -55.99 -35.12 79.88
C TRP D 204 -55.96 -36.20 78.81
N GLN D 205 -56.33 -35.86 77.58
CA GLN D 205 -56.27 -36.81 76.47
C GLN D 205 -54.84 -37.10 76.05
N PHE D 206 -53.89 -36.24 76.40
CA PHE D 206 -52.50 -36.43 76.01
C PHE D 206 -51.57 -36.25 77.20
N SER D 207 -51.99 -36.72 78.37
CA SER D 207 -51.11 -36.64 79.53
C SER D 207 -49.96 -37.61 79.41
N HIS D 208 -50.23 -38.83 78.94
CA HIS D 208 -49.18 -39.84 78.80
C HIS D 208 -47.98 -39.30 78.03
N TYR D 209 -48.20 -38.66 76.86
CA TYR D 209 -47.10 -38.04 76.14
C TYR D 209 -46.23 -37.21 77.08
N LYS D 210 -46.86 -36.28 77.82
CA LYS D 210 -46.15 -35.44 78.77
C LYS D 210 -45.17 -36.25 79.61
N THR D 211 -45.63 -37.38 80.15
CA THR D 211 -44.74 -38.25 80.92
C THR D 211 -43.45 -38.52 80.15
N PHE D 212 -43.57 -39.19 79.00
CA PHE D 212 -42.42 -39.42 78.14
C PHE D 212 -41.56 -38.16 78.04
N ASN D 213 -42.20 -37.02 77.76
CA ASN D 213 -41.46 -35.77 77.61
C ASN D 213 -40.53 -35.54 78.79
N ASP D 214 -41.06 -35.46 80.01
CA ASP D 214 -40.18 -35.17 81.13
C ASP D 214 -39.16 -36.28 81.33
N ALA D 215 -39.55 -37.51 80.99
CA ALA D 215 -38.60 -38.62 81.04
C ALA D 215 -37.34 -38.29 80.25
N LEU D 216 -37.49 -37.77 79.04
CA LEU D 216 -36.31 -37.37 78.28
C LEU D 216 -35.63 -36.18 78.93
N LYS D 217 -36.40 -35.23 79.44
CA LYS D 217 -35.82 -34.15 80.23
C LYS D 217 -35.13 -34.71 81.47
N LYS D 218 -35.52 -35.91 81.90
CA LYS D 218 -34.80 -36.65 82.93
C LYS D 218 -33.36 -36.94 82.49
N ASN D 219 -33.21 -37.48 81.29
CA ASN D 219 -32.03 -38.27 81.00
C ASN D 219 -31.21 -37.72 79.84
N LYS D 220 -31.84 -37.43 78.71
CA LYS D 220 -31.14 -36.99 77.51
C LYS D 220 -31.90 -35.81 76.93
N ALA D 221 -31.42 -34.60 77.21
CA ALA D 221 -32.10 -33.41 76.70
C ALA D 221 -32.01 -33.33 75.19
N SER D 222 -30.91 -33.83 74.62
CA SER D 222 -30.75 -33.79 73.16
C SER D 222 -31.93 -34.44 72.46
N ASP D 223 -32.31 -35.63 72.92
CA ASP D 223 -33.43 -36.32 72.29
C ASP D 223 -34.75 -35.59 72.52
N SER D 224 -34.89 -34.90 73.65
CA SER D 224 -36.11 -34.12 73.87
C SER D 224 -36.22 -33.00 72.86
N SER D 225 -35.15 -32.24 72.67
CA SER D 225 -35.16 -31.17 71.69
C SER D 225 -35.38 -31.72 70.29
N TYR D 226 -34.77 -32.87 69.99
CA TYR D 226 -34.97 -33.52 68.71
C TYR D 226 -36.42 -33.90 68.51
N LEU D 227 -37.06 -34.41 69.55
CA LEU D 227 -38.47 -34.77 69.46
C LEU D 227 -39.34 -33.55 69.21
N GLY D 228 -39.01 -32.44 69.86
CA GLY D 228 -39.77 -31.21 69.60
C GLY D 228 -39.61 -30.72 68.18
N TRP D 229 -38.37 -30.68 67.71
CA TRP D 229 -38.12 -30.24 66.34
C TRP D 229 -38.76 -31.18 65.33
N LEU D 230 -38.94 -32.44 65.70
CA LEU D 230 -39.61 -33.38 64.80
C LEU D 230 -41.12 -33.17 64.80
N THR D 231 -41.71 -32.99 65.98
CA THR D 231 -43.15 -32.88 66.04
C THR D 231 -43.64 -31.57 65.42
N HIS D 232 -42.87 -30.50 65.53
CA HIS D 232 -43.30 -29.27 64.87
C HIS D 232 -43.31 -29.43 63.35
N GLY D 233 -42.27 -30.06 62.81
CA GLY D 233 -42.25 -30.32 61.38
C GLY D 233 -43.41 -31.19 60.95
N TYR D 234 -43.71 -32.23 61.73
CA TYR D 234 -44.83 -33.09 61.36
C TYR D 234 -46.15 -32.35 61.44
N SER D 235 -46.27 -31.38 62.36
CA SER D 235 -47.50 -30.59 62.39
C SER D 235 -47.63 -29.71 61.16
N ILE D 236 -46.53 -29.08 60.74
CA ILE D 236 -46.58 -28.28 59.51
C ILE D 236 -46.95 -29.15 58.32
N LYS D 237 -46.42 -30.38 58.28
CA LYS D 237 -46.63 -31.23 57.11
C LYS D 237 -48.10 -31.54 56.91
N TYR D 238 -48.80 -31.95 57.96
CA TYR D 238 -50.19 -32.39 57.85
C TYR D 238 -51.18 -31.25 57.97
N GLY D 239 -50.75 -30.03 57.71
CA GLY D 239 -51.68 -28.94 57.49
C GLY D 239 -52.40 -28.38 58.69
N LEU D 240 -51.74 -28.34 59.85
CA LEU D 240 -52.31 -27.58 60.95
C LEU D 240 -52.02 -26.09 60.77
N SER D 241 -50.86 -25.76 60.20
CA SER D 241 -50.47 -24.37 59.96
C SER D 241 -49.94 -24.25 58.53
N PRO D 242 -50.78 -23.86 57.57
CA PRO D 242 -50.33 -23.75 56.18
C PRO D 242 -49.53 -22.49 55.91
N ASN D 243 -48.32 -22.64 55.38
CA ASN D 243 -47.50 -21.50 54.98
C ASN D 243 -47.56 -21.23 53.50
N ASN D 244 -48.07 -22.18 52.72
CA ASN D 244 -48.44 -22.13 51.32
C ASN D 244 -47.25 -22.17 50.36
N GLU D 245 -46.02 -22.02 50.84
CA GLU D 245 -44.87 -22.15 49.94
C GLU D 245 -43.89 -23.22 50.41
N ARG D 246 -43.32 -23.08 51.61
CA ARG D 246 -42.21 -23.93 52.04
C ARG D 246 -41.76 -23.55 53.44
N SER D 247 -41.19 -24.50 54.18
CA SER D 247 -40.56 -24.21 55.46
C SER D 247 -39.06 -24.13 55.25
N MET D 248 -38.43 -23.12 55.86
CA MET D 248 -37.00 -22.95 55.65
C MET D 248 -36.18 -23.98 56.42
N PHE D 249 -36.61 -24.36 57.61
CA PHE D 249 -35.72 -25.09 58.50
C PHE D 249 -36.43 -26.16 59.33
N PHE D 250 -37.46 -26.80 58.81
CA PHE D 250 -38.12 -27.79 59.64
C PHE D 250 -38.19 -29.18 59.05
N GLN D 251 -38.29 -29.33 57.74
CA GLN D 251 -38.43 -30.65 57.17
C GLN D 251 -37.10 -31.27 56.76
N ASP D 252 -36.00 -30.52 56.85
CA ASP D 252 -34.73 -30.96 56.32
C ASP D 252 -33.87 -31.57 57.43
N GLY D 253 -33.18 -32.65 57.10
CA GLY D 253 -32.34 -33.30 58.09
C GLY D 253 -31.07 -32.52 58.41
N ARG D 254 -30.51 -31.84 57.41
CA ARG D 254 -29.25 -31.14 57.63
C ARG D 254 -29.41 -29.86 58.42
N LYS D 255 -30.64 -29.48 58.79
CA LYS D 255 -30.81 -28.31 59.63
C LYS D 255 -30.70 -28.67 61.11
N TYR D 256 -31.25 -29.82 61.49
CA TYR D 256 -31.10 -30.26 62.87
C TYR D 256 -29.64 -30.46 63.24
N ALA D 257 -28.82 -30.89 62.28
CA ALA D 257 -27.40 -31.06 62.58
C ALA D 257 -26.77 -29.73 62.95
N GLU D 258 -27.08 -28.68 62.17
CA GLU D 258 -26.53 -27.37 62.47
C GLU D 258 -27.02 -26.85 63.81
N LEU D 259 -28.31 -27.05 64.09
CA LEU D 259 -28.85 -26.59 65.37
C LEU D 259 -28.18 -27.30 66.54
N TYR D 260 -27.99 -28.61 66.43
CA TYR D 260 -27.31 -29.35 67.47
C TYR D 260 -25.88 -28.88 67.66
N ALA D 261 -25.15 -28.71 66.55
CA ALA D 261 -23.78 -28.23 66.64
C ALA D 261 -23.71 -26.90 67.36
N PHE D 262 -24.61 -25.97 67.04
CA PHE D 262 -24.65 -24.72 67.79
C PHE D 262 -24.96 -24.95 69.25
N SER D 263 -25.89 -25.87 69.53
CA SER D 263 -26.32 -26.09 70.90
C SER D 263 -25.20 -26.64 71.76
N LYS D 264 -24.23 -27.33 71.17
CA LYS D 264 -23.14 -27.87 71.97
C LYS D 264 -21.98 -26.89 72.12
N SER D 265 -21.66 -26.12 71.09
CA SER D 265 -20.62 -25.10 71.18
C SER D 265 -21.19 -23.80 70.65
N PRO D 266 -21.62 -22.88 71.52
CA PRO D 266 -22.40 -21.73 71.05
C PRO D 266 -21.59 -20.74 70.24
N HIS D 267 -20.27 -20.69 70.42
CA HIS D 267 -19.49 -19.66 69.75
C HIS D 267 -19.60 -19.72 68.23
N ARG D 268 -20.10 -20.83 67.69
CA ARG D 268 -20.34 -20.91 66.25
C ARG D 268 -21.17 -19.75 65.76
N LYS D 269 -22.07 -19.24 66.60
CA LYS D 269 -22.91 -18.12 66.18
C LYS D 269 -22.09 -16.88 65.86
N ILE D 270 -20.99 -16.66 66.60
CA ILE D 270 -20.19 -15.47 66.36
C ILE D 270 -19.40 -15.60 65.06
N ILE D 271 -18.85 -16.78 64.79
CA ILE D 271 -18.15 -17.04 63.54
C ILE D 271 -18.93 -18.08 62.75
N PRO D 272 -20.00 -17.69 62.06
CA PRO D 272 -20.87 -18.67 61.44
C PRO D 272 -20.31 -19.19 60.13
N GLY D 273 -20.64 -20.45 59.85
CA GLY D 273 -20.46 -20.99 58.52
C GLY D 273 -21.57 -20.50 57.60
N GLU D 274 -21.63 -21.11 56.44
CA GLU D 274 -22.62 -20.69 55.44
C GLU D 274 -24.03 -21.13 55.85
N HIS D 275 -24.18 -22.38 56.28
CA HIS D 275 -25.50 -22.86 56.67
C HIS D 275 -26.00 -22.15 57.92
N LEU D 276 -25.10 -21.84 58.85
CA LEU D 276 -25.54 -21.01 59.96
C LEU D 276 -25.89 -19.60 59.48
N LYS D 277 -25.19 -19.11 58.47
CA LYS D 277 -25.45 -17.76 57.98
C LYS D 277 -26.86 -17.64 57.42
N ASP D 278 -27.21 -18.52 56.49
CA ASP D 278 -28.54 -18.40 55.90
C ASP D 278 -29.61 -18.79 56.91
N LEU D 279 -29.29 -19.67 57.88
CA LEU D 279 -30.20 -19.87 59.00
C LEU D 279 -30.52 -18.56 59.69
N LEU D 280 -29.49 -17.82 60.12
CA LEU D 280 -29.72 -16.59 60.87
C LEU D 280 -30.39 -15.53 60.02
N ALA D 281 -30.10 -15.52 58.71
CA ALA D 281 -30.78 -14.59 57.83
C ALA D 281 -32.28 -14.86 57.79
N LYS D 282 -32.65 -16.13 57.63
CA LYS D 282 -34.07 -16.47 57.61
C LYS D 282 -34.72 -16.14 58.94
N ILE D 283 -34.00 -16.34 60.04
CA ILE D 283 -34.55 -16.02 61.36
C ILE D 283 -34.84 -14.54 61.48
N ASN D 284 -33.88 -13.70 61.08
CA ASN D 284 -34.12 -12.26 61.15
C ASN D 284 -35.25 -11.83 60.24
N LYS D 285 -35.36 -12.45 59.06
CA LYS D 285 -36.45 -12.09 58.15
C LYS D 285 -37.80 -12.44 58.76
N SER D 286 -37.93 -13.64 59.32
CA SER D 286 -39.19 -14.03 59.94
C SER D 286 -39.50 -13.18 61.16
N LYS D 287 -38.47 -12.77 61.90
CA LYS D 287 -38.67 -11.84 63.02
C LYS D 287 -39.26 -10.54 62.53
N GLY D 288 -38.63 -9.95 61.51
CA GLY D 288 -39.15 -8.70 60.96
C GLY D 288 -40.58 -8.84 60.52
N ILE D 289 -40.91 -9.94 59.83
CA ILE D 289 -42.28 -10.15 59.41
C ILE D 289 -43.21 -10.21 60.62
N PHE D 290 -42.76 -10.84 61.70
CA PHE D 290 -43.59 -10.93 62.90
C PHE D 290 -43.81 -9.58 63.58
N LEU D 291 -42.90 -8.64 63.41
CA LEU D 291 -42.96 -7.39 64.16
C LEU D 291 -43.46 -6.21 63.34
N ASP D 292 -44.28 -6.45 62.33
CA ASP D 292 -44.95 -5.39 61.57
C ASP D 292 -46.46 -5.61 61.62
N GLN D 293 -47.19 -4.55 61.97
CA GLN D 293 -48.57 -4.68 62.44
C GLN D 293 -49.58 -4.80 61.31
N ASN D 294 -49.31 -4.22 60.16
CA ASN D 294 -50.26 -4.30 59.07
C ASN D 294 -49.95 -5.39 58.07
N ALA D 295 -48.95 -6.24 58.32
CA ALA D 295 -48.95 -7.49 57.59
C ALA D 295 -50.17 -8.31 57.99
N LEU D 296 -50.44 -9.37 57.24
CA LEU D 296 -51.62 -10.18 57.49
C LEU D 296 -51.47 -10.94 58.81
N LEU D 297 -52.59 -11.48 59.30
CA LEU D 297 -52.57 -12.16 60.59
C LEU D 297 -51.93 -13.54 60.49
N ASP D 298 -52.22 -14.27 59.42
CA ASP D 298 -51.74 -15.65 59.31
C ASP D 298 -50.23 -15.71 59.24
N LYS D 299 -49.62 -14.79 58.49
CA LYS D 299 -48.17 -14.74 58.42
C LYS D 299 -47.56 -14.49 59.79
N ARG D 300 -48.12 -13.54 60.54
CA ARG D 300 -47.60 -13.24 61.87
C ARG D 300 -47.74 -14.44 62.80
N ILE D 301 -48.87 -15.15 62.71
CA ILE D 301 -49.07 -16.31 63.57
C ILE D 301 -48.08 -17.42 63.23
N TYR D 302 -47.88 -17.67 61.94
CA TYR D 302 -46.92 -18.68 61.51
C TYR D 302 -45.51 -18.33 61.99
N ALA D 303 -45.12 -17.07 61.79
CA ALA D 303 -43.80 -16.64 62.24
C ALA D 303 -43.65 -16.79 63.75
N PHE D 304 -44.70 -16.44 64.50
CA PHE D 304 -44.63 -16.62 65.94
C PHE D 304 -44.44 -18.08 66.31
N HIS D 305 -45.19 -18.98 65.66
CA HIS D 305 -45.08 -20.40 65.99
C HIS D 305 -43.67 -20.91 65.75
N GLU D 306 -43.10 -20.57 64.59
CA GLU D 306 -41.75 -21.03 64.28
C GLU D 306 -40.74 -20.48 65.30
N LEU D 307 -40.77 -19.17 65.53
CA LEU D 307 -39.81 -18.57 66.46
C LEU D 307 -39.97 -19.14 67.85
N ASN D 308 -41.21 -19.42 68.26
CA ASN D 308 -41.45 -19.95 69.59
C ASN D 308 -40.85 -21.35 69.72
N THR D 309 -41.07 -22.21 68.72
CA THR D 309 -40.48 -23.54 68.78
C THR D 309 -38.96 -23.46 68.85
N LEU D 310 -38.35 -22.65 67.98
CA LEU D 310 -36.90 -22.52 68.01
C LEU D 310 -36.40 -22.07 69.36
N GLU D 311 -37.05 -21.06 69.95
CA GLU D 311 -36.55 -20.52 71.21
C GLU D 311 -36.78 -21.50 72.36
N THR D 312 -37.88 -22.24 72.34
CA THR D 312 -38.14 -23.14 73.46
C THR D 312 -37.27 -24.38 73.39
N HIS D 313 -36.82 -24.78 72.20
CA HIS D 313 -36.04 -26.01 72.17
C HIS D 313 -34.54 -25.76 72.03
N PHE D 314 -34.15 -24.68 71.36
CA PHE D 314 -32.75 -24.30 71.25
C PHE D 314 -32.57 -22.92 71.84
N PRO D 315 -32.33 -22.80 73.14
CA PRO D 315 -32.38 -21.49 73.80
C PRO D 315 -31.24 -20.60 73.37
N GLY D 316 -31.55 -19.32 73.12
CA GLY D 316 -30.55 -18.33 72.84
C GLY D 316 -30.21 -18.11 71.38
N ILE D 317 -30.77 -18.93 70.48
CA ILE D 317 -30.39 -18.78 69.07
C ILE D 317 -31.08 -17.59 68.44
N THR D 318 -32.31 -17.29 68.86
CA THR D 318 -33.06 -16.18 68.27
C THR D 318 -32.68 -14.84 68.86
N SER D 319 -31.78 -14.80 69.84
CA SER D 319 -31.47 -13.58 70.56
C SER D 319 -30.40 -12.75 69.86
N SER D 320 -30.67 -11.47 69.67
CA SER D 320 -29.68 -10.48 69.31
C SER D 320 -29.83 -9.31 70.25
N PHE D 321 -28.77 -8.97 70.98
CA PHE D 321 -28.92 -8.12 72.16
C PHE D 321 -29.56 -6.78 71.83
N THR D 322 -28.95 -6.02 70.92
CA THR D 322 -29.27 -4.60 70.79
C THR D 322 -30.73 -4.39 70.42
N ASP D 323 -31.16 -4.90 69.27
CA ASP D 323 -32.46 -4.54 68.72
C ASP D 323 -33.62 -5.10 69.54
N ASP D 324 -33.36 -6.11 70.37
CA ASP D 324 -34.43 -6.71 71.17
C ASP D 324 -35.07 -5.69 72.10
N LEU D 325 -34.31 -4.70 72.56
CA LEU D 325 -34.87 -3.73 73.49
C LEU D 325 -35.70 -2.68 72.77
N LYS D 326 -35.22 -2.23 71.60
CA LYS D 326 -35.99 -1.29 70.79
C LYS D 326 -37.29 -1.92 70.31
N SER D 327 -37.25 -3.20 69.94
CA SER D 327 -38.49 -3.88 69.55
C SER D 327 -39.27 -4.35 70.76
N ASN D 328 -38.59 -4.89 71.76
CA ASN D 328 -39.22 -5.45 72.96
C ASN D 328 -40.26 -6.50 72.60
N TYR D 329 -39.79 -7.52 71.88
CA TYR D 329 -40.65 -8.59 71.39
C TYR D 329 -40.71 -9.79 72.31
N ARG D 330 -39.79 -9.89 73.27
CA ARG D 330 -39.78 -11.02 74.19
C ARG D 330 -41.09 -11.11 74.95
N LYS D 331 -41.45 -10.03 75.66
CA LYS D 331 -42.70 -10.00 76.39
C LYS D 331 -43.88 -10.23 75.47
N LYS D 332 -43.79 -9.76 74.22
CA LYS D 332 -44.83 -10.05 73.24
C LYS D 332 -44.99 -11.55 73.04
N MET D 333 -43.87 -12.25 72.85
CA MET D 333 -43.91 -13.70 72.70
C MET D 333 -44.58 -14.35 73.90
N GLU D 334 -44.19 -13.93 75.10
CA GLU D 334 -44.80 -14.49 76.30
C GLU D 334 -46.30 -14.25 76.31
N SER D 335 -46.73 -13.07 75.88
CA SER D 335 -48.14 -12.75 75.88
C SER D 335 -48.90 -13.65 74.92
N VAL D 336 -48.38 -13.85 73.72
CA VAL D 336 -49.05 -14.70 72.75
C VAL D 336 -49.12 -16.13 73.26
N SER D 337 -48.04 -16.61 73.89
CA SER D 337 -48.08 -17.94 74.48
C SER D 337 -49.16 -18.05 75.54
N LEU D 338 -49.24 -17.04 76.41
CA LEU D 338 -50.28 -17.04 77.43
C LEU D 338 -51.66 -17.07 76.79
N THR D 339 -51.83 -16.32 75.70
CA THR D 339 -53.10 -16.31 74.98
C THR D 339 -53.45 -17.70 74.46
N CYS D 340 -52.49 -18.39 73.85
CA CYS D 340 -52.78 -19.71 73.31
C CYS D 340 -53.20 -20.67 74.42
N GLN D 341 -52.48 -20.63 75.55
CA GLN D 341 -52.84 -21.51 76.67
C GLN D 341 -54.26 -21.24 77.14
N VAL D 342 -54.58 -19.96 77.41
CA VAL D 342 -55.89 -19.62 77.96
C VAL D 342 -56.99 -19.93 76.96
N LEU D 343 -56.70 -19.77 75.66
CA LEU D 343 -57.69 -20.09 74.64
C LEU D 343 -57.97 -21.58 74.60
N GLN D 344 -56.92 -22.40 74.71
CA GLN D 344 -57.13 -23.84 74.77
C GLN D 344 -58.01 -24.22 75.95
N GLU D 345 -57.76 -23.61 77.11
CA GLU D 345 -58.59 -23.93 78.27
C GLU D 345 -60.03 -23.49 78.09
N ILE D 346 -60.24 -22.33 77.45
CA ILE D 346 -61.61 -21.87 77.21
C ILE D 346 -62.33 -22.82 76.26
N GLY D 347 -61.63 -23.31 75.25
CA GLY D 347 -62.21 -24.33 74.38
C GLY D 347 -62.56 -25.59 75.14
N ASN D 348 -61.71 -25.98 76.09
CA ASN D 348 -62.03 -27.13 76.94
C ASN D 348 -63.32 -26.90 77.71
N ILE D 349 -63.47 -25.72 78.30
CA ILE D 349 -64.69 -25.42 79.06
C ILE D 349 -65.90 -25.44 78.14
N HIS D 350 -65.78 -24.88 76.95
CA HIS D 350 -66.89 -24.86 76.01
C HIS D 350 -67.29 -26.28 75.61
N ARG D 351 -66.31 -27.17 75.43
CA ARG D 351 -66.64 -28.56 75.13
C ARG D 351 -67.29 -29.23 76.33
N PHE D 352 -66.83 -28.89 77.54
CA PHE D 352 -67.42 -29.48 78.74
C PHE D 352 -68.87 -29.08 78.91
N ILE D 353 -69.23 -27.87 78.49
CA ILE D 353 -70.60 -27.38 78.58
C ILE D 353 -71.56 -28.35 77.91
N GLU D 354 -71.10 -29.00 76.83
CA GLU D 354 -71.98 -29.91 76.09
C GLU D 354 -72.41 -31.09 76.95
N SER D 355 -71.61 -31.44 77.97
CA SER D 355 -72.03 -32.49 78.89
C SER D 355 -73.26 -32.08 79.67
N LYS D 356 -73.54 -30.78 79.75
CA LYS D 356 -74.67 -30.30 80.52
C LYS D 356 -75.97 -30.34 79.73
N VAL D 357 -75.90 -30.62 78.44
CA VAL D 357 -77.12 -30.64 77.62
C VAL D 357 -77.97 -31.85 78.02
N PRO D 358 -79.28 -31.68 78.21
CA PRO D 358 -80.13 -32.83 78.56
C PRO D 358 -80.00 -34.00 77.61
N TYR D 359 -79.91 -33.74 76.31
CA TYR D 359 -79.78 -34.79 75.31
C TYR D 359 -78.46 -34.60 74.59
N HIS D 360 -77.38 -35.10 75.18
CA HIS D 360 -76.11 -35.18 74.49
C HIS D 360 -75.35 -36.45 74.84
N SER D 361 -76.05 -37.59 74.79
CA SER D 361 -75.37 -38.89 74.94
C SER D 361 -74.13 -38.98 74.05
N SER D 362 -74.20 -38.39 72.86
CA SER D 362 -73.07 -38.38 71.95
C SER D 362 -71.92 -37.57 72.52
N THR D 363 -70.72 -38.15 72.50
CA THR D 363 -69.55 -37.47 73.02
C THR D 363 -69.16 -36.32 72.10
N GLU D 364 -68.64 -35.26 72.70
CA GLU D 364 -68.28 -34.04 72.00
C GLU D 364 -66.77 -33.84 71.93
N TYR D 365 -66.00 -34.87 72.27
CA TYR D 365 -64.54 -34.78 72.27
C TYR D 365 -63.91 -35.56 71.12
N GLY D 366 -64.49 -36.67 70.71
CA GLY D 366 -63.94 -37.43 69.62
C GLY D 366 -64.25 -38.90 69.79
N LEU D 367 -63.79 -39.67 68.81
CA LEU D 367 -64.01 -41.11 68.82
C LEU D 367 -63.33 -41.74 70.03
N PHE D 368 -64.11 -42.50 70.80
CA PHE D 368 -63.59 -43.25 71.95
C PHE D 368 -62.92 -42.36 72.98
N SER D 369 -63.31 -41.08 73.01
CA SER D 369 -62.82 -40.20 74.07
C SER D 369 -63.36 -40.63 75.42
N ILE D 370 -64.64 -40.99 75.49
CA ILE D 370 -65.27 -41.38 76.74
C ILE D 370 -66.13 -42.61 76.51
N PRO D 371 -65.97 -43.66 77.30
CA PRO D 371 -66.87 -44.81 77.20
C PRO D 371 -68.20 -44.51 77.88
N LYS D 372 -69.27 -45.00 77.25
CA LYS D 372 -70.61 -44.70 77.75
C LYS D 372 -70.89 -45.38 79.09
N ILE D 373 -70.01 -46.25 79.56
CA ILE D 373 -70.15 -46.81 80.89
C ILE D 373 -70.08 -45.73 81.97
N PHE D 374 -69.33 -44.66 81.70
CA PHE D 374 -69.29 -43.52 82.62
C PHE D 374 -70.19 -42.39 82.14
N SER D 375 -69.94 -41.88 80.93
CA SER D 375 -70.84 -40.95 80.25
C SER D 375 -71.38 -39.88 81.21
N ILE D 376 -70.44 -39.04 81.65
CA ILE D 376 -70.69 -37.98 82.63
C ILE D 376 -72.04 -37.33 82.34
N PRO D 377 -72.87 -37.17 83.35
CA PRO D 377 -74.30 -36.97 83.13
C PRO D 377 -74.69 -35.50 83.00
N ILE D 378 -76.01 -35.29 82.95
CA ILE D 378 -76.61 -33.97 82.84
C ILE D 378 -76.86 -33.36 84.21
N ASP D 379 -76.54 -34.09 85.29
CA ASP D 379 -76.97 -33.73 86.64
C ASP D 379 -76.23 -32.47 87.09
N TYR D 380 -76.92 -31.35 86.96
CA TYR D 380 -76.41 -30.10 87.54
C TYR D 380 -76.28 -30.25 89.05
N LYS D 381 -75.08 -29.99 89.55
CA LYS D 381 -74.82 -30.05 90.98
C LYS D 381 -74.88 -28.67 91.61
N HIS D 382 -74.80 -28.64 92.93
CA HIS D 382 -74.94 -27.40 93.69
C HIS D 382 -73.93 -26.36 93.23
N GLY D 383 -72.66 -26.74 93.17
CA GLY D 383 -71.61 -25.75 92.96
C GLY D 383 -71.45 -25.35 91.51
N GLU D 384 -71.73 -26.26 90.58
CA GLU D 384 -71.31 -26.10 89.18
C GLU D 384 -71.75 -24.77 88.60
N LYS D 385 -73.02 -24.41 88.78
CA LYS D 385 -73.56 -23.20 88.14
C LYS D 385 -72.80 -21.94 88.57
N GLU D 386 -72.26 -21.94 89.79
CA GLU D 386 -71.46 -20.81 90.27
C GLU D 386 -69.98 -20.97 89.96
N ASN D 387 -69.48 -22.20 90.07
CA ASN D 387 -68.06 -22.46 89.91
C ASN D 387 -67.62 -22.23 88.48
N LEU D 388 -68.46 -22.58 87.51
CA LEU D 388 -68.09 -22.36 86.10
C LEU D 388 -67.95 -20.89 85.79
N VAL D 389 -68.96 -20.09 86.12
CA VAL D 389 -68.89 -18.67 85.83
C VAL D 389 -67.75 -18.03 86.60
N SER D 390 -67.55 -18.44 87.86
CA SER D 390 -66.43 -17.92 88.63
C SER D 390 -65.11 -18.29 87.96
N TYR D 391 -64.97 -19.52 87.50
CA TYR D 391 -63.72 -19.98 86.91
C TYR D 391 -63.41 -19.22 85.62
N VAL D 392 -64.40 -19.00 84.78
CA VAL D 392 -64.14 -18.26 83.55
C VAL D 392 -63.77 -16.80 83.86
N ASP D 393 -64.44 -16.19 84.84
CA ASP D 393 -64.10 -14.82 85.23
C ASP D 393 -62.68 -14.74 85.78
N PHE D 394 -62.32 -15.68 86.66
CA PHE D 394 -60.97 -15.73 87.20
C PHE D 394 -59.94 -15.94 86.08
N LEU D 395 -60.27 -16.78 85.10
CA LEU D 395 -59.37 -16.99 83.97
C LEU D 395 -59.10 -15.67 83.25
N TYR D 396 -60.17 -14.97 82.89
CA TYR D 396 -60.01 -13.73 82.15
C TYR D 396 -59.30 -12.67 83.00
N SER D 397 -59.56 -12.65 84.29
CA SER D 397 -58.90 -11.69 85.18
C SER D 397 -57.41 -11.96 85.27
N THR D 398 -57.04 -13.23 85.50
CA THR D 398 -55.64 -13.59 85.55
C THR D 398 -54.94 -13.29 84.23
N ALA D 399 -55.64 -13.44 83.11
CA ALA D 399 -55.02 -13.19 81.81
C ALA D 399 -54.84 -11.70 81.56
N HIS D 400 -55.82 -10.88 81.97
CA HIS D 400 -55.80 -9.48 81.58
C HIS D 400 -54.62 -8.72 82.16
N GLU D 401 -53.98 -9.27 83.20
CA GLU D 401 -52.91 -8.53 83.87
C GLU D 401 -51.60 -8.63 83.09
N ARG D 402 -51.14 -9.86 82.83
CA ARG D 402 -49.81 -10.06 82.28
C ARG D 402 -49.69 -9.65 80.81
N ILE D 403 -50.81 -9.56 80.09
CA ILE D 403 -50.77 -9.15 78.69
C ILE D 403 -50.31 -7.70 78.59
N LEU D 404 -49.41 -7.44 77.64
CA LEU D 404 -49.05 -6.07 77.35
C LEU D 404 -50.00 -5.50 76.31
N GLN D 405 -50.23 -4.19 76.40
CA GLN D 405 -51.27 -3.52 75.62
C GLN D 405 -50.63 -2.55 74.66
N ASP D 406 -50.61 -2.90 73.37
CA ASP D 406 -50.16 -2.00 72.32
C ASP D 406 -50.71 -2.51 70.99
N ASN D 407 -51.23 -1.57 70.19
CA ASN D 407 -52.03 -1.97 69.03
C ASN D 407 -51.22 -2.78 68.03
N SER D 408 -49.91 -2.56 67.95
CA SER D 408 -49.08 -3.44 67.13
C SER D 408 -49.15 -4.89 67.62
N ILE D 409 -49.18 -5.10 68.93
CA ILE D 409 -49.34 -6.43 69.53
C ILE D 409 -50.81 -6.74 69.87
N ASN D 410 -51.66 -5.71 69.99
CA ASN D 410 -53.06 -5.93 70.36
C ASN D 410 -53.77 -6.84 69.37
N GLN D 411 -53.29 -6.89 68.13
CA GLN D 411 -54.00 -7.60 67.07
C GLN D 411 -54.04 -9.11 67.30
N LEU D 412 -53.08 -9.64 68.05
CA LEU D 412 -53.00 -11.09 68.13
C LEU D 412 -53.43 -11.67 69.47
N CYS D 413 -53.48 -10.86 70.53
CA CYS D 413 -53.80 -11.36 71.86
C CYS D 413 -55.06 -10.72 72.44
N LEU D 414 -55.26 -9.42 72.22
CA LEU D 414 -56.46 -8.79 72.78
C LEU D 414 -57.73 -9.27 72.09
N ASP D 415 -57.85 -9.11 70.78
CA ASP D 415 -59.11 -9.43 70.14
C ASP D 415 -59.51 -10.91 70.20
N PRO D 416 -58.60 -11.91 70.20
CA PRO D 416 -59.09 -13.29 70.41
C PRO D 416 -59.77 -13.47 71.75
N LEU D 417 -59.17 -12.91 72.79
CA LEU D 417 -59.74 -12.98 74.14
C LEU D 417 -61.07 -12.23 74.20
N GLN D 418 -61.14 -11.06 73.56
CA GLN D 418 -62.38 -10.30 73.57
C GLN D 418 -63.51 -11.04 72.87
N GLU D 419 -63.22 -11.60 71.69
CA GLU D 419 -64.22 -12.35 70.95
C GLU D 419 -64.64 -13.60 71.69
N SER D 420 -63.69 -14.28 72.33
CA SER D 420 -64.04 -15.47 73.11
C SER D 420 -64.90 -15.11 74.31
N LEU D 421 -64.54 -14.04 75.03
CA LEU D 421 -65.38 -13.59 76.13
C LEU D 421 -66.79 -13.27 75.64
N ASN D 422 -66.90 -12.69 74.44
CA ASN D 422 -68.22 -12.39 73.89
C ASN D 422 -69.02 -13.65 73.61
N ARG D 423 -68.43 -14.58 72.85
CA ARG D 423 -69.13 -15.83 72.55
C ARG D 423 -69.52 -16.55 73.83
N ILE D 424 -68.62 -16.59 74.82
CA ILE D 424 -68.86 -17.33 76.04
C ILE D 424 -69.95 -16.67 76.88
N LYS D 425 -69.88 -15.35 77.04
CA LYS D 425 -70.91 -14.66 77.82
C LYS D 425 -72.25 -14.71 77.10
N SER D 426 -72.26 -14.86 75.77
CA SER D 426 -73.52 -14.97 75.06
C SER D 426 -74.13 -16.37 75.20
N ASN D 427 -73.30 -17.41 75.16
CA ASN D 427 -73.86 -18.76 75.12
C ASN D 427 -73.97 -19.40 76.50
N ILE D 428 -73.28 -18.88 77.51
CA ILE D 428 -73.45 -19.41 78.87
C ILE D 428 -74.91 -19.41 79.33
N PRO D 429 -75.65 -18.30 79.25
CA PRO D 429 -77.02 -18.34 79.79
C PRO D 429 -77.93 -19.32 79.08
N VAL D 430 -77.98 -19.26 77.75
CA VAL D 430 -78.95 -20.06 76.99
C VAL D 430 -78.80 -21.53 77.34
N PHE D 431 -77.57 -21.98 77.55
CA PHE D 431 -77.35 -23.33 78.05
C PHE D 431 -77.74 -23.45 79.52
N PHE D 432 -77.59 -22.37 80.30
CA PHE D 432 -77.91 -22.46 81.72
C PHE D 432 -79.39 -22.61 81.99
N ASN D 433 -80.24 -22.09 81.09
CA ASN D 433 -81.68 -22.33 81.23
C ASN D 433 -82.01 -23.79 80.99
N LEU D 434 -81.70 -24.28 79.79
CA LEU D 434 -82.03 -25.65 79.40
C LEU D 434 -80.80 -26.32 78.79
N THR E 1 -17.17 -11.33 -44.10
CA THR E 1 -15.73 -11.52 -43.92
C THR E 1 -15.05 -10.20 -43.61
N ILE E 2 -15.79 -9.11 -43.73
CA ILE E 2 -15.24 -7.80 -43.41
C ILE E 2 -15.01 -7.67 -41.92
N THR E 3 -16.00 -8.10 -41.13
CA THR E 3 -15.89 -8.01 -39.68
C THR E 3 -14.78 -8.89 -39.15
N LEU E 4 -14.52 -10.03 -39.81
CA LEU E 4 -13.34 -10.80 -39.49
C LEU E 4 -12.09 -9.95 -39.56
N GLU E 5 -11.92 -9.24 -40.68
CA GLU E 5 -10.75 -8.40 -40.86
C GLU E 5 -10.66 -7.34 -39.76
N LYS E 6 -11.79 -6.68 -39.47
CA LYS E 6 -11.74 -5.60 -38.49
C LYS E 6 -11.46 -6.12 -37.09
N LYS E 7 -12.10 -7.23 -36.71
CA LYS E 7 -11.83 -7.83 -35.40
C LYS E 7 -10.37 -8.21 -35.26
N VAL E 8 -9.80 -8.81 -36.31
CA VAL E 8 -8.41 -9.21 -36.23
C VAL E 8 -7.51 -8.00 -36.09
N ARG E 9 -7.81 -6.91 -36.82
CA ARG E 9 -7.01 -5.70 -36.67
C ARG E 9 -7.04 -5.19 -35.23
N LYS E 10 -8.24 -5.12 -34.65
CA LYS E 10 -8.36 -4.65 -33.27
C LYS E 10 -7.55 -5.51 -32.32
N GLY E 11 -7.70 -6.83 -32.44
CA GLY E 11 -6.96 -7.73 -31.58
C GLY E 11 -5.46 -7.52 -31.70
N ILE E 12 -4.97 -7.30 -32.92
CA ILE E 12 -3.54 -7.14 -33.12
C ILE E 12 -3.04 -5.86 -32.44
N GLU E 13 -3.80 -4.77 -32.58
CA GLU E 13 -3.38 -3.54 -31.91
C GLU E 13 -3.34 -3.72 -30.40
N SER E 14 -4.33 -4.40 -29.84
CA SER E 14 -4.31 -4.68 -28.41
C SER E 14 -3.08 -5.47 -28.03
N LEU E 15 -2.72 -6.48 -28.82
CA LEU E 15 -1.54 -7.27 -28.51
C LEU E 15 -0.29 -6.41 -28.51
N ILE E 16 -0.20 -5.47 -29.44
CA ILE E 16 1.00 -4.64 -29.52
C ILE E 16 1.17 -3.81 -28.25
N THR E 17 0.08 -3.19 -27.79
CA THR E 17 0.17 -2.44 -26.55
C THR E 17 0.56 -3.33 -25.38
N GLU E 18 -0.07 -4.51 -25.29
CA GLU E 18 0.25 -5.41 -24.19
C GLU E 18 1.71 -5.83 -24.22
N LEU E 19 2.27 -6.03 -25.42
CA LEU E 19 3.68 -6.39 -25.52
C LEU E 19 4.57 -5.29 -24.99
N LYS E 20 4.25 -4.04 -25.31
CA LYS E 20 5.03 -2.93 -24.75
C LYS E 20 5.03 -2.98 -23.24
N LEU E 21 3.85 -3.16 -22.63
CA LEU E 21 3.79 -3.17 -21.17
C LEU E 21 4.58 -4.32 -20.58
N MET E 22 4.45 -5.51 -21.17
CA MET E 22 5.18 -6.67 -20.66
C MET E 22 6.68 -6.45 -20.71
N GLN E 23 7.17 -5.88 -21.81
CA GLN E 23 8.61 -5.66 -21.92
C GLN E 23 9.08 -4.66 -20.88
N ALA E 24 8.28 -3.63 -20.61
CA ALA E 24 8.64 -2.69 -19.55
C ALA E 24 8.81 -3.42 -18.22
N VAL E 25 7.84 -4.27 -17.88
CA VAL E 25 7.91 -4.97 -16.59
C VAL E 25 9.13 -5.87 -16.53
N LEU E 26 9.38 -6.64 -17.59
CA LEU E 26 10.49 -7.58 -17.56
C LEU E 26 11.82 -6.84 -17.44
N SER E 27 11.98 -5.73 -18.15
CA SER E 27 13.20 -4.96 -18.04
C SER E 27 13.38 -4.42 -16.64
N LYS E 28 12.29 -3.98 -16.01
CA LYS E 28 12.38 -3.52 -14.64
C LYS E 28 12.83 -4.62 -13.70
N VAL E 29 12.31 -5.83 -13.91
CA VAL E 29 12.66 -6.94 -13.02
C VAL E 29 14.12 -7.34 -13.20
N SER E 30 14.60 -7.38 -14.45
CA SER E 30 15.91 -7.98 -14.69
C SER E 30 17.08 -7.15 -14.18
N LYS E 31 16.84 -6.08 -13.43
CA LYS E 31 17.94 -5.30 -12.88
C LYS E 31 18.37 -5.78 -11.50
N VAL E 32 17.48 -6.40 -10.76
CA VAL E 32 17.78 -6.76 -9.37
C VAL E 32 18.72 -7.96 -9.35
N PRO E 33 19.76 -7.96 -8.53
CA PRO E 33 20.59 -9.16 -8.40
C PRO E 33 19.79 -10.29 -7.77
N ALA E 34 20.18 -11.52 -8.14
CA ALA E 34 19.36 -12.68 -7.81
C ALA E 34 19.18 -12.88 -6.32
N ASP E 35 19.99 -12.25 -5.49
CA ASP E 35 19.89 -12.44 -4.05
C ASP E 35 18.82 -11.57 -3.39
N GLN E 36 18.19 -10.68 -4.13
CA GLN E 36 17.15 -9.84 -3.57
C GLN E 36 15.77 -10.09 -4.14
N LEU E 37 15.66 -10.87 -5.22
CA LEU E 37 14.35 -11.30 -5.68
C LEU E 37 13.78 -12.37 -4.76
N ASP E 38 12.47 -12.41 -4.67
CA ASP E 38 11.78 -13.53 -4.04
C ASP E 38 11.20 -14.45 -5.10
N GLU E 39 10.88 -15.67 -4.68
CA GLU E 39 10.55 -16.70 -5.66
C GLU E 39 9.29 -16.39 -6.44
N GLY E 40 8.31 -15.77 -5.80
CA GLY E 40 7.05 -15.51 -6.49
C GLY E 40 7.25 -14.65 -7.72
N VAL E 41 7.95 -13.54 -7.57
CA VAL E 41 8.18 -12.64 -8.69
C VAL E 41 8.99 -13.35 -9.77
N LYS E 42 9.94 -14.18 -9.38
CA LYS E 42 10.78 -14.86 -10.36
C LYS E 42 9.95 -15.82 -11.22
N ILE E 43 9.10 -16.62 -10.58
CA ILE E 43 8.27 -17.57 -11.32
C ILE E 43 7.30 -16.83 -12.23
N TRP E 44 6.65 -15.80 -11.69
CA TRP E 44 5.72 -15.04 -12.50
C TRP E 44 6.41 -14.41 -13.69
N ALA E 45 7.65 -13.96 -13.52
CA ALA E 45 8.37 -13.35 -14.62
C ALA E 45 8.71 -14.37 -15.70
N GLY E 46 9.09 -15.58 -15.30
CA GLY E 46 9.32 -16.61 -16.30
C GLY E 46 8.08 -16.86 -17.16
N ASN E 47 6.93 -16.98 -16.51
CA ASN E 47 5.72 -17.24 -17.28
C ASN E 47 5.37 -16.07 -18.19
N VAL E 48 5.58 -14.85 -17.72
CA VAL E 48 5.32 -13.69 -18.56
C VAL E 48 6.21 -13.72 -19.79
N LYS E 49 7.47 -14.11 -19.63
CA LYS E 49 8.37 -14.22 -20.76
C LYS E 49 7.82 -15.18 -21.81
N GLU E 50 7.35 -16.35 -21.38
CA GLU E 50 6.82 -17.30 -22.34
C GLU E 50 5.63 -16.73 -23.11
N LEU E 51 4.70 -16.10 -22.38
CA LEU E 51 3.56 -15.50 -23.06
C LEU E 51 4.00 -14.47 -24.09
N SER E 52 5.03 -13.69 -23.74
CA SER E 52 5.53 -12.69 -24.68
C SER E 52 6.00 -13.34 -25.97
N TYR E 53 6.71 -14.46 -25.86
CA TYR E 53 7.13 -15.17 -27.06
C TYR E 53 5.95 -15.54 -27.94
N GLN E 54 4.92 -16.12 -27.33
CA GLN E 54 3.77 -16.55 -28.13
C GLN E 54 3.09 -15.38 -28.83
N MET E 55 2.91 -14.27 -28.12
CA MET E 55 2.23 -13.14 -28.74
C MET E 55 3.03 -12.54 -29.88
N GLU E 56 4.36 -12.47 -29.73
CA GLU E 56 5.20 -12.02 -30.83
C GLU E 56 5.00 -12.89 -32.06
N ASP E 57 4.94 -14.21 -31.86
CA ASP E 57 4.75 -15.10 -33.00
C ASP E 57 3.44 -14.82 -33.71
N ILE E 58 2.37 -14.60 -32.94
CA ILE E 58 1.07 -14.34 -33.57
C ILE E 58 1.11 -13.05 -34.40
N VAL E 59 1.67 -11.99 -33.82
CA VAL E 59 1.75 -10.73 -34.54
C VAL E 59 2.53 -10.90 -35.83
N ASP E 60 3.64 -11.63 -35.78
CA ASP E 60 4.45 -11.81 -36.97
C ASP E 60 3.70 -12.59 -38.03
N ALA E 61 2.97 -13.63 -37.62
CA ALA E 61 2.19 -14.39 -38.58
C ALA E 61 1.19 -13.50 -39.30
N PHE E 62 0.52 -12.63 -38.56
CA PHE E 62 -0.43 -11.73 -39.22
C PHE E 62 0.28 -10.80 -40.18
N MET E 63 1.42 -10.25 -39.78
CA MET E 63 2.10 -9.30 -40.65
C MET E 63 2.57 -9.96 -41.94
N VAL E 64 3.03 -11.20 -41.86
CA VAL E 64 3.56 -11.86 -43.04
C VAL E 64 2.44 -12.34 -43.95
N ARG E 65 1.49 -13.10 -43.41
CA ARG E 65 0.52 -13.77 -44.26
C ARG E 65 -0.64 -12.90 -44.70
N VAL E 66 -0.64 -11.61 -44.37
CA VAL E 66 -1.74 -10.75 -44.78
C VAL E 66 -1.22 -9.40 -45.28
N ASN E 92 -7.41 -16.75 -47.96
CA ASN E 92 -7.29 -15.90 -46.79
C ASN E 92 -8.15 -16.41 -45.64
N GLY E 93 -9.24 -17.10 -45.97
CA GLY E 93 -10.18 -17.52 -44.94
C GLY E 93 -9.52 -18.39 -43.89
N LYS E 94 -8.78 -19.41 -44.32
CA LYS E 94 -8.16 -20.32 -43.36
C LYS E 94 -7.15 -19.60 -42.49
N ASP E 95 -6.39 -18.68 -43.08
CA ASP E 95 -5.40 -17.94 -42.32
C ASP E 95 -6.06 -17.08 -41.25
N LEU E 96 -7.09 -16.33 -41.64
CA LEU E 96 -7.78 -15.49 -40.67
C LEU E 96 -8.43 -16.33 -39.58
N HIS E 97 -8.94 -17.51 -39.94
CA HIS E 97 -9.56 -18.36 -38.93
C HIS E 97 -8.54 -18.86 -37.92
N ARG E 98 -7.39 -19.35 -38.41
CA ARG E 98 -6.33 -19.78 -37.51
C ARG E 98 -5.87 -18.64 -36.62
N ILE E 99 -5.72 -17.45 -37.20
CA ILE E 99 -5.23 -16.31 -36.42
C ILE E 99 -6.22 -15.93 -35.35
N SER E 100 -7.51 -15.95 -35.67
CA SER E 100 -8.51 -15.62 -34.66
C SER E 100 -8.51 -16.65 -33.54
N ALA E 101 -8.38 -17.93 -33.88
CA ALA E 101 -8.30 -18.96 -32.84
C ALA E 101 -7.13 -18.71 -31.91
N ALA E 102 -5.94 -18.51 -32.48
CA ALA E 102 -4.76 -18.29 -31.66
C ALA E 102 -4.91 -17.05 -30.80
N LEU E 103 -5.51 -16.00 -31.36
CA LEU E 103 -5.74 -14.77 -30.60
C LEU E 103 -6.57 -15.04 -29.36
N GLU E 104 -7.70 -15.71 -29.54
CA GLU E 104 -8.57 -15.99 -28.41
C GLU E 104 -7.85 -16.81 -27.35
N GLU E 105 -7.11 -17.84 -27.78
CA GLU E 105 -6.44 -18.69 -26.80
C GLU E 105 -5.41 -17.92 -25.99
N VAL E 106 -4.61 -17.09 -26.65
CA VAL E 106 -3.56 -16.41 -25.89
C VAL E 106 -4.16 -15.37 -24.95
N VAL E 107 -5.26 -14.73 -25.34
CA VAL E 107 -5.90 -13.80 -24.43
C VAL E 107 -6.38 -14.52 -23.18
N LEU E 108 -6.99 -15.69 -23.37
CA LEU E 108 -7.45 -16.47 -22.22
C LEU E 108 -6.30 -16.82 -21.29
N GLN E 109 -5.18 -17.26 -21.86
CA GLN E 109 -4.04 -17.63 -21.01
C GLN E 109 -3.52 -16.44 -20.22
N ALA E 110 -3.49 -15.27 -20.83
CA ALA E 110 -3.02 -14.09 -20.12
C ALA E 110 -3.92 -13.78 -18.92
N LYS E 111 -5.24 -13.79 -19.14
CA LYS E 111 -6.15 -13.56 -18.02
C LYS E 111 -5.93 -14.56 -16.90
N GLN E 112 -5.75 -15.83 -17.27
CA GLN E 112 -5.60 -16.87 -16.26
C GLN E 112 -4.34 -16.65 -15.42
N LEU E 113 -3.23 -16.30 -16.06
CA LEU E 113 -2.01 -16.06 -15.30
C LEU E 113 -2.17 -14.87 -14.37
N ALA E 114 -2.88 -13.83 -14.82
CA ALA E 114 -3.10 -12.69 -13.95
C ALA E 114 -3.85 -13.08 -12.68
N GLU E 115 -4.96 -13.82 -12.84
CA GLU E 115 -5.70 -14.27 -11.67
C GLU E 115 -4.82 -15.12 -10.76
N LEU E 116 -4.02 -16.00 -11.36
CA LEU E 116 -3.16 -16.87 -10.57
C LEU E 116 -2.21 -16.06 -9.71
N ARG E 117 -1.57 -15.05 -10.28
CA ARG E 117 -0.67 -14.23 -9.48
C ARG E 117 -1.43 -13.54 -8.35
N GLN E 118 -2.59 -12.96 -8.66
CA GLN E 118 -3.34 -12.26 -7.63
C GLN E 118 -3.75 -13.17 -6.49
N ARG E 119 -3.86 -14.47 -6.75
CA ARG E 119 -4.44 -15.37 -5.75
C ARG E 119 -3.53 -15.54 -4.53
N TYR E 120 -2.21 -15.64 -4.73
CA TYR E 120 -1.30 -16.03 -3.66
C TYR E 120 -0.30 -14.94 -3.32
N GLU E 121 -0.69 -13.69 -3.42
CA GLU E 121 0.22 -12.59 -3.12
C GLU E 121 0.06 -12.18 -1.66
N GLN E 122 1.16 -12.16 -0.93
CA GLN E 122 1.15 -11.81 0.49
C GLN E 122 2.34 -10.92 0.77
N GLU E 123 2.10 -9.75 1.35
CA GLU E 123 3.17 -8.77 1.53
C GLU E 123 4.12 -9.17 2.65
N MET E 124 3.59 -9.71 3.74
CA MET E 124 4.38 -10.10 4.90
C MET E 124 5.14 -8.88 5.44
N GLN E 130 19.37 -8.42 6.20
CA GLN E 130 19.98 -7.12 5.99
C GLN E 130 20.68 -7.05 4.63
N THR E 131 21.64 -6.14 4.51
CA THR E 131 22.41 -5.93 3.30
C THR E 131 23.79 -6.53 3.45
N SER E 132 24.30 -7.13 2.39
CA SER E 132 25.65 -7.69 2.47
C SER E 132 26.67 -6.61 2.12
N VAL E 133 27.93 -6.95 2.32
CA VAL E 133 29.04 -6.05 2.07
C VAL E 133 29.65 -6.43 0.74
N ASP E 134 30.31 -5.46 0.11
CA ASP E 134 30.99 -5.68 -1.16
C ASP E 134 32.04 -6.78 -1.02
N PRO E 135 31.98 -7.85 -1.82
CA PRO E 135 32.97 -8.91 -1.68
C PRO E 135 34.38 -8.47 -1.96
N ARG E 136 34.57 -7.35 -2.65
CA ARG E 136 35.91 -6.88 -2.96
C ARG E 136 36.57 -6.16 -1.80
N MET E 137 35.87 -6.00 -0.68
CA MET E 137 36.43 -5.23 0.42
C MET E 137 37.49 -6.02 1.16
N MET E 138 37.30 -7.33 1.32
CA MET E 138 38.26 -8.12 2.07
C MET E 138 39.63 -8.13 1.41
N ALA E 139 39.70 -7.96 0.10
CA ALA E 139 40.97 -8.05 -0.60
C ALA E 139 41.94 -6.96 -0.19
N LEU E 140 41.44 -5.87 0.40
CA LEU E 140 42.34 -4.81 0.85
C LEU E 140 43.12 -5.21 2.09
N TYR E 141 42.76 -6.30 2.76
CA TYR E 141 43.47 -6.72 3.94
C TYR E 141 44.29 -7.99 3.71
N THR E 142 44.49 -8.35 2.45
CA THR E 142 45.40 -9.43 2.10
C THR E 142 46.82 -9.05 2.46
N ASP E 143 47.57 -10.01 2.99
CA ASP E 143 48.97 -9.77 3.32
C ASP E 143 49.76 -9.42 2.07
N VAL E 144 50.84 -8.66 2.26
CA VAL E 144 51.64 -8.18 1.14
C VAL E 144 52.66 -9.21 0.67
N THR E 145 53.03 -10.16 1.50
CA THR E 145 54.00 -11.16 1.10
C THR E 145 53.40 -12.24 0.22
N GLU E 146 52.14 -12.09 -0.19
CA GLU E 146 51.49 -13.08 -1.02
C GLU E 146 51.26 -12.59 -2.44
N LEU E 147 51.82 -11.45 -2.81
CA LEU E 147 51.72 -10.95 -4.16
C LEU E 147 52.98 -11.33 -4.93
N VAL E 148 52.79 -11.78 -6.17
CA VAL E 148 53.87 -12.45 -6.87
C VAL E 148 54.70 -11.48 -7.70
N GLY E 149 54.08 -10.85 -8.69
CA GLY E 149 54.88 -10.12 -9.66
C GLY E 149 54.64 -8.63 -9.74
N ILE E 150 54.57 -7.96 -8.60
CA ILE E 150 54.22 -6.54 -8.62
C ILE E 150 55.41 -5.63 -8.91
N GLU E 151 56.61 -5.96 -8.43
CA GLU E 151 57.73 -5.01 -8.39
C GLU E 151 57.86 -4.19 -9.67
N GLU E 152 57.86 -4.87 -10.82
CA GLU E 152 58.06 -4.19 -12.10
C GLU E 152 56.95 -3.18 -12.37
N THR E 153 55.69 -3.62 -12.32
CA THR E 153 54.60 -2.70 -12.62
C THR E 153 54.51 -1.58 -11.58
N ARG E 154 54.77 -1.92 -10.32
CA ARG E 154 54.74 -0.92 -9.27
C ARG E 154 55.76 0.17 -9.53
N ASP E 155 56.98 -0.21 -9.88
CA ASP E 155 58.00 0.79 -10.13
C ASP E 155 57.73 1.56 -11.41
N LYS E 156 57.16 0.91 -12.43
CA LYS E 156 56.81 1.64 -13.63
C LYS E 156 55.78 2.72 -13.34
N LEU E 157 54.76 2.39 -12.56
CA LEU E 157 53.75 3.38 -12.21
C LEU E 157 54.35 4.50 -11.38
N ILE E 158 55.20 4.15 -10.41
CA ILE E 158 55.83 5.18 -9.59
C ILE E 158 56.62 6.14 -10.46
N ASN E 159 57.35 5.62 -11.45
CA ASN E 159 58.10 6.50 -12.33
C ASN E 159 57.17 7.34 -13.20
N MET E 160 56.05 6.77 -13.61
CA MET E 160 55.06 7.55 -14.35
C MET E 160 54.51 8.69 -13.51
N LEU E 161 54.50 8.55 -12.18
CA LEU E 161 54.02 9.63 -11.33
C LEU E 161 55.05 10.72 -11.17
N THR E 162 56.19 10.40 -10.57
CA THR E 162 57.19 11.44 -10.29
C THR E 162 57.85 11.92 -11.58
N GLU E 163 58.64 11.06 -12.21
CA GLU E 163 59.20 11.33 -13.53
C GLU E 163 60.04 12.62 -13.53
N GLY E 164 61.19 12.55 -12.89
CA GLY E 164 62.16 13.61 -12.97
C GLY E 164 62.73 13.92 -11.61
N ASP E 165 63.35 15.09 -11.51
CA ASP E 165 63.84 15.62 -10.24
C ASP E 165 63.02 16.78 -9.74
N ASP E 166 62.42 17.54 -10.66
CA ASP E 166 61.58 18.68 -10.33
C ASP E 166 60.10 18.35 -10.45
N TRP E 167 59.73 17.10 -10.19
CA TRP E 167 58.33 16.73 -10.27
C TRP E 167 57.51 17.52 -9.27
N SER E 168 58.15 18.00 -8.21
CA SER E 168 57.48 18.78 -7.19
C SER E 168 57.29 20.23 -7.60
N LYS E 169 57.45 20.55 -8.87
CA LYS E 169 57.19 21.89 -9.37
C LYS E 169 56.34 21.93 -10.63
N HIS E 170 55.90 20.80 -11.13
CA HIS E 170 55.08 20.82 -12.33
C HIS E 170 53.60 20.85 -11.96
N PRO E 171 52.73 21.22 -12.88
CA PRO E 171 51.30 21.29 -12.56
C PRO E 171 50.69 19.95 -12.19
N LEU E 172 49.43 19.99 -11.80
CA LEU E 172 48.72 18.79 -11.34
C LEU E 172 48.53 17.80 -12.47
N LYS E 173 48.74 16.52 -12.17
CA LYS E 173 48.62 15.46 -13.16
C LYS E 173 47.70 14.37 -12.68
N THR E 174 47.06 13.69 -13.64
CA THR E 174 46.08 12.66 -13.37
C THR E 174 46.45 11.42 -14.17
N ILE E 175 46.45 10.26 -13.51
CA ILE E 175 46.73 8.99 -14.16
C ILE E 175 45.50 8.11 -14.02
N SER E 176 45.32 7.20 -14.98
CA SER E 176 44.16 6.32 -14.92
C SER E 176 44.58 4.90 -15.29
N ILE E 177 43.84 3.94 -14.77
CA ILE E 177 44.13 2.52 -14.95
C ILE E 177 42.85 1.84 -15.41
N VAL E 178 42.95 1.04 -16.48
CA VAL E 178 41.80 0.40 -17.09
C VAL E 178 42.08 -1.07 -17.34
N GLY E 179 41.01 -1.83 -17.44
CA GLY E 179 41.09 -3.26 -17.64
C GLY E 179 39.80 -3.92 -17.23
N PHE E 180 39.79 -5.24 -17.31
CA PHE E 180 38.60 -5.98 -16.89
C PHE E 180 38.69 -6.32 -15.41
N GLY E 181 37.59 -6.88 -14.89
CA GLY E 181 37.53 -7.17 -13.47
C GLY E 181 38.45 -8.30 -13.06
N GLY E 182 38.91 -8.23 -11.83
CA GLY E 182 39.79 -9.25 -11.31
C GLY E 182 41.21 -9.18 -11.81
N LEU E 183 41.60 -8.09 -12.46
CA LEU E 183 42.92 -7.99 -13.07
C LEU E 183 43.99 -7.50 -12.11
N GLY E 184 43.62 -6.78 -11.06
CA GLY E 184 44.60 -6.34 -10.09
C GLY E 184 44.88 -4.86 -10.14
N LYS E 185 43.86 -4.05 -10.38
CA LYS E 185 44.09 -2.61 -10.50
C LYS E 185 44.22 -1.96 -9.14
N THR E 186 43.22 -2.14 -8.27
CA THR E 186 43.29 -1.50 -6.96
C THR E 186 44.44 -2.03 -6.14
N THR E 187 44.86 -3.27 -6.36
CA THR E 187 46.03 -3.78 -5.67
C THR E 187 47.27 -2.99 -6.03
N LEU E 188 47.46 -2.74 -7.32
CA LEU E 188 48.61 -1.97 -7.76
C LEU E 188 48.55 -0.53 -7.25
N ALA E 189 47.37 0.07 -7.31
CA ALA E 189 47.23 1.43 -6.80
C ALA E 189 47.57 1.50 -5.32
N LYS E 190 47.07 0.54 -4.55
CA LYS E 190 47.37 0.49 -3.12
C LYS E 190 48.86 0.34 -2.88
N ALA E 191 49.53 -0.51 -3.66
CA ALA E 191 50.96 -0.71 -3.48
C ALA E 191 51.72 0.59 -3.71
N ALA E 192 51.49 1.24 -4.84
CA ALA E 192 52.20 2.49 -5.13
C ALA E 192 51.89 3.56 -4.08
N TYR E 193 50.64 3.64 -3.66
CA TYR E 193 50.25 4.64 -2.67
C TYR E 193 50.99 4.43 -1.37
N ASP E 194 50.95 3.20 -0.82
CA ASP E 194 51.68 2.93 0.40
C ASP E 194 53.16 3.16 0.25
N LYS E 195 53.70 2.99 -0.95
CA LYS E 195 55.13 3.15 -1.12
C LYS E 195 55.54 4.61 -1.08
N ILE E 196 54.82 5.48 -1.78
CA ILE E 196 55.29 6.86 -1.96
C ILE E 196 54.49 7.89 -1.21
N LYS E 197 53.57 7.49 -0.32
CA LYS E 197 52.79 8.50 0.38
C LYS E 197 53.64 9.41 1.24
N VAL E 198 54.89 9.05 1.52
CA VAL E 198 55.68 9.83 2.47
C VAL E 198 56.05 11.20 1.91
N GLN E 199 56.19 11.32 0.60
CA GLN E 199 56.71 12.53 -0.01
C GLN E 199 55.62 13.57 -0.28
N PHE E 200 54.48 13.47 0.38
CA PHE E 200 53.40 14.42 0.20
C PHE E 200 52.97 14.94 1.57
N ASP E 201 51.97 15.82 1.58
CA ASP E 201 51.45 16.37 2.82
C ASP E 201 50.20 15.62 3.28
N CYS E 202 49.24 15.48 2.38
CA CYS E 202 48.00 14.78 2.68
C CYS E 202 47.59 13.83 1.56
N GLY E 203 46.84 12.79 1.90
CA GLY E 203 46.38 11.81 0.93
C GLY E 203 45.14 11.06 1.39
N ALA E 204 44.43 10.46 0.44
CA ALA E 204 43.23 9.71 0.75
C ALA E 204 43.08 8.58 -0.24
N PHE E 205 42.27 7.60 0.13
CA PHE E 205 42.05 6.43 -0.70
C PHE E 205 40.55 6.12 -0.64
N VAL E 206 39.81 6.57 -1.64
CA VAL E 206 38.37 6.50 -1.63
C VAL E 206 37.90 5.57 -2.72
N SER E 207 36.74 4.97 -2.51
CA SER E 207 36.17 4.04 -3.47
C SER E 207 34.74 4.45 -3.77
N VAL E 208 34.43 4.63 -5.05
CA VAL E 208 33.10 4.93 -5.53
C VAL E 208 32.48 3.65 -6.06
N SER E 209 31.22 3.40 -5.73
CA SER E 209 30.58 2.19 -6.18
C SER E 209 29.83 2.43 -7.48
N ARG E 210 28.91 1.52 -7.82
CA ARG E 210 28.15 1.64 -9.06
C ARG E 210 27.11 2.75 -9.00
N ASN E 211 26.27 2.74 -7.97
CA ASN E 211 25.25 3.78 -7.82
C ASN E 211 25.61 4.65 -6.63
N PRO E 212 26.42 5.68 -6.81
CA PRO E 212 26.98 6.40 -5.67
C PRO E 212 26.08 7.52 -5.18
N GLU E 213 26.33 7.91 -3.93
CA GLU E 213 25.78 9.12 -3.35
C GLU E 213 26.92 10.10 -3.17
N MET E 214 26.81 11.25 -3.81
CA MET E 214 27.94 12.17 -3.84
C MET E 214 28.30 12.70 -2.48
N LYS E 215 27.30 12.91 -1.62
CA LYS E 215 27.59 13.34 -0.26
C LYS E 215 28.51 12.36 0.44
N LYS E 216 28.26 11.05 0.26
CA LYS E 216 29.08 10.06 0.92
C LYS E 216 30.51 10.10 0.43
N VAL E 217 30.70 10.30 -0.87
CA VAL E 217 32.05 10.35 -1.42
C VAL E 217 32.80 11.55 -0.88
N LEU E 218 32.14 12.70 -0.84
CA LEU E 218 32.83 13.90 -0.37
C LEU E 218 33.16 13.79 1.12
N LYS E 219 32.24 13.23 1.91
CA LYS E 219 32.52 13.01 3.32
C LYS E 219 33.68 12.03 3.50
N ASP E 220 33.75 11.01 2.65
CA ASP E 220 34.85 10.07 2.72
C ASP E 220 36.19 10.75 2.47
N ILE E 221 36.24 11.60 1.43
CA ILE E 221 37.47 12.34 1.16
C ILE E 221 37.86 13.18 2.36
N LEU E 222 36.90 13.93 2.91
CA LEU E 222 37.20 14.80 4.03
C LEU E 222 37.72 14.02 5.24
N TYR E 223 37.04 12.93 5.57
CA TYR E 223 37.47 12.14 6.73
C TYR E 223 38.81 11.48 6.49
N GLY E 224 39.14 11.15 5.24
CA GLY E 224 40.44 10.59 4.98
C GLY E 224 41.55 11.60 5.05
N LEU E 225 41.27 12.86 4.76
CA LEU E 225 42.32 13.86 4.77
C LEU E 225 42.78 14.17 6.20
N ASP E 226 41.86 14.20 7.16
CA ASP E 226 42.24 14.50 8.54
C ASP E 226 41.22 13.84 9.47
N LYS E 227 41.64 12.76 10.15
CA LYS E 227 40.72 12.01 10.98
C LYS E 227 40.33 12.75 12.25
N VAL E 228 41.12 13.72 12.68
CA VAL E 228 40.86 14.39 13.95
C VAL E 228 39.93 15.58 13.76
N LYS E 229 40.27 16.49 12.85
CA LYS E 229 39.44 17.66 12.63
C LYS E 229 38.05 17.28 12.15
N TYR E 230 37.97 16.56 11.04
CA TYR E 230 36.69 16.13 10.50
C TYR E 230 36.28 14.75 11.00
N GLU E 231 36.35 14.56 12.30
CA GLU E 231 36.10 13.23 12.85
C GLU E 231 34.63 12.87 12.78
N ASN E 232 33.75 13.85 12.94
CA ASN E 232 32.31 13.61 12.97
C ASN E 232 31.65 14.09 11.69
N ILE E 233 32.41 14.17 10.60
CA ILE E 233 31.89 14.75 9.37
C ILE E 233 30.79 13.91 8.76
N HIS E 234 30.72 12.62 9.08
CA HIS E 234 29.70 11.79 8.46
C HIS E 234 28.32 12.06 9.01
N ASN E 235 28.20 12.83 10.09
CA ASN E 235 26.90 13.18 10.64
C ASN E 235 26.41 14.55 10.21
N ALA E 236 27.28 15.38 9.64
CA ALA E 236 26.87 16.70 9.19
C ALA E 236 25.84 16.58 8.07
N ALA E 237 24.98 17.58 7.96
CA ALA E 237 23.93 17.58 6.94
C ALA E 237 23.97 18.90 6.18
N ARG E 238 24.89 19.01 5.23
CA ARG E 238 24.98 20.14 4.32
C ARG E 238 24.90 19.61 2.89
N ASP E 239 24.67 20.51 1.94
CA ASP E 239 24.61 20.05 0.56
C ASP E 239 26.02 19.90 0.00
N GLU E 240 26.10 19.55 -1.29
CA GLU E 240 27.38 19.30 -1.90
C GLU E 240 28.22 20.55 -2.03
N LYS E 241 27.60 21.71 -2.20
CA LYS E 241 28.39 22.92 -2.42
C LYS E 241 29.28 23.23 -1.22
N TYR E 242 28.74 23.08 -0.02
CA TYR E 242 29.52 23.42 1.16
C TYR E 242 30.60 22.38 1.43
N LEU E 243 30.34 21.12 1.14
CA LEU E 243 31.39 20.11 1.27
C LEU E 243 32.53 20.37 0.29
N ILE E 244 32.19 20.74 -0.94
CA ILE E 244 33.22 21.06 -1.92
C ILE E 244 34.02 22.27 -1.47
N ASP E 245 33.35 23.26 -0.90
CA ASP E 245 34.07 24.42 -0.40
C ASP E 245 35.03 24.04 0.72
N ASP E 246 34.60 23.14 1.61
CA ASP E 246 35.48 22.69 2.68
C ASP E 246 36.71 22.00 2.11
N ILE E 247 36.52 21.11 1.14
CA ILE E 247 37.65 20.42 0.53
C ILE E 247 38.60 21.42 -0.11
N ILE E 248 38.05 22.43 -0.79
CA ILE E 248 38.91 23.41 -1.45
C ILE E 248 39.71 24.21 -0.42
N GLU E 249 39.07 24.59 0.68
CA GLU E 249 39.78 25.39 1.68
C GLU E 249 40.85 24.58 2.39
N PHE E 250 40.63 23.28 2.59
CA PHE E 250 41.63 22.51 3.31
C PHE E 250 42.88 22.26 2.47
N LEU E 251 42.74 22.11 1.16
CA LEU E 251 43.86 21.76 0.30
C LEU E 251 44.67 22.95 -0.13
N ASN E 252 44.39 24.14 0.38
CA ASN E 252 45.11 25.32 -0.04
C ASN E 252 46.55 25.26 0.44
N ASP E 253 47.49 25.35 -0.50
CA ASP E 253 48.92 25.39 -0.21
C ASP E 253 49.42 24.06 0.38
N LYS E 254 49.11 22.97 -0.30
CA LYS E 254 49.60 21.66 0.11
C LYS E 254 49.82 20.81 -1.13
N ARG E 255 50.72 19.84 -1.00
CA ARG E 255 50.88 18.79 -2.00
C ARG E 255 50.09 17.58 -1.56
N TYR E 256 49.25 17.06 -2.45
CA TYR E 256 48.40 15.94 -2.09
C TYR E 256 48.46 14.87 -3.16
N LEU E 257 48.25 13.63 -2.72
CA LEU E 257 48.18 12.48 -3.59
C LEU E 257 46.88 11.77 -3.29
N ILE E 258 45.97 11.71 -4.26
CA ILE E 258 44.64 11.17 -3.99
C ILE E 258 44.30 10.09 -5.00
N VAL E 259 43.75 8.99 -4.50
CA VAL E 259 43.35 7.86 -5.32
C VAL E 259 41.84 7.73 -5.29
N ILE E 260 41.23 7.60 -6.46
CA ILE E 260 39.80 7.42 -6.60
C ILE E 260 39.55 6.16 -7.40
N ASP E 261 38.68 5.31 -6.87
CA ASP E 261 38.64 3.91 -7.25
C ASP E 261 37.26 3.54 -7.76
N ASP E 262 37.21 2.73 -8.80
CA ASP E 262 35.98 2.06 -9.21
C ASP E 262 34.93 3.06 -9.70
N ILE E 263 35.34 3.92 -10.61
CA ILE E 263 34.42 4.86 -11.25
C ILE E 263 33.69 4.12 -12.37
N TRP E 264 32.37 4.28 -12.43
CA TRP E 264 31.59 3.50 -13.37
C TRP E 264 30.94 4.31 -14.47
N ASN E 265 30.86 5.63 -14.36
CA ASN E 265 30.39 6.44 -15.47
C ASN E 265 30.94 7.85 -15.32
N GLU E 266 30.37 8.78 -16.08
CA GLU E 266 30.98 10.08 -16.33
C GLU E 266 30.52 11.16 -15.37
N LYS E 267 29.23 11.16 -15.02
CA LYS E 267 28.70 12.23 -14.17
C LYS E 267 29.44 12.30 -12.85
N ALA E 268 29.79 11.16 -12.28
CA ALA E 268 30.48 11.14 -11.00
C ALA E 268 31.79 11.91 -11.08
N TRP E 269 32.60 11.61 -12.08
CA TRP E 269 33.86 12.34 -12.24
C TRP E 269 33.61 13.80 -12.54
N GLU E 270 32.60 14.08 -13.36
CA GLU E 270 32.29 15.46 -13.69
C GLU E 270 32.00 16.29 -12.45
N LEU E 271 31.39 15.67 -11.45
CA LEU E 271 31.10 16.42 -10.23
C LEU E 271 32.31 16.48 -9.30
N ILE E 272 32.99 15.35 -9.09
CA ILE E 272 34.13 15.33 -8.18
C ILE E 272 35.29 16.16 -8.67
N LYS E 273 35.39 16.40 -9.97
CA LYS E 273 36.48 17.18 -10.51
C LYS E 273 36.47 18.62 -10.01
N CYS E 274 35.34 19.09 -9.51
CA CYS E 274 35.24 20.49 -9.09
C CYS E 274 36.09 20.77 -7.86
N ALA E 275 36.28 19.79 -6.99
CA ALA E 275 37.03 20.01 -5.77
C ALA E 275 38.52 20.19 -6.03
N PHE E 276 39.01 19.80 -7.20
CA PHE E 276 40.40 19.96 -7.56
C PHE E 276 40.55 20.98 -8.67
N SER E 277 39.82 22.09 -8.55
CA SER E 277 39.79 23.09 -9.60
C SER E 277 40.98 24.02 -9.55
N LYS E 278 41.35 24.48 -8.35
CA LYS E 278 42.50 25.36 -8.23
C LYS E 278 43.77 24.65 -8.69
N LYS E 279 44.81 25.44 -8.90
CA LYS E 279 46.09 24.90 -9.35
C LYS E 279 47.03 24.73 -8.17
N SER E 280 47.72 23.61 -8.15
CA SER E 280 48.57 23.24 -7.02
C SER E 280 49.78 22.49 -7.53
N PRO E 281 50.96 23.11 -7.56
CA PRO E 281 52.12 22.47 -8.19
C PRO E 281 52.63 21.31 -7.35
N GLY E 282 52.64 20.12 -7.95
CA GLY E 282 53.20 18.94 -7.33
C GLY E 282 52.21 17.90 -6.89
N SER E 283 50.91 18.12 -7.06
CA SER E 283 49.91 17.21 -6.57
C SER E 283 49.53 16.20 -7.65
N ARG E 284 49.02 15.04 -7.23
CA ARG E 284 48.78 13.93 -8.15
C ARG E 284 47.45 13.25 -7.86
N LEU E 285 46.80 12.80 -8.93
CA LEU E 285 45.57 12.03 -8.82
C LEU E 285 45.72 10.72 -9.57
N ILE E 286 45.10 9.68 -9.02
CA ILE E 286 45.04 8.37 -9.68
C ILE E 286 43.58 7.94 -9.69
N THR E 287 43.15 7.32 -10.78
CA THR E 287 41.81 6.77 -10.86
C THR E 287 41.87 5.38 -11.47
N THR E 288 40.99 4.50 -11.01
CA THR E 288 40.91 3.16 -11.59
C THR E 288 39.49 2.87 -12.04
N THR E 289 39.35 2.18 -13.17
CA THR E 289 38.02 1.94 -13.73
C THR E 289 38.06 0.78 -14.71
N ARG E 290 36.86 0.28 -15.04
CA ARG E 290 36.67 -0.76 -16.06
C ARG E 290 36.27 -0.21 -17.41
N ASN E 291 35.90 1.06 -17.48
CA ASN E 291 35.35 1.67 -18.68
C ASN E 291 36.40 2.53 -19.36
N VAL E 292 36.46 2.47 -20.69
CA VAL E 292 37.54 3.14 -21.40
C VAL E 292 37.25 4.61 -21.62
N SER E 293 36.01 4.95 -21.99
CA SER E 293 35.67 6.34 -22.22
C SER E 293 35.84 7.17 -20.95
N VAL E 294 35.55 6.57 -19.79
CA VAL E 294 35.75 7.28 -18.54
C VAL E 294 37.22 7.63 -18.35
N SER E 295 38.12 6.70 -18.69
CA SER E 295 39.53 6.97 -18.56
C SER E 295 39.98 8.04 -19.56
N GLU E 296 39.41 8.04 -20.76
CA GLU E 296 39.75 9.10 -21.69
C GLU E 296 39.25 10.45 -21.20
N ALA E 297 38.15 10.46 -20.46
CA ALA E 297 37.62 11.71 -19.93
C ALA E 297 38.39 12.20 -18.72
N CYS E 298 39.00 11.29 -17.96
CA CYS E 298 39.79 11.72 -16.81
C CYS E 298 41.12 12.35 -17.24
N CYS E 299 41.93 11.60 -17.97
CA CYS E 299 43.25 12.07 -18.33
C CYS E 299 43.18 13.07 -19.46
N SER E 300 44.27 13.84 -19.60
CA SER E 300 44.37 14.83 -20.66
C SER E 300 44.99 14.23 -21.92
N SER E 301 46.21 13.73 -21.80
CA SER E 301 46.90 13.07 -22.91
C SER E 301 46.68 11.57 -22.84
N GLU E 302 46.75 10.93 -24.00
CA GLU E 302 46.62 9.48 -24.03
C GLU E 302 47.92 8.77 -23.69
N ASP E 303 48.90 9.51 -23.19
CA ASP E 303 50.10 8.94 -22.62
C ASP E 303 49.99 8.74 -21.13
N ASP E 304 48.97 9.30 -20.50
CA ASP E 304 48.73 9.18 -19.07
C ASP E 304 47.72 8.10 -18.76
N ILE E 305 47.62 7.08 -19.61
CA ILE E 305 46.73 5.95 -19.39
C ILE E 305 47.58 4.70 -19.24
N TYR E 306 47.35 3.96 -18.16
CA TYR E 306 48.01 2.70 -17.93
C TYR E 306 47.00 1.59 -18.20
N ARG E 307 47.36 0.66 -19.06
CA ARG E 307 46.48 -0.46 -19.40
C ARG E 307 47.00 -1.71 -18.70
N MET E 308 46.24 -2.21 -17.76
CA MET E 308 46.61 -3.45 -17.09
C MET E 308 46.59 -4.59 -18.09
N GLU E 309 47.53 -5.51 -17.96
CA GLU E 309 47.60 -6.68 -18.80
C GLU E 309 47.89 -7.90 -17.95
N PRO E 310 47.41 -9.06 -18.34
CA PRO E 310 47.53 -10.25 -17.49
C PRO E 310 48.97 -10.66 -17.29
N LEU E 311 49.18 -11.53 -16.31
CA LEU E 311 50.50 -12.03 -15.99
C LEU E 311 51.00 -12.93 -17.12
N SER E 312 52.33 -13.12 -17.14
CA SER E 312 52.94 -14.02 -18.10
C SER E 312 52.67 -15.47 -17.66
N ASN E 313 53.30 -16.43 -18.33
CA ASN E 313 53.04 -17.82 -17.97
C ASN E 313 53.84 -18.26 -16.76
N ASP E 314 55.11 -17.87 -16.69
CA ASP E 314 55.92 -18.28 -15.55
C ASP E 314 55.40 -17.71 -14.25
N VAL E 315 55.02 -16.43 -14.27
CA VAL E 315 54.50 -15.80 -13.07
C VAL E 315 53.21 -16.48 -12.64
N SER E 316 52.32 -16.76 -13.60
CA SER E 316 51.07 -17.44 -13.26
C SER E 316 51.35 -18.79 -12.63
N ARG E 317 52.31 -19.53 -13.20
CA ARG E 317 52.61 -20.85 -12.67
C ARG E 317 53.17 -20.78 -11.26
N THR E 318 54.04 -19.81 -10.99
CA THR E 318 54.57 -19.69 -9.64
C THR E 318 53.48 -19.30 -8.65
N LEU E 319 52.57 -18.42 -9.06
CA LEU E 319 51.45 -18.08 -8.19
C LEU E 319 50.61 -19.31 -7.87
N PHE E 320 50.26 -20.08 -8.91
CA PHE E 320 49.54 -21.32 -8.73
C PHE E 320 50.23 -22.23 -7.73
N CYS E 321 51.47 -22.62 -8.02
CA CYS E 321 52.20 -23.51 -7.14
C CYS E 321 52.22 -22.97 -5.71
N LYS E 322 52.60 -21.71 -5.55
CA LYS E 322 52.64 -21.09 -4.23
C LYS E 322 51.30 -21.22 -3.50
N ARG E 323 50.21 -21.06 -4.24
CA ARG E 323 48.87 -21.21 -3.68
C ARG E 323 48.55 -22.63 -3.19
N ILE E 324 48.96 -23.64 -3.94
CA ILE E 324 48.50 -25.01 -3.64
C ILE E 324 49.60 -25.92 -3.07
N PHE E 325 50.76 -25.96 -3.71
CA PHE E 325 51.86 -26.81 -3.21
C PHE E 325 52.74 -26.05 -2.22
N SER E 326 52.15 -25.10 -1.49
CA SER E 326 52.79 -23.88 -0.94
C SER E 326 54.25 -24.12 -0.56
N GLN E 327 54.57 -25.17 0.19
CA GLN E 327 55.94 -25.33 0.65
C GLN E 327 56.78 -26.17 -0.30
N GLU E 328 56.24 -27.30 -0.76
CA GLU E 328 57.04 -28.13 -1.66
C GLU E 328 57.39 -27.40 -2.95
N GLU E 329 56.45 -26.60 -3.48
CA GLU E 329 56.54 -25.98 -4.81
C GLU E 329 57.01 -26.96 -5.88
N GLY E 330 56.64 -28.22 -5.73
CA GLY E 330 57.00 -29.25 -6.68
C GLY E 330 55.80 -29.97 -7.27
N CYS E 331 55.50 -29.69 -8.51
CA CYS E 331 54.33 -30.35 -9.06
C CYS E 331 54.69 -31.76 -9.50
N PRO E 332 53.92 -32.75 -9.07
CA PRO E 332 54.10 -34.12 -9.58
C PRO E 332 53.82 -34.19 -11.07
N GLN E 333 54.42 -35.19 -11.71
CA GLN E 333 54.41 -35.26 -13.17
C GLN E 333 53.04 -35.53 -13.74
N GLU E 334 52.29 -36.44 -13.12
CA GLU E 334 50.98 -36.82 -13.66
C GLU E 334 50.05 -35.62 -13.73
N LEU E 335 50.32 -34.58 -12.95
CA LEU E 335 49.46 -33.41 -12.92
C LEU E 335 49.93 -32.30 -13.86
N LEU E 336 51.07 -32.47 -14.52
CA LEU E 336 51.65 -31.41 -15.33
C LEU E 336 50.70 -30.94 -16.44
N LYS E 337 50.20 -31.87 -17.24
CA LYS E 337 49.47 -31.46 -18.44
C LYS E 337 48.10 -30.91 -18.10
N VAL E 338 47.42 -31.49 -17.13
CA VAL E 338 46.16 -30.90 -16.67
C VAL E 338 46.43 -29.53 -16.06
N SER E 339 47.56 -29.39 -15.36
CA SER E 339 47.92 -28.07 -14.83
C SER E 339 48.06 -27.07 -15.96
N GLU E 340 48.70 -27.46 -17.06
CA GLU E 340 48.93 -26.54 -18.16
C GLU E 340 47.63 -26.17 -18.84
N GLU E 341 46.73 -27.13 -19.03
CA GLU E 341 45.45 -26.80 -19.64
C GLU E 341 44.63 -25.88 -18.75
N ILE E 342 44.66 -26.13 -17.44
CA ILE E 342 43.93 -25.25 -16.52
C ILE E 342 44.49 -23.84 -16.57
N LEU E 343 45.82 -23.72 -16.55
CA LEU E 343 46.43 -22.39 -16.62
C LEU E 343 46.11 -21.70 -17.92
N LYS E 344 46.00 -22.44 -19.01
CA LYS E 344 45.60 -21.82 -20.27
C LYS E 344 44.17 -21.33 -20.20
N LYS E 345 43.29 -22.08 -19.54
CA LYS E 345 41.91 -21.65 -19.43
C LYS E 345 41.77 -20.41 -18.54
N CYS E 346 42.61 -20.29 -17.51
CA CYS E 346 42.53 -19.12 -16.64
C CYS E 346 42.87 -17.85 -17.38
N GLY E 347 43.95 -17.87 -18.16
CA GLY E 347 44.29 -16.75 -19.01
C GLY E 347 45.17 -15.70 -18.39
N GLY E 348 45.74 -15.95 -17.22
CA GLY E 348 46.60 -14.99 -16.58
C GLY E 348 45.88 -13.96 -15.73
N VAL E 349 44.62 -14.17 -15.40
CA VAL E 349 43.86 -13.25 -14.57
C VAL E 349 43.98 -13.73 -13.12
N PRO E 350 44.54 -12.93 -12.21
CA PRO E 350 44.81 -13.42 -10.85
C PRO E 350 43.58 -13.92 -10.11
N LEU E 351 42.42 -13.32 -10.33
CA LEU E 351 41.22 -13.75 -9.61
C LEU E 351 40.89 -15.20 -9.93
N ALA E 352 40.86 -15.54 -11.21
CA ALA E 352 40.54 -16.90 -11.61
C ALA E 352 41.58 -17.89 -11.10
N ILE E 353 42.86 -17.53 -11.22
CA ILE E 353 43.93 -18.41 -10.74
C ILE E 353 43.74 -18.70 -9.26
N ILE E 354 43.50 -17.66 -8.47
CA ILE E 354 43.37 -17.84 -7.03
C ILE E 354 42.15 -18.70 -6.69
N THR E 355 41.01 -18.44 -7.33
CA THR E 355 39.82 -19.21 -6.98
C THR E 355 39.98 -20.67 -7.35
N ILE E 356 40.50 -20.97 -8.54
CA ILE E 356 40.66 -22.36 -8.93
C ILE E 356 41.72 -23.05 -8.10
N ALA E 357 42.76 -22.34 -7.71
CA ALA E 357 43.76 -22.95 -6.84
C ALA E 357 43.18 -23.27 -5.48
N SER E 358 42.32 -22.41 -4.94
CA SER E 358 41.68 -22.75 -3.68
C SER E 358 40.73 -23.92 -3.85
N LEU E 359 40.07 -24.01 -5.00
CA LEU E 359 39.17 -25.13 -5.26
C LEU E 359 39.91 -26.46 -5.30
N LEU E 360 41.05 -26.49 -5.99
CA LEU E 360 41.82 -27.72 -6.11
C LEU E 360 42.64 -28.02 -4.87
N ALA E 361 42.93 -27.01 -4.06
CA ALA E 361 43.74 -27.24 -2.87
C ALA E 361 43.03 -28.17 -1.91
N ASN E 362 41.80 -27.83 -1.52
CA ASN E 362 41.03 -28.62 -0.58
C ASN E 362 41.86 -28.93 0.66
N LYS E 363 42.12 -27.85 1.40
CA LYS E 363 43.24 -27.74 2.35
C LYS E 363 43.56 -29.04 3.07
N GLY E 364 42.53 -29.82 3.40
CA GLY E 364 42.73 -31.15 3.92
C GLY E 364 43.59 -32.01 3.01
N HIS E 365 43.22 -32.11 1.74
CA HIS E 365 43.92 -33.01 0.84
C HIS E 365 43.87 -32.49 -0.59
N ILE E 366 45.01 -32.60 -1.29
CA ILE E 366 45.01 -32.40 -2.73
C ILE E 366 44.11 -33.45 -3.37
N LYS E 367 43.38 -33.04 -4.40
CA LYS E 367 42.44 -33.94 -5.04
C LYS E 367 43.18 -34.89 -5.98
N ALA E 368 42.43 -35.84 -6.54
CA ALA E 368 43.00 -36.86 -7.41
C ALA E 368 43.03 -36.40 -8.86
N LYS E 369 43.93 -37.01 -9.63
CA LYS E 369 44.14 -36.59 -11.02
C LYS E 369 42.86 -36.65 -11.84
N ASP E 370 42.10 -37.72 -11.70
CA ASP E 370 40.84 -37.81 -12.44
C ASP E 370 39.88 -36.73 -12.01
N GLU E 371 39.94 -36.32 -10.74
CA GLU E 371 39.09 -35.22 -10.29
C GLU E 371 39.55 -33.91 -10.92
N TRP E 372 40.85 -33.75 -11.10
CA TRP E 372 41.35 -32.60 -11.85
C TRP E 372 40.81 -32.59 -13.26
N TYR E 373 40.79 -33.75 -13.91
CA TYR E 373 40.22 -33.83 -15.26
C TYR E 373 38.75 -33.45 -15.27
N ALA E 374 38.00 -33.97 -14.30
CA ALA E 374 36.57 -33.66 -14.21
C ALA E 374 36.36 -32.16 -14.05
N LEU E 375 37.15 -31.52 -13.19
CA LEU E 375 37.04 -30.09 -13.01
C LEU E 375 37.36 -29.34 -14.30
N LEU E 376 38.44 -29.73 -14.96
CA LEU E 376 38.82 -29.07 -16.20
C LEU E 376 37.72 -29.15 -17.24
N SER E 377 37.12 -30.32 -17.41
CA SER E 377 36.06 -30.45 -18.41
C SER E 377 34.85 -29.64 -18.02
N SER E 378 34.62 -29.43 -16.73
CA SER E 378 33.44 -28.72 -16.25
C SER E 378 33.73 -27.22 -16.07
N ASN E 386 30.55 -23.80 -3.37
CA ASN E 386 31.76 -23.27 -2.74
C ASN E 386 31.68 -21.75 -2.60
N ARG E 387 32.33 -21.21 -1.58
CA ARG E 387 32.24 -19.79 -1.30
C ARG E 387 33.04 -18.95 -2.29
N SER E 388 34.30 -19.33 -2.53
CA SER E 388 35.12 -18.54 -3.44
C SER E 388 34.52 -18.47 -4.83
N LEU E 389 33.92 -19.56 -5.29
CA LEU E 389 33.33 -19.57 -6.62
C LEU E 389 32.12 -18.64 -6.69
N GLU E 390 31.28 -18.66 -5.66
CA GLU E 390 30.16 -17.72 -5.60
C GLU E 390 30.66 -16.29 -5.60
N GLN E 391 31.72 -16.01 -4.86
CA GLN E 391 32.25 -14.64 -4.83
C GLN E 391 32.75 -14.22 -6.20
N MET E 392 33.48 -15.09 -6.88
CA MET E 392 33.98 -14.74 -8.20
C MET E 392 32.85 -14.46 -9.17
N LYS E 393 31.84 -15.31 -9.16
CA LYS E 393 30.69 -15.09 -10.04
C LYS E 393 30.01 -13.77 -9.73
N LYS E 394 29.76 -13.51 -8.46
CA LYS E 394 29.11 -12.27 -8.07
C LYS E 394 29.93 -11.05 -8.47
N ILE E 395 31.26 -11.16 -8.41
CA ILE E 395 32.09 -10.04 -8.78
C ILE E 395 32.05 -9.80 -10.28
N LEU E 396 32.15 -10.86 -11.07
CA LEU E 396 32.15 -10.68 -12.52
C LEU E 396 30.79 -10.21 -13.02
N LEU E 397 29.71 -10.50 -12.31
CA LEU E 397 28.41 -10.12 -12.86
C LEU E 397 28.11 -8.63 -12.73
N PHE E 398 29.00 -7.83 -12.14
CA PHE E 398 28.72 -6.40 -12.02
C PHE E 398 28.62 -5.74 -13.39
N SER E 399 29.50 -6.12 -14.31
CA SER E 399 29.48 -5.60 -15.67
C SER E 399 28.26 -6.05 -16.46
N TYR E 400 27.64 -7.15 -16.07
CA TYR E 400 26.41 -7.53 -16.76
C TYR E 400 25.22 -6.76 -16.20
N TYR E 401 25.16 -6.60 -14.88
CA TYR E 401 24.02 -5.89 -14.31
C TYR E 401 24.07 -4.40 -14.60
N ASP E 402 25.13 -3.89 -15.20
CA ASP E 402 25.27 -2.48 -15.47
C ASP E 402 24.90 -2.10 -16.89
N LEU E 403 24.71 -3.06 -17.79
CA LEU E 403 24.42 -2.75 -19.17
C LEU E 403 23.05 -2.10 -19.30
N PRO E 404 22.85 -1.28 -20.33
CA PRO E 404 21.50 -0.84 -20.66
C PRO E 404 20.63 -2.01 -21.03
N SER E 405 19.32 -1.82 -20.93
CA SER E 405 18.41 -2.96 -21.08
C SER E 405 18.41 -3.51 -22.49
N TYR E 406 18.69 -2.69 -23.49
CA TYR E 406 18.66 -3.16 -24.87
C TYR E 406 19.94 -3.84 -25.29
N LEU E 407 20.93 -3.95 -24.40
CA LEU E 407 22.18 -4.61 -24.72
C LEU E 407 22.30 -5.99 -24.09
N LYS E 408 21.41 -6.35 -23.16
CA LYS E 408 21.54 -7.64 -22.50
C LYS E 408 21.32 -8.80 -23.45
N PRO E 409 20.30 -8.80 -24.32
CA PRO E 409 20.19 -9.92 -25.26
C PRO E 409 21.39 -10.02 -26.20
N CYS E 410 21.84 -8.89 -26.74
CA CYS E 410 22.99 -8.91 -27.65
C CYS E 410 24.19 -9.59 -27.02
N LEU E 411 24.32 -9.55 -25.70
CA LEU E 411 25.43 -10.23 -25.06
C LEU E 411 25.16 -11.72 -24.93
N LEU E 412 23.95 -12.10 -24.49
CA LEU E 412 23.65 -13.51 -24.31
C LEU E 412 23.76 -14.26 -25.61
N TYR E 413 23.50 -13.58 -26.73
CA TYR E 413 23.60 -14.22 -28.04
C TYR E 413 24.98 -14.79 -28.30
N LEU E 414 26.00 -14.35 -27.57
CA LEU E 414 27.33 -14.90 -27.79
C LEU E 414 27.47 -16.32 -27.29
N SER E 415 26.51 -16.85 -26.55
CA SER E 415 26.64 -18.20 -26.05
C SER E 415 26.30 -19.25 -27.10
N ILE E 416 26.13 -18.85 -28.36
CA ILE E 416 25.85 -19.81 -29.41
C ILE E 416 27.12 -20.41 -30.00
N PHE E 417 28.19 -19.69 -29.99
CA PHE E 417 29.40 -20.08 -30.70
C PHE E 417 30.30 -20.92 -29.81
N PRO E 418 31.16 -21.75 -30.41
CA PRO E 418 32.02 -22.64 -29.63
C PRO E 418 33.04 -21.90 -28.78
N GLU E 419 33.90 -22.63 -28.09
CA GLU E 419 34.63 -22.05 -26.96
C GLU E 419 35.72 -21.08 -27.38
N ASP E 420 36.76 -21.57 -28.05
CA ASP E 420 38.00 -20.81 -28.12
C ASP E 420 38.13 -20.07 -29.45
N ARG E 421 37.34 -20.42 -30.45
CA ARG E 421 37.40 -19.77 -31.75
C ARG E 421 37.05 -18.28 -31.64
N GLU E 422 37.22 -17.57 -32.75
CA GLU E 422 36.91 -16.16 -32.85
C GLU E 422 35.75 -15.93 -33.82
N ILE E 423 35.03 -14.84 -33.60
CA ILE E 423 33.74 -14.59 -34.23
C ILE E 423 33.85 -13.38 -35.14
N ARG E 424 33.43 -13.51 -36.38
CA ARG E 424 33.35 -12.35 -37.26
C ARG E 424 32.30 -11.38 -36.75
N ARG E 425 32.59 -10.09 -36.87
CA ARG E 425 31.62 -9.12 -36.35
C ARG E 425 30.48 -8.89 -37.31
N ALA E 426 30.73 -8.96 -38.61
CA ALA E 426 29.65 -8.76 -39.57
C ALA E 426 28.57 -9.83 -39.41
N ARG E 427 28.99 -11.07 -39.19
CA ARG E 427 28.05 -12.14 -38.89
C ARG E 427 27.18 -11.79 -37.71
N LEU E 428 27.81 -11.36 -36.61
CA LEU E 428 27.08 -10.96 -35.41
C LEU E 428 26.08 -9.87 -35.71
N VAL E 429 26.51 -8.81 -36.40
CA VAL E 429 25.65 -7.66 -36.59
C VAL E 429 24.44 -8.01 -37.42
N TRP E 430 24.66 -8.75 -38.51
CA TRP E 430 23.52 -9.12 -39.35
C TRP E 430 22.59 -10.07 -38.63
N ARG E 431 23.11 -10.96 -37.78
CA ARG E 431 22.21 -11.85 -37.07
C ARG E 431 21.44 -11.11 -35.99
N TRP E 432 22.04 -10.12 -35.35
CA TRP E 432 21.31 -9.29 -34.40
C TRP E 432 20.17 -8.56 -35.10
N ILE E 433 20.44 -8.00 -36.27
CA ILE E 433 19.39 -7.29 -36.97
C ILE E 433 18.28 -8.25 -37.39
N SER E 434 18.64 -9.46 -37.81
CA SER E 434 17.62 -10.42 -38.24
C SER E 434 16.76 -10.88 -37.08
N GLU E 435 17.36 -11.10 -35.92
CA GLU E 435 16.60 -11.59 -34.78
C GLU E 435 15.60 -10.57 -34.25
N GLY E 436 15.83 -9.29 -34.52
CA GLY E 436 14.95 -8.25 -34.05
C GLY E 436 15.42 -7.49 -32.84
N PHE E 437 16.69 -7.58 -32.49
CA PHE E 437 17.21 -6.89 -31.32
C PHE E 437 17.53 -5.42 -31.60
N VAL E 438 17.55 -5.00 -32.86
CA VAL E 438 17.97 -3.67 -33.25
C VAL E 438 16.79 -2.96 -33.89
N TYR E 439 16.40 -1.82 -33.32
CA TYR E 439 15.30 -1.05 -33.87
C TYR E 439 15.37 0.37 -33.33
N SER E 440 14.78 1.30 -34.07
CA SER E 440 14.66 2.67 -33.61
C SER E 440 13.45 3.30 -34.28
N GLU E 441 13.02 4.44 -33.75
CA GLU E 441 11.87 5.15 -34.29
C GLU E 441 12.23 6.35 -35.15
N LYS E 442 13.46 6.85 -35.06
CA LYS E 442 13.86 7.96 -35.91
C LYS E 442 13.69 7.58 -37.39
N GLN E 443 13.53 8.59 -38.22
CA GLN E 443 13.19 8.37 -39.62
C GLN E 443 14.42 8.18 -40.49
N ASP E 444 15.58 8.62 -40.05
CA ASP E 444 16.72 8.76 -40.95
C ASP E 444 17.92 7.97 -40.49
N ILE E 445 17.68 6.80 -39.92
CA ILE E 445 18.70 6.01 -39.27
C ILE E 445 18.86 4.70 -40.03
N SER E 446 20.09 4.22 -40.13
CA SER E 446 20.39 2.95 -40.75
C SER E 446 20.69 1.93 -39.67
N LEU E 447 20.05 0.77 -39.74
CA LEU E 447 20.22 -0.21 -38.69
C LEU E 447 21.64 -0.76 -38.64
N TYR E 448 22.36 -0.74 -39.75
CA TYR E 448 23.72 -1.26 -39.75
C TYR E 448 24.61 -0.46 -38.81
N GLU E 449 24.51 0.86 -38.85
CA GLU E 449 25.38 1.65 -37.97
C GLU E 449 24.92 1.58 -36.52
N LEU E 450 23.62 1.40 -36.28
CA LEU E 450 23.19 1.12 -34.92
C LEU E 450 23.83 -0.15 -34.38
N GLY E 451 23.78 -1.23 -35.14
CA GLY E 451 24.40 -2.45 -34.70
C GLY E 451 25.89 -2.29 -34.47
N ASP E 452 26.55 -1.55 -35.35
CA ASP E 452 27.97 -1.31 -35.15
C ASP E 452 28.21 -0.54 -33.86
N SER E 453 27.34 0.40 -33.54
CA SER E 453 27.46 1.13 -32.28
C SER E 453 27.30 0.20 -31.08
N TYR E 454 26.35 -0.73 -31.17
CA TYR E 454 26.18 -1.70 -30.09
C TYR E 454 27.47 -2.50 -29.88
N PHE E 455 28.07 -2.96 -30.98
CA PHE E 455 29.29 -3.75 -30.88
C PHE E 455 30.41 -2.92 -30.25
N ASN E 456 30.57 -1.69 -30.70
CA ASN E 456 31.63 -0.85 -30.15
C ASN E 456 31.40 -0.55 -28.69
N GLU E 457 30.14 -0.46 -28.26
CA GLU E 457 29.87 -0.24 -26.85
C GLU E 457 30.23 -1.47 -26.03
N LEU E 458 29.93 -2.66 -26.54
CA LEU E 458 30.34 -3.87 -25.83
C LEU E 458 31.85 -3.94 -25.70
N VAL E 459 32.57 -3.53 -26.74
CA VAL E 459 34.03 -3.51 -26.65
C VAL E 459 34.48 -2.46 -25.64
N ASN E 460 33.75 -1.35 -25.56
CA ASN E 460 34.16 -0.23 -24.72
C ASN E 460 34.16 -0.62 -23.25
N ARG E 461 33.22 -1.45 -22.83
CA ARG E 461 33.12 -1.85 -21.43
C ARG E 461 34.02 -3.01 -21.06
N SER E 462 34.98 -3.37 -21.91
CA SER E 462 35.99 -4.39 -21.58
C SER E 462 35.35 -5.75 -21.34
N MET E 463 34.38 -6.11 -22.16
CA MET E 463 33.78 -7.43 -22.09
C MET E 463 34.09 -8.28 -23.31
N ILE E 464 34.85 -7.74 -24.25
CA ILE E 464 35.15 -8.41 -25.51
C ILE E 464 36.54 -7.98 -25.95
N GLN E 465 37.34 -8.92 -26.44
CA GLN E 465 38.66 -8.56 -26.95
C GLN E 465 38.60 -8.43 -28.46
N PRO E 466 38.85 -7.26 -29.03
CA PRO E 466 38.82 -7.13 -30.49
C PRO E 466 40.11 -7.62 -31.11
N ILE E 467 40.00 -8.09 -32.36
CA ILE E 467 41.12 -8.72 -33.05
C ILE E 467 41.08 -8.34 -34.52
N GLY E 468 42.20 -7.84 -35.04
CA GLY E 468 42.35 -7.62 -36.46
C GLY E 468 41.66 -6.39 -36.96
N ILE E 469 41.83 -6.14 -38.26
CA ILE E 469 41.18 -5.02 -38.94
C ILE E 469 40.48 -5.55 -40.18
N ASP E 470 39.18 -5.25 -40.29
CA ASP E 470 38.38 -5.69 -41.40
C ASP E 470 38.89 -5.07 -42.70
N ASP E 471 38.30 -5.50 -43.81
CA ASP E 471 38.63 -4.92 -45.11
C ASP E 471 37.82 -3.67 -45.41
N GLU E 472 36.99 -3.21 -44.48
CA GLU E 472 36.31 -1.93 -44.63
C GLU E 472 36.70 -0.95 -43.53
N GLY E 473 37.83 -1.21 -42.85
CA GLY E 473 38.38 -0.27 -41.91
C GLY E 473 37.92 -0.42 -40.49
N LYS E 474 37.24 -1.51 -40.15
CA LYS E 474 36.72 -1.72 -38.82
C LYS E 474 37.34 -2.96 -38.21
N VAL E 475 36.89 -3.31 -37.01
CA VAL E 475 37.39 -4.50 -36.34
C VAL E 475 37.03 -5.72 -37.17
N LYS E 476 37.84 -6.77 -37.08
CA LYS E 476 37.54 -7.97 -37.84
C LYS E 476 36.78 -8.99 -37.00
N ALA E 477 37.34 -9.40 -35.86
CA ALA E 477 36.75 -10.46 -35.07
C ALA E 477 36.84 -10.10 -33.60
N CYS E 478 36.32 -11.00 -32.76
CA CYS E 478 36.33 -10.76 -31.33
C CYS E 478 36.51 -12.08 -30.60
N ARG E 479 37.08 -12.01 -29.40
CA ARG E 479 37.27 -13.16 -28.53
C ARG E 479 36.65 -12.89 -27.17
N VAL E 480 36.34 -13.97 -26.47
CA VAL E 480 35.72 -13.91 -25.15
C VAL E 480 36.53 -14.77 -24.19
N HIS E 481 36.71 -14.28 -22.97
CA HIS E 481 37.33 -15.07 -21.93
C HIS E 481 36.47 -16.30 -21.62
N ASP E 482 37.09 -17.32 -21.04
CA ASP E 482 36.40 -18.59 -20.88
C ASP E 482 35.46 -18.61 -19.68
N MET E 483 35.89 -18.03 -18.55
CA MET E 483 35.00 -17.96 -17.40
C MET E 483 33.79 -17.10 -17.69
N VAL E 484 34.00 -16.00 -18.40
CA VAL E 484 32.87 -15.18 -18.85
C VAL E 484 31.95 -16.00 -19.73
N LEU E 485 32.51 -16.86 -20.57
CA LEU E 485 31.68 -17.68 -21.43
C LEU E 485 30.84 -18.66 -20.63
N ASP E 486 31.41 -19.25 -19.57
CA ASP E 486 30.64 -20.15 -18.74
C ASP E 486 29.50 -19.41 -18.03
N LEU E 487 29.80 -18.22 -17.50
CA LEU E 487 28.75 -17.43 -16.87
C LEU E 487 27.62 -17.13 -17.85
N ILE E 488 27.98 -16.72 -19.07
CA ILE E 488 26.96 -16.39 -20.06
C ILE E 488 26.14 -17.62 -20.41
N CYS E 489 26.79 -18.77 -20.55
CA CYS E 489 26.04 -19.97 -20.91
C CYS E 489 25.06 -20.34 -19.81
N SER E 490 25.46 -20.26 -18.54
CA SER E 490 24.52 -20.57 -17.47
C SER E 490 23.36 -19.59 -17.44
N LEU E 491 23.66 -18.30 -17.59
CA LEU E 491 22.61 -17.29 -17.60
C LEU E 491 21.61 -17.53 -18.71
N SER E 492 22.11 -17.80 -19.93
CA SER E 492 21.20 -17.96 -21.05
C SER E 492 20.46 -19.29 -21.00
N SER E 493 21.04 -20.29 -20.34
CA SER E 493 20.32 -21.54 -20.18
C SER E 493 19.20 -21.43 -19.17
N GLU E 494 19.39 -20.63 -18.13
CA GLU E 494 18.29 -20.51 -17.16
C GLU E 494 17.08 -19.81 -17.71
N GLU E 495 16.97 -19.49 -18.99
CA GLU E 495 15.81 -18.78 -19.50
C GLU E 495 15.33 -19.30 -20.84
N ASN E 496 15.81 -20.46 -21.28
CA ASN E 496 15.49 -21.01 -22.59
C ASN E 496 15.83 -20.04 -23.71
N PHE E 497 16.86 -19.22 -23.51
CA PHE E 497 17.31 -18.35 -24.57
C PHE E 497 17.99 -19.15 -25.68
N VAL E 498 18.84 -20.10 -25.31
CA VAL E 498 19.61 -20.89 -26.24
C VAL E 498 19.75 -22.30 -25.69
N THR E 499 19.66 -23.31 -26.55
CA THR E 499 19.94 -24.68 -26.16
C THR E 499 21.09 -25.21 -26.99
N ILE E 500 22.15 -25.64 -26.33
CA ILE E 500 23.34 -26.16 -26.97
C ILE E 500 23.26 -27.68 -26.98
N LEU E 501 23.87 -28.30 -27.98
CA LEU E 501 23.87 -29.75 -28.10
C LEU E 501 25.30 -30.27 -28.17
N ASP E 502 25.84 -30.68 -27.03
CA ASP E 502 27.04 -31.49 -26.95
C ASP E 502 26.67 -32.83 -26.33
N ASP E 503 27.46 -33.85 -26.65
CA ASP E 503 27.12 -35.17 -26.12
C ASP E 503 27.65 -35.39 -24.70
N PRO E 504 28.93 -35.10 -24.39
CA PRO E 504 29.41 -35.32 -23.02
C PRO E 504 28.67 -34.47 -22.00
N ARG E 505 28.63 -33.16 -22.23
CA ARG E 505 27.90 -32.23 -21.38
C ARG E 505 26.82 -31.56 -22.22
N ARG E 506 25.90 -30.87 -21.54
CA ARG E 506 24.88 -30.06 -22.19
C ARG E 506 24.06 -30.89 -23.18
N LYS E 507 23.29 -31.82 -22.61
CA LYS E 507 22.39 -32.63 -23.40
C LYS E 507 21.03 -31.93 -23.48
N MET E 508 20.06 -32.60 -24.12
CA MET E 508 18.75 -32.01 -24.28
C MET E 508 18.13 -31.74 -22.92
N PRO E 509 17.39 -30.65 -22.76
CA PRO E 509 16.78 -30.36 -21.47
C PRO E 509 15.81 -31.45 -21.07
N ASN E 510 15.79 -31.74 -19.77
CA ASN E 510 15.05 -32.92 -19.28
C ASN E 510 13.56 -32.77 -19.55
N SER E 511 12.97 -31.65 -19.16
CA SER E 511 11.54 -31.41 -19.33
C SER E 511 11.35 -30.05 -20.01
N GLU E 512 11.40 -30.04 -21.33
CA GLU E 512 11.19 -28.82 -22.10
C GLU E 512 10.58 -29.18 -23.44
N SER E 513 9.38 -28.68 -23.70
CA SER E 513 8.72 -28.90 -24.97
C SER E 513 8.87 -27.74 -25.93
N LYS E 514 9.26 -26.56 -25.43
CA LYS E 514 9.35 -25.36 -26.26
C LYS E 514 10.78 -24.84 -26.26
N VAL E 515 11.46 -25.05 -27.38
CA VAL E 515 12.82 -24.59 -27.60
C VAL E 515 12.80 -23.63 -28.78
N ARG E 516 13.42 -22.47 -28.62
CA ARG E 516 13.38 -21.46 -29.67
C ARG E 516 14.67 -21.37 -30.48
N ARG E 517 15.84 -21.49 -29.85
CA ARG E 517 17.10 -21.34 -30.54
C ARG E 517 18.00 -22.52 -30.24
N LEU E 518 18.51 -23.15 -31.29
CA LEU E 518 19.25 -24.40 -31.20
C LEU E 518 20.66 -24.22 -31.73
N SER E 519 21.63 -24.87 -31.08
CA SER E 519 23.02 -24.76 -31.51
C SER E 519 23.66 -26.15 -31.51
N ILE E 520 23.92 -26.70 -32.69
CA ILE E 520 24.45 -28.05 -32.85
C ILE E 520 25.97 -27.97 -32.92
N GLN E 521 26.65 -28.57 -31.94
CA GLN E 521 28.11 -28.55 -31.92
C GLN E 521 28.75 -29.93 -31.97
N ASN E 522 28.09 -30.96 -31.47
CA ASN E 522 28.59 -32.33 -31.56
C ASN E 522 27.59 -33.15 -32.34
N SER E 523 27.96 -33.51 -33.56
CA SER E 523 27.07 -34.19 -34.49
C SER E 523 26.77 -35.63 -34.07
N LYS E 524 27.41 -36.13 -33.00
CA LYS E 524 27.19 -37.50 -32.57
C LYS E 524 25.74 -37.71 -32.13
N ILE E 525 25.15 -36.70 -31.49
CA ILE E 525 23.78 -36.80 -31.00
C ILE E 525 22.80 -36.90 -32.15
N ASP E 526 21.64 -37.50 -31.89
CA ASP E 526 20.52 -37.43 -32.81
C ASP E 526 19.41 -36.60 -32.20
N VAL E 527 18.65 -35.92 -33.05
CA VAL E 527 17.70 -34.92 -32.63
C VAL E 527 16.28 -35.40 -32.94
N ASP E 528 15.34 -35.05 -32.05
CA ASP E 528 13.95 -35.41 -32.27
C ASP E 528 13.29 -34.45 -33.26
N THR E 529 13.23 -33.17 -32.89
CA THR E 529 12.73 -32.11 -33.77
C THR E 529 11.34 -32.42 -34.31
N THR E 530 10.51 -33.03 -33.47
CA THR E 530 9.09 -33.14 -33.76
C THR E 530 8.23 -32.38 -32.76
N ARG E 531 8.80 -32.01 -31.62
CA ARG E 531 8.13 -31.13 -30.67
C ARG E 531 8.58 -29.69 -30.80
N MET E 532 9.62 -29.41 -31.58
CA MET E 532 10.15 -28.06 -31.74
C MET E 532 9.40 -27.37 -32.88
N GLU E 533 8.14 -27.06 -32.60
CA GLU E 533 7.32 -26.36 -33.59
C GLU E 533 7.78 -24.91 -33.73
N HIS E 534 8.03 -24.24 -32.61
CA HIS E 534 8.34 -22.82 -32.65
C HIS E 534 9.85 -22.61 -32.54
N MET E 535 10.54 -22.98 -33.61
CA MET E 535 11.94 -22.62 -33.71
C MET E 535 12.07 -21.19 -34.19
N ARG E 536 13.25 -20.62 -34.04
CA ARG E 536 13.51 -19.30 -34.60
C ARG E 536 14.84 -19.27 -35.31
N SER E 537 15.80 -20.07 -34.85
CA SER E 537 17.14 -20.00 -35.39
C SER E 537 17.83 -21.33 -35.21
N VAL E 538 18.51 -21.78 -36.26
CA VAL E 538 19.27 -23.02 -36.23
C VAL E 538 20.68 -22.72 -36.72
N THR E 539 21.66 -23.31 -36.06
CA THR E 539 23.05 -23.11 -36.44
C THR E 539 23.79 -24.42 -36.27
N VAL E 540 24.57 -24.79 -37.28
CA VAL E 540 25.32 -26.03 -37.25
C VAL E 540 26.80 -25.71 -37.34
N PHE E 541 27.58 -26.29 -36.45
CA PHE E 541 29.01 -26.01 -36.37
C PHE E 541 29.85 -27.22 -36.73
N SER E 542 29.22 -28.28 -37.22
CA SER E 542 29.90 -29.55 -37.42
C SER E 542 30.31 -29.66 -38.88
N ASP E 543 31.55 -30.06 -39.10
CA ASP E 543 31.98 -30.53 -40.41
C ASP E 543 31.36 -31.87 -40.77
N ASN E 544 30.55 -32.44 -39.89
CA ASN E 544 30.17 -33.84 -40.03
C ASN E 544 29.01 -34.03 -40.99
N VAL E 545 28.95 -35.21 -41.58
CA VAL E 545 27.86 -35.55 -42.48
C VAL E 545 26.55 -35.67 -41.72
N VAL E 546 26.60 -36.25 -40.51
CA VAL E 546 25.37 -36.42 -39.73
C VAL E 546 24.74 -35.06 -39.40
N GLY E 547 25.53 -33.99 -39.47
CA GLY E 547 24.98 -32.67 -39.26
C GLY E 547 23.89 -32.31 -40.25
N LYS E 548 24.06 -32.73 -41.52
CA LYS E 548 23.05 -32.42 -42.52
C LYS E 548 21.87 -33.38 -42.46
N VAL E 549 21.87 -34.30 -41.49
CA VAL E 549 20.84 -35.34 -41.47
C VAL E 549 19.49 -34.78 -41.05
N LEU E 550 19.46 -33.87 -40.07
CA LEU E 550 18.19 -33.47 -39.48
C LEU E 550 17.34 -32.75 -40.51
N ASP E 551 16.03 -32.95 -40.41
CA ASP E 551 15.11 -32.33 -41.35
C ASP E 551 14.82 -30.90 -40.93
N ILE E 552 14.77 -30.01 -41.92
CA ILE E 552 14.56 -28.59 -41.67
C ILE E 552 13.21 -28.10 -42.13
N SER E 553 12.63 -28.68 -43.17
CA SER E 553 11.40 -28.17 -43.74
C SER E 553 10.21 -28.21 -42.78
N ARG E 554 10.38 -28.75 -41.59
CA ARG E 554 9.30 -28.80 -40.62
C ARG E 554 9.25 -27.59 -39.70
N PHE E 555 10.31 -26.78 -39.67
CA PHE E 555 10.34 -25.56 -38.87
C PHE E 555 9.66 -24.46 -39.69
N LYS E 556 8.33 -24.46 -39.64
CA LYS E 556 7.58 -23.56 -40.52
C LYS E 556 7.76 -22.09 -40.17
N VAL E 557 8.35 -21.79 -39.04
CA VAL E 557 8.62 -20.41 -38.65
C VAL E 557 10.11 -20.33 -38.32
N LEU E 558 10.91 -19.87 -39.28
CA LEU E 558 12.32 -19.63 -39.04
C LEU E 558 12.66 -18.19 -39.36
N ARG E 559 13.74 -17.71 -38.79
CA ARG E 559 14.20 -16.38 -39.10
C ARG E 559 15.67 -16.38 -39.47
N VAL E 560 16.41 -17.33 -38.91
CA VAL E 560 17.86 -17.39 -39.12
C VAL E 560 18.24 -18.81 -39.44
N LEU E 561 18.74 -19.04 -40.65
CA LEU E 561 19.31 -20.31 -41.07
C LEU E 561 20.77 -20.09 -41.36
N ASP E 562 21.64 -20.73 -40.60
CA ASP E 562 23.08 -20.50 -40.68
C ASP E 562 23.79 -21.83 -40.83
N LEU E 563 24.20 -22.16 -42.05
CA LEU E 563 24.87 -23.42 -42.33
C LEU E 563 26.30 -23.21 -42.82
N GLU E 564 26.94 -22.14 -42.36
CA GLU E 564 28.27 -21.80 -42.85
C GLU E 564 29.28 -22.87 -42.48
N GLY E 565 29.97 -23.40 -43.48
CA GLY E 565 30.99 -24.40 -43.27
C GLY E 565 30.54 -25.82 -43.49
N CYS E 566 29.25 -26.11 -43.33
CA CYS E 566 28.78 -27.48 -43.47
C CYS E 566 28.94 -27.96 -44.90
N HIS E 567 28.69 -29.24 -45.10
CA HIS E 567 28.85 -29.88 -46.40
C HIS E 567 27.51 -30.25 -47.00
N VAL E 568 26.48 -29.43 -46.75
CA VAL E 568 25.23 -29.66 -47.43
C VAL E 568 25.43 -29.45 -48.92
N SER E 569 24.59 -30.08 -49.69
CA SER E 569 24.83 -30.10 -51.12
C SER E 569 23.80 -29.31 -51.91
N ASP E 570 22.53 -29.41 -51.57
CA ASP E 570 21.51 -28.63 -52.24
C ASP E 570 20.30 -28.49 -51.32
N VAL E 571 19.64 -27.34 -51.40
CA VAL E 571 18.51 -27.01 -50.53
C VAL E 571 17.37 -26.53 -51.42
N GLY E 572 16.38 -27.40 -51.64
CA GLY E 572 15.23 -27.02 -52.43
C GLY E 572 14.08 -26.57 -51.56
N TYR E 573 14.16 -26.90 -50.27
CA TYR E 573 13.11 -26.56 -49.32
C TYR E 573 13.25 -25.17 -48.75
N VAL E 574 14.12 -24.31 -49.29
CA VAL E 574 14.30 -23.01 -48.69
C VAL E 574 13.08 -22.14 -48.93
N GLY E 575 12.47 -22.26 -50.11
CA GLY E 575 11.12 -21.80 -50.27
C GLY E 575 10.19 -22.54 -49.33
N ASN E 576 8.96 -22.04 -49.23
CA ASN E 576 7.96 -22.53 -48.29
C ASN E 576 8.28 -22.17 -46.85
N LEU E 577 9.28 -21.32 -46.62
CA LEU E 577 9.62 -20.89 -45.28
C LEU E 577 9.03 -19.53 -44.92
N LEU E 578 9.04 -18.59 -45.86
CA LEU E 578 8.15 -17.42 -45.81
C LEU E 578 8.44 -16.48 -44.65
N HIS E 579 9.33 -16.88 -43.75
CA HIS E 579 9.62 -16.07 -42.58
C HIS E 579 11.08 -15.71 -42.45
N LEU E 580 11.96 -16.27 -43.28
CA LEU E 580 13.40 -16.12 -43.12
C LEU E 580 13.78 -14.64 -43.12
N ARG E 581 14.93 -14.36 -42.52
CA ARG E 581 15.50 -13.02 -42.61
C ARG E 581 16.97 -13.12 -42.95
N TYR E 582 17.60 -14.23 -42.59
CA TYR E 582 19.03 -14.41 -42.76
C TYR E 582 19.27 -15.79 -43.35
N LEU E 583 19.86 -15.84 -44.53
CA LEU E 583 20.17 -17.10 -45.20
C LEU E 583 21.68 -17.16 -45.41
N GLY E 584 22.36 -17.89 -44.55
CA GLY E 584 23.80 -17.96 -44.63
C GLY E 584 24.32 -19.27 -45.19
N LEU E 585 24.79 -19.23 -46.44
CA LEU E 585 25.32 -20.41 -47.12
C LEU E 585 26.71 -20.03 -47.61
N LYS E 586 27.71 -20.19 -46.78
CA LYS E 586 29.08 -19.82 -47.12
C LYS E 586 29.98 -21.01 -46.92
N GLY E 587 30.77 -21.34 -47.94
CA GLY E 587 31.64 -22.50 -47.85
C GLY E 587 30.91 -23.82 -47.89
N THR E 588 29.75 -23.86 -48.51
CA THR E 588 29.00 -25.09 -48.70
C THR E 588 29.09 -25.55 -50.15
N HIS E 589 28.66 -26.78 -50.39
CA HIS E 589 28.73 -27.35 -51.74
C HIS E 589 27.40 -27.22 -52.46
N VAL E 590 26.88 -26.00 -52.54
CA VAL E 590 25.61 -25.75 -53.20
C VAL E 590 25.89 -25.36 -54.64
N LYS E 591 25.21 -26.03 -55.58
CA LYS E 591 25.44 -25.79 -57.00
C LYS E 591 24.45 -24.83 -57.61
N ASP E 592 23.22 -24.81 -57.10
CA ASP E 592 22.17 -24.00 -57.70
C ASP E 592 20.99 -23.89 -56.74
N LEU E 593 20.30 -22.76 -56.83
CA LEU E 593 19.20 -22.29 -56.01
C LEU E 593 17.86 -22.59 -56.66
N PRO E 594 16.83 -22.86 -55.86
CA PRO E 594 15.50 -23.05 -56.43
C PRO E 594 14.94 -21.72 -56.88
N MET E 595 14.33 -21.71 -58.06
CA MET E 595 13.79 -20.46 -58.58
C MET E 595 12.44 -20.24 -57.89
N GLU E 596 12.48 -20.19 -56.57
CA GLU E 596 11.33 -19.77 -55.78
C GLU E 596 11.72 -18.85 -54.63
N VAL E 597 13.00 -18.46 -54.53
CA VAL E 597 13.41 -17.54 -53.49
C VAL E 597 12.66 -16.23 -53.59
N GLY E 598 12.08 -15.92 -54.75
CA GLY E 598 11.29 -14.71 -54.88
C GLY E 598 10.11 -14.64 -53.93
N LYS E 599 9.74 -15.74 -53.29
CA LYS E 599 8.64 -15.71 -52.34
C LYS E 599 9.03 -15.09 -51.01
N LEU E 600 10.32 -15.12 -50.65
CA LEU E 600 10.79 -14.62 -49.37
C LEU E 600 10.81 -13.10 -49.41
N GLN E 601 9.63 -12.50 -49.25
CA GLN E 601 9.53 -11.05 -49.33
C GLN E 601 10.24 -10.35 -48.19
N PHE E 602 10.50 -11.04 -47.09
CA PHE E 602 11.33 -10.53 -46.01
C PHE E 602 12.61 -11.34 -46.05
N LEU E 603 13.71 -10.71 -46.45
CA LEU E 603 15.00 -11.38 -46.46
C LEU E 603 16.07 -10.30 -46.43
N LEU E 604 16.70 -10.10 -45.28
CA LEU E 604 17.66 -9.02 -45.16
C LEU E 604 19.00 -9.39 -45.78
N THR E 605 19.51 -10.58 -45.49
CA THR E 605 20.86 -10.96 -45.86
C THR E 605 20.85 -12.22 -46.71
N LEU E 606 21.73 -12.26 -47.70
CA LEU E 606 21.88 -13.42 -48.56
C LEU E 606 23.36 -13.59 -48.85
N ASP E 607 23.96 -14.62 -48.27
CA ASP E 607 25.41 -14.78 -48.26
C ASP E 607 25.81 -15.99 -49.09
N LEU E 608 26.47 -15.75 -50.22
CA LEU E 608 26.89 -16.80 -51.12
C LEU E 608 28.36 -16.57 -51.44
N ARG E 609 29.25 -17.28 -50.76
CA ARG E 609 30.67 -17.13 -51.00
C ARG E 609 31.37 -18.46 -50.81
N GLY E 610 32.21 -18.83 -51.75
CA GLY E 610 32.85 -20.12 -51.68
C GLY E 610 31.95 -21.26 -52.10
N THR E 611 30.76 -20.97 -52.61
CA THR E 611 29.89 -22.01 -53.13
C THR E 611 30.21 -22.25 -54.60
N LYS E 612 29.51 -23.20 -55.22
CA LYS E 612 29.76 -23.58 -56.60
C LYS E 612 28.71 -23.03 -57.55
N ILE E 613 27.99 -21.98 -57.15
CA ILE E 613 26.97 -21.40 -58.00
C ILE E 613 27.62 -20.61 -59.13
N GLU E 614 26.98 -20.58 -60.29
CA GLU E 614 27.46 -19.80 -61.42
C GLU E 614 26.51 -18.71 -61.86
N VAL E 615 25.22 -19.00 -61.97
CA VAL E 615 24.24 -18.03 -62.44
C VAL E 615 23.12 -17.95 -61.42
N LEU E 616 22.83 -16.77 -60.95
CA LEU E 616 21.74 -16.61 -60.00
C LEU E 616 20.40 -16.67 -60.71
N PRO E 617 19.40 -17.28 -60.08
CA PRO E 617 18.06 -17.29 -60.67
C PRO E 617 17.50 -15.90 -60.84
N TRP E 618 16.65 -15.75 -61.84
CA TRP E 618 16.12 -14.45 -62.18
C TRP E 618 15.24 -13.88 -61.07
N SER E 619 14.43 -14.71 -60.43
CA SER E 619 13.45 -14.22 -59.46
C SER E 619 14.10 -13.48 -58.30
N VAL E 620 15.42 -13.57 -58.16
CA VAL E 620 16.17 -12.80 -57.16
C VAL E 620 15.86 -11.32 -57.28
N VAL E 621 15.53 -10.84 -58.48
CA VAL E 621 15.22 -9.43 -58.64
C VAL E 621 14.08 -9.02 -57.72
N GLN E 622 13.15 -9.92 -57.46
CA GLN E 622 11.94 -9.58 -56.73
C GLN E 622 12.06 -9.82 -55.23
N LEU E 623 13.14 -9.35 -54.63
CA LEU E 623 13.31 -9.37 -53.17
C LEU E 623 13.43 -7.92 -52.74
N ARG E 624 12.30 -7.24 -52.56
CA ARG E 624 12.35 -5.80 -52.40
C ARG E 624 13.07 -5.37 -51.14
N ARG E 625 12.82 -6.05 -50.03
CA ARG E 625 13.57 -5.78 -48.79
C ARG E 625 14.80 -6.67 -48.81
N LEU E 626 15.95 -6.09 -49.12
CA LEU E 626 17.20 -6.80 -49.08
C LEU E 626 18.29 -5.78 -48.84
N MET E 627 19.10 -5.99 -47.82
CA MET E 627 20.06 -4.99 -47.40
C MET E 627 21.52 -5.39 -47.59
N CYS E 628 21.80 -6.66 -47.87
CA CYS E 628 23.19 -7.09 -47.96
C CYS E 628 23.27 -8.27 -48.93
N LEU E 629 24.21 -8.20 -49.86
CA LEU E 629 24.36 -9.23 -50.88
C LEU E 629 25.83 -9.55 -51.05
N TYR E 630 26.26 -10.67 -50.47
CA TYR E 630 27.62 -11.16 -50.67
C TYR E 630 27.64 -12.16 -51.80
N VAL E 631 28.62 -12.04 -52.69
CA VAL E 631 28.68 -12.86 -53.89
C VAL E 631 30.09 -12.81 -54.43
N ASP E 632 30.47 -13.83 -55.19
CA ASP E 632 31.77 -13.86 -55.85
C ASP E 632 31.68 -13.18 -57.21
N TYR E 633 32.82 -12.72 -57.70
CA TYR E 633 32.83 -12.03 -58.98
C TYR E 633 32.67 -12.97 -60.16
N GLY E 634 32.68 -14.26 -59.93
CA GLY E 634 32.47 -15.22 -60.99
C GLY E 634 31.03 -15.60 -61.22
N MET E 635 30.08 -14.91 -60.61
CA MET E 635 28.67 -15.24 -60.72
C MET E 635 27.95 -14.20 -61.56
N LYS E 636 26.99 -14.65 -62.36
CA LYS E 636 26.23 -13.81 -63.27
C LYS E 636 25.02 -13.22 -62.56
N LEU E 637 24.88 -11.94 -62.62
CA LEU E 637 23.68 -11.41 -62.01
C LEU E 637 22.60 -11.15 -63.05
N PRO E 638 21.33 -11.32 -62.70
CA PRO E 638 20.26 -11.04 -63.66
C PRO E 638 20.19 -9.57 -64.02
N SER E 639 19.21 -9.19 -64.84
CA SER E 639 19.24 -7.86 -65.43
C SER E 639 18.65 -6.80 -64.50
N GLY E 640 17.42 -6.98 -64.04
CA GLY E 640 16.74 -5.90 -63.35
C GLY E 640 17.20 -5.63 -61.94
N ILE E 641 18.51 -5.50 -61.72
CA ILE E 641 19.05 -5.31 -60.38
C ILE E 641 18.73 -3.92 -59.82
N GLY E 642 18.23 -3.00 -60.65
CA GLY E 642 17.93 -1.68 -60.15
C GLY E 642 16.80 -1.64 -59.16
N ASN E 643 15.95 -2.67 -59.13
CA ASN E 643 14.80 -2.67 -58.23
C ASN E 643 15.19 -2.86 -56.78
N LEU E 644 16.37 -3.44 -56.51
CA LEU E 644 16.78 -3.73 -55.14
C LEU E 644 17.27 -2.45 -54.46
N THR E 645 16.32 -1.56 -54.17
CA THR E 645 16.67 -0.47 -53.30
C THR E 645 16.92 -1.00 -51.89
N PHE E 646 17.35 -0.11 -51.00
CA PHE E 646 17.74 -0.41 -49.64
C PHE E 646 19.04 -1.20 -49.54
N LEU E 647 19.63 -1.62 -50.66
CA LEU E 647 20.91 -2.30 -50.60
C LEU E 647 21.95 -1.39 -49.96
N GLU E 648 22.48 -1.81 -48.81
CA GLU E 648 23.51 -1.04 -48.13
C GLU E 648 24.90 -1.60 -48.31
N VAL E 649 25.04 -2.87 -48.70
CA VAL E 649 26.34 -3.49 -48.88
C VAL E 649 26.26 -4.38 -50.10
N LEU E 650 27.16 -4.17 -51.05
CA LEU E 650 27.24 -5.01 -52.24
C LEU E 650 28.70 -5.38 -52.43
N ASP E 651 28.96 -6.67 -52.61
CA ASP E 651 30.32 -7.19 -52.59
C ASP E 651 30.64 -7.90 -53.89
N ASP E 652 31.74 -7.48 -54.52
CA ASP E 652 32.33 -8.18 -55.67
C ASP E 652 31.34 -8.30 -56.83
N LEU E 653 30.96 -7.14 -57.38
CA LEU E 653 30.25 -7.15 -58.64
C LEU E 653 31.08 -7.85 -59.72
N GLY E 654 30.40 -8.55 -60.60
CA GLY E 654 31.06 -9.18 -61.72
C GLY E 654 31.62 -8.17 -62.68
N LEU E 655 30.74 -7.37 -63.29
CA LEU E 655 31.13 -6.37 -64.27
C LEU E 655 31.97 -6.99 -65.39
N SER E 656 31.30 -7.87 -66.13
CA SER E 656 31.87 -8.52 -67.29
C SER E 656 30.71 -9.02 -68.15
N ASP E 657 30.82 -8.82 -69.47
CA ASP E 657 29.79 -9.24 -70.41
C ASP E 657 28.45 -8.57 -70.07
N VAL E 658 28.50 -7.25 -69.91
CA VAL E 658 27.35 -6.48 -69.44
C VAL E 658 27.13 -5.29 -70.37
N ASP E 659 25.87 -5.00 -70.67
CA ASP E 659 25.49 -3.86 -71.50
C ASP E 659 25.35 -2.59 -70.66
N LEU E 660 24.95 -1.49 -71.33
CA LEU E 660 24.94 -0.18 -70.68
C LEU E 660 23.81 0.01 -69.70
N ASP E 661 22.63 -0.52 -70.00
CA ASP E 661 21.50 -0.29 -69.12
C ASP E 661 21.77 -0.86 -67.73
N PHE E 662 22.60 -1.89 -67.66
CA PHE E 662 23.03 -2.42 -66.35
C PHE E 662 23.81 -1.36 -65.58
N VAL E 663 24.83 -0.78 -66.22
CA VAL E 663 25.66 0.21 -65.56
C VAL E 663 24.87 1.47 -65.27
N LYS E 664 23.77 1.69 -65.97
CA LYS E 664 22.92 2.82 -65.67
C LYS E 664 22.00 2.51 -64.48
N GLU E 665 21.47 1.29 -64.43
CA GLU E 665 20.70 0.86 -63.28
C GLU E 665 21.50 1.00 -62.01
N LEU E 666 22.79 0.67 -62.07
CA LEU E 666 23.66 0.79 -60.90
C LEU E 666 23.53 2.14 -60.21
N GLY E 667 23.15 3.17 -60.95
CA GLY E 667 23.00 4.49 -60.37
C GLY E 667 21.76 4.71 -59.54
N ARG E 668 20.88 3.71 -59.45
CA ARG E 668 19.66 3.87 -58.69
C ARG E 668 19.79 3.45 -57.23
N LEU E 669 20.74 2.58 -56.91
CA LEU E 669 20.95 2.18 -55.54
C LEU E 669 21.56 3.33 -54.76
N THR E 670 20.73 4.12 -54.08
CA THR E 670 21.19 5.41 -53.58
C THR E 670 21.76 5.30 -52.16
N LYS E 671 21.16 4.48 -51.30
CA LYS E 671 21.66 4.34 -49.93
C LYS E 671 22.52 3.10 -49.86
N LEU E 672 23.74 3.22 -50.38
CA LEU E 672 24.66 2.10 -50.47
C LEU E 672 26.01 2.53 -49.93
N ARG E 673 26.51 1.84 -48.91
CA ARG E 673 27.67 2.30 -48.17
C ARG E 673 28.94 1.53 -48.43
N VAL E 674 28.89 0.40 -49.14
CA VAL E 674 30.08 -0.37 -49.45
C VAL E 674 29.96 -0.90 -50.86
N LEU E 675 31.06 -0.86 -51.61
CA LEU E 675 31.03 -1.32 -53.00
C LEU E 675 32.38 -1.93 -53.36
N ARG E 676 32.35 -2.96 -54.19
CA ARG E 676 33.55 -3.64 -54.68
C ARG E 676 33.32 -4.07 -56.12
N LEU E 677 34.27 -3.76 -57.00
CA LEU E 677 34.15 -4.04 -58.42
C LEU E 677 35.27 -4.97 -58.88
N ASP E 678 35.20 -5.41 -60.13
CA ASP E 678 36.20 -6.36 -60.61
C ASP E 678 36.82 -6.01 -61.96
N PHE E 679 36.09 -5.31 -62.82
CA PHE E 679 36.62 -4.85 -64.12
C PHE E 679 37.28 -5.98 -64.91
N HIS E 680 36.79 -7.21 -64.77
CA HIS E 680 37.50 -8.35 -65.33
C HIS E 680 37.38 -8.40 -66.85
N GLY E 681 36.16 -8.57 -67.34
CA GLY E 681 35.93 -8.59 -68.78
C GLY E 681 35.23 -7.32 -69.22
N PHE E 682 34.90 -6.49 -68.23
CA PHE E 682 34.25 -5.22 -68.48
C PHE E 682 35.01 -4.42 -69.53
N ASP E 683 34.29 -3.98 -70.55
CA ASP E 683 34.92 -3.22 -71.62
C ASP E 683 35.12 -1.78 -71.21
N GLN E 684 36.39 -1.34 -71.24
CA GLN E 684 36.73 0.01 -70.81
C GLN E 684 36.51 1.02 -71.95
N SER E 685 35.25 1.16 -72.32
CA SER E 685 34.82 2.20 -73.24
C SER E 685 33.66 2.96 -72.64
N MET E 686 33.02 2.35 -71.65
CA MET E 686 31.82 2.88 -71.01
C MET E 686 32.08 3.36 -69.58
N GLY E 687 33.35 3.60 -69.23
CA GLY E 687 33.68 3.98 -67.88
C GLY E 687 33.01 5.27 -67.42
N LYS E 688 32.63 6.14 -68.36
CA LYS E 688 32.02 7.41 -67.99
C LYS E 688 30.66 7.20 -67.34
N ALA E 689 29.82 6.34 -67.94
CA ALA E 689 28.54 6.04 -67.33
C ALA E 689 28.73 5.46 -65.94
N LEU E 690 29.73 4.61 -65.78
CA LEU E 690 29.99 4.01 -64.48
C LEU E 690 30.37 5.06 -63.45
N GLU E 691 31.23 6.01 -63.84
CA GLU E 691 31.63 7.02 -62.89
C GLU E 691 30.50 7.97 -62.54
N GLU E 692 29.60 8.26 -63.50
CA GLU E 692 28.42 9.05 -63.16
C GLU E 692 27.54 8.31 -62.17
N SER E 693 27.26 7.03 -62.47
CA SER E 693 26.45 6.23 -61.55
C SER E 693 27.05 6.19 -60.16
N ILE E 694 28.39 6.16 -60.07
CA ILE E 694 29.02 6.16 -58.74
C ILE E 694 28.85 7.52 -58.08
N SER E 695 29.09 8.60 -58.82
CA SER E 695 28.91 9.93 -58.27
C SER E 695 27.48 10.19 -57.83
N ASN E 696 26.53 9.38 -58.27
CA ASN E 696 25.15 9.55 -57.83
C ASN E 696 24.90 9.07 -56.41
N MET E 697 25.76 8.23 -55.84
CA MET E 697 25.56 7.69 -54.50
C MET E 697 26.11 8.67 -53.48
N TYR E 698 25.22 9.32 -52.73
CA TYR E 698 25.67 10.35 -51.79
C TYR E 698 26.31 9.74 -50.56
N LYS E 699 25.61 8.85 -49.88
CA LYS E 699 26.16 8.17 -48.71
C LYS E 699 27.01 7.01 -49.19
N LEU E 700 28.29 7.02 -48.83
CA LEU E 700 29.20 5.95 -49.22
C LEU E 700 30.48 6.10 -48.41
N ASP E 701 31.03 4.97 -47.97
CA ASP E 701 32.23 5.00 -47.13
C ASP E 701 33.43 4.33 -47.78
N SER E 702 33.27 3.13 -48.32
CA SER E 702 34.40 2.38 -48.85
C SER E 702 34.17 2.11 -50.32
N LEU E 703 35.26 1.87 -51.04
CA LEU E 703 35.20 1.59 -52.47
C LEU E 703 36.44 0.82 -52.87
N ASP E 704 36.27 -0.19 -53.71
CA ASP E 704 37.38 -0.90 -54.31
C ASP E 704 37.25 -0.89 -55.82
N VAL E 705 38.39 -0.91 -56.49
CA VAL E 705 38.46 -1.18 -57.91
C VAL E 705 39.62 -2.11 -58.13
N PHE E 706 39.34 -3.30 -58.67
CA PHE E 706 40.37 -4.28 -58.97
C PHE E 706 40.52 -4.37 -60.48
N VAL E 707 41.76 -4.26 -60.96
CA VAL E 707 42.04 -4.31 -62.40
C VAL E 707 43.24 -5.21 -62.60
N ASN E 708 43.15 -6.12 -63.56
CA ASN E 708 44.24 -7.07 -63.79
C ASN E 708 45.52 -6.35 -64.21
N ARG E 709 45.48 -5.67 -65.36
CA ARG E 709 46.67 -5.09 -65.95
C ARG E 709 46.31 -3.78 -66.63
N GLY E 710 47.32 -3.14 -67.21
CA GLY E 710 47.07 -2.01 -68.08
C GLY E 710 46.84 -0.72 -67.33
N LEU E 711 46.33 0.25 -68.08
CA LEU E 711 46.03 1.57 -67.55
C LEU E 711 44.55 1.66 -67.24
N ILE E 712 44.22 2.21 -66.06
CA ILE E 712 42.83 2.30 -65.64
C ILE E 712 42.13 3.40 -66.41
N ASN E 713 41.07 3.04 -67.14
CA ASN E 713 40.39 3.94 -68.07
C ASN E 713 39.06 4.42 -67.53
N CYS E 714 38.94 4.58 -66.22
CA CYS E 714 37.73 5.10 -65.60
C CYS E 714 38.13 6.12 -64.55
N LEU E 715 37.12 6.67 -63.87
CA LEU E 715 37.34 7.69 -62.84
C LEU E 715 38.16 8.85 -63.37
N SER E 716 37.81 9.30 -64.57
CA SER E 716 38.52 10.41 -65.19
C SER E 716 38.41 11.67 -64.34
N GLU E 717 39.21 12.67 -64.70
CA GLU E 717 39.15 13.94 -63.99
C GLU E 717 37.82 14.62 -64.24
N HIS E 718 37.52 15.62 -63.40
CA HIS E 718 36.19 16.24 -63.35
C HIS E 718 35.13 15.19 -63.05
N TRP E 719 35.27 14.56 -61.89
CA TRP E 719 34.40 13.47 -61.49
C TRP E 719 33.51 13.80 -60.30
N VAL E 720 33.95 14.64 -59.39
CA VAL E 720 33.16 15.02 -58.22
C VAL E 720 32.81 13.80 -57.39
N PRO E 721 33.76 13.22 -56.67
CA PRO E 721 33.49 12.03 -55.85
C PRO E 721 32.46 12.32 -54.78
N PRO E 722 31.87 11.28 -54.19
CA PRO E 722 30.90 11.52 -53.13
C PRO E 722 31.58 12.14 -51.92
N PRO E 723 30.85 12.96 -51.16
CA PRO E 723 31.53 13.76 -50.13
C PRO E 723 31.98 12.95 -48.93
N ARG E 724 31.21 11.96 -48.52
CA ARG E 724 31.47 11.28 -47.26
C ARG E 724 32.49 10.16 -47.36
N LEU E 725 33.09 9.96 -48.53
CA LEU E 725 34.04 8.87 -48.72
C LEU E 725 35.12 8.91 -47.64
N CYS E 726 35.50 7.74 -47.15
CA CYS E 726 36.45 7.64 -46.06
C CYS E 726 37.53 6.60 -46.30
N ARG E 727 37.40 5.75 -47.31
CA ARG E 727 38.36 4.69 -47.54
C ARG E 727 38.37 4.36 -49.02
N LEU E 728 39.56 4.30 -49.61
CA LEU E 728 39.71 4.09 -51.04
C LEU E 728 40.92 3.21 -51.29
N ALA E 729 40.77 2.24 -52.19
CA ALA E 729 41.84 1.27 -52.40
C ALA E 729 41.80 0.72 -53.81
N PHE E 730 42.98 0.53 -54.39
CA PHE E 730 43.14 -0.16 -55.68
C PHE E 730 44.19 -1.23 -55.46
N PRO E 731 43.78 -2.43 -55.08
CA PRO E 731 44.75 -3.44 -54.68
C PRO E 731 45.40 -4.17 -55.86
N SER E 732 45.29 -3.59 -57.05
CA SER E 732 45.78 -4.27 -58.25
C SER E 732 47.29 -4.52 -58.17
N LYS E 733 48.07 -3.46 -58.00
CA LYS E 733 49.53 -3.43 -57.92
C LYS E 733 50.21 -3.71 -59.26
N ARG E 734 49.46 -4.00 -60.31
CA ARG E 734 50.01 -4.13 -61.65
C ARG E 734 49.28 -3.31 -62.69
N SER E 735 48.22 -2.61 -62.31
CA SER E 735 47.54 -1.67 -63.19
C SER E 735 47.73 -0.27 -62.62
N TRP E 736 48.40 0.59 -63.36
CA TRP E 736 48.80 1.90 -62.85
C TRP E 736 47.79 2.97 -63.21
N PHE E 737 47.81 4.05 -62.44
CA PHE E 737 47.30 5.33 -62.89
C PHE E 737 48.36 6.04 -63.72
N LYS E 738 47.94 7.09 -64.41
CA LYS E 738 48.90 8.05 -64.92
C LYS E 738 49.19 9.01 -63.78
N THR E 739 49.76 10.19 -64.06
CA THR E 739 50.43 11.02 -63.07
C THR E 739 49.76 11.00 -61.70
N LEU E 740 48.51 11.48 -61.64
CA LEU E 740 47.72 11.41 -60.42
C LEU E 740 46.32 11.92 -60.72
N PRO E 741 45.28 11.35 -60.12
CA PRO E 741 43.96 11.93 -60.28
C PRO E 741 43.95 13.35 -59.76
N SER E 742 43.23 14.22 -60.48
CA SER E 742 43.15 15.61 -60.10
C SER E 742 42.24 15.85 -58.90
N TRP E 743 41.30 14.94 -58.66
CA TRP E 743 40.29 15.12 -57.63
C TRP E 743 40.75 14.71 -56.24
N ILE E 744 42.06 14.65 -56.00
CA ILE E 744 42.58 14.21 -54.70
C ILE E 744 42.83 15.42 -53.80
N ASN E 745 42.45 16.61 -54.27
CA ASN E 745 42.68 17.81 -53.48
C ASN E 745 41.89 17.74 -52.17
N PRO E 746 42.41 18.34 -51.10
CA PRO E 746 41.76 18.19 -49.78
C PRO E 746 40.41 18.86 -49.67
N SER E 747 39.97 19.57 -50.71
CA SER E 747 38.64 20.15 -50.66
C SER E 747 37.59 19.14 -51.08
N SER E 748 37.89 18.33 -52.08
CA SER E 748 36.92 17.38 -52.60
C SER E 748 36.81 16.15 -51.70
N LEU E 749 37.88 15.79 -51.02
CA LEU E 749 37.90 14.65 -50.10
C LEU E 749 38.30 15.13 -48.71
N PRO E 750 37.43 15.87 -48.04
CA PRO E 750 37.78 16.34 -46.69
C PRO E 750 38.00 15.21 -45.72
N LEU E 751 37.25 14.12 -45.86
CA LEU E 751 37.42 12.94 -45.03
C LEU E 751 38.13 11.87 -45.82
N LEU E 752 39.24 11.38 -45.29
CA LEU E 752 39.94 10.24 -45.87
C LEU E 752 40.94 9.71 -44.87
N SER E 753 40.84 8.43 -44.52
CA SER E 753 41.76 7.85 -43.54
C SER E 753 42.47 6.63 -44.10
N TYR E 754 42.44 6.42 -45.40
CA TYR E 754 43.05 5.24 -45.99
C TYR E 754 43.23 5.50 -47.47
N LEU E 755 44.35 5.06 -48.01
CA LEU E 755 44.63 5.23 -49.42
C LEU E 755 45.66 4.20 -49.84
N ASP E 756 45.54 3.72 -51.08
CA ASP E 756 46.43 2.67 -51.57
C ASP E 756 46.45 2.78 -53.09
N ILE E 757 47.53 3.33 -53.64
CA ILE E 757 47.58 3.61 -55.07
C ILE E 757 48.91 3.12 -55.63
N THR E 758 48.88 2.73 -56.89
CA THR E 758 50.10 2.40 -57.65
C THR E 758 50.15 3.31 -58.88
N LEU E 759 51.06 4.27 -58.86
CA LEU E 759 51.17 5.21 -59.96
C LEU E 759 52.21 4.72 -60.96
N PHE E 760 52.13 5.26 -62.18
CA PHE E 760 53.10 4.91 -63.20
C PHE E 760 54.46 5.52 -62.87
N GLU E 761 54.51 6.84 -62.75
CA GLU E 761 55.73 7.54 -62.37
C GLU E 761 55.36 8.62 -61.36
N VAL E 762 56.02 8.60 -60.21
CA VAL E 762 55.76 9.56 -59.15
C VAL E 762 56.61 10.80 -59.37
N ARG E 763 56.02 11.96 -59.13
CA ARG E 763 56.76 13.21 -59.17
C ARG E 763 57.25 13.56 -57.77
N SER E 764 57.86 14.73 -57.62
CA SER E 764 58.27 15.21 -56.31
C SER E 764 57.15 16.02 -55.65
N GLU E 765 56.31 16.67 -56.45
CA GLU E 765 55.23 17.50 -55.92
C GLU E 765 53.90 16.75 -55.94
N ASP E 766 53.99 15.43 -55.80
CA ASP E 766 52.83 14.58 -55.61
C ASP E 766 52.62 14.27 -54.13
N ILE E 767 53.70 13.97 -53.42
CA ILE E 767 53.64 13.84 -51.97
C ILE E 767 53.13 15.12 -51.33
N GLN E 768 53.38 16.27 -51.97
CA GLN E 768 52.86 17.53 -51.47
C GLN E 768 51.35 17.51 -51.39
N LEU E 769 50.68 17.09 -52.46
CA LEU E 769 49.23 17.02 -52.46
C LEU E 769 48.73 16.09 -51.37
N LEU E 770 49.50 15.05 -51.03
CA LEU E 770 49.11 14.17 -49.93
C LEU E 770 49.31 14.86 -48.59
N GLY E 771 50.31 15.72 -48.48
CA GLY E 771 50.44 16.53 -47.28
C GLY E 771 49.25 17.44 -47.07
N THR E 772 48.60 17.84 -48.14
CA THR E 772 47.44 18.73 -48.03
C THR E 772 46.23 18.06 -47.41
N LEU E 773 46.20 16.73 -47.39
CA LEU E 773 45.00 16.03 -46.95
C LEU E 773 44.89 16.08 -45.43
N PRO E 774 43.72 16.39 -44.89
CA PRO E 774 43.59 16.61 -43.45
C PRO E 774 43.88 15.39 -42.59
N ALA E 775 43.19 14.26 -42.82
CA ALA E 775 43.32 13.12 -41.89
C ALA E 775 44.37 12.12 -42.35
N LEU E 776 44.11 11.44 -43.46
CA LEU E 776 45.05 10.51 -44.10
C LEU E 776 45.86 9.70 -43.07
N VAL E 777 45.16 8.89 -42.30
CA VAL E 777 45.83 8.10 -41.27
C VAL E 777 46.79 7.10 -41.90
N TYR E 778 46.37 6.40 -42.94
CA TYR E 778 47.16 5.36 -43.58
C TYR E 778 47.41 5.73 -45.03
N LEU E 779 48.55 5.29 -45.55
CA LEU E 779 48.94 5.64 -46.91
C LEU E 779 49.89 4.59 -47.46
N GLU E 780 49.75 4.29 -48.75
CA GLU E 780 50.63 3.31 -49.40
C GLU E 780 50.67 3.60 -50.88
N ILE E 781 51.86 3.87 -51.41
CA ILE E 781 52.05 4.19 -52.81
C ILE E 781 53.06 3.24 -53.42
N TRP E 782 52.80 2.82 -54.65
CA TRP E 782 53.75 2.04 -55.42
C TRP E 782 54.16 2.83 -56.66
N ASN E 783 55.42 2.65 -57.07
CA ASN E 783 55.96 3.23 -58.28
C ASN E 783 56.08 2.13 -59.32
N TYR E 784 55.19 2.14 -60.31
CA TYR E 784 55.10 1.04 -61.26
C TYR E 784 56.32 0.98 -62.17
N SER E 785 56.93 2.12 -62.47
CA SER E 785 58.03 2.17 -63.42
C SER E 785 59.30 1.55 -62.85
N VAL E 786 59.49 1.62 -61.53
CA VAL E 786 60.72 1.10 -60.94
C VAL E 786 60.83 -0.40 -61.15
N PHE E 787 59.74 -1.13 -60.91
CA PHE E 787 59.77 -2.59 -60.96
C PHE E 787 59.55 -3.11 -62.37
N GLU E 788 58.42 -2.78 -62.97
CA GLU E 788 58.08 -3.37 -64.25
C GLU E 788 58.93 -2.81 -65.37
N GLU E 789 59.13 -1.49 -65.40
CA GLU E 789 60.09 -0.89 -66.31
C GLU E 789 61.47 -0.97 -65.68
N ALA E 790 62.45 -0.27 -66.25
CA ALA E 790 63.81 -0.31 -65.76
C ALA E 790 64.28 1.03 -65.20
N HIS E 791 63.36 1.92 -64.84
CA HIS E 791 63.73 3.19 -64.26
C HIS E 791 64.43 2.99 -62.93
N GLU E 792 65.04 4.05 -62.43
CA GLU E 792 65.83 4.01 -61.21
C GLU E 792 65.17 4.85 -60.12
N VAL E 793 65.54 4.55 -58.88
CA VAL E 793 64.97 5.24 -57.73
C VAL E 793 65.43 6.69 -57.76
N GLU E 794 64.48 7.61 -57.70
CA GLU E 794 64.75 9.04 -57.72
C GLU E 794 64.40 9.64 -56.37
N ALA E 795 65.26 10.50 -55.86
CA ALA E 795 65.07 11.07 -54.54
C ALA E 795 64.03 12.18 -54.59
N PRO E 796 62.90 12.04 -53.91
CA PRO E 796 61.92 13.12 -53.86
C PRO E 796 62.27 14.11 -52.76
N VAL E 797 61.97 15.38 -53.03
CA VAL E 797 62.28 16.46 -52.11
C VAL E 797 60.99 17.19 -51.76
N LEU E 798 60.80 17.45 -50.47
CA LEU E 798 59.63 18.15 -49.97
C LEU E 798 60.04 19.53 -49.50
N SER E 799 59.18 20.51 -49.78
CA SER E 799 59.55 21.90 -49.54
C SER E 799 58.28 22.71 -49.30
N SER E 800 58.50 23.95 -48.85
CA SER E 800 57.46 24.96 -48.75
C SER E 800 56.32 24.52 -47.83
N GLY E 801 56.68 24.31 -46.57
CA GLY E 801 55.65 23.99 -45.60
C GLY E 801 56.13 23.30 -44.35
N ALA E 802 55.28 23.34 -43.32
CA ALA E 802 55.48 22.61 -42.08
C ALA E 802 54.15 21.97 -41.72
N ALA E 803 54.20 20.97 -40.84
CA ALA E 803 53.04 20.15 -40.51
C ALA E 803 52.43 19.57 -41.79
N LEU E 804 53.28 18.87 -42.54
CA LEU E 804 52.83 18.34 -43.83
C LEU E 804 51.89 17.15 -43.64
N PHE E 805 52.21 16.23 -42.73
CA PHE E 805 51.41 15.03 -42.55
C PHE E 805 50.83 15.00 -41.14
N PRO E 806 49.76 15.75 -40.89
CA PRO E 806 49.06 15.62 -39.61
C PRO E 806 48.28 14.31 -39.57
N CYS E 807 48.46 13.55 -38.49
CA CYS E 807 47.79 12.27 -38.30
C CYS E 807 48.16 11.28 -39.42
N ALA E 808 49.44 10.95 -39.49
CA ALA E 808 49.92 9.93 -40.42
C ALA E 808 50.71 8.92 -39.62
N THR E 809 50.06 7.84 -39.19
CA THR E 809 50.72 6.87 -38.33
C THR E 809 51.52 5.83 -39.10
N GLU E 810 51.21 5.61 -40.38
CA GLU E 810 51.98 4.68 -41.18
C GLU E 810 52.10 5.22 -42.59
N CYS E 811 53.24 4.94 -43.22
CA CYS E 811 53.49 5.34 -44.59
C CYS E 811 54.44 4.33 -45.21
N ARG E 812 54.09 3.86 -46.40
CA ARG E 812 54.89 2.84 -47.10
C ARG E 812 55.15 3.35 -48.51
N PHE E 813 56.24 4.08 -48.68
CA PHE E 813 56.62 4.57 -50.01
C PHE E 813 57.41 3.49 -50.76
N ILE E 814 56.74 2.40 -51.06
CA ILE E 814 57.40 1.27 -51.72
C ILE E 814 57.76 1.70 -53.14
N GLY E 815 59.06 1.79 -53.42
CA GLY E 815 59.57 2.23 -54.70
C GLY E 815 60.27 3.57 -54.68
N ILE E 816 60.11 4.36 -53.61
CA ILE E 816 60.68 5.70 -53.52
C ILE E 816 61.04 5.98 -52.05
N GLY E 817 62.26 6.44 -51.80
CA GLY E 817 62.65 6.62 -50.42
C GLY E 817 63.59 7.76 -50.12
N ALA E 818 63.34 8.49 -49.03
CA ALA E 818 64.27 9.48 -48.50
C ALA E 818 63.82 9.84 -47.10
N VAL E 819 64.70 9.66 -46.10
CA VAL E 819 64.35 9.98 -44.72
C VAL E 819 64.39 11.48 -44.44
N PRO E 820 65.53 12.18 -44.61
CA PRO E 820 65.61 13.56 -44.12
C PRO E 820 64.80 14.53 -44.96
N SER E 821 65.08 14.56 -46.26
CA SER E 821 64.51 15.58 -47.12
C SER E 821 63.01 15.47 -47.20
N MET E 822 62.47 14.28 -46.93
CA MET E 822 61.03 14.13 -46.87
C MET E 822 60.43 15.01 -45.79
N PHE E 823 61.00 14.97 -44.59
CA PHE E 823 60.35 15.61 -43.46
C PHE E 823 61.21 16.75 -42.93
N PRO E 824 60.93 17.98 -43.33
CA PRO E 824 61.68 19.13 -42.84
C PRO E 824 61.02 19.75 -41.62
N GLN E 825 61.85 20.36 -40.78
CA GLN E 825 61.37 21.17 -39.65
C GLN E 825 60.68 20.32 -38.59
N GLY E 826 60.38 19.06 -38.90
CA GLY E 826 59.59 18.23 -38.03
C GLY E 826 58.15 18.25 -38.47
N ALA E 827 57.77 17.24 -39.24
CA ALA E 827 56.42 17.11 -39.76
C ALA E 827 56.02 15.66 -39.59
N ALA E 828 54.72 15.42 -39.59
CA ALA E 828 54.16 14.14 -39.21
C ALA E 828 54.65 13.71 -37.83
N PRO E 829 54.30 14.45 -36.78
CA PRO E 829 54.77 14.07 -35.44
C PRO E 829 53.88 13.00 -34.84
N ARG E 830 53.51 12.01 -35.64
CA ARG E 830 52.75 10.87 -35.18
C ARG E 830 53.16 9.58 -35.88
N LEU E 831 54.12 9.63 -36.79
CA LEU E 831 54.47 8.45 -37.56
C LEU E 831 55.08 7.40 -36.65
N LYS E 832 54.80 6.14 -36.96
CA LYS E 832 55.31 5.02 -36.17
C LYS E 832 55.95 3.93 -36.98
N ARG E 833 55.67 3.84 -38.28
CA ARG E 833 56.26 2.82 -39.12
C ARG E 833 56.55 3.44 -40.47
N LEU E 834 57.81 3.34 -40.91
CA LEU E 834 58.22 3.91 -42.18
C LEU E 834 58.82 2.83 -43.06
N TRP E 835 58.42 2.84 -44.33
CA TRP E 835 58.94 1.93 -45.34
C TRP E 835 59.51 2.78 -46.46
N PHE E 836 60.80 2.59 -46.75
CA PHE E 836 61.41 3.33 -47.85
C PHE E 836 62.53 2.51 -48.46
N THR E 837 62.91 2.90 -49.68
CA THR E 837 63.99 2.27 -50.41
C THR E 837 65.19 3.20 -50.48
N PHE E 838 66.39 2.63 -50.50
CA PHE E 838 67.62 3.40 -50.49
C PHE E 838 68.66 2.73 -51.37
N PRO E 839 69.06 3.35 -52.49
CA PRO E 839 70.13 2.76 -53.30
C PRO E 839 71.46 2.86 -52.58
N ALA E 840 72.32 1.87 -52.82
CA ALA E 840 73.66 1.90 -52.23
C ALA E 840 74.52 2.97 -52.89
N LYS E 841 74.11 3.45 -54.07
CA LYS E 841 74.83 4.53 -54.72
C LYS E 841 74.92 5.76 -53.85
N TRP E 842 73.85 6.07 -53.10
CA TRP E 842 73.83 7.29 -52.32
C TRP E 842 74.48 7.06 -50.96
N SER E 843 75.67 6.45 -50.94
CA SER E 843 76.36 6.33 -49.66
C SER E 843 76.94 7.67 -49.25
N SER E 844 77.18 8.56 -50.20
CA SER E 844 77.76 9.86 -49.93
C SER E 844 76.75 10.98 -50.11
N ILE E 848 72.74 14.33 -47.93
CA ILE E 848 71.74 13.44 -47.38
C ILE E 848 72.22 12.83 -46.06
N GLY E 849 71.42 13.01 -45.02
CA GLY E 849 71.74 12.46 -43.71
C GLY E 849 70.57 11.69 -43.12
N LEU E 850 70.85 10.60 -42.44
CA LEU E 850 69.80 9.70 -41.97
C LEU E 850 69.37 10.01 -40.56
N GLY E 851 69.42 11.29 -40.16
CA GLY E 851 69.03 11.71 -38.83
C GLY E 851 67.56 11.46 -38.54
N MET E 852 67.30 10.64 -37.52
CA MET E 852 65.95 10.26 -37.16
C MET E 852 65.40 11.05 -36.00
N ARG E 853 65.90 12.27 -35.78
CA ARG E 853 65.41 13.11 -34.71
C ARG E 853 64.39 14.14 -35.17
N HIS E 854 64.12 14.20 -36.47
CA HIS E 854 62.96 14.95 -36.93
C HIS E 854 61.68 14.37 -36.34
N LEU E 855 61.62 13.04 -36.25
CA LEU E 855 60.39 12.33 -35.96
C LEU E 855 60.47 11.74 -34.57
N PRO E 856 59.72 12.25 -33.61
CA PRO E 856 59.79 11.69 -32.26
C PRO E 856 59.24 10.28 -32.19
N SER E 857 58.05 10.07 -32.73
CA SER E 857 57.30 8.87 -32.41
C SER E 857 57.72 7.64 -33.19
N LEU E 858 58.87 7.66 -33.88
CA LEU E 858 59.27 6.50 -34.65
C LEU E 858 59.43 5.27 -33.77
N GLN E 859 58.95 4.13 -34.26
CA GLN E 859 59.08 2.86 -33.56
C GLN E 859 59.50 1.70 -34.44
N ARG E 860 59.45 1.83 -35.77
CA ARG E 860 59.78 0.73 -36.65
C ARG E 860 60.09 1.27 -38.03
N VAL E 861 61.19 0.78 -38.61
CA VAL E 861 61.60 1.17 -39.95
C VAL E 861 61.97 -0.08 -40.73
N VAL E 862 61.48 -0.18 -41.95
CA VAL E 862 61.78 -1.29 -42.85
C VAL E 862 62.40 -0.71 -44.10
N VAL E 863 63.62 -1.13 -44.41
CA VAL E 863 64.38 -0.60 -45.53
C VAL E 863 64.74 -1.74 -46.47
N ASP E 864 65.00 -1.39 -47.72
CA ASP E 864 65.59 -2.31 -48.69
C ASP E 864 66.58 -1.53 -49.56
N VAL E 865 67.71 -2.15 -49.84
CA VAL E 865 68.85 -1.50 -50.47
C VAL E 865 69.05 -2.09 -51.85
N ILE E 866 69.43 -1.24 -52.80
CA ILE E 866 69.73 -1.66 -54.16
C ILE E 866 71.25 -1.60 -54.32
N SER E 867 71.86 -2.76 -54.54
CA SER E 867 73.31 -2.88 -54.43
C SER E 867 74.01 -3.13 -55.76
N GLU E 868 73.34 -3.01 -56.92
CA GLU E 868 74.05 -3.45 -58.12
C GLU E 868 74.94 -2.32 -58.63
N GLY E 869 74.45 -1.08 -58.52
CA GLY E 869 75.24 0.06 -58.95
C GLY E 869 76.49 0.29 -58.11
N ALA E 870 76.35 0.25 -56.80
CA ALA E 870 77.48 0.48 -55.92
C ALA E 870 78.10 -0.85 -55.49
N SER E 871 79.38 -0.80 -55.14
CA SER E 871 80.09 -2.00 -54.71
C SER E 871 79.69 -2.38 -53.29
N ARG E 872 80.09 -3.60 -52.90
CA ARG E 872 79.80 -4.08 -51.56
C ARG E 872 80.45 -3.21 -50.49
N GLU E 873 81.62 -2.64 -50.79
CA GLU E 873 82.32 -1.80 -49.83
C GLU E 873 81.50 -0.55 -49.52
N GLU E 874 80.72 -0.05 -50.47
CA GLU E 874 79.75 0.98 -50.13
C GLU E 874 78.50 0.39 -49.49
N ALA E 875 78.18 -0.86 -49.82
CA ALA E 875 76.95 -1.47 -49.32
C ALA E 875 76.99 -1.62 -47.80
N ASP E 876 78.00 -2.32 -47.28
CA ASP E 876 78.09 -2.50 -45.84
C ASP E 876 78.34 -1.18 -45.13
N GLU E 877 79.03 -0.26 -45.80
CA GLU E 877 79.19 1.08 -45.27
C GLU E 877 77.83 1.72 -45.00
N ALA E 878 76.97 1.78 -46.00
CA ALA E 878 75.65 2.37 -45.83
C ALA E 878 74.83 1.59 -44.81
N GLU E 879 74.99 0.26 -44.78
CA GLU E 879 74.27 -0.54 -43.79
C GLU E 879 74.62 -0.11 -42.38
N ALA E 880 75.92 -0.13 -42.04
CA ALA E 880 76.33 0.29 -40.71
C ALA E 880 75.93 1.74 -40.44
N ALA E 881 75.97 2.58 -41.47
CA ALA E 881 75.62 3.98 -41.28
C ALA E 881 74.18 4.15 -40.84
N LEU E 882 73.24 3.54 -41.59
CA LEU E 882 71.83 3.69 -41.21
C LEU E 882 71.54 2.94 -39.91
N ARG E 883 72.28 1.87 -39.63
CA ARG E 883 72.11 1.20 -38.34
C ARG E 883 72.44 2.15 -37.20
N ALA E 884 73.57 2.85 -37.28
CA ALA E 884 73.92 3.82 -36.26
C ALA E 884 72.88 4.93 -36.20
N ALA E 885 72.41 5.37 -37.37
CA ALA E 885 71.40 6.43 -37.41
C ALA E 885 70.12 6.00 -36.72
N ALA E 886 69.83 4.69 -36.73
CA ALA E 886 68.67 4.20 -35.99
C ALA E 886 68.98 4.07 -34.51
N GLU E 887 70.24 3.74 -34.18
CA GLU E 887 70.58 3.53 -32.78
C GLU E 887 70.62 4.83 -31.99
N ASP E 888 70.95 5.95 -32.65
CA ASP E 888 71.04 7.20 -31.91
C ASP E 888 69.67 7.66 -31.41
N HIS E 889 68.62 7.32 -32.14
CA HIS E 889 67.28 7.79 -31.80
C HIS E 889 66.89 7.28 -30.40
N PRO E 890 66.25 8.11 -29.59
CA PRO E 890 65.94 7.68 -28.21
C PRO E 890 64.94 6.53 -28.16
N ASN E 891 63.93 6.54 -29.02
CA ASN E 891 62.97 5.44 -29.04
C ASN E 891 63.60 4.14 -29.52
N ARG E 892 64.69 4.22 -30.28
CA ARG E 892 65.42 3.06 -30.77
C ARG E 892 64.53 2.13 -31.57
N PRO E 893 64.10 2.53 -32.76
CA PRO E 893 63.25 1.66 -33.57
C PRO E 893 64.02 0.45 -34.08
N ILE E 894 63.28 -0.46 -34.69
CA ILE E 894 63.83 -1.70 -35.22
C ILE E 894 64.05 -1.54 -36.71
N LEU E 895 65.12 -2.16 -37.20
CA LEU E 895 65.48 -2.08 -38.61
C LEU E 895 65.32 -3.41 -39.32
N ASP E 896 65.21 -3.32 -40.65
CA ASP E 896 65.20 -4.46 -41.55
C ASP E 896 65.72 -3.99 -42.89
N ILE E 897 66.84 -4.57 -43.35
CA ILE E 897 67.48 -4.10 -44.57
C ILE E 897 67.00 -4.87 -45.79
N TRP E 898 66.80 -6.19 -45.65
CA TRP E 898 66.26 -6.99 -46.73
C TRP E 898 67.08 -6.90 -48.03
N VAL F 1 56.57 -61.25 -56.54
CA VAL F 1 58.01 -61.01 -56.60
C VAL F 1 58.33 -59.60 -57.11
N ASN F 2 59.31 -58.97 -56.46
CA ASN F 2 59.85 -57.69 -56.90
C ASN F 2 61.26 -57.89 -57.44
N PHE F 3 61.47 -57.47 -58.68
CA PHE F 3 62.80 -57.54 -59.28
C PHE F 3 63.73 -56.57 -58.57
N PRO F 4 64.94 -57.00 -58.22
CA PRO F 4 65.85 -56.12 -57.47
C PRO F 4 66.40 -55.00 -58.33
N PHE F 5 66.73 -53.89 -57.67
CA PHE F 5 67.18 -52.71 -58.38
C PHE F 5 68.55 -52.94 -59.01
N PRO F 6 68.78 -52.42 -60.21
CA PRO F 6 70.13 -52.44 -60.77
C PRO F 6 71.05 -51.52 -60.00
N LYS F 7 72.29 -51.96 -59.83
CA LYS F 7 73.28 -51.22 -59.04
C LYS F 7 74.52 -51.03 -59.91
N LYS F 8 74.52 -49.96 -60.70
CA LYS F 8 75.66 -49.66 -61.56
C LYS F 8 76.06 -48.21 -61.36
N MET F 9 77.36 -47.99 -61.42
CA MET F 9 77.93 -46.65 -61.40
C MET F 9 78.27 -46.27 -62.84
N ILE F 10 77.95 -45.03 -63.22
CA ILE F 10 77.88 -44.68 -64.64
C ILE F 10 79.27 -44.55 -65.23
N THR F 11 79.49 -45.21 -66.37
CA THR F 11 80.79 -45.30 -67.01
C THR F 11 80.76 -44.52 -68.32
N GLU F 12 81.86 -43.82 -68.62
CA GLU F 12 81.95 -43.11 -69.89
C GLU F 12 81.96 -44.06 -71.07
N SER F 13 82.41 -45.29 -70.84
CA SER F 13 82.46 -46.29 -71.90
C SER F 13 81.09 -46.55 -72.49
N ASN F 14 80.16 -47.05 -71.66
CA ASN F 14 78.80 -47.27 -72.16
C ASN F 14 78.09 -45.95 -72.37
N SER F 15 78.54 -44.89 -71.70
CA SER F 15 78.03 -43.56 -71.96
C SER F 15 78.15 -43.18 -73.43
N LYS F 16 79.31 -43.45 -74.04
CA LYS F 16 79.48 -43.16 -75.45
C LYS F 16 78.41 -43.84 -76.29
N ASP F 17 78.25 -45.16 -76.09
CA ASP F 17 77.31 -45.92 -76.91
C ASP F 17 75.89 -45.40 -76.71
N ILE F 18 75.46 -45.27 -75.45
CA ILE F 18 74.10 -44.82 -75.17
C ILE F 18 73.90 -43.41 -75.71
N ARG F 19 74.93 -42.57 -75.65
CA ARG F 19 74.81 -41.20 -76.11
C ARG F 19 74.60 -41.13 -77.62
N GLU F 20 75.46 -41.79 -78.40
CA GLU F 20 75.22 -41.76 -79.85
C GLU F 20 73.93 -42.48 -80.21
N TYR F 21 73.52 -43.48 -79.43
CA TYR F 21 72.26 -44.15 -79.71
C TYR F 21 71.09 -43.17 -79.57
N LEU F 22 71.09 -42.39 -78.48
CA LEU F 22 70.05 -41.39 -78.29
C LEU F 22 70.14 -40.30 -79.35
N ALA F 23 71.35 -39.94 -79.77
CA ALA F 23 71.53 -38.90 -80.77
C ALA F 23 71.14 -39.38 -82.17
N SER F 24 71.11 -40.68 -82.39
CA SER F 24 70.82 -41.24 -83.71
C SER F 24 69.34 -41.56 -83.90
N THR F 25 68.72 -42.23 -82.92
CA THR F 25 67.33 -42.62 -83.06
C THR F 25 66.41 -41.41 -82.96
N PHE F 26 65.32 -41.45 -83.74
CA PHE F 26 64.50 -40.27 -83.96
C PHE F 26 63.91 -39.68 -82.69
N PRO F 27 63.10 -40.41 -81.91
CA PRO F 27 62.37 -39.73 -80.82
C PRO F 27 63.28 -39.21 -79.73
N PHE F 28 64.42 -39.85 -79.50
CA PHE F 28 65.33 -39.41 -78.44
C PHE F 28 66.25 -38.27 -78.86
N GLU F 29 66.17 -37.84 -80.12
CA GLU F 29 66.98 -36.70 -80.55
C GLU F 29 66.47 -35.41 -79.93
N GLN F 30 65.19 -35.08 -80.16
CA GLN F 30 64.64 -33.81 -79.73
C GLN F 30 64.41 -33.72 -78.23
N GLN F 31 64.38 -34.86 -77.54
CA GLN F 31 64.24 -34.87 -76.10
C GLN F 31 65.61 -34.92 -75.42
N SER F 32 65.68 -34.25 -74.25
CA SER F 32 66.81 -34.37 -73.35
C SER F 32 66.42 -35.31 -72.22
N THR F 33 67.43 -35.77 -71.49
CA THR F 33 67.30 -36.85 -70.55
C THR F 33 67.76 -36.40 -69.17
N ILE F 34 67.37 -37.15 -68.14
CA ILE F 34 67.86 -36.81 -66.82
C ILE F 34 69.34 -37.10 -66.73
N LEU F 35 69.83 -38.06 -67.52
CA LEU F 35 71.21 -38.51 -67.41
C LEU F 35 72.21 -37.41 -67.74
N ASP F 36 71.75 -36.32 -68.37
CA ASP F 36 72.63 -35.17 -68.59
C ASP F 36 73.12 -34.59 -67.28
N SER F 37 72.40 -34.87 -66.18
CA SER F 37 72.78 -34.42 -64.85
C SER F 37 73.96 -35.19 -64.28
N VAL F 38 74.35 -36.30 -64.91
CA VAL F 38 75.41 -37.14 -64.36
C VAL F 38 76.76 -36.49 -64.61
N LYS F 39 77.78 -36.90 -63.88
CA LYS F 39 79.10 -36.29 -63.97
C LYS F 39 79.66 -36.37 -65.38
N SER F 40 79.90 -37.58 -65.89
CA SER F 40 80.62 -37.79 -67.14
C SER F 40 79.80 -38.68 -68.06
N ILE F 41 78.88 -38.07 -68.80
CA ILE F 41 78.27 -38.69 -69.97
C ILE F 41 78.36 -37.72 -71.14
N ALA F 42 79.38 -36.87 -71.13
CA ALA F 42 79.45 -35.74 -72.04
C ALA F 42 79.72 -36.24 -73.46
N LYS F 43 80.09 -35.31 -74.36
CA LYS F 43 80.22 -35.56 -75.78
C LYS F 43 78.88 -35.84 -76.48
N VAL F 44 78.06 -34.80 -76.62
CA VAL F 44 76.76 -34.93 -77.28
C VAL F 44 76.89 -34.81 -78.80
N GLN F 45 77.64 -33.82 -79.30
CA GLN F 45 77.72 -33.45 -80.73
C GLN F 45 76.35 -33.45 -81.42
N ILE F 46 75.49 -32.50 -81.07
CA ILE F 46 74.22 -32.38 -81.80
C ILE F 46 74.10 -30.98 -82.40
N ASP F 47 73.56 -30.94 -83.63
CA ASP F 47 73.18 -29.73 -84.33
C ASP F 47 71.67 -29.71 -84.57
N ASP F 48 71.06 -28.55 -84.38
CA ASP F 48 69.61 -28.44 -84.43
C ASP F 48 69.06 -28.06 -85.81
N ARG F 49 69.91 -27.70 -86.77
CA ARG F 49 69.40 -27.32 -88.08
C ARG F 49 68.67 -28.47 -88.76
N LYS F 50 69.28 -29.66 -88.74
CA LYS F 50 68.63 -30.83 -89.32
C LYS F 50 67.37 -31.19 -88.55
N ALA F 51 67.43 -31.17 -87.21
CA ALA F 51 66.22 -31.42 -86.44
C ALA F 51 65.14 -30.39 -86.77
N PHE F 52 65.56 -29.17 -87.09
CA PHE F 52 64.64 -28.09 -87.38
C PHE F 52 63.91 -28.32 -88.70
N ASP F 53 64.66 -28.62 -89.77
CA ASP F 53 63.98 -28.85 -91.04
C ASP F 53 63.20 -30.16 -91.00
N LEU F 54 63.63 -31.11 -90.18
CA LEU F 54 62.82 -32.29 -89.91
C LEU F 54 61.47 -31.91 -89.31
N GLN F 55 61.49 -31.00 -88.32
CA GLN F 55 60.24 -30.53 -87.73
C GLN F 55 59.39 -29.82 -88.77
N LEU F 56 60.04 -29.08 -89.68
CA LEU F 56 59.32 -28.43 -90.77
C LEU F 56 58.57 -29.46 -91.61
N LYS F 57 59.26 -30.51 -92.01
CA LYS F 57 58.63 -31.57 -92.80
C LYS F 57 57.51 -32.24 -92.01
N PHE F 58 57.74 -32.49 -90.71
CA PHE F 58 56.73 -33.10 -89.88
C PHE F 58 55.46 -32.26 -89.83
N ARG F 59 55.63 -30.95 -89.64
CA ARG F 59 54.47 -30.06 -89.57
C ARG F 59 53.74 -30.01 -90.91
N GLN F 60 54.49 -29.91 -92.01
CA GLN F 60 53.87 -29.93 -93.33
C GLN F 60 53.05 -31.19 -93.54
N GLU F 61 53.65 -32.35 -93.25
CA GLU F 61 52.96 -33.62 -93.44
C GLU F 61 51.71 -33.72 -92.57
N ASN F 62 51.80 -33.27 -91.32
CA ASN F 62 50.67 -33.42 -90.42
C ASN F 62 49.52 -32.51 -90.80
N LEU F 63 49.83 -31.26 -91.20
CA LEU F 63 48.75 -30.38 -91.65
C LEU F 63 48.10 -30.92 -92.91
N ALA F 64 48.91 -31.44 -93.84
CA ALA F 64 48.34 -32.05 -95.04
C ALA F 64 47.43 -33.22 -94.70
N GLU F 65 47.87 -34.07 -93.77
CA GLU F 65 47.09 -35.25 -93.41
C GLU F 65 45.76 -34.87 -92.78
N LEU F 66 45.77 -33.93 -91.83
CA LEU F 66 44.52 -33.52 -91.22
C LEU F 66 43.60 -32.85 -92.23
N LYS F 67 44.16 -32.11 -93.18
CA LYS F 67 43.33 -31.54 -94.24
C LYS F 67 42.68 -32.65 -95.07
N ASP F 68 43.47 -33.68 -95.40
CA ASP F 68 42.93 -34.86 -96.07
C ASP F 68 41.73 -35.41 -95.30
N GLN F 69 41.86 -35.51 -93.99
CA GLN F 69 40.76 -36.04 -93.20
C GLN F 69 39.60 -35.06 -93.15
N ILE F 70 39.89 -33.76 -93.26
CA ILE F 70 38.85 -32.75 -93.13
C ILE F 70 37.90 -32.79 -94.32
N ILE F 71 38.44 -32.96 -95.52
CA ILE F 71 37.56 -33.04 -96.70
C ILE F 71 36.54 -34.17 -96.54
N LEU F 72 37.03 -35.38 -96.20
CA LEU F 72 36.11 -36.52 -96.11
C LEU F 72 35.23 -36.44 -94.88
N SER F 73 35.68 -35.78 -93.81
CA SER F 73 34.81 -35.54 -92.68
C SER F 73 33.70 -34.56 -93.02
N LEU F 74 33.96 -33.63 -93.93
CA LEU F 74 32.89 -32.78 -94.46
C LEU F 74 31.98 -33.56 -95.39
N GLY F 75 32.51 -34.59 -96.04
CA GLY F 75 31.70 -35.36 -96.98
C GLY F 75 30.49 -36.01 -96.32
N ALA F 76 30.70 -36.72 -95.21
CA ALA F 76 29.63 -37.43 -94.51
C ALA F 76 29.70 -37.07 -93.02
N ASN F 77 28.93 -36.07 -92.65
CA ASN F 77 28.92 -35.53 -91.29
C ASN F 77 27.54 -35.73 -90.67
N ASN F 78 27.54 -35.98 -89.36
CA ASN F 78 26.30 -36.21 -88.62
C ASN F 78 25.83 -34.91 -87.97
N GLY F 79 25.20 -34.06 -88.76
CA GLY F 79 24.89 -32.72 -88.30
C GLY F 79 26.00 -31.79 -88.75
N ASN F 80 25.74 -30.99 -89.77
CA ASN F 80 26.80 -30.21 -90.39
C ASN F 80 27.36 -29.21 -89.39
N GLN F 81 28.67 -29.30 -89.15
CA GLN F 81 29.35 -28.45 -88.18
C GLN F 81 30.20 -27.37 -88.84
N ASN F 82 29.85 -26.98 -90.06
CA ASN F 82 30.59 -25.95 -90.79
C ASN F 82 32.07 -26.31 -90.89
N TRP F 83 32.31 -27.55 -91.33
CA TRP F 83 33.67 -28.06 -91.38
C TRP F 83 34.52 -27.32 -92.40
N GLN F 84 33.89 -26.74 -93.42
CA GLN F 84 34.65 -25.95 -94.38
C GLN F 84 35.25 -24.71 -93.72
N LYS F 85 34.71 -24.29 -92.58
CA LYS F 85 35.32 -23.19 -91.83
C LYS F 85 36.67 -23.60 -91.27
N LEU F 86 36.73 -24.75 -90.58
CA LEU F 86 38.02 -25.29 -90.16
C LEU F 86 38.91 -25.58 -91.35
N LEU F 87 38.32 -25.92 -92.50
CA LEU F 87 39.12 -26.11 -93.70
C LEU F 87 39.76 -24.80 -94.14
N ASP F 88 39.00 -23.71 -94.15
CA ASP F 88 39.59 -22.40 -94.45
C ASP F 88 40.67 -22.05 -93.44
N TYR F 89 40.47 -22.47 -92.20
CA TYR F 89 41.50 -22.23 -91.18
C TYR F 89 42.79 -22.95 -91.54
N THR F 90 42.70 -24.23 -91.91
CA THR F 90 43.91 -24.94 -92.32
C THR F 90 44.44 -24.42 -93.66
N ASN F 91 43.56 -23.84 -94.49
CA ASN F 91 44.01 -23.21 -95.72
C ASN F 91 44.93 -22.03 -95.42
N LYS F 92 44.47 -21.08 -94.60
CA LYS F 92 45.33 -19.98 -94.24
C LYS F 92 46.53 -20.45 -93.43
N LEU F 93 46.36 -21.56 -92.71
CA LEU F 93 47.46 -22.19 -92.00
C LEU F 93 48.59 -22.58 -92.95
N ASP F 94 48.27 -23.37 -93.98
CA ASP F 94 49.29 -23.76 -94.95
C ASP F 94 49.82 -22.53 -95.70
N GLU F 95 48.93 -21.56 -95.99
CA GLU F 95 49.37 -20.34 -96.66
C GLU F 95 50.48 -19.65 -95.88
N LEU F 96 50.18 -19.29 -94.62
CA LEU F 96 51.17 -18.65 -93.77
C LEU F 96 52.40 -19.52 -93.61
N SER F 97 52.23 -20.84 -93.58
CA SER F 97 53.35 -21.74 -93.33
C SER F 97 54.33 -21.78 -94.48
N ASN F 98 53.86 -21.64 -95.73
CA ASN F 98 54.78 -21.87 -96.84
C ASN F 98 55.57 -20.63 -97.24
N THR F 99 54.92 -19.47 -97.34
CA THR F 99 55.58 -18.30 -97.92
C THR F 99 56.39 -17.56 -96.88
N LYS F 100 57.37 -16.80 -97.35
CA LYS F 100 57.98 -15.78 -96.53
C LYS F 100 57.26 -14.44 -96.74
N ILE F 101 56.89 -13.79 -95.65
CA ILE F 101 56.17 -12.53 -95.70
C ILE F 101 56.82 -11.54 -94.74
N SER F 102 56.29 -10.33 -94.70
CA SER F 102 56.77 -9.34 -93.75
C SER F 102 56.32 -9.75 -92.34
N PRO F 103 57.08 -9.37 -91.32
CA PRO F 103 56.68 -9.73 -89.94
C PRO F 103 55.32 -9.20 -89.53
N GLU F 104 54.94 -8.00 -89.98
CA GLU F 104 53.68 -7.42 -89.55
C GLU F 104 52.50 -8.23 -90.07
N GLU F 105 52.54 -8.63 -91.34
CA GLU F 105 51.44 -9.42 -91.91
C GLU F 105 51.26 -10.73 -91.16
N PHE F 106 52.37 -11.41 -90.85
CA PHE F 106 52.30 -12.63 -90.07
C PHE F 106 51.67 -12.38 -88.71
N ILE F 107 52.07 -11.30 -88.03
CA ILE F 107 51.43 -10.93 -86.78
C ILE F 107 49.92 -10.81 -86.95
N GLU F 108 49.50 -10.01 -87.92
CA GLU F 108 48.06 -9.74 -88.09
C GLU F 108 47.29 -11.03 -88.31
N GLU F 109 47.76 -11.86 -89.24
CA GLU F 109 46.97 -13.02 -89.63
C GLU F 109 47.00 -14.09 -88.53
N ILE F 110 48.14 -14.26 -87.87
CA ILE F 110 48.22 -15.17 -86.74
C ILE F 110 47.26 -14.75 -85.63
N GLN F 111 47.28 -13.46 -85.27
CA GLN F 111 46.37 -12.98 -84.24
C GLN F 111 44.93 -13.16 -84.66
N LYS F 112 44.62 -12.91 -85.93
CA LYS F 112 43.23 -13.02 -86.39
C LYS F 112 42.73 -14.45 -86.25
N VAL F 113 43.48 -15.41 -86.83
CA VAL F 113 43.06 -16.81 -86.76
C VAL F 113 42.96 -17.27 -85.31
N LEU F 114 43.95 -16.91 -84.48
CA LEU F 114 43.96 -17.36 -83.10
C LEU F 114 42.79 -16.78 -82.32
N TYR F 115 42.48 -15.50 -82.55
CA TYR F 115 41.41 -14.86 -81.81
C TYR F 115 40.03 -15.33 -82.28
N LYS F 116 39.90 -15.77 -83.52
CA LYS F 116 38.58 -16.24 -83.96
C LYS F 116 38.39 -17.72 -83.67
N VAL F 117 39.45 -18.50 -83.52
CA VAL F 117 39.22 -19.86 -83.01
C VAL F 117 38.88 -19.84 -81.53
N LYS F 118 39.10 -18.70 -80.86
CA LYS F 118 38.80 -18.60 -79.43
C LYS F 118 37.36 -19.00 -79.11
N LEU F 119 36.41 -18.51 -79.88
CA LEU F 119 35.00 -18.82 -79.63
C LEU F 119 34.66 -20.14 -80.31
N SER F 123 30.81 -27.53 -79.63
CA SER F 123 30.53 -28.42 -78.52
C SER F 123 29.73 -29.63 -78.98
N THR F 124 29.42 -29.68 -80.28
CA THR F 124 28.61 -30.76 -80.83
C THR F 124 29.35 -32.09 -80.82
N SER F 125 30.46 -32.16 -81.55
CA SER F 125 31.27 -33.37 -81.63
C SER F 125 32.51 -33.22 -80.75
N LYS F 126 33.16 -34.35 -80.49
CA LYS F 126 34.35 -34.31 -79.65
C LYS F 126 35.61 -34.20 -80.49
N LEU F 127 35.71 -34.99 -81.57
CA LEU F 127 36.86 -34.89 -82.47
C LEU F 127 36.82 -33.60 -83.25
N TYR F 128 35.65 -32.98 -83.37
CA TYR F 128 35.57 -31.61 -83.86
C TYR F 128 36.42 -30.68 -82.99
N SER F 129 36.17 -30.70 -81.69
CA SER F 129 36.98 -29.93 -80.77
C SER F 129 38.44 -30.36 -80.82
N GLN F 130 38.70 -31.66 -81.02
CA GLN F 130 40.07 -32.12 -81.18
C GLN F 130 40.73 -31.45 -82.38
N PHE F 131 40.01 -31.35 -83.49
CA PHE F 131 40.54 -30.68 -84.67
C PHE F 131 40.79 -29.20 -84.39
N ASN F 132 39.89 -28.56 -83.64
CA ASN F 132 40.11 -27.17 -83.26
C ASN F 132 41.38 -27.01 -82.46
N LEU F 133 41.56 -27.88 -81.46
CA LEU F 133 42.73 -27.83 -80.62
C LEU F 133 44.00 -28.07 -81.42
N SER F 134 43.95 -29.02 -82.35
CA SER F 134 45.11 -29.27 -83.21
C SER F 134 45.39 -28.08 -84.11
N ILE F 135 44.35 -27.39 -84.60
CA ILE F 135 44.55 -26.18 -85.37
C ILE F 135 45.35 -25.17 -84.54
N GLN F 136 44.91 -24.93 -83.29
CA GLN F 136 45.61 -23.98 -82.44
C GLN F 136 47.05 -24.39 -82.20
N ASP F 137 47.26 -25.67 -81.89
CA ASP F 137 48.61 -26.15 -81.60
C ASP F 137 49.51 -25.99 -82.81
N PHE F 138 49.02 -26.33 -83.99
CA PHE F 138 49.82 -26.17 -85.19
C PHE F 138 50.12 -24.72 -85.48
N ALA F 139 49.17 -23.83 -85.21
CA ALA F 139 49.41 -22.40 -85.41
C ALA F 139 50.56 -21.91 -84.53
N LEU F 140 50.51 -22.22 -83.23
CA LEU F 140 51.59 -21.73 -82.38
C LEU F 140 52.89 -22.49 -82.62
N GLN F 141 52.83 -23.72 -83.13
CA GLN F 141 54.05 -24.38 -83.59
C GLN F 141 54.64 -23.65 -84.79
N ILE F 142 53.80 -23.18 -85.70
CA ILE F 142 54.26 -22.33 -86.79
C ILE F 142 54.93 -21.09 -86.25
N ILE F 143 54.35 -20.50 -85.20
CA ILE F 143 54.94 -19.33 -84.56
C ILE F 143 56.34 -19.64 -84.07
N HIS F 144 56.49 -20.75 -83.34
CA HIS F 144 57.79 -21.13 -82.80
C HIS F 144 58.81 -21.34 -83.91
N SER F 145 58.43 -22.10 -84.95
CA SER F 145 59.34 -22.33 -86.07
C SER F 145 59.74 -21.03 -86.73
N LYS F 146 58.77 -20.15 -86.98
CA LYS F 146 59.05 -18.87 -87.61
C LYS F 146 60.03 -18.05 -86.80
N TYR F 147 59.88 -18.05 -85.47
CA TYR F 147 60.85 -17.35 -84.64
C TYR F 147 62.22 -17.99 -84.76
N LYS F 148 62.28 -19.31 -84.71
CA LYS F 148 63.56 -19.99 -84.85
C LYS F 148 64.15 -19.81 -86.23
N SER F 149 63.31 -19.53 -87.23
CA SER F 149 63.79 -19.29 -88.58
C SER F 149 64.37 -17.89 -88.76
N ASN F 150 64.57 -17.14 -87.68
CA ASN F 150 65.19 -15.82 -87.67
C ASN F 150 64.45 -14.81 -88.55
N GLN F 151 63.23 -15.11 -88.95
CA GLN F 151 62.43 -14.16 -89.72
C GLN F 151 61.68 -13.19 -88.83
N ILE F 152 61.70 -13.39 -87.52
CA ILE F 152 60.99 -12.54 -86.56
C ILE F 152 61.95 -12.18 -85.44
N SER F 153 61.91 -10.92 -85.03
CA SER F 153 62.83 -10.43 -84.01
C SER F 153 62.43 -10.95 -82.63
N GLN F 154 63.08 -10.43 -81.61
CA GLN F 154 62.69 -10.73 -80.24
C GLN F 154 61.64 -9.73 -79.75
N ASN F 155 61.80 -8.46 -80.12
CA ASN F 155 60.93 -7.40 -79.65
C ASN F 155 59.48 -7.69 -80.02
N ASP F 156 59.24 -7.97 -81.29
CA ASP F 156 57.90 -8.26 -81.77
C ASP F 156 57.37 -9.57 -81.19
N LEU F 157 58.24 -10.57 -81.02
CA LEU F 157 57.79 -11.82 -80.41
C LEU F 157 57.26 -11.58 -79.01
N LEU F 158 57.94 -10.74 -78.24
CA LEU F 158 57.45 -10.41 -76.90
C LEU F 158 56.15 -9.65 -76.98
N LYS F 159 56.09 -8.61 -77.82
CA LYS F 159 54.85 -7.85 -77.98
C LYS F 159 53.69 -8.74 -78.39
N LEU F 160 54.00 -9.85 -79.05
CA LEU F 160 52.99 -10.81 -79.45
C LEU F 160 52.56 -11.67 -78.28
N ILE F 161 53.52 -12.20 -77.52
CA ILE F 161 53.23 -13.24 -76.55
C ILE F 161 52.78 -12.64 -75.22
N THR F 162 53.32 -11.48 -74.85
CA THR F 162 53.07 -10.93 -73.53
C THR F 162 51.67 -10.33 -73.39
N GLU F 163 50.98 -10.02 -74.49
CA GLU F 163 49.63 -9.49 -74.38
C GLU F 163 48.72 -10.56 -73.78
N ASP F 164 47.68 -10.10 -73.07
CA ASP F 164 46.96 -10.97 -72.13
C ASP F 164 46.37 -12.20 -72.82
N GLU F 165 45.67 -12.01 -73.93
CA GLU F 165 44.92 -13.10 -74.54
C GLU F 165 45.83 -14.27 -74.92
N MET F 166 47.02 -13.97 -75.44
CA MET F 166 47.93 -15.05 -75.80
C MET F 166 48.39 -15.81 -74.56
N LEU F 167 48.58 -15.10 -73.45
CA LEU F 167 48.92 -15.79 -72.21
C LEU F 167 47.77 -16.68 -71.75
N LYS F 168 46.54 -16.24 -71.93
CA LYS F 168 45.40 -17.03 -71.53
C LYS F 168 45.13 -18.20 -72.47
N ILE F 169 45.86 -18.30 -73.58
CA ILE F 169 45.69 -19.36 -74.55
C ILE F 169 46.81 -20.38 -74.48
N LEU F 170 48.04 -19.90 -74.23
CA LEU F 170 49.17 -20.81 -74.13
C LEU F 170 48.93 -21.92 -73.13
N ALA F 171 48.47 -21.55 -71.93
CA ALA F 171 48.26 -22.55 -70.88
C ALA F 171 47.13 -23.50 -71.24
N LYS F 172 46.04 -22.96 -71.77
CA LYS F 172 44.91 -23.80 -72.18
C LYS F 172 45.38 -24.87 -73.16
N THR F 173 46.10 -24.47 -74.19
CA THR F 173 46.54 -25.44 -75.18
C THR F 173 47.55 -26.40 -74.57
N LYS F 174 48.51 -25.88 -73.82
CA LYS F 174 49.58 -26.71 -73.26
C LYS F 174 49.03 -27.80 -72.35
N VAL F 175 47.92 -27.53 -71.67
CA VAL F 175 47.34 -28.55 -70.80
C VAL F 175 46.41 -29.47 -71.57
N LEU F 176 45.52 -28.90 -72.39
CA LEU F 176 44.50 -29.71 -73.04
C LEU F 176 45.11 -30.67 -74.05
N THR F 177 46.08 -30.22 -74.84
CA THR F 177 46.70 -31.12 -75.81
C THR F 177 47.42 -32.25 -75.12
N TYR F 178 48.18 -31.95 -74.06
CA TYR F 178 48.88 -33.00 -73.33
C TYR F 178 47.89 -34.02 -72.77
N LYS F 179 46.79 -33.54 -72.19
CA LYS F 179 45.77 -34.46 -71.70
C LYS F 179 45.26 -35.34 -72.83
N MET F 180 44.71 -34.72 -73.89
CA MET F 180 44.13 -35.45 -75.01
C MET F 180 45.10 -36.44 -75.62
N LYS F 181 46.40 -36.16 -75.55
CA LYS F 181 47.38 -37.02 -76.20
C LYS F 181 47.92 -38.12 -75.30
N TYR F 182 47.99 -37.91 -73.98
CA TYR F 182 48.69 -38.83 -73.13
C TYR F 182 47.88 -39.40 -71.97
N PHE F 183 46.63 -39.01 -71.80
CA PHE F 183 45.91 -39.40 -70.59
C PHE F 183 45.63 -40.90 -70.56
N ASP F 184 45.20 -41.47 -71.69
CA ASP F 184 44.90 -42.90 -71.73
C ASP F 184 46.17 -43.72 -71.54
N SER F 185 47.26 -43.29 -72.17
CA SER F 185 48.54 -43.96 -71.97
C SER F 185 48.95 -43.92 -70.50
N ALA F 186 48.78 -42.77 -69.85
CA ALA F 186 49.17 -42.64 -68.46
C ALA F 186 48.29 -43.49 -67.56
N SER F 187 47.00 -43.59 -67.89
CA SER F 187 46.08 -44.41 -67.11
C SER F 187 46.43 -45.89 -67.24
N LYS F 188 46.62 -46.39 -68.46
CA LYS F 188 46.98 -47.79 -68.63
C LYS F 188 48.34 -48.09 -67.99
N MET F 189 49.28 -47.15 -68.07
CA MET F 189 50.55 -47.33 -67.39
C MET F 189 50.43 -47.14 -65.88
N GLY F 190 49.37 -46.50 -65.41
CA GLY F 190 49.17 -46.32 -63.99
C GLY F 190 50.04 -45.28 -63.34
N ILE F 191 50.50 -44.28 -64.08
CA ILE F 191 51.29 -43.18 -63.53
C ILE F 191 50.56 -41.85 -63.59
N ASN F 192 49.34 -41.81 -64.15
CA ASN F 192 48.62 -40.56 -64.29
C ASN F 192 48.49 -39.81 -62.97
N LYS F 193 48.46 -40.53 -61.86
CA LYS F 193 48.49 -39.88 -60.55
C LYS F 193 49.77 -39.09 -60.31
N TYR F 194 50.77 -39.25 -61.17
CA TYR F 194 52.02 -38.49 -61.08
C TYR F 194 52.21 -37.79 -62.42
N ILE F 195 51.58 -36.63 -62.57
CA ILE F 195 51.69 -35.81 -63.76
C ILE F 195 51.76 -34.36 -63.30
N SER F 196 52.93 -33.74 -63.45
CA SER F 196 53.14 -32.38 -62.97
C SER F 196 53.18 -31.42 -64.14
N THR F 197 52.46 -30.31 -64.02
CA THR F 197 52.53 -29.24 -65.01
C THR F 197 53.94 -28.69 -65.14
N GLU F 198 54.78 -28.89 -64.13
CA GLU F 198 56.12 -28.32 -64.15
C GLU F 198 57.00 -29.01 -65.19
N MET F 199 56.81 -30.30 -65.41
CA MET F 199 57.64 -31.09 -66.32
C MET F 199 56.94 -31.38 -67.64
N MET F 200 55.89 -30.63 -67.97
CA MET F 200 55.22 -30.83 -69.25
C MET F 200 56.16 -30.58 -70.42
N ASP F 201 56.91 -29.48 -70.36
CA ASP F 201 57.77 -29.09 -71.48
C ASP F 201 59.10 -29.82 -71.44
N LEU F 202 59.06 -31.15 -71.31
CA LEU F 202 60.25 -31.98 -71.43
C LEU F 202 60.07 -33.06 -72.47
N ASP F 203 58.94 -33.07 -73.18
CA ASP F 203 58.69 -33.98 -74.28
C ASP F 203 58.96 -33.25 -75.59
N TRP F 204 59.42 -34.00 -76.59
CA TRP F 204 59.61 -33.43 -77.92
C TRP F 204 58.30 -32.90 -78.49
N GLN F 205 57.16 -33.40 -78.00
CA GLN F 205 55.87 -32.91 -78.44
C GLN F 205 55.57 -31.51 -77.93
N PHE F 206 56.27 -31.05 -76.90
CA PHE F 206 56.03 -29.74 -76.33
C PHE F 206 57.33 -28.99 -76.12
N SER F 207 58.27 -29.14 -77.05
CA SER F 207 59.52 -28.39 -76.94
C SER F 207 59.30 -26.92 -77.22
N HIS F 208 58.50 -26.60 -78.23
CA HIS F 208 58.24 -25.21 -78.58
C HIS F 208 57.79 -24.40 -77.37
N TYR F 209 56.83 -24.89 -76.58
CA TYR F 209 56.45 -24.20 -75.35
C TYR F 209 57.67 -23.81 -74.55
N LYS F 210 58.55 -24.79 -74.27
CA LYS F 210 59.77 -24.53 -73.51
C LYS F 210 60.50 -23.29 -74.02
N THR F 211 60.65 -23.18 -75.33
CA THR F 211 61.27 -21.99 -75.91
C THR F 211 60.63 -20.73 -75.34
N PHE F 212 59.35 -20.53 -75.62
CA PHE F 212 58.62 -19.41 -75.05
C PHE F 212 58.96 -19.22 -73.59
N ASN F 213 58.92 -20.31 -72.81
CA ASN F 213 59.20 -20.24 -71.38
C ASN F 213 60.51 -19.50 -71.12
N ASP F 214 61.62 -20.01 -71.65
CA ASP F 214 62.90 -19.36 -71.35
C ASP F 214 62.92 -17.94 -71.91
N ALA F 215 62.23 -17.72 -73.03
CA ALA F 215 62.09 -16.37 -73.55
C ALA F 215 61.61 -15.40 -72.48
N LEU F 216 60.56 -15.79 -71.74
CA LEU F 216 60.10 -14.92 -70.68
C LEU F 216 61.13 -14.86 -69.55
N LYS F 217 61.76 -15.98 -69.23
CA LYS F 217 62.88 -15.96 -68.30
C LYS F 217 64.01 -15.08 -68.84
N LYS F 218 64.05 -14.87 -70.16
CA LYS F 218 64.93 -13.89 -70.77
C LYS F 218 64.63 -12.49 -70.26
N ASN F 219 63.36 -12.11 -70.28
CA ASN F 219 63.02 -10.69 -70.35
C ASN F 219 62.17 -10.22 -69.18
N LYS F 220 61.09 -10.93 -68.88
CA LYS F 220 60.15 -10.51 -67.84
C LYS F 220 59.83 -11.74 -67.00
N ALA F 221 60.48 -11.86 -65.85
CA ALA F 221 60.21 -13.01 -64.99
C ALA F 221 58.79 -12.97 -64.43
N SER F 222 58.25 -11.77 -64.20
CA SER F 222 56.91 -11.65 -63.67
C SER F 222 55.91 -12.39 -64.54
N ASP F 223 55.97 -12.19 -65.85
CA ASP F 223 55.05 -12.87 -66.74
C ASP F 223 55.28 -14.37 -66.77
N SER F 224 56.52 -14.81 -66.57
CA SER F 224 56.78 -16.24 -66.53
C SER F 224 56.08 -16.87 -65.33
N SER F 225 56.26 -16.26 -64.15
CA SER F 225 55.60 -16.77 -62.96
C SER F 225 54.09 -16.72 -63.11
N TYR F 226 53.58 -15.64 -63.73
CA TYR F 226 52.15 -15.54 -63.98
C TYR F 226 51.67 -16.66 -64.89
N LEU F 227 52.46 -16.98 -65.91
CA LEU F 227 52.08 -18.07 -66.81
C LEU F 227 52.05 -19.39 -66.08
N GLY F 228 53.00 -19.62 -65.19
CA GLY F 228 52.99 -20.86 -64.41
C GLY F 228 51.77 -20.94 -63.50
N TRP F 229 51.49 -19.86 -62.77
CA TRP F 229 50.34 -19.85 -61.89
C TRP F 229 49.04 -19.99 -62.67
N LEU F 230 49.04 -19.56 -63.94
CA LEU F 230 47.85 -19.73 -64.75
C LEU F 230 47.70 -21.17 -65.24
N THR F 231 48.79 -21.78 -65.69
CA THR F 231 48.69 -23.12 -66.25
C THR F 231 48.38 -24.14 -65.18
N HIS F 232 48.86 -23.95 -63.96
CA HIS F 232 48.51 -24.91 -62.91
C HIS F 232 47.01 -24.84 -62.61
N GLY F 233 46.47 -23.63 -62.52
CA GLY F 233 45.04 -23.49 -62.30
C GLY F 233 44.23 -24.13 -63.42
N TYR F 234 44.66 -23.92 -64.67
CA TYR F 234 43.95 -24.52 -65.79
C TYR F 234 44.04 -26.03 -65.76
N SER F 235 45.14 -26.58 -65.27
CA SER F 235 45.23 -28.03 -65.15
C SER F 235 44.26 -28.55 -64.10
N ILE F 236 44.18 -27.87 -62.95
CA ILE F 236 43.22 -28.29 -61.94
C ILE F 236 41.80 -28.22 -62.48
N LYS F 237 41.50 -27.19 -63.28
CA LYS F 237 40.13 -26.99 -63.74
C LYS F 237 39.66 -28.15 -64.60
N TYR F 238 40.47 -28.57 -65.56
CA TYR F 238 40.05 -29.60 -66.51
C TYR F 238 40.33 -31.01 -66.03
N GLY F 239 40.48 -31.19 -64.72
CA GLY F 239 40.43 -32.52 -64.14
C GLY F 239 41.63 -33.41 -64.34
N LEU F 240 42.84 -32.84 -64.36
CA LEU F 240 44.01 -33.70 -64.27
C LEU F 240 44.28 -34.12 -62.84
N SER F 241 43.98 -33.24 -61.89
CA SER F 241 44.15 -33.54 -60.47
C SER F 241 42.89 -33.13 -59.72
N PRO F 242 41.97 -34.05 -59.46
CA PRO F 242 40.73 -33.71 -58.75
C PRO F 242 40.92 -33.58 -57.25
N ASN F 243 40.54 -32.43 -56.69
CA ASN F 243 40.56 -32.25 -55.24
C ASN F 243 39.20 -32.42 -54.61
N ASN F 244 38.14 -32.44 -55.41
CA ASN F 244 36.76 -32.80 -55.12
C ASN F 244 36.01 -31.73 -54.35
N GLU F 245 36.66 -30.70 -53.81
CA GLU F 245 35.92 -29.63 -53.16
C GLU F 245 36.22 -28.26 -53.76
N ARG F 246 37.47 -27.81 -53.74
CA ARG F 246 37.80 -26.44 -54.10
C ARG F 246 39.30 -26.21 -54.00
N SER F 247 39.83 -25.26 -54.77
CA SER F 247 41.22 -24.83 -54.62
C SER F 247 41.23 -23.54 -53.83
N MET F 248 42.18 -23.44 -52.89
CA MET F 248 42.21 -22.24 -52.06
C MET F 248 42.79 -21.04 -52.79
N PHE F 249 43.76 -21.25 -53.66
CA PHE F 249 44.54 -20.11 -54.16
C PHE F 249 44.95 -20.25 -55.62
N PHE F 250 44.15 -20.87 -56.45
CA PHE F 250 44.59 -21.01 -57.83
C PHE F 250 43.65 -20.42 -58.87
N GLN F 251 42.35 -20.46 -58.64
CA GLN F 251 41.43 -19.97 -59.66
C GLN F 251 41.06 -18.51 -59.47
N ASP F 252 41.49 -17.88 -58.39
CA ASP F 252 41.04 -16.55 -58.04
C ASP F 252 42.05 -15.50 -58.49
N GLY F 253 41.54 -14.39 -59.02
CA GLY F 253 42.42 -13.34 -59.49
C GLY F 253 43.09 -12.57 -58.37
N ARG F 254 42.39 -12.39 -57.25
CA ARG F 254 42.97 -11.59 -56.18
C ARG F 254 44.04 -12.32 -55.39
N LYS F 255 44.33 -13.58 -55.72
CA LYS F 255 45.42 -14.28 -55.05
C LYS F 255 46.75 -14.00 -55.74
N TYR F 256 46.74 -13.95 -57.07
CA TYR F 256 47.96 -13.63 -57.78
C TYR F 256 48.45 -12.24 -57.42
N ALA F 257 47.54 -11.31 -57.16
CA ALA F 257 47.95 -9.97 -56.75
C ALA F 257 48.74 -10.02 -55.45
N GLU F 258 48.25 -10.78 -54.47
CA GLU F 258 48.94 -10.89 -53.20
C GLU F 258 50.30 -11.57 -53.38
N LEU F 259 50.34 -12.61 -54.21
CA LEU F 259 51.61 -13.29 -54.43
C LEU F 259 52.63 -12.37 -55.08
N TYR F 260 52.20 -11.60 -56.07
CA TYR F 260 53.11 -10.65 -56.72
C TYR F 260 53.60 -9.60 -55.73
N ALA F 261 52.68 -9.05 -54.95
CA ALA F 261 53.07 -8.05 -53.95
C ALA F 261 54.12 -8.58 -53.01
N PHE F 262 53.94 -9.81 -52.53
CA PHE F 262 54.98 -10.42 -51.70
C PHE F 262 56.27 -10.60 -52.48
N SER F 263 56.17 -10.99 -53.75
CA SER F 263 57.36 -11.27 -54.53
C SER F 263 58.19 -10.02 -54.76
N LYS F 264 57.57 -8.84 -54.74
CA LYS F 264 58.34 -7.62 -54.94
C LYS F 264 58.90 -7.04 -53.67
N SER F 265 58.16 -7.11 -52.55
CA SER F 265 58.65 -6.65 -51.26
C SER F 265 58.41 -7.77 -50.25
N PRO F 266 59.43 -8.56 -49.93
CA PRO F 266 59.19 -9.78 -49.15
C PRO F 266 58.78 -9.53 -47.72
N HIS F 267 59.14 -8.38 -47.14
CA HIS F 267 58.88 -8.16 -45.73
C HIS F 267 57.40 -8.23 -45.39
N ARG F 268 56.52 -8.17 -46.38
CA ARG F 268 55.09 -8.35 -46.12
C ARG F 268 54.81 -9.63 -45.36
N LYS F 269 55.63 -10.66 -45.58
CA LYS F 269 55.42 -11.92 -44.88
C LYS F 269 55.55 -11.75 -43.37
N ILE F 270 56.46 -10.88 -42.91
CA ILE F 270 56.65 -10.71 -41.48
C ILE F 270 55.48 -9.97 -40.86
N ILE F 271 54.99 -8.94 -41.54
CA ILE F 271 53.82 -8.19 -41.08
C ILE F 271 52.68 -8.42 -42.07
N PRO F 272 51.99 -9.55 -42.00
CA PRO F 272 51.02 -9.87 -43.03
C PRO F 272 49.70 -9.14 -42.86
N GLY F 273 49.06 -8.86 -43.97
CA GLY F 273 47.67 -8.46 -43.96
C GLY F 273 46.78 -9.66 -43.75
N GLU F 274 45.49 -9.44 -43.96
CA GLU F 274 44.52 -10.51 -43.75
C GLU F 274 44.60 -11.56 -44.86
N HIS F 275 44.67 -11.12 -46.11
CA HIS F 275 44.73 -12.08 -47.22
C HIS F 275 46.04 -12.85 -47.20
N LEU F 276 47.14 -12.19 -46.82
CA LEU F 276 48.36 -12.94 -46.64
C LEU F 276 48.23 -13.90 -45.46
N LYS F 277 47.49 -13.51 -44.42
CA LYS F 277 47.34 -14.37 -43.25
C LYS F 277 46.66 -15.67 -43.62
N ASP F 278 45.48 -15.58 -44.23
CA ASP F 278 44.78 -16.83 -44.54
C ASP F 278 45.49 -17.59 -45.65
N LEU F 279 46.23 -16.90 -46.54
CA LEU F 279 47.13 -17.61 -47.43
C LEU F 279 48.10 -18.50 -46.67
N LEU F 280 48.83 -17.92 -45.72
CA LEU F 280 49.84 -18.68 -45.00
C LEU F 280 49.22 -19.78 -44.14
N ALA F 281 48.02 -19.52 -43.62
CA ALA F 281 47.33 -20.57 -42.87
C ALA F 281 47.02 -21.76 -43.75
N LYS F 282 46.48 -21.51 -44.95
CA LYS F 282 46.18 -22.61 -45.85
C LYS F 282 47.46 -23.34 -46.25
N ILE F 283 48.56 -22.61 -46.43
CA ILE F 283 49.82 -23.24 -46.80
C ILE F 283 50.28 -24.17 -45.70
N ASN F 284 50.26 -23.72 -44.44
CA ASN F 284 50.67 -24.58 -43.34
C ASN F 284 49.76 -25.79 -43.22
N LYS F 285 48.46 -25.61 -43.44
CA LYS F 285 47.55 -26.74 -43.34
C LYS F 285 47.85 -27.79 -44.41
N SER F 286 48.06 -27.34 -45.66
CA SER F 286 48.38 -28.28 -46.72
C SER F 286 49.73 -28.94 -46.50
N LYS F 287 50.68 -28.21 -45.92
CA LYS F 287 51.95 -28.81 -45.56
C LYS F 287 51.76 -29.94 -44.56
N GLY F 288 51.03 -29.65 -43.48
CA GLY F 288 50.77 -30.68 -42.49
C GLY F 288 50.11 -31.90 -43.11
N ILE F 289 49.12 -31.69 -43.98
CA ILE F 289 48.48 -32.81 -44.65
C ILE F 289 49.49 -33.60 -45.45
N PHE F 290 50.43 -32.91 -46.11
CA PHE F 290 51.43 -33.60 -46.92
C PHE F 290 52.41 -34.41 -46.07
N LEU F 291 52.62 -34.03 -44.82
CA LEU F 291 53.66 -34.66 -44.00
C LEU F 291 53.13 -35.66 -42.98
N ASP F 292 51.98 -36.29 -43.25
CA ASP F 292 51.44 -37.35 -42.41
C ASP F 292 51.24 -38.59 -43.27
N GLN F 293 51.76 -39.74 -42.81
CA GLN F 293 51.99 -40.89 -43.66
C GLN F 293 50.74 -41.74 -43.88
N ASN F 294 49.83 -41.78 -42.93
CA ASN F 294 48.65 -42.59 -43.09
C ASN F 294 47.44 -41.81 -43.59
N ALA F 295 47.59 -40.54 -43.94
CA ALA F 295 46.56 -39.96 -44.78
C ALA F 295 46.55 -40.67 -46.14
N LEU F 296 45.53 -40.41 -46.93
CA LEU F 296 45.40 -41.09 -48.22
C LEU F 296 46.47 -40.60 -49.18
N LEU F 297 46.66 -41.35 -50.27
CA LEU F 297 47.70 -41.01 -51.23
C LEU F 297 47.34 -39.81 -52.08
N ASP F 298 46.07 -39.73 -52.51
CA ASP F 298 45.67 -38.69 -53.44
C ASP F 298 45.79 -37.31 -52.80
N LYS F 299 45.40 -37.20 -51.53
CA LYS F 299 45.53 -35.92 -50.83
C LYS F 299 47.00 -35.50 -50.77
N ARG F 300 47.89 -36.43 -50.43
CA ARG F 300 49.31 -36.09 -50.33
C ARG F 300 49.86 -35.67 -51.68
N ILE F 301 49.44 -36.34 -52.76
CA ILE F 301 49.93 -35.99 -54.08
C ILE F 301 49.44 -34.61 -54.49
N TYR F 302 48.17 -34.32 -54.23
CA TYR F 302 47.62 -32.99 -54.54
C TYR F 302 48.35 -31.91 -53.76
N ALA F 303 48.55 -32.13 -52.46
CA ALA F 303 49.27 -31.16 -51.65
C ALA F 303 50.69 -30.95 -52.17
N PHE F 304 51.35 -32.03 -52.55
CA PHE F 304 52.70 -31.90 -53.10
C PHE F 304 52.68 -31.06 -54.36
N HIS F 305 51.73 -31.31 -55.25
CA HIS F 305 51.68 -30.56 -56.50
C HIS F 305 51.51 -29.07 -56.24
N GLU F 306 50.57 -28.73 -55.37
CA GLU F 306 50.33 -27.32 -55.07
C GLU F 306 51.57 -26.67 -54.46
N LEU F 307 52.14 -27.29 -53.43
CA LEU F 307 53.31 -26.71 -52.78
C LEU F 307 54.48 -26.60 -53.74
N ASN F 308 54.63 -27.56 -54.64
CA ASN F 308 55.72 -27.52 -55.60
C ASN F 308 55.56 -26.36 -56.55
N THR F 309 54.35 -26.15 -57.08
CA THR F 309 54.13 -25.02 -57.98
C THR F 309 54.42 -23.70 -57.26
N LEU F 310 53.89 -23.54 -56.05
CA LEU F 310 54.13 -22.31 -55.31
C LEU F 310 55.62 -22.08 -55.10
N GLU F 311 56.36 -23.11 -54.71
CA GLU F 311 57.77 -22.91 -54.41
C GLU F 311 58.57 -22.65 -55.67
N THR F 312 58.22 -23.30 -56.78
CA THR F 312 59.01 -23.11 -57.99
C THR F 312 58.75 -21.76 -58.64
N HIS F 313 57.57 -21.19 -58.43
CA HIS F 313 57.31 -19.93 -59.11
C HIS F 313 57.44 -18.72 -58.20
N PHE F 314 57.14 -18.87 -56.92
CA PHE F 314 57.32 -17.79 -55.94
C PHE F 314 58.27 -18.27 -54.87
N PRO F 315 59.58 -18.10 -55.05
CA PRO F 315 60.54 -18.76 -54.15
C PRO F 315 60.52 -18.15 -52.76
N GLY F 316 60.58 -19.01 -51.75
CA GLY F 316 60.71 -18.59 -50.38
C GLY F 316 59.41 -18.40 -49.63
N ILE F 317 58.26 -18.51 -50.28
CA ILE F 317 57.01 -18.25 -49.59
C ILE F 317 56.62 -19.41 -48.69
N THR F 318 56.94 -20.64 -49.10
CA THR F 318 56.58 -21.81 -48.31
C THR F 318 57.56 -22.09 -47.18
N SER F 319 58.61 -21.30 -47.05
CA SER F 319 59.66 -21.60 -46.08
C SER F 319 59.35 -21.02 -44.72
N SER F 320 59.47 -21.86 -43.69
CA SER F 320 59.52 -21.42 -42.29
C SER F 320 60.71 -22.11 -41.65
N PHE F 321 61.65 -21.31 -41.12
CA PHE F 321 62.97 -21.83 -40.81
C PHE F 321 62.93 -23.01 -39.86
N THR F 322 62.34 -22.82 -38.68
CA THR F 322 62.55 -23.76 -37.58
C THR F 322 62.05 -25.16 -37.93
N ASP F 323 60.77 -25.31 -38.22
CA ASP F 323 60.17 -26.64 -38.33
C ASP F 323 60.64 -27.40 -39.55
N ASP F 324 61.20 -26.70 -40.54
CA ASP F 324 61.67 -27.38 -41.75
C ASP F 324 62.74 -28.41 -41.45
N LEU F 325 63.54 -28.20 -40.40
CA LEU F 325 64.62 -29.13 -40.10
C LEU F 325 64.09 -30.35 -39.35
N LYS F 326 63.16 -30.14 -38.42
CA LYS F 326 62.53 -31.26 -37.73
C LYS F 326 61.73 -32.12 -38.69
N SER F 327 61.06 -31.50 -39.66
CA SER F 327 60.33 -32.28 -40.65
C SER F 327 61.26 -32.76 -41.76
N ASN F 328 62.17 -31.90 -42.22
CA ASN F 328 63.08 -32.20 -43.32
C ASN F 328 62.31 -32.64 -44.56
N TYR F 329 61.42 -31.76 -45.00
CA TYR F 329 60.55 -32.04 -46.13
C TYR F 329 61.11 -31.54 -47.46
N ARG F 330 62.12 -30.66 -47.42
CA ARG F 330 62.70 -30.14 -48.65
C ARG F 330 63.23 -31.25 -49.53
N LYS F 331 64.14 -32.06 -48.98
CA LYS F 331 64.69 -33.19 -49.73
C LYS F 331 63.58 -34.14 -50.18
N LYS F 332 62.53 -34.28 -49.36
CA LYS F 332 61.39 -35.08 -49.77
C LYS F 332 60.77 -34.52 -51.04
N MET F 333 60.54 -33.21 -51.10
CA MET F 333 60.02 -32.57 -52.30
C MET F 333 60.91 -32.87 -53.49
N GLU F 334 62.22 -32.70 -53.33
CA GLU F 334 63.12 -32.98 -54.43
C GLU F 334 63.01 -34.43 -54.89
N SER F 335 62.85 -35.36 -53.94
CA SER F 335 62.75 -36.76 -54.30
C SER F 335 61.50 -37.03 -55.12
N VAL F 336 60.36 -36.46 -54.70
CA VAL F 336 59.11 -36.68 -55.44
C VAL F 336 59.21 -36.09 -56.83
N SER F 337 59.83 -34.91 -56.94
CA SER F 337 60.04 -34.31 -58.26
C SER F 337 60.88 -35.23 -59.14
N LEU F 338 61.97 -35.76 -58.58
CA LEU F 338 62.82 -36.68 -59.33
C LEU F 338 62.01 -37.88 -59.78
N THR F 339 61.13 -38.38 -58.89
CA THR F 339 60.28 -39.52 -59.23
C THR F 339 59.37 -39.19 -60.41
N CYS F 340 58.73 -38.03 -60.39
CA CYS F 340 57.83 -37.68 -61.48
C CYS F 340 58.58 -37.60 -62.81
N GLN F 341 59.76 -36.99 -62.79
CA GLN F 341 60.55 -36.90 -64.02
C GLN F 341 60.90 -38.29 -64.56
N VAL F 342 61.44 -39.15 -63.70
CA VAL F 342 61.89 -40.46 -64.16
C VAL F 342 60.70 -41.30 -64.61
N LEU F 343 59.54 -41.13 -63.96
CA LEU F 343 58.35 -41.86 -64.36
C LEU F 343 57.88 -41.43 -65.74
N GLN F 344 57.92 -40.12 -66.00
CA GLN F 344 57.56 -39.64 -67.33
C GLN F 344 58.47 -40.25 -68.39
N GLU F 345 59.78 -40.30 -68.10
CA GLU F 345 60.68 -40.88 -69.10
C GLU F 345 60.43 -42.37 -69.29
N ILE F 346 60.11 -43.09 -68.22
CA ILE F 346 59.81 -44.52 -68.35
C ILE F 346 58.57 -44.73 -69.19
N GLY F 347 57.55 -43.88 -69.00
CA GLY F 347 56.39 -43.93 -69.86
C GLY F 347 56.73 -43.66 -71.32
N ASN F 348 57.64 -42.72 -71.55
CA ASN F 348 58.11 -42.47 -72.92
C ASN F 348 58.73 -43.72 -73.52
N ILE F 349 59.59 -44.39 -72.76
CA ILE F 349 60.23 -45.61 -73.26
C ILE F 349 59.19 -46.68 -73.56
N HIS F 350 58.21 -46.83 -72.66
CA HIS F 350 57.17 -47.83 -72.86
C HIS F 350 56.37 -47.54 -74.13
N ARG F 351 56.09 -46.26 -74.39
CA ARG F 351 55.39 -45.92 -75.63
C ARG F 351 56.27 -46.18 -76.84
N PHE F 352 57.58 -45.93 -76.70
CA PHE F 352 58.49 -46.17 -77.82
C PHE F 352 58.57 -47.65 -78.17
N ILE F 353 58.43 -48.51 -77.17
CA ILE F 353 58.48 -49.96 -77.39
C ILE F 353 57.44 -50.37 -78.44
N GLU F 354 56.30 -49.67 -78.46
CA GLU F 354 55.25 -50.03 -79.40
C GLU F 354 55.70 -49.86 -80.85
N SER F 355 56.67 -48.99 -81.09
CA SER F 355 57.22 -48.87 -82.44
C SER F 355 57.92 -50.16 -82.87
N LYS F 356 58.29 -51.01 -81.90
CA LYS F 356 59.01 -52.23 -82.22
C LYS F 356 58.07 -53.37 -82.61
N VAL F 357 56.77 -53.17 -82.42
CA VAL F 357 55.82 -54.24 -82.75
C VAL F 357 55.77 -54.45 -84.25
N PRO F 358 55.83 -55.69 -84.75
CA PRO F 358 55.75 -55.92 -86.19
C PRO F 358 54.54 -55.26 -86.85
N TYR F 359 53.38 -55.31 -86.21
CA TYR F 359 52.17 -54.72 -86.74
C TYR F 359 51.70 -53.63 -85.80
N HIS F 360 52.29 -52.44 -85.91
CA HIS F 360 51.76 -51.29 -85.21
C HIS F 360 51.86 -50.03 -86.06
N SER F 361 51.43 -50.11 -87.33
CA SER F 361 51.31 -48.91 -88.16
C SER F 361 50.60 -47.79 -87.43
N SER F 362 49.62 -48.12 -86.61
CA SER F 362 48.89 -47.11 -85.84
C SER F 362 49.82 -46.47 -84.82
N THR F 363 49.79 -45.14 -84.77
CA THR F 363 50.63 -44.41 -83.84
C THR F 363 50.10 -44.59 -82.41
N GLU F 364 51.03 -44.62 -81.46
CA GLU F 364 50.73 -44.86 -80.06
C GLU F 364 50.92 -43.61 -79.21
N TYR F 365 51.08 -42.45 -79.84
CA TYR F 365 51.28 -41.21 -79.12
C TYR F 365 50.07 -40.29 -79.16
N GLY F 366 49.31 -40.29 -80.24
CA GLY F 366 48.13 -39.46 -80.32
C GLY F 366 47.87 -39.05 -81.76
N LEU F 367 46.79 -38.30 -81.92
CA LEU F 367 46.39 -37.83 -83.24
C LEU F 367 47.47 -36.94 -83.83
N PHE F 368 47.91 -37.27 -85.04
CA PHE F 368 48.87 -36.46 -85.79
C PHE F 368 50.18 -36.27 -85.05
N SER F 369 50.50 -37.21 -84.15
CA SER F 369 51.80 -37.17 -83.50
C SER F 369 52.91 -37.45 -84.50
N ILE F 370 52.71 -38.41 -85.38
CA ILE F 370 53.72 -38.79 -86.36
C ILE F 370 53.05 -38.99 -87.73
N PRO F 371 53.56 -38.36 -88.78
CA PRO F 371 53.04 -38.63 -90.11
C PRO F 371 53.59 -39.95 -90.65
N LYS F 372 52.72 -40.68 -91.34
CA LYS F 372 53.10 -42.00 -91.83
C LYS F 372 54.16 -41.94 -92.93
N ILE F 373 54.49 -40.75 -93.41
CA ILE F 373 55.60 -40.62 -94.34
C ILE F 373 56.91 -41.04 -93.71
N PHE F 374 57.05 -40.88 -92.40
CA PHE F 374 58.23 -41.36 -91.68
C PHE F 374 57.95 -42.68 -90.99
N SER F 375 56.97 -42.70 -90.08
CA SER F 375 56.44 -43.93 -89.49
C SER F 375 57.57 -44.89 -89.10
N ILE F 376 58.34 -44.45 -88.11
CA ILE F 376 59.52 -45.14 -87.61
C ILE F 376 59.25 -46.64 -87.56
N PRO F 377 60.14 -47.46 -88.10
CA PRO F 377 59.77 -48.82 -88.49
C PRO F 377 60.01 -49.84 -87.38
N ILE F 378 59.83 -51.10 -87.77
CA ILE F 378 60.00 -52.25 -86.88
C ILE F 378 61.44 -52.75 -86.89
N ASP F 379 62.31 -52.13 -87.67
CA ASP F 379 63.64 -52.67 -87.96
C ASP F 379 64.50 -52.58 -86.71
N TYR F 380 64.59 -53.72 -86.01
CA TYR F 380 65.53 -53.84 -84.92
C TYR F 380 66.96 -53.64 -85.41
N LYS F 381 67.67 -52.69 -84.81
CA LYS F 381 69.04 -52.43 -85.19
C LYS F 381 70.00 -53.12 -84.22
N HIS F 382 71.29 -53.06 -84.56
CA HIS F 382 72.31 -53.76 -83.79
C HIS F 382 72.29 -53.34 -82.32
N GLY F 383 72.30 -52.03 -82.07
CA GLY F 383 72.49 -51.56 -80.72
C GLY F 383 71.25 -51.60 -79.87
N GLU F 384 70.07 -51.43 -80.50
CA GLU F 384 68.85 -51.14 -79.76
C GLU F 384 68.57 -52.15 -78.65
N LYS F 385 68.67 -53.44 -78.95
CA LYS F 385 68.31 -54.47 -77.97
C LYS F 385 69.15 -54.38 -76.71
N GLU F 386 70.39 -53.89 -76.83
CA GLU F 386 71.26 -53.71 -75.65
C GLU F 386 71.12 -52.31 -75.06
N ASN F 387 70.96 -51.30 -75.91
CA ASN F 387 70.93 -49.93 -75.46
C ASN F 387 69.69 -49.64 -74.63
N LEU F 388 68.55 -50.23 -75.02
CA LEU F 388 67.32 -50.01 -74.26
C LEU F 388 67.42 -50.56 -72.85
N VAL F 389 67.82 -51.83 -72.73
CA VAL F 389 67.92 -52.42 -71.39
C VAL F 389 68.99 -51.69 -70.58
N SER F 390 70.10 -51.34 -71.22
CA SER F 390 71.12 -50.57 -70.52
C SER F 390 70.56 -49.23 -70.04
N TYR F 391 69.81 -48.54 -70.89
CA TYR F 391 69.30 -47.23 -70.55
C TYR F 391 68.31 -47.30 -69.40
N VAL F 392 67.43 -48.29 -69.39
CA VAL F 392 66.49 -48.41 -68.28
C VAL F 392 67.21 -48.75 -66.97
N ASP F 393 68.22 -49.62 -67.05
CA ASP F 393 69.00 -49.94 -65.85
C ASP F 393 69.74 -48.72 -65.33
N PHE F 394 70.39 -47.96 -66.23
CA PHE F 394 71.06 -46.73 -65.82
C PHE F 394 70.08 -45.73 -65.23
N LEU F 395 68.88 -45.64 -65.79
CA LEU F 395 67.86 -44.74 -65.23
C LEU F 395 67.56 -45.12 -63.78
N TYR F 396 67.25 -46.39 -63.55
CA TYR F 396 66.89 -46.82 -62.21
C TYR F 396 68.07 -46.67 -61.25
N SER F 397 69.30 -46.91 -61.73
CA SER F 397 70.47 -46.77 -60.89
C SER F 397 70.69 -45.32 -60.50
N THR F 398 70.62 -44.40 -61.47
CA THR F 398 70.76 -42.98 -61.18
C THR F 398 69.67 -42.51 -60.22
N ALA F 399 68.47 -43.07 -60.33
CA ALA F 399 67.39 -42.64 -59.46
C ALA F 399 67.56 -43.17 -58.04
N HIS F 400 68.04 -44.40 -57.90
CA HIS F 400 68.04 -45.04 -56.59
C HIS F 400 68.95 -44.33 -55.59
N GLU F 401 69.88 -43.52 -56.08
CA GLU F 401 70.86 -42.90 -55.19
C GLU F 401 70.27 -41.70 -54.47
N ARG F 402 69.75 -40.73 -55.22
CA ARG F 402 69.35 -39.45 -54.64
C ARG F 402 68.07 -39.54 -53.81
N ILE F 403 67.26 -40.57 -54.02
CA ILE F 403 66.04 -40.74 -53.24
C ILE F 403 66.39 -40.99 -51.78
N LEU F 404 65.67 -40.32 -50.88
CA LEU F 404 65.80 -40.63 -49.47
C LEU F 404 64.82 -41.74 -49.10
N GLN F 405 65.22 -42.54 -48.12
CA GLN F 405 64.52 -43.78 -47.78
C GLN F 405 63.94 -43.67 -46.38
N ASP F 406 62.63 -43.49 -46.30
CA ASP F 406 61.92 -43.51 -45.02
C ASP F 406 60.45 -43.77 -45.31
N ASN F 407 59.86 -44.66 -44.51
CA ASN F 407 58.54 -45.19 -44.84
C ASN F 407 57.47 -44.11 -44.88
N SER F 408 57.63 -43.05 -44.10
CA SER F 408 56.74 -41.91 -44.24
C SER F 408 56.80 -41.30 -45.64
N ILE F 409 57.99 -41.23 -46.22
CA ILE F 409 58.19 -40.76 -47.60
C ILE F 409 58.24 -41.91 -48.61
N ASN F 410 58.52 -43.14 -48.14
CA ASN F 410 58.62 -44.28 -49.05
C ASN F 410 57.34 -44.50 -49.84
N GLN F 411 56.20 -44.05 -49.30
CA GLN F 411 54.91 -44.37 -49.91
C GLN F 411 54.73 -43.70 -51.27
N LEU F 412 55.44 -42.60 -51.52
CA LEU F 412 55.14 -41.86 -52.74
C LEU F 412 56.20 -41.98 -53.82
N CYS F 413 57.42 -42.39 -53.46
CA CYS F 413 58.52 -42.44 -54.43
C CYS F 413 59.08 -43.84 -54.61
N LEU F 414 59.18 -44.63 -53.53
CA LEU F 414 59.72 -45.97 -53.68
C LEU F 414 58.78 -46.88 -54.46
N ASP F 415 57.55 -47.07 -53.97
CA ASP F 415 56.68 -48.05 -54.61
C ASP F 415 56.30 -47.71 -56.07
N PRO F 416 56.15 -46.45 -56.51
CA PRO F 416 55.92 -46.25 -57.97
C PRO F 416 57.06 -46.76 -58.81
N LEU F 417 58.29 -46.48 -58.38
CA LEU F 417 59.48 -46.95 -59.08
C LEU F 417 59.55 -48.48 -59.05
N GLN F 418 59.24 -49.08 -57.91
CA GLN F 418 59.30 -50.54 -57.80
C GLN F 418 58.28 -51.19 -58.72
N GLU F 419 57.04 -50.68 -58.72
CA GLU F 419 56.00 -51.23 -59.58
C GLU F 419 56.34 -51.02 -61.05
N SER F 420 56.90 -49.87 -61.40
CA SER F 420 57.26 -49.63 -62.78
C SER F 420 58.39 -50.56 -63.21
N LEU F 421 59.41 -50.73 -62.37
CA LEU F 421 60.47 -51.68 -62.67
C LEU F 421 59.90 -53.07 -62.88
N ASN F 422 58.90 -53.45 -62.07
CA ASN F 422 58.27 -54.76 -62.24
C ASN F 422 57.57 -54.88 -63.59
N ARG F 423 56.67 -53.94 -63.88
CA ARG F 423 55.96 -53.98 -65.16
C ARG F 423 56.95 -54.00 -66.33
N ILE F 424 57.99 -53.17 -66.25
CA ILE F 424 58.93 -53.04 -67.36
C ILE F 424 59.76 -54.31 -67.52
N LYS F 425 60.28 -54.86 -66.42
CA LYS F 425 61.06 -56.09 -66.52
C LYS F 425 60.19 -57.26 -66.94
N SER F 426 58.88 -57.20 -66.68
CA SER F 426 58.00 -58.27 -67.12
C SER F 426 57.68 -58.17 -68.60
N ASN F 427 57.48 -56.95 -69.11
CA ASN F 427 57.00 -56.83 -70.50
C ASN F 427 58.14 -56.64 -71.50
N ILE F 428 59.34 -56.26 -71.05
CA ILE F 428 60.47 -56.14 -71.97
C ILE F 428 60.72 -57.45 -72.76
N PRO F 429 60.84 -58.62 -72.12
CA PRO F 429 61.17 -59.81 -72.91
C PRO F 429 60.11 -60.17 -73.93
N VAL F 430 58.84 -60.26 -73.50
CA VAL F 430 57.78 -60.75 -74.39
C VAL F 430 57.74 -59.94 -75.68
N PHE F 431 57.99 -58.63 -75.57
CA PHE F 431 58.14 -57.82 -76.78
C PHE F 431 59.46 -58.10 -77.48
N PHE F 432 60.51 -58.47 -76.72
CA PHE F 432 61.80 -58.70 -77.36
C PHE F 432 61.82 -59.96 -78.23
N ASN F 433 60.99 -60.94 -77.90
CA ASN F 433 60.87 -62.10 -78.77
C ASN F 433 60.20 -61.72 -80.09
N LEU F 434 58.97 -61.23 -80.01
CA LEU F 434 58.19 -60.90 -81.19
C LEU F 434 57.60 -59.51 -81.04
N THR G 1 -38.49 5.75 -29.38
CA THR G 1 -37.34 6.61 -29.68
C THR G 1 -37.05 7.53 -28.50
N ILE G 2 -37.95 7.54 -27.53
CA ILE G 2 -37.74 8.34 -26.33
C ILE G 2 -36.59 7.79 -25.51
N THR G 3 -36.60 6.47 -25.32
CA THR G 3 -35.56 5.82 -24.53
C THR G 3 -34.20 5.96 -25.19
N LEU G 4 -34.15 5.99 -26.52
CA LEU G 4 -32.90 6.33 -27.19
C LEU G 4 -32.37 7.67 -26.69
N GLU G 5 -33.23 8.69 -26.69
CA GLU G 5 -32.81 10.01 -26.23
C GLU G 5 -32.29 9.95 -24.80
N LYS G 6 -33.04 9.28 -23.93
CA LYS G 6 -32.65 9.28 -22.52
C LYS G 6 -31.36 8.51 -22.29
N LYS G 7 -31.20 7.35 -22.94
CA LYS G 7 -29.96 6.60 -22.83
C LYS G 7 -28.78 7.41 -23.31
N VAL G 8 -28.94 8.12 -24.43
CA VAL G 8 -27.84 8.91 -24.95
C VAL G 8 -27.48 10.03 -23.97
N ARG G 9 -28.49 10.67 -23.38
CA ARG G 9 -28.20 11.71 -22.40
C ARG G 9 -27.40 11.15 -21.23
N LYS G 10 -27.81 10.01 -20.70
CA LYS G 10 -27.10 9.41 -19.58
C LYS G 10 -25.65 9.11 -19.95
N GLY G 11 -25.45 8.49 -21.12
CA GLY G 11 -24.11 8.18 -21.56
C GLY G 11 -23.24 9.42 -21.68
N ILE G 12 -23.82 10.51 -22.17
CA ILE G 12 -23.04 11.72 -22.35
C ILE G 12 -22.61 12.29 -21.01
N GLU G 13 -23.52 12.30 -20.03
CA GLU G 13 -23.13 12.80 -18.71
C GLU G 13 -22.01 11.96 -18.10
N SER G 14 -22.11 10.64 -18.25
CA SER G 14 -21.04 9.77 -17.77
C SER G 14 -19.72 10.12 -18.44
N LEU G 15 -19.73 10.35 -19.75
CA LEU G 15 -18.50 10.69 -20.45
C LEU G 15 -17.92 11.98 -19.91
N ILE G 16 -18.76 12.96 -19.59
CA ILE G 16 -18.24 14.23 -19.11
C ILE G 16 -17.50 14.06 -17.79
N THR G 17 -18.10 13.30 -16.86
CA THR G 17 -17.41 13.05 -15.61
C THR G 17 -16.09 12.32 -15.84
N GLU G 18 -16.11 11.29 -16.69
CA GLU G 18 -14.89 10.55 -16.96
C GLU G 18 -13.80 11.44 -17.54
N LEU G 19 -14.19 12.38 -18.40
CA LEU G 19 -13.22 13.29 -18.97
C LEU G 19 -12.57 14.15 -17.91
N LYS G 20 -13.36 14.64 -16.96
CA LYS G 20 -12.77 15.41 -15.87
C LYS G 20 -11.72 14.59 -15.14
N LEU G 21 -12.05 13.34 -14.81
CA LEU G 21 -11.08 12.52 -14.06
C LEU G 21 -9.81 12.27 -14.86
N MET G 22 -9.97 11.96 -16.15
CA MET G 22 -8.80 11.71 -16.98
C MET G 22 -7.89 12.92 -17.06
N GLN G 23 -8.48 14.10 -17.21
CA GLN G 23 -7.64 15.30 -17.29
C GLN G 23 -6.91 15.55 -15.99
N ALA G 24 -7.56 15.28 -14.85
CA ALA G 24 -6.87 15.39 -13.58
C ALA G 24 -5.64 14.50 -13.55
N VAL G 25 -5.80 13.24 -13.95
CA VAL G 25 -4.68 12.31 -13.90
C VAL G 25 -3.55 12.76 -14.82
N LEU G 26 -3.90 13.16 -16.05
CA LEU G 26 -2.86 13.53 -17.00
C LEU G 26 -2.09 14.76 -16.53
N SER G 27 -2.80 15.74 -15.96
CA SER G 27 -2.12 16.91 -15.43
C SER G 27 -1.20 16.54 -14.29
N LYS G 28 -1.63 15.62 -13.43
CA LYS G 28 -0.76 15.16 -12.36
C LYS G 28 0.51 14.51 -12.90
N VAL G 29 0.37 13.70 -13.96
CA VAL G 29 1.52 13.00 -14.49
C VAL G 29 2.49 13.98 -15.15
N SER G 30 1.97 14.96 -15.88
CA SER G 30 2.85 15.77 -16.72
C SER G 30 3.76 16.71 -15.93
N LYS G 31 3.80 16.63 -14.61
CA LYS G 31 4.69 17.48 -13.83
C LYS G 31 6.05 16.86 -13.62
N VAL G 32 6.16 15.55 -13.63
CA VAL G 32 7.40 14.87 -13.28
C VAL G 32 8.39 15.01 -14.43
N PRO G 33 9.65 15.34 -14.17
CA PRO G 33 10.64 15.34 -15.25
C PRO G 33 10.86 13.93 -15.78
N ALA G 34 11.22 13.85 -17.06
CA ALA G 34 11.22 12.58 -17.76
C ALA G 34 12.19 11.56 -17.14
N ASP G 35 13.12 12.00 -16.30
CA ASP G 35 14.09 11.09 -15.73
C ASP G 35 13.57 10.35 -14.51
N GLN G 36 12.38 10.68 -14.02
CA GLN G 36 11.83 10.00 -12.86
C GLN G 36 10.58 9.18 -13.16
N LEU G 37 9.99 9.33 -14.33
CA LEU G 37 8.93 8.43 -14.74
C LEU G 37 9.49 7.06 -15.10
N ASP G 38 8.68 6.04 -14.88
CA ASP G 38 8.97 4.72 -15.41
C ASP G 38 8.12 4.45 -16.64
N GLU G 39 8.52 3.45 -17.41
CA GLU G 39 7.95 3.26 -18.74
C GLU G 39 6.47 2.91 -18.67
N GLY G 40 6.07 2.12 -17.67
CA GLY G 40 4.68 1.69 -17.62
C GLY G 40 3.72 2.86 -17.54
N VAL G 41 3.98 3.79 -16.62
CA VAL G 41 3.11 4.95 -16.47
C VAL G 41 3.10 5.78 -17.73
N LYS G 42 4.26 5.90 -18.39
CA LYS G 42 4.35 6.71 -19.59
C LYS G 42 3.48 6.14 -20.71
N ILE G 43 3.58 4.84 -20.94
CA ILE G 43 2.79 4.20 -21.98
C ILE G 43 1.31 4.31 -21.68
N TRP G 44 0.94 4.01 -20.42
CA TRP G 44 -0.45 4.09 -20.04
C TRP G 44 -1.00 5.50 -20.23
N ALA G 45 -0.17 6.51 -19.93
CA ALA G 45 -0.62 7.89 -20.09
C ALA G 45 -0.84 8.25 -21.55
N GLY G 46 0.04 7.78 -22.44
CA GLY G 46 -0.20 8.01 -23.87
C GLY G 46 -1.54 7.46 -24.32
N ASN G 47 -1.83 6.22 -23.91
CA ASN G 47 -3.09 5.63 -24.33
C ASN G 47 -4.29 6.38 -23.75
N VAL G 48 -4.17 6.82 -22.49
CA VAL G 48 -5.25 7.59 -21.90
C VAL G 48 -5.49 8.86 -22.69
N LYS G 49 -4.43 9.51 -23.13
CA LYS G 49 -4.57 10.72 -23.94
C LYS G 49 -5.37 10.46 -25.20
N GLU G 50 -5.05 9.37 -25.90
CA GLU G 50 -5.80 9.06 -27.12
C GLU G 50 -7.29 8.86 -26.83
N LEU G 51 -7.60 8.08 -25.79
CA LEU G 51 -9.00 7.88 -25.45
C LEU G 51 -9.70 9.20 -25.17
N SER G 52 -8.99 10.11 -24.49
CA SER G 52 -9.59 11.40 -24.19
C SER G 52 -9.96 12.13 -25.46
N TYR G 53 -9.10 12.10 -26.46
CA TYR G 53 -9.43 12.72 -27.74
C TYR G 53 -10.72 12.16 -28.31
N GLN G 54 -10.82 10.83 -28.34
CA GLN G 54 -12.02 10.22 -28.93
C GLN G 54 -13.30 10.63 -28.20
N MET G 55 -13.25 10.62 -26.87
CA MET G 55 -14.45 10.94 -26.12
C MET G 55 -14.85 12.39 -26.31
N GLU G 56 -13.88 13.30 -26.37
CA GLU G 56 -14.21 14.70 -26.68
C GLU G 56 -14.93 14.81 -28.01
N ASP G 57 -14.45 14.07 -29.02
CA ASP G 57 -15.11 14.15 -30.32
C ASP G 57 -16.55 13.68 -30.24
N ILE G 58 -16.82 12.60 -29.50
CA ILE G 58 -18.19 12.11 -29.41
C ILE G 58 -19.09 13.14 -28.74
N VAL G 59 -18.63 13.71 -27.62
CA VAL G 59 -19.43 14.71 -26.93
C VAL G 59 -19.75 15.89 -27.85
N ASP G 60 -18.74 16.33 -28.60
CA ASP G 60 -18.98 17.47 -29.48
C ASP G 60 -19.97 17.14 -30.58
N ALA G 61 -19.89 15.94 -31.14
CA ALA G 61 -20.85 15.53 -32.15
C ALA G 61 -22.27 15.58 -31.60
N PHE G 62 -22.46 15.09 -30.39
CA PHE G 62 -23.80 15.15 -29.81
C PHE G 62 -24.26 16.59 -29.62
N MET G 63 -23.37 17.45 -29.12
CA MET G 63 -23.78 18.82 -28.86
C MET G 63 -24.16 19.55 -30.14
N VAL G 64 -23.44 19.28 -31.22
CA VAL G 64 -23.71 20.00 -32.47
C VAL G 64 -24.94 19.45 -33.17
N ARG G 65 -24.99 18.14 -33.39
CA ARG G 65 -26.03 17.59 -34.24
C ARG G 65 -27.36 17.37 -33.54
N VAL G 66 -27.50 17.76 -32.29
CA VAL G 66 -28.77 17.56 -31.58
C VAL G 66 -29.15 18.80 -30.78
N ASN G 92 -33.03 12.46 -37.44
CA ASN G 92 -32.40 12.30 -36.14
C ASN G 92 -32.03 10.85 -35.85
N GLY G 93 -32.79 9.92 -36.44
CA GLY G 93 -32.60 8.52 -36.14
C GLY G 93 -31.18 8.05 -36.44
N LYS G 94 -30.69 8.36 -37.64
CA LYS G 94 -29.36 7.90 -38.02
C LYS G 94 -28.29 8.51 -37.13
N ASP G 95 -28.45 9.78 -36.76
CA ASP G 95 -27.47 10.42 -35.90
C ASP G 95 -27.44 9.76 -34.53
N LEU G 96 -28.61 9.54 -33.93
CA LEU G 96 -28.65 8.91 -32.61
C LEU G 96 -28.10 7.48 -32.68
N HIS G 97 -28.34 6.79 -33.78
CA HIS G 97 -27.83 5.42 -33.90
C HIS G 97 -26.30 5.42 -33.98
N ARG G 98 -25.74 6.29 -34.81
CA ARG G 98 -24.28 6.39 -34.89
C ARG G 98 -23.70 6.77 -33.54
N ILE G 99 -24.33 7.71 -32.84
CA ILE G 99 -23.79 8.17 -31.57
C ILE G 99 -23.84 7.05 -30.54
N SER G 100 -24.92 6.28 -30.52
CA SER G 100 -25.00 5.15 -29.58
C SER G 100 -23.93 4.11 -29.88
N ALA G 101 -23.70 3.82 -31.16
CA ALA G 101 -22.65 2.87 -31.52
C ALA G 101 -21.29 3.34 -31.02
N ALA G 102 -20.95 4.60 -31.32
CA ALA G 102 -19.65 5.12 -30.90
C ALA G 102 -19.52 5.11 -29.39
N LEU G 103 -20.61 5.43 -28.68
CA LEU G 103 -20.60 5.42 -27.23
C LEU G 103 -20.23 4.04 -26.70
N GLU G 104 -20.92 3.01 -27.18
CA GLU G 104 -20.65 1.66 -26.72
C GLU G 104 -19.21 1.27 -26.99
N GLU G 105 -18.71 1.58 -28.19
CA GLU G 105 -17.35 1.17 -28.53
C GLU G 105 -16.32 1.83 -27.62
N VAL G 106 -16.47 3.13 -27.37
CA VAL G 106 -15.45 3.80 -26.57
C VAL G 106 -15.50 3.32 -25.13
N VAL G 107 -16.70 3.02 -24.61
CA VAL G 107 -16.76 2.48 -23.25
C VAL G 107 -16.02 1.15 -23.16
N LEU G 108 -16.23 0.30 -24.16
CA LEU G 108 -15.54 -0.98 -24.18
C LEU G 108 -14.02 -0.79 -24.18
N GLN G 109 -13.52 0.12 -25.00
CA GLN G 109 -12.08 0.34 -25.07
C GLN G 109 -11.53 0.82 -23.73
N ALA G 110 -12.27 1.69 -23.05
CA ALA G 110 -11.80 2.18 -21.75
C ALA G 110 -11.67 1.03 -20.76
N LYS G 111 -12.70 0.19 -20.67
CA LYS G 111 -12.62 -0.96 -19.77
C LYS G 111 -11.42 -1.83 -20.09
N GLN G 112 -11.18 -2.08 -21.38
CA GLN G 112 -10.10 -2.95 -21.79
C GLN G 112 -8.75 -2.39 -21.35
N LEU G 113 -8.54 -1.08 -21.55
CA LEU G 113 -7.27 -0.50 -21.15
C LEU G 113 -7.08 -0.56 -19.64
N ALA G 114 -8.16 -0.40 -18.89
CA ALA G 114 -8.04 -0.51 -17.44
C ALA G 114 -7.56 -1.88 -17.02
N GLU G 115 -8.20 -2.93 -17.56
CA GLU G 115 -7.77 -4.28 -17.23
C GLU G 115 -6.31 -4.50 -17.63
N LEU G 116 -5.94 -4.00 -18.81
CA LEU G 116 -4.57 -4.17 -19.28
C LEU G 116 -3.57 -3.58 -18.29
N ARG G 117 -3.83 -2.37 -17.82
CA ARG G 117 -2.91 -1.78 -16.85
C ARG G 117 -2.85 -2.60 -15.58
N GLN G 118 -4.01 -3.03 -15.08
CA GLN G 118 -3.99 -3.80 -13.84
C GLN G 118 -3.22 -5.11 -13.98
N ARG G 119 -3.11 -5.63 -15.20
CA ARG G 119 -2.55 -6.97 -15.36
C ARG G 119 -1.07 -7.03 -15.03
N TYR G 120 -0.29 -6.02 -15.42
CA TYR G 120 1.17 -6.09 -15.34
C TYR G 120 1.76 -5.05 -14.40
N GLU G 121 1.06 -4.72 -13.33
CA GLU G 121 1.57 -3.74 -12.39
C GLU G 121 2.34 -4.45 -11.28
N GLN G 122 3.58 -4.02 -11.05
CA GLN G 122 4.43 -4.62 -10.03
C GLN G 122 5.16 -3.50 -9.32
N GLU G 123 5.07 -3.48 -8.00
CA GLU G 123 5.63 -2.35 -7.24
C GLU G 123 7.15 -2.43 -7.16
N MET G 124 7.70 -3.62 -6.99
CA MET G 124 9.13 -3.83 -6.85
C MET G 124 9.66 -3.03 -5.65
N GLN G 130 19.59 7.11 -7.05
CA GLN G 130 19.48 8.24 -6.15
C GLN G 130 19.01 9.49 -6.90
N THR G 131 19.30 10.65 -6.32
CA THR G 131 18.92 11.94 -6.87
C THR G 131 20.14 12.60 -7.51
N SER G 132 19.93 13.26 -8.64
CA SER G 132 21.05 13.95 -9.27
C SER G 132 21.18 15.35 -8.70
N VAL G 133 22.27 16.01 -9.08
CA VAL G 133 22.57 17.35 -8.60
C VAL G 133 22.18 18.33 -9.69
N ASP G 134 21.91 19.57 -9.30
CA ASP G 134 21.57 20.63 -10.23
C ASP G 134 22.68 20.82 -11.25
N PRO G 135 22.40 20.72 -12.56
CA PRO G 135 23.47 20.90 -13.54
C PRO G 135 24.10 22.28 -13.52
N ARG G 136 23.43 23.27 -12.95
CA ARG G 136 23.98 24.61 -12.91
C ARG G 136 25.01 24.79 -11.80
N MET G 137 25.26 23.76 -11.00
CA MET G 137 26.17 23.94 -9.88
C MET G 137 27.62 23.97 -10.33
N MET G 138 27.96 23.17 -11.33
CA MET G 138 29.35 23.12 -11.77
C MET G 138 29.83 24.46 -12.32
N ALA G 139 28.92 25.27 -12.86
CA ALA G 139 29.33 26.52 -13.47
C ALA G 139 29.95 27.49 -12.49
N LEU G 140 29.70 27.31 -11.19
CA LEU G 140 30.30 28.19 -10.20
C LEU G 140 31.79 27.93 -10.04
N TYR G 141 32.31 26.83 -10.57
CA TYR G 141 33.73 26.53 -10.44
C TYR G 141 34.47 26.69 -11.75
N THR G 142 33.86 27.34 -12.73
CA THR G 142 34.54 27.69 -13.96
C THR G 142 35.63 28.72 -13.68
N ASP G 143 36.77 28.55 -14.34
CA ASP G 143 37.86 29.50 -14.18
C ASP G 143 37.45 30.89 -14.63
N VAL G 144 38.09 31.91 -14.05
CA VAL G 144 37.71 33.29 -14.34
C VAL G 144 38.36 33.82 -15.61
N THR G 145 39.46 33.23 -16.04
CA THR G 145 40.12 33.70 -17.25
C THR G 145 39.42 33.26 -18.52
N GLU G 146 38.26 32.61 -18.41
CA GLU G 146 37.53 32.14 -19.56
C GLU G 146 36.27 32.95 -19.84
N LEU G 147 36.07 34.05 -19.14
CA LEU G 147 34.92 34.90 -19.38
C LEU G 147 35.35 36.05 -20.29
N VAL G 148 34.51 36.37 -21.27
CA VAL G 148 34.95 37.22 -22.36
C VAL G 148 34.66 38.70 -22.09
N GLY G 149 33.40 39.04 -21.94
CA GLY G 149 33.05 40.46 -21.94
C GLY G 149 32.42 40.98 -20.68
N ILE G 150 32.95 40.64 -19.52
CA ILE G 150 32.30 41.02 -18.28
C ILE G 150 32.63 42.45 -17.83
N GLU G 151 33.87 42.91 -18.05
CA GLU G 151 34.37 44.12 -17.40
C GLU G 151 33.34 45.26 -17.38
N GLU G 152 32.75 45.56 -18.53
CA GLU G 152 31.81 46.67 -18.63
C GLU G 152 30.60 46.46 -17.73
N THR G 153 29.91 45.33 -17.89
CA THR G 153 28.72 45.11 -17.10
C THR G 153 29.04 45.00 -15.61
N ARG G 154 30.17 44.37 -15.29
CA ARG G 154 30.59 44.23 -13.91
C ARG G 154 30.78 45.59 -13.27
N ASP G 155 31.48 46.50 -13.96
CA ASP G 155 31.70 47.82 -13.40
C ASP G 155 30.41 48.64 -13.35
N LYS G 156 29.53 48.47 -14.32
CA LYS G 156 28.26 49.18 -14.26
C LYS G 156 27.46 48.75 -13.04
N LEU G 157 27.40 47.45 -12.77
CA LEU G 157 26.68 46.97 -11.60
C LEU G 157 27.33 47.47 -10.32
N ILE G 158 28.66 47.42 -10.25
CA ILE G 158 29.35 47.91 -9.06
C ILE G 158 29.01 49.36 -8.81
N ASN G 159 28.97 50.17 -9.86
CA ASN G 159 28.61 51.58 -9.67
C ASN G 159 27.17 51.72 -9.26
N MET G 160 26.28 50.88 -9.79
CA MET G 160 24.90 50.90 -9.33
C MET G 160 24.78 50.56 -7.86
N LEU G 161 25.72 49.80 -7.32
CA LEU G 161 25.67 49.47 -5.89
C LEU G 161 26.16 50.63 -5.03
N THR G 162 27.43 51.00 -5.18
CA THR G 162 27.99 52.03 -4.31
C THR G 162 27.42 53.40 -4.65
N GLU G 163 27.76 53.92 -5.82
CA GLU G 163 27.15 55.16 -6.34
C GLU G 163 27.35 56.33 -5.38
N GLY G 164 28.58 56.79 -5.29
CA GLY G 164 28.87 58.01 -4.57
C GLY G 164 30.09 57.85 -3.72
N ASP G 165 30.24 58.77 -2.77
CA ASP G 165 31.29 58.70 -1.75
C ASP G 165 30.74 58.35 -0.39
N ASP G 166 29.50 58.73 -0.10
CA ASP G 166 28.83 58.46 1.15
C ASP G 166 27.85 57.30 1.03
N TRP G 167 28.15 56.33 0.16
CA TRP G 167 27.25 55.20 0.02
C TRP G 167 27.16 54.42 1.32
N SER G 168 28.18 54.55 2.17
CA SER G 168 28.21 53.88 3.45
C SER G 168 27.38 54.59 4.50
N LYS G 169 26.52 55.52 4.10
CA LYS G 169 25.62 56.19 5.03
C LYS G 169 24.18 56.25 4.55
N HIS G 170 23.86 55.69 3.41
CA HIS G 170 22.49 55.73 2.94
C HIS G 170 21.74 54.48 3.38
N PRO G 171 20.42 54.51 3.36
CA PRO G 171 19.67 53.33 3.80
C PRO G 171 19.89 52.10 2.95
N LEU G 172 19.30 50.98 3.37
CA LEU G 172 19.48 49.71 2.71
C LEU G 172 18.86 49.72 1.31
N LYS G 173 19.58 49.15 0.34
CA LYS G 173 19.12 49.12 -1.04
C LYS G 173 19.15 47.70 -1.58
N THR G 174 18.26 47.45 -2.54
CA THR G 174 18.08 46.14 -3.13
C THR G 174 18.14 46.27 -4.65
N ILE G 175 18.92 45.41 -5.30
CA ILE G 175 19.03 45.38 -6.75
C ILE G 175 18.55 44.04 -7.24
N SER G 176 18.03 44.00 -8.47
CA SER G 176 17.55 42.75 -9.01
C SER G 176 17.98 42.61 -10.45
N ILE G 177 18.13 41.37 -10.90
CA ILE G 177 18.59 41.05 -12.24
C ILE G 177 17.62 40.06 -12.86
N VAL G 178 17.19 40.34 -14.09
CA VAL G 178 16.18 39.54 -14.77
C VAL G 178 16.61 39.23 -16.20
N GLY G 179 16.05 38.16 -16.73
CA GLY G 179 16.38 37.70 -18.06
C GLY G 179 15.97 36.25 -18.20
N PHE G 180 16.30 35.69 -19.36
CA PHE G 180 16.00 34.29 -19.60
C PHE G 180 17.17 33.41 -19.15
N GLY G 181 16.95 32.10 -19.20
CA GLY G 181 17.96 31.18 -18.72
C GLY G 181 19.18 31.14 -19.62
N GLY G 182 20.32 30.85 -19.00
CA GLY G 182 21.56 30.77 -19.73
C GLY G 182 22.14 32.09 -20.14
N LEU G 183 21.65 33.20 -19.60
CA LEU G 183 22.08 34.51 -20.03
C LEU G 183 23.31 35.01 -19.30
N GLY G 184 23.58 34.51 -18.11
CA GLY G 184 24.78 34.91 -17.39
C GLY G 184 24.51 35.79 -16.19
N LYS G 185 23.42 35.54 -15.47
CA LYS G 185 23.08 36.40 -14.34
C LYS G 185 23.92 36.07 -13.12
N THR G 186 23.90 34.81 -12.68
CA THR G 186 24.64 34.45 -11.49
C THR G 186 26.14 34.62 -11.69
N THR G 187 26.62 34.50 -12.93
CA THR G 187 28.03 34.75 -13.19
C THR G 187 28.39 36.19 -12.90
N LEU G 188 27.56 37.12 -13.36
CA LEU G 188 27.82 38.53 -13.10
C LEU G 188 27.70 38.85 -11.62
N ALA G 189 26.71 38.29 -10.95
CA ALA G 189 26.57 38.54 -9.52
C ALA G 189 27.79 38.03 -8.77
N LYS G 190 28.26 36.84 -9.11
CA LYS G 190 29.44 36.28 -8.48
C LYS G 190 30.65 37.17 -8.71
N ALA G 191 30.81 37.68 -9.93
CA ALA G 191 31.95 38.54 -10.22
C ALA G 191 31.94 39.79 -9.35
N ALA G 192 30.81 40.50 -9.34
CA ALA G 192 30.73 41.73 -8.53
C ALA G 192 30.94 41.43 -7.05
N TYR G 193 30.37 40.33 -6.57
CA TYR G 193 30.49 39.97 -5.17
C TYR G 193 31.95 39.73 -4.79
N ASP G 194 32.64 38.88 -5.56
CA ASP G 194 34.05 38.63 -5.29
C ASP G 194 34.87 39.90 -5.39
N LYS G 195 34.45 40.84 -6.23
CA LYS G 195 35.26 42.04 -6.39
C LYS G 195 35.14 42.96 -5.19
N ILE G 196 33.93 43.20 -4.70
CA ILE G 196 33.72 44.25 -3.70
C ILE G 196 33.40 43.72 -2.32
N LYS G 197 33.51 42.42 -2.06
CA LYS G 197 33.18 41.93 -0.74
C LYS G 197 34.08 42.49 0.35
N VAL G 198 35.21 43.11 -0.01
CA VAL G 198 36.16 43.51 1.01
C VAL G 198 35.64 44.68 1.84
N GLN G 199 34.80 45.53 1.25
CA GLN G 199 34.38 46.77 1.90
C GLN G 199 33.18 46.58 2.81
N PHE G 200 32.89 45.36 3.23
CA PHE G 200 31.77 45.09 4.11
C PHE G 200 32.27 44.28 5.30
N ASP G 201 31.35 43.96 6.21
CA ASP G 201 31.69 43.17 7.39
C ASP G 201 31.39 41.70 7.17
N CYS G 202 30.16 41.39 6.78
CA CYS G 202 29.74 40.01 6.53
C CYS G 202 28.93 39.89 5.24
N GLY G 203 28.97 38.72 4.63
CA GLY G 203 28.24 38.46 3.40
C GLY G 203 27.92 36.99 3.19
N ALA G 204 27.05 36.70 2.23
CA ALA G 204 26.68 35.33 1.94
C ALA G 204 26.22 35.24 0.50
N PHE G 205 26.20 34.03 -0.02
CA PHE G 205 25.83 33.77 -1.41
C PHE G 205 24.95 32.53 -1.40
N VAL G 206 23.65 32.72 -1.41
CA VAL G 206 22.70 31.63 -1.25
C VAL G 206 21.91 31.45 -2.53
N SER G 207 21.45 30.23 -2.75
CA SER G 207 20.68 29.91 -3.93
C SER G 207 19.39 29.21 -3.51
N VAL G 208 18.26 29.74 -3.96
CA VAL G 208 16.95 29.16 -3.74
C VAL G 208 16.54 28.42 -5.01
N SER G 209 15.99 27.23 -4.86
CA SER G 209 15.60 26.45 -6.02
C SER G 209 14.14 26.71 -6.36
N ARG G 210 13.56 25.82 -7.17
CA ARG G 210 12.16 25.96 -7.58
C ARG G 210 11.20 25.67 -6.45
N ASN G 211 11.32 24.51 -5.80
CA ASN G 211 10.44 24.15 -4.69
C ASN G 211 11.25 24.18 -3.40
N PRO G 212 11.37 25.32 -2.74
CA PRO G 212 12.32 25.45 -1.65
C PRO G 212 11.74 25.03 -0.29
N GLU G 213 12.65 24.73 0.62
CA GLU G 213 12.34 24.55 2.03
C GLU G 213 12.94 25.73 2.78
N MET G 214 12.09 26.50 3.45
CA MET G 214 12.56 27.75 4.03
C MET G 214 13.59 27.51 5.12
N LYS G 215 13.45 26.44 5.89
CA LYS G 215 14.45 26.12 6.90
C LYS G 215 15.82 25.98 6.28
N LYS G 216 15.91 25.32 5.13
CA LYS G 216 17.20 25.12 4.48
C LYS G 216 17.80 26.45 4.05
N VAL G 217 16.99 27.35 3.52
CA VAL G 217 17.50 28.64 3.09
C VAL G 217 18.02 29.44 4.27
N LEU G 218 17.28 29.45 5.38
CA LEU G 218 17.73 30.23 6.52
C LEU G 218 19.00 29.63 7.12
N LYS G 219 19.09 28.30 7.18
CA LYS G 219 20.30 27.68 7.68
C LYS G 219 21.47 27.98 6.76
N ASP G 220 21.23 28.03 5.45
CA ASP G 220 22.29 28.38 4.52
C ASP G 220 22.82 29.78 4.77
N ILE G 221 21.91 30.74 4.96
CA ILE G 221 22.33 32.10 5.25
C ILE G 221 23.18 32.12 6.52
N LEU G 222 22.70 31.47 7.57
CA LEU G 222 23.41 31.50 8.84
C LEU G 222 24.80 30.89 8.71
N TYR G 223 24.90 29.74 8.05
CA TYR G 223 26.19 29.09 7.91
C TYR G 223 27.12 29.89 7.02
N GLY G 224 26.58 30.64 6.06
CA GLY G 224 27.43 31.48 5.24
C GLY G 224 27.95 32.70 5.97
N LEU G 225 27.19 33.19 6.94
CA LEU G 225 27.63 34.40 7.64
C LEU G 225 28.81 34.13 8.55
N ASP G 226 28.85 32.97 9.20
CA ASP G 226 29.96 32.64 10.10
C ASP G 226 30.10 31.13 10.16
N LYS G 227 31.15 30.59 9.52
CA LYS G 227 31.33 29.15 9.45
C LYS G 227 31.72 28.54 10.78
N VAL G 228 32.27 29.31 11.71
CA VAL G 228 32.76 28.75 12.96
C VAL G 228 31.67 28.70 14.01
N LYS G 229 31.02 29.83 14.27
CA LYS G 229 29.97 29.87 15.28
C LYS G 229 28.82 28.94 14.92
N TYR G 230 28.23 29.14 13.76
CA TYR G 230 27.10 28.31 13.32
C TYR G 230 27.57 27.14 12.46
N GLU G 231 28.57 26.41 12.95
CA GLU G 231 29.15 25.36 12.13
C GLU G 231 28.22 24.16 12.02
N ASN G 232 27.47 23.88 13.07
CA ASN G 232 26.59 22.72 13.09
C ASN G 232 25.12 23.12 12.96
N ILE G 233 24.87 24.29 12.36
CA ILE G 233 23.51 24.81 12.31
C ILE G 233 22.60 23.96 11.45
N HIS G 234 23.14 23.17 10.53
CA HIS G 234 22.28 22.38 9.67
C HIS G 234 21.64 21.21 10.39
N ASN G 235 22.07 20.89 11.61
CA ASN G 235 21.48 19.81 12.38
C ASN G 235 20.47 20.30 13.41
N ALA G 236 20.42 21.59 13.69
CA ALA G 236 19.46 22.13 14.64
C ALA G 236 18.04 21.91 14.12
N ALA G 237 17.10 21.79 15.05
CA ALA G 237 15.70 21.57 14.70
C ALA G 237 14.82 22.58 15.42
N ARG G 238 14.77 23.79 14.90
CA ARG G 238 13.87 24.84 15.39
C ARG G 238 13.00 25.31 14.24
N ASP G 239 11.93 26.03 14.54
CA ASP G 239 11.09 26.50 13.46
C ASP G 239 11.69 27.75 12.83
N GLU G 240 10.96 28.33 11.88
CA GLU G 240 11.47 29.48 11.15
C GLU G 240 11.60 30.71 12.03
N LYS G 241 10.73 30.88 13.02
CA LYS G 241 10.76 32.09 13.82
C LYS G 241 12.08 32.24 14.54
N TYR G 242 12.59 31.15 15.11
CA TYR G 242 13.83 31.26 15.88
C TYR G 242 15.04 31.43 14.97
N LEU G 243 15.02 30.83 13.78
CA LEU G 243 16.10 31.08 12.85
C LEU G 243 16.12 32.53 12.40
N ILE G 244 14.94 33.10 12.14
CA ILE G 244 14.88 34.51 11.75
C ILE G 244 15.37 35.39 12.89
N ASP G 245 15.03 35.05 14.12
CA ASP G 245 15.53 35.82 15.24
C ASP G 245 17.04 35.75 15.35
N ASP G 246 17.62 34.57 15.10
CA ASP G 246 19.08 34.45 15.11
C ASP G 246 19.70 35.34 14.05
N ILE G 247 19.16 35.32 12.84
CA ILE G 247 19.71 36.15 11.78
C ILE G 247 19.62 37.63 12.15
N ILE G 248 18.50 38.03 12.75
CA ILE G 248 18.35 39.43 13.12
C ILE G 248 19.34 39.82 14.19
N GLU G 249 19.57 38.95 15.17
CA GLU G 249 20.50 39.29 16.24
C GLU G 249 21.93 39.34 15.76
N PHE G 250 22.30 38.51 14.79
CA PHE G 250 23.68 38.51 14.34
C PHE G 250 24.02 39.74 13.52
N LEU G 251 23.07 40.26 12.75
CA LEU G 251 23.33 41.36 11.84
C LEU G 251 23.24 42.71 12.52
N ASN G 252 23.06 42.76 13.83
CA ASN G 252 22.91 44.04 14.51
C ASN G 252 24.23 44.80 14.46
N ASP G 253 24.19 46.02 13.93
CA ASP G 253 25.34 46.92 13.89
C ASP G 253 26.45 46.38 13.00
N LYS G 254 26.10 46.03 11.77
CA LYS G 254 27.08 45.58 10.79
C LYS G 254 26.63 46.03 9.41
N ARG G 255 27.59 46.19 8.51
CA ARG G 255 27.32 46.36 7.09
C ARG G 255 27.44 45.01 6.40
N TYR G 256 26.42 44.65 5.64
CA TYR G 256 26.42 43.34 5.01
C TYR G 256 26.03 43.47 3.55
N LEU G 257 26.53 42.54 2.75
CA LEU G 257 26.23 42.44 1.33
C LEU G 257 25.76 41.02 1.08
N ILE G 258 24.51 40.84 0.69
CA ILE G 258 23.96 39.50 0.57
C ILE G 258 23.35 39.30 -0.81
N VAL G 259 23.63 38.14 -1.41
CA VAL G 259 23.14 37.79 -2.73
C VAL G 259 22.18 36.62 -2.59
N ILE G 260 21.01 36.73 -3.20
CA ILE G 260 20.00 35.68 -3.20
C ILE G 260 19.65 35.36 -4.64
N ASP G 261 19.67 34.09 -4.97
CA ASP G 261 19.78 33.63 -6.33
C ASP G 261 18.61 32.73 -6.69
N ASP G 262 18.10 32.89 -7.90
CA ASP G 262 17.19 31.91 -8.49
C ASP G 262 15.87 31.85 -7.72
N ILE G 263 15.27 33.02 -7.51
CA ILE G 263 13.95 33.10 -6.91
C ILE G 263 12.91 32.83 -7.98
N TRP G 264 11.93 31.98 -7.68
CA TRP G 264 10.98 31.56 -8.69
C TRP G 264 9.55 32.02 -8.47
N ASN G 265 9.21 32.49 -7.28
CA ASN G 265 7.90 33.10 -7.09
C ASN G 265 7.97 34.04 -5.89
N GLU G 266 6.80 34.44 -5.41
CA GLU G 266 6.66 35.59 -4.52
C GLU G 266 6.70 35.23 -3.05
N LYS G 267 6.08 34.11 -2.66
CA LYS G 267 6.00 33.75 -1.26
C LYS G 267 7.38 33.63 -0.63
N ALA G 268 8.33 33.07 -1.37
CA ALA G 268 9.67 32.89 -0.84
C ALA G 268 10.27 34.22 -0.43
N TRP G 269 10.22 35.21 -1.32
CA TRP G 269 10.75 36.52 -0.97
C TRP G 269 9.95 37.15 0.15
N GLU G 270 8.64 36.98 0.13
CA GLU G 270 7.81 37.54 1.19
C GLU G 270 8.22 37.04 2.56
N LEU G 271 8.68 35.80 2.65
CA LEU G 271 9.10 35.28 3.94
C LEU G 271 10.53 35.69 4.28
N ILE G 272 11.45 35.57 3.31
CA ILE G 272 12.85 35.91 3.58
C ILE G 272 13.05 37.39 3.87
N LYS G 273 12.16 38.25 3.39
CA LYS G 273 12.30 39.68 3.62
C LYS G 273 12.22 40.04 5.09
N CYS G 274 11.67 39.16 5.93
CA CYS G 274 11.49 39.49 7.34
C CYS G 274 12.81 39.59 8.07
N ALA G 275 13.83 38.83 7.64
CA ALA G 275 15.10 38.83 8.33
C ALA G 275 15.87 40.13 8.14
N PHE G 276 15.51 40.92 7.13
CA PHE G 276 16.15 42.20 6.87
C PHE G 276 15.20 43.34 7.15
N SER G 277 14.47 43.24 8.27
CA SER G 277 13.44 44.21 8.59
C SER G 277 14.02 45.46 9.23
N LYS G 278 14.95 45.31 10.15
CA LYS G 278 15.55 46.47 10.80
C LYS G 278 16.29 47.32 9.77
N LYS G 279 16.62 48.54 10.17
CA LYS G 279 17.33 49.45 9.29
C LYS G 279 18.82 49.44 9.60
N SER G 280 19.61 49.43 8.55
CA SER G 280 21.05 49.30 8.68
C SER G 280 21.73 50.11 7.60
N PRO G 281 22.33 51.25 7.93
CA PRO G 281 22.86 52.15 6.90
C PRO G 281 24.11 51.57 6.25
N GLY G 282 24.04 51.36 4.94
CA GLY G 282 25.19 50.92 4.16
C GLY G 282 25.13 49.49 3.66
N SER G 283 24.07 48.75 3.96
CA SER G 283 24.00 47.34 3.58
C SER G 283 23.30 47.20 2.24
N ARG G 284 23.58 46.10 1.54
CA ARG G 284 23.10 45.92 0.18
C ARG G 284 22.60 44.50 -0.06
N LEU G 285 21.56 44.39 -0.87
CA LEU G 285 21.02 43.10 -1.28
C LEU G 285 20.99 43.00 -2.80
N ILE G 286 21.25 41.81 -3.31
CA ILE G 286 21.14 41.53 -4.74
C ILE G 286 20.28 40.29 -4.91
N THR G 287 19.41 40.28 -5.91
CA THR G 287 18.63 39.10 -6.22
C THR G 287 18.64 38.85 -7.72
N THR G 288 18.62 37.57 -8.09
CA THR G 288 18.55 37.23 -9.51
C THR G 288 17.38 36.30 -9.77
N THR G 289 16.71 36.49 -10.90
CA THR G 289 15.51 35.71 -11.18
C THR G 289 15.18 35.75 -12.67
N ARG G 290 14.31 34.83 -13.08
CA ARG G 290 13.78 34.77 -14.44
C ARG G 290 12.43 35.43 -14.60
N ASN G 291 11.77 35.77 -13.51
CA ASN G 291 10.41 36.26 -13.52
C ASN G 291 10.40 37.77 -13.29
N VAL G 292 9.54 38.48 -14.02
CA VAL G 292 9.60 39.94 -13.97
C VAL G 292 8.82 40.48 -12.79
N SER G 293 7.64 39.94 -12.51
CA SER G 293 6.85 40.42 -11.39
C SER G 293 7.60 40.25 -10.07
N VAL G 294 8.38 39.18 -9.95
CA VAL G 294 9.16 38.97 -8.74
C VAL G 294 10.18 40.08 -8.58
N SER G 295 10.81 40.51 -9.67
CA SER G 295 11.77 41.59 -9.58
C SER G 295 11.09 42.91 -9.26
N GLU G 296 9.88 43.13 -9.77
CA GLU G 296 9.16 44.33 -9.40
C GLU G 296 8.78 44.31 -7.92
N ALA G 297 8.54 43.13 -7.37
CA ALA G 297 8.19 43.02 -5.96
C ALA G 297 9.40 43.16 -5.05
N CYS G 298 10.59 42.80 -5.54
CA CYS G 298 11.79 42.96 -4.71
C CYS G 298 12.20 44.42 -4.60
N CYS G 299 12.46 45.07 -5.73
CA CYS G 299 12.96 46.42 -5.72
C CYS G 299 11.86 47.42 -5.42
N SER G 300 12.26 48.62 -5.01
CA SER G 300 11.32 49.69 -4.72
C SER G 300 11.05 50.53 -5.97
N SER G 301 12.09 51.14 -6.51
CA SER G 301 12.00 51.93 -7.73
C SER G 301 12.32 51.08 -8.94
N GLU G 302 11.75 51.43 -10.08
CA GLU G 302 12.05 50.72 -11.31
C GLU G 302 13.37 51.16 -11.93
N ASP G 303 14.15 51.94 -11.20
CA ASP G 303 15.51 52.27 -11.59
C ASP G 303 16.53 51.30 -10.99
N ASP G 304 16.11 50.49 -10.03
CA ASP G 304 16.96 49.50 -9.37
C ASP G 304 16.80 48.12 -9.99
N ILE G 305 16.45 48.06 -11.26
CA ILE G 305 16.33 46.80 -11.97
C ILE G 305 17.35 46.77 -13.09
N TYR G 306 18.15 45.72 -13.13
CA TYR G 306 19.12 45.51 -14.20
C TYR G 306 18.57 44.42 -15.11
N ARG G 307 18.48 44.72 -16.40
CA ARG G 307 17.99 43.78 -17.39
C ARG G 307 19.17 43.24 -18.17
N MET G 308 19.46 41.95 -18.00
CA MET G 308 20.52 41.33 -18.78
C MET G 308 20.14 41.33 -20.25
N GLU G 309 21.12 41.54 -21.10
CA GLU G 309 20.92 41.51 -22.53
C GLU G 309 22.06 40.73 -23.18
N PRO G 310 21.79 40.07 -24.30
CA PRO G 310 22.80 39.19 -24.89
C PRO G 310 24.02 39.95 -25.37
N LEU G 311 25.08 39.19 -25.63
CA LEU G 311 26.33 39.76 -26.10
C LEU G 311 26.17 40.32 -27.51
N SER G 312 27.08 41.20 -27.88
CA SER G 312 27.11 41.76 -29.23
C SER G 312 27.63 40.70 -30.19
N ASN G 313 27.87 41.07 -31.45
CA ASN G 313 28.34 40.07 -32.41
C ASN G 313 29.83 39.82 -32.28
N ASP G 314 30.62 40.88 -32.11
CA ASP G 314 32.06 40.69 -32.01
C ASP G 314 32.43 39.89 -30.78
N VAL G 315 31.80 40.19 -29.65
CA VAL G 315 32.08 39.45 -28.43
C VAL G 315 31.71 37.99 -28.60
N SER G 316 30.54 37.73 -29.18
CA SER G 316 30.14 36.35 -29.39
C SER G 316 31.14 35.62 -30.27
N ARG G 317 31.61 36.28 -31.33
CA ARG G 317 32.55 35.64 -32.23
C ARG G 317 33.87 35.34 -31.54
N THR G 318 34.36 36.26 -30.71
CA THR G 318 35.61 35.98 -30.00
C THR G 318 35.44 34.83 -29.02
N LEU G 319 34.29 34.78 -28.33
CA LEU G 319 34.04 33.67 -27.44
C LEU G 319 34.04 32.35 -28.19
N PHE G 320 33.32 32.30 -29.31
CA PHE G 320 33.32 31.13 -30.17
C PHE G 320 34.73 30.69 -30.54
N CYS G 321 35.47 31.57 -31.20
CA CYS G 321 36.83 31.26 -31.62
C CYS G 321 37.66 30.75 -30.45
N LYS G 322 37.70 31.53 -29.38
CA LYS G 322 38.48 31.15 -28.21
C LYS G 322 38.09 29.78 -27.70
N ARG G 323 36.78 29.50 -27.75
CA ARG G 323 36.25 28.22 -27.31
C ARG G 323 36.74 27.04 -28.14
N ILE G 324 36.83 27.24 -29.45
CA ILE G 324 37.26 26.15 -30.36
C ILE G 324 38.66 26.28 -30.96
N PHE G 325 38.91 27.32 -31.76
CA PHE G 325 40.22 27.47 -32.38
C PHE G 325 41.28 27.92 -31.37
N SER G 326 41.10 27.54 -30.11
CA SER G 326 41.56 28.26 -28.90
C SER G 326 42.86 29.00 -29.14
N GLN G 327 43.89 28.38 -29.70
CA GLN G 327 45.18 29.06 -29.79
C GLN G 327 45.33 29.78 -31.12
N GLU G 328 44.97 29.14 -32.23
CA GLU G 328 45.13 29.83 -33.51
C GLU G 328 44.28 31.08 -33.62
N GLU G 329 43.06 31.04 -33.05
CA GLU G 329 42.03 32.08 -33.20
C GLU G 329 41.90 32.55 -34.66
N GLY G 330 42.12 31.63 -35.59
CA GLY G 330 42.00 31.95 -37.00
C GLY G 330 40.99 31.07 -37.73
N CYS G 331 39.87 31.62 -38.07
CA CYS G 331 38.90 30.78 -38.74
C CYS G 331 39.24 30.64 -40.20
N PRO G 332 39.30 29.40 -40.72
CA PRO G 332 39.47 29.21 -42.16
C PRO G 332 38.28 29.75 -42.93
N GLN G 333 38.52 30.08 -44.20
CA GLN G 333 37.55 30.82 -44.98
C GLN G 333 36.31 29.99 -45.29
N GLU G 334 36.50 28.71 -45.64
CA GLU G 334 35.36 27.89 -46.03
C GLU G 334 34.33 27.79 -44.92
N LEU G 335 34.77 28.03 -43.68
CA LEU G 335 33.87 27.92 -42.54
C LEU G 335 33.22 29.23 -42.15
N LEU G 336 33.58 30.34 -42.80
CA LEU G 336 33.11 31.65 -42.39
C LEU G 336 31.58 31.76 -42.41
N LYS G 337 30.96 31.40 -43.52
CA LYS G 337 29.54 31.69 -43.68
C LYS G 337 28.69 30.76 -42.83
N VAL G 338 29.07 29.49 -42.73
CA VAL G 338 28.38 28.60 -41.80
C VAL G 338 28.58 29.08 -40.37
N SER G 339 29.77 29.60 -40.06
CA SER G 339 29.98 30.17 -38.74
C SER G 339 29.02 31.31 -38.48
N GLU G 340 28.83 32.17 -39.47
CA GLU G 340 27.96 33.33 -39.28
C GLU G 340 26.52 32.91 -39.10
N GLU G 341 26.06 31.92 -39.88
CA GLU G 341 24.69 31.47 -39.71
C GLU G 341 24.48 30.81 -38.36
N ILE G 342 25.47 30.04 -37.90
CA ILE G 342 25.35 29.41 -36.58
C ILE G 342 25.30 30.48 -35.50
N LEU G 343 26.17 31.48 -35.59
CA LEU G 343 26.14 32.54 -34.59
C LEU G 343 24.84 33.30 -34.60
N LYS G 344 24.24 33.47 -35.78
CA LYS G 344 22.93 34.11 -35.83
C LYS G 344 21.87 33.26 -35.16
N LYS G 345 21.95 31.94 -35.34
CA LYS G 345 20.97 31.07 -34.69
C LYS G 345 21.15 31.05 -33.17
N CYS G 346 22.37 31.18 -32.67
CA CYS G 346 22.58 31.17 -31.23
C CYS G 346 21.93 32.39 -30.58
N GLY G 347 22.13 33.56 -31.15
CA GLY G 347 21.45 34.75 -30.68
C GLY G 347 22.17 35.52 -29.61
N GLY G 348 23.42 35.21 -29.32
CA GLY G 348 24.16 35.92 -28.31
C GLY G 348 23.96 35.42 -26.90
N VAL G 349 23.40 34.23 -26.72
CA VAL G 349 23.21 33.65 -25.39
C VAL G 349 24.42 32.76 -25.09
N PRO G 350 25.18 33.05 -24.04
CA PRO G 350 26.42 32.30 -23.82
C PRO G 350 26.25 30.81 -23.68
N LEU G 351 25.15 30.35 -23.09
CA LEU G 351 24.97 28.92 -22.91
C LEU G 351 24.94 28.20 -24.25
N ALA G 352 24.14 28.70 -25.19
CA ALA G 352 24.05 28.07 -26.50
C ALA G 352 25.38 28.12 -27.23
N ILE G 353 26.05 29.27 -27.18
CA ILE G 353 27.34 29.40 -27.85
C ILE G 353 28.31 28.36 -27.33
N ILE G 354 28.39 28.23 -26.01
CA ILE G 354 29.35 27.30 -25.40
C ILE G 354 29.00 25.86 -25.78
N THR G 355 27.73 25.48 -25.71
CA THR G 355 27.39 24.09 -26.01
C THR G 355 27.66 23.76 -27.46
N ILE G 356 27.28 24.63 -28.39
CA ILE G 356 27.51 24.32 -29.80
C ILE G 356 29.00 24.35 -30.12
N ALA G 357 29.76 25.22 -29.47
CA ALA G 357 31.20 25.21 -29.71
C ALA G 357 31.84 23.94 -29.21
N SER G 358 31.37 23.41 -28.08
CA SER G 358 31.91 22.13 -27.63
C SER G 358 31.50 21.01 -28.57
N LEU G 359 30.29 21.10 -29.13
CA LEU G 359 29.83 20.09 -30.06
C LEU G 359 30.67 20.06 -31.32
N LEU G 360 30.98 21.23 -31.88
CA LEU G 360 31.77 21.31 -33.10
C LEU G 360 33.25 21.12 -32.85
N ALA G 361 33.71 21.35 -31.62
CA ALA G 361 35.14 21.21 -31.34
C ALA G 361 35.58 19.77 -31.55
N ASN G 362 34.93 18.84 -30.86
CA ASN G 362 35.28 17.42 -30.95
C ASN G 362 36.77 17.24 -30.71
N LYS G 363 37.15 17.52 -29.45
CA LYS G 363 38.51 17.87 -29.05
C LYS G 363 39.59 17.15 -29.84
N GLY G 364 39.34 15.89 -30.17
CA GLY G 364 40.22 15.17 -31.07
C GLY G 364 40.43 15.89 -32.39
N HIS G 365 39.33 16.25 -33.06
CA HIS G 365 39.44 16.84 -34.39
C HIS G 365 38.28 17.77 -34.66
N ILE G 366 38.60 18.92 -35.28
CA ILE G 366 37.56 19.76 -35.84
C ILE G 366 36.82 18.99 -36.93
N LYS G 367 35.52 19.18 -36.98
CA LYS G 367 34.70 18.44 -37.93
C LYS G 367 34.82 19.05 -39.32
N ALA G 368 34.21 18.38 -40.29
CA ALA G 368 34.29 18.79 -41.69
C ALA G 368 33.18 19.78 -42.04
N LYS G 369 33.44 20.57 -43.09
CA LYS G 369 32.52 21.64 -43.47
C LYS G 369 31.11 21.12 -43.74
N ASP G 370 30.99 20.01 -44.46
CA ASP G 370 29.68 19.45 -44.72
C ASP G 370 29.01 19.00 -43.42
N GLU G 371 29.81 18.55 -42.46
CA GLU G 371 29.23 18.20 -41.16
C GLU G 371 28.73 19.44 -40.44
N TRP G 372 29.44 20.56 -40.59
CA TRP G 372 28.93 21.82 -40.07
C TRP G 372 27.59 22.17 -40.69
N TYR G 373 27.47 21.98 -42.01
CA TYR G 373 26.19 22.25 -42.67
C TYR G 373 25.09 21.35 -42.12
N ALA G 374 25.39 20.06 -41.96
CA ALA G 374 24.41 19.13 -41.43
C ALA G 374 23.95 19.54 -40.05
N LEU G 375 24.89 19.95 -39.18
CA LEU G 375 24.53 20.42 -37.86
C LEU G 375 23.64 21.66 -37.94
N LEU G 376 24.02 22.62 -38.77
CA LEU G 376 23.24 23.85 -38.89
C LEU G 376 21.81 23.55 -39.31
N SER G 377 21.63 22.69 -40.31
CA SER G 377 20.27 22.38 -40.75
C SER G 377 19.49 21.66 -39.68
N SER G 378 20.16 20.89 -38.83
CA SER G 378 19.50 20.12 -37.79
C SER G 378 19.38 20.89 -36.48
N ASN G 386 24.96 13.42 -26.65
CA ASN G 386 26.05 14.20 -26.07
C ASN G 386 25.65 14.76 -24.71
N ARG G 387 26.64 14.93 -23.83
CA ARG G 387 26.36 15.35 -22.47
C ARG G 387 25.97 16.81 -22.39
N SER G 388 26.76 17.69 -23.01
CA SER G 388 26.47 19.11 -22.93
C SER G 388 25.09 19.44 -23.49
N LEU G 389 24.69 18.75 -24.55
CA LEU G 389 23.39 19.03 -25.14
C LEU G 389 22.26 18.61 -24.20
N GLU G 390 22.41 17.44 -23.57
CA GLU G 390 21.43 17.01 -22.57
C GLU G 390 21.35 18.01 -21.42
N GLN G 391 22.49 18.52 -20.97
CA GLN G 391 22.48 19.48 -19.89
C GLN G 391 21.75 20.76 -20.28
N MET G 392 22.02 21.27 -21.49
CA MET G 392 21.37 22.48 -21.93
C MET G 392 19.86 22.29 -22.01
N LYS G 393 19.42 21.17 -22.58
CA LYS G 393 17.99 20.90 -22.67
C LYS G 393 17.36 20.83 -21.29
N LYS G 394 18.00 20.10 -20.37
CA LYS G 394 17.46 19.97 -19.03
C LYS G 394 17.39 21.31 -18.33
N ILE G 395 18.35 22.20 -18.59
CA ILE G 395 18.34 23.50 -17.95
C ILE G 395 17.22 24.36 -18.50
N LEU G 396 17.06 24.38 -19.81
CA LEU G 396 16.01 25.21 -20.39
C LEU G 396 14.61 24.71 -20.04
N LEU G 397 14.46 23.42 -19.77
CA LEU G 397 13.11 22.93 -19.52
C LEU G 397 12.56 23.30 -18.14
N PHE G 398 13.33 24.00 -17.30
CA PHE G 398 12.82 24.37 -15.98
C PHE G 398 11.63 25.30 -16.10
N SER G 399 11.70 26.27 -17.02
CA SER G 399 10.61 27.20 -17.27
C SER G 399 9.38 26.52 -17.86
N TYR G 400 9.54 25.38 -18.50
CA TYR G 400 8.35 24.68 -18.98
C TYR G 400 7.73 23.87 -17.87
N TYR G 401 8.54 23.20 -17.05
CA TYR G 401 7.96 22.39 -15.99
C TYR G 401 7.37 23.24 -14.87
N ASP G 402 7.53 24.55 -14.92
CA ASP G 402 7.03 25.42 -13.87
C ASP G 402 5.69 26.07 -14.21
N LEU G 403 5.24 25.97 -15.45
CA LEU G 403 4.00 26.62 -15.85
C LEU G 403 2.81 25.98 -15.15
N PRO G 404 1.74 26.75 -14.95
CA PRO G 404 0.48 26.14 -14.52
C PRO G 404 -0.02 25.18 -15.58
N SER G 405 -0.89 24.26 -15.17
CA SER G 405 -1.27 23.18 -16.06
C SER G 405 -2.08 23.67 -17.26
N TYR G 406 -2.82 24.77 -17.10
CA TYR G 406 -3.64 25.26 -18.19
C TYR G 406 -2.87 26.11 -19.18
N LEU G 407 -1.57 26.31 -18.97
CA LEU G 407 -0.76 27.09 -19.88
C LEU G 407 0.15 26.23 -20.75
N LYS G 408 0.29 24.95 -20.46
CA LYS G 408 1.20 24.12 -21.23
C LYS G 408 0.73 23.93 -22.67
N PRO G 409 -0.54 23.66 -22.95
CA PRO G 409 -0.95 23.59 -24.37
C PRO G 409 -0.75 24.90 -25.11
N CYS G 410 -1.15 26.02 -24.50
CA CYS G 410 -0.99 27.31 -25.14
C CYS G 410 0.44 27.55 -25.59
N LEU G 411 1.42 26.97 -24.90
CA LEU G 411 2.80 27.13 -25.33
C LEU G 411 3.12 26.21 -26.49
N LEU G 412 2.73 24.94 -26.39
CA LEU G 412 3.06 24.00 -27.46
C LEU G 412 2.45 24.43 -28.78
N TYR G 413 1.32 25.13 -28.72
CA TYR G 413 0.68 25.61 -29.93
C TYR G 413 1.58 26.50 -30.77
N LEU G 414 2.64 27.04 -30.18
CA LEU G 414 3.54 27.88 -30.96
C LEU G 414 4.39 27.09 -31.94
N SER G 415 4.39 25.76 -31.87
CA SER G 415 5.21 24.99 -32.79
C SER G 415 4.57 24.85 -34.15
N ILE G 416 3.49 25.55 -34.42
CA ILE G 416 2.85 25.47 -35.73
C ILE G 416 3.46 26.43 -36.73
N PHE G 417 3.99 27.54 -36.27
CA PHE G 417 4.43 28.61 -37.15
C PHE G 417 5.87 28.43 -37.55
N PRO G 418 6.28 29.00 -38.69
CA PRO G 418 7.65 28.82 -39.17
C PRO G 418 8.70 29.43 -38.27
N GLU G 419 9.97 29.38 -38.68
CA GLU G 419 11.05 29.57 -37.73
C GLU G 419 11.22 31.01 -37.29
N ASP G 420 11.61 31.90 -38.19
CA ASP G 420 12.17 33.18 -37.78
C ASP G 420 11.13 34.30 -37.84
N ARG G 421 10.01 34.09 -38.52
CA ARG G 421 8.98 35.11 -38.63
C ARG G 421 8.41 35.46 -37.26
N GLU G 422 7.55 36.48 -37.26
CA GLU G 422 6.86 36.93 -36.06
C GLU G 422 5.37 36.70 -36.17
N ILE G 423 4.72 36.55 -35.03
CA ILE G 423 3.35 36.06 -34.94
C ILE G 423 2.46 37.15 -34.38
N ARG G 424 1.36 37.44 -35.06
CA ARG G 424 0.38 38.36 -34.51
C ARG G 424 -0.26 37.76 -33.26
N ARG G 425 -0.52 38.60 -32.27
CA ARG G 425 -1.08 38.06 -31.04
C ARG G 425 -2.58 37.84 -31.16
N ALA G 426 -3.28 38.67 -31.92
CA ALA G 426 -4.73 38.48 -32.06
C ALA G 426 -5.02 37.14 -32.71
N ARG G 427 -4.25 36.78 -33.73
CA ARG G 427 -4.36 35.47 -34.35
C ARG G 427 -4.23 34.36 -33.31
N LEU G 428 -3.19 34.44 -32.49
CA LEU G 428 -2.97 33.45 -31.44
C LEU G 428 -4.17 33.37 -30.50
N VAL G 429 -4.64 34.51 -30.03
CA VAL G 429 -5.67 34.50 -29.00
C VAL G 429 -6.97 33.90 -29.55
N TRP G 430 -7.35 34.30 -30.77
CA TRP G 430 -8.58 33.75 -31.32
C TRP G 430 -8.44 32.27 -31.63
N ARG G 431 -7.25 31.82 -32.02
CA ARG G 431 -7.10 30.40 -32.29
C ARG G 431 -7.11 29.59 -30.99
N TRP G 432 -6.54 30.14 -29.92
CA TRP G 432 -6.63 29.47 -28.62
C TRP G 432 -8.06 29.34 -28.18
N ILE G 433 -8.85 30.40 -28.34
CA ILE G 433 -10.25 30.32 -27.94
C ILE G 433 -11.00 29.31 -28.79
N SER G 434 -10.70 29.25 -30.09
CA SER G 434 -11.40 28.32 -30.96
C SER G 434 -11.06 26.89 -30.63
N GLU G 435 -9.79 26.60 -30.33
CA GLU G 435 -9.39 25.23 -30.05
C GLU G 435 -9.99 24.69 -28.76
N GLY G 436 -10.38 25.55 -27.85
CA GLY G 436 -10.95 25.13 -26.59
C GLY G 436 -10.03 25.18 -25.41
N PHE G 437 -8.90 25.88 -25.50
CA PHE G 437 -7.96 25.95 -24.40
C PHE G 437 -8.35 26.98 -23.35
N VAL G 438 -9.33 27.84 -23.64
CA VAL G 438 -9.69 28.94 -22.77
C VAL G 438 -11.12 28.73 -22.30
N TYR G 439 -11.32 28.66 -20.99
CA TYR G 439 -12.66 28.50 -20.44
C TYR G 439 -12.65 28.88 -18.97
N SER G 440 -13.82 29.26 -18.47
CA SER G 440 -13.98 29.55 -17.05
C SER G 440 -15.44 29.29 -16.68
N GLU G 441 -15.68 29.21 -15.38
CA GLU G 441 -17.03 28.97 -14.86
C GLU G 441 -17.71 30.22 -14.34
N LYS G 442 -16.97 31.29 -14.06
CA LYS G 442 -17.60 32.52 -13.61
C LYS G 442 -18.62 32.99 -14.65
N GLN G 443 -19.59 33.77 -14.18
CA GLN G 443 -20.70 34.16 -15.03
C GLN G 443 -20.43 35.43 -15.82
N ASP G 444 -19.46 36.24 -15.40
CA ASP G 444 -19.37 37.60 -15.91
C ASP G 444 -18.02 37.87 -16.54
N ILE G 445 -17.45 36.88 -17.20
CA ILE G 445 -16.09 36.93 -17.70
C ILE G 445 -16.13 36.86 -19.22
N SER G 446 -15.23 37.61 -19.86
CA SER G 446 -15.10 37.58 -21.30
C SER G 446 -13.86 36.78 -21.67
N LEU G 447 -14.01 35.84 -22.58
CA LEU G 447 -12.89 34.97 -22.92
C LEU G 447 -11.75 35.72 -23.58
N TYR G 448 -12.03 36.85 -24.23
CA TYR G 448 -10.97 37.60 -24.88
C TYR G 448 -9.96 38.11 -23.87
N GLU G 449 -10.42 38.64 -22.74
CA GLU G 449 -9.47 39.16 -21.78
C GLU G 449 -8.77 38.04 -21.01
N LEU G 450 -9.42 36.88 -20.85
CA LEU G 450 -8.71 35.73 -20.34
C LEU G 450 -7.55 35.35 -21.24
N GLY G 451 -7.80 35.24 -22.53
CA GLY G 451 -6.71 34.91 -23.45
C GLY G 451 -5.61 35.94 -23.42
N ASP G 452 -5.98 37.21 -23.34
CA ASP G 452 -4.97 38.24 -23.24
C ASP G 452 -4.14 38.08 -21.97
N SER G 453 -4.78 37.69 -20.87
CA SER G 453 -4.03 37.45 -19.65
C SER G 453 -3.07 36.29 -19.81
N TYR G 454 -3.49 35.23 -20.49
CA TYR G 454 -2.58 34.11 -20.74
C TYR G 454 -1.35 34.58 -21.52
N PHE G 455 -1.58 35.38 -22.55
CA PHE G 455 -0.45 35.87 -23.35
C PHE G 455 0.49 36.72 -22.51
N ASN G 456 -0.06 37.63 -21.71
CA ASN G 456 0.78 38.47 -20.88
C ASN G 456 1.54 37.67 -19.86
N GLU G 457 0.96 36.58 -19.37
CA GLU G 457 1.68 35.74 -18.43
C GLU G 457 2.84 35.02 -19.11
N LEU G 458 2.63 34.54 -20.33
CA LEU G 458 3.74 33.93 -21.06
C LEU G 458 4.86 34.92 -21.29
N VAL G 459 4.51 36.18 -21.58
CA VAL G 459 5.55 37.20 -21.74
C VAL G 459 6.24 37.47 -20.41
N ASN G 460 5.49 37.39 -19.32
CA ASN G 460 6.02 37.72 -18.01
C ASN G 460 7.14 36.78 -17.58
N ARG G 461 7.03 35.50 -17.94
CA ARG G 461 8.03 34.53 -17.55
C ARG G 461 9.22 34.47 -18.49
N SER G 462 9.40 35.46 -19.36
CA SER G 462 10.57 35.57 -20.22
C SER G 462 10.72 34.38 -21.16
N MET G 463 9.60 33.94 -21.74
CA MET G 463 9.62 32.87 -22.73
C MET G 463 9.24 33.37 -24.11
N ILE G 464 8.95 34.65 -24.25
CA ILE G 464 8.49 35.24 -25.50
C ILE G 464 9.00 36.66 -25.56
N GLN G 465 9.47 37.10 -26.74
CA GLN G 465 9.90 38.47 -26.88
C GLN G 465 8.79 39.28 -27.53
N PRO G 466 8.23 40.29 -26.86
CA PRO G 466 7.17 41.09 -27.48
C PRO G 466 7.76 42.13 -28.42
N ILE G 467 6.97 42.50 -29.43
CA ILE G 467 7.42 43.39 -30.48
C ILE G 467 6.28 44.31 -30.90
N GLY G 468 6.54 45.61 -30.90
CA GLY G 468 5.61 46.57 -31.46
C GLY G 468 4.44 46.88 -30.56
N ILE G 469 3.59 47.80 -31.03
CA ILE G 469 2.38 48.17 -30.33
C ILE G 469 1.21 48.08 -31.30
N ASP G 470 0.18 47.34 -30.91
CA ASP G 470 -1.00 47.14 -31.71
C ASP G 470 -1.72 48.47 -31.93
N ASP G 471 -2.75 48.43 -32.76
CA ASP G 471 -3.58 49.61 -32.97
C ASP G 471 -4.68 49.74 -31.94
N GLU G 472 -4.74 48.86 -30.95
CA GLU G 472 -5.67 49.01 -29.84
C GLU G 472 -4.93 49.15 -28.52
N GLY G 473 -3.65 49.49 -28.56
CA GLY G 473 -2.90 49.82 -27.37
C GLY G 473 -2.19 48.66 -26.71
N LYS G 474 -2.10 47.51 -27.36
CA LYS G 474 -1.47 46.34 -26.78
C LYS G 474 -0.29 45.92 -27.63
N VAL G 475 0.33 44.81 -27.24
CA VAL G 475 1.47 44.29 -27.99
C VAL G 475 1.00 43.93 -29.40
N LYS G 476 1.91 44.00 -30.36
CA LYS G 476 1.54 43.64 -31.72
C LYS G 476 1.89 42.19 -32.05
N ALA G 477 3.15 41.83 -31.91
CA ALA G 477 3.61 40.51 -32.32
C ALA G 477 4.58 39.97 -31.29
N CYS G 478 5.05 38.75 -31.53
CA CYS G 478 5.97 38.11 -30.61
C CYS G 478 6.97 37.26 -31.39
N ARG G 479 8.15 37.09 -30.81
CA ARG G 479 9.20 36.25 -31.38
C ARG G 479 9.64 35.21 -30.36
N VAL G 480 10.22 34.13 -30.87
CA VAL G 480 10.69 33.02 -30.07
C VAL G 480 12.13 32.71 -30.44
N HIS G 481 12.95 32.42 -29.43
CA HIS G 481 14.31 31.98 -29.67
C HIS G 481 14.29 30.65 -30.42
N ASP G 482 15.40 30.34 -31.09
CA ASP G 482 15.41 29.19 -31.99
C ASP G 482 15.61 27.87 -31.25
N MET G 483 16.50 27.84 -30.26
CA MET G 483 16.68 26.63 -29.48
C MET G 483 15.42 26.28 -28.72
N VAL G 484 14.75 27.29 -28.16
CA VAL G 484 13.46 27.08 -27.53
C VAL G 484 12.47 26.50 -28.53
N LEU G 485 12.52 26.97 -29.77
CA LEU G 485 11.61 26.46 -30.78
C LEU G 485 11.88 24.99 -31.07
N ASP G 486 13.15 24.60 -31.12
CA ASP G 486 13.46 23.19 -31.34
C ASP G 486 12.97 22.33 -30.19
N LEU G 487 13.19 22.79 -28.96
CA LEU G 487 12.69 22.04 -27.81
C LEU G 487 11.18 21.87 -27.87
N ILE G 488 10.47 22.95 -28.19
CA ILE G 488 9.02 22.89 -28.26
C ILE G 488 8.57 21.94 -29.36
N CYS G 489 9.24 21.96 -30.50
CA CYS G 489 8.85 21.07 -31.59
C CYS G 489 9.03 19.61 -31.20
N SER G 490 10.14 19.29 -30.55
CA SER G 490 10.35 17.90 -30.13
C SER G 490 9.30 17.48 -29.11
N LEU G 491 9.03 18.35 -28.13
CA LEU G 491 8.03 18.03 -27.12
C LEU G 491 6.67 17.79 -27.74
N SER G 492 6.26 18.67 -28.65
CA SER G 492 4.92 18.53 -29.22
C SER G 492 4.84 17.38 -30.20
N SER G 493 5.96 17.01 -30.80
CA SER G 493 5.95 15.84 -31.68
C SER G 493 5.86 14.55 -30.90
N GLU G 494 6.46 14.50 -29.73
CA GLU G 494 6.36 13.24 -28.97
C GLU G 494 4.97 12.96 -28.46
N GLU G 495 3.92 13.71 -28.83
CA GLU G 495 2.60 13.44 -28.30
C GLU G 495 1.50 13.57 -29.35
N ASN G 496 1.86 13.63 -30.64
CA ASN G 496 0.90 13.84 -31.71
C ASN G 496 0.09 15.12 -31.51
N PHE G 497 0.69 16.12 -30.86
CA PHE G 497 0.02 17.39 -30.73
C PHE G 497 -0.05 18.11 -32.07
N VAL G 498 1.04 18.10 -32.82
CA VAL G 498 1.15 18.81 -34.09
C VAL G 498 2.02 17.99 -35.02
N THR G 499 1.65 17.93 -36.30
CA THR G 499 2.50 17.32 -37.32
C THR G 499 2.85 18.36 -38.37
N ILE G 500 4.14 18.59 -38.55
CA ILE G 500 4.66 19.56 -39.50
C ILE G 500 5.04 18.83 -40.78
N LEU G 501 4.93 19.53 -41.91
CA LEU G 501 5.28 18.93 -43.20
C LEU G 501 6.33 19.79 -43.90
N ASP G 502 7.59 19.40 -43.74
CA ASP G 502 8.68 19.86 -44.58
C ASP G 502 9.25 18.68 -45.35
N ASP G 503 9.84 18.96 -46.49
CA ASP G 503 10.36 17.86 -47.30
C ASP G 503 11.75 17.39 -46.85
N PRO G 504 12.73 18.29 -46.63
CA PRO G 504 14.06 17.81 -46.20
C PRO G 504 14.02 17.12 -44.85
N ARG G 505 13.46 17.80 -43.85
CA ARG G 505 13.28 17.23 -42.53
C ARG G 505 11.79 17.19 -42.21
N ARG G 506 11.44 16.47 -41.15
CA ARG G 506 10.08 16.43 -40.63
C ARG G 506 9.09 15.98 -41.71
N LYS G 507 9.23 14.72 -42.09
CA LYS G 507 8.31 14.12 -43.04
C LYS G 507 7.15 13.49 -42.29
N MET G 508 6.26 12.83 -43.03
CA MET G 508 5.09 12.21 -42.41
C MET G 508 5.53 11.17 -41.40
N PRO G 509 4.83 11.03 -40.27
CA PRO G 509 5.22 10.04 -39.27
C PRO G 509 5.16 8.63 -39.85
N ASN G 510 6.11 7.81 -39.45
CA ASN G 510 6.29 6.50 -40.08
C ASN G 510 5.07 5.62 -39.87
N SER G 511 4.62 5.49 -38.63
CA SER G 511 3.47 4.65 -38.29
C SER G 511 2.50 5.47 -37.46
N GLU G 512 1.62 6.20 -38.12
CA GLU G 512 0.60 6.99 -37.43
C GLU G 512 -0.63 7.09 -38.33
N SER G 513 -1.75 6.58 -37.86
CA SER G 513 -3.00 6.68 -38.59
C SER G 513 -3.89 7.81 -38.10
N LYS G 514 -3.63 8.35 -36.92
CA LYS G 514 -4.48 9.38 -36.32
C LYS G 514 -3.67 10.65 -36.11
N VAL G 515 -3.92 11.64 -36.96
CA VAL G 515 -3.28 12.95 -36.89
C VAL G 515 -4.38 13.98 -36.66
N ARG G 516 -4.18 14.86 -35.69
CA ARG G 516 -5.21 15.83 -35.36
C ARG G 516 -4.93 17.23 -35.88
N ARG G 517 -3.68 17.69 -35.85
CA ARG G 517 -3.35 19.05 -36.26
C ARG G 517 -2.21 19.01 -37.25
N LEU G 518 -2.40 19.66 -38.39
CA LEU G 518 -1.49 19.58 -39.52
C LEU G 518 -0.95 20.98 -39.84
N SER G 519 0.32 21.06 -40.23
CA SER G 519 0.93 22.33 -40.57
C SER G 519 1.76 22.17 -41.84
N ILE G 520 1.28 22.75 -42.94
CA ILE G 520 1.93 22.62 -44.23
C ILE G 520 2.87 23.79 -44.45
N GLN G 521 4.17 23.51 -44.56
CA GLN G 521 5.16 24.55 -44.77
C GLN G 521 5.94 24.44 -46.05
N ASN G 522 6.14 23.24 -46.59
CA ASN G 522 6.81 23.04 -47.86
C ASN G 522 5.83 22.37 -48.81
N SER G 523 5.35 23.13 -49.77
CA SER G 523 4.32 22.66 -50.69
C SER G 523 4.82 21.58 -51.65
N LYS G 524 6.12 21.27 -51.63
CA LYS G 524 6.66 20.26 -52.54
C LYS G 524 6.05 18.89 -52.29
N ILE G 525 5.80 18.57 -51.02
CA ILE G 525 5.26 17.28 -50.64
C ILE G 525 3.83 17.12 -51.16
N ASP G 526 3.40 15.88 -51.36
CA ASP G 526 2.00 15.58 -51.59
C ASP G 526 1.44 14.82 -50.41
N VAL G 527 0.15 15.01 -50.15
CA VAL G 527 -0.50 14.54 -48.93
C VAL G 527 -1.52 13.47 -49.27
N ASP G 528 -1.64 12.48 -48.40
CA ASP G 528 -2.62 11.42 -48.60
C ASP G 528 -4.00 11.88 -48.19
N THR G 529 -4.16 12.22 -46.90
CA THR G 529 -5.40 12.80 -46.38
C THR G 529 -6.61 11.92 -46.70
N THR G 530 -6.42 10.61 -46.66
CA THR G 530 -7.54 9.69 -46.69
C THR G 530 -7.65 8.87 -45.41
N ARG G 531 -6.60 8.85 -44.59
CA ARG G 531 -6.65 8.26 -43.27
C ARG G 531 -6.85 9.29 -42.17
N MET G 532 -6.77 10.58 -42.50
CA MET G 532 -6.91 11.64 -41.51
C MET G 532 -8.39 12.01 -41.38
N GLU G 533 -9.14 11.09 -40.79
CA GLU G 533 -10.55 11.32 -40.56
C GLU G 533 -10.77 12.37 -39.49
N HIS G 534 -10.03 12.26 -38.39
CA HIS G 534 -10.25 13.14 -37.25
C HIS G 534 -9.22 14.27 -37.25
N MET G 535 -9.38 15.17 -38.21
CA MET G 535 -8.61 16.40 -38.16
C MET G 535 -9.27 17.38 -37.21
N ARG G 536 -8.53 18.41 -36.83
CA ARG G 536 -9.12 19.48 -36.03
C ARG G 536 -8.72 20.84 -36.57
N SER G 537 -7.54 20.92 -37.17
CA SER G 537 -7.03 22.22 -37.58
C SER G 537 -6.06 22.03 -38.72
N VAL G 538 -6.20 22.88 -39.74
CA VAL G 538 -5.31 22.87 -40.89
C VAL G 538 -4.78 24.27 -41.10
N THR G 539 -3.50 24.38 -41.42
CA THR G 539 -2.89 25.67 -41.66
C THR G 539 -1.90 25.55 -42.80
N VAL G 540 -1.96 26.48 -43.74
CA VAL G 540 -1.08 26.45 -44.89
C VAL G 540 -0.25 27.72 -44.88
N PHE G 541 1.06 27.57 -45.05
CA PHE G 541 1.99 28.68 -44.99
C PHE G 541 2.66 28.94 -46.33
N SER G 542 2.21 28.28 -47.38
CA SER G 542 2.88 28.31 -48.66
C SER G 542 2.20 29.32 -49.56
N ASP G 543 2.99 30.16 -50.20
CA ASP G 543 2.51 30.96 -51.32
C ASP G 543 2.24 30.10 -52.55
N ASN G 544 2.45 28.79 -52.46
CA ASN G 544 2.52 27.96 -53.67
C ASN G 544 1.13 27.55 -54.13
N VAL G 545 1.03 27.30 -55.44
CA VAL G 545 -0.23 26.82 -56.01
C VAL G 545 -0.55 25.42 -55.52
N VAL G 546 0.48 24.57 -55.40
CA VAL G 546 0.23 23.19 -54.97
C VAL G 546 -0.35 23.17 -53.56
N GLY G 547 -0.18 24.25 -52.80
CA GLY G 547 -0.79 24.32 -51.49
C GLY G 547 -2.30 24.22 -51.52
N LYS G 548 -2.92 24.81 -52.54
CA LYS G 548 -4.37 24.75 -52.64
C LYS G 548 -4.86 23.44 -53.25
N VAL G 549 -3.93 22.51 -53.53
CA VAL G 549 -4.31 21.29 -54.25
C VAL G 549 -5.09 20.35 -53.35
N LEU G 550 -4.68 20.22 -52.08
CA LEU G 550 -5.26 19.16 -51.25
C LEU G 550 -6.74 19.39 -51.03
N ASP G 551 -7.49 18.30 -50.95
CA ASP G 551 -8.93 18.40 -50.75
C ASP G 551 -9.25 18.61 -49.28
N ILE G 552 -10.21 19.49 -49.02
CA ILE G 552 -10.58 19.83 -47.66
C ILE G 552 -11.95 19.31 -47.27
N SER G 553 -12.89 19.19 -48.20
CA SER G 553 -14.26 18.82 -47.86
C SER G 553 -14.38 17.43 -47.23
N ARG G 554 -13.29 16.69 -47.11
CA ARG G 554 -13.34 15.37 -46.50
C ARG G 554 -13.09 15.40 -45.00
N PHE G 555 -12.59 16.51 -44.47
CA PHE G 555 -12.38 16.65 -43.03
C PHE G 555 -13.70 17.07 -42.40
N LYS G 556 -14.57 16.09 -42.17
CA LYS G 556 -15.92 16.39 -41.75
C LYS G 556 -15.99 16.99 -40.35
N VAL G 557 -14.90 16.97 -39.59
CA VAL G 557 -14.85 17.56 -38.27
C VAL G 557 -13.66 18.51 -38.27
N LEU G 558 -13.91 19.79 -38.49
CA LEU G 558 -12.87 20.80 -38.38
C LEU G 558 -13.27 21.85 -37.38
N ARG G 559 -12.28 22.55 -36.84
CA ARG G 559 -12.58 23.65 -35.93
C ARG G 559 -11.84 24.90 -36.36
N VAL G 560 -10.69 24.73 -36.99
CA VAL G 560 -9.84 25.86 -37.36
C VAL G 560 -9.41 25.67 -38.80
N LEU G 561 -9.83 26.57 -39.67
CA LEU G 561 -9.37 26.63 -41.05
C LEU G 561 -8.65 27.96 -41.23
N ASP G 562 -7.36 27.90 -41.53
CA ASP G 562 -6.51 29.09 -41.59
C ASP G 562 -5.75 29.09 -42.90
N LEU G 563 -6.22 29.88 -43.86
CA LEU G 563 -5.60 29.95 -45.18
C LEU G 563 -5.05 31.35 -45.45
N GLU G 564 -4.60 32.05 -44.42
CA GLU G 564 -4.15 33.42 -44.59
C GLU G 564 -2.91 33.47 -45.46
N GLY G 565 -2.98 34.27 -46.52
CA GLY G 565 -1.87 34.47 -47.41
C GLY G 565 -1.90 33.62 -48.67
N CYS G 566 -2.58 32.47 -48.63
CA CYS G 566 -2.60 31.59 -49.79
C CYS G 566 -3.33 32.25 -50.94
N HIS G 567 -3.27 31.61 -52.10
CA HIS G 567 -3.86 32.12 -53.32
C HIS G 567 -5.07 31.30 -53.74
N VAL G 568 -5.82 30.79 -52.77
CA VAL G 568 -7.06 30.12 -53.12
C VAL G 568 -8.01 31.15 -53.70
N SER G 569 -8.92 30.67 -54.51
CA SER G 569 -9.74 31.59 -55.29
C SER G 569 -11.19 31.61 -54.86
N ASP G 570 -11.78 30.45 -54.57
CA ASP G 570 -13.15 30.41 -54.09
C ASP G 570 -13.37 29.12 -53.33
N VAL G 571 -14.21 29.19 -52.30
CA VAL G 571 -14.45 28.06 -51.40
C VAL G 571 -15.97 27.92 -51.27
N GLY G 572 -16.52 26.93 -51.97
CA GLY G 572 -17.95 26.67 -51.86
C GLY G 572 -18.26 25.58 -50.87
N TYR G 573 -17.23 24.82 -50.51
CA TYR G 573 -17.38 23.71 -49.58
C TYR G 573 -17.30 24.13 -48.14
N VAL G 574 -17.33 25.42 -47.81
CA VAL G 574 -17.17 25.81 -46.43
C VAL G 574 -18.40 25.43 -45.62
N GLY G 575 -19.58 25.56 -46.23
CA GLY G 575 -20.73 24.87 -45.72
C GLY G 575 -20.49 23.38 -45.72
N ASN G 576 -21.39 22.65 -45.07
CA ASN G 576 -21.29 21.22 -44.85
C ASN G 576 -20.19 20.85 -43.87
N LEU G 577 -19.60 21.83 -43.18
CA LEU G 577 -18.59 21.57 -42.18
C LEU G 577 -19.12 21.56 -40.77
N LEU G 578 -20.03 22.47 -40.43
CA LEU G 578 -20.93 22.32 -39.30
C LEU G 578 -20.21 22.33 -37.95
N HIS G 579 -18.89 22.33 -37.96
CA HIS G 579 -18.12 22.29 -36.74
C HIS G 579 -17.15 23.44 -36.58
N LEU G 580 -16.96 24.25 -37.62
CA LEU G 580 -15.94 25.28 -37.62
C LEU G 580 -16.10 26.22 -36.43
N ARG G 581 -15.00 26.87 -36.05
CA ARG G 581 -15.07 27.92 -35.05
C ARG G 581 -14.29 29.13 -35.54
N TYR G 582 -13.30 28.91 -36.40
CA TYR G 582 -12.41 29.95 -36.85
C TYR G 582 -12.25 29.82 -38.35
N LEU G 583 -12.65 30.84 -39.09
CA LEU G 583 -12.54 30.86 -40.54
C LEU G 583 -11.65 32.04 -40.93
N GLY G 584 -10.40 31.76 -41.23
CA GLY G 584 -9.46 32.81 -41.55
C GLY G 584 -9.13 32.91 -43.01
N LEU G 585 -9.67 33.91 -43.69
CA LEU G 585 -9.45 34.14 -45.11
C LEU G 585 -8.96 35.58 -45.25
N LYS G 586 -7.66 35.79 -45.11
CA LYS G 586 -7.10 37.13 -45.19
C LYS G 586 -6.00 37.15 -46.24
N GLY G 587 -6.09 38.11 -47.15
CA GLY G 587 -5.11 38.18 -48.22
C GLY G 587 -5.24 37.09 -49.25
N THR G 588 -6.44 36.55 -49.43
CA THR G 588 -6.72 35.55 -50.44
C THR G 588 -7.51 36.19 -51.58
N HIS G 589 -7.61 35.47 -52.69
CA HIS G 589 -8.33 35.97 -53.86
C HIS G 589 -9.75 35.44 -53.91
N VAL G 590 -10.50 35.64 -52.84
CA VAL G 590 -11.87 35.18 -52.77
C VAL G 590 -12.79 36.31 -53.21
N LYS G 591 -13.68 36.02 -54.15
CA LYS G 591 -14.57 37.03 -54.70
C LYS G 591 -15.94 37.05 -54.04
N ASP G 592 -16.43 35.91 -53.57
CA ASP G 592 -17.77 35.82 -53.03
C ASP G 592 -17.93 34.51 -52.28
N LEU G 593 -18.77 34.55 -51.25
CA LEU G 593 -19.10 33.53 -50.27
C LEU G 593 -20.35 32.77 -50.65
N PRO G 594 -20.42 31.49 -50.32
CA PRO G 594 -21.64 30.73 -50.57
C PRO G 594 -22.71 31.15 -49.58
N MET G 595 -23.93 31.34 -50.08
CA MET G 595 -25.00 31.77 -49.19
C MET G 595 -25.50 30.53 -48.45
N GLU G 596 -24.58 29.89 -47.74
CA GLU G 596 -24.93 28.83 -46.81
C GLU G 596 -24.15 28.91 -45.52
N VAL G 597 -23.35 29.95 -45.33
CA VAL G 597 -22.62 30.13 -44.08
C VAL G 597 -23.57 30.21 -42.90
N GLY G 598 -24.84 30.53 -43.14
CA GLY G 598 -25.80 30.56 -42.06
C GLY G 598 -25.97 29.25 -41.33
N LYS G 599 -25.46 28.15 -41.89
CA LYS G 599 -25.55 26.86 -41.22
C LYS G 599 -24.56 26.72 -40.07
N LEU G 600 -23.45 27.46 -40.12
CA LEU G 600 -22.40 27.34 -39.12
C LEU G 600 -22.84 28.05 -37.85
N GLN G 601 -23.70 27.38 -37.07
CA GLN G 601 -24.24 27.99 -35.87
C GLN G 601 -23.18 28.22 -34.81
N PHE G 602 -22.06 27.52 -34.88
CA PHE G 602 -20.90 27.79 -34.03
C PHE G 602 -19.84 28.38 -34.93
N LEU G 603 -19.56 29.67 -34.76
CA LEU G 603 -18.50 30.30 -35.54
C LEU G 603 -18.08 31.56 -34.76
N LEU G 604 -16.92 31.49 -34.12
CA LEU G 604 -16.51 32.60 -33.28
C LEU G 604 -15.93 33.74 -34.11
N THR G 605 -15.05 33.42 -35.05
CA THR G 605 -14.29 34.44 -35.77
C THR G 605 -14.51 34.30 -37.26
N LEU G 606 -14.58 35.46 -37.93
CA LEU G 606 -14.74 35.50 -39.38
C LEU G 606 -13.90 36.64 -39.89
N ASP G 607 -12.80 36.33 -40.57
CA ASP G 607 -11.77 37.30 -40.91
C ASP G 607 -11.73 37.49 -42.43
N LEU G 608 -12.13 38.66 -42.89
CA LEU G 608 -12.17 38.99 -44.32
C LEU G 608 -11.47 40.33 -44.50
N ARG G 609 -10.20 40.29 -44.91
CA ARG G 609 -9.46 41.53 -45.10
C ARG G 609 -8.47 41.33 -46.25
N GLY G 610 -8.43 42.28 -47.16
CA GLY G 610 -7.61 42.13 -48.32
C GLY G 610 -8.16 41.19 -49.37
N THR G 611 -9.39 40.72 -49.19
CA THR G 611 -10.04 39.91 -50.20
C THR G 611 -10.75 40.80 -51.21
N LYS G 612 -11.37 40.20 -52.22
CA LYS G 612 -12.03 40.93 -53.27
C LYS G 612 -13.55 40.92 -53.13
N ILE G 613 -14.06 40.66 -51.93
CA ILE G 613 -15.50 40.62 -51.71
C ILE G 613 -16.05 42.03 -51.71
N GLU G 614 -17.29 42.19 -52.17
CA GLU G 614 -17.96 43.48 -52.16
C GLU G 614 -19.21 43.51 -51.31
N VAL G 615 -20.08 42.50 -51.41
CA VAL G 615 -21.33 42.47 -50.68
C VAL G 615 -21.41 41.15 -49.93
N LEU G 616 -21.61 41.22 -48.63
CA LEU G 616 -21.75 40.01 -47.85
C LEU G 616 -23.11 39.37 -48.06
N PRO G 617 -23.18 38.04 -48.10
CA PRO G 617 -24.49 37.39 -48.21
C PRO G 617 -25.37 37.68 -47.02
N TRP G 618 -26.67 37.65 -47.28
CA TRP G 618 -27.64 38.03 -46.26
C TRP G 618 -27.62 37.05 -45.08
N SER G 619 -27.49 35.76 -45.34
CA SER G 619 -27.62 34.76 -44.29
C SER G 619 -26.61 34.96 -43.17
N VAL G 620 -25.59 35.79 -43.38
CA VAL G 620 -24.64 36.14 -42.33
C VAL G 620 -25.34 36.64 -41.08
N VAL G 621 -26.52 37.25 -41.24
CA VAL G 621 -27.24 37.75 -40.07
C VAL G 621 -27.51 36.61 -39.08
N GLN G 622 -27.69 35.40 -39.58
CA GLN G 622 -28.10 34.28 -38.74
C GLN G 622 -26.92 33.48 -38.21
N LEU G 623 -25.92 34.15 -37.65
CA LEU G 623 -24.82 33.50 -36.96
C LEU G 623 -24.84 34.01 -35.53
N ARG G 624 -25.67 33.39 -34.69
CA ARG G 624 -25.95 33.99 -33.40
C ARG G 624 -24.73 34.03 -32.50
N ARG G 625 -23.94 32.97 -32.48
CA ARG G 625 -22.68 32.98 -31.75
C ARG G 625 -21.60 33.48 -32.69
N LEU G 626 -21.21 34.74 -32.53
CA LEU G 626 -20.12 35.32 -33.31
C LEU G 626 -19.53 36.44 -32.48
N MET G 627 -18.22 36.38 -32.27
CA MET G 627 -17.58 37.32 -31.36
C MET G 627 -16.63 38.28 -32.01
N CYS G 628 -16.26 38.09 -33.28
CA CYS G 628 -15.28 38.95 -33.91
C CYS G 628 -15.53 38.99 -35.40
N LEU G 629 -15.57 40.19 -35.97
CA LEU G 629 -15.87 40.38 -37.38
C LEU G 629 -14.90 41.39 -37.96
N TYR G 630 -13.90 40.91 -38.69
CA TYR G 630 -12.98 41.78 -39.40
C TYR G 630 -13.44 41.95 -40.83
N VAL G 631 -13.44 43.19 -41.32
CA VAL G 631 -13.99 43.48 -42.63
C VAL G 631 -13.42 44.82 -43.09
N ASP G 632 -13.40 45.03 -44.39
CA ASP G 632 -12.97 46.31 -44.95
C ASP G 632 -14.16 47.26 -45.06
N TYR G 633 -13.85 48.56 -45.07
CA TYR G 633 -14.92 49.54 -45.13
C TYR G 633 -15.57 49.63 -46.50
N GLY G 634 -15.03 48.95 -47.49
CA GLY G 634 -15.62 48.92 -48.81
C GLY G 634 -16.63 47.83 -49.04
N MET G 635 -17.06 47.12 -47.99
CA MET G 635 -17.98 46.02 -48.11
C MET G 635 -19.34 46.40 -47.54
N LYS G 636 -20.40 45.92 -48.19
CA LYS G 636 -21.77 46.22 -47.80
C LYS G 636 -22.26 45.23 -46.78
N LEU G 637 -22.77 45.73 -45.69
CA LEU G 637 -23.31 44.76 -44.75
C LEU G 637 -24.82 44.65 -44.90
N PRO G 638 -25.37 43.47 -44.66
CA PRO G 638 -26.83 43.32 -44.75
C PRO G 638 -27.55 44.12 -43.67
N SER G 639 -28.88 43.99 -43.61
CA SER G 639 -29.65 44.92 -42.79
C SER G 639 -29.71 44.48 -41.33
N GLY G 640 -30.16 43.26 -41.06
CA GLY G 640 -30.45 42.88 -39.69
C GLY G 640 -29.26 42.58 -38.82
N ILE G 641 -28.27 43.49 -38.80
CA ILE G 641 -27.06 43.26 -38.03
C ILE G 641 -27.28 43.35 -36.53
N GLY G 642 -28.45 43.84 -36.09
CA GLY G 642 -28.69 43.94 -34.67
C GLY G 642 -28.78 42.61 -33.96
N ASN G 643 -29.03 41.53 -34.70
CA ASN G 643 -29.19 40.22 -34.06
C ASN G 643 -27.87 39.65 -33.55
N LEU G 644 -26.74 40.11 -34.08
CA LEU G 644 -25.44 39.56 -33.69
C LEU G 644 -25.02 40.13 -32.35
N THR G 645 -25.71 39.69 -31.31
CA THR G 645 -25.19 39.96 -29.98
C THR G 645 -23.91 39.16 -29.76
N PHE G 646 -23.28 39.40 -28.62
CA PHE G 646 -21.99 38.83 -28.25
C PHE G 646 -20.83 39.38 -29.07
N LEU G 647 -21.08 40.20 -30.07
CA LEU G 647 -19.97 40.81 -30.82
C LEU G 647 -19.10 41.62 -29.88
N GLU G 648 -17.84 41.23 -29.74
CA GLU G 648 -16.91 41.95 -28.90
C GLU G 648 -15.93 42.81 -29.68
N VAL G 649 -15.73 42.54 -30.97
CA VAL G 649 -14.82 43.31 -31.79
C VAL G 649 -15.44 43.50 -33.16
N LEU G 650 -15.55 44.74 -33.59
CA LEU G 650 -16.07 45.06 -34.91
C LEU G 650 -15.12 46.06 -35.56
N ASP G 651 -14.70 45.76 -36.77
CA ASP G 651 -13.63 46.51 -37.41
C ASP G 651 -14.09 47.11 -38.72
N ASP G 652 -13.90 48.43 -38.86
CA ASP G 652 -14.10 49.14 -40.12
C ASP G 652 -15.52 48.98 -40.65
N LEU G 653 -16.48 49.51 -39.90
CA LEU G 653 -17.82 49.66 -40.44
C LEU G 653 -17.79 50.51 -41.69
N GLY G 654 -18.66 50.18 -42.63
CA GLY G 654 -18.79 50.97 -43.84
C GLY G 654 -19.37 52.33 -43.54
N LEU G 655 -20.60 52.36 -43.05
CA LEU G 655 -21.31 53.61 -42.74
C LEU G 655 -21.33 54.52 -43.97
N SER G 656 -22.03 54.03 -44.99
CA SER G 656 -22.27 54.78 -46.22
C SER G 656 -23.47 54.16 -46.91
N ASP G 657 -24.36 55.02 -47.42
CA ASP G 657 -25.59 54.59 -48.08
C ASP G 657 -26.43 53.72 -47.14
N VAL G 658 -26.67 54.26 -45.96
CA VAL G 658 -27.35 53.53 -44.88
C VAL G 658 -28.46 54.39 -44.31
N ASP G 659 -29.61 53.76 -44.02
CA ASP G 659 -30.75 54.43 -43.41
C ASP G 659 -30.64 54.45 -41.89
N LEU G 660 -31.67 54.99 -41.24
CA LEU G 660 -31.60 55.24 -39.80
C LEU G 660 -31.75 53.97 -38.96
N ASP G 661 -32.61 53.04 -39.38
CA ASP G 661 -32.82 51.86 -38.56
C ASP G 661 -31.53 51.07 -38.40
N PHE G 662 -30.62 51.18 -39.36
CA PHE G 662 -29.30 50.57 -39.22
C PHE G 662 -28.55 51.20 -38.06
N VAL G 663 -28.48 52.53 -38.04
CA VAL G 663 -27.74 53.24 -36.99
C VAL G 663 -28.43 53.06 -35.64
N LYS G 664 -29.72 52.73 -35.65
CA LYS G 664 -30.41 52.45 -34.40
C LYS G 664 -30.12 51.04 -33.93
N GLU G 665 -30.09 50.08 -34.85
CA GLU G 665 -29.70 48.72 -34.52
C GLU G 665 -28.32 48.70 -33.88
N LEU G 666 -27.41 49.53 -34.39
CA LEU G 666 -26.06 49.59 -33.83
C LEU G 666 -26.06 49.74 -32.32
N GLY G 667 -27.12 50.30 -31.75
CA GLY G 667 -27.21 50.48 -30.32
C GLY G 667 -27.53 49.23 -29.53
N ARG G 668 -27.77 48.11 -30.18
CA ARG G 668 -28.12 46.89 -29.48
C ARG G 668 -26.91 46.03 -29.13
N LEU G 669 -25.81 46.17 -29.84
CA LEU G 669 -24.60 45.41 -29.52
C LEU G 669 -24.01 45.96 -28.24
N THR G 670 -24.32 45.35 -27.11
CA THR G 670 -24.04 45.99 -25.83
C THR G 670 -22.65 45.61 -25.29
N LYS G 671 -22.23 44.36 -25.46
CA LYS G 671 -20.92 43.94 -24.96
C LYS G 671 -19.93 43.98 -26.11
N LEU G 672 -19.51 45.20 -26.45
CA LEU G 672 -18.63 45.41 -27.59
C LEU G 672 -17.49 46.30 -27.16
N ARG G 673 -16.26 45.81 -27.31
CA ARG G 673 -15.10 46.47 -26.72
C ARG G 673 -14.19 47.19 -27.70
N VAL G 674 -14.40 47.03 -29.00
CA VAL G 674 -13.59 47.71 -30.00
C VAL G 674 -14.49 48.13 -31.15
N LEU G 675 -14.28 49.34 -31.66
CA LEU G 675 -15.11 49.85 -32.74
C LEU G 675 -14.27 50.74 -33.66
N ARG G 676 -14.57 50.70 -34.95
CA ARG G 676 -13.91 51.54 -35.95
C ARG G 676 -14.91 51.93 -37.01
N LEU G 677 -14.97 53.21 -37.34
CA LEU G 677 -15.94 53.75 -38.28
C LEU G 677 -15.23 54.39 -39.47
N ASP G 678 -16.02 54.81 -40.47
CA ASP G 678 -15.40 55.36 -41.66
C ASP G 678 -16.00 56.67 -42.15
N PHE G 679 -17.29 56.92 -41.88
CA PHE G 679 -17.95 58.18 -42.23
C PHE G 679 -17.73 58.58 -43.69
N HIS G 680 -17.60 57.60 -44.58
CA HIS G 680 -17.18 57.90 -45.95
C HIS G 680 -18.29 58.59 -46.73
N GLY G 681 -19.40 57.89 -46.94
CA GLY G 681 -20.53 58.46 -47.65
C GLY G 681 -21.66 58.76 -46.68
N PHE G 682 -21.45 58.36 -45.44
CA PHE G 682 -22.43 58.59 -44.37
C PHE G 682 -22.86 60.05 -44.36
N ASP G 683 -24.17 60.26 -44.38
CA ASP G 683 -24.69 61.62 -44.38
C ASP G 683 -24.69 62.19 -42.97
N GLN G 684 -23.99 63.31 -42.80
CA GLN G 684 -23.84 63.94 -41.50
C GLN G 684 -25.06 64.82 -41.19
N SER G 685 -26.20 64.17 -41.05
CA SER G 685 -27.42 64.81 -40.58
C SER G 685 -28.01 63.98 -39.45
N MET G 686 -27.59 62.72 -39.37
CA MET G 686 -28.11 61.75 -38.41
C MET G 686 -27.09 61.41 -37.33
N GLY G 687 -26.07 62.25 -37.14
CA GLY G 687 -25.03 61.94 -36.17
C GLY G 687 -25.54 61.78 -34.76
N LYS G 688 -26.69 62.39 -34.43
CA LYS G 688 -27.20 62.31 -33.08
C LYS G 688 -27.61 60.90 -32.71
N ALA G 689 -28.33 60.23 -33.61
CA ALA G 689 -28.70 58.84 -33.36
C ALA G 689 -27.46 57.99 -33.19
N LEU G 690 -26.42 58.25 -33.98
CA LEU G 690 -25.19 57.48 -33.88
C LEU G 690 -24.53 57.69 -32.52
N GLU G 691 -24.50 58.94 -32.04
CA GLU G 691 -23.86 59.18 -30.76
C GLU G 691 -24.66 58.60 -29.60
N GLU G 692 -25.99 58.58 -29.71
CA GLU G 692 -26.78 57.90 -28.68
C GLU G 692 -26.49 56.41 -28.68
N SER G 693 -26.50 55.79 -29.87
CA SER G 693 -26.20 54.37 -29.96
C SER G 693 -24.83 54.06 -29.38
N ILE G 694 -23.86 54.96 -29.57
CA ILE G 694 -22.54 54.72 -29.00
C ILE G 694 -22.58 54.85 -27.47
N SER G 695 -23.23 55.90 -26.98
CA SER G 695 -23.36 56.07 -25.54
C SER G 695 -24.10 54.92 -24.87
N ASN G 696 -24.80 54.09 -25.64
CA ASN G 696 -25.48 52.93 -25.07
C ASN G 696 -24.53 51.79 -24.71
N MET G 697 -23.32 51.75 -25.27
CA MET G 697 -22.39 50.66 -25.02
C MET G 697 -21.61 50.97 -23.76
N TYR G 698 -21.87 50.21 -22.69
CA TYR G 698 -21.22 50.50 -21.41
C TYR G 698 -19.78 50.04 -21.41
N LYS G 699 -19.52 48.78 -21.70
CA LYS G 699 -18.17 48.27 -21.78
C LYS G 699 -17.59 48.63 -23.14
N LEU G 700 -16.48 49.36 -23.14
CA LEU G 700 -15.84 49.75 -24.38
C LEU G 700 -14.47 50.33 -24.04
N ASP G 701 -13.47 50.00 -24.86
CA ASP G 701 -12.11 50.43 -24.61
C ASP G 701 -11.55 51.36 -25.68
N SER G 702 -11.68 50.99 -26.95
CA SER G 702 -11.08 51.75 -28.02
C SER G 702 -12.16 52.24 -28.96
N LEU G 703 -11.85 53.30 -29.69
CA LEU G 703 -12.78 53.87 -30.65
C LEU G 703 -12.01 54.65 -31.69
N ASP G 704 -12.41 54.52 -32.95
CA ASP G 704 -11.87 55.33 -34.03
C ASP G 704 -12.99 56.04 -34.76
N VAL G 705 -12.68 57.20 -35.29
CA VAL G 705 -13.53 57.89 -36.25
C VAL G 705 -12.62 58.43 -37.34
N PHE G 706 -12.84 57.99 -38.56
CA PHE G 706 -12.08 58.46 -39.71
C PHE G 706 -12.98 59.32 -40.58
N VAL G 707 -12.52 60.51 -40.91
CA VAL G 707 -13.29 61.45 -41.73
C VAL G 707 -12.37 62.04 -42.78
N ASN G 708 -12.82 62.06 -44.02
CA ASN G 708 -11.98 62.56 -45.10
C ASN G 708 -11.62 64.02 -44.90
N ARG G 709 -12.62 64.90 -44.90
CA ARG G 709 -12.39 66.33 -44.89
C ARG G 709 -13.48 67.01 -44.07
N GLY G 710 -13.39 68.32 -43.97
CA GLY G 710 -14.47 69.11 -43.42
C GLY G 710 -14.47 69.12 -41.91
N LEU G 711 -15.61 69.57 -41.38
CA LEU G 711 -15.82 69.66 -39.94
C LEU G 711 -16.64 68.46 -39.48
N ILE G 712 -16.21 67.86 -38.37
CA ILE G 712 -16.88 66.66 -37.87
C ILE G 712 -18.19 67.05 -37.22
N ASN G 713 -19.30 66.51 -37.73
CA ASN G 713 -20.63 66.90 -37.33
C ASN G 713 -21.31 65.86 -36.45
N CYS G 714 -20.53 65.16 -35.63
CA CYS G 714 -21.07 64.19 -34.70
C CYS G 714 -20.38 64.37 -33.35
N LEU G 715 -20.74 63.53 -32.40
CA LEU G 715 -20.19 63.59 -31.04
C LEU G 715 -20.33 64.98 -30.45
N SER G 716 -21.51 65.57 -30.62
CA SER G 716 -21.78 66.89 -30.11
C SER G 716 -21.65 66.93 -28.58
N GLU G 717 -21.64 68.13 -28.03
CA GLU G 717 -21.56 68.29 -26.59
C GLU G 717 -22.81 67.75 -25.93
N HIS G 718 -22.73 67.54 -24.62
CA HIS G 718 -23.76 66.83 -23.86
C HIS G 718 -23.97 65.43 -24.43
N TRP G 719 -22.90 64.64 -24.40
CA TRP G 719 -22.89 63.32 -25.00
C TRP G 719 -22.78 62.18 -23.99
N VAL G 720 -22.10 62.41 -22.87
CA VAL G 720 -21.93 61.39 -21.84
C VAL G 720 -21.26 60.15 -22.40
N PRO G 721 -19.96 60.21 -22.68
CA PRO G 721 -19.24 59.06 -23.24
C PRO G 721 -19.28 57.87 -22.29
N PRO G 722 -18.98 56.68 -22.78
CA PRO G 722 -18.96 55.51 -21.90
C PRO G 722 -17.87 55.65 -20.85
N PRO G 723 -18.07 55.09 -19.66
CA PRO G 723 -17.14 55.39 -18.56
C PRO G 723 -15.78 54.74 -18.72
N ARG G 724 -15.73 53.52 -19.24
CA ARG G 724 -14.51 52.73 -19.21
C ARG G 724 -13.56 53.04 -20.37
N LEU G 725 -13.91 54.00 -21.23
CA LEU G 725 -13.08 54.30 -22.39
C LEU G 725 -11.64 54.53 -21.97
N CYS G 726 -10.71 54.03 -22.78
CA CYS G 726 -9.29 54.10 -22.45
C CYS G 726 -8.43 54.55 -23.63
N ARG G 727 -8.98 54.61 -24.84
CA ARG G 727 -8.18 54.97 -26.00
C ARG G 727 -9.09 55.60 -27.04
N LEU G 728 -8.68 56.75 -27.57
CA LEU G 728 -9.50 57.51 -28.49
C LEU G 728 -8.61 58.12 -29.55
N ALA G 729 -9.05 58.08 -30.81
CA ALA G 729 -8.19 58.52 -31.90
C ALA G 729 -9.03 58.99 -33.08
N PHE G 730 -8.58 60.07 -33.71
CA PHE G 730 -9.15 60.56 -34.97
C PHE G 730 -7.99 60.73 -35.93
N PRO G 731 -7.66 59.70 -36.69
CA PRO G 731 -6.44 59.75 -37.50
C PRO G 731 -6.60 60.51 -38.80
N SER G 732 -7.66 61.31 -38.91
CA SER G 732 -7.95 62.00 -40.16
C SER G 732 -6.83 62.94 -40.57
N LYS G 733 -6.48 63.90 -39.70
CA LYS G 733 -5.46 64.92 -39.87
C LYS G 733 -5.84 65.99 -40.88
N ARG G 734 -6.98 65.88 -41.54
CA ARG G 734 -7.49 66.92 -42.41
C ARG G 734 -8.92 67.30 -42.13
N SER G 735 -9.58 66.65 -41.18
CA SER G 735 -10.91 67.04 -40.72
C SER G 735 -10.78 67.48 -39.27
N TRP G 736 -11.09 68.74 -39.01
CA TRP G 736 -10.85 69.35 -37.72
C TRP G 736 -12.08 69.29 -36.83
N PHE G 737 -11.84 69.37 -35.53
CA PHE G 737 -12.87 69.80 -34.59
C PHE G 737 -12.92 71.32 -34.57
N LYS G 738 -13.97 71.85 -33.96
CA LYS G 738 -13.97 73.24 -33.56
C LYS G 738 -13.27 73.27 -32.20
N THR G 739 -13.42 74.35 -31.43
CA THR G 739 -12.52 74.70 -30.33
C THR G 739 -12.03 73.49 -29.54
N LEU G 740 -12.95 72.75 -28.92
CA LEU G 740 -12.65 71.51 -28.23
C LEU G 740 -13.93 70.88 -27.75
N PRO G 741 -14.04 69.56 -27.77
CA PRO G 741 -15.22 68.93 -27.16
C PRO G 741 -15.29 69.29 -25.68
N SER G 742 -16.50 69.53 -25.21
CA SER G 742 -16.69 69.89 -23.81
C SER G 742 -16.55 68.71 -22.87
N TRP G 743 -16.76 67.49 -23.37
CA TRP G 743 -16.79 66.30 -22.54
C TRP G 743 -15.41 65.72 -22.26
N ILE G 744 -14.34 66.51 -22.38
CA ILE G 744 -12.98 66.02 -22.19
C ILE G 744 -12.55 66.26 -20.74
N ASN G 745 -13.46 66.75 -19.91
CA ASN G 745 -13.11 67.03 -18.53
C ASN G 745 -12.73 65.74 -17.81
N PRO G 746 -11.81 65.83 -16.83
CA PRO G 746 -11.30 64.60 -16.20
C PRO G 746 -12.33 63.86 -15.36
N SER G 747 -13.53 64.40 -15.21
CA SER G 747 -14.56 63.66 -14.50
C SER G 747 -15.26 62.68 -15.40
N SER G 748 -15.51 63.06 -16.66
CA SER G 748 -16.25 62.20 -17.57
C SER G 748 -15.36 61.11 -18.14
N LEU G 749 -14.07 61.36 -18.26
CA LEU G 749 -13.10 60.40 -18.78
C LEU G 749 -12.01 60.16 -17.73
N PRO G 750 -12.35 59.50 -16.62
CA PRO G 750 -11.32 59.26 -15.59
C PRO G 750 -10.19 58.41 -16.10
N LEU G 751 -10.48 57.45 -16.98
CA LEU G 751 -9.46 56.61 -17.58
C LEU G 751 -9.22 57.09 -19.00
N LEU G 752 -7.96 57.38 -19.31
CA LEU G 752 -7.57 57.68 -20.69
C LEU G 752 -6.06 57.65 -20.79
N SER G 753 -5.52 56.83 -21.68
CA SER G 753 -4.08 56.73 -21.82
C SER G 753 -3.62 56.99 -23.24
N TYR G 754 -4.49 57.56 -24.08
CA TYR G 754 -4.13 57.80 -25.47
C TYR G 754 -5.10 58.82 -26.04
N LEU G 755 -4.58 59.72 -26.85
CA LEU G 755 -5.43 60.74 -27.46
C LEU G 755 -4.72 61.25 -28.70
N ASP G 756 -5.50 61.60 -29.72
CA ASP G 756 -4.95 62.04 -30.99
C ASP G 756 -6.01 62.90 -31.67
N ILE G 757 -5.81 64.21 -31.64
CA ILE G 757 -6.83 65.13 -32.14
C ILE G 757 -6.19 66.18 -33.04
N THR G 758 -6.95 66.64 -34.01
CA THR G 758 -6.57 67.77 -34.85
C THR G 758 -7.63 68.86 -34.72
N LEU G 759 -7.29 69.94 -34.03
CA LEU G 759 -8.22 71.02 -33.80
C LEU G 759 -8.07 72.08 -34.88
N PHE G 760 -9.12 72.90 -35.03
CA PHE G 760 -9.06 74.00 -35.98
C PHE G 760 -8.10 75.07 -35.51
N GLU G 761 -8.37 75.63 -34.34
CA GLU G 761 -7.49 76.62 -33.73
C GLU G 761 -7.36 76.31 -32.25
N VAL G 762 -6.13 76.18 -31.79
CA VAL G 762 -5.85 75.85 -30.39
C VAL G 762 -5.79 77.13 -29.59
N ARG G 763 -6.35 77.10 -28.38
CA ARG G 763 -6.24 78.21 -27.46
C ARG G 763 -5.06 77.98 -26.53
N SER G 764 -4.87 78.87 -25.57
CA SER G 764 -3.85 78.69 -24.55
C SER G 764 -4.38 77.89 -23.36
N GLU G 765 -5.66 77.98 -23.09
CA GLU G 765 -6.27 77.30 -21.95
C GLU G 765 -6.96 76.01 -22.38
N ASP G 766 -6.42 75.41 -23.45
CA ASP G 766 -6.83 74.09 -23.89
C ASP G 766 -5.88 73.02 -23.38
N ILE G 767 -4.57 73.30 -23.43
CA ILE G 767 -3.59 72.44 -22.81
C ILE G 767 -3.86 72.31 -21.32
N GLN G 768 -4.46 73.33 -20.71
CA GLN G 768 -4.82 73.24 -19.31
C GLN G 768 -5.77 72.09 -19.05
N LEU G 769 -6.84 72.00 -19.85
CA LEU G 769 -7.79 70.90 -19.69
C LEU G 769 -7.11 69.55 -19.85
N LEU G 770 -6.07 69.47 -20.67
CA LEU G 770 -5.33 68.23 -20.80
C LEU G 770 -4.47 67.97 -19.58
N GLY G 771 -3.98 69.02 -18.93
CA GLY G 771 -3.30 68.83 -17.67
C GLY G 771 -4.21 68.28 -16.60
N THR G 772 -5.51 68.55 -16.70
CA THR G 772 -6.45 68.04 -15.72
C THR G 772 -6.64 66.54 -15.79
N LEU G 773 -6.27 65.92 -16.90
CA LEU G 773 -6.57 64.50 -17.09
C LEU G 773 -5.62 63.64 -16.26
N PRO G 774 -6.14 62.65 -15.55
CA PRO G 774 -5.30 61.88 -14.61
C PRO G 774 -4.17 61.11 -15.27
N ALA G 775 -4.45 60.23 -16.23
CA ALA G 775 -3.41 59.33 -16.74
C ALA G 775 -2.73 59.89 -17.98
N LEU G 776 -3.46 59.98 -19.09
CA LEU G 776 -3.01 60.59 -20.34
C LEU G 776 -1.54 60.28 -20.64
N VAL G 777 -1.24 59.00 -20.83
CA VAL G 777 0.13 58.60 -21.08
C VAL G 777 0.64 59.18 -22.39
N TYR G 778 -0.16 59.11 -23.45
CA TYR G 778 0.23 59.56 -24.77
C TYR G 778 -0.69 60.67 -25.23
N LEU G 779 -0.16 61.58 -26.05
CA LEU G 779 -0.92 62.73 -26.49
C LEU G 779 -0.36 63.24 -27.81
N GLU G 780 -1.24 63.69 -28.70
CA GLU G 780 -0.82 64.23 -29.99
C GLU G 780 -1.89 65.17 -30.51
N ILE G 781 -1.54 66.42 -30.72
CA ILE G 781 -2.46 67.45 -31.18
C ILE G 781 -1.92 68.08 -32.46
N TRP G 782 -2.82 68.35 -33.39
CA TRP G 782 -2.49 69.10 -34.59
C TRP G 782 -3.29 70.40 -34.62
N ASN G 783 -2.66 71.45 -35.16
CA ASN G 783 -3.30 72.73 -35.36
C ASN G 783 -3.62 72.88 -36.84
N TYR G 784 -4.90 72.76 -37.19
CA TYR G 784 -5.28 72.71 -38.60
C TYR G 784 -5.07 74.04 -39.30
N SER G 785 -5.20 75.15 -38.57
CA SER G 785 -5.12 76.46 -39.18
C SER G 785 -3.71 76.82 -39.61
N VAL G 786 -2.70 76.28 -38.92
CA VAL G 786 -1.32 76.64 -39.24
C VAL G 786 -0.95 76.16 -40.64
N PHE G 787 -1.31 74.92 -40.97
CA PHE G 787 -0.90 74.32 -42.23
C PHE G 787 -1.87 74.67 -43.36
N GLU G 788 -3.14 74.31 -43.21
CA GLU G 788 -4.08 74.48 -44.31
C GLU G 788 -4.42 75.94 -44.53
N GLU G 789 -4.70 76.68 -43.45
CA GLU G 789 -4.85 78.12 -43.56
C GLU G 789 -3.45 78.76 -43.52
N ALA G 790 -3.40 80.08 -43.35
CA ALA G 790 -2.13 80.79 -43.35
C ALA G 790 -1.82 81.43 -42.00
N HIS G 791 -2.45 80.96 -40.93
CA HIS G 791 -2.17 81.51 -39.61
C HIS G 791 -0.73 81.21 -39.22
N GLU G 792 -0.29 81.87 -38.15
CA GLU G 792 1.09 81.78 -37.70
C GLU G 792 1.16 81.11 -36.33
N VAL G 793 2.34 80.59 -36.01
CA VAL G 793 2.53 79.87 -34.75
C VAL G 793 2.41 80.87 -33.61
N GLU G 794 1.55 80.55 -32.65
CA GLU G 794 1.31 81.40 -31.50
C GLU G 794 1.83 80.69 -30.24
N ALA G 795 2.50 81.44 -29.39
CA ALA G 795 3.12 80.86 -28.20
C ALA G 795 2.07 80.62 -27.13
N PRO G 796 1.81 79.38 -26.74
CA PRO G 796 0.89 79.13 -25.63
C PRO G 796 1.58 79.23 -24.30
N VAL G 797 0.83 79.73 -23.31
CA VAL G 797 1.36 79.94 -21.97
C VAL G 797 0.53 79.15 -20.98
N LEU G 798 1.20 78.45 -20.08
CA LEU G 798 0.57 77.64 -19.06
C LEU G 798 0.76 78.30 -17.70
N SER G 799 -0.28 78.27 -16.89
CA SER G 799 -0.27 79.02 -15.63
C SER G 799 -1.19 78.34 -14.64
N SER G 800 -1.09 78.81 -13.39
CA SER G 800 -2.01 78.45 -12.31
C SER G 800 -2.02 76.95 -12.06
N GLY G 801 -0.86 76.45 -11.65
CA GLY G 801 -0.79 75.05 -11.27
C GLY G 801 0.59 74.44 -11.29
N ALA G 802 0.70 73.30 -10.62
CA ALA G 802 1.89 72.46 -10.64
C ALA G 802 1.43 71.02 -10.80
N ALA G 803 2.35 70.17 -11.21
CA ALA G 803 2.04 68.79 -11.56
C ALA G 803 0.92 68.75 -12.60
N LEU G 804 1.17 69.44 -13.71
CA LEU G 804 0.16 69.56 -14.75
C LEU G 804 -0.02 68.26 -15.51
N PHE G 805 1.09 67.61 -15.88
CA PHE G 805 1.03 66.40 -16.69
C PHE G 805 1.60 65.22 -15.91
N PRO G 806 0.84 64.65 -14.99
CA PRO G 806 1.29 63.40 -14.34
C PRO G 806 1.17 62.24 -15.32
N CYS G 807 2.24 61.47 -15.45
CA CYS G 807 2.29 60.31 -16.34
C CYS G 807 2.05 60.72 -17.80
N ALA G 808 2.96 61.55 -18.30
CA ALA G 808 2.93 61.93 -19.72
C ALA G 808 4.31 61.63 -20.30
N THR G 809 4.47 60.46 -20.89
CA THR G 809 5.78 60.06 -21.38
C THR G 809 6.09 60.58 -22.78
N GLU G 810 5.08 60.93 -23.56
CA GLU G 810 5.31 61.50 -24.88
C GLU G 810 4.27 62.57 -25.14
N CYS G 811 4.68 63.60 -25.88
CA CYS G 811 3.80 64.68 -26.26
C CYS G 811 4.30 65.24 -27.58
N ARG G 812 3.40 65.41 -28.53
CA ARG G 812 3.73 65.90 -29.86
C ARG G 812 2.80 67.06 -30.19
N PHE G 813 3.20 68.27 -29.84
CA PHE G 813 2.42 69.45 -30.14
C PHE G 813 2.74 69.95 -31.55
N ILE G 814 2.40 69.14 -32.54
CA ILE G 814 2.71 69.46 -33.92
C ILE G 814 1.86 70.66 -34.34
N GLY G 815 2.51 71.78 -34.60
CA GLY G 815 1.86 73.03 -34.95
C GLY G 815 1.96 74.11 -33.91
N ILE G 816 2.35 73.79 -32.67
CA ILE G 816 2.42 74.74 -31.58
C ILE G 816 3.57 74.36 -30.66
N GLY G 817 4.43 75.32 -30.32
CA GLY G 817 5.59 74.95 -29.53
C GLY G 817 6.09 75.99 -28.55
N ALA G 818 6.46 75.56 -27.35
CA ALA G 818 7.17 76.40 -26.38
C ALA G 818 7.73 75.50 -25.29
N VAL G 819 9.05 75.52 -25.08
CA VAL G 819 9.67 74.69 -24.05
C VAL G 819 9.45 75.24 -22.64
N PRO G 820 9.90 76.46 -22.31
CA PRO G 820 9.89 76.86 -20.90
C PRO G 820 8.50 77.16 -20.38
N SER G 821 7.79 78.05 -21.06
CA SER G 821 6.53 78.56 -20.54
C SER G 821 5.49 77.45 -20.44
N MET G 822 5.65 76.40 -21.24
CA MET G 822 4.77 75.24 -21.12
C MET G 822 4.86 74.63 -19.73
N PHE G 823 6.07 74.40 -19.24
CA PHE G 823 6.24 73.62 -18.02
C PHE G 823 6.84 74.46 -16.91
N PRO G 824 6.02 75.02 -16.04
CA PRO G 824 6.54 75.83 -14.93
C PRO G 824 6.74 74.98 -13.68
N GLN G 825 7.71 75.40 -12.86
CA GLN G 825 7.93 74.82 -11.54
C GLN G 825 8.43 73.39 -11.61
N GLY G 826 8.38 72.78 -12.79
CA GLY G 826 8.68 71.38 -12.94
C GLY G 826 7.41 70.57 -12.92
N ALA G 827 6.92 70.25 -14.12
CA ALA G 827 5.69 69.49 -14.27
C ALA G 827 5.95 68.47 -15.37
N ALA G 828 5.15 67.41 -15.37
CA ALA G 828 5.40 66.23 -16.18
C ALA G 828 6.80 65.68 -15.91
N PRO G 829 7.07 65.20 -14.71
CA PRO G 829 8.40 64.67 -14.43
C PRO G 829 8.53 63.23 -14.90
N ARG G 830 8.00 62.96 -16.08
CA ARG G 830 8.16 61.65 -16.70
C ARG G 830 8.31 61.74 -18.21
N LEU G 831 8.32 62.94 -18.78
CA LEU G 831 8.37 63.07 -20.22
C LEU G 831 9.70 62.57 -20.74
N LYS G 832 9.67 61.97 -21.93
CA LYS G 832 10.87 61.43 -22.55
C LYS G 832 11.06 61.83 -24.00
N ARG G 833 10.01 62.28 -24.68
CA ARG G 833 10.11 62.69 -26.07
C ARG G 833 9.22 63.90 -26.26
N LEU G 834 9.78 64.99 -26.76
CA LEU G 834 9.04 66.21 -26.99
C LEU G 834 9.14 66.62 -28.44
N TRP G 835 8.00 67.00 -29.01
CA TRP G 835 7.93 67.51 -30.37
C TRP G 835 7.30 68.90 -30.31
N PHE G 836 8.02 69.90 -30.81
CA PHE G 836 7.46 71.25 -30.83
C PHE G 836 8.03 72.02 -32.00
N THR G 837 7.34 73.10 -32.35
CA THR G 837 7.73 74.00 -33.43
C THR G 837 8.23 75.32 -32.85
N PHE G 838 9.18 75.94 -33.54
CA PHE G 838 9.80 77.17 -33.05
C PHE G 838 10.08 78.10 -34.24
N PRO G 839 9.41 79.25 -34.33
CA PRO G 839 9.74 80.19 -35.40
C PRO G 839 11.10 80.82 -35.16
N ALA G 840 11.80 81.13 -36.25
CA ALA G 840 13.09 81.81 -36.13
C ALA G 840 12.91 83.25 -35.69
N LYS G 841 11.69 83.78 -35.82
CA LYS G 841 11.42 85.14 -35.34
C LYS G 841 11.73 85.28 -33.86
N TRP G 842 11.42 84.26 -33.06
CA TRP G 842 11.61 84.37 -31.63
C TRP G 842 13.03 84.02 -31.24
N SER G 843 14.01 84.60 -31.93
CA SER G 843 15.39 84.39 -31.48
C SER G 843 15.68 85.19 -30.22
N SER G 844 14.93 86.25 -29.99
CA SER G 844 15.14 87.11 -28.84
C SER G 844 14.01 86.96 -27.81
N ILE G 848 11.85 84.40 -23.27
CA ILE G 848 11.82 82.98 -23.59
C ILE G 848 13.21 82.36 -23.52
N GLY G 849 13.34 81.32 -22.71
CA GLY G 849 14.60 80.62 -22.56
C GLY G 849 14.45 79.13 -22.73
N LEU G 850 15.41 78.48 -23.38
CA LEU G 850 15.28 77.07 -23.73
C LEU G 850 15.87 76.15 -22.68
N GLY G 851 15.81 76.56 -21.41
CA GLY G 851 16.33 75.76 -20.33
C GLY G 851 15.63 74.42 -20.16
N MET G 852 16.38 73.34 -20.30
CA MET G 852 15.83 72.00 -20.25
C MET G 852 16.02 71.34 -18.89
N ARG G 853 16.17 72.12 -17.82
CA ARG G 853 16.33 71.58 -16.49
C ARG G 853 15.03 71.55 -15.70
N HIS G 854 13.93 72.06 -16.27
CA HIS G 854 12.63 71.78 -15.68
C HIS G 854 12.35 70.29 -15.68
N LEU G 855 12.75 69.61 -16.75
CA LEU G 855 12.33 68.25 -17.02
C LEU G 855 13.50 67.31 -16.84
N PRO G 856 13.51 66.49 -15.80
CA PRO G 856 14.64 65.58 -15.61
C PRO G 856 14.73 64.52 -16.69
N SER G 857 13.61 63.85 -16.95
CA SER G 857 13.67 62.61 -17.69
C SER G 857 13.78 62.77 -19.20
N LEU G 858 14.07 63.97 -19.70
CA LEU G 858 14.14 64.16 -21.15
C LEU G 858 15.20 63.26 -21.76
N GLN G 859 14.86 62.68 -22.91
CA GLN G 859 15.80 61.84 -23.65
C GLN G 859 15.81 62.09 -25.15
N ARG G 860 14.83 62.80 -25.69
CA ARG G 860 14.77 63.01 -27.13
C ARG G 860 13.89 64.21 -27.43
N VAL G 861 14.36 65.09 -28.30
CA VAL G 861 13.61 66.27 -28.69
C VAL G 861 13.68 66.39 -30.21
N VAL G 862 12.54 66.64 -30.85
CA VAL G 862 12.46 66.84 -32.29
C VAL G 862 11.85 68.21 -32.52
N VAL G 863 12.58 69.07 -33.23
CA VAL G 863 12.16 70.45 -33.45
C VAL G 863 12.09 70.70 -34.95
N ASP G 864 11.30 71.69 -35.33
CA ASP G 864 11.30 72.22 -36.69
C ASP G 864 11.15 73.73 -36.62
N VAL G 865 11.91 74.43 -37.45
CA VAL G 865 12.05 75.88 -37.39
C VAL G 865 11.40 76.49 -38.63
N ILE G 866 10.76 77.64 -38.45
CA ILE G 866 10.16 78.39 -39.53
C ILE G 866 11.05 79.60 -39.79
N SER G 867 11.64 79.65 -40.98
CA SER G 867 12.71 80.59 -41.25
C SER G 867 12.35 81.68 -42.25
N GLU G 868 11.08 81.86 -42.62
CA GLU G 868 10.86 82.81 -43.71
C GLU G 868 10.79 84.23 -43.15
N GLY G 869 10.17 84.37 -41.97
CA GLY G 869 10.08 85.68 -41.33
C GLY G 869 11.43 86.23 -40.91
N ALA G 870 12.24 85.42 -40.26
CA ALA G 870 13.54 85.90 -39.79
C ALA G 870 14.63 85.53 -40.79
N SER G 871 15.71 86.29 -40.77
CA SER G 871 16.82 86.04 -41.68
C SER G 871 17.64 84.84 -41.23
N ARG G 872 18.52 84.38 -42.12
CA ARG G 872 19.38 83.26 -41.81
C ARG G 872 20.30 83.55 -40.63
N GLU G 873 20.71 84.81 -40.49
CA GLU G 873 21.59 85.18 -39.37
C GLU G 873 20.91 84.99 -38.03
N GLU G 874 19.59 85.14 -37.97
CA GLU G 874 18.87 84.72 -36.79
C GLU G 874 18.64 83.21 -36.77
N ALA G 875 18.56 82.59 -37.95
CA ALA G 875 18.26 81.17 -38.02
C ALA G 875 19.36 80.33 -37.39
N ASP G 876 20.59 80.48 -37.87
CA ASP G 876 21.70 79.70 -37.31
C ASP G 876 21.96 80.09 -35.87
N GLU G 877 21.70 81.37 -35.54
CA GLU G 877 21.79 81.79 -34.15
C GLU G 877 20.90 80.96 -33.26
N ALA G 878 19.61 80.88 -33.60
CA ALA G 878 18.67 80.09 -32.81
C ALA G 878 19.04 78.61 -32.82
N GLU G 879 19.55 78.12 -33.95
CA GLU G 879 19.97 76.73 -34.03
C GLU G 879 21.06 76.43 -33.01
N ALA G 880 22.16 77.19 -33.05
CA ALA G 880 23.23 76.97 -32.08
C ALA G 880 22.73 77.18 -30.66
N ALA G 881 21.81 78.12 -30.47
CA ALA G 881 21.30 78.40 -29.13
C ALA G 881 20.58 77.19 -28.54
N LEU G 882 19.62 76.63 -29.29
CA LEU G 882 18.90 75.48 -28.76
C LEU G 882 19.79 74.25 -28.69
N ARG G 883 20.79 74.16 -29.58
CA ARG G 883 21.75 73.07 -29.46
C ARG G 883 22.47 73.12 -28.13
N ALA G 884 22.98 74.30 -27.76
CA ALA G 884 23.64 74.44 -26.46
C ALA G 884 22.66 74.15 -25.33
N ALA G 885 21.41 74.62 -25.47
CA ALA G 885 20.41 74.39 -24.45
C ALA G 885 20.15 72.90 -24.27
N ALA G 886 20.32 72.11 -25.33
CA ALA G 886 20.19 70.66 -25.20
C ALA G 886 21.46 70.05 -24.62
N GLU G 887 22.61 70.64 -24.91
CA GLU G 887 23.87 70.07 -24.44
C GLU G 887 24.05 70.26 -22.94
N ASP G 888 23.50 71.34 -22.38
CA ASP G 888 23.71 71.57 -20.95
C ASP G 888 23.00 70.53 -20.10
N HIS G 889 21.89 69.98 -20.60
CA HIS G 889 21.10 69.04 -19.82
C HIS G 889 21.93 67.80 -19.50
N PRO G 890 21.83 67.27 -18.27
CA PRO G 890 22.68 66.13 -17.90
C PRO G 890 22.38 64.88 -18.70
N ASN G 891 21.11 64.61 -18.97
CA ASN G 891 20.76 63.43 -19.76
C ASN G 891 21.23 63.56 -21.20
N ARG G 892 21.42 64.78 -21.70
CA ARG G 892 21.90 65.06 -23.04
C ARG G 892 21.03 64.41 -24.09
N PRO G 893 19.81 64.91 -24.29
CA PRO G 893 18.93 64.34 -25.31
C PRO G 893 19.45 64.62 -26.71
N ILE G 894 18.80 64.00 -27.68
CA ILE G 894 19.16 64.12 -29.08
C ILE G 894 18.25 65.15 -29.74
N LEU G 895 18.80 65.90 -30.69
CA LEU G 895 18.05 66.94 -31.37
C LEU G 895 17.85 66.61 -32.84
N ASP G 896 16.84 67.27 -33.42
CA ASP G 896 16.54 67.22 -34.84
C ASP G 896 15.85 68.53 -35.20
N ILE G 897 16.44 69.30 -36.10
CA ILE G 897 15.90 70.63 -36.41
C ILE G 897 14.97 70.58 -37.62
N TRP G 898 15.31 69.79 -38.63
CA TRP G 898 14.43 69.60 -39.78
C TRP G 898 14.08 70.92 -40.48
N VAL H 1 16.74 43.66 -89.41
CA VAL H 1 17.59 44.85 -89.45
C VAL H 1 17.06 45.97 -88.56
N ASN H 2 17.98 46.62 -87.85
CA ASN H 2 17.68 47.82 -87.07
C ASN H 2 18.30 49.04 -87.73
N PHE H 3 17.46 50.03 -88.03
CA PHE H 3 17.95 51.28 -88.59
C PHE H 3 18.79 52.01 -87.55
N PRO H 4 19.96 52.52 -87.93
CA PRO H 4 20.83 53.17 -86.95
C PRO H 4 20.29 54.52 -86.51
N PHE H 5 20.65 54.91 -85.29
CA PHE H 5 20.13 56.13 -84.71
C PHE H 5 20.67 57.36 -85.44
N PRO H 6 19.85 58.39 -85.63
CA PRO H 6 20.37 59.65 -86.14
C PRO H 6 21.25 60.31 -85.11
N LYS H 7 22.33 60.94 -85.58
CA LYS H 7 23.32 61.58 -84.71
C LYS H 7 23.50 63.01 -85.18
N LYS H 8 22.65 63.91 -84.68
CA LYS H 8 22.74 65.32 -85.02
C LYS H 8 22.72 66.15 -83.75
N MET H 9 23.49 67.23 -83.79
CA MET H 9 23.50 68.22 -82.73
C MET H 9 22.64 69.39 -83.19
N ILE H 10 21.79 69.90 -82.28
CA ILE H 10 20.68 70.74 -82.68
C ILE H 10 21.17 72.13 -83.08
N THR H 11 20.72 72.59 -84.25
CA THR H 11 21.17 73.84 -84.85
C THR H 11 20.03 74.85 -84.84
N GLU H 12 20.36 76.11 -84.57
CA GLU H 12 19.34 77.16 -84.63
C GLU H 12 18.82 77.36 -86.03
N SER H 13 19.63 77.04 -87.03
CA SER H 13 19.21 77.18 -88.42
C SER H 13 17.97 76.36 -88.73
N ASN H 14 18.05 75.04 -88.58
CA ASN H 14 16.87 74.21 -88.81
C ASN H 14 15.86 74.38 -87.68
N SER H 15 16.34 74.84 -86.52
CA SER H 15 15.43 75.20 -85.44
C SER H 15 14.41 76.22 -85.88
N LYS H 16 14.83 77.26 -86.59
CA LYS H 16 13.89 78.25 -87.08
C LYS H 16 12.79 77.61 -87.92
N ASP H 17 13.19 76.81 -88.92
CA ASP H 17 12.23 76.22 -89.82
C ASP H 17 11.27 75.30 -89.07
N ILE H 18 11.81 74.39 -88.26
CA ILE H 18 10.96 73.46 -87.52
C ILE H 18 10.05 74.22 -86.56
N ARG H 19 10.54 75.30 -85.98
CA ARG H 19 9.75 76.07 -85.03
C ARG H 19 8.56 76.74 -85.70
N GLU H 20 8.77 77.48 -86.79
CA GLU H 20 7.62 78.08 -87.45
C GLU H 20 6.71 77.01 -88.05
N TYR H 21 7.27 75.87 -88.44
CA TYR H 21 6.41 74.80 -88.95
C TYR H 21 5.46 74.30 -87.87
N LEU H 22 5.98 74.07 -86.66
CA LEU H 22 5.13 73.66 -85.56
C LEU H 22 4.15 74.77 -85.17
N ALA H 23 4.57 76.02 -85.27
CA ALA H 23 3.70 77.14 -84.92
C ALA H 23 2.62 77.39 -85.97
N SER H 24 2.82 76.89 -87.19
CA SER H 24 1.89 77.12 -88.28
C SER H 24 0.85 76.01 -88.42
N THR H 25 1.30 74.76 -88.40
CA THR H 25 0.39 73.63 -88.58
C THR H 25 -0.50 73.46 -87.36
N PHE H 26 -1.75 73.05 -87.62
CA PHE H 26 -2.80 73.09 -86.60
C PHE H 26 -2.49 72.25 -85.36
N PRO H 27 -2.28 70.93 -85.47
CA PRO H 27 -2.21 70.13 -84.24
C PRO H 27 -1.01 70.46 -83.38
N PHE H 28 0.10 70.89 -83.98
CA PHE H 28 1.31 71.17 -83.22
C PHE H 28 1.30 72.56 -82.60
N GLU H 29 0.28 73.37 -82.85
CA GLU H 29 0.18 74.68 -82.24
C GLU H 29 -0.10 74.56 -80.74
N GLN H 30 -1.20 73.90 -80.39
CA GLN H 30 -1.64 73.84 -79.00
C GLN H 30 -0.79 72.91 -78.14
N GLN H 31 -0.01 72.03 -78.76
CA GLN H 31 0.89 71.17 -78.01
C GLN H 31 2.28 71.79 -77.92
N SER H 32 2.94 71.53 -76.79
CA SER H 32 4.36 71.81 -76.61
C SER H 32 5.14 70.53 -76.77
N THR H 33 6.44 70.69 -76.95
CA THR H 33 7.32 69.61 -77.36
C THR H 33 8.43 69.43 -76.36
N ILE H 34 9.10 68.27 -76.43
CA ILE H 34 10.24 68.08 -75.54
C ILE H 34 11.38 68.99 -75.98
N LEU H 35 11.43 69.33 -77.26
CA LEU H 35 12.56 70.08 -77.80
C LEU H 35 12.67 71.46 -77.19
N ASP H 36 11.63 71.94 -76.51
CA ASP H 36 11.73 73.20 -75.78
C ASP H 36 12.81 73.13 -74.70
N SER H 37 13.16 71.92 -74.28
CA SER H 37 14.19 71.69 -73.28
C SER H 37 15.60 71.91 -73.83
N VAL H 38 15.74 72.03 -75.15
CA VAL H 38 17.06 72.14 -75.76
C VAL H 38 17.60 73.55 -75.53
N LYS H 39 18.92 73.72 -75.68
CA LYS H 39 19.56 75.00 -75.41
C LYS H 39 18.98 76.12 -76.27
N SER H 40 19.14 76.01 -77.59
CA SER H 40 18.82 77.11 -78.51
C SER H 40 17.90 76.59 -79.60
N ILE H 41 16.59 76.58 -79.31
CA ILE H 41 15.56 76.47 -80.34
C ILE H 41 14.55 77.59 -80.11
N ALA H 42 14.99 78.70 -79.55
CA ALA H 42 14.08 79.73 -79.05
C ALA H 42 13.44 80.45 -80.24
N LYS H 43 12.81 81.60 -79.95
CA LYS H 43 11.98 82.33 -80.92
C LYS H 43 10.70 81.60 -81.29
N VAL H 44 9.75 81.53 -80.34
CA VAL H 44 8.47 80.88 -80.59
C VAL H 44 7.47 81.82 -81.27
N GLN H 45 7.35 83.07 -80.80
CA GLN H 45 6.31 84.04 -81.23
C GLN H 45 4.92 83.39 -81.34
N ILE H 46 4.32 83.01 -80.23
CA ILE H 46 2.93 82.53 -80.31
C ILE H 46 2.03 83.37 -79.40
N ASP H 47 0.83 83.64 -79.90
CA ASP H 47 -0.27 84.27 -79.16
C ASP H 47 -1.44 83.30 -79.04
N ASP H 48 -2.05 83.27 -77.86
CA ASP H 48 -3.09 82.29 -77.58
C ASP H 48 -4.51 82.78 -77.86
N ARG H 49 -4.69 84.06 -78.17
CA ARG H 49 -6.05 84.54 -78.42
C ARG H 49 -6.67 83.85 -79.63
N LYS H 50 -5.91 83.77 -80.73
CA LYS H 50 -6.41 83.08 -81.92
C LYS H 50 -6.63 81.59 -81.64
N ALA H 51 -5.68 80.95 -80.97
CA ALA H 51 -5.88 79.56 -80.59
C ALA H 51 -7.12 79.40 -79.73
N PHE H 52 -7.40 80.41 -78.92
CA PHE H 52 -8.53 80.37 -78.00
C PHE H 52 -9.86 80.43 -78.74
N ASP H 53 -10.01 81.40 -79.65
CA ASP H 53 -11.27 81.47 -80.38
C ASP H 53 -11.40 80.30 -81.35
N LEU H 54 -10.26 79.77 -81.83
CA LEU H 54 -10.29 78.51 -82.55
C LEU H 54 -10.87 77.39 -81.72
N GLN H 55 -10.45 77.28 -80.46
CA GLN H 55 -11.01 76.28 -79.57
C GLN H 55 -12.50 76.52 -79.36
N LEU H 56 -12.89 77.79 -79.28
CA LEU H 56 -14.31 78.12 -79.16
C LEU H 56 -15.10 77.56 -80.35
N LYS H 57 -14.61 77.82 -81.57
CA LYS H 57 -15.27 77.30 -82.75
C LYS H 57 -15.28 75.77 -82.75
N PHE H 58 -14.17 75.16 -82.35
CA PHE H 58 -14.10 73.70 -82.29
C PHE H 58 -15.16 73.13 -81.36
N ARG H 59 -15.29 73.72 -80.18
CA ARG H 59 -16.27 73.25 -79.20
C ARG H 59 -17.68 73.43 -79.73
N GLN H 60 -17.98 74.60 -80.31
CA GLN H 60 -19.29 74.84 -80.89
C GLN H 60 -19.61 73.79 -81.95
N GLU H 61 -18.69 73.56 -82.88
CA GLU H 61 -18.92 72.60 -83.95
C GLU H 61 -19.12 71.19 -83.40
N ASN H 62 -18.33 70.80 -82.40
CA ASN H 62 -18.42 69.44 -81.89
C ASN H 62 -19.72 69.21 -81.15
N LEU H 63 -20.15 70.18 -80.33
CA LEU H 63 -21.42 70.03 -79.64
C LEU H 63 -22.57 69.97 -80.64
N ALA H 64 -22.52 70.82 -81.67
CA ALA H 64 -23.56 70.78 -82.70
C ALA H 64 -23.59 69.42 -83.38
N GLU H 65 -22.42 68.87 -83.71
CA GLU H 65 -22.35 67.59 -84.41
C GLU H 65 -22.92 66.46 -83.57
N LEU H 66 -22.53 66.38 -82.30
CA LEU H 66 -23.06 65.34 -81.44
C LEU H 66 -24.56 65.50 -81.24
N LYS H 67 -25.05 66.74 -81.18
CA LYS H 67 -26.49 66.94 -81.10
C LYS H 67 -27.19 66.40 -82.35
N ASP H 68 -26.59 66.69 -83.51
CA ASP H 68 -27.07 66.12 -84.78
C ASP H 68 -27.18 64.61 -84.68
N GLN H 69 -26.17 63.97 -84.11
CA GLN H 69 -26.21 62.52 -84.00
C GLN H 69 -27.23 62.09 -82.96
N ILE H 70 -27.49 62.93 -81.96
CA ILE H 70 -28.39 62.55 -80.87
C ILE H 70 -29.82 62.46 -81.36
N ILE H 71 -30.24 63.42 -82.20
CA ILE H 71 -31.61 63.36 -82.73
C ILE H 71 -31.86 62.03 -83.45
N LEU H 72 -30.96 61.67 -84.38
CA LEU H 72 -31.18 60.45 -85.16
C LEU H 72 -30.95 59.20 -84.33
N SER H 73 -30.09 59.26 -83.31
CA SER H 73 -29.97 58.14 -82.40
C SER H 73 -31.23 57.95 -81.57
N LEU H 74 -31.95 59.03 -81.28
CA LEU H 74 -33.26 58.90 -80.65
C LEU H 74 -34.29 58.37 -81.64
N GLY H 75 -34.09 58.65 -82.93
CA GLY H 75 -35.05 58.21 -83.92
C GLY H 75 -35.22 56.70 -83.96
N ALA H 76 -34.12 55.96 -84.04
CA ALA H 76 -34.14 54.50 -84.13
C ALA H 76 -33.18 53.93 -83.09
N ASN H 77 -33.73 53.60 -81.92
CA ASN H 77 -32.96 53.14 -80.79
C ASN H 77 -33.39 51.72 -80.42
N ASN H 78 -32.43 50.91 -79.97
CA ASN H 78 -32.69 49.53 -79.61
C ASN H 78 -32.92 49.42 -78.12
N GLY H 79 -34.12 49.76 -77.68
CA GLY H 79 -34.40 49.88 -76.27
C GLY H 79 -34.23 51.33 -75.88
N ASN H 80 -35.34 52.04 -75.66
CA ASN H 80 -35.27 53.47 -75.47
C ASN H 80 -34.50 53.80 -74.21
N GLN H 81 -33.44 54.59 -74.37
CA GLN H 81 -32.56 54.94 -73.26
C GLN H 81 -32.76 56.38 -72.81
N ASN H 82 -33.93 56.96 -73.04
CA ASN H 82 -34.23 58.33 -72.64
C ASN H 82 -33.21 59.29 -73.23
N TRP H 83 -33.00 59.15 -74.54
CA TRP H 83 -31.98 59.94 -75.21
C TRP H 83 -32.32 61.42 -75.23
N GLN H 84 -33.61 61.75 -75.15
CA GLN H 84 -33.99 63.16 -75.08
C GLN H 84 -33.49 63.80 -73.79
N LYS H 85 -33.18 62.99 -72.77
CA LYS H 85 -32.58 63.53 -71.56
C LYS H 85 -31.17 64.04 -71.83
N LEU H 86 -30.33 63.22 -72.47
CA LEU H 86 -29.03 63.68 -72.91
C LEU H 86 -29.17 64.84 -73.89
N LEU H 87 -30.25 64.85 -74.67
CA LEU H 87 -30.49 65.99 -75.56
C LEU H 87 -30.74 67.26 -74.76
N ASP H 88 -31.57 67.20 -73.72
CA ASP H 88 -31.75 68.35 -72.85
C ASP H 88 -30.43 68.77 -72.22
N TYR H 89 -29.58 67.79 -71.92
CA TYR H 89 -28.28 68.10 -71.36
C TYR H 89 -27.46 68.93 -72.35
N THR H 90 -27.41 68.49 -73.62
CA THR H 90 -26.68 69.27 -74.61
C THR H 90 -27.40 70.57 -74.92
N ASN H 91 -28.71 70.63 -74.70
CA ASN H 91 -29.44 71.88 -74.86
C ASN H 91 -28.95 72.92 -73.86
N LYS H 92 -28.97 72.57 -72.58
CA LYS H 92 -28.47 73.50 -71.57
C LYS H 92 -26.98 73.74 -71.76
N LEU H 93 -26.27 72.75 -72.30
CA LEU H 93 -24.86 72.91 -72.66
C LEU H 93 -24.66 74.05 -73.64
N ASP H 94 -25.35 74.01 -74.79
CA ASP H 94 -25.23 75.08 -75.75
C ASP H 94 -25.74 76.40 -75.18
N GLU H 95 -26.80 76.34 -74.36
CA GLU H 95 -27.32 77.55 -73.73
C GLU H 95 -26.24 78.25 -72.91
N LEU H 96 -25.68 77.54 -71.94
CA LEU H 96 -24.62 78.09 -71.11
C LEU H 96 -23.43 78.53 -71.96
N SER H 97 -23.15 77.79 -73.04
CA SER H 97 -21.97 78.07 -73.85
C SER H 97 -22.10 79.38 -74.62
N ASN H 98 -23.32 79.75 -75.05
CA ASN H 98 -23.40 80.90 -75.95
C ASN H 98 -23.49 82.23 -75.21
N THR H 99 -24.32 82.33 -74.19
CA THR H 99 -24.61 83.62 -73.59
C THR H 99 -23.57 83.99 -72.55
N LYS H 100 -23.46 85.29 -72.30
CA LYS H 100 -22.79 85.77 -71.11
C LYS H 100 -23.79 85.94 -69.98
N ILE H 101 -23.47 85.40 -68.81
CA ILE H 101 -24.35 85.45 -67.65
C ILE H 101 -23.54 85.86 -66.42
N SER H 102 -24.22 85.99 -65.29
CA SER H 102 -23.53 86.27 -64.05
C SER H 102 -22.74 85.03 -63.62
N PRO H 103 -21.63 85.21 -62.89
CA PRO H 103 -20.85 84.04 -62.45
C PRO H 103 -21.64 83.06 -61.59
N GLU H 104 -22.54 83.57 -60.73
CA GLU H 104 -23.26 82.68 -59.82
C GLU H 104 -24.17 81.73 -60.59
N GLU H 105 -24.90 82.25 -61.58
CA GLU H 105 -25.79 81.40 -62.36
C GLU H 105 -25.02 80.30 -63.07
N PHE H 106 -23.87 80.64 -63.66
CA PHE H 106 -23.03 79.65 -64.30
C PHE H 106 -22.59 78.58 -63.31
N ILE H 107 -22.18 79.00 -62.11
CA ILE H 107 -21.85 78.02 -61.06
C ILE H 107 -23.01 77.07 -60.82
N GLU H 108 -24.19 77.64 -60.57
CA GLU H 108 -25.34 76.80 -60.20
C GLU H 108 -25.63 75.78 -61.28
N GLU H 109 -25.72 76.24 -62.53
CA GLU H 109 -26.18 75.35 -63.59
C GLU H 109 -25.11 74.33 -63.95
N ILE H 110 -23.84 74.74 -63.94
CA ILE H 110 -22.75 73.80 -64.16
C ILE H 110 -22.75 72.71 -63.10
N GLN H 111 -22.86 73.11 -61.83
CA GLN H 111 -22.90 72.12 -60.75
C GLN H 111 -24.10 71.20 -60.90
N LYS H 112 -25.25 71.75 -61.27
CA LYS H 112 -26.46 70.93 -61.39
C LYS H 112 -26.29 69.87 -62.46
N VAL H 113 -25.91 70.29 -63.67
CA VAL H 113 -25.74 69.34 -64.76
C VAL H 113 -24.69 68.30 -64.41
N LEU H 114 -23.56 68.74 -63.84
CA LEU H 114 -22.48 67.83 -63.53
C LEU H 114 -22.89 66.82 -62.46
N TYR H 115 -23.62 67.28 -61.44
CA TYR H 115 -24.01 66.39 -60.37
C TYR H 115 -25.11 65.43 -60.78
N LYS H 116 -25.94 65.79 -61.76
CA LYS H 116 -26.97 64.86 -62.18
C LYS H 116 -26.48 63.90 -63.26
N VAL H 117 -25.44 64.26 -64.02
CA VAL H 117 -24.87 63.23 -64.88
C VAL H 117 -24.08 62.21 -64.06
N LYS H 118 -23.80 62.51 -62.80
CA LYS H 118 -23.05 61.60 -61.94
C LYS H 118 -23.68 60.21 -61.89
N LEU H 119 -24.98 60.13 -61.72
CA LEU H 119 -25.66 58.84 -61.64
C LEU H 119 -25.98 58.36 -63.05
N SER H 123 -25.98 51.94 -68.40
CA SER H 123 -25.14 50.75 -68.56
C SER H 123 -25.65 49.87 -69.70
N THR H 124 -26.74 50.31 -70.34
CA THR H 124 -27.34 49.53 -71.40
C THR H 124 -26.46 49.49 -72.65
N SER H 125 -26.21 50.64 -73.25
CA SER H 125 -25.36 50.74 -74.44
C SER H 125 -23.98 51.25 -74.07
N LYS H 126 -23.04 51.08 -75.00
CA LYS H 126 -21.69 51.52 -74.72
C LYS H 126 -21.45 52.94 -75.26
N LEU H 127 -21.90 53.22 -76.47
CA LEU H 127 -21.77 54.56 -77.02
C LEU H 127 -22.71 55.52 -76.31
N TYR H 128 -23.75 55.00 -75.65
CA TYR H 128 -24.53 55.81 -74.72
C TYR H 128 -23.64 56.38 -73.64
N SER H 129 -22.90 55.52 -72.96
CA SER H 129 -21.94 55.96 -71.96
C SER H 129 -20.88 56.86 -72.58
N GLN H 130 -20.48 56.58 -73.83
CA GLN H 130 -19.53 57.46 -74.52
C GLN H 130 -20.11 58.86 -74.65
N PHE H 131 -21.38 58.97 -75.01
CA PHE H 131 -22.03 60.27 -75.11
C PHE H 131 -22.09 60.95 -73.76
N ASN H 132 -22.36 60.19 -72.70
CA ASN H 132 -22.36 60.76 -71.36
C ASN H 132 -20.99 61.35 -71.02
N LEU H 133 -19.95 60.57 -71.27
CA LEU H 133 -18.59 61.00 -70.99
C LEU H 133 -18.23 62.24 -71.79
N SER H 134 -18.63 62.27 -73.06
CA SER H 134 -18.39 63.45 -73.88
C SER H 134 -19.14 64.65 -73.36
N ILE H 135 -20.37 64.46 -72.87
CA ILE H 135 -21.11 65.54 -72.25
C ILE H 135 -20.30 66.14 -71.10
N GLN H 136 -19.81 65.27 -70.21
CA GLN H 136 -19.03 65.75 -69.08
C GLN H 136 -17.78 66.49 -69.53
N ASP H 137 -17.05 65.91 -70.50
CA ASP H 137 -15.83 66.53 -70.96
C ASP H 137 -16.10 67.89 -71.57
N PHE H 138 -17.15 68.00 -72.38
CA PHE H 138 -17.47 69.29 -72.98
C PHE H 138 -17.90 70.30 -71.93
N ALA H 139 -18.59 69.85 -70.89
CA ALA H 139 -18.98 70.77 -69.82
C ALA H 139 -17.75 71.36 -69.14
N LEU H 140 -16.80 70.52 -68.74
CA LEU H 140 -15.63 71.06 -68.05
C LEU H 140 -14.71 71.82 -69.02
N GLN H 141 -14.75 71.48 -70.32
CA GLN H 141 -14.08 72.32 -71.30
C GLN H 141 -14.70 73.71 -71.37
N ILE H 142 -16.02 73.77 -71.30
CA ILE H 142 -16.71 75.06 -71.21
C ILE H 142 -16.24 75.81 -69.98
N ILE H 143 -16.08 75.09 -68.87
CA ILE H 143 -15.59 75.71 -67.64
C ILE H 143 -14.21 76.34 -67.87
N HIS H 144 -13.30 75.57 -68.46
CA HIS H 144 -11.95 76.08 -68.71
C HIS H 144 -11.97 77.30 -69.62
N SER H 145 -12.72 77.23 -70.72
CA SER H 145 -12.81 78.37 -71.62
C SER H 145 -13.37 79.59 -70.91
N LYS H 146 -14.44 79.39 -70.13
CA LYS H 146 -15.06 80.49 -69.40
C LYS H 146 -14.07 81.15 -68.46
N TYR H 147 -13.27 80.34 -67.76
CA TYR H 147 -12.25 80.92 -66.89
C TYR H 147 -11.24 81.71 -67.71
N LYS H 148 -10.78 81.14 -68.83
CA LYS H 148 -9.82 81.84 -69.66
C LYS H 148 -10.44 83.07 -70.31
N SER H 149 -11.76 83.11 -70.44
CA SER H 149 -12.44 84.27 -70.99
C SER H 149 -12.58 85.42 -69.98
N ASN H 150 -11.92 85.32 -68.83
CA ASN H 150 -11.87 86.34 -67.79
C ASN H 150 -13.24 86.72 -67.27
N GLN H 151 -14.26 85.90 -67.53
CA GLN H 151 -15.59 86.15 -66.99
C GLN H 151 -15.76 85.58 -65.59
N ILE H 152 -14.80 84.80 -65.11
CA ILE H 152 -14.85 84.16 -63.81
C ILE H 152 -13.55 84.43 -63.08
N SER H 153 -13.64 84.74 -61.80
CA SER H 153 -12.48 85.10 -61.00
C SER H 153 -11.64 83.85 -60.69
N GLN H 154 -10.65 84.03 -59.83
CA GLN H 154 -9.89 82.89 -59.33
C GLN H 154 -10.54 82.31 -58.07
N ASN H 155 -11.04 83.19 -57.22
CA ASN H 155 -11.60 82.77 -55.94
C ASN H 155 -12.74 81.78 -56.15
N ASP H 156 -13.70 82.15 -56.99
CA ASP H 156 -14.84 81.29 -57.27
C ASP H 156 -14.42 80.03 -58.02
N LEU H 157 -13.44 80.13 -58.91
CA LEU H 157 -12.97 78.93 -59.60
C LEU H 157 -12.43 77.92 -58.61
N LEU H 158 -11.68 78.38 -57.61
CA LEU H 158 -11.18 77.47 -56.58
C LEU H 158 -12.33 76.89 -55.77
N LYS H 159 -13.23 77.76 -55.29
CA LYS H 159 -14.40 77.27 -54.54
C LYS H 159 -15.20 76.26 -55.34
N LEU H 160 -15.13 76.34 -56.65
CA LEU H 160 -15.81 75.38 -57.52
C LEU H 160 -15.04 74.07 -57.59
N ILE H 161 -13.73 74.15 -57.80
CA ILE H 161 -12.96 72.95 -58.15
C ILE H 161 -12.51 72.20 -56.90
N THR H 162 -12.24 72.92 -55.83
CA THR H 162 -11.65 72.28 -54.65
C THR H 162 -12.67 71.46 -53.86
N GLU H 163 -13.96 71.67 -54.04
CA GLU H 163 -14.94 70.87 -53.32
C GLU H 163 -14.83 69.42 -53.79
N ASP H 164 -15.17 68.48 -52.88
CA ASP H 164 -14.76 67.09 -53.04
C ASP H 164 -15.28 66.46 -54.33
N GLU H 165 -16.56 66.64 -54.63
CA GLU H 165 -17.17 65.92 -55.75
C GLU H 165 -16.50 66.27 -57.07
N MET H 166 -16.14 67.53 -57.27
CA MET H 166 -15.47 67.91 -58.50
C MET H 166 -14.10 67.26 -58.59
N LEU H 167 -13.40 67.13 -57.46
CA LEU H 167 -12.13 66.41 -57.47
C LEU H 167 -12.32 64.96 -57.82
N LYS H 168 -13.40 64.36 -57.34
CA LYS H 168 -13.65 62.95 -57.65
C LYS H 168 -14.15 62.74 -59.06
N ILE H 169 -14.39 63.81 -59.82
CA ILE H 169 -14.88 63.73 -61.19
C ILE H 169 -13.78 64.06 -62.19
N LEU H 170 -12.93 65.02 -61.85
CA LEU H 170 -11.84 65.39 -62.75
C LEU H 170 -11.00 64.20 -63.15
N ALA H 171 -10.59 63.39 -62.16
CA ALA H 171 -9.71 62.26 -62.45
C ALA H 171 -10.45 61.20 -63.26
N LYS H 172 -11.71 60.92 -62.90
CA LYS H 172 -12.49 59.95 -63.64
C LYS H 172 -12.55 60.32 -65.13
N THR H 173 -12.89 61.57 -65.41
CA THR H 173 -13.01 61.98 -66.81
C THR H 173 -11.64 61.97 -67.48
N LYS H 174 -10.62 62.52 -66.80
CA LYS H 174 -9.29 62.62 -67.39
C LYS H 174 -8.72 61.27 -67.77
N VAL H 175 -9.06 60.21 -67.03
CA VAL H 175 -8.56 58.89 -67.37
C VAL H 175 -9.45 58.21 -68.40
N LEU H 176 -10.77 58.25 -68.19
CA LEU H 176 -11.67 57.49 -69.04
C LEU H 176 -11.69 58.03 -70.46
N THR H 177 -11.70 59.35 -70.63
CA THR H 177 -11.72 59.91 -71.97
C THR H 177 -10.41 59.57 -72.71
N TYR H 178 -9.28 59.71 -72.03
CA TYR H 178 -8.01 59.36 -72.66
C TYR H 178 -7.99 57.91 -73.09
N LYS H 179 -8.47 57.00 -72.23
CA LYS H 179 -8.55 55.60 -72.61
C LYS H 179 -9.42 55.43 -73.85
N MET H 180 -10.68 55.87 -73.76
CA MET H 180 -11.63 55.71 -74.85
C MET H 180 -11.12 56.30 -76.16
N LYS H 181 -10.29 57.34 -76.08
CA LYS H 181 -9.84 58.00 -77.29
C LYS H 181 -8.53 57.45 -77.85
N TYR H 182 -7.66 56.89 -77.02
CA TYR H 182 -6.32 56.54 -77.49
C TYR H 182 -5.90 55.10 -77.27
N PHE H 183 -6.75 54.26 -76.65
CA PHE H 183 -6.28 52.94 -76.26
C PHE H 183 -6.02 52.06 -77.49
N ASP H 184 -6.92 52.08 -78.47
CA ASP H 184 -6.74 51.25 -79.66
C ASP H 184 -5.53 51.72 -80.46
N SER H 185 -5.35 53.03 -80.57
CA SER H 185 -4.16 53.56 -81.24
C SER H 185 -2.90 53.11 -80.54
N ALA H 186 -2.89 53.15 -79.20
CA ALA H 186 -1.71 52.77 -78.45
C ALA H 186 -1.44 51.28 -78.59
N SER H 187 -2.50 50.47 -78.64
CA SER H 187 -2.35 49.03 -78.81
C SER H 187 -1.78 48.68 -80.17
N LYS H 188 -2.35 49.26 -81.24
CA LYS H 188 -1.81 48.97 -82.57
C LYS H 188 -0.39 49.49 -82.72
N MET H 189 -0.08 50.64 -82.10
CA MET H 189 1.28 51.13 -82.11
C MET H 189 2.18 50.34 -81.18
N GLY H 190 1.61 49.60 -80.23
CA GLY H 190 2.40 48.78 -79.33
C GLY H 190 3.14 49.53 -78.25
N ILE H 191 2.65 50.71 -77.84
CA ILE H 191 3.25 51.47 -76.75
C ILE H 191 2.33 51.57 -75.54
N ASN H 192 1.13 50.99 -75.60
CA ASN H 192 0.18 51.10 -74.49
C ASN H 192 0.79 50.64 -73.18
N LYS H 193 1.75 49.72 -73.22
CA LYS H 193 2.47 49.34 -72.02
C LYS H 193 3.27 50.49 -71.42
N TYR H 194 3.40 51.61 -72.14
CA TYR H 194 4.08 52.81 -71.64
C TYR H 194 3.09 53.95 -71.75
N ILE H 195 2.23 54.08 -70.75
CA ILE H 195 1.24 55.16 -70.67
C ILE H 195 1.20 55.61 -69.21
N SER H 196 1.69 56.81 -68.94
CA SER H 196 1.78 57.32 -67.57
C SER H 196 0.72 58.39 -67.36
N THR H 197 0.01 58.29 -66.23
CA THR H 197 -0.92 59.33 -65.85
C THR H 197 -0.24 60.67 -65.65
N GLU H 198 1.08 60.66 -65.44
CA GLU H 198 1.80 61.90 -65.19
C GLU H 198 1.87 62.79 -66.42
N MET H 199 1.96 62.18 -67.60
CA MET H 199 2.12 62.92 -68.86
C MET H 199 0.82 62.96 -69.67
N MET H 200 -0.31 62.71 -69.03
CA MET H 200 -1.59 62.80 -69.74
C MET H 200 -1.83 64.21 -70.26
N ASP H 201 -1.60 65.22 -69.41
CA ASP H 201 -1.91 66.59 -69.78
C ASP H 201 -0.79 67.22 -70.58
N LEU H 202 -0.34 66.54 -71.64
CA LEU H 202 0.61 67.10 -72.58
C LEU H 202 0.07 67.04 -74.00
N ASP H 203 -1.15 66.58 -74.19
CA ASP H 203 -1.83 66.57 -75.49
C ASP H 203 -2.75 67.77 -75.57
N TRP H 204 -2.92 68.30 -76.79
CA TRP H 204 -3.86 69.39 -76.98
C TRP H 204 -5.28 68.97 -76.62
N GLN H 205 -5.57 67.66 -76.63
CA GLN H 205 -6.87 67.18 -76.24
C GLN H 205 -7.12 67.31 -74.75
N PHE H 206 -6.08 67.48 -73.94
CA PHE H 206 -6.21 67.58 -72.50
C PHE H 206 -5.41 68.76 -71.96
N SER H 207 -5.38 69.85 -72.70
CA SER H 207 -4.70 71.03 -72.21
C SER H 207 -5.45 71.68 -71.06
N HIS H 208 -6.78 71.77 -71.17
CA HIS H 208 -7.58 72.37 -70.13
C HIS H 208 -7.29 71.78 -68.75
N TYR H 209 -7.25 70.45 -68.64
CA TYR H 209 -6.85 69.82 -67.37
C TYR H 209 -5.59 70.47 -66.82
N LYS H 210 -4.53 70.52 -67.64
CA LYS H 210 -3.27 71.14 -67.23
C LYS H 210 -3.49 72.47 -66.55
N THR H 211 -4.32 73.33 -67.14
CA THR H 211 -4.64 74.61 -66.51
C THR H 211 -5.04 74.41 -65.06
N PHE H 212 -6.15 73.70 -64.83
CA PHE H 212 -6.56 73.37 -63.47
C PHE H 212 -5.38 72.93 -62.63
N ASN H 213 -4.57 72.02 -63.16
CA ASN H 213 -3.42 71.51 -62.42
C ASN H 213 -2.58 72.64 -61.87
N ASP H 214 -2.05 73.51 -62.74
CA ASP H 214 -1.17 74.57 -62.23
C ASP H 214 -1.95 75.50 -61.31
N ALA H 215 -3.25 75.68 -61.58
CA ALA H 215 -4.08 76.46 -60.68
C ALA H 215 -3.95 75.98 -59.24
N LEU H 216 -4.04 74.66 -59.03
CA LEU H 216 -3.86 74.14 -57.68
C LEU H 216 -2.41 74.32 -57.22
N LYS H 217 -1.44 74.12 -58.12
CA LYS H 217 -0.07 74.46 -57.79
C LYS H 217 0.07 75.95 -57.50
N LYS H 218 -0.87 76.76 -58.00
CA LYS H 218 -0.98 78.16 -57.60
C LYS H 218 -1.23 78.29 -56.11
N ASN H 219 -2.21 77.55 -55.60
CA ASN H 219 -2.89 77.98 -54.37
C ASN H 219 -2.79 76.95 -53.26
N LYS H 220 -3.09 75.68 -53.54
CA LYS H 220 -3.13 74.64 -52.52
C LYS H 220 -2.43 73.42 -53.09
N ALA H 221 -1.16 73.23 -52.71
CA ALA H 221 -0.42 72.08 -53.21
C ALA H 221 -1.00 70.78 -52.68
N SER H 222 -1.54 70.80 -51.47
CA SER H 222 -2.12 69.60 -50.88
C SER H 222 -3.16 68.99 -51.80
N ASP H 223 -4.08 69.82 -52.30
CA ASP H 223 -5.11 69.31 -53.18
C ASP H 223 -4.55 68.83 -54.51
N SER H 224 -3.46 69.44 -54.98
CA SER H 224 -2.84 68.96 -56.21
C SER H 224 -2.30 67.55 -56.03
N SER H 225 -1.56 67.34 -54.95
CA SER H 225 -1.03 66.00 -54.68
C SER H 225 -2.16 65.01 -54.47
N TYR H 226 -3.23 65.44 -53.80
CA TYR H 226 -4.39 64.57 -53.61
C TYR H 226 -5.01 64.20 -54.95
N LEU H 227 -5.10 65.16 -55.87
CA LEU H 227 -5.66 64.89 -57.17
C LEU H 227 -4.80 63.90 -57.94
N GLY H 228 -3.47 64.02 -57.82
CA GLY H 228 -2.61 63.06 -58.48
C GLY H 228 -2.77 61.65 -57.91
N TRP H 229 -2.76 61.55 -56.58
CA TRP H 229 -2.94 60.25 -55.94
C TRP H 229 -4.30 59.66 -56.26
N LEU H 230 -5.28 60.50 -56.54
CA LEU H 230 -6.60 59.99 -56.91
C LEU H 230 -6.62 59.50 -58.35
N THR H 231 -6.03 60.27 -59.26
CA THR H 231 -6.10 59.89 -60.66
C THR H 231 -5.28 58.65 -60.96
N HIS H 232 -4.16 58.45 -60.25
CA HIS H 232 -3.41 57.21 -60.48
C HIS H 232 -4.22 55.99 -60.04
N GLY H 233 -4.87 56.09 -58.88
CA GLY H 233 -5.72 54.99 -58.44
C GLY H 233 -6.84 54.72 -59.42
N TYR H 234 -7.47 55.78 -59.92
CA TYR H 234 -8.55 55.58 -60.89
C TYR H 234 -8.04 54.96 -62.19
N SER H 235 -6.79 55.26 -62.56
CA SER H 235 -6.24 54.62 -63.76
C SER H 235 -6.02 53.13 -63.52
N ILE H 236 -5.49 52.78 -62.36
CA ILE H 236 -5.31 51.35 -62.05
C ILE H 236 -6.66 50.64 -62.03
N LYS H 237 -7.69 51.30 -61.52
CA LYS H 237 -8.99 50.64 -61.37
C LYS H 237 -9.55 50.23 -62.72
N TYR H 238 -9.55 51.13 -63.69
CA TYR H 238 -10.19 50.88 -64.98
C TYR H 238 -9.26 50.20 -65.98
N GLY H 239 -8.22 49.54 -65.50
CA GLY H 239 -7.48 48.60 -66.32
C GLY H 239 -6.56 49.20 -67.37
N LEU H 240 -5.93 50.34 -67.08
CA LEU H 240 -4.85 50.77 -67.95
C LEU H 240 -3.56 50.03 -67.62
N SER H 241 -3.35 49.70 -66.35
CA SER H 241 -2.17 48.94 -65.91
C SER H 241 -2.62 47.82 -64.99
N PRO H 242 -2.79 46.60 -65.51
CA PRO H 242 -3.23 45.49 -64.67
C PRO H 242 -2.11 44.88 -63.83
N ASN H 243 -2.31 44.81 -62.52
CA ASN H 243 -1.36 44.17 -61.62
C ASN H 243 -1.78 42.75 -61.25
N ASN H 244 -3.04 42.42 -61.50
CA ASN H 244 -3.65 41.09 -61.45
C ASN H 244 -3.94 40.61 -60.03
N GLU H 245 -3.42 41.27 -58.99
CA GLU H 245 -3.78 40.86 -57.64
C GLU H 245 -4.38 42.00 -56.83
N ARG H 246 -3.66 43.10 -56.63
CA ARG H 246 -4.07 44.13 -55.70
C ARG H 246 -3.07 45.27 -55.67
N SER H 247 -3.51 46.49 -55.35
CA SER H 247 -2.61 47.60 -55.12
C SER H 247 -2.43 47.77 -53.62
N MET H 248 -1.19 48.01 -53.21
CA MET H 248 -0.93 48.13 -51.78
C MET H 248 -1.39 49.46 -51.21
N PHE H 249 -1.27 50.54 -51.97
CA PHE H 249 -1.42 51.86 -51.38
C PHE H 249 -2.10 52.86 -52.30
N PHE H 250 -3.05 52.43 -53.12
CA PHE H 250 -3.65 53.43 -54.00
C PHE H 250 -5.16 53.54 -53.88
N GLN H 251 -5.86 52.47 -53.59
CA GLN H 251 -7.31 52.55 -53.55
C GLN H 251 -7.85 52.82 -52.16
N ASP H 252 -7.00 52.85 -51.14
CA ASP H 252 -7.45 52.93 -49.76
C ASP H 252 -7.39 54.37 -49.27
N GLY H 253 -8.40 54.76 -48.50
CA GLY H 253 -8.43 56.12 -47.98
C GLY H 253 -7.43 56.35 -46.87
N ARG H 254 -7.19 55.34 -46.05
CA ARG H 254 -6.29 55.54 -44.91
C ARG H 254 -4.83 55.59 -45.30
N LYS H 255 -4.50 55.41 -46.58
CA LYS H 255 -3.12 55.56 -47.00
C LYS H 255 -2.77 57.00 -47.32
N TYR H 256 -3.71 57.72 -47.95
CA TYR H 256 -3.48 59.12 -48.22
C TYR H 256 -3.30 59.90 -46.93
N ALA H 257 -3.99 59.51 -45.87
CA ALA H 257 -3.82 60.19 -44.59
C ALA H 257 -2.38 60.07 -44.10
N GLU H 258 -1.83 58.85 -44.18
CA GLU H 258 -0.46 58.65 -43.74
C GLU H 258 0.51 59.43 -44.61
N LEU H 259 0.28 59.43 -45.93
CA LEU H 259 1.17 60.17 -46.82
C LEU H 259 1.14 61.66 -46.51
N TYR H 260 -0.05 62.20 -46.29
CA TYR H 260 -0.16 63.63 -45.95
C TYR H 260 0.55 63.93 -44.63
N ALA H 261 0.32 63.10 -43.62
CA ALA H 261 0.96 63.30 -42.34
C ALA H 261 2.48 63.34 -42.48
N PHE H 262 3.04 62.40 -43.26
CA PHE H 262 4.48 62.46 -43.51
C PHE H 262 4.85 63.73 -44.25
N SER H 263 4.03 64.15 -45.21
CA SER H 263 4.36 65.31 -46.02
C SER H 263 4.40 66.58 -45.20
N LYS H 264 3.66 66.64 -44.10
CA LYS H 264 3.68 67.85 -43.29
C LYS H 264 4.78 67.84 -42.23
N SER H 265 5.07 66.70 -41.62
CA SER H 265 6.16 66.57 -40.66
C SER H 265 7.01 65.37 -41.06
N PRO H 266 8.14 65.59 -41.72
CA PRO H 266 8.85 64.47 -42.33
C PRO H 266 9.49 63.54 -41.33
N HIS H 267 9.81 64.01 -40.12
CA HIS H 267 10.53 63.18 -39.19
C HIS H 267 9.80 61.88 -38.85
N ARG H 268 8.51 61.78 -39.16
CA ARG H 268 7.79 60.54 -38.96
C ARG H 268 8.49 59.37 -39.62
N LYS H 269 9.19 59.62 -40.74
CA LYS H 269 9.89 58.54 -41.43
C LYS H 269 10.96 57.92 -40.54
N ILE H 270 11.63 58.72 -39.71
CA ILE H 270 12.70 58.20 -38.87
C ILE H 270 12.12 57.34 -37.75
N ILE H 271 11.04 57.79 -37.14
CA ILE H 271 10.35 57.03 -36.09
C ILE H 271 8.99 56.63 -36.61
N PRO H 272 8.89 55.59 -37.42
CA PRO H 272 7.62 55.27 -38.07
C PRO H 272 6.66 54.55 -37.16
N GLY H 273 5.38 54.79 -37.38
CA GLY H 273 4.35 53.96 -36.82
C GLY H 273 4.24 52.67 -37.61
N GLU H 274 3.16 51.93 -37.33
CA GLU H 274 2.97 50.64 -37.98
C GLU H 274 2.57 50.82 -39.45
N HIS H 275 1.62 51.71 -39.71
CA HIS H 275 1.18 51.92 -41.08
C HIS H 275 2.29 52.53 -41.93
N LEU H 276 3.08 53.42 -41.35
CA LEU H 276 4.25 53.87 -42.09
C LEU H 276 5.25 52.74 -42.30
N LYS H 277 5.35 51.83 -41.32
CA LYS H 277 6.31 50.73 -41.44
C LYS H 277 5.96 49.84 -42.62
N ASP H 278 4.73 49.35 -42.68
CA ASP H 278 4.41 48.46 -43.78
C ASP H 278 4.34 49.21 -45.10
N LEU H 279 4.02 50.52 -45.07
CA LEU H 279 4.21 51.33 -46.27
C LEU H 279 5.64 51.24 -46.79
N LEU H 280 6.61 51.53 -45.93
CA LEU H 280 8.00 51.56 -46.37
C LEU H 280 8.49 50.17 -46.78
N ALA H 281 7.98 49.13 -46.12
CA ALA H 281 8.33 47.78 -46.52
C ALA H 281 7.85 47.49 -47.93
N LYS H 282 6.60 47.83 -48.23
CA LYS H 282 6.10 47.60 -49.58
C LYS H 282 6.88 48.41 -50.59
N ILE H 283 7.29 49.63 -50.22
CA ILE H 283 8.05 50.47 -51.14
C ILE H 283 9.39 49.82 -51.46
N ASN H 284 10.10 49.34 -50.44
CA ASN H 284 11.38 48.69 -50.67
C ASN H 284 11.21 47.42 -51.51
N LYS H 285 10.14 46.67 -51.26
CA LYS H 285 9.91 45.45 -52.03
C LYS H 285 9.68 45.78 -53.51
N SER H 286 8.84 46.76 -53.79
CA SER H 286 8.58 47.15 -55.17
C SER H 286 9.83 47.72 -55.83
N LYS H 287 10.66 48.43 -55.07
CA LYS H 287 11.93 48.91 -55.59
C LYS H 287 12.81 47.74 -56.01
N GLY H 288 12.97 46.77 -55.12
CA GLY H 288 13.77 45.60 -55.45
C GLY H 288 13.26 44.92 -56.70
N ILE H 289 11.95 44.74 -56.80
CA ILE H 289 11.37 44.13 -57.99
C ILE H 289 11.73 44.94 -59.24
N PHE H 290 11.70 46.27 -59.12
CA PHE H 290 12.01 47.12 -60.26
C PHE H 290 13.48 47.03 -60.68
N LEU H 291 14.38 46.68 -59.75
CA LEU H 291 15.80 46.74 -60.04
C LEU H 291 16.43 45.37 -60.29
N ASP H 292 15.66 44.41 -60.78
CA ASP H 292 16.19 43.10 -61.19
C ASP H 292 15.81 42.86 -62.65
N GLN H 293 16.80 42.49 -63.46
CA GLN H 293 16.70 42.59 -64.91
C GLN H 293 15.97 41.42 -65.55
N ASN H 294 16.02 40.25 -64.96
CA ASN H 294 15.35 39.11 -65.55
C ASN H 294 13.98 38.84 -64.95
N ALA H 295 13.47 39.70 -64.07
CA ALA H 295 12.04 39.63 -63.85
C ALA H 295 11.30 40.04 -65.13
N LEU H 296 10.00 39.81 -65.15
CA LEU H 296 9.23 40.09 -66.36
C LEU H 296 9.15 41.60 -66.59
N LEU H 297 8.74 41.97 -67.81
CA LEU H 297 8.68 43.38 -68.16
C LEU H 297 7.50 44.09 -67.51
N ASP H 298 6.34 43.44 -67.47
CA ASP H 298 5.13 44.09 -66.98
C ASP H 298 5.26 44.45 -65.51
N LYS H 299 5.84 43.55 -64.72
CA LYS H 299 6.05 43.85 -63.31
C LYS H 299 6.94 45.07 -63.13
N ARG H 300 8.04 45.13 -63.89
CA ARG H 300 8.96 46.25 -63.77
C ARG H 300 8.27 47.55 -64.18
N ILE H 301 7.45 47.51 -65.23
CA ILE H 301 6.77 48.72 -65.68
C ILE H 301 5.77 49.19 -64.62
N TYR H 302 5.01 48.25 -64.05
CA TYR H 302 4.06 48.60 -63.00
C TYR H 302 4.77 49.21 -61.80
N ALA H 303 5.86 48.58 -61.37
CA ALA H 303 6.62 49.10 -60.24
C ALA H 303 7.16 50.49 -60.54
N PHE H 304 7.65 50.70 -61.76
CA PHE H 304 8.12 52.03 -62.13
C PHE H 304 7.01 53.05 -62.05
N HIS H 305 5.83 52.72 -62.56
CA HIS H 305 4.73 53.67 -62.55
C HIS H 305 4.37 54.07 -61.12
N GLU H 306 4.23 53.07 -60.25
CA GLU H 306 3.88 53.37 -58.85
C GLU H 306 4.94 54.24 -58.20
N LEU H 307 6.22 53.84 -58.29
CA LEU H 307 7.28 54.61 -57.65
C LEU H 307 7.35 56.01 -58.21
N ASN H 308 7.12 56.16 -59.52
CA ASN H 308 7.18 57.48 -60.13
C ASN H 308 6.07 58.38 -59.60
N THR H 309 4.85 57.86 -59.50
CA THR H 309 3.77 58.67 -58.95
C THR H 309 4.08 59.09 -57.52
N LEU H 310 4.51 58.13 -56.69
CA LEU H 310 4.83 58.47 -55.31
C LEU H 310 5.90 59.55 -55.23
N GLU H 311 6.95 59.43 -56.03
CA GLU H 311 8.05 60.39 -55.92
C GLU H 311 7.65 61.75 -56.47
N THR H 312 6.84 61.79 -57.52
CA THR H 312 6.49 63.08 -58.09
C THR H 312 5.46 63.82 -57.24
N HIS H 313 4.65 63.11 -56.45
CA HIS H 313 3.66 63.84 -55.69
C HIS H 313 4.02 63.99 -54.22
N PHE H 314 4.74 63.03 -53.65
CA PHE H 314 5.23 63.12 -52.28
C PHE H 314 6.74 63.04 -52.30
N PRO H 315 7.44 64.16 -52.44
CA PRO H 315 8.89 64.12 -52.69
C PRO H 315 9.65 63.63 -51.47
N GLY H 316 10.63 62.76 -51.71
CA GLY H 316 11.54 62.33 -50.67
C GLY H 316 11.14 61.07 -49.93
N ILE H 317 9.95 60.53 -50.18
CA ILE H 317 9.52 59.38 -49.42
C ILE H 317 10.22 58.11 -49.90
N THR H 318 10.49 58.01 -51.20
CA THR H 318 11.12 56.82 -51.74
C THR H 318 12.64 56.81 -51.56
N SER H 319 13.21 57.86 -50.98
CA SER H 319 14.65 57.99 -50.91
C SER H 319 15.23 57.29 -49.68
N SER H 320 16.25 56.48 -49.90
CA SER H 320 17.12 55.97 -48.83
C SER H 320 18.55 56.20 -49.27
N PHE H 321 19.32 56.94 -48.47
CA PHE H 321 20.55 57.53 -48.96
C PHE H 321 21.53 56.47 -49.48
N THR H 322 21.89 55.51 -48.63
CA THR H 322 23.04 54.66 -48.92
C THR H 322 22.87 53.87 -50.21
N ASP H 323 21.85 53.02 -50.28
CA ASP H 323 21.76 52.05 -51.37
C ASP H 323 21.46 52.71 -52.71
N ASP H 324 20.95 53.94 -52.70
CA ASP H 324 20.62 54.61 -53.94
C ASP H 324 21.84 54.78 -54.84
N LEU H 325 23.03 54.91 -54.25
CA LEU H 325 24.22 55.12 -55.06
C LEU H 325 24.74 53.80 -55.64
N LYS H 326 24.70 52.73 -54.85
CA LYS H 326 25.07 51.42 -55.36
C LYS H 326 24.12 50.96 -56.45
N SER H 327 22.82 51.24 -56.30
CA SER H 327 21.89 50.90 -57.36
C SER H 327 21.88 51.93 -58.46
N ASN H 328 21.93 53.22 -58.10
CA ASN H 328 21.87 54.33 -59.06
C ASN H 328 20.63 54.23 -59.95
N TYR H 329 19.47 54.20 -59.28
CA TYR H 329 18.19 54.04 -59.95
C TYR H 329 17.52 55.36 -60.27
N ARG H 330 17.97 56.46 -59.67
CA ARG H 330 17.36 57.76 -59.92
C ARG H 330 17.43 58.12 -61.40
N LYS H 331 18.65 58.14 -61.95
CA LYS H 331 18.82 58.41 -63.37
C LYS H 331 18.05 57.43 -64.23
N LYS H 332 17.95 56.18 -63.78
CA LYS H 332 17.12 55.20 -64.48
C LYS H 332 15.67 55.67 -64.57
N MET H 333 15.13 56.12 -63.43
CA MET H 333 13.77 56.65 -63.43
C MET H 333 13.62 57.79 -64.42
N GLU H 334 14.56 58.73 -64.40
CA GLU H 334 14.50 59.84 -65.33
C GLU H 334 14.51 59.35 -66.77
N SER H 335 15.32 58.33 -67.06
CA SER H 335 15.41 57.82 -68.41
C SER H 335 14.08 57.23 -68.86
N VAL H 336 13.45 56.42 -68.00
CA VAL H 336 12.18 55.81 -68.36
C VAL H 336 11.11 56.88 -68.56
N SER H 337 11.11 57.90 -67.72
CA SER H 337 10.18 59.01 -67.91
C SER H 337 10.40 59.68 -69.26
N LEU H 338 11.66 59.94 -69.60
CA LEU H 338 11.96 60.55 -70.88
C LEU H 338 11.47 59.66 -72.02
N THR H 339 11.64 58.34 -71.86
CA THR H 339 11.16 57.39 -72.87
C THR H 339 9.65 57.49 -73.04
N CYS H 340 8.90 57.54 -71.94
CA CYS H 340 7.46 57.60 -72.06
C CYS H 340 7.02 58.88 -72.77
N GLN H 341 7.65 60.00 -72.42
CA GLN H 341 7.30 61.26 -73.09
C GLN H 341 7.55 61.18 -74.60
N VAL H 342 8.76 60.74 -74.97
CA VAL H 342 9.12 60.72 -76.39
C VAL H 342 8.25 59.72 -77.15
N LEU H 343 7.89 58.62 -76.50
CA LEU H 343 7.02 57.64 -77.14
C LEU H 343 5.64 58.22 -77.39
N GLN H 344 5.10 58.95 -76.42
CA GLN H 344 3.81 59.61 -76.62
C GLN H 344 3.87 60.55 -77.81
N GLU H 345 4.95 61.32 -77.92
CA GLU H 345 5.05 62.26 -79.05
C GLU H 345 5.17 61.51 -80.38
N ILE H 346 5.89 60.40 -80.40
CA ILE H 346 6.01 59.62 -81.63
C ILE H 346 4.65 59.06 -82.05
N GLY H 347 3.87 58.61 -81.06
CA GLY H 347 2.52 58.18 -81.37
C GLY H 347 1.67 59.31 -81.92
N ASN H 348 1.85 60.51 -81.38
CA ASN H 348 1.16 61.68 -81.93
C ASN H 348 1.51 61.90 -83.38
N ILE H 349 2.80 61.82 -83.71
CA ILE H 349 3.23 62.01 -85.10
C ILE H 349 2.64 60.93 -86.00
N HIS H 350 2.65 59.69 -85.52
CA HIS H 350 2.09 58.59 -86.31
C HIS H 350 0.60 58.79 -86.57
N ARG H 351 -0.13 59.29 -85.58
CA ARG H 351 -1.54 59.59 -85.80
C ARG H 351 -1.71 60.75 -86.76
N PHE H 352 -0.82 61.75 -86.69
CA PHE H 352 -0.90 62.89 -87.60
C PHE H 352 -0.67 62.48 -89.04
N ILE H 353 0.17 61.47 -89.26
CA ILE H 353 0.46 60.98 -90.60
C ILE H 353 -0.82 60.59 -91.31
N GLU H 354 -1.81 60.09 -90.56
CA GLU H 354 -3.06 59.64 -91.18
C GLU H 354 -3.80 60.81 -91.84
N SER H 355 -3.56 62.03 -91.37
CA SER H 355 -4.15 63.19 -92.03
C SER H 355 -3.62 63.35 -93.45
N LYS H 356 -2.47 62.75 -93.74
CA LYS H 356 -1.85 62.90 -95.05
C LYS H 356 -2.42 61.91 -96.06
N VAL H 357 -3.22 60.94 -95.61
CA VAL H 357 -3.77 59.95 -96.54
C VAL H 357 -4.77 60.62 -97.45
N PRO H 358 -4.72 60.36 -98.77
CA PRO H 358 -5.71 60.96 -99.68
C PRO H 358 -7.14 60.72 -99.27
N TYR H 359 -7.47 59.52 -98.81
CA TYR H 359 -8.82 59.18 -98.39
C TYR H 359 -8.79 58.82 -96.91
N HIS H 360 -8.82 59.84 -96.05
CA HIS H 360 -9.02 59.60 -94.64
C HIS H 360 -9.90 60.68 -94.00
N SER H 361 -11.03 60.98 -94.64
CA SER H 361 -12.02 61.87 -94.03
C SER H 361 -12.32 61.47 -92.59
N SER H 362 -12.31 60.17 -92.32
CA SER H 362 -12.55 59.69 -90.96
C SER H 362 -11.42 60.10 -90.04
N THR H 363 -11.78 60.66 -88.88
CA THR H 363 -10.80 61.10 -87.92
C THR H 363 -10.12 59.88 -87.28
N GLU H 364 -8.83 60.06 -86.97
CA GLU H 364 -8.00 58.99 -86.43
C GLU H 364 -7.65 59.24 -84.97
N TYR H 365 -8.31 60.19 -84.32
CA TYR H 365 -8.05 60.53 -82.93
C TYR H 365 -9.13 60.07 -81.98
N GLY H 366 -10.39 60.08 -82.41
CA GLY H 366 -11.46 59.64 -81.56
C GLY H 366 -12.74 60.37 -81.89
N LEU H 367 -13.79 60.01 -81.17
CA LEU H 367 -15.09 60.61 -81.38
C LEU H 367 -15.03 62.10 -81.08
N PHE H 368 -15.48 62.91 -82.05
CA PHE H 368 -15.59 64.35 -81.88
C PHE H 368 -14.24 65.01 -81.54
N SER H 369 -13.16 64.36 -81.94
CA SER H 369 -11.85 64.98 -81.78
C SER H 369 -11.71 66.19 -82.69
N ILE H 370 -12.18 66.07 -83.93
CA ILE H 370 -12.08 67.15 -84.90
C ILE H 370 -13.39 67.29 -85.65
N PRO H 371 -13.96 68.50 -85.73
CA PRO H 371 -15.14 68.70 -86.54
C PRO H 371 -14.77 68.80 -88.02
N LYS H 372 -15.62 68.20 -88.86
CA LYS H 372 -15.32 68.15 -90.28
C LYS H 372 -15.38 69.52 -90.94
N ILE H 373 -15.83 70.55 -90.22
CA ILE H 373 -15.77 71.91 -90.76
C ILE H 373 -14.33 72.33 -91.01
N PHE H 374 -13.39 71.82 -90.22
CA PHE H 374 -11.98 72.10 -90.45
C PHE H 374 -11.31 70.95 -91.18
N SER H 375 -11.33 69.74 -90.59
CA SER H 375 -10.93 68.50 -91.26
C SER H 375 -9.63 68.70 -92.05
N ILE H 376 -8.57 68.93 -91.29
CA ILE H 376 -7.23 69.22 -91.82
C ILE H 376 -6.96 68.33 -93.03
N PRO H 377 -6.50 68.91 -94.13
CA PRO H 377 -6.62 68.24 -95.42
C PRO H 377 -5.41 67.38 -95.77
N ILE H 378 -5.44 66.89 -97.01
CA ILE H 378 -4.39 66.04 -97.57
C ILE H 378 -3.28 66.87 -98.22
N ASP H 379 -3.42 68.20 -98.22
CA ASP H 379 -2.57 69.07 -99.02
C ASP H 379 -1.16 69.08 -98.46
N TYR H 380 -0.30 68.28 -99.08
CA TYR H 380 1.13 68.34 -98.77
C TYR H 380 1.67 69.73 -99.08
N LYS H 381 2.29 70.35 -98.08
CA LYS H 381 2.88 71.66 -98.25
C LYS H 381 4.38 71.54 -98.51
N HIS H 382 4.98 72.68 -98.82
CA HIS H 382 6.40 72.72 -99.18
C HIS H 382 7.27 72.12 -98.09
N GLY H 383 7.08 72.57 -96.85
CA GLY H 383 8.00 72.22 -95.80
C GLY H 383 7.76 70.84 -95.22
N GLU H 384 6.50 70.38 -95.22
CA GLU H 384 6.11 69.24 -94.39
C GLU H 384 6.97 68.02 -94.65
N LYS H 385 7.20 67.68 -95.92
CA LYS H 385 7.92 66.45 -96.25
C LYS H 385 9.33 66.44 -95.66
N GLU H 386 9.93 67.62 -95.50
CA GLU H 386 11.26 67.71 -94.88
C GLU H 386 11.19 67.90 -93.38
N ASN H 387 10.21 68.69 -92.93
CA ASN H 387 10.10 69.05 -91.52
C ASN H 387 9.75 67.84 -90.68
N LEU H 388 8.90 66.94 -91.19
CA LEU H 388 8.54 65.75 -90.43
C LEU H 388 9.73 64.84 -90.22
N VAL H 389 10.45 64.50 -91.29
CA VAL H 389 11.60 63.62 -91.13
C VAL H 389 12.66 64.30 -90.27
N SER H 390 12.86 65.60 -90.46
CA SER H 390 13.81 66.30 -89.61
C SER H 390 13.38 66.24 -88.15
N TYR H 391 12.10 66.45 -87.87
CA TYR H 391 11.61 66.47 -86.50
C TYR H 391 11.77 65.12 -85.83
N VAL H 392 11.46 64.03 -86.54
CA VAL H 392 11.63 62.72 -85.93
C VAL H 392 13.11 62.42 -85.67
N ASP H 393 13.99 62.80 -86.61
CA ASP H 393 15.42 62.60 -86.40
C ASP H 393 15.93 63.40 -85.21
N PHE H 394 15.52 64.67 -85.12
CA PHE H 394 15.90 65.51 -83.97
C PHE H 394 15.36 64.91 -82.67
N LEU H 395 14.14 64.38 -82.69
CA LEU H 395 13.60 63.75 -81.50
C LEU H 395 14.49 62.60 -81.04
N TYR H 396 14.81 61.69 -81.96
CA TYR H 396 15.62 60.54 -81.59
C TYR H 396 17.03 60.96 -81.16
N SER H 397 17.57 61.99 -81.79
CA SER H 397 18.91 62.47 -81.42
C SER H 397 18.90 63.07 -80.03
N THR H 398 17.93 63.94 -79.74
CA THR H 398 17.82 64.51 -78.40
C THR H 398 17.61 63.42 -77.36
N ALA H 399 16.89 62.36 -77.70
CA ALA H 399 16.64 61.30 -76.73
C ALA H 399 17.88 60.45 -76.49
N HIS H 400 18.65 60.18 -77.54
CA HIS H 400 19.74 59.21 -77.42
C HIS H 400 20.83 59.66 -76.46
N GLU H 401 20.88 60.96 -76.16
CA GLU H 401 21.97 61.48 -75.33
C GLU H 401 21.73 61.20 -73.85
N ARG H 402 20.59 61.64 -73.32
CA ARG H 402 20.35 61.61 -71.89
C ARG H 402 20.10 60.22 -71.35
N ILE H 403 19.70 59.27 -72.21
CA ILE H 403 19.47 57.91 -71.77
C ILE H 403 20.77 57.27 -71.30
N LEU H 404 20.73 56.58 -70.17
CA LEU H 404 21.87 55.80 -69.74
C LEU H 404 21.79 54.40 -70.35
N GLN H 405 22.96 53.83 -70.60
CA GLN H 405 23.08 52.60 -71.37
C GLN H 405 23.62 51.49 -70.48
N ASP H 406 22.74 50.57 -70.09
CA ASP H 406 23.16 49.38 -69.35
C ASP H 406 22.05 48.33 -69.48
N ASN H 407 22.46 47.09 -69.75
CA ASN H 407 21.50 46.07 -70.17
C ASN H 407 20.45 45.80 -69.10
N SER H 408 20.79 45.97 -67.83
CA SER H 408 19.77 45.90 -66.78
C SER H 408 18.67 46.95 -66.99
N ILE H 409 19.06 48.16 -67.41
CA ILE H 409 18.11 49.22 -67.73
C ILE H 409 17.78 49.28 -69.22
N ASN H 410 18.63 48.70 -70.08
CA ASN H 410 18.41 48.74 -71.52
C ASN H 410 17.07 48.13 -71.91
N GLN H 411 16.55 47.22 -71.09
CA GLN H 411 15.36 46.45 -71.45
C GLN H 411 14.11 47.33 -71.55
N LEU H 412 14.10 48.47 -70.85
CA LEU H 412 12.85 49.21 -70.79
C LEU H 412 12.85 50.50 -71.60
N CYS H 413 14.03 51.03 -71.96
CA CYS H 413 14.11 52.30 -72.65
C CYS H 413 14.77 52.19 -74.03
N LEU H 414 15.79 51.35 -74.17
CA LEU H 414 16.44 51.23 -75.47
C LEU H 414 15.54 50.54 -76.48
N ASP H 415 15.10 49.31 -76.21
CA ASP H 415 14.36 48.58 -77.22
C ASP H 415 13.02 49.21 -77.62
N PRO H 416 12.25 49.89 -76.75
CA PRO H 416 11.04 50.57 -77.28
C PRO H 416 11.37 51.62 -78.31
N LEU H 417 12.42 52.41 -78.04
CA LEU H 417 12.85 53.44 -78.98
C LEU H 417 13.36 52.80 -80.27
N GLN H 418 14.11 51.71 -80.17
CA GLN H 418 14.63 51.06 -81.36
C GLN H 418 13.51 50.51 -82.22
N GLU H 419 12.54 49.83 -81.60
CA GLU H 419 11.40 49.27 -82.33
C GLU H 419 10.57 50.38 -82.95
N SER H 420 10.37 51.48 -82.23
CA SER H 420 9.60 52.58 -82.78
C SER H 420 10.32 53.22 -83.96
N LEU H 421 11.63 53.44 -83.83
CA LEU H 421 12.40 53.95 -84.96
C LEU H 421 12.27 53.03 -86.16
N ASN H 422 12.26 51.72 -85.92
CA ASN H 422 12.10 50.77 -87.02
C ASN H 422 10.74 50.90 -87.69
N ARG H 423 9.67 50.83 -86.90
CA ARG H 423 8.33 50.96 -87.47
C ARG H 423 8.19 52.28 -88.23
N ILE H 424 8.71 53.36 -87.66
CA ILE H 424 8.53 54.68 -88.25
C ILE H 424 9.35 54.81 -89.53
N LYS H 425 10.61 54.37 -89.52
CA LYS H 425 11.40 54.44 -90.73
C LYS H 425 10.86 53.52 -91.81
N SER H 426 10.16 52.45 -91.42
CA SER H 426 9.58 51.57 -92.42
C SER H 426 8.31 52.16 -93.03
N ASN H 427 7.47 52.81 -92.22
CA ASN H 427 6.19 53.25 -92.75
C ASN H 427 6.19 54.69 -93.26
N ILE H 428 7.20 55.49 -92.90
CA ILE H 428 7.29 56.86 -93.45
C ILE H 428 7.28 56.87 -94.97
N PRO H 429 8.14 56.10 -95.67
CA PRO H 429 8.15 56.23 -97.14
C PRO H 429 6.84 55.83 -97.80
N VAL H 430 6.32 54.65 -97.46
CA VAL H 430 5.15 54.12 -98.16
C VAL H 430 4.00 55.13 -98.11
N PHE H 431 3.86 55.83 -96.98
CA PHE H 431 2.90 56.93 -96.93
C PHE H 431 3.39 58.13 -97.72
N PHE H 432 4.70 58.34 -97.81
CA PHE H 432 5.19 59.52 -98.54
C PHE H 432 4.97 59.42 -100.04
N ASN H 433 4.93 58.21 -100.58
CA ASN H 433 4.58 58.07 -101.99
C ASN H 433 3.13 58.44 -102.22
N LEU H 434 2.22 57.73 -101.59
CA LEU H 434 0.79 57.92 -101.77
C LEU H 434 0.10 58.02 -100.42
N THR I 1 -12.93 -37.73 -28.16
CA THR I 1 -12.15 -38.07 -26.98
C THR I 1 -10.77 -37.43 -27.04
N ILE I 2 -10.45 -36.83 -28.19
CA ILE I 2 -9.18 -36.14 -28.35
C ILE I 2 -9.16 -34.88 -27.49
N THR I 3 -10.25 -34.12 -27.56
CA THR I 3 -10.33 -32.87 -26.80
C THR I 3 -10.32 -33.14 -25.31
N LEU I 4 -10.87 -34.27 -24.87
CA LEU I 4 -10.70 -34.67 -23.48
C LEU I 4 -9.22 -34.72 -23.11
N GLU I 5 -8.43 -35.41 -23.93
CA GLU I 5 -7.01 -35.51 -23.65
C GLU I 5 -6.35 -34.14 -23.60
N LYS I 6 -6.66 -33.29 -24.57
CA LYS I 6 -5.99 -31.98 -24.62
C LYS I 6 -6.40 -31.10 -23.45
N LYS I 7 -7.69 -31.08 -23.11
CA LYS I 7 -8.15 -30.31 -21.96
C LYS I 7 -7.47 -30.78 -20.68
N VAL I 8 -7.36 -32.10 -20.50
CA VAL I 8 -6.73 -32.61 -19.29
C VAL I 8 -5.28 -32.20 -19.24
N ARG I 9 -4.58 -32.27 -20.38
CA ARG I 9 -3.18 -31.84 -20.40
C ARG I 9 -3.05 -30.37 -19.97
N LYS I 10 -3.90 -29.51 -20.53
CA LYS I 10 -3.83 -28.10 -20.18
C LYS I 10 -4.07 -27.90 -18.69
N GLY I 11 -5.11 -28.54 -18.16
CA GLY I 11 -5.40 -28.41 -16.74
C GLY I 11 -4.23 -28.85 -15.88
N ILE I 12 -3.56 -29.93 -16.28
CA ILE I 12 -2.45 -30.43 -15.47
C ILE I 12 -1.30 -29.45 -15.47
N GLU I 13 -0.98 -28.86 -16.62
CA GLU I 13 0.10 -27.87 -16.65
C GLU I 13 -0.23 -26.68 -15.76
N SER I 14 -1.49 -26.22 -15.81
CA SER I 14 -1.90 -25.13 -14.94
C SER I 14 -1.70 -25.50 -13.47
N LEU I 15 -2.09 -26.72 -13.10
CA LEU I 15 -1.91 -27.15 -11.71
C LEU I 15 -0.45 -27.13 -11.31
N ILE I 16 0.43 -27.53 -12.21
CA ILE I 16 1.85 -27.58 -11.86
C ILE I 16 2.37 -26.18 -11.54
N THR I 17 2.03 -25.21 -12.39
CA THR I 17 2.45 -23.84 -12.10
C THR I 17 1.88 -23.34 -10.77
N GLU I 18 0.59 -23.61 -10.54
CA GLU I 18 -0.02 -23.16 -9.29
C GLU I 18 0.66 -23.79 -8.08
N LEU I 19 1.06 -25.05 -8.19
CA LEU I 19 1.75 -25.70 -7.10
C LEU I 19 3.07 -25.02 -6.79
N LYS I 20 3.81 -24.65 -7.82
CA LYS I 20 5.05 -23.92 -7.59
C LYS I 20 4.79 -22.65 -6.80
N LEU I 21 3.79 -21.87 -7.22
CA LEU I 21 3.52 -20.61 -6.53
C LEU I 21 3.11 -20.85 -5.07
N MET I 22 2.25 -21.83 -4.84
CA MET I 22 1.81 -22.11 -3.47
C MET I 22 2.98 -22.50 -2.58
N GLN I 23 3.89 -23.32 -3.09
CA GLN I 23 5.02 -23.73 -2.27
C GLN I 23 5.92 -22.54 -1.95
N ALA I 24 6.09 -21.62 -2.92
CA ALA I 24 6.85 -20.42 -2.62
C ALA I 24 6.23 -19.65 -1.47
N VAL I 25 4.91 -19.46 -1.50
CA VAL I 25 4.25 -18.69 -0.46
C VAL I 25 4.41 -19.38 0.89
N LEU I 26 4.17 -20.69 0.93
CA LEU I 26 4.22 -21.40 2.21
C LEU I 26 5.63 -21.35 2.80
N SER I 27 6.65 -21.51 1.96
CA SER I 27 8.02 -21.43 2.46
C SER I 27 8.32 -20.05 3.00
N LYS I 28 7.82 -19.01 2.33
CA LYS I 28 8.00 -17.66 2.84
C LYS I 28 7.35 -17.49 4.20
N VAL I 29 6.15 -18.04 4.38
CA VAL I 29 5.45 -17.88 5.66
C VAL I 29 6.16 -18.62 6.77
N SER I 30 6.64 -19.83 6.50
CA SER I 30 7.11 -20.68 7.59
C SER I 30 8.42 -20.21 8.21
N LYS I 31 8.93 -19.03 7.86
CA LYS I 31 10.14 -18.54 8.48
C LYS I 31 9.88 -17.70 9.73
N VAL I 32 8.71 -17.08 9.82
CA VAL I 32 8.44 -16.15 10.91
C VAL I 32 8.19 -16.93 12.19
N PRO I 33 8.76 -16.52 13.32
CA PRO I 33 8.42 -17.17 14.58
C PRO I 33 6.97 -16.91 14.95
N ALA I 34 6.38 -17.88 15.66
CA ALA I 34 4.94 -17.87 15.88
C ALA I 34 4.44 -16.64 16.61
N ASP I 35 5.33 -15.88 17.26
CA ASP I 35 4.90 -14.71 18.01
C ASP I 35 4.72 -13.48 17.16
N GLN I 36 5.06 -13.53 15.87
CA GLN I 36 4.89 -12.38 15.00
C GLN I 36 3.87 -12.58 13.90
N LEU I 37 3.40 -13.81 13.68
CA LEU I 37 2.28 -14.01 12.78
C LEU I 37 0.99 -13.55 13.41
N ASP I 38 0.06 -13.11 12.58
CA ASP I 38 -1.30 -12.87 13.01
C ASP I 38 -2.20 -14.01 12.56
N GLU I 39 -3.37 -14.10 13.19
CA GLU I 39 -4.20 -15.29 13.02
C GLU I 39 -4.69 -15.46 11.59
N GLY I 40 -5.00 -14.36 10.91
CA GLY I 40 -5.53 -14.47 9.56
C GLY I 40 -4.61 -15.20 8.63
N VAL I 41 -3.34 -14.79 8.61
CA VAL I 41 -2.36 -15.42 7.73
C VAL I 41 -2.16 -16.87 8.11
N LYS I 42 -2.19 -17.17 9.40
CA LYS I 42 -2.00 -18.55 9.85
C LYS I 42 -3.11 -19.46 9.35
N ILE I 43 -4.36 -19.03 9.50
CA ILE I 43 -5.49 -19.84 9.06
C ILE I 43 -5.46 -20.01 7.55
N TRP I 44 -5.23 -18.92 6.83
CA TRP I 44 -5.17 -18.99 5.38
C TRP I 44 -4.07 -19.94 4.93
N ALA I 45 -2.94 -19.95 5.64
CA ALA I 45 -1.84 -20.82 5.26
C ALA I 45 -2.20 -22.28 5.48
N GLY I 46 -2.89 -22.59 6.58
CA GLY I 46 -3.34 -23.96 6.77
C GLY I 46 -4.21 -24.45 5.63
N ASN I 47 -5.17 -23.62 5.23
CA ASN I 47 -6.05 -24.04 4.15
C ASN I 47 -5.29 -24.20 2.83
N VAL I 48 -4.33 -23.32 2.58
CA VAL I 48 -3.53 -23.45 1.37
C VAL I 48 -2.78 -24.77 1.37
N LYS I 49 -2.25 -25.16 2.53
CA LYS I 49 -1.54 -26.43 2.63
C LYS I 49 -2.45 -27.59 2.23
N GLU I 50 -3.68 -27.60 2.74
CA GLU I 50 -4.59 -28.70 2.39
C GLU I 50 -4.85 -28.74 0.89
N LEU I 51 -5.12 -27.59 0.28
CA LEU I 51 -5.34 -27.58 -1.16
C LEU I 51 -4.14 -28.13 -1.91
N SER I 52 -2.93 -27.79 -1.44
CA SER I 52 -1.72 -28.28 -2.09
C SER I 52 -1.69 -29.81 -2.07
N TYR I 53 -2.05 -30.41 -0.94
CA TYR I 53 -2.11 -31.86 -0.87
C TYR I 53 -3.03 -32.43 -1.94
N GLN I 54 -4.24 -31.87 -2.04
CA GLN I 54 -5.20 -32.42 -3.00
C GLN I 54 -4.68 -32.31 -4.43
N MET I 55 -4.11 -31.17 -4.79
CA MET I 55 -3.64 -30.99 -6.16
C MET I 55 -2.50 -31.94 -6.49
N GLU I 56 -1.58 -32.15 -5.53
CA GLU I 56 -0.54 -33.14 -5.75
C GLU I 56 -1.12 -34.50 -6.05
N ASP I 57 -2.14 -34.90 -5.29
CA ASP I 57 -2.74 -36.21 -5.53
C ASP I 57 -3.31 -36.32 -6.94
N ILE I 58 -3.98 -35.26 -7.41
CA ILE I 58 -4.56 -35.31 -8.76
C ILE I 58 -3.47 -35.46 -9.82
N VAL I 59 -2.41 -34.65 -9.70
CA VAL I 59 -1.33 -34.73 -10.67
C VAL I 59 -0.74 -36.13 -10.69
N ASP I 60 -0.53 -36.72 -9.51
CA ASP I 60 0.05 -38.04 -9.46
C ASP I 60 -0.86 -39.09 -10.10
N ALA I 61 -2.16 -38.98 -9.85
CA ALA I 61 -3.09 -39.92 -10.48
C ALA I 61 -2.99 -39.85 -11.98
N PHE I 62 -2.93 -38.64 -12.54
CA PHE I 62 -2.81 -38.54 -13.98
C PHE I 62 -1.50 -39.16 -14.48
N MET I 63 -0.40 -38.90 -13.77
CA MET I 63 0.89 -39.41 -14.24
C MET I 63 0.91 -40.93 -14.22
N VAL I 64 0.29 -41.54 -13.21
CA VAL I 64 0.35 -43.00 -13.09
C VAL I 64 -0.61 -43.66 -14.06
N ARG I 65 -1.88 -43.26 -14.05
CA ARG I 65 -2.89 -44.00 -14.79
C ARG I 65 -2.96 -43.65 -16.27
N VAL I 66 -2.07 -42.81 -16.79
CA VAL I 66 -2.11 -42.47 -18.20
C VAL I 66 -0.71 -42.45 -18.79
N ASN I 92 -9.79 -46.20 -20.53
CA ASN I 92 -9.27 -44.85 -20.32
C ASN I 92 -10.38 -43.85 -20.06
N GLY I 93 -11.56 -44.12 -20.62
CA GLY I 93 -12.66 -43.17 -20.52
C GLY I 93 -13.01 -42.83 -19.08
N LYS I 94 -13.20 -43.86 -18.25
CA LYS I 94 -13.59 -43.63 -16.87
C LYS I 94 -12.53 -42.87 -16.11
N ASP I 95 -11.26 -43.18 -16.37
CA ASP I 95 -10.17 -42.48 -15.70
C ASP I 95 -10.14 -41.01 -16.07
N LEU I 96 -10.24 -40.71 -17.37
CA LEU I 96 -10.23 -39.32 -17.80
C LEU I 96 -11.44 -38.58 -17.26
N HIS I 97 -12.58 -39.25 -17.16
CA HIS I 97 -13.77 -38.59 -16.64
C HIS I 97 -13.60 -38.25 -15.16
N ARG I 98 -13.12 -39.21 -14.36
CA ARG I 98 -12.87 -38.94 -12.96
C ARG I 98 -11.86 -37.80 -12.79
N ILE I 99 -10.81 -37.82 -13.61
CA ILE I 99 -9.76 -36.80 -13.47
C ILE I 99 -10.32 -35.43 -13.82
N SER I 100 -11.14 -35.35 -14.87
CA SER I 100 -11.73 -34.06 -15.21
C SER I 100 -12.65 -33.55 -14.11
N ALA I 101 -13.43 -34.44 -13.51
CA ALA I 101 -14.29 -34.03 -12.41
C ALA I 101 -13.48 -33.46 -11.26
N ALA I 102 -12.44 -34.20 -10.85
CA ALA I 102 -11.63 -33.75 -9.72
C ALA I 102 -10.95 -32.43 -10.05
N LEU I 103 -10.50 -32.26 -11.29
CA LEU I 103 -9.87 -31.03 -11.72
C LEU I 103 -10.80 -29.85 -11.52
N GLU I 104 -12.03 -29.97 -12.05
CA GLU I 104 -12.99 -28.88 -11.91
C GLU I 104 -13.26 -28.54 -10.46
N GLU I 105 -13.45 -29.57 -9.63
CA GLU I 105 -13.78 -29.31 -8.24
C GLU I 105 -12.65 -28.56 -7.53
N VAL I 106 -11.41 -29.00 -7.73
CA VAL I 106 -10.32 -28.35 -6.99
C VAL I 106 -10.12 -26.93 -7.48
N VAL I 107 -10.32 -26.66 -8.77
CA VAL I 107 -10.20 -25.28 -9.24
C VAL I 107 -11.25 -24.41 -8.57
N LEU I 108 -12.48 -24.91 -8.47
CA LEU I 108 -13.53 -24.14 -7.79
C LEU I 108 -13.16 -23.84 -6.35
N GLN I 109 -12.63 -24.82 -5.63
CA GLN I 109 -12.28 -24.59 -4.23
C GLN I 109 -11.19 -23.54 -4.10
N ALA I 110 -10.21 -23.57 -5.00
CA ALA I 110 -9.15 -22.56 -4.94
C ALA I 110 -9.71 -21.16 -5.12
N LYS I 111 -10.56 -20.97 -6.12
CA LYS I 111 -11.18 -19.65 -6.32
C LYS I 111 -11.93 -19.21 -5.08
N GLN I 112 -12.68 -20.13 -4.48
CA GLN I 112 -13.48 -19.78 -3.31
C GLN I 112 -12.62 -19.32 -2.15
N LEU I 113 -11.52 -20.03 -1.90
CA LEU I 113 -10.65 -19.62 -0.80
C LEU I 113 -10.02 -18.27 -1.07
N ALA I 114 -9.69 -17.98 -2.33
CA ALA I 114 -9.12 -16.68 -2.64
C ALA I 114 -10.11 -15.56 -2.31
N GLU I 115 -11.35 -15.70 -2.77
CA GLU I 115 -12.36 -14.69 -2.44
C GLU I 115 -12.53 -14.55 -0.94
N LEU I 116 -12.55 -15.67 -0.23
CA LEU I 116 -12.72 -15.63 1.21
C LEU I 116 -11.63 -14.81 1.87
N ARG I 117 -10.38 -15.03 1.50
CA ARG I 117 -9.31 -14.24 2.08
C ARG I 117 -9.47 -12.77 1.76
N GLN I 118 -9.78 -12.45 0.51
CA GLN I 118 -9.93 -11.05 0.15
C GLN I 118 -11.04 -10.36 0.92
N ARG I 119 -12.03 -11.11 1.39
CA ARG I 119 -13.21 -10.49 1.97
C ARG I 119 -12.91 -9.79 3.29
N TYR I 120 -12.09 -10.39 4.15
CA TYR I 120 -11.92 -9.89 5.52
C TYR I 120 -10.51 -9.42 5.81
N GLU I 121 -9.84 -8.85 4.83
CA GLU I 121 -8.48 -8.36 5.03
C GLU I 121 -8.51 -6.90 5.44
N GLN I 122 -7.87 -6.58 6.56
CA GLN I 122 -7.84 -5.22 7.06
C GLN I 122 -6.43 -4.93 7.56
N GLU I 123 -5.84 -3.85 7.08
CA GLU I 123 -4.44 -3.58 7.39
C GLU I 123 -4.26 -3.06 8.81
N MET I 124 -5.18 -2.22 9.28
CA MET I 124 -5.10 -1.63 10.61
C MET I 124 -3.80 -0.85 10.76
N GLN I 130 5.92 -4.08 20.68
CA GLN I 130 7.32 -3.86 20.31
C GLN I 130 8.03 -5.19 20.08
N THR I 131 9.35 -5.15 20.20
CA THR I 131 10.21 -6.32 20.01
C THR I 131 10.68 -6.85 21.35
N SER I 132 10.74 -8.16 21.49
CA SER I 132 11.22 -8.72 22.74
C SER I 132 12.74 -8.84 22.71
N VAL I 133 13.30 -9.17 23.85
CA VAL I 133 14.73 -9.31 24.01
C VAL I 133 15.08 -10.80 23.96
N ASP I 134 16.31 -11.09 23.59
CA ASP I 134 16.79 -12.46 23.54
C ASP I 134 16.67 -13.13 24.90
N PRO I 135 15.97 -14.26 25.03
CA PRO I 135 15.84 -14.89 26.34
C PRO I 135 17.16 -15.35 26.93
N ARG I 136 18.20 -15.48 26.13
CA ARG I 136 19.48 -15.92 26.65
C ARG I 136 20.26 -14.81 27.30
N MET I 137 19.74 -13.59 27.30
CA MET I 137 20.51 -12.48 27.84
C MET I 137 20.53 -12.49 29.35
N MET I 138 19.43 -12.88 29.99
CA MET I 138 19.38 -12.87 31.44
C MET I 138 20.38 -13.82 32.06
N ALA I 139 20.75 -14.89 31.36
CA ALA I 139 21.64 -15.88 31.92
C ALA I 139 23.03 -15.32 32.23
N LEU I 140 23.41 -14.20 31.60
CA LEU I 140 24.69 -13.61 31.90
C LEU I 140 24.74 -12.96 33.27
N TYR I 141 23.60 -12.77 33.92
CA TYR I 141 23.59 -12.15 35.23
C TYR I 141 23.25 -13.14 36.33
N THR I 142 23.32 -14.42 36.03
CA THR I 142 23.17 -15.45 37.05
C THR I 142 24.36 -15.40 38.01
N ASP I 143 24.08 -15.56 39.30
CA ASP I 143 25.13 -15.58 40.30
C ASP I 143 26.11 -16.72 40.03
N VAL I 144 27.35 -16.53 40.47
CA VAL I 144 28.41 -17.51 40.21
C VAL I 144 28.41 -18.65 41.20
N THR I 145 27.84 -18.46 42.38
CA THR I 145 27.81 -19.53 43.38
C THR I 145 26.76 -20.58 43.07
N GLU I 146 26.08 -20.50 41.94
CA GLU I 146 25.06 -21.46 41.58
C GLU I 146 25.48 -22.38 40.46
N LEU I 147 26.75 -22.36 40.06
CA LEU I 147 27.25 -23.26 39.04
C LEU I 147 27.92 -24.44 39.72
N VAL I 148 27.66 -25.64 39.21
CA VAL I 148 28.00 -26.85 39.96
C VAL I 148 29.38 -27.37 39.61
N GLY I 149 29.59 -27.74 38.35
CA GLY I 149 30.79 -28.49 38.03
C GLY I 149 31.73 -27.83 37.05
N ILE I 150 32.00 -26.54 37.22
CA ILE I 150 32.81 -25.84 36.22
C ILE I 150 34.31 -26.02 36.41
N GLU I 151 34.79 -26.10 37.65
CA GLU I 151 36.23 -25.97 37.94
C GLU I 151 37.11 -26.75 36.97
N GLU I 152 36.78 -28.02 36.74
CA GLU I 152 37.60 -28.86 35.88
C GLU I 152 37.65 -28.33 34.46
N THR I 153 36.49 -28.12 33.84
CA THR I 153 36.47 -27.66 32.46
C THR I 153 37.06 -26.27 32.33
N ARG I 154 36.80 -25.41 33.31
CA ARG I 154 37.34 -24.07 33.31
C ARG I 154 38.87 -24.10 33.30
N ASP I 155 39.46 -24.92 34.17
CA ASP I 155 40.91 -24.99 34.21
C ASP I 155 41.48 -25.66 32.98
N LYS I 156 40.78 -26.64 32.42
CA LYS I 156 41.26 -27.25 31.19
C LYS I 156 41.32 -26.24 30.07
N LEU I 157 40.27 -25.42 29.93
CA LEU I 157 40.28 -24.40 28.88
C LEU I 157 41.37 -23.37 29.13
N ILE I 158 41.53 -22.94 30.38
CA ILE I 158 42.57 -21.97 30.69
C ILE I 158 43.94 -22.52 30.30
N ASN I 159 44.19 -23.80 30.56
CA ASN I 159 45.46 -24.38 30.17
C ASN I 159 45.59 -24.48 28.67
N MET I 160 44.49 -24.77 27.98
CA MET I 160 44.52 -24.76 26.52
C MET I 160 44.85 -23.38 25.97
N LEU I 161 44.54 -22.32 26.71
CA LEU I 161 44.87 -20.98 26.23
C LEU I 161 46.34 -20.65 26.45
N THR I 162 46.77 -20.61 27.71
CA THR I 162 48.15 -20.21 27.98
C THR I 162 49.14 -21.28 27.54
N GLU I 163 49.13 -22.42 28.21
CA GLU I 163 49.91 -23.58 27.79
C GLU I 163 51.40 -23.27 27.70
N GLY I 164 52.02 -23.07 28.84
CA GLY I 164 53.46 -22.95 28.92
C GLY I 164 53.85 -21.82 29.83
N ASP I 165 55.11 -21.41 29.70
CA ASP I 165 55.63 -20.23 30.39
C ASP I 165 55.85 -19.06 29.46
N ASP I 166 56.15 -19.34 28.19
CA ASP I 166 56.37 -18.31 27.18
C ASP I 166 55.16 -18.14 26.29
N TRP I 167 53.96 -18.36 26.81
CA TRP I 167 52.76 -18.18 26.00
C TRP I 167 52.64 -16.75 25.53
N SER I 168 53.26 -15.83 26.24
CA SER I 168 53.23 -14.42 25.89
C SER I 168 54.22 -14.07 24.80
N LYS I 169 54.75 -15.07 24.09
CA LYS I 169 55.62 -14.83 22.96
C LYS I 169 55.28 -15.64 21.73
N HIS I 170 54.24 -16.44 21.76
CA HIS I 170 53.88 -17.22 20.59
C HIS I 170 52.86 -16.47 19.74
N PRO I 171 52.70 -16.84 18.49
CA PRO I 171 51.75 -16.13 17.63
C PRO I 171 50.31 -16.23 18.10
N LEU I 172 49.42 -15.51 17.41
CA LEU I 172 48.03 -15.44 17.78
C LEU I 172 47.34 -16.79 17.60
N LYS I 173 46.50 -17.15 18.56
CA LYS I 173 45.81 -18.44 18.54
C LYS I 173 44.31 -18.24 18.73
N THR I 174 43.54 -19.16 18.17
CA THR I 174 42.09 -19.11 18.16
C THR I 174 41.55 -20.44 18.67
N ILE I 175 40.62 -20.40 19.60
CA ILE I 175 39.96 -21.59 20.14
C ILE I 175 38.49 -21.51 19.82
N SER I 176 37.85 -22.66 19.70
CA SER I 176 36.43 -22.68 19.40
C SER I 176 35.74 -23.72 20.24
N ILE I 177 34.46 -23.49 20.50
CA ILE I 177 33.64 -24.36 21.35
C ILE I 177 32.36 -24.69 20.60
N VAL I 178 32.01 -25.97 20.54
CA VAL I 178 30.87 -26.44 19.78
C VAL I 178 30.02 -27.39 20.62
N GLY I 179 28.76 -27.49 20.24
CA GLY I 179 27.80 -28.33 20.94
C GLY I 179 26.40 -27.90 20.60
N PHE I 180 25.44 -28.53 21.25
CA PHE I 180 24.05 -28.16 21.03
C PHE I 180 23.63 -27.08 22.01
N GLY I 181 22.42 -26.57 21.82
CA GLY I 181 21.94 -25.48 22.64
C GLY I 181 21.67 -25.89 24.07
N GLY I 182 21.84 -24.94 24.97
CA GLY I 182 21.62 -25.19 26.38
C GLY I 182 22.69 -26.00 27.06
N LEU I 183 23.84 -26.18 26.43
CA LEU I 183 24.88 -27.03 26.97
C LEU I 183 25.80 -26.31 27.93
N GLY I 184 25.92 -25.00 27.84
CA GLY I 184 26.75 -24.25 28.75
C GLY I 184 28.04 -23.72 28.15
N LYS I 185 27.99 -23.28 26.90
CA LYS I 185 29.19 -22.81 26.24
C LYS I 185 29.56 -21.40 26.67
N THR I 186 28.62 -20.45 26.53
CA THR I 186 28.93 -19.08 26.88
C THR I 186 29.20 -18.94 28.37
N THR I 187 28.60 -19.80 29.20
CA THR I 187 28.90 -19.76 30.62
C THR I 187 30.36 -20.09 30.87
N LEU I 188 30.87 -21.12 30.23
CA LEU I 188 32.28 -21.49 30.39
C LEU I 188 33.19 -20.41 29.86
N ALA I 189 32.86 -19.85 28.69
CA ALA I 189 33.69 -18.78 28.14
C ALA I 189 33.73 -17.59 29.08
N LYS I 190 32.58 -17.20 29.63
CA LYS I 190 32.52 -16.10 30.58
C LYS I 190 33.37 -16.38 31.80
N ALA I 191 33.31 -17.62 32.32
CA ALA I 191 34.11 -17.96 33.49
C ALA I 191 35.59 -17.80 33.22
N ALA I 192 36.09 -18.41 32.15
CA ALA I 192 37.51 -18.32 31.85
C ALA I 192 37.93 -16.87 31.60
N TYR I 193 37.08 -16.11 30.91
CA TYR I 193 37.39 -14.72 30.61
C TYR I 193 37.54 -13.91 31.88
N ASP I 194 36.55 -13.99 32.76
CA ASP I 194 36.64 -13.26 34.03
C ASP I 194 37.83 -13.71 34.85
N LYS I 195 38.24 -14.98 34.70
CA LYS I 195 39.34 -15.45 35.52
C LYS I 195 40.68 -14.89 35.06
N ILE I 196 40.94 -14.90 33.75
CA ILE I 196 42.29 -14.59 33.27
C ILE I 196 42.38 -13.26 32.55
N LYS I 197 41.34 -12.42 32.57
CA LYS I 197 41.45 -11.16 31.86
C LYS I 197 42.55 -10.25 32.39
N VAL I 198 43.09 -10.54 33.58
CA VAL I 198 44.03 -9.62 34.20
C VAL I 198 45.36 -9.60 33.46
N GLN I 199 45.74 -10.70 32.83
CA GLN I 199 47.07 -10.82 32.24
C GLN I 199 47.14 -10.30 30.82
N PHE I 200 46.20 -9.45 30.41
CA PHE I 200 46.20 -8.87 29.08
C PHE I 200 46.08 -7.36 29.21
N ASP I 201 46.06 -6.69 28.05
CA ASP I 201 45.93 -5.23 28.03
C ASP I 201 44.47 -4.83 27.82
N CYS I 202 43.86 -5.33 26.76
CA CYS I 202 42.47 -5.03 26.46
C CYS I 202 41.68 -6.28 26.05
N GLY I 203 40.38 -6.26 26.29
CA GLY I 203 39.52 -7.38 25.95
C GLY I 203 38.08 -6.96 25.71
N ALA I 204 37.29 -7.85 25.12
CA ALA I 204 35.90 -7.56 24.84
C ALA I 204 35.12 -8.87 24.83
N PHE I 205 33.81 -8.76 24.97
CA PHE I 205 32.93 -9.92 25.02
C PHE I 205 31.70 -9.57 24.18
N VAL I 206 31.69 -10.01 22.94
CA VAL I 206 30.68 -9.62 21.98
C VAL I 206 29.85 -10.83 21.61
N SER I 207 28.61 -10.58 21.23
CA SER I 207 27.69 -11.64 20.84
C SER I 207 27.08 -11.30 19.49
N VAL I 208 27.20 -12.23 18.55
CA VAL I 208 26.60 -12.12 17.23
C VAL I 208 25.33 -12.96 17.20
N SER I 209 24.27 -12.43 16.64
CA SER I 209 23.02 -13.16 16.60
C SER I 209 22.89 -13.95 15.31
N ARG I 210 21.67 -14.38 14.99
CA ARG I 210 21.44 -15.16 13.79
C ARG I 210 21.54 -14.32 12.53
N ASN I 211 20.81 -13.21 12.45
CA ASN I 211 20.87 -12.34 11.29
C ASN I 211 21.56 -11.04 11.68
N PRO I 212 22.88 -10.98 11.60
CA PRO I 212 23.61 -9.85 12.17
C PRO I 212 23.76 -8.68 11.22
N GLU I 213 24.01 -7.52 11.81
CA GLU I 213 24.43 -6.33 11.10
C GLU I 213 25.88 -6.08 11.46
N MET I 214 26.75 -6.08 10.45
CA MET I 214 28.18 -6.03 10.73
C MET I 214 28.60 -4.74 11.38
N LYS I 215 27.96 -3.62 11.01
CA LYS I 215 28.26 -2.36 11.67
C LYS I 215 28.04 -2.47 13.17
N LYS I 216 26.96 -3.11 13.59
CA LYS I 216 26.68 -3.21 15.01
C LYS I 216 27.74 -4.04 15.72
N VAL I 217 28.20 -5.12 15.10
CA VAL I 217 29.22 -5.94 15.73
C VAL I 217 30.52 -5.17 15.88
N LEU I 218 30.92 -4.44 14.83
CA LEU I 218 32.18 -3.70 14.93
C LEU I 218 32.09 -2.59 15.96
N LYS I 219 30.94 -1.90 16.01
CA LYS I 219 30.77 -0.88 17.03
C LYS I 219 30.78 -1.48 18.43
N ASP I 220 30.23 -2.68 18.59
CA ASP I 220 30.26 -3.34 19.88
C ASP I 220 31.69 -3.64 20.30
N ILE I 221 32.50 -4.16 19.38
CA ILE I 221 33.90 -4.43 19.71
C ILE I 221 34.59 -3.14 20.13
N LEU I 222 34.42 -2.07 19.36
CA LEU I 222 35.09 -0.82 19.67
C LEU I 222 34.67 -0.29 21.02
N TYR I 223 33.37 -0.28 21.32
CA TYR I 223 32.91 0.23 22.59
C TYR I 223 33.36 -0.64 23.75
N GLY I 224 33.53 -1.94 23.52
CA GLY I 224 34.02 -2.80 24.58
C GLY I 224 35.50 -2.61 24.86
N LEU I 225 36.27 -2.21 23.84
CA LEU I 225 37.71 -2.06 24.06
C LEU I 225 38.03 -0.85 24.92
N ASP I 226 37.28 0.25 24.76
CA ASP I 226 37.53 1.45 25.55
C ASP I 226 36.24 2.24 25.67
N LYS I 227 35.62 2.22 26.85
CA LYS I 227 34.34 2.87 27.04
C LYS I 227 34.43 4.39 27.02
N VAL I 228 35.60 4.96 27.27
CA VAL I 228 35.72 6.40 27.36
C VAL I 228 35.99 7.03 26.01
N LYS I 229 37.02 6.55 25.31
CA LYS I 229 37.36 7.12 24.02
C LYS I 229 36.23 6.94 23.02
N TYR I 230 35.81 5.70 22.80
CA TYR I 230 34.72 5.42 21.86
C TYR I 230 33.38 5.36 22.56
N GLU I 231 33.08 6.37 23.36
CA GLU I 231 31.86 6.32 24.16
C GLU I 231 30.62 6.53 23.31
N ASN I 232 30.73 7.35 22.27
CA ASN I 232 29.60 7.66 21.42
C ASN I 232 29.69 6.97 20.06
N ILE I 233 30.43 5.86 20.00
CA ILE I 233 30.69 5.22 18.72
C ILE I 233 29.44 4.65 18.10
N HIS I 234 28.41 4.37 18.88
CA HIS I 234 27.21 3.78 18.32
C HIS I 234 26.40 4.76 17.49
N ASN I 235 26.71 6.05 17.54
CA ASN I 235 26.02 7.04 16.75
C ASN I 235 26.76 7.42 15.48
N ALA I 236 28.03 7.06 15.35
CA ALA I 236 28.79 7.36 14.16
C ALA I 236 28.18 6.66 12.96
N ALA I 237 28.35 7.24 11.78
CA ALA I 237 27.81 6.67 10.54
C ALA I 237 28.92 6.59 9.49
N ARG I 238 29.76 5.58 9.59
CA ARG I 238 30.78 5.26 8.60
C ARG I 238 30.57 3.84 8.11
N ASP I 239 31.20 3.49 7.00
CA ASP I 239 31.04 2.14 6.51
C ASP I 239 31.95 1.19 7.28
N GLU I 240 31.93 -0.08 6.86
CA GLU I 240 32.71 -1.08 7.58
C GLU I 240 34.20 -0.88 7.44
N LYS I 241 34.67 -0.35 6.31
CA LYS I 241 36.10 -0.23 6.10
C LYS I 241 36.73 0.68 7.15
N TYR I 242 36.08 1.79 7.47
CA TYR I 242 36.68 2.72 8.42
C TYR I 242 36.61 2.18 9.84
N LEU I 243 35.55 1.46 10.19
CA LEU I 243 35.50 0.83 11.50
C LEU I 243 36.59 -0.21 11.65
N ILE I 244 36.82 -1.01 10.61
CA ILE I 244 37.89 -2.00 10.66
C ILE I 244 39.24 -1.32 10.80
N ASP I 245 39.43 -0.20 10.10
CA ASP I 245 40.69 0.54 10.25
C ASP I 245 40.87 1.05 11.66
N ASP I 246 39.79 1.53 12.29
CA ASP I 246 39.90 1.99 13.67
C ASP I 246 40.30 0.85 14.59
N ILE I 247 39.67 -0.31 14.43
CA ILE I 247 40.02 -1.45 15.27
C ILE I 247 41.48 -1.83 15.07
N ILE I 248 41.95 -1.81 13.84
CA ILE I 248 43.33 -2.19 13.58
C ILE I 248 44.28 -1.19 14.21
N GLU I 249 43.97 0.10 14.13
CA GLU I 249 44.87 1.09 14.70
C GLU I 249 44.90 1.03 16.21
N PHE I 250 43.77 0.70 16.85
CA PHE I 250 43.77 0.69 18.30
C PHE I 250 44.55 -0.49 18.88
N LEU I 251 44.54 -1.63 18.20
CA LEU I 251 45.16 -2.84 18.72
C LEU I 251 46.64 -2.92 18.43
N ASN I 252 47.23 -1.87 17.88
CA ASN I 252 48.65 -1.92 17.54
C ASN I 252 49.48 -1.95 18.80
N ASP I 253 50.32 -2.98 18.93
CA ASP I 253 51.26 -3.13 20.04
C ASP I 253 50.55 -3.35 21.38
N LYS I 254 49.64 -4.32 21.39
CA LYS I 254 48.95 -4.69 22.62
C LYS I 254 48.67 -6.18 22.59
N ARG I 255 48.54 -6.75 23.79
CA ARG I 255 48.04 -8.11 23.95
C ARG I 255 46.56 -8.05 24.26
N TYR I 256 45.76 -8.79 23.52
CA TYR I 256 44.32 -8.73 23.71
C TYR I 256 43.73 -10.13 23.76
N LEU I 257 42.63 -10.23 24.49
CA LEU I 257 41.87 -11.48 24.61
C LEU I 257 40.44 -11.15 24.23
N ILE I 258 39.94 -11.75 23.16
CA ILE I 258 38.62 -11.37 22.66
C ILE I 258 37.76 -12.61 22.49
N VAL I 259 36.51 -12.51 22.94
CA VAL I 259 35.55 -13.60 22.85
C VAL I 259 34.44 -13.18 21.89
N ILE I 260 34.12 -14.07 20.96
CA ILE I 260 33.05 -13.85 19.99
C ILE I 260 32.08 -15.02 20.09
N ASP I 261 30.81 -14.70 20.20
CA ASP I 261 29.82 -15.62 20.71
C ASP I 261 28.71 -15.82 19.70
N ASP I 262 28.24 -17.05 19.57
CA ASP I 262 26.99 -17.34 18.87
C ASP I 262 27.10 -17.02 17.37
N ILE I 263 28.14 -17.54 16.75
CA ILE I 263 28.30 -17.41 15.30
C ILE I 263 27.45 -18.47 14.63
N TRP I 264 26.69 -18.08 13.61
CA TRP I 264 25.75 -19.00 13.00
C TRP I 264 26.08 -19.40 11.57
N ASN I 265 26.96 -18.69 10.88
CA ASN I 265 27.41 -19.16 9.58
C ASN I 265 28.79 -18.56 9.29
N GLU I 266 29.20 -18.64 8.03
CA GLU I 266 30.58 -18.45 7.65
C GLU I 266 30.92 -17.03 7.24
N LYS I 267 30.00 -16.36 6.54
CA LYS I 267 30.30 -15.01 6.04
C LYS I 267 30.65 -14.07 7.17
N ALA I 268 29.96 -14.19 8.30
CA ALA I 268 30.22 -13.31 9.43
C ALA I 268 31.67 -13.41 9.88
N TRP I 269 32.15 -14.63 10.09
CA TRP I 269 33.52 -14.79 10.50
C TRP I 269 34.47 -14.34 9.41
N GLU I 270 34.14 -14.62 8.15
CA GLU I 270 34.98 -14.22 7.05
C GLU I 270 35.20 -12.72 7.03
N LEU I 271 34.20 -11.95 7.44
CA LEU I 271 34.36 -10.50 7.47
C LEU I 271 35.07 -10.03 8.73
N ILE I 272 34.66 -10.55 9.89
CA ILE I 272 35.27 -10.10 11.15
C ILE I 272 36.73 -10.49 11.26
N LYS I 273 37.16 -11.52 10.55
CA LYS I 273 38.55 -11.95 10.61
C LYS I 273 39.51 -10.89 10.11
N CYS I 274 39.02 -9.92 9.34
CA CYS I 274 39.92 -8.93 8.75
C CYS I 274 40.50 -8.00 9.80
N ALA I 275 39.78 -7.74 10.89
CA ALA I 275 40.26 -6.82 11.90
C ALA I 275 41.42 -7.39 12.70
N PHE I 276 41.63 -8.70 12.65
CA PHE I 276 42.74 -9.34 13.34
C PHE I 276 43.75 -9.88 12.34
N SER I 277 44.06 -9.08 11.33
CA SER I 277 44.92 -9.53 10.25
C SER I 277 46.39 -9.40 10.61
N LYS I 278 46.78 -8.30 11.23
CA LYS I 278 48.18 -8.13 11.62
C LYS I 278 48.58 -9.20 12.63
N LYS I 279 49.88 -9.32 12.83
CA LYS I 279 50.41 -10.31 13.77
C LYS I 279 50.74 -9.65 15.09
N SER I 280 50.38 -10.33 16.17
CA SER I 280 50.51 -9.77 17.50
C SER I 280 50.84 -10.89 18.48
N PRO I 281 52.08 -10.97 18.95
CA PRO I 281 52.48 -12.12 19.77
C PRO I 281 51.86 -12.06 21.15
N GLY I 282 51.09 -13.10 21.47
CA GLY I 282 50.51 -13.26 22.79
C GLY I 282 49.01 -13.04 22.88
N SER I 283 48.34 -12.73 21.79
CA SER I 283 46.92 -12.42 21.81
C SER I 283 46.10 -13.67 21.55
N ARG I 284 44.86 -13.68 22.02
CA ARG I 284 44.03 -14.87 21.98
C ARG I 284 42.60 -14.56 21.56
N LEU I 285 42.00 -15.48 20.81
CA LEU I 285 40.61 -15.38 20.42
C LEU I 285 39.86 -16.63 20.83
N ILE I 286 38.61 -16.45 21.24
CA ILE I 286 37.71 -17.55 21.55
C ILE I 286 36.43 -17.34 20.77
N THR I 287 35.86 -18.42 20.24
CA THR I 287 34.56 -18.34 19.58
C THR I 287 33.68 -19.49 20.04
N THR I 288 32.39 -19.23 20.13
CA THR I 288 31.44 -20.29 20.49
C THR I 288 30.36 -20.40 19.44
N THR I 289 29.93 -21.62 19.13
CA THR I 289 28.95 -21.82 18.07
C THR I 289 28.28 -23.19 18.20
N ARG I 290 27.17 -23.35 17.49
CA ARG I 290 26.44 -24.60 17.39
C ARG I 290 26.78 -25.40 16.14
N ASN I 291 27.48 -24.81 15.19
CA ASN I 291 27.72 -25.40 13.88
C ASN I 291 29.16 -25.90 13.82
N VAL I 292 29.35 -27.07 13.21
CA VAL I 292 30.67 -27.69 13.26
C VAL I 292 31.58 -27.14 12.17
N SER I 293 31.05 -26.96 10.96
CA SER I 293 31.88 -26.45 9.87
C SER I 293 32.41 -25.05 10.19
N VAL I 294 31.61 -24.25 10.90
CA VAL I 294 32.06 -22.93 11.29
C VAL I 294 33.26 -23.03 12.22
N SER I 295 33.25 -23.99 13.14
CA SER I 295 34.37 -24.16 14.05
C SER I 295 35.60 -24.67 13.30
N GLU I 296 35.39 -25.53 12.29
CA GLU I 296 36.53 -25.96 11.50
C GLU I 296 37.11 -24.79 10.69
N ALA I 297 36.27 -23.84 10.29
CA ALA I 297 36.75 -22.69 9.55
C ALA I 297 37.43 -21.67 10.43
N CYS I 298 37.07 -21.60 11.71
CA CYS I 298 37.73 -20.66 12.61
C CYS I 298 39.14 -21.13 12.97
N CYS I 299 39.25 -22.31 13.56
CA CYS I 299 40.53 -22.79 14.04
C CYS I 299 41.39 -23.29 12.90
N SER I 300 42.69 -23.38 13.16
CA SER I 300 43.65 -23.88 12.19
C SER I 300 43.81 -25.39 12.30
N SER I 301 44.24 -25.87 13.45
CA SER I 301 44.39 -27.29 13.72
C SER I 301 43.15 -27.83 14.40
N GLU I 302 42.89 -29.12 14.19
CA GLU I 302 41.75 -29.75 14.85
C GLU I 302 42.05 -30.13 16.28
N ASP I 303 43.17 -29.66 16.81
CA ASP I 303 43.46 -29.78 18.23
C ASP I 303 43.02 -28.57 19.02
N ASP I 304 42.66 -27.49 18.33
CA ASP I 304 42.19 -26.25 18.95
C ASP I 304 40.67 -26.18 18.97
N ILE I 305 40.00 -27.32 19.02
CA ILE I 305 38.55 -27.36 19.11
C ILE I 305 38.19 -28.04 20.42
N TYR I 306 37.33 -27.39 21.19
CA TYR I 306 36.80 -27.92 22.43
C TYR I 306 35.37 -28.35 22.17
N ARG I 307 35.06 -29.60 22.49
CA ARG I 307 33.72 -30.13 22.29
C ARG I 307 33.05 -30.24 23.65
N MET I 308 32.02 -29.43 23.88
CA MET I 308 31.28 -29.52 25.12
C MET I 308 30.57 -30.86 25.19
N GLU I 309 30.52 -31.41 26.39
CA GLU I 309 29.83 -32.67 26.62
C GLU I 309 29.02 -32.57 27.90
N PRO I 310 27.90 -33.28 27.98
CA PRO I 310 26.99 -33.10 29.11
C PRO I 310 27.62 -33.54 30.42
N LEU I 311 26.97 -33.13 31.51
CA LEU I 311 27.44 -33.47 32.83
C LEU I 311 27.29 -34.96 33.10
N SER I 312 28.04 -35.44 34.09
CA SER I 312 27.93 -36.83 34.51
C SER I 312 26.65 -37.02 35.30
N ASN I 313 26.46 -38.19 35.90
CA ASN I 313 25.22 -38.42 36.64
C ASN I 313 25.25 -37.81 38.02
N ASP I 314 26.37 -37.94 38.73
CA ASP I 314 26.44 -37.39 40.07
C ASP I 314 26.30 -35.87 40.05
N VAL I 315 26.99 -35.22 39.12
CA VAL I 315 26.92 -33.77 39.03
C VAL I 315 25.50 -33.34 38.72
N SER I 316 24.85 -34.02 37.78
CA SER I 316 23.47 -33.68 37.45
C SER I 316 22.57 -33.82 38.65
N ARG I 317 22.76 -34.89 39.42
CA ARG I 317 21.92 -35.12 40.59
C ARG I 317 22.14 -34.04 41.64
N THR I 318 23.38 -33.64 41.87
CA THR I 318 23.61 -32.58 42.85
C THR I 318 23.01 -31.26 42.40
N LEU I 319 23.11 -30.96 41.10
CA LEU I 319 22.48 -29.74 40.59
C LEU I 319 20.98 -29.79 40.81
N PHE I 320 20.35 -30.90 40.46
CA PHE I 320 18.93 -31.10 40.69
C PHE I 320 18.56 -30.83 42.16
N CYS I 321 19.16 -31.60 43.06
CA CYS I 321 18.88 -31.45 44.48
C CYS I 321 19.05 -30.01 44.93
N LYS I 322 20.21 -29.42 44.62
CA LYS I 322 20.46 -28.05 45.04
C LYS I 322 19.42 -27.09 44.49
N ARG I 323 18.86 -27.39 43.33
CA ARG I 323 17.87 -26.49 42.76
C ARG I 323 16.53 -26.60 43.49
N ILE I 324 16.16 -27.80 43.94
CA ILE I 324 14.83 -28.01 44.48
C ILE I 324 14.83 -28.22 46.00
N PHE I 325 15.60 -29.20 46.50
CA PHE I 325 15.64 -29.47 47.94
C PHE I 325 16.62 -28.53 48.65
N SER I 326 16.81 -27.33 48.11
CA SER I 326 18.05 -26.51 48.18
C SER I 326 18.78 -26.72 49.50
N GLN I 327 18.12 -26.63 50.65
CA GLN I 327 18.85 -26.69 51.91
C GLN I 327 18.94 -28.10 52.45
N GLU I 328 17.83 -28.84 52.45
CA GLU I 328 17.90 -30.20 52.97
C GLU I 328 18.84 -31.09 52.19
N GLU I 329 18.89 -30.91 50.86
CA GLU I 329 19.62 -31.80 49.93
C GLU I 329 19.38 -33.27 50.24
N GLY I 330 18.17 -33.60 50.71
CA GLY I 330 17.81 -34.97 51.02
C GLY I 330 16.58 -35.44 50.28
N CYS I 331 16.78 -36.28 49.30
CA CYS I 331 15.60 -36.71 48.57
C CYS I 331 14.87 -37.80 49.33
N PRO I 332 13.56 -37.66 49.54
CA PRO I 332 12.78 -38.74 50.13
C PRO I 332 12.76 -39.96 49.23
N GLN I 333 12.52 -41.12 49.85
CA GLN I 333 12.70 -42.39 49.14
C GLN I 333 11.66 -42.59 48.05
N GLU I 334 10.40 -42.25 48.33
CA GLU I 334 9.34 -42.51 47.36
C GLU I 334 9.61 -41.79 46.04
N LEU I 335 10.43 -40.73 46.08
CA LEU I 335 10.70 -39.95 44.89
C LEU I 335 11.96 -40.39 44.16
N LEU I 336 12.70 -41.36 44.71
CA LEU I 336 13.98 -41.74 44.13
C LEU I 336 13.87 -42.22 42.68
N LYS I 337 12.97 -43.16 42.42
CA LYS I 337 12.97 -43.79 41.11
C LYS I 337 12.40 -42.87 40.04
N VAL I 338 11.37 -42.10 40.37
CA VAL I 338 10.89 -41.09 39.43
C VAL I 338 11.98 -40.05 39.20
N SER I 339 12.74 -39.71 40.24
CA SER I 339 13.85 -38.79 40.07
C SER I 339 14.85 -39.35 39.07
N GLU I 340 15.16 -40.63 39.18
CA GLU I 340 16.15 -41.23 38.29
C GLU I 340 15.66 -41.28 36.86
N GLU I 341 14.38 -41.61 36.65
CA GLU I 341 13.87 -41.62 35.29
C GLU I 341 13.85 -40.22 34.69
N ILE I 342 13.49 -39.21 35.49
CA ILE I 342 13.50 -37.85 35.00
C ILE I 342 14.92 -37.43 34.62
N LEU I 343 15.89 -37.73 35.48
CA LEU I 343 17.27 -37.38 35.17
C LEU I 343 17.76 -38.09 33.93
N LYS I 344 17.31 -39.33 33.70
CA LYS I 344 17.69 -40.01 32.47
C LYS I 344 17.07 -39.33 31.26
N LYS I 345 15.85 -38.85 31.38
CA LYS I 345 15.21 -38.15 30.26
C LYS I 345 15.89 -36.82 29.97
N CYS I 346 16.39 -36.13 31.00
CA CYS I 346 17.05 -34.85 30.76
C CYS I 346 18.33 -35.03 29.95
N GLY I 347 19.15 -36.00 30.32
CA GLY I 347 20.31 -36.32 29.54
C GLY I 347 21.57 -35.59 29.90
N GLY I 348 21.58 -34.87 31.01
CA GLY I 348 22.77 -34.14 31.42
C GLY I 348 22.92 -32.77 30.81
N VAL I 349 21.87 -32.22 30.22
CA VAL I 349 21.90 -30.88 29.64
C VAL I 349 21.42 -29.89 30.70
N PRO I 350 22.24 -28.93 31.11
CA PRO I 350 21.84 -28.07 32.24
C PRO I 350 20.56 -27.31 32.03
N LEU I 351 20.25 -26.90 30.80
CA LEU I 351 19.03 -26.13 30.57
C LEU I 351 17.80 -26.94 30.94
N ALA I 352 17.73 -28.18 30.46
CA ALA I 352 16.57 -29.02 30.75
C ALA I 352 16.48 -29.32 32.25
N ILE I 353 17.61 -29.62 32.87
CA ILE I 353 17.60 -29.91 34.30
C ILE I 353 17.04 -28.73 35.07
N ILE I 354 17.52 -27.53 34.76
CA ILE I 354 17.09 -26.34 35.49
C ILE I 354 15.60 -26.09 35.27
N THR I 355 15.12 -26.19 34.03
CA THR I 355 13.71 -25.89 33.80
C THR I 355 12.81 -26.89 34.48
N ILE I 356 13.12 -28.19 34.40
CA ILE I 356 12.27 -29.18 35.04
C ILE I 356 12.35 -29.07 36.55
N ALA I 357 13.51 -28.72 37.09
CA ALA I 357 13.59 -28.55 38.53
C ALA I 357 12.77 -27.36 39.00
N SER I 358 12.74 -26.28 38.21
CA SER I 358 11.87 -25.18 38.58
C SER I 358 10.40 -25.56 38.46
N LEU I 359 10.07 -26.39 37.48
CA LEU I 359 8.70 -26.84 37.31
C LEU I 359 8.24 -27.68 38.49
N LEU I 360 9.08 -28.59 38.96
CA LEU I 360 8.71 -29.46 40.07
C LEU I 360 8.85 -28.78 41.41
N ALA I 361 9.66 -27.72 41.50
CA ALA I 361 9.85 -27.05 42.77
C ALA I 361 8.55 -26.44 43.25
N ASN I 362 7.93 -25.60 42.42
CA ASN I 362 6.68 -24.92 42.77
C ASN I 362 6.83 -24.24 44.13
N LYS I 363 7.68 -23.21 44.12
CA LYS I 363 8.36 -22.67 45.30
C LYS I 363 7.51 -22.72 46.56
N GLY I 364 6.21 -22.49 46.43
CA GLY I 364 5.29 -22.69 47.53
C GLY I 364 5.38 -24.08 48.11
N HIS I 365 5.25 -25.10 47.27
CA HIS I 365 5.20 -26.47 47.78
C HIS I 365 5.76 -27.44 46.75
N ILE I 366 6.55 -28.41 47.23
CA ILE I 366 6.91 -29.54 46.42
C ILE I 366 5.66 -30.30 46.03
N LYS I 367 5.62 -30.79 44.79
CA LYS I 367 4.43 -31.47 44.30
C LYS I 367 4.38 -32.89 44.83
N ALA I 368 3.28 -33.58 44.53
CA ALA I 368 3.03 -34.92 45.02
C ALA I 368 3.61 -35.96 44.07
N LYS I 369 3.88 -37.15 44.63
CA LYS I 369 4.55 -38.20 43.86
C LYS I 369 3.77 -38.56 42.61
N ASP I 370 2.45 -38.70 42.71
CA ASP I 370 1.66 -39.00 41.52
C ASP I 370 1.75 -37.88 40.49
N GLU I 371 1.88 -36.65 40.96
CA GLU I 371 2.06 -35.54 40.03
C GLU I 371 3.41 -35.62 39.34
N TRP I 372 4.44 -36.08 40.07
CA TRP I 372 5.71 -36.36 39.43
C TRP I 372 5.57 -37.40 38.33
N TYR I 373 4.80 -38.46 38.61
CA TYR I 373 4.59 -39.48 37.59
C TYR I 373 3.87 -38.90 36.37
N ALA I 374 2.85 -38.09 36.61
CA ALA I 374 2.12 -37.47 35.51
C ALA I 374 3.03 -36.61 34.66
N LEU I 375 3.91 -35.82 35.31
CA LEU I 375 4.85 -34.99 34.56
C LEU I 375 5.79 -35.86 33.74
N LEU I 376 6.33 -36.92 34.36
CA LEU I 376 7.26 -37.79 33.66
C LEU I 376 6.63 -38.39 32.41
N SER I 377 5.40 -38.89 32.54
CA SER I 377 4.74 -39.49 31.37
C SER I 377 4.47 -38.45 30.30
N SER I 378 4.27 -37.20 30.68
CA SER I 378 3.93 -36.14 29.74
C SER I 378 5.19 -35.41 29.24
N ASN I 386 3.63 -22.18 31.64
CA ASN I 386 4.73 -21.75 32.50
C ASN I 386 5.76 -20.95 31.73
N ARG I 387 6.44 -20.03 32.41
CA ARG I 387 7.37 -19.13 31.73
C ARG I 387 8.66 -19.85 31.35
N SER I 388 9.27 -20.57 32.28
CA SER I 388 10.52 -21.23 31.99
C SER I 388 10.39 -22.22 30.84
N LEU I 389 9.26 -22.92 30.77
CA LEU I 389 9.06 -23.89 29.70
C LEU I 389 8.94 -23.19 28.34
N GLU I 390 8.21 -22.09 28.30
CA GLU I 390 8.14 -21.30 27.06
C GLU I 390 9.52 -20.80 26.65
N GLN I 391 10.32 -20.36 27.61
CA GLN I 391 11.66 -19.89 27.27
C GLN I 391 12.52 -21.00 26.70
N MET I 392 12.46 -22.18 27.32
CA MET I 392 13.27 -23.29 26.82
C MET I 392 12.86 -23.68 25.41
N LYS I 393 11.56 -23.75 25.16
CA LYS I 393 11.08 -24.08 23.82
C LYS I 393 11.54 -23.04 22.80
N LYS I 394 11.38 -21.76 23.15
CA LYS I 394 11.79 -20.70 22.23
C LYS I 394 13.28 -20.75 21.96
N ILE I 395 14.08 -21.11 22.95
CA ILE I 395 15.52 -21.18 22.76
C ILE I 395 15.89 -22.34 21.86
N LEU I 396 15.29 -23.51 22.08
CA LEU I 396 15.65 -24.66 21.25
C LEU I 396 15.17 -24.50 19.83
N LEU I 397 14.13 -23.71 19.59
CA LEU I 397 13.62 -23.63 18.23
C LEU I 397 14.48 -22.78 17.29
N PHE I 398 15.57 -22.19 17.78
CA PHE I 398 16.41 -21.38 16.90
C PHE I 398 17.02 -22.23 15.80
N SER I 399 17.48 -23.43 16.15
CA SER I 399 18.06 -24.35 15.17
C SER I 399 17.03 -24.86 14.18
N TYR I 400 15.76 -24.85 14.52
CA TYR I 400 14.76 -25.24 13.53
C TYR I 400 14.44 -24.08 12.60
N TYR I 401 14.31 -22.88 13.13
CA TYR I 401 14.00 -21.76 12.26
C TYR I 401 15.16 -21.35 11.36
N ASP I 402 16.32 -21.95 11.53
CA ASP I 402 17.49 -21.60 10.75
C ASP I 402 17.73 -22.54 9.57
N LEU I 403 17.04 -23.68 9.51
CA LEU I 403 17.28 -24.63 8.45
C LEU I 403 16.86 -24.06 7.09
N PRO I 404 17.48 -24.51 6.02
CA PRO I 404 16.95 -24.21 4.69
C PRO I 404 15.57 -24.81 4.52
N SER I 405 14.82 -24.26 3.56
CA SER I 405 13.41 -24.63 3.47
C SER I 405 13.22 -26.07 3.05
N TYR I 406 14.16 -26.64 2.31
CA TYR I 406 14.01 -28.01 1.84
C TYR I 406 14.43 -29.03 2.87
N LEU I 407 14.88 -28.62 4.05
CA LEU I 407 15.28 -29.52 5.10
C LEU I 407 14.26 -29.63 6.22
N LYS I 408 13.27 -28.75 6.26
CA LYS I 408 12.30 -28.79 7.36
C LYS I 408 11.45 -30.05 7.34
N PRO I 409 10.91 -30.49 6.21
CA PRO I 409 10.17 -31.77 6.24
C PRO I 409 11.03 -32.94 6.66
N CYS I 410 12.24 -33.05 6.10
CA CYS I 410 13.12 -34.14 6.44
C CYS I 410 13.34 -34.26 7.94
N LEU I 411 13.26 -33.14 8.66
CA LEU I 411 13.39 -33.22 10.12
C LEU I 411 12.11 -33.70 10.77
N LEU I 412 10.97 -33.13 10.36
CA LEU I 412 9.72 -33.51 10.99
C LEU I 412 9.43 -34.99 10.80
N TYR I 413 9.93 -35.57 9.71
CA TYR I 413 9.73 -36.99 9.45
C TYR I 413 10.28 -37.85 10.57
N LEU I 414 11.16 -37.33 11.41
CA LEU I 414 11.68 -38.14 12.50
C LEU I 414 10.66 -38.39 13.59
N SER I 415 9.52 -37.71 13.57
CA SER I 415 8.55 -37.92 14.63
C SER I 415 7.72 -39.17 14.42
N ILE I 416 8.08 -40.02 13.47
CA ILE I 416 7.35 -41.25 13.24
C ILE I 416 7.86 -42.38 14.13
N PHE I 417 9.10 -42.37 14.49
CA PHE I 417 9.73 -43.48 15.18
C PHE I 417 9.58 -43.36 16.69
N PRO I 418 9.64 -44.48 17.41
CA PRO I 418 9.45 -44.44 18.86
C PRO I 418 10.54 -43.69 19.60
N GLU I 419 10.48 -43.67 20.93
CA GLU I 419 11.21 -42.66 21.68
C GLU I 419 12.71 -42.91 21.71
N ASP I 420 13.15 -43.99 22.36
CA ASP I 420 14.54 -44.07 22.77
C ASP I 420 15.37 -44.91 21.80
N ARG I 421 14.74 -45.70 20.93
CA ARG I 421 15.46 -46.53 19.99
C ARG I 421 16.30 -45.69 19.03
N GLU I 422 17.09 -46.37 18.21
CA GLU I 422 17.92 -45.75 17.20
C GLU I 422 17.46 -46.14 15.80
N ILE I 423 17.75 -45.26 14.84
CA ILE I 423 17.17 -45.33 13.51
C ILE I 423 18.27 -45.60 12.50
N ARG I 424 18.07 -46.59 11.64
CA ARG I 424 19.00 -46.81 10.55
C ARG I 424 18.93 -45.65 9.57
N ARG I 425 20.08 -45.26 9.03
CA ARG I 425 20.06 -44.12 8.13
C ARG I 425 19.61 -44.51 6.73
N ALA I 426 19.92 -45.73 6.28
CA ALA I 426 19.49 -46.14 4.95
C ALA I 426 17.97 -46.16 4.86
N ARG I 427 17.31 -46.64 5.90
CA ARG I 427 15.86 -46.59 5.97
C ARG I 427 15.35 -45.17 5.78
N LEU I 428 15.93 -44.24 6.54
CA LEU I 428 15.54 -42.83 6.44
C LEU I 428 15.71 -42.31 5.02
N VAL I 429 16.88 -42.56 4.42
CA VAL I 429 17.18 -41.97 3.13
C VAL I 429 16.23 -42.49 2.06
N TRP I 430 16.00 -43.81 2.06
CA TRP I 430 15.11 -44.36 1.04
C TRP I 430 13.67 -43.90 1.26
N ARG I 431 13.26 -43.71 2.51
CA ARG I 431 11.90 -43.24 2.73
C ARG I 431 11.75 -41.77 2.33
N TRP I 432 12.79 -40.96 2.57
CA TRP I 432 12.75 -39.58 2.10
C TRP I 432 12.64 -39.52 0.59
N ILE I 433 13.40 -40.36 -0.11
CA ILE I 433 13.32 -40.35 -1.57
C ILE I 433 11.95 -40.80 -2.03
N SER I 434 11.37 -41.80 -1.36
CA SER I 434 10.06 -42.29 -1.77
C SER I 434 8.97 -41.26 -1.54
N GLU I 435 9.03 -40.55 -0.43
CA GLU I 435 7.99 -39.57 -0.12
C GLU I 435 7.99 -38.39 -1.08
N GLY I 436 9.12 -38.11 -1.73
CA GLY I 436 9.22 -37.01 -2.65
C GLY I 436 9.90 -35.77 -2.12
N PHE I 437 10.63 -35.88 -1.01
CA PHE I 437 11.31 -34.73 -0.44
C PHE I 437 12.63 -34.42 -1.13
N VAL I 438 13.14 -35.32 -1.96
CA VAL I 438 14.45 -35.19 -2.57
C VAL I 438 14.27 -35.08 -4.07
N TYR I 439 14.75 -33.98 -4.66
CA TYR I 439 14.68 -33.79 -6.09
C TYR I 439 15.67 -32.72 -6.52
N SER I 440 16.07 -32.78 -7.78
CA SER I 440 16.92 -31.75 -8.36
C SER I 440 16.67 -31.70 -9.86
N GLU I 441 17.14 -30.62 -10.49
CA GLU I 441 16.97 -30.44 -11.92
C GLU I 441 18.21 -30.75 -12.73
N LYS I 442 19.39 -30.81 -12.10
CA LYS I 442 20.58 -31.16 -12.83
C LYS I 442 20.41 -32.53 -13.49
N GLN I 443 21.17 -32.74 -14.56
CA GLN I 443 21.01 -33.94 -15.37
C GLN I 443 21.82 -35.13 -14.87
N ASP I 444 22.85 -34.88 -14.08
CA ASP I 444 23.84 -35.91 -13.83
C ASP I 444 24.00 -36.22 -12.35
N ILE I 445 22.90 -36.16 -11.61
CA ILE I 445 22.91 -36.26 -10.17
C ILE I 445 22.18 -37.53 -9.75
N SER I 446 22.67 -38.17 -8.71
CA SER I 446 22.03 -39.35 -8.15
C SER I 446 21.33 -38.96 -6.87
N LEU I 447 20.07 -39.34 -6.73
CA LEU I 447 19.30 -38.93 -5.57
C LEU I 447 19.84 -39.54 -4.28
N TYR I 448 20.51 -40.68 -4.35
CA TYR I 448 21.03 -41.30 -3.15
C TYR I 448 22.06 -40.40 -2.47
N GLU I 449 22.97 -39.83 -3.26
CA GLU I 449 23.99 -38.98 -2.64
C GLU I 449 23.42 -37.65 -2.19
N LEU I 450 22.38 -37.15 -2.86
CA LEU I 450 21.67 -35.98 -2.34
C LEU I 450 21.10 -36.26 -0.96
N GLY I 451 20.39 -37.39 -0.82
CA GLY I 451 19.84 -37.72 0.49
C GLY I 451 20.93 -37.87 1.53
N ASP I 452 22.04 -38.50 1.16
CA ASP I 452 23.14 -38.62 2.10
C ASP I 452 23.66 -37.25 2.52
N SER I 453 23.71 -36.32 1.58
CA SER I 453 24.13 -34.96 1.92
C SER I 453 23.17 -34.30 2.89
N TYR I 454 21.87 -34.50 2.69
CA TYR I 454 20.89 -33.96 3.63
C TYR I 454 21.13 -34.52 5.03
N PHE I 455 21.36 -35.82 5.13
CA PHE I 455 21.59 -36.43 6.44
C PHE I 455 22.83 -35.86 7.10
N ASN I 456 23.92 -35.75 6.34
CA ASN I 456 25.15 -35.21 6.89
C ASN I 456 24.98 -33.76 7.31
N GLU I 457 24.15 -33.00 6.61
CA GLU I 457 23.92 -31.63 7.03
C GLU I 457 23.15 -31.57 8.33
N LEU I 458 22.15 -32.44 8.48
CA LEU I 458 21.43 -32.48 9.75
C LEU I 458 22.37 -32.84 10.89
N VAL I 459 23.30 -33.75 10.66
CA VAL I 459 24.28 -34.08 11.70
C VAL I 459 25.19 -32.90 11.96
N ASN I 460 25.51 -32.13 10.92
CA ASN I 460 26.46 -31.04 11.04
C ASN I 460 25.95 -29.95 11.98
N ARG I 461 24.66 -29.70 11.98
CA ARG I 461 24.09 -28.65 12.81
C ARG I 461 23.79 -29.10 14.23
N SER I 462 24.30 -30.25 14.66
CA SER I 462 24.18 -30.72 16.05
C SER I 462 22.73 -30.93 16.45
N MET I 463 21.94 -31.50 15.55
CA MET I 463 20.56 -31.85 15.87
C MET I 463 20.33 -33.36 15.92
N ILE I 464 21.38 -34.14 15.69
CA ILE I 464 21.29 -35.60 15.61
C ILE I 464 22.60 -36.17 16.13
N GLN I 465 22.52 -37.24 16.91
CA GLN I 465 23.73 -37.88 17.37
C GLN I 465 24.02 -39.09 16.52
N PRO I 466 25.13 -39.14 15.78
CA PRO I 466 25.42 -40.31 14.97
C PRO I 466 26.02 -41.44 15.80
N ILE I 467 25.79 -42.66 15.34
CA ILE I 467 26.18 -43.85 16.09
C ILE I 467 26.66 -44.92 15.12
N GLY I 468 27.86 -45.46 15.38
CA GLY I 468 28.33 -46.63 14.66
C GLY I 468 28.84 -46.31 13.28
N ILE I 469 29.34 -47.36 12.61
CA ILE I 469 29.82 -47.26 11.24
C ILE I 469 29.15 -48.34 10.41
N ASP I 470 28.52 -47.94 9.32
CA ASP I 470 27.84 -48.85 8.43
C ASP I 470 28.83 -49.83 7.80
N ASP I 471 28.29 -50.79 7.07
CA ASP I 471 29.13 -51.73 6.34
C ASP I 471 29.54 -51.21 4.98
N GLU I 472 29.20 -49.97 4.63
CA GLU I 472 29.70 -49.35 3.41
C GLU I 472 30.50 -48.09 3.73
N GLY I 473 30.96 -47.96 4.97
CA GLY I 473 31.87 -46.89 5.32
C GLY I 473 31.23 -45.62 5.81
N LYS I 474 29.93 -45.62 6.08
CA LYS I 474 29.23 -44.42 6.50
C LYS I 474 28.64 -44.63 7.89
N VAL I 475 27.92 -43.63 8.36
CA VAL I 475 27.27 -43.73 9.66
C VAL I 475 26.28 -44.87 9.64
N LYS I 476 26.03 -45.48 10.79
CA LYS I 476 25.07 -46.57 10.84
C LYS I 476 23.69 -46.09 11.27
N ALA I 477 23.59 -45.47 12.44
CA ALA I 477 22.31 -45.09 12.99
C ALA I 477 22.41 -43.70 13.60
N CYS I 478 21.28 -43.23 14.13
CA CYS I 478 21.24 -41.91 14.73
C CYS I 478 20.29 -41.92 15.92
N ARG I 479 20.54 -41.04 16.87
CA ARG I 479 19.69 -40.85 18.04
C ARG I 479 19.28 -39.39 18.16
N VAL I 480 18.17 -39.18 18.87
CA VAL I 480 17.60 -37.86 19.07
C VAL I 480 17.36 -37.65 20.56
N HIS I 481 17.66 -36.45 21.04
CA HIS I 481 17.33 -36.09 22.40
C HIS I 481 15.83 -36.11 22.61
N ASP I 482 15.40 -36.26 23.86
CA ASP I 482 13.98 -36.48 24.13
C ASP I 482 13.17 -35.19 24.10
N MET I 483 13.70 -34.10 24.66
CA MET I 483 12.98 -32.84 24.60
C MET I 483 12.85 -32.37 23.16
N VAL I 484 13.90 -32.54 22.37
CA VAL I 484 13.82 -32.25 20.94
C VAL I 484 12.73 -33.08 20.29
N LEU I 485 12.61 -34.33 20.72
CA LEU I 485 11.58 -35.20 20.14
C LEU I 485 10.20 -34.70 20.48
N ASP I 486 10.00 -34.22 21.71
CA ASP I 486 8.69 -33.69 22.07
C ASP I 486 8.36 -32.44 21.26
N LEU I 487 9.34 -31.54 21.11
CA LEU I 487 9.13 -30.36 20.29
C LEU I 487 8.73 -30.74 18.86
N ILE I 488 9.46 -31.70 18.28
CA ILE I 488 9.18 -32.11 16.91
C ILE I 488 7.78 -32.71 16.81
N CYS I 489 7.40 -33.52 17.79
CA CYS I 489 6.08 -34.14 17.74
C CYS I 489 4.98 -33.08 17.79
N SER I 490 5.12 -32.09 18.66
CA SER I 490 4.11 -31.04 18.72
C SER I 490 4.04 -30.26 17.42
N LEU I 491 5.21 -29.91 16.88
CA LEU I 491 5.24 -29.16 15.62
C LEU I 491 4.57 -29.94 14.51
N SER I 492 4.87 -31.22 14.38
CA SER I 492 4.33 -32.00 13.28
C SER I 492 2.87 -32.32 13.48
N SER I 493 2.42 -32.37 14.73
CA SER I 493 1.00 -32.58 14.99
C SER I 493 0.19 -31.35 14.66
N GLU I 494 0.73 -30.17 14.88
CA GLU I 494 -0.06 -28.97 14.56
C GLU I 494 -0.27 -28.77 13.09
N GLU I 495 0.09 -29.70 12.20
CA GLU I 495 -0.09 -29.48 10.77
C GLU I 495 -0.59 -30.73 10.05
N ASN I 496 -1.05 -31.74 10.77
CA ASN I 496 -1.47 -33.02 10.16
C ASN I 496 -0.35 -33.64 9.34
N PHE I 497 0.90 -33.40 9.72
CA PHE I 497 2.00 -34.06 9.03
C PHE I 497 2.03 -35.53 9.37
N VAL I 498 1.84 -35.88 10.63
CA VAL I 498 1.93 -37.25 11.12
C VAL I 498 0.90 -37.43 12.23
N THR I 499 0.24 -38.59 12.26
CA THR I 499 -0.63 -38.94 13.36
C THR I 499 -0.12 -40.21 14.02
N ILE I 500 0.17 -40.14 15.30
CA ILE I 500 0.68 -41.26 16.07
C ILE I 500 -0.47 -41.90 16.81
N LEU I 501 -0.37 -43.20 17.06
CA LEU I 501 -1.41 -43.93 17.76
C LEU I 501 -0.82 -44.64 18.98
N ASP I 502 -0.93 -44.00 20.14
CA ASP I 502 -0.74 -44.63 21.43
C ASP I 502 -2.06 -44.59 22.19
N ASP I 503 -2.23 -45.53 23.10
CA ASP I 503 -3.49 -45.57 23.84
C ASP I 503 -3.51 -44.61 25.03
N PRO I 504 -2.49 -44.58 25.91
CA PRO I 504 -2.55 -43.65 27.04
C PRO I 504 -2.56 -42.19 26.60
N ARG I 505 -1.61 -41.80 25.78
CA ARG I 505 -1.55 -40.47 25.20
C ARG I 505 -1.65 -40.58 23.68
N ARG I 506 -1.88 -39.43 23.04
CA ARG I 506 -1.86 -39.34 21.59
C ARG I 506 -2.87 -40.31 20.96
N LYS I 507 -4.14 -40.02 21.21
CA LYS I 507 -5.21 -40.78 20.61
C LYS I 507 -5.60 -40.17 19.26
N MET I 508 -6.63 -40.72 18.64
CA MET I 508 -7.05 -40.22 17.34
C MET I 508 -7.49 -38.76 17.45
N PRO I 509 -7.20 -37.94 16.45
CA PRO I 509 -7.59 -36.53 16.52
C PRO I 509 -9.10 -36.39 16.63
N ASN I 510 -9.53 -35.41 17.43
CA ASN I 510 -10.94 -35.30 17.78
C ASN I 510 -11.79 -35.05 16.55
N SER I 511 -11.43 -34.05 15.75
CA SER I 511 -12.18 -33.67 14.55
C SER I 511 -11.22 -33.60 13.38
N GLU I 512 -10.98 -34.74 12.73
CA GLU I 512 -10.11 -34.79 11.56
C GLU I 512 -10.58 -35.92 10.65
N SER I 513 -10.97 -35.58 9.44
CA SER I 513 -11.38 -36.57 8.46
C SER I 513 -10.28 -36.92 7.48
N LYS I 514 -9.24 -36.10 7.38
CA LYS I 514 -8.18 -36.28 6.39
C LYS I 514 -6.85 -36.47 7.11
N VAL I 515 -6.38 -37.71 7.12
CA VAL I 515 -5.11 -38.10 7.70
C VAL I 515 -4.23 -38.67 6.59
N ARG I 516 -3.00 -38.20 6.50
CA ARG I 516 -2.13 -38.64 5.41
C ARG I 516 -1.07 -39.65 5.84
N ARG I 517 -0.49 -39.50 7.02
CA ARG I 517 0.58 -40.39 7.47
C ARG I 517 0.27 -40.90 8.86
N LEU I 518 0.31 -42.22 9.01
CA LEU I 518 -0.12 -42.91 10.22
C LEU I 518 1.04 -43.68 10.82
N SER I 519 1.11 -43.71 12.15
CA SER I 519 2.18 -44.42 12.85
C SER I 519 1.59 -45.20 14.01
N ILE I 520 1.55 -46.52 13.88
CA ILE I 520 0.95 -47.39 14.88
C ILE I 520 2.02 -47.87 15.85
N GLN I 521 1.90 -47.49 17.12
CA GLN I 521 2.87 -47.88 18.12
C GLN I 521 2.31 -48.72 19.26
N ASN I 522 1.04 -48.56 19.60
CA ASN I 522 0.39 -49.37 20.62
C ASN I 522 -0.76 -50.11 19.97
N SER I 523 -0.59 -51.41 19.79
CA SER I 523 -1.53 -52.25 19.09
C SER I 523 -2.85 -52.44 19.84
N LYS I 524 -2.94 -51.94 21.09
CA LYS I 524 -4.16 -52.10 21.87
C LYS I 524 -5.35 -51.41 21.20
N ILE I 525 -5.10 -50.25 20.58
CA ILE I 525 -6.16 -49.48 19.94
C ILE I 525 -6.72 -50.23 18.75
N ASP I 526 -7.96 -49.94 18.39
CA ASP I 526 -8.53 -50.38 17.12
C ASP I 526 -8.75 -49.16 16.23
N VAL I 527 -8.64 -49.38 14.92
CA VAL I 527 -8.61 -48.30 13.95
C VAL I 527 -9.85 -48.37 13.07
N ASP I 528 -10.36 -47.20 12.69
CA ASP I 528 -11.52 -47.15 11.81
C ASP I 528 -11.12 -47.37 10.36
N THR I 529 -10.28 -46.48 9.83
CA THR I 529 -9.71 -46.62 8.50
C THR I 529 -10.78 -46.82 7.44
N THR I 530 -11.90 -46.13 7.60
CA THR I 530 -12.89 -46.02 6.53
C THR I 530 -13.06 -44.59 6.05
N ARG I 531 -12.58 -43.62 6.81
CA ARG I 531 -12.53 -42.23 6.37
C ARG I 531 -11.16 -41.84 5.85
N MET I 532 -10.15 -42.68 6.04
CA MET I 532 -8.78 -42.37 5.61
C MET I 532 -8.60 -42.82 4.16
N GLU I 533 -9.26 -42.10 3.27
CA GLU I 533 -9.14 -42.39 1.85
C GLU I 533 -7.76 -42.01 1.33
N HIS I 534 -7.28 -40.83 1.70
CA HIS I 534 -6.03 -40.33 1.16
C HIS I 534 -4.89 -40.58 2.14
N MET I 535 -4.53 -41.85 2.28
CA MET I 535 -3.31 -42.17 3.00
C MET I 535 -2.12 -42.00 2.09
N ARG I 536 -0.93 -41.94 2.69
CA ARG I 536 0.29 -41.92 1.89
C ARG I 536 1.30 -42.89 2.43
N SER I 537 1.28 -43.13 3.73
CA SER I 537 2.32 -43.94 4.35
C SER I 537 1.79 -44.57 5.61
N VAL I 538 2.07 -45.85 5.79
CA VAL I 538 1.66 -46.59 6.98
C VAL I 538 2.89 -47.27 7.55
N THR I 539 3.03 -47.26 8.87
CA THR I 539 4.15 -47.89 9.52
C THR I 539 3.67 -48.53 10.81
N VAL I 540 4.07 -49.78 11.03
CA VAL I 540 3.66 -50.52 12.22
C VAL I 540 4.91 -50.87 13.01
N PHE I 541 4.86 -50.59 14.31
CA PHE I 541 6.01 -50.81 15.18
C PHE I 541 5.74 -51.88 16.21
N SER I 542 4.62 -52.59 16.09
CA SER I 542 4.18 -53.51 17.11
C SER I 542 4.60 -54.92 16.73
N ASP I 543 5.17 -55.64 17.68
CA ASP I 543 5.31 -57.09 17.56
C ASP I 543 3.97 -57.80 17.66
N ASN I 544 2.88 -57.07 17.84
CA ASN I 544 1.62 -57.69 18.25
C ASN I 544 0.86 -58.26 17.07
N VAL I 545 0.05 -59.28 17.35
CA VAL I 545 -0.79 -59.88 16.33
C VAL I 545 -1.86 -58.91 15.88
N VAL I 546 -2.43 -58.14 16.82
CA VAL I 546 -3.50 -57.21 16.45
C VAL I 546 -2.98 -56.15 15.47
N GLY I 547 -1.66 -55.97 15.41
CA GLY I 547 -1.10 -55.04 14.45
C GLY I 547 -1.40 -55.42 13.01
N LYS I 548 -1.41 -56.73 12.71
CA LYS I 548 -1.70 -57.17 11.36
C LYS I 548 -3.20 -57.20 11.09
N VAL I 549 -4.03 -56.78 12.05
CA VAL I 549 -5.47 -56.92 11.90
C VAL I 549 -6.03 -55.92 10.88
N LEU I 550 -5.53 -54.69 10.89
CA LEU I 550 -6.18 -53.65 10.11
C LEU I 550 -6.07 -53.96 8.61
N ASP I 551 -7.11 -53.59 7.87
CA ASP I 551 -7.12 -53.85 6.44
C ASP I 551 -6.34 -52.78 5.70
N ILE I 552 -5.57 -53.22 4.71
CA ILE I 552 -4.72 -52.32 3.94
C ILE I 552 -5.19 -52.10 2.53
N SER I 553 -5.84 -53.09 1.89
CA SER I 553 -6.21 -52.99 0.49
C SER I 553 -7.17 -51.86 0.19
N ARG I 554 -7.63 -51.13 1.19
CA ARG I 554 -8.54 -50.02 0.96
C ARG I 554 -7.82 -48.69 0.75
N PHE I 555 -6.54 -48.62 1.08
CA PHE I 555 -5.75 -47.40 0.85
C PHE I 555 -5.28 -47.42 -0.60
N LYS I 556 -6.17 -47.00 -1.50
CA LYS I 556 -5.89 -47.13 -2.91
C LYS I 556 -4.75 -46.25 -3.39
N VAL I 557 -4.30 -45.31 -2.58
CA VAL I 557 -3.17 -44.45 -2.92
C VAL I 557 -2.17 -44.57 -1.78
N LEU I 558 -1.16 -45.40 -1.95
CA LEU I 558 -0.08 -45.51 -0.98
C LEU I 558 1.25 -45.24 -1.67
N ARG I 559 2.23 -44.85 -0.88
CA ARG I 559 3.56 -44.66 -1.43
C ARG I 559 4.59 -45.41 -0.60
N VAL I 560 4.32 -45.56 0.68
CA VAL I 560 5.26 -46.17 1.61
C VAL I 560 4.53 -47.19 2.45
N LEU I 561 4.89 -48.46 2.31
CA LEU I 561 4.39 -49.53 3.15
C LEU I 561 5.59 -50.10 3.90
N ASP I 562 5.58 -49.99 5.22
CA ASP I 562 6.72 -50.36 6.05
C ASP I 562 6.25 -51.28 7.16
N LEU I 563 6.46 -52.58 7.01
CA LEU I 563 6.04 -53.57 7.99
C LEU I 563 7.22 -54.29 8.61
N GLU I 564 8.36 -53.62 8.71
CA GLU I 564 9.57 -54.27 9.21
C GLU I 564 9.40 -54.70 10.65
N GLY I 565 9.62 -55.99 10.90
CA GLY I 565 9.56 -56.55 12.22
C GLY I 565 8.25 -57.22 12.56
N CYS I 566 7.16 -56.85 11.91
CA CYS I 566 5.86 -57.43 12.23
C CYS I 566 5.84 -58.91 11.87
N HIS I 567 4.77 -59.57 12.28
CA HIS I 567 4.61 -61.01 12.07
C HIS I 567 3.53 -61.30 11.03
N VAL I 568 3.40 -60.43 10.03
CA VAL I 568 2.49 -60.75 8.94
C VAL I 568 3.02 -61.98 8.22
N SER I 569 2.12 -62.68 7.59
CA SER I 569 2.47 -63.98 7.04
C SER I 569 2.48 -64.00 5.53
N ASP I 570 1.51 -63.39 4.88
CA ASP I 570 1.50 -63.32 3.43
C ASP I 570 0.66 -62.13 2.99
N VAL I 571 1.06 -61.51 1.88
CA VAL I 571 0.42 -60.31 1.37
C VAL I 571 0.14 -60.53 -0.11
N GLY I 572 -1.11 -60.81 -0.44
CA GLY I 572 -1.48 -60.99 -1.82
C GLY I 572 -2.06 -59.72 -2.42
N TYR I 573 -2.44 -58.79 -1.55
CA TYR I 573 -3.04 -57.53 -1.96
C TYR I 573 -2.02 -56.48 -2.31
N VAL I 574 -0.74 -56.81 -2.44
CA VAL I 574 0.26 -55.77 -2.69
C VAL I 574 0.10 -55.24 -4.11
N GLY I 575 -0.22 -56.13 -5.05
CA GLY I 575 -0.75 -55.68 -6.31
C GLY I 575 -2.06 -54.94 -6.09
N ASN I 576 -2.54 -54.28 -7.14
CA ASN I 576 -3.70 -53.41 -7.11
C ASN I 576 -3.43 -52.12 -6.35
N LEU I 577 -2.19 -51.83 -6.00
CA LEU I 577 -1.85 -50.59 -5.31
C LEU I 577 -1.31 -49.53 -6.26
N LEU I 578 -0.46 -49.92 -7.21
CA LEU I 578 -0.22 -49.11 -8.41
C LEU I 578 0.48 -47.79 -8.12
N HIS I 579 0.65 -47.45 -6.85
CA HIS I 579 1.25 -46.19 -6.49
C HIS I 579 2.48 -46.34 -5.61
N LEU I 580 2.77 -47.53 -5.13
CA LEU I 580 3.83 -47.74 -4.14
C LEU I 580 5.15 -47.20 -4.65
N ARG I 581 6.04 -46.90 -3.71
CA ARG I 581 7.41 -46.55 -4.06
C ARG I 581 8.38 -47.31 -3.17
N TYR I 582 7.93 -47.68 -1.98
CA TYR I 582 8.78 -48.31 -0.98
C TYR I 582 8.01 -49.48 -0.38
N LEU I 583 8.55 -50.67 -0.55
CA LEU I 583 7.94 -51.88 -0.01
C LEU I 583 8.93 -52.52 0.95
N GLY I 584 8.73 -52.31 2.24
CA GLY I 584 9.66 -52.81 3.23
C GLY I 584 9.13 -54.01 3.99
N LEU I 585 9.65 -55.20 3.67
CA LEU I 585 9.26 -56.45 4.31
C LEU I 585 10.54 -57.10 4.81
N LYS I 586 10.96 -56.74 6.01
CA LYS I 586 12.20 -57.27 6.57
C LYS I 586 11.90 -57.88 7.93
N GLY I 587 12.34 -59.11 8.13
CA GLY I 587 12.07 -59.79 9.38
C GLY I 587 10.63 -60.19 9.56
N THR I 588 9.91 -60.41 8.46
CA THR I 588 8.54 -60.89 8.50
C THR I 588 8.50 -62.35 8.08
N HIS I 589 7.35 -62.99 8.30
CA HIS I 589 7.18 -64.40 7.97
C HIS I 589 6.50 -64.58 6.63
N VAL I 590 7.05 -63.96 5.60
CA VAL I 590 6.48 -64.05 4.26
C VAL I 590 7.17 -65.19 3.52
N LYS I 591 6.38 -66.09 2.94
CA LYS I 591 6.92 -67.25 2.26
C LYS I 591 7.04 -67.07 0.76
N ASP I 592 6.16 -66.28 0.16
CA ASP I 592 6.15 -66.14 -1.29
C ASP I 592 5.30 -64.94 -1.67
N LEU I 593 5.66 -64.31 -2.78
CA LEU I 593 5.15 -63.09 -3.37
C LEU I 593 4.14 -63.40 -4.47
N PRO I 594 3.14 -62.54 -4.63
CA PRO I 594 2.20 -62.73 -5.72
C PRO I 594 2.85 -62.36 -7.04
N MET I 595 2.64 -63.20 -8.06
CA MET I 595 3.27 -62.93 -9.35
C MET I 595 2.42 -61.86 -10.04
N GLU I 596 2.28 -60.73 -9.38
CA GLU I 596 1.70 -59.54 -9.99
C GLU I 596 2.46 -58.27 -9.63
N VAL I 597 3.57 -58.38 -8.90
CA VAL I 597 4.37 -57.21 -8.59
C VAL I 597 4.85 -56.49 -9.84
N GLY I 598 4.85 -57.19 -10.99
CA GLY I 598 5.22 -56.54 -12.23
C GLY I 598 4.36 -55.36 -12.59
N LYS I 599 3.20 -55.20 -11.95
CA LYS I 599 2.34 -54.06 -12.25
C LYS I 599 2.86 -52.76 -11.64
N LEU I 600 3.64 -52.84 -10.56
CA LEU I 600 4.13 -51.66 -9.85
C LEU I 600 5.25 -51.03 -10.66
N GLN I 601 4.88 -50.29 -11.70
CA GLN I 601 5.88 -49.69 -12.57
C GLN I 601 6.69 -48.63 -11.87
N PHE I 602 6.20 -48.07 -10.79
CA PHE I 602 6.95 -47.17 -9.93
C PHE I 602 7.23 -47.93 -8.65
N LEU I 603 8.49 -48.30 -8.43
CA LEU I 603 8.85 -48.97 -7.19
C LEU I 603 10.35 -48.77 -7.02
N LEU I 604 10.74 -47.89 -6.11
CA LEU I 604 12.15 -47.59 -5.95
C LEU I 604 12.87 -48.65 -5.15
N THR I 605 12.30 -49.07 -4.03
CA THR I 605 12.98 -49.94 -3.09
C THR I 605 12.18 -51.21 -2.86
N LEU I 606 12.89 -52.32 -2.73
CA LEU I 606 12.27 -53.62 -2.45
C LEU I 606 13.18 -54.36 -1.48
N ASP I 607 12.75 -54.50 -0.24
CA ASP I 607 13.60 -54.96 0.85
C ASP I 607 13.11 -56.32 1.33
N LEU I 608 13.89 -57.36 1.09
CA LEU I 608 13.55 -58.73 1.48
C LEU I 608 14.75 -59.32 2.21
N ARG I 609 14.71 -59.30 3.54
CA ARG I 609 15.82 -59.85 4.31
C ARG I 609 15.27 -60.46 5.59
N GLY I 610 15.73 -61.66 5.89
CA GLY I 610 15.18 -62.36 7.03
C GLY I 610 13.82 -62.96 6.81
N THR I 611 13.32 -62.93 5.59
CA THR I 611 12.06 -63.57 5.27
C THR I 611 12.32 -65.03 4.89
N LYS I 612 11.25 -65.77 4.60
CA LYS I 612 11.36 -67.18 4.27
C LYS I 612 11.20 -67.45 2.78
N ILE I 613 11.42 -66.44 1.94
CA ILE I 613 11.29 -66.62 0.50
C ILE I 613 12.47 -67.41 -0.03
N GLU I 614 12.24 -68.20 -1.08
CA GLU I 614 13.30 -68.97 -1.71
C GLU I 614 13.54 -68.60 -3.16
N VAL I 615 12.48 -68.45 -3.95
CA VAL I 615 12.61 -68.14 -5.37
C VAL I 615 11.75 -66.92 -5.67
N LEU I 616 12.36 -65.91 -6.26
CA LEU I 616 11.61 -64.72 -6.61
C LEU I 616 10.77 -64.97 -7.86
N PRO I 617 9.56 -64.42 -7.91
CA PRO I 617 8.75 -64.55 -9.13
C PRO I 617 9.42 -63.91 -10.32
N TRP I 618 9.11 -64.45 -11.49
CA TRP I 618 9.76 -64.02 -12.71
C TRP I 618 9.41 -62.57 -13.06
N SER I 619 8.16 -62.17 -12.85
CA SER I 619 7.73 -60.84 -13.29
C SER I 619 8.53 -59.72 -12.66
N VAL I 620 9.31 -60.01 -11.63
CA VAL I 620 10.22 -59.03 -11.02
C VAL I 620 11.12 -58.39 -12.07
N VAL I 621 11.42 -59.11 -13.14
CA VAL I 621 12.29 -58.55 -14.18
C VAL I 621 11.68 -57.26 -14.72
N GLN I 622 10.35 -57.16 -14.76
CA GLN I 622 9.68 -56.05 -15.41
C GLN I 622 9.36 -54.90 -14.44
N LEU I 623 10.33 -54.48 -13.64
CA LEU I 623 10.20 -53.31 -12.79
C LEU I 623 11.29 -52.34 -13.24
N ARG I 624 11.00 -51.56 -14.28
CA ARG I 624 12.06 -50.82 -14.94
C ARG I 624 12.66 -49.75 -14.03
N ARG I 625 11.83 -49.04 -13.28
CA ARG I 625 12.33 -48.08 -12.29
C ARG I 625 12.51 -48.84 -10.99
N LEU I 626 13.75 -49.17 -10.67
CA LEU I 626 14.06 -49.81 -9.39
C LEU I 626 15.50 -49.46 -9.07
N MET I 627 15.73 -48.93 -7.87
CA MET I 627 17.03 -48.40 -7.54
C MET I 627 17.73 -49.16 -6.43
N CYS I 628 17.05 -50.03 -5.70
CA CYS I 628 17.67 -50.71 -4.58
C CYS I 628 17.02 -52.06 -4.38
N LEU I 629 17.84 -53.10 -4.24
CA LEU I 629 17.34 -54.47 -4.11
C LEU I 629 18.12 -55.17 -3.01
N TYR I 630 17.50 -55.29 -1.84
CA TYR I 630 18.09 -56.06 -0.75
C TYR I 630 17.53 -57.47 -0.77
N VAL I 631 18.42 -58.45 -0.61
CA VAL I 631 18.03 -59.85 -0.75
C VAL I 631 19.09 -60.70 -0.07
N ASP I 632 18.71 -61.90 0.34
CA ASP I 632 19.66 -62.85 0.92
C ASP I 632 20.30 -63.69 -0.18
N TYR I 633 21.49 -64.22 0.12
CA TYR I 633 22.19 -65.00 -0.88
C TYR I 633 21.58 -66.37 -1.09
N GLY I 634 20.61 -66.76 -0.28
CA GLY I 634 19.93 -68.02 -0.46
C GLY I 634 18.72 -67.98 -1.37
N MET I 635 18.50 -66.87 -2.08
CA MET I 635 17.33 -66.72 -2.93
C MET I 635 17.73 -66.77 -4.39
N LYS I 636 16.89 -67.38 -5.22
CA LYS I 636 17.15 -67.56 -6.64
C LYS I 636 16.64 -66.35 -7.42
N LEU I 637 17.49 -65.80 -8.22
CA LEU I 637 16.99 -64.70 -9.03
C LEU I 637 16.62 -65.17 -10.42
N PRO I 638 15.59 -64.58 -11.02
CA PRO I 638 15.22 -64.96 -12.38
C PRO I 638 16.31 -64.61 -13.39
N SER I 639 16.06 -64.85 -14.67
CA SER I 639 17.13 -64.78 -15.65
C SER I 639 17.38 -63.36 -16.15
N GLY I 640 16.35 -62.69 -16.66
CA GLY I 640 16.57 -61.43 -17.35
C GLY I 640 16.86 -60.24 -16.47
N ILE I 641 17.80 -60.38 -15.52
CA ILE I 641 18.10 -59.30 -14.59
C ILE I 641 18.81 -58.13 -15.25
N GLY I 642 19.28 -58.29 -16.49
CA GLY I 642 19.97 -57.20 -17.15
C GLY I 642 19.09 -56.01 -17.44
N ASN I 643 17.77 -56.19 -17.47
CA ASN I 643 16.86 -55.11 -17.81
C ASN I 643 16.76 -54.07 -16.71
N LEU I 644 17.08 -54.42 -15.47
CA LEU I 644 16.93 -53.50 -14.34
C LEU I 644 18.10 -52.50 -14.34
N THR I 645 18.07 -51.60 -15.31
CA THR I 645 18.97 -50.47 -15.21
C THR I 645 18.53 -49.58 -14.05
N PHE I 646 19.32 -48.55 -13.79
CA PHE I 646 19.16 -47.62 -12.66
C PHE I 646 19.45 -48.27 -11.31
N LEU I 647 19.70 -49.57 -11.24
CA LEU I 647 20.05 -50.19 -9.97
C LEU I 647 21.31 -49.53 -9.42
N GLU I 648 21.18 -48.90 -8.26
CA GLU I 648 22.32 -48.28 -7.62
C GLU I 648 22.88 -49.08 -6.45
N VAL I 649 22.09 -50.00 -5.89
CA VAL I 649 22.53 -50.80 -4.75
C VAL I 649 22.02 -52.21 -4.96
N LEU I 650 22.92 -53.18 -4.93
CA LEU I 650 22.55 -54.58 -5.03
C LEU I 650 23.28 -55.34 -3.93
N ASP I 651 22.55 -56.12 -3.16
CA ASP I 651 23.07 -56.72 -1.94
C ASP I 651 22.97 -58.23 -2.00
N ASP I 652 24.10 -58.91 -1.78
CA ASP I 652 24.15 -60.35 -1.59
C ASP I 652 23.58 -61.11 -2.79
N LEU I 653 24.25 -60.97 -3.92
CA LEU I 653 23.97 -61.84 -5.05
C LEU I 653 24.18 -63.30 -4.65
N GLY I 654 23.35 -64.17 -5.20
CA GLY I 654 23.50 -65.58 -4.97
C GLY I 654 24.76 -66.12 -5.60
N LEU I 655 24.84 -66.03 -6.92
CA LEU I 655 25.98 -66.53 -7.68
C LEU I 655 26.26 -68.01 -7.34
N SER I 656 25.28 -68.83 -7.70
CA SER I 656 25.37 -70.28 -7.56
C SER I 656 24.37 -70.90 -8.51
N ASP I 657 24.77 -71.96 -9.21
CA ASP I 657 23.92 -72.64 -10.18
C ASP I 657 23.47 -71.68 -11.27
N VAL I 658 24.43 -70.97 -11.85
CA VAL I 658 24.17 -69.91 -12.82
C VAL I 658 25.03 -70.11 -14.05
N ASP I 659 24.44 -69.89 -15.23
CA ASP I 659 25.14 -69.98 -16.49
C ASP I 659 25.84 -68.67 -16.85
N LEU I 660 26.48 -68.64 -18.03
CA LEU I 660 27.35 -67.51 -18.39
C LEU I 660 26.56 -66.26 -18.78
N ASP I 661 25.44 -66.42 -19.47
CA ASP I 661 24.72 -65.24 -19.92
C ASP I 661 24.27 -64.38 -18.74
N PHE I 662 24.06 -65.02 -17.59
CA PHE I 662 23.77 -64.27 -16.37
C PHE I 662 24.94 -63.37 -16.00
N VAL I 663 26.14 -63.95 -15.93
CA VAL I 663 27.32 -63.19 -15.53
C VAL I 663 27.67 -62.16 -16.59
N LYS I 664 27.20 -62.35 -17.82
CA LYS I 664 27.41 -61.34 -18.84
C LYS I 664 26.40 -60.21 -18.72
N GLU I 665 25.14 -60.55 -18.42
CA GLU I 665 24.14 -59.54 -18.14
C GLU I 665 24.58 -58.62 -17.03
N LEU I 666 25.22 -59.19 -16.00
CA LEU I 666 25.70 -58.39 -14.87
C LEU I 666 26.49 -57.18 -15.33
N GLY I 667 27.10 -57.24 -16.50
CA GLY I 667 27.88 -56.13 -17.00
C GLY I 667 27.08 -54.97 -17.56
N ARG I 668 25.76 -55.08 -17.59
CA ARG I 668 24.94 -54.00 -18.14
C ARG I 668 24.50 -52.99 -17.10
N LEU I 669 24.45 -53.37 -15.82
CA LEU I 669 24.09 -52.44 -14.77
C LEU I 669 25.22 -51.44 -14.58
N THR I 670 25.13 -50.28 -15.23
CA THR I 670 26.30 -49.42 -15.32
C THR I 670 26.39 -48.43 -14.17
N LYS I 671 25.26 -47.88 -13.72
CA LYS I 671 25.28 -46.92 -12.61
C LYS I 671 24.94 -47.65 -11.33
N LEU I 672 25.92 -48.38 -10.81
CA LEU I 672 25.74 -49.23 -9.64
C LEU I 672 26.87 -48.96 -8.68
N ARG I 673 26.54 -48.54 -7.45
CA ARG I 673 27.54 -48.03 -6.53
C ARG I 673 27.87 -48.96 -5.38
N VAL I 674 27.13 -50.03 -5.18
CA VAL I 674 27.40 -50.98 -4.10
C VAL I 674 27.15 -52.39 -4.63
N LEU I 675 28.02 -53.32 -4.27
CA LEU I 675 27.89 -54.70 -4.74
C LEU I 675 28.39 -55.66 -3.67
N ARG I 676 27.75 -56.81 -3.57
CA ARG I 676 28.13 -57.86 -2.64
C ARG I 676 27.88 -59.23 -3.28
N LEU I 677 28.87 -60.10 -3.22
CA LEU I 677 28.81 -61.40 -3.88
C LEU I 677 28.94 -62.51 -2.85
N ASP I 678 28.77 -63.76 -3.31
CA ASP I 678 28.82 -64.86 -2.36
C ASP I 678 29.69 -66.04 -2.79
N PHE I 679 29.84 -66.26 -4.09
CA PHE I 679 30.72 -67.31 -4.62
C PHE I 679 30.47 -68.67 -3.97
N HIS I 680 29.22 -68.95 -3.58
CA HIS I 680 28.95 -70.15 -2.79
C HIS I 680 29.06 -71.42 -3.61
N GLY I 681 28.19 -71.56 -4.61
CA GLY I 681 28.24 -72.73 -5.48
C GLY I 681 28.78 -72.35 -6.83
N PHE I 682 29.01 -71.05 -7.02
CA PHE I 682 29.55 -70.51 -8.25
C PHE I 682 30.79 -71.27 -8.67
N ASP I 683 30.79 -71.74 -9.92
CA ASP I 683 31.92 -72.51 -10.40
C ASP I 683 33.05 -71.58 -10.82
N GLN I 684 34.22 -71.77 -10.20
CA GLN I 684 35.36 -70.91 -10.46
C GLN I 684 36.12 -71.38 -11.70
N SER I 685 35.44 -71.26 -12.84
CA SER I 685 36.06 -71.47 -14.14
C SER I 685 35.75 -70.29 -15.03
N MET I 686 34.72 -69.53 -14.66
CA MET I 686 34.20 -68.42 -15.44
C MET I 686 34.52 -67.07 -14.79
N GLY I 687 35.49 -67.03 -13.88
CA GLY I 687 35.78 -65.79 -13.18
C GLY I 687 36.19 -64.65 -14.08
N LYS I 688 36.72 -64.96 -15.26
CA LYS I 688 37.18 -63.91 -16.16
C LYS I 688 36.02 -63.06 -16.66
N ALA I 689 34.94 -63.71 -17.08
CA ALA I 689 33.76 -62.95 -17.51
C ALA I 689 33.25 -62.08 -16.38
N LEU I 690 33.28 -62.60 -15.16
CA LEU I 690 32.81 -61.83 -14.01
C LEU I 690 33.68 -60.61 -13.78
N GLU I 691 34.99 -60.77 -13.89
CA GLU I 691 35.87 -59.62 -13.66
C GLU I 691 35.75 -58.59 -14.78
N GLU I 692 35.50 -59.01 -16.01
CA GLU I 692 35.25 -58.04 -17.07
C GLU I 692 33.96 -57.28 -16.80
N SER I 693 32.89 -58.01 -16.46
CA SER I 693 31.64 -57.35 -16.14
C SER I 693 31.79 -56.35 -15.00
N ILE I 694 32.64 -56.67 -14.03
CA ILE I 694 32.86 -55.72 -12.94
C ILE I 694 33.63 -54.51 -13.43
N SER I 695 34.70 -54.74 -14.19
CA SER I 695 35.47 -53.63 -14.75
C SER I 695 34.64 -52.74 -15.65
N ASN I 696 33.48 -53.20 -16.10
CA ASN I 696 32.61 -52.36 -16.90
C ASN I 696 31.88 -51.28 -16.12
N MET I 697 31.76 -51.41 -14.80
CA MET I 697 31.03 -50.45 -13.98
C MET I 697 31.96 -49.31 -13.61
N TYR I 698 31.72 -48.13 -14.18
CA TYR I 698 32.63 -47.01 -13.94
C TYR I 698 32.42 -46.41 -12.56
N LYS I 699 31.21 -46.02 -12.23
CA LYS I 699 30.89 -45.48 -10.92
C LYS I 699 30.69 -46.65 -9.96
N LEU I 700 31.50 -46.69 -8.90
CA LEU I 700 31.38 -47.76 -7.92
C LEU I 700 32.22 -47.38 -6.71
N ASP I 701 31.72 -47.65 -5.52
CA ASP I 701 32.39 -47.27 -4.28
C ASP I 701 32.82 -48.46 -3.44
N SER I 702 31.92 -49.39 -3.19
CA SER I 702 32.20 -50.50 -2.28
C SER I 702 32.07 -51.81 -3.04
N LEU I 703 32.73 -52.84 -2.52
CA LEU I 703 32.70 -54.16 -3.13
C LEU I 703 33.03 -55.19 -2.07
N ASP I 704 32.30 -56.30 -2.08
CA ASP I 704 32.62 -57.45 -1.25
C ASP I 704 32.78 -58.68 -2.10
N VAL I 705 33.63 -59.60 -1.64
CA VAL I 705 33.69 -60.94 -2.18
C VAL I 705 33.83 -61.88 -0.99
N PHE I 706 32.85 -62.77 -0.83
CA PHE I 706 32.87 -63.75 0.24
C PHE I 706 33.13 -65.12 -0.36
N VAL I 707 34.11 -65.83 0.17
CA VAL I 707 34.48 -67.16 -0.31
C VAL I 707 34.67 -68.08 0.88
N ASN I 708 34.07 -69.27 0.82
CA ASN I 708 34.15 -70.19 1.95
C ASN I 708 35.59 -70.59 2.23
N ARG I 709 36.23 -71.26 1.27
CA ARG I 709 37.54 -71.85 1.49
C ARG I 709 38.36 -71.76 0.21
N GLY I 710 39.58 -72.26 0.28
CA GLY I 710 40.38 -72.44 -0.91
C GLY I 710 41.06 -71.16 -1.37
N LEU I 711 41.52 -71.21 -2.61
CA LEU I 711 42.21 -70.10 -3.25
C LEU I 711 41.24 -69.38 -4.16
N ILE I 712 41.24 -68.05 -4.08
CA ILE I 712 40.32 -67.24 -4.87
C ILE I 712 40.78 -67.22 -6.31
N ASN I 713 39.92 -67.69 -7.22
CA ASN I 713 40.26 -67.89 -8.62
C ASN I 713 39.63 -66.84 -9.53
N CYS I 714 39.48 -65.62 -9.03
CA CYS I 714 38.95 -64.53 -9.82
C CYS I 714 39.80 -63.30 -9.56
N LEU I 715 39.42 -62.18 -10.19
CA LEU I 715 40.15 -60.92 -10.07
C LEU I 715 41.64 -61.10 -10.37
N SER I 716 41.92 -61.82 -11.46
CA SER I 716 43.28 -62.07 -11.86
C SER I 716 44.00 -60.75 -12.17
N GLU I 717 45.31 -60.85 -12.33
CA GLU I 717 46.09 -59.67 -12.68
C GLU I 717 45.73 -59.20 -14.08
N HIS I 718 46.14 -57.97 -14.39
CA HIS I 718 45.71 -57.27 -15.60
C HIS I 718 44.18 -57.18 -15.63
N TRP I 719 43.64 -56.50 -14.62
CA TRP I 719 42.20 -56.39 -14.44
C TRP I 719 41.66 -54.99 -14.64
N VAL I 720 42.44 -53.95 -14.32
CA VAL I 720 42.01 -52.57 -14.47
C VAL I 720 40.75 -52.30 -13.65
N PRO I 721 40.87 -52.21 -12.33
CA PRO I 721 39.69 -51.97 -11.49
C PRO I 721 39.05 -50.63 -11.81
N PRO I 722 37.81 -50.42 -11.38
CA PRO I 722 37.17 -49.13 -11.63
C PRO I 722 37.90 -48.02 -10.89
N PRO I 723 37.90 -46.81 -11.44
CA PRO I 723 38.77 -45.77 -10.87
C PRO I 723 38.30 -45.24 -9.53
N ARG I 724 37.00 -45.10 -9.33
CA ARG I 724 36.49 -44.39 -8.16
C ARG I 724 36.37 -45.27 -6.93
N LEU I 725 36.80 -46.53 -6.99
CA LEU I 725 36.67 -47.44 -5.87
C LEU I 725 37.25 -46.81 -4.60
N CYS I 726 36.57 -47.01 -3.49
CA CYS I 726 36.98 -46.40 -2.23
C CYS I 726 36.97 -47.37 -1.06
N ARG I 727 36.42 -48.57 -1.22
CA ARG I 727 36.33 -49.51 -0.11
C ARG I 727 36.31 -50.92 -0.67
N LEU I 728 37.16 -51.78 -0.12
CA LEU I 728 37.32 -53.13 -0.63
C LEU I 728 37.52 -54.09 0.54
N ALA I 729 36.86 -55.23 0.50
CA ALA I 729 36.89 -56.14 1.64
C ALA I 729 36.67 -57.57 1.18
N PHE I 730 37.41 -58.49 1.81
CA PHE I 730 37.22 -59.93 1.64
C PHE I 730 37.10 -60.52 3.03
N PRO I 731 35.90 -60.60 3.57
CA PRO I 731 35.75 -60.99 4.97
C PRO I 731 35.83 -62.49 5.20
N SER I 732 36.35 -63.22 4.23
CA SER I 732 36.38 -64.69 4.32
C SER I 732 37.18 -65.16 5.53
N LYS I 733 38.47 -64.77 5.59
CA LYS I 733 39.44 -65.12 6.62
C LYS I 733 39.89 -66.57 6.56
N ARG I 734 39.33 -67.38 5.66
CA ARG I 734 39.82 -68.73 5.45
C ARG I 734 40.09 -69.05 4.00
N SER I 735 39.83 -68.12 3.09
CA SER I 735 40.20 -68.25 1.68
C SER I 735 41.25 -67.20 1.36
N TRP I 736 42.44 -67.64 0.99
CA TRP I 736 43.59 -66.76 0.85
C TRP I 736 43.75 -66.30 -0.59
N PHE I 737 44.43 -65.17 -0.76
CA PHE I 737 45.09 -64.85 -2.00
C PHE I 737 46.44 -65.54 -2.06
N LYS I 738 47.03 -65.56 -3.25
CA LYS I 738 48.45 -65.85 -3.36
C LYS I 738 49.17 -64.53 -3.09
N THR I 739 50.45 -64.41 -3.45
CA THR I 739 51.35 -63.40 -2.92
C THR I 739 50.69 -62.04 -2.70
N LEU I 740 50.19 -61.43 -3.77
CA LEU I 740 49.44 -60.19 -3.67
C LEU I 740 48.91 -59.83 -5.05
N PRO I 741 47.71 -59.26 -5.16
CA PRO I 741 47.27 -58.78 -6.46
C PRO I 741 48.23 -57.71 -6.96
N SER I 742 48.49 -57.73 -8.26
CA SER I 742 49.40 -56.76 -8.85
C SER I 742 48.78 -55.39 -9.00
N TRP I 743 47.45 -55.31 -9.06
CA TRP I 743 46.75 -54.06 -9.33
C TRP I 743 46.55 -53.20 -8.10
N ILE I 744 47.34 -53.39 -7.04
CA ILE I 744 47.18 -52.63 -5.80
C ILE I 744 48.08 -51.40 -5.82
N ASN I 745 48.77 -51.16 -6.93
CA ASN I 745 49.67 -50.03 -7.01
C ASN I 745 48.90 -48.72 -6.85
N PRO I 746 49.52 -47.69 -6.28
CA PRO I 746 48.78 -46.46 -5.99
C PRO I 746 48.35 -45.68 -7.21
N SER I 747 48.74 -46.12 -8.41
CA SER I 747 48.26 -45.44 -9.61
C SER I 747 46.89 -45.95 -10.00
N SER I 748 46.64 -47.25 -9.87
CA SER I 748 45.38 -47.82 -10.31
C SER I 748 44.27 -47.56 -9.29
N LEU I 749 44.62 -47.45 -8.01
CA LEU I 749 43.67 -47.18 -6.95
C LEU I 749 44.07 -45.90 -6.22
N PRO I 750 43.93 -44.74 -6.87
CA PRO I 750 44.30 -43.49 -6.20
C PRO I 750 43.48 -43.24 -4.96
N LEU I 751 42.20 -43.61 -4.98
CA LEU I 751 41.32 -43.46 -3.83
C LEU I 751 41.15 -44.82 -3.17
N LEU I 752 41.44 -44.89 -1.88
CA LEU I 752 41.16 -46.09 -1.10
C LEU I 752 41.31 -45.76 0.37
N SER I 753 40.25 -45.99 1.15
CA SER I 753 40.29 -45.69 2.57
C SER I 753 39.96 -46.89 3.43
N TYR I 754 39.98 -48.09 2.85
CA TYR I 754 39.62 -49.28 3.60
C TYR I 754 40.15 -50.49 2.85
N LEU I 755 40.66 -51.46 3.58
CA LEU I 755 41.18 -52.66 2.97
C LEU I 755 41.20 -53.77 4.01
N ASP I 756 40.94 -55.00 3.56
CA ASP I 756 40.85 -56.13 4.48
C ASP I 756 41.17 -57.38 3.67
N ILE I 757 42.38 -57.92 3.84
CA ILE I 757 42.83 -59.03 3.02
C ILE I 757 43.46 -60.10 3.90
N THR I 758 43.33 -61.34 3.46
CA THR I 758 44.03 -62.47 4.09
C THR I 758 44.90 -63.13 3.03
N LEU I 759 46.21 -62.96 3.16
CA LEU I 759 47.15 -63.52 2.19
C LEU I 759 47.63 -64.88 2.66
N PHE I 760 48.15 -65.65 1.70
CA PHE I 760 48.71 -66.96 2.05
C PHE I 760 50.00 -66.80 2.82
N GLU I 761 50.98 -66.13 2.22
CA GLU I 761 52.25 -65.84 2.89
C GLU I 761 52.64 -64.41 2.57
N VAL I 762 52.89 -63.63 3.62
CA VAL I 762 53.25 -62.23 3.46
C VAL I 762 54.76 -62.12 3.29
N ARG I 763 55.17 -61.22 2.40
CA ARG I 763 56.59 -60.92 2.22
C ARG I 763 56.95 -59.72 3.08
N SER I 764 58.19 -59.26 2.97
CA SER I 764 58.62 -58.04 3.65
C SER I 764 58.36 -56.81 2.79
N GLU I 765 58.38 -56.96 1.47
CA GLU I 765 58.20 -55.85 0.56
C GLU I 765 56.77 -55.80 0.02
N ASP I 766 55.84 -56.29 0.85
CA ASP I 766 54.42 -56.16 0.60
C ASP I 766 53.83 -54.99 1.35
N ILE I 767 54.23 -54.82 2.62
CA ILE I 767 53.86 -53.63 3.37
C ILE I 767 54.37 -52.37 2.66
N GLN I 768 55.46 -52.48 1.91
CA GLN I 768 55.96 -51.35 1.15
C GLN I 768 54.92 -50.86 0.16
N LEU I 769 54.34 -51.78 -0.62
CA LEU I 769 53.31 -51.38 -1.58
C LEU I 769 52.13 -50.72 -0.89
N LEU I 770 51.84 -51.11 0.35
CA LEU I 770 50.78 -50.45 1.10
C LEU I 770 51.20 -49.06 1.56
N GLY I 771 52.48 -48.87 1.84
CA GLY I 771 52.96 -47.54 2.11
C GLY I 771 52.82 -46.61 0.92
N THR I 772 52.83 -47.17 -0.29
CA THR I 772 52.70 -46.35 -1.48
C THR I 772 51.30 -45.77 -1.65
N LEU I 773 50.31 -46.33 -0.96
CA LEU I 773 48.93 -45.92 -1.20
C LEU I 773 48.66 -44.57 -0.54
N PRO I 774 48.03 -43.63 -1.24
CA PRO I 774 47.88 -42.27 -0.72
C PRO I 774 47.06 -42.17 0.55
N ALA I 775 45.81 -42.66 0.56
CA ALA I 775 44.92 -42.40 1.70
C ALA I 775 44.96 -43.54 2.73
N LEU I 776 44.46 -44.71 2.35
CA LEU I 776 44.51 -45.93 3.16
C LEU I 776 44.31 -45.64 4.66
N VAL I 777 43.12 -45.14 4.99
CA VAL I 777 42.84 -44.81 6.38
C VAL I 777 42.85 -46.05 7.25
N TYR I 778 42.22 -47.13 6.80
CA TYR I 778 42.08 -48.35 7.57
C TYR I 778 42.74 -49.50 6.83
N LEU I 779 43.27 -50.47 7.57
CA LEU I 779 43.98 -51.58 6.98
C LEU I 779 43.94 -52.78 7.92
N GLU I 780 43.82 -53.97 7.34
CA GLU I 780 43.80 -55.20 8.11
C GLU I 780 44.26 -56.36 7.25
N ILE I 781 45.32 -57.03 7.67
CA ILE I 781 45.90 -58.13 6.91
C ILE I 781 45.98 -59.35 7.81
N TRP I 782 45.69 -60.51 7.23
CA TRP I 782 45.87 -61.79 7.90
C TRP I 782 46.90 -62.61 7.16
N ASN I 783 47.67 -63.39 7.91
CA ASN I 783 48.64 -64.32 7.36
C ASN I 783 48.08 -65.73 7.50
N TYR I 784 47.65 -66.31 6.38
CA TYR I 784 46.92 -67.58 6.42
C TYR I 784 47.83 -68.73 6.84
N SER I 785 49.12 -68.65 6.51
CA SER I 785 50.03 -69.76 6.77
C SER I 785 50.34 -69.91 8.25
N VAL I 786 50.31 -68.81 9.01
CA VAL I 786 50.67 -68.89 10.42
C VAL I 786 49.68 -69.76 11.18
N PHE I 787 48.39 -69.56 10.93
CA PHE I 787 47.35 -70.24 11.70
C PHE I 787 47.03 -71.62 11.11
N GLU I 788 46.61 -71.66 9.85
CA GLU I 788 46.15 -72.92 9.28
C GLU I 788 47.30 -73.87 9.01
N GLU I 789 48.39 -73.37 8.44
CA GLU I 789 49.61 -74.16 8.34
C GLU I 789 50.38 -74.05 9.64
N ALA I 790 51.63 -74.50 9.65
CA ALA I 790 52.44 -74.50 10.86
C ALA I 790 53.64 -73.56 10.77
N HIS I 791 53.61 -72.60 9.85
CA HIS I 791 54.71 -71.67 9.72
C HIS I 791 54.82 -70.81 10.99
N GLU I 792 55.93 -70.10 11.09
CA GLU I 792 56.24 -69.31 12.27
C GLU I 792 56.26 -67.82 11.92
N VAL I 793 56.08 -67.00 12.96
CA VAL I 793 56.04 -65.56 12.77
C VAL I 793 57.40 -65.07 12.32
N GLU I 794 57.44 -64.35 11.21
CA GLU I 794 58.67 -63.81 10.64
C GLU I 794 58.65 -62.30 10.76
N ALA I 795 59.79 -61.73 11.15
CA ALA I 795 59.87 -60.31 11.38
C ALA I 795 59.99 -59.56 10.06
N PRO I 796 59.03 -58.71 9.71
CA PRO I 796 59.17 -57.91 8.49
C PRO I 796 59.94 -56.65 8.76
N VAL I 797 60.71 -56.23 7.75
CA VAL I 797 61.57 -55.06 7.86
C VAL I 797 61.19 -54.07 6.77
N LEU I 798 61.05 -52.81 7.15
CA LEU I 798 60.70 -51.75 6.23
C LEU I 798 61.90 -50.85 6.02
N SER I 799 62.09 -50.42 4.77
CA SER I 799 63.32 -49.70 4.42
C SER I 799 63.03 -48.78 3.25
N SER I 800 64.01 -47.91 2.97
CA SER I 800 64.04 -47.08 1.77
C SER I 800 62.81 -46.17 1.69
N GLY I 801 62.70 -45.29 2.66
CA GLY I 801 61.64 -44.32 2.62
C GLY I 801 61.27 -43.69 3.94
N ALA I 802 60.57 -42.56 3.84
CA ALA I 802 59.99 -41.88 4.99
C ALA I 802 58.57 -41.48 4.59
N ALA I 803 57.75 -41.18 5.59
CA ALA I 803 56.32 -40.92 5.39
C ALA I 803 55.69 -42.09 4.64
N LEU I 804 55.85 -43.28 5.20
CA LEU I 804 55.37 -44.48 4.54
C LEU I 804 53.84 -44.58 4.61
N PHE I 805 53.26 -44.30 5.77
CA PHE I 805 51.81 -44.43 5.95
C PHE I 805 51.19 -43.09 6.26
N PRO I 806 50.99 -42.24 5.25
CA PRO I 806 50.23 -41.00 5.49
C PRO I 806 48.75 -41.34 5.66
N CYS I 807 48.15 -40.80 6.73
CA CYS I 807 46.74 -41.01 7.03
C CYS I 807 46.42 -42.49 7.23
N ALA I 808 47.06 -43.07 8.25
CA ALA I 808 46.78 -44.45 8.65
C ALA I 808 46.45 -44.43 10.14
N THR I 809 45.16 -44.36 10.46
CA THR I 809 44.77 -44.24 11.86
C THR I 809 44.66 -45.58 12.57
N GLU I 810 44.49 -46.68 11.84
CA GLU I 810 44.44 -47.99 12.45
C GLU I 810 45.13 -48.98 11.55
N CYS I 811 45.78 -49.96 12.16
CA CYS I 811 46.45 -51.03 11.43
C CYS I 811 46.44 -52.27 12.30
N ARG I 812 46.05 -53.40 11.72
CA ARG I 812 45.94 -54.66 12.44
C ARG I 812 46.70 -55.72 11.64
N PHE I 813 47.99 -55.87 11.93
CA PHE I 813 48.81 -56.89 11.27
C PHE I 813 48.67 -58.22 11.99
N ILE I 814 47.45 -58.77 11.96
CA ILE I 814 47.17 -60.01 12.67
C ILE I 814 47.95 -61.14 11.98
N GLY I 815 48.92 -61.70 12.70
CA GLY I 815 49.77 -62.75 12.17
C GLY I 815 51.22 -62.34 11.96
N ILE I 816 51.52 -61.04 11.96
CA ILE I 816 52.87 -60.53 11.70
C ILE I 816 53.09 -59.28 12.53
N GLY I 817 54.19 -59.20 13.25
CA GLY I 817 54.38 -58.05 14.13
C GLY I 817 55.80 -57.57 14.33
N ALA I 818 55.99 -56.25 14.31
CA ALA I 818 57.25 -55.63 14.71
C ALA I 818 57.01 -54.14 14.92
N VAL I 819 57.31 -53.63 16.10
CA VAL I 819 57.10 -52.21 16.39
C VAL I 819 58.18 -51.32 15.77
N PRO I 820 59.47 -51.50 16.11
CA PRO I 820 60.45 -50.49 15.68
C PRO I 820 60.75 -50.55 14.19
N SER I 821 61.16 -51.72 13.72
CA SER I 821 61.66 -51.85 12.36
C SER I 821 60.59 -51.54 11.34
N MET I 822 59.32 -51.67 11.73
CA MET I 822 58.23 -51.28 10.85
C MET I 822 58.31 -49.79 10.53
N PHE I 823 58.47 -48.95 11.54
CA PHE I 823 58.34 -47.52 11.33
C PHE I 823 59.66 -46.81 11.58
N PRO I 824 60.44 -46.54 10.55
CA PRO I 824 61.70 -45.83 10.70
C PRO I 824 61.53 -44.33 10.53
N GLN I 825 62.39 -43.58 11.21
CA GLN I 825 62.50 -42.13 11.02
C GLN I 825 61.25 -41.39 11.52
N GLY I 826 60.20 -42.13 11.82
CA GLY I 826 58.92 -41.53 12.15
C GLY I 826 58.04 -41.48 10.92
N ALA I 827 57.16 -42.48 10.81
CA ALA I 827 56.26 -42.59 9.69
C ALA I 827 54.90 -42.97 10.26
N ALA I 828 53.86 -42.70 9.49
CA ALA I 828 52.48 -42.78 9.97
C ALA I 828 52.30 -41.93 11.22
N PRO I 829 52.45 -40.61 11.12
CA PRO I 829 52.27 -39.78 12.31
C PRO I 829 50.81 -39.47 12.57
N ARG I 830 49.97 -40.50 12.42
CA ARG I 830 48.56 -40.38 12.75
C ARG I 830 47.99 -41.65 13.34
N LEU I 831 48.81 -42.69 13.52
CA LEU I 831 48.31 -43.96 14.00
C LEU I 831 47.80 -43.82 15.43
N LYS I 832 46.74 -44.56 15.75
CA LYS I 832 46.15 -44.51 17.07
C LYS I 832 45.90 -45.88 17.68
N ARG I 833 45.85 -46.94 16.88
CA ARG I 833 45.62 -48.28 17.40
C ARG I 833 46.49 -49.24 16.60
N LEU I 834 47.31 -50.01 17.29
CA LEU I 834 48.20 -50.96 16.65
C LEU I 834 47.94 -52.36 17.17
N TRP I 835 47.87 -53.32 16.25
CA TRP I 835 47.71 -54.73 16.59
C TRP I 835 48.88 -55.48 15.98
N PHE I 836 49.65 -56.18 16.81
CA PHE I 836 50.77 -56.95 16.30
C PHE I 836 51.01 -58.16 17.19
N THR I 837 51.73 -59.13 16.64
CA THR I 837 52.11 -60.35 17.34
C THR I 837 53.60 -60.33 17.63
N PHE I 838 53.98 -60.95 18.75
CA PHE I 838 55.36 -60.95 19.20
C PHE I 838 55.70 -62.30 19.82
N PRO I 839 56.60 -63.08 19.21
CA PRO I 839 57.01 -64.35 19.85
C PRO I 839 57.86 -64.07 21.08
N ALA I 840 57.73 -64.96 22.07
CA ALA I 840 58.56 -64.82 23.27
C ALA I 840 60.02 -65.16 22.97
N LYS I 841 60.27 -65.83 21.84
CA LYS I 841 61.64 -66.12 21.45
C LYS I 841 62.47 -64.85 21.29
N TRP I 842 61.86 -63.79 20.77
CA TRP I 842 62.62 -62.58 20.51
C TRP I 842 62.67 -61.71 21.76
N SER I 843 63.03 -62.29 22.90
CA SER I 843 63.21 -61.47 24.09
C SER I 843 64.51 -60.68 23.99
N SER I 844 65.47 -61.17 23.21
CA SER I 844 66.76 -60.53 23.07
C SER I 844 66.93 -59.90 21.69
N ILE I 848 66.36 -55.43 18.28
CA ILE I 848 64.95 -55.07 18.33
C ILE I 848 64.63 -54.36 19.64
N GLY I 849 64.07 -53.16 19.52
CA GLY I 849 63.68 -52.38 20.68
C GLY I 849 62.27 -51.88 20.57
N LEU I 850 61.55 -51.86 21.68
CA LEU I 850 60.11 -51.55 21.67
C LEU I 850 59.84 -50.09 21.91
N GLY I 851 60.75 -49.21 21.48
CA GLY I 851 60.59 -47.78 21.66
C GLY I 851 59.38 -47.22 20.94
N MET I 852 58.46 -46.64 21.69
CA MET I 852 57.22 -46.12 21.15
C MET I 852 57.26 -44.61 20.93
N ARG I 853 58.43 -44.04 20.75
CA ARG I 853 58.56 -42.60 20.51
C ARG I 853 58.71 -42.27 19.03
N HIS I 854 58.77 -43.27 18.15
CA HIS I 854 58.60 -43.00 16.73
C HIS I 854 57.25 -42.38 16.46
N LEU I 855 56.22 -42.88 17.16
CA LEU I 855 54.84 -42.59 16.84
C LEU I 855 54.25 -41.68 17.89
N PRO I 856 53.98 -40.43 17.60
CA PRO I 856 53.41 -39.54 18.61
C PRO I 856 52.00 -39.96 19.02
N SER I 857 51.14 -40.17 18.04
CA SER I 857 49.71 -40.20 18.30
C SER I 857 49.22 -41.53 18.86
N LEU I 858 50.09 -42.43 19.28
CA LEU I 858 49.64 -43.72 19.79
C LEU I 858 48.70 -43.54 20.97
N GLN I 859 47.64 -44.34 21.00
CA GLN I 859 46.70 -44.33 22.10
C GLN I 859 46.26 -45.71 22.56
N ARG I 860 46.53 -46.77 21.80
CA ARG I 860 46.07 -48.10 22.16
C ARG I 860 46.89 -49.13 21.40
N VAL I 861 47.35 -50.15 22.12
CA VAL I 861 48.11 -51.23 21.52
C VAL I 861 47.57 -52.55 22.04
N VAL I 862 47.35 -53.51 21.14
CA VAL I 862 46.89 -54.84 21.48
C VAL I 862 47.92 -55.84 20.98
N VAL I 863 48.47 -56.63 21.89
CA VAL I 863 49.53 -57.57 21.56
C VAL I 863 49.08 -58.97 21.93
N ASP I 864 49.70 -59.96 21.30
CA ASP I 864 49.58 -61.35 21.70
C ASP I 864 50.93 -62.03 21.54
N VAL I 865 51.28 -62.87 22.51
CA VAL I 865 52.62 -63.43 22.63
C VAL I 865 52.52 -64.93 22.38
N ILE I 866 53.54 -65.48 21.72
CA ILE I 866 53.65 -66.91 21.47
C ILE I 866 54.72 -67.45 22.40
N SER I 867 54.32 -68.32 23.32
CA SER I 867 55.18 -68.70 24.42
C SER I 867 55.66 -70.15 24.37
N GLU I 868 55.48 -70.88 23.27
CA GLU I 868 55.82 -72.29 23.38
C GLU I 868 57.31 -72.49 23.15
N GLY I 869 57.88 -71.72 22.22
CA GLY I 869 59.31 -71.81 21.94
C GLY I 869 60.17 -71.35 23.11
N ALA I 870 59.85 -70.21 23.69
CA ALA I 870 60.64 -69.69 24.79
C ALA I 870 60.02 -70.08 26.12
N SER I 871 60.86 -70.12 27.16
CA SER I 871 60.39 -70.48 28.48
C SER I 871 59.63 -69.33 29.12
N ARG I 872 58.95 -69.64 30.23
CA ARG I 872 58.19 -68.64 30.97
C ARG I 872 59.11 -67.53 31.49
N GLU I 873 60.35 -67.88 31.85
CA GLU I 873 61.28 -66.87 32.36
C GLU I 873 61.60 -65.83 31.31
N GLU I 874 61.59 -66.20 30.03
CA GLU I 874 61.65 -65.17 28.99
C GLU I 874 60.29 -64.53 28.76
N ALA I 875 59.20 -65.27 29.04
CA ALA I 875 57.87 -64.76 28.76
C ALA I 875 57.54 -63.55 29.62
N ASP I 876 57.63 -63.71 30.94
CA ASP I 876 57.34 -62.58 31.83
C ASP I 876 58.37 -61.47 31.66
N GLU I 877 59.59 -61.83 31.31
CA GLU I 877 60.60 -60.84 30.99
C GLU I 877 60.12 -59.93 29.86
N ALA I 878 59.73 -60.52 28.73
CA ALA I 878 59.26 -59.74 27.60
C ALA I 878 57.99 -58.97 27.96
N GLU I 879 57.12 -59.57 28.78
CA GLU I 879 55.91 -58.88 29.21
C GLU I 879 56.25 -57.59 29.93
N ALA I 880 57.05 -57.69 30.99
CA ALA I 880 57.42 -56.48 31.73
C ALA I 880 58.17 -55.50 30.84
N ALA I 881 58.97 -56.02 29.90
CA ALA I 881 59.74 -55.15 29.02
C ALA I 881 58.82 -54.29 28.16
N LEU I 882 57.87 -54.91 27.46
CA LEU I 882 56.98 -54.13 26.61
C LEU I 882 56.03 -53.26 27.44
N ARG I 883 55.71 -53.71 28.66
CA ARG I 883 54.91 -52.85 29.54
C ARG I 883 55.64 -51.55 29.84
N ALA I 884 56.92 -51.65 30.21
CA ALA I 884 57.71 -50.45 30.45
C ALA I 884 57.81 -49.61 29.18
N ALA I 885 58.00 -50.28 28.04
CA ALA I 885 58.11 -49.56 26.77
C ALA I 885 56.83 -48.79 26.46
N ALA I 886 55.69 -49.29 26.94
CA ALA I 886 54.44 -48.55 26.78
C ALA I 886 54.33 -47.44 27.81
N GLU I 887 54.88 -47.66 29.00
CA GLU I 887 54.75 -46.66 30.06
C GLU I 887 55.60 -45.43 29.79
N ASP I 888 56.73 -45.59 29.10
CA ASP I 888 57.59 -44.43 28.88
C ASP I 888 56.94 -43.42 27.94
N HIS I 889 56.09 -43.89 27.03
CA HIS I 889 55.48 -43.01 26.04
C HIS I 889 54.65 -41.94 26.74
N PRO I 890 54.70 -40.69 26.28
CA PRO I 890 53.97 -39.63 26.98
C PRO I 890 52.46 -39.80 26.93
N ASN I 891 51.93 -40.24 25.79
CA ASN I 891 50.49 -40.46 25.69
C ASN I 891 50.03 -41.62 26.57
N ARG I 892 50.93 -42.55 26.90
CA ARG I 892 50.65 -43.68 27.76
C ARG I 892 49.49 -44.51 27.24
N PRO I 893 49.68 -45.23 26.14
CA PRO I 893 48.60 -46.07 25.60
C PRO I 893 48.32 -47.25 26.50
N ILE I 894 47.25 -47.95 26.17
CA ILE I 894 46.79 -49.10 26.94
C ILE I 894 47.28 -50.37 26.26
N LEU I 895 47.62 -51.38 27.07
CA LEU I 895 48.14 -52.63 26.57
C LEU I 895 47.16 -53.78 26.79
N ASP I 896 47.36 -54.84 26.01
CA ASP I 896 46.66 -56.10 26.15
C ASP I 896 47.56 -57.20 25.59
N ILE I 897 47.93 -58.15 26.43
CA ILE I 897 48.91 -59.17 26.01
C ILE I 897 48.20 -60.42 25.48
N TRP I 898 47.09 -60.81 26.11
CA TRP I 898 46.31 -61.94 25.61
C TRP I 898 47.12 -63.23 25.47
N VAL J 1 1.88 -91.43 42.30
CA VAL J 1 3.02 -91.79 43.13
C VAL J 1 4.34 -91.69 42.36
N ASN J 2 5.36 -91.14 43.03
CA ASN J 2 6.71 -91.12 42.51
C ASN J 2 7.60 -92.07 43.31
N PHE J 3 8.23 -93.00 42.60
CA PHE J 3 9.16 -93.92 43.24
C PHE J 3 10.39 -93.15 43.74
N PRO J 4 10.82 -93.40 44.96
CA PRO J 4 11.95 -92.63 45.51
C PRO J 4 13.27 -93.02 44.86
N PHE J 5 14.19 -92.07 44.84
CA PHE J 5 15.47 -92.28 44.17
C PHE J 5 16.30 -93.32 44.92
N PRO J 6 17.02 -94.17 44.20
CA PRO J 6 18.00 -95.05 44.86
C PRO J 6 19.17 -94.24 45.38
N LYS J 7 19.66 -94.64 46.55
CA LYS J 7 20.73 -93.93 47.24
C LYS J 7 21.83 -94.94 47.56
N LYS J 8 22.72 -95.15 46.60
CA LYS J 8 23.83 -96.07 46.79
C LYS J 8 25.13 -95.37 46.40
N MET J 9 26.18 -95.70 47.14
CA MET J 9 27.52 -95.26 46.84
C MET J 9 28.25 -96.41 46.16
N ILE J 10 28.99 -96.11 45.09
CA ILE J 10 29.41 -97.13 44.15
C ILE J 10 30.53 -97.97 44.74
N THR J 11 30.37 -99.30 44.67
CA THR J 11 31.27 -100.26 45.27
C THR J 11 32.02 -101.02 44.19
N GLU J 12 33.31 -101.28 44.43
CA GLU J 12 34.08 -102.07 43.47
C GLU J 12 33.57 -103.50 43.39
N SER J 13 32.95 -103.98 44.46
CA SER J 13 32.41 -105.33 44.49
C SER J 13 31.39 -105.55 43.38
N ASN J 14 30.29 -104.80 43.42
CA ASN J 14 29.29 -104.92 42.36
C ASN J 14 29.81 -104.32 41.06
N SER J 15 30.78 -103.41 41.16
CA SER J 15 31.45 -102.91 39.98
C SER J 15 32.02 -104.02 39.13
N LYS J 16 32.69 -104.99 39.75
CA LYS J 16 33.24 -106.12 39.01
C LYS J 16 32.15 -106.82 38.21
N ASP J 17 31.06 -107.19 38.89
CA ASP J 17 30.00 -107.95 38.23
C ASP J 17 29.39 -107.15 37.09
N ILE J 18 29.01 -105.89 37.36
CA ILE J 18 28.39 -105.07 36.32
C ILE J 18 29.36 -104.85 35.18
N ARG J 19 30.65 -104.73 35.48
CA ARG J 19 31.64 -104.48 34.44
C ARG J 19 31.77 -105.68 33.50
N GLU J 20 31.98 -106.87 34.04
CA GLU J 20 32.07 -108.02 33.14
C GLU J 20 30.74 -108.29 32.44
N TYR J 21 29.62 -107.94 33.09
CA TYR J 21 28.34 -108.11 32.42
C TYR J 21 28.24 -107.22 31.20
N LEU J 22 28.64 -105.95 31.33
CA LEU J 22 28.65 -105.06 30.17
C LEU J 22 29.67 -105.50 29.14
N ALA J 23 30.79 -106.05 29.57
CA ALA J 23 31.82 -106.49 28.64
C ALA J 23 31.44 -107.78 27.92
N SER J 24 30.48 -108.53 28.47
CA SER J 24 30.10 -109.82 27.90
C SER J 24 28.89 -109.70 26.96
N THR J 25 27.85 -108.99 27.37
CA THR J 25 26.66 -108.87 26.55
C THR J 25 26.92 -108.00 25.33
N PHE J 26 26.27 -108.36 24.22
CA PHE J 26 26.62 -107.79 22.92
C PHE J 26 26.46 -106.28 22.84
N PRO J 27 25.26 -105.71 23.07
CA PRO J 27 25.10 -104.28 22.76
C PRO J 27 25.93 -103.38 23.66
N PHE J 28 26.20 -103.79 24.90
CA PHE J 28 26.95 -102.96 25.83
C PHE J 28 28.46 -103.08 25.65
N GLU J 29 28.92 -103.93 24.73
CA GLU J 29 30.35 -104.03 24.47
C GLU J 29 30.86 -102.79 23.75
N GLN J 30 30.28 -102.47 22.59
CA GLN J 30 30.77 -101.39 21.76
C GLN J 30 30.44 -100.01 22.31
N GLN J 31 29.50 -99.92 23.23
CA GLN J 31 29.18 -98.64 23.87
C GLN J 31 29.95 -98.48 25.18
N SER J 32 30.31 -97.23 25.46
CA SER J 32 30.84 -96.84 26.76
C SER J 32 29.73 -96.17 27.55
N THR J 33 29.96 -96.05 28.84
CA THR J 33 28.94 -95.67 29.80
C THR J 33 29.36 -94.44 30.57
N ILE J 34 28.41 -93.78 31.21
CA ILE J 34 28.78 -92.64 32.03
C ILE J 34 29.54 -93.12 33.25
N LEU J 35 29.29 -94.37 33.69
CA LEU J 35 29.87 -94.86 34.93
C LEU J 35 31.39 -94.94 34.87
N ASP J 36 31.97 -94.86 33.67
CA ASP J 36 33.43 -94.80 33.56
C ASP J 36 33.98 -93.57 34.26
N SER J 37 33.14 -92.55 34.46
CA SER J 37 33.51 -91.33 35.15
C SER J 37 33.65 -91.53 36.65
N VAL J 38 33.20 -92.66 37.19
CA VAL J 38 33.20 -92.87 38.63
C VAL J 38 34.63 -93.18 39.08
N LYS J 39 34.90 -93.03 40.38
CA LYS J 39 36.24 -93.22 40.91
C LYS J 39 36.78 -94.61 40.62
N SER J 40 36.13 -95.64 41.17
CA SER J 40 36.64 -97.01 41.15
C SER J 40 35.58 -97.95 40.59
N ILE J 41 35.52 -98.05 39.27
CA ILE J 41 34.84 -99.14 38.58
C ILE J 41 35.79 -99.73 37.55
N ALA J 42 37.09 -99.65 37.82
CA ALA J 42 38.09 -99.94 36.80
C ALA J 42 38.13 -101.45 36.54
N LYS J 43 39.19 -101.91 35.86
CA LYS J 43 39.31 -103.28 35.36
C LYS J 43 38.32 -103.60 34.24
N VAL J 44 38.55 -103.02 33.06
CA VAL J 44 37.69 -103.27 31.90
C VAL J 44 38.10 -104.56 31.15
N GLN J 45 39.40 -104.75 30.91
CA GLN J 45 39.93 -105.83 30.05
C GLN J 45 39.12 -106.01 28.76
N ILE J 46 39.17 -105.05 27.84
CA ILE J 46 38.54 -105.27 26.55
C ILE J 46 39.56 -105.13 25.42
N ASP J 47 39.41 -106.00 24.41
CA ASP J 47 40.15 -105.95 23.15
C ASP J 47 39.19 -105.72 21.99
N ASP J 48 39.60 -104.87 21.06
CA ASP J 48 38.71 -104.45 19.98
C ASP J 48 38.83 -105.30 18.72
N ARG J 49 39.81 -106.21 18.63
CA ARG J 49 39.94 -106.99 17.41
C ARG J 49 38.72 -107.88 17.19
N LYS J 50 38.27 -108.55 18.23
CA LYS J 50 37.07 -109.38 18.11
C LYS J 50 35.84 -108.52 17.81
N ALA J 51 35.69 -107.40 18.52
CA ALA J 51 34.58 -106.50 18.21
C ALA J 51 34.66 -106.02 16.77
N PHE J 52 35.88 -105.88 16.25
CA PHE J 52 36.10 -105.38 14.90
C PHE J 52 35.64 -106.40 13.86
N ASP J 53 36.08 -107.65 14.00
CA ASP J 53 35.66 -108.64 13.01
C ASP J 53 34.18 -108.96 13.18
N LEU J 54 33.65 -108.81 14.40
CA LEU J 54 32.20 -108.86 14.59
C LEU J 54 31.49 -107.79 13.77
N GLN J 55 32.02 -106.56 13.81
CA GLN J 55 31.44 -105.50 13.00
C GLN J 55 31.54 -105.83 11.51
N LEU J 56 32.65 -106.45 11.12
CA LEU J 56 32.80 -106.89 9.73
C LEU J 56 31.68 -107.84 9.33
N LYS J 57 31.44 -108.85 10.16
CA LYS J 57 30.37 -109.80 9.88
C LYS J 57 29.01 -109.10 9.86
N PHE J 58 28.79 -108.18 10.81
CA PHE J 58 27.53 -107.44 10.86
C PHE J 58 27.30 -106.68 9.56
N ARG J 59 28.32 -105.98 9.09
CA ARG J 59 28.19 -105.20 7.86
C ARG J 59 27.94 -106.11 6.66
N GLN J 60 28.68 -107.22 6.57
CA GLN J 60 28.46 -108.17 5.49
C GLN J 60 27.02 -108.66 5.49
N GLU J 61 26.53 -109.10 6.64
CA GLU J 61 25.18 -109.63 6.75
C GLU J 61 24.15 -108.57 6.38
N ASN J 62 24.34 -107.33 6.83
CA ASN J 62 23.34 -106.30 6.59
C ASN J 62 23.29 -105.91 5.13
N LEU J 63 24.46 -105.78 4.48
CA LEU J 63 24.46 -105.47 3.06
C LEU J 63 23.81 -106.60 2.26
N ALA J 64 24.12 -107.85 2.62
CA ALA J 64 23.49 -108.98 1.95
C ALA J 64 21.98 -108.94 2.11
N GLU J 65 21.51 -108.64 3.32
CA GLU J 65 20.07 -108.63 3.59
C GLU J 65 19.35 -107.55 2.80
N LEU J 66 19.90 -106.33 2.79
CA LEU J 66 19.27 -105.28 2.02
C LEU J 66 19.30 -105.58 0.53
N LYS J 67 20.37 -106.22 0.04
CA LYS J 67 20.38 -106.63 -1.36
C LYS J 67 19.26 -107.64 -1.64
N ASP J 68 19.08 -108.60 -0.72
CA ASP J 68 17.97 -109.53 -0.80
C ASP J 68 16.65 -108.79 -0.95
N GLN J 69 16.48 -107.74 -0.15
CA GLN J 69 15.23 -107.00 -0.23
C GLN J 69 15.16 -106.18 -1.52
N ILE J 70 16.31 -105.79 -2.06
CA ILE J 70 16.33 -104.93 -3.24
C ILE J 70 15.85 -105.70 -4.47
N ILE J 71 16.27 -106.95 -4.61
CA ILE J 71 15.80 -107.73 -5.76
C ILE J 71 14.27 -107.80 -5.78
N LEU J 72 13.66 -108.18 -4.65
CA LEU J 72 12.21 -108.35 -4.63
C LEU J 72 11.49 -107.01 -4.66
N SER J 73 12.11 -105.94 -4.15
CA SER J 73 11.54 -104.62 -4.31
C SER J 73 11.57 -104.17 -5.76
N LEU J 74 12.55 -104.61 -6.54
CA LEU J 74 12.53 -104.37 -7.97
C LEU J 74 11.49 -105.24 -8.66
N GLY J 75 11.20 -106.41 -8.08
CA GLY J 75 10.24 -107.31 -8.70
C GLY J 75 8.86 -106.70 -8.87
N ALA J 76 8.31 -106.13 -7.79
CA ALA J 76 6.97 -105.54 -7.79
C ALA J 76 7.05 -104.13 -7.19
N ASN J 77 7.20 -103.14 -8.07
CA ASN J 77 7.39 -101.75 -7.67
C ASN J 77 6.24 -100.91 -8.19
N ASN J 78 5.84 -99.91 -7.41
CA ASN J 78 4.74 -99.03 -7.76
C ASN J 78 5.27 -97.77 -8.44
N GLY J 79 5.59 -97.88 -9.71
CA GLY J 79 6.29 -96.82 -10.40
C GLY J 79 7.77 -97.11 -10.35
N ASN J 80 8.34 -97.54 -11.47
CA ASN J 80 9.71 -98.03 -11.46
C ASN J 80 10.67 -96.91 -11.10
N GLN J 81 11.43 -97.11 -10.04
CA GLN J 81 12.36 -96.10 -9.53
C GLN J 81 13.80 -96.43 -9.85
N ASN J 82 14.06 -97.21 -10.90
CA ASN J 82 15.41 -97.58 -11.30
C ASN J 82 16.15 -98.24 -10.14
N TRP J 83 15.48 -99.24 -9.56
CA TRP J 83 16.02 -99.90 -8.37
C TRP J 83 17.28 -100.68 -8.69
N GLN J 84 17.43 -101.12 -9.94
CA GLN J 84 18.65 -101.80 -10.32
C GLN J 84 19.87 -100.88 -10.23
N LYS J 85 19.64 -99.56 -10.24
CA LYS J 85 20.74 -98.62 -10.03
C LYS J 85 21.25 -98.70 -8.60
N LEU J 86 20.35 -98.64 -7.62
CA LEU J 86 20.75 -98.88 -6.24
C LEU J 86 21.33 -100.28 -6.07
N LEU J 87 20.86 -101.24 -6.87
CA LEU J 87 21.43 -102.57 -6.83
C LEU J 87 22.88 -102.56 -7.29
N ASP J 88 23.18 -101.86 -8.39
CA ASP J 88 24.56 -101.71 -8.83
C ASP J 88 25.39 -101.01 -7.76
N TYR J 89 24.76 -100.07 -7.05
CA TYR J 89 25.46 -99.40 -5.96
C TYR J 89 25.86 -100.40 -4.89
N THR J 90 24.92 -101.25 -4.46
CA THR J 90 25.29 -102.26 -3.46
C THR J 90 26.20 -103.32 -4.05
N ASN J 91 26.17 -103.51 -5.37
CA ASN J 91 27.12 -104.41 -6.01
C ASN J 91 28.55 -103.91 -5.84
N LYS J 92 28.80 -102.67 -6.25
CA LYS J 92 30.13 -102.11 -6.06
C LYS J 92 30.47 -101.98 -4.58
N LEU J 93 29.44 -101.80 -3.75
CA LEU J 93 29.61 -101.79 -2.30
C LEU J 93 30.22 -103.09 -1.81
N ASP J 94 29.59 -104.22 -2.12
CA ASP J 94 30.15 -105.52 -1.71
C ASP J 94 31.49 -105.76 -2.38
N GLU J 95 31.66 -105.33 -3.63
CA GLU J 95 32.94 -105.48 -4.31
C GLU J 95 34.06 -104.83 -3.52
N LEU J 96 33.93 -103.52 -3.28
CA LEU J 96 34.93 -102.79 -2.51
C LEU J 96 35.11 -103.40 -1.12
N SER J 97 34.01 -103.90 -0.54
CA SER J 97 34.07 -104.40 0.82
C SER J 97 34.88 -105.69 0.95
N ASN J 98 34.86 -106.55 -0.09
CA ASN J 98 35.46 -107.86 0.11
C ASN J 98 36.96 -107.87 -0.20
N THR J 99 37.39 -107.27 -1.30
CA THR J 99 38.76 -107.43 -1.75
C THR J 99 39.69 -106.45 -1.06
N LYS J 100 40.96 -106.80 -1.03
CA LYS J 100 42.00 -105.83 -0.73
C LYS J 100 42.52 -105.23 -2.04
N ILE J 101 42.59 -103.90 -2.09
CA ILE J 101 43.03 -103.17 -3.27
C ILE J 101 44.03 -102.11 -2.86
N SER J 102 44.56 -101.39 -3.84
CA SER J 102 45.45 -100.28 -3.55
C SER J 102 44.64 -99.14 -2.93
N PRO J 103 45.26 -98.31 -2.09
CA PRO J 103 44.53 -97.18 -1.49
C PRO J 103 43.94 -96.21 -2.49
N GLU J 104 44.63 -95.96 -3.61
CA GLU J 104 44.14 -94.99 -4.57
C GLU J 104 42.85 -95.44 -5.22
N GLU J 105 42.78 -96.71 -5.61
CA GLU J 105 41.56 -97.22 -6.24
C GLU J 105 40.36 -97.11 -5.29
N PHE J 106 40.56 -97.46 -4.02
CA PHE J 106 39.52 -97.32 -3.03
C PHE J 106 39.06 -95.87 -2.90
N ILE J 107 40.02 -94.94 -2.87
CA ILE J 107 39.67 -93.52 -2.87
C ILE J 107 38.77 -93.18 -4.05
N GLU J 108 39.21 -93.54 -5.26
CA GLU J 108 38.48 -93.16 -6.47
C GLU J 108 37.06 -93.68 -6.42
N GLU J 109 36.91 -94.97 -6.14
CA GLU J 109 35.59 -95.58 -6.26
C GLU J 109 34.67 -95.13 -5.14
N ILE J 110 35.21 -94.97 -3.92
CA ILE J 110 34.43 -94.44 -2.82
C ILE J 110 33.92 -93.04 -3.15
N GLN J 111 34.82 -92.17 -3.62
CA GLN J 111 34.41 -90.83 -3.99
C GLN J 111 33.37 -90.85 -5.09
N LYS J 112 33.54 -91.72 -6.09
CA LYS J 112 32.59 -91.77 -7.20
C LYS J 112 31.21 -92.13 -6.72
N VAL J 113 31.09 -93.25 -6.00
CA VAL J 113 29.80 -93.69 -5.52
C VAL J 113 29.17 -92.64 -4.62
N LEU J 114 29.97 -92.06 -3.71
CA LEU J 114 29.43 -91.09 -2.77
C LEU J 114 28.95 -89.83 -3.49
N TYR J 115 29.70 -89.38 -4.49
CA TYR J 115 29.34 -88.16 -5.19
C TYR J 115 28.15 -88.36 -6.11
N LYS J 116 27.94 -89.59 -6.61
CA LYS J 116 26.78 -89.78 -7.48
C LYS J 116 25.52 -90.13 -6.69
N VAL J 117 25.64 -90.66 -5.47
CA VAL J 117 24.43 -90.76 -4.67
C VAL J 117 23.99 -89.39 -4.16
N LYS J 118 24.85 -88.38 -4.27
CA LYS J 118 24.52 -87.03 -3.81
C LYS J 118 23.23 -86.52 -4.43
N LEU J 119 23.05 -86.70 -5.73
CA LEU J 119 21.86 -86.21 -6.40
C LEU J 119 20.76 -87.28 -6.29
N SER J 123 12.71 -88.84 -4.71
CA SER J 123 11.70 -88.22 -3.87
C SER J 123 10.35 -88.92 -4.02
N THR J 124 10.32 -89.95 -4.86
CA THR J 124 9.07 -90.66 -5.13
C THR J 124 8.60 -91.45 -3.91
N SER J 125 9.40 -92.43 -3.49
CA SER J 125 9.07 -93.26 -2.33
C SER J 125 9.88 -92.80 -1.11
N LYS J 126 9.44 -93.26 0.06
CA LYS J 126 10.14 -92.87 1.28
C LYS J 126 11.19 -93.90 1.66
N LEU J 127 10.85 -95.19 1.60
CA LEU J 127 11.82 -96.24 1.88
C LEU J 127 12.85 -96.33 0.78
N TYR J 128 12.55 -95.81 -0.41
CA TYR J 128 13.57 -95.60 -1.42
C TYR J 128 14.68 -94.71 -0.89
N SER J 129 14.29 -93.53 -0.40
CA SER J 129 15.26 -92.65 0.22
C SER J 129 15.93 -93.29 1.43
N GLN J 130 15.19 -94.11 2.18
CA GLN J 130 15.80 -94.84 3.28
C GLN J 130 16.91 -95.76 2.79
N PHE J 131 16.66 -96.45 1.67
CA PHE J 131 17.69 -97.31 1.09
C PHE J 131 18.88 -96.50 0.63
N ASN J 132 18.64 -95.32 0.06
CA ASN J 132 19.74 -94.44 -0.34
C ASN J 132 20.59 -94.05 0.86
N LEU J 133 19.92 -93.64 1.93
CA LEU J 133 20.61 -93.23 3.15
C LEU J 133 21.40 -94.39 3.73
N SER J 134 20.82 -95.59 3.72
CA SER J 134 21.54 -96.75 4.21
C SER J 134 22.74 -97.07 3.34
N ILE J 135 22.62 -96.88 2.02
CA ILE J 135 23.76 -97.06 1.13
C ILE J 135 24.89 -96.15 1.56
N GLN J 136 24.58 -94.86 1.76
CA GLN J 136 25.61 -93.91 2.17
C GLN J 136 26.24 -94.31 3.50
N ASP J 137 25.40 -94.65 4.48
CA ASP J 137 25.90 -95.01 5.79
C ASP J 137 26.82 -96.23 5.72
N PHE J 138 26.42 -97.24 4.96
CA PHE J 138 27.26 -98.43 4.83
C PHE J 138 28.56 -98.12 4.12
N ALA J 139 28.52 -97.22 3.14
CA ALA J 139 29.75 -96.83 2.46
C ALA J 139 30.74 -96.20 3.43
N LEU J 140 30.30 -95.22 4.22
CA LEU J 140 31.23 -94.57 5.13
C LEU J 140 31.60 -95.50 6.29
N GLN J 141 30.74 -96.45 6.64
CA GLN J 141 31.13 -97.49 7.59
C GLN J 141 32.25 -98.35 7.02
N ILE J 142 32.17 -98.68 5.73
CA ILE J 142 33.25 -99.37 5.05
C ILE J 142 34.53 -98.55 5.15
N ILE J 143 34.40 -97.24 4.95
CA ILE J 143 35.56 -96.35 5.06
C ILE J 143 36.19 -96.47 6.45
N HIS J 144 35.37 -96.37 7.49
CA HIS J 144 35.90 -96.46 8.85
C HIS J 144 36.59 -97.80 9.11
N SER J 145 35.93 -98.90 8.72
CA SER J 145 36.54 -100.21 8.91
C SER J 145 37.86 -100.31 8.16
N LYS J 146 37.89 -99.86 6.91
CA LYS J 146 39.10 -99.90 6.11
C LYS J 146 40.23 -99.14 6.77
N TYR J 147 39.93 -97.97 7.33
CA TYR J 147 40.96 -97.23 8.04
C TYR J 147 41.44 -98.00 9.25
N LYS J 148 40.50 -98.57 10.01
CA LYS J 148 40.89 -99.34 11.19
C LYS J 148 41.62 -100.62 10.79
N SER J 149 41.41 -101.10 9.57
CA SER J 149 42.11 -102.29 9.09
C SER J 149 43.55 -101.99 8.66
N ASN J 150 44.06 -100.79 8.95
CA ASN J 150 45.44 -100.37 8.68
C ASN J 150 45.81 -100.47 7.21
N GLN J 151 44.84 -100.59 6.33
CA GLN J 151 45.11 -100.60 4.90
C GLN J 151 45.19 -99.20 4.31
N ILE J 152 44.85 -98.18 5.09
CA ILE J 152 44.85 -96.80 4.65
C ILE J 152 45.58 -95.95 5.68
N SER J 153 46.41 -95.03 5.20
CA SER J 153 47.23 -94.20 6.07
C SER J 153 46.38 -93.15 6.77
N GLN J 154 47.04 -92.24 7.47
CA GLN J 154 46.35 -91.09 8.04
C GLN J 154 46.30 -89.94 7.04
N ASN J 155 47.39 -89.75 6.30
CA ASN J 155 47.51 -88.63 5.39
C ASN J 155 46.38 -88.64 4.36
N ASP J 156 46.21 -89.79 3.69
CA ASP J 156 45.17 -89.94 2.69
C ASP J 156 43.78 -89.87 3.30
N LEU J 157 43.60 -90.41 4.51
CA LEU J 157 42.30 -90.33 5.16
C LEU J 157 41.90 -88.88 5.38
N LEU J 158 42.86 -88.04 5.80
CA LEU J 158 42.57 -86.62 5.95
C LEU J 158 42.26 -85.97 4.62
N LYS J 159 43.11 -86.21 3.61
CA LYS J 159 42.86 -85.66 2.28
C LYS J 159 41.50 -86.08 1.75
N LEU J 160 41.00 -87.21 2.20
CA LEU J 160 39.68 -87.68 1.82
C LEU J 160 38.59 -86.95 2.57
N ILE J 161 38.73 -86.81 3.88
CA ILE J 161 37.63 -86.35 4.72
C ILE J 161 37.56 -84.82 4.77
N THR J 162 38.72 -84.16 4.72
CA THR J 162 38.74 -82.72 4.91
C THR J 162 38.24 -81.94 3.71
N GLU J 163 38.16 -82.54 2.53
CA GLU J 163 37.63 -81.83 1.38
C GLU J 163 36.15 -81.53 1.61
N ASP J 164 35.68 -80.43 1.02
CA ASP J 164 34.42 -79.80 1.45
C ASP J 164 33.23 -80.75 1.35
N GLU J 165 33.08 -81.43 0.21
CA GLU J 165 31.87 -82.20 -0.04
C GLU J 165 31.69 -83.30 1.00
N MET J 166 32.78 -83.95 1.40
CA MET J 166 32.67 -84.99 2.41
C MET J 166 32.22 -84.40 3.74
N LEU J 167 32.70 -83.20 4.07
CA LEU J 167 32.24 -82.54 5.28
C LEU J 167 30.75 -82.23 5.20
N LYS J 168 30.28 -81.82 4.03
CA LYS J 168 28.87 -81.51 3.86
C LYS J 168 27.99 -82.75 3.82
N ILE J 169 28.58 -83.94 3.82
CA ILE J 169 27.84 -85.19 3.77
C ILE J 169 27.84 -85.90 5.11
N LEU J 170 28.96 -85.83 5.84
CA LEU J 170 29.04 -86.47 7.13
C LEU J 170 27.91 -86.02 8.05
N ALA J 171 27.70 -84.72 8.15
CA ALA J 171 26.67 -84.20 9.05
C ALA J 171 25.28 -84.61 8.60
N LYS J 172 25.03 -84.51 7.30
CA LYS J 172 23.73 -84.91 6.76
C LYS J 172 23.40 -86.34 7.15
N THR J 173 24.34 -87.26 6.92
CA THR J 173 24.07 -88.65 7.23
C THR J 173 23.95 -88.85 8.73
N LYS J 174 24.88 -88.25 9.50
CA LYS J 174 24.88 -88.44 10.94
C LYS J 174 23.59 -88.00 11.60
N VAL J 175 22.94 -86.98 11.04
CA VAL J 175 21.68 -86.52 11.62
C VAL J 175 20.51 -87.32 11.07
N LEU J 176 20.46 -87.51 9.75
CA LEU J 176 19.28 -88.13 9.14
C LEU J 176 19.13 -89.58 9.56
N THR J 177 20.24 -90.33 9.61
CA THR J 177 20.13 -91.73 10.00
C THR J 177 19.69 -91.85 11.45
N TYR J 178 20.26 -91.04 12.33
CA TYR J 178 19.84 -91.07 13.73
C TYR J 178 18.37 -90.77 13.87
N LYS J 179 17.88 -89.75 13.16
CA LYS J 179 16.45 -89.45 13.20
C LYS J 179 15.64 -90.65 12.74
N MET J 180 15.90 -91.11 11.50
CA MET J 180 15.16 -92.22 10.92
C MET J 180 15.18 -93.46 11.80
N LYS J 181 16.24 -93.64 12.58
CA LYS J 181 16.36 -94.86 13.38
C LYS J 181 15.79 -94.73 14.78
N TYR J 182 15.78 -93.54 15.36
CA TYR J 182 15.45 -93.41 16.78
C TYR J 182 14.32 -92.46 17.11
N PHE J 183 13.73 -91.77 16.12
CA PHE J 183 12.79 -90.72 16.44
C PHE J 183 11.50 -91.27 17.05
N ASP J 184 10.98 -92.35 16.48
CA ASP J 184 9.75 -92.93 17.02
C ASP J 184 9.96 -93.50 18.42
N SER J 185 11.11 -94.15 18.62
CA SER J 185 11.43 -94.65 19.95
C SER J 185 11.52 -93.50 20.95
N ALA J 186 12.15 -92.40 20.55
CA ALA J 186 12.29 -91.26 21.46
C ALA J 186 10.94 -90.62 21.74
N SER J 187 10.06 -90.58 20.75
CA SER J 187 8.73 -90.01 20.95
C SER J 187 7.89 -90.86 21.89
N LYS J 188 7.86 -92.19 21.67
CA LYS J 188 7.09 -93.04 22.57
C LYS J 188 7.68 -93.02 23.98
N MET J 189 9.01 -92.94 24.09
CA MET J 189 9.63 -92.81 25.40
C MET J 189 9.46 -91.41 25.97
N GLY J 190 9.16 -90.42 25.14
CA GLY J 190 8.92 -89.08 25.63
C GLY J 190 10.17 -88.32 26.01
N ILE J 191 11.32 -88.63 25.42
CA ILE J 191 12.55 -87.91 25.66
C ILE J 191 13.05 -87.16 24.44
N ASN J 192 12.35 -87.28 23.31
CA ASN J 192 12.80 -86.64 22.07
C ASN J 192 13.06 -85.15 22.25
N LYS J 193 12.34 -84.51 23.19
CA LYS J 193 12.64 -83.12 23.51
C LYS J 193 14.04 -82.94 24.09
N TYR J 194 14.72 -84.02 24.45
CA TYR J 194 16.10 -83.97 24.94
C TYR J 194 16.93 -84.86 24.03
N ILE J 195 17.37 -84.29 22.91
CA ILE J 195 18.23 -84.98 21.95
C ILE J 195 19.27 -83.97 21.48
N SER J 196 20.52 -84.16 21.87
CA SER J 196 21.58 -83.21 21.55
C SER J 196 22.49 -83.79 20.47
N THR J 197 22.79 -82.98 19.46
CA THR J 197 23.77 -83.39 18.46
C THR J 197 25.13 -83.65 19.07
N GLU J 198 25.39 -83.13 20.26
CA GLU J 198 26.71 -83.29 20.87
C GLU J 198 26.95 -84.72 21.30
N MET J 199 25.91 -85.43 21.75
CA MET J 199 26.03 -86.77 22.27
C MET J 199 25.56 -87.83 21.28
N MET J 200 25.45 -87.48 19.99
CA MET J 200 25.05 -88.46 18.99
C MET J 200 26.04 -89.61 18.92
N ASP J 201 27.34 -89.30 18.89
CA ASP J 201 28.35 -90.32 18.71
C ASP J 201 28.71 -91.00 20.03
N LEU J 202 27.70 -91.45 20.77
CA LEU J 202 27.91 -92.26 21.96
C LEU J 202 27.16 -93.58 21.87
N ASP J 203 26.50 -93.86 20.76
CA ASP J 203 25.84 -95.12 20.51
C ASP J 203 26.75 -95.99 19.65
N TRP J 204 26.66 -97.31 19.86
CA TRP J 204 27.41 -98.23 19.02
C TRP J 204 27.01 -98.12 17.56
N GLN J 205 25.81 -97.59 17.29
CA GLN J 205 25.37 -97.38 15.91
C GLN J 205 26.12 -96.26 15.23
N PHE J 206 26.76 -95.37 15.99
CA PHE J 206 27.46 -94.23 15.43
C PHE J 206 28.84 -94.09 16.03
N SER J 207 29.50 -95.23 16.29
CA SER J 207 30.87 -95.16 16.80
C SER J 207 31.83 -94.69 15.74
N HIS J 208 31.68 -95.18 14.51
CA HIS J 208 32.57 -94.78 13.43
C HIS J 208 32.69 -93.27 13.30
N TYR J 209 31.56 -92.55 13.30
CA TYR J 209 31.63 -91.09 13.29
C TYR J 209 32.61 -90.58 14.33
N LYS J 210 32.44 -91.02 15.59
CA LYS J 210 33.33 -90.62 16.67
C LYS J 210 34.79 -90.70 16.26
N THR J 211 35.18 -91.83 15.65
CA THR J 211 36.54 -91.97 15.16
C THR J 211 36.95 -90.75 14.35
N PHE J 212 36.27 -90.53 13.21
CA PHE J 212 36.52 -89.33 12.41
C PHE J 212 36.66 -88.11 13.29
N ASN J 213 35.72 -87.92 14.22
CA ASN J 213 35.75 -86.76 15.10
C ASN J 213 37.12 -86.58 15.74
N ASP J 214 37.57 -87.57 16.51
CA ASP J 214 38.85 -87.39 17.19
C ASP J 214 39.98 -87.25 16.19
N ALA J 215 39.85 -87.90 15.03
CA ALA J 215 40.82 -87.72 13.96
C ALA J 215 41.04 -86.25 13.66
N LEU J 216 39.96 -85.49 13.51
CA LEU J 216 40.11 -84.06 13.27
C LEU J 216 40.67 -83.37 14.51
N LYS J 217 40.23 -83.78 15.70
CA LYS J 217 40.86 -83.29 16.92
C LYS J 217 42.33 -83.70 16.97
N LYS J 218 42.70 -84.73 16.22
CA LYS J 218 44.11 -85.08 16.01
C LYS J 218 44.85 -83.93 15.32
N ASN J 219 44.28 -83.42 14.22
CA ASN J 219 45.09 -82.77 13.22
C ASN J 219 44.69 -81.32 12.98
N LYS J 220 43.41 -81.07 12.76
CA LYS J 220 42.93 -79.72 12.41
C LYS J 220 41.69 -79.45 13.26
N ALA J 221 41.86 -78.72 14.35
CA ALA J 221 40.72 -78.41 15.20
C ALA J 221 39.70 -77.52 14.49
N SER J 222 40.19 -76.64 13.60
CA SER J 222 39.29 -75.75 12.89
C SER J 222 38.21 -76.53 12.16
N ASP J 223 38.61 -77.58 11.44
CA ASP J 223 37.63 -78.37 10.72
C ASP J 223 36.70 -79.11 11.64
N SER J 224 37.17 -79.51 12.82
CA SER J 224 36.30 -80.16 13.78
C SER J 224 35.19 -79.22 14.23
N SER J 225 35.58 -78.00 14.62
CA SER J 225 34.58 -77.02 15.05
C SER J 225 33.64 -76.69 13.89
N TYR J 226 34.17 -76.61 12.68
CA TYR J 226 33.33 -76.36 11.51
C TYR J 226 32.33 -77.49 11.32
N LEU J 227 32.77 -78.73 11.50
CA LEU J 227 31.87 -79.87 11.37
C LEU J 227 30.77 -79.82 12.41
N GLY J 228 31.11 -79.43 13.64
CA GLY J 228 30.08 -79.31 14.65
C GLY J 228 29.07 -78.23 14.34
N TRP J 229 29.56 -77.05 13.94
CA TRP J 229 28.66 -75.96 13.58
C TRP J 229 27.81 -76.32 12.37
N LEU J 230 28.30 -77.21 11.52
CA LEU J 230 27.51 -77.64 10.37
C LEU J 230 26.45 -78.64 10.78
N THR J 231 26.81 -79.61 11.63
CA THR J 231 25.85 -80.64 11.98
C THR J 231 24.72 -80.09 12.84
N HIS J 232 25.00 -79.11 13.69
CA HIS J 232 23.90 -78.54 14.47
C HIS J 232 22.91 -77.82 13.57
N GLY J 233 23.41 -77.05 12.60
CA GLY J 233 22.52 -76.41 11.66
C GLY J 233 21.70 -77.41 10.88
N TYR J 234 22.33 -78.50 10.44
CA TYR J 234 21.59 -79.51 9.69
C TYR J 234 20.54 -80.18 10.56
N SER J 235 20.80 -80.31 11.86
CA SER J 235 19.79 -80.87 12.74
C SER J 235 18.60 -79.94 12.87
N ILE J 236 18.86 -78.64 13.04
CA ILE J 236 17.76 -77.68 13.11
C ILE J 236 16.95 -77.71 11.82
N LYS J 237 17.62 -77.84 10.68
CA LYS J 237 16.93 -77.76 9.40
C LYS J 237 15.89 -78.87 9.25
N TYR J 238 16.27 -80.11 9.55
CA TYR J 238 15.39 -81.25 9.32
C TYR J 238 14.48 -81.54 10.51
N GLY J 239 14.25 -80.55 11.36
CA GLY J 239 13.15 -80.62 12.31
C GLY J 239 13.34 -81.53 13.50
N LEU J 240 14.57 -81.64 14.02
CA LEU J 240 14.71 -82.29 15.31
C LEU J 240 14.37 -81.32 16.44
N SER J 241 14.66 -80.04 16.25
CA SER J 241 14.35 -79.01 17.25
C SER J 241 13.69 -77.82 16.54
N PRO J 242 12.36 -77.76 16.53
CA PRO J 242 11.68 -76.66 15.85
C PRO J 242 11.66 -75.37 16.67
N ASN J 243 12.15 -74.28 16.09
CA ASN J 243 12.09 -72.98 16.73
C ASN J 243 10.95 -72.11 16.21
N ASN J 244 10.36 -72.51 15.08
CA ASN J 244 9.13 -72.02 14.48
C ASN J 244 9.29 -70.68 13.78
N GLU J 245 10.39 -69.95 13.97
CA GLU J 245 10.58 -68.71 13.22
C GLU J 245 11.86 -68.71 12.40
N ARG J 246 13.03 -68.85 13.03
CA ARG J 246 14.30 -68.65 12.36
C ARG J 246 15.46 -68.89 13.32
N SER J 247 16.62 -69.29 12.81
CA SER J 247 17.83 -69.37 13.59
C SER J 247 18.67 -68.13 13.33
N MET J 248 19.22 -67.55 14.39
CA MET J 248 19.99 -66.32 14.21
C MET J 248 21.36 -66.58 13.60
N PHE J 249 22.00 -67.69 13.95
CA PHE J 249 23.42 -67.84 13.63
C PHE J 249 23.82 -69.26 13.25
N PHE J 250 22.94 -70.02 12.60
CA PHE J 250 23.36 -71.37 12.30
C PHE J 250 23.31 -71.74 10.82
N GLN J 251 22.39 -71.18 10.06
CA GLN J 251 22.28 -71.57 8.67
C GLN J 251 23.07 -70.66 7.73
N ASP J 252 23.65 -69.58 8.23
CA ASP J 252 24.27 -68.57 7.40
C ASP J 252 25.77 -68.79 7.32
N GLY J 253 26.32 -68.59 6.12
CA GLY J 253 27.74 -68.79 5.94
C GLY J 253 28.58 -67.69 6.56
N ARG J 254 28.08 -66.46 6.54
CA ARG J 254 28.87 -65.35 7.06
C ARG J 254 28.94 -65.32 8.58
N LYS J 255 28.27 -66.22 9.28
CA LYS J 255 28.39 -66.28 10.73
C LYS J 255 29.58 -67.13 11.15
N TYR J 256 29.81 -68.24 10.44
CA TYR J 256 30.98 -69.05 10.75
C TYR J 256 32.26 -68.27 10.54
N ALA J 257 32.29 -67.37 9.56
CA ALA J 257 33.48 -66.56 9.35
C ALA J 257 33.76 -65.70 10.56
N GLU J 258 32.73 -65.06 11.11
CA GLU J 258 32.94 -64.23 12.29
C GLU J 258 33.37 -65.07 13.48
N LEU J 259 32.77 -66.24 13.65
CA LEU J 259 33.15 -67.09 14.77
C LEU J 259 34.60 -67.53 14.66
N TYR J 260 35.03 -67.91 13.45
CA TYR J 260 36.42 -68.31 13.26
C TYR J 260 37.37 -67.14 13.53
N ALA J 261 37.04 -65.96 13.01
CA ALA J 261 37.88 -64.79 13.25
C ALA J 261 38.05 -64.54 14.74
N PHE J 262 36.96 -64.62 15.50
CA PHE J 262 37.08 -64.47 16.94
C PHE J 262 37.93 -65.57 17.52
N SER J 263 37.77 -66.80 17.03
CA SER J 263 38.49 -67.94 17.60
C SER J 263 39.99 -67.81 17.39
N LYS J 264 40.42 -67.11 16.35
CA LYS J 264 41.87 -66.97 16.14
C LYS J 264 42.47 -65.77 16.86
N SER J 265 41.75 -64.65 16.96
CA SER J 265 42.21 -63.48 17.71
C SER J 265 41.09 -63.05 18.63
N PRO J 266 41.14 -63.42 19.91
CA PRO J 266 39.97 -63.22 20.77
C PRO J 266 39.67 -61.77 21.08
N HIS J 267 40.67 -60.89 21.02
CA HIS J 267 40.43 -59.51 21.43
C HIS J 267 39.33 -58.83 20.63
N ARG J 268 38.94 -59.39 19.49
CA ARG J 268 37.82 -58.84 18.73
C ARG J 268 36.59 -58.68 19.61
N LYS J 269 36.41 -59.55 20.60
CA LYS J 269 35.25 -59.44 21.47
C LYS J 269 35.23 -58.14 22.23
N ILE J 270 36.40 -57.62 22.61
CA ILE J 270 36.44 -56.38 23.39
C ILE J 270 36.10 -55.19 22.51
N ILE J 271 36.62 -55.17 21.28
CA ILE J 271 36.32 -54.12 20.32
C ILE J 271 35.54 -54.74 19.16
N PRO J 272 34.24 -54.98 19.31
CA PRO J 272 33.51 -55.72 18.29
C PRO J 272 33.14 -54.86 17.09
N GLY J 273 33.09 -55.51 15.94
CA GLY J 273 32.45 -54.92 14.79
C GLY J 273 30.94 -55.03 14.91
N GLU J 274 30.26 -54.74 13.81
CA GLU J 274 28.81 -54.75 13.81
C GLU J 274 28.27 -56.18 13.87
N HIS J 275 28.82 -57.07 13.05
CA HIS J 275 28.34 -58.45 13.04
C HIS J 275 28.66 -59.15 14.35
N LEU J 276 29.81 -58.86 14.94
CA LEU J 276 30.05 -59.38 16.27
C LEU J 276 29.08 -58.77 17.28
N LYS J 277 28.72 -57.50 17.08
CA LYS J 277 27.82 -56.84 18.02
C LYS J 277 26.47 -57.52 18.05
N ASP J 278 25.84 -57.68 16.90
CA ASP J 278 24.52 -58.28 16.90
C ASP J 278 24.60 -59.77 17.24
N LEU J 279 25.73 -60.43 16.94
CA LEU J 279 25.95 -61.77 17.48
C LEU J 279 25.83 -61.78 19.00
N LEU J 280 26.60 -60.92 19.67
CA LEU J 280 26.62 -60.95 21.13
C LEU J 280 25.28 -60.51 21.70
N ALA J 281 24.57 -59.62 21.02
CA ALA J 281 23.24 -59.24 21.46
C ALA J 281 22.30 -60.43 21.43
N LYS J 282 22.30 -61.18 20.34
CA LYS J 282 21.44 -62.35 20.26
C LYS J 282 21.81 -63.37 21.31
N ILE J 283 23.12 -63.51 21.59
CA ILE J 283 23.56 -64.47 22.60
C ILE J 283 23.02 -64.08 23.97
N ASN J 284 23.15 -62.80 24.34
CA ASN J 284 22.62 -62.36 25.63
C ASN J 284 21.11 -62.53 25.71
N LYS J 285 20.41 -62.27 24.61
CA LYS J 285 18.96 -62.42 24.62
C LYS J 285 18.56 -63.88 24.84
N SER J 286 19.21 -64.79 24.13
CA SER J 286 18.91 -66.21 24.29
C SER J 286 19.29 -66.70 25.69
N LYS J 287 20.38 -66.16 26.24
CA LYS J 287 20.74 -66.48 27.61
C LYS J 287 19.64 -66.07 28.58
N GLY J 288 19.20 -64.82 28.47
CA GLY J 288 18.12 -64.36 29.32
C GLY J 288 16.89 -65.22 29.20
N ILE J 289 16.51 -65.59 27.98
CA ILE J 289 15.37 -66.47 27.79
C ILE J 289 15.59 -67.80 28.50
N PHE J 290 16.81 -68.32 28.45
CA PHE J 290 17.11 -69.60 29.09
C PHE J 290 17.04 -69.52 30.61
N LEU J 291 17.27 -68.34 31.19
CA LEU J 291 17.38 -68.23 32.65
C LEU J 291 16.14 -67.64 33.31
N ASP J 292 14.97 -67.81 32.72
CA ASP J 292 13.70 -67.42 33.35
C ASP J 292 12.79 -68.64 33.42
N GLN J 293 12.24 -68.90 34.60
CA GLN J 293 11.67 -70.20 34.95
C GLN J 293 10.25 -70.41 34.43
N ASN J 294 9.49 -69.35 34.29
CA ASN J 294 8.13 -69.50 33.82
C ASN J 294 7.96 -69.23 32.34
N ALA J 295 9.04 -69.03 31.60
CA ALA J 295 8.89 -69.19 30.16
C ALA J 295 8.59 -70.66 29.85
N LEU J 296 8.21 -70.92 28.60
CA LEU J 296 7.82 -72.27 28.23
C LEU J 296 9.05 -73.18 28.23
N LEU J 297 8.78 -74.50 28.20
CA LEU J 297 9.88 -75.47 28.26
C LEU J 297 10.63 -75.55 26.94
N ASP J 298 9.91 -75.53 25.82
CA ASP J 298 10.55 -75.73 24.53
C ASP J 298 11.53 -74.62 24.21
N LYS J 299 11.15 -73.38 24.52
CA LYS J 299 12.07 -72.27 24.30
C LYS J 299 13.34 -72.44 25.11
N ARG J 300 13.22 -72.82 26.38
CA ARG J 300 14.39 -72.99 27.22
C ARG J 300 15.28 -74.11 26.70
N ILE J 301 14.66 -75.21 26.23
CA ILE J 301 15.45 -76.32 25.70
C ILE J 301 16.19 -75.91 24.45
N TYR J 302 15.51 -75.19 23.55
CA TYR J 302 16.15 -74.72 22.32
C TYR J 302 17.32 -73.79 22.64
N ALA J 303 17.09 -72.84 23.55
CA ALA J 303 18.16 -71.93 23.95
C ALA J 303 19.33 -72.68 24.55
N PHE J 304 19.05 -73.67 25.39
CA PHE J 304 20.13 -74.47 25.95
C PHE J 304 20.92 -75.17 24.87
N HIS J 305 20.24 -75.77 23.90
CA HIS J 305 20.95 -76.49 22.84
C HIS J 305 21.87 -75.56 22.08
N GLU J 306 21.37 -74.39 21.68
CA GLU J 306 22.19 -73.45 20.94
C GLU J 306 23.39 -73.00 21.75
N LEU J 307 23.17 -72.57 22.99
CA LEU J 307 24.27 -72.09 23.82
C LEU J 307 25.28 -73.19 24.07
N ASN J 308 24.81 -74.43 24.23
CA ASN J 308 25.72 -75.53 24.47
C ASN J 308 26.61 -75.79 23.27
N THR J 309 26.03 -75.80 22.07
CA THR J 309 26.84 -75.99 20.88
C THR J 309 27.89 -74.89 20.74
N LEU J 310 27.46 -73.64 20.90
CA LEU J 310 28.41 -72.53 20.79
C LEU J 310 29.54 -72.68 21.79
N GLU J 311 29.22 -73.02 23.04
CA GLU J 311 30.27 -73.07 24.06
C GLU J 311 31.19 -74.27 23.84
N THR J 312 30.65 -75.39 23.38
CA THR J 312 31.50 -76.57 23.22
C THR J 312 32.39 -76.45 22.00
N HIS J 313 31.99 -75.68 20.99
CA HIS J 313 32.85 -75.63 19.81
C HIS J 313 33.68 -74.36 19.72
N PHE J 314 33.17 -73.25 20.24
CA PHE J 314 33.93 -72.00 20.28
C PHE J 314 34.04 -71.57 21.74
N PRO J 315 35.06 -72.02 22.45
CA PRO J 315 35.11 -71.82 23.90
C PRO J 315 35.32 -70.37 24.27
N GLY J 316 34.58 -69.91 25.27
CA GLY J 316 34.76 -68.59 25.83
C GLY J 316 33.93 -67.48 25.22
N ILE J 317 33.17 -67.77 24.15
CA ILE J 317 32.43 -66.70 23.51
C ILE J 317 31.18 -66.35 24.31
N THR J 318 30.56 -67.32 24.96
CA THR J 318 29.35 -67.06 25.73
C THR J 318 29.62 -66.51 27.12
N SER J 319 30.88 -66.35 27.49
CA SER J 319 31.22 -65.96 28.85
C SER J 319 31.22 -64.45 29.02
N SER J 320 30.54 -63.98 30.07
CA SER J 320 30.68 -62.62 30.58
C SER J 320 30.88 -62.72 32.07
N PHE J 321 32.00 -62.17 32.57
CA PHE J 321 32.46 -62.53 33.90
C PHE J 321 31.43 -62.22 34.97
N THR J 322 30.99 -60.96 35.06
CA THR J 322 30.28 -60.51 36.25
C THR J 322 28.99 -61.28 36.47
N ASP J 323 28.06 -61.22 35.52
CA ASP J 323 26.71 -61.72 35.76
C ASP J 323 26.66 -63.24 35.86
N ASP J 324 27.69 -63.93 35.39
CA ASP J 324 27.70 -65.39 35.45
C ASP J 324 27.62 -65.89 36.88
N LEU J 325 28.15 -65.14 37.84
CA LEU J 325 28.15 -65.60 39.22
C LEU J 325 26.80 -65.36 39.88
N LYS J 326 26.17 -64.20 39.60
CA LYS J 326 24.84 -63.93 40.09
C LYS J 326 23.82 -64.90 39.51
N SER J 327 23.97 -65.25 38.23
CA SER J 327 23.07 -66.24 37.66
C SER J 327 23.51 -67.65 37.99
N ASN J 328 24.80 -67.93 37.92
CA ASN J 328 25.37 -69.25 38.16
C ASN J 328 24.72 -70.29 37.24
N TYR J 329 24.83 -70.03 35.94
CA TYR J 329 24.22 -70.86 34.92
C TYR J 329 25.16 -71.92 34.38
N ARG J 330 26.47 -71.79 34.64
CA ARG J 330 27.43 -72.77 34.13
C ARG J 330 27.11 -74.17 34.65
N LYS J 331 27.04 -74.32 35.97
CA LYS J 331 26.69 -75.60 36.56
C LYS J 331 25.33 -76.09 36.08
N LYS J 332 24.41 -75.16 35.83
CA LYS J 332 23.12 -75.53 35.26
C LYS J 332 23.31 -76.19 33.91
N MET J 333 24.13 -75.59 33.04
CA MET J 333 24.42 -76.18 31.74
C MET J 333 24.98 -77.59 31.90
N GLU J 334 25.95 -77.74 32.80
CA GLU J 334 26.52 -79.07 33.02
C GLU J 334 25.45 -80.06 33.46
N SER J 335 24.54 -79.62 34.32
CA SER J 335 23.49 -80.51 34.80
C SER J 335 22.58 -80.97 33.67
N VAL J 336 22.17 -80.04 32.81
CA VAL J 336 21.30 -80.40 31.70
C VAL J 336 22.01 -81.35 30.75
N SER J 337 23.30 -81.12 30.50
CA SER J 337 24.07 -82.03 29.67
C SER J 337 24.10 -83.42 30.29
N LEU J 338 24.35 -83.49 31.59
CA LEU J 338 24.37 -84.77 32.27
C LEU J 338 23.00 -85.45 32.13
N THR J 339 21.93 -84.67 32.24
CA THR J 339 20.58 -85.21 32.08
C THR J 339 20.40 -85.82 30.70
N CYS J 340 20.81 -85.10 29.66
CA CYS J 340 20.62 -85.62 28.30
C CYS J 340 21.39 -86.93 28.11
N GLN J 341 22.62 -86.98 28.60
CA GLN J 341 23.41 -88.22 28.48
C GLN J 341 22.71 -89.38 29.17
N VAL J 342 22.31 -89.19 30.43
CA VAL J 342 21.72 -90.28 31.20
C VAL J 342 20.38 -90.70 30.60
N LEU J 343 19.63 -89.73 30.05
CA LEU J 343 18.37 -90.06 29.41
C LEU J 343 18.59 -90.91 28.16
N GLN J 344 19.59 -90.57 27.36
CA GLN J 344 19.90 -91.38 26.20
C GLN J 344 20.24 -92.81 26.61
N GLU J 345 21.03 -92.96 27.67
CA GLU J 345 21.37 -94.32 28.11
C GLU J 345 20.14 -95.08 28.62
N ILE J 346 19.23 -94.38 29.31
CA ILE J 346 18.03 -95.05 29.80
C ILE J 346 17.16 -95.50 28.63
N GLY J 347 17.08 -94.67 27.59
CA GLY J 347 16.38 -95.09 26.38
C GLY J 347 17.04 -96.31 25.74
N ASN J 348 18.37 -96.36 25.75
CA ASN J 348 19.07 -97.53 25.25
C ASN J 348 18.67 -98.78 26.03
N ILE J 349 18.63 -98.67 27.36
CA ILE J 349 18.25 -99.82 28.19
C ILE J 349 16.82 -100.24 27.89
N HIS J 350 15.92 -99.27 27.75
CA HIS J 350 14.53 -99.59 27.45
C HIS J 350 14.39 -100.30 26.12
N ARG J 351 15.17 -99.88 25.11
CA ARG J 351 15.14 -100.58 23.83
C ARG J 351 15.73 -101.98 23.97
N PHE J 352 16.76 -102.13 24.80
CA PHE J 352 17.38 -103.45 24.99
C PHE J 352 16.41 -104.42 25.65
N ILE J 353 15.53 -103.91 26.51
CA ILE J 353 14.54 -104.75 27.19
C ILE J 353 13.71 -105.52 26.16
N GLU J 354 13.46 -104.92 25.01
CA GLU J 354 12.63 -105.57 24.00
C GLU J 354 13.27 -106.85 23.50
N SER J 355 14.60 -106.96 23.58
CA SER J 355 15.25 -108.20 23.22
C SER J 355 14.84 -109.34 24.16
N LYS J 356 14.34 -109.00 25.34
CA LYS J 356 13.98 -110.03 26.32
C LYS J 356 12.58 -110.57 26.08
N VAL J 357 11.82 -109.95 25.17
CA VAL J 357 10.45 -110.43 24.93
C VAL J 357 10.51 -111.79 24.25
N PRO J 358 9.71 -112.76 24.69
CA PRO J 358 9.71 -114.09 24.02
C PRO J 358 9.49 -114.00 22.52
N TYR J 359 8.57 -113.15 22.07
CA TYR J 359 8.27 -113.00 20.66
C TYR J 359 8.60 -111.57 20.24
N HIS J 360 9.89 -111.33 19.96
CA HIS J 360 10.27 -110.06 19.34
C HIS J 360 11.39 -110.26 18.33
N SER J 361 11.22 -111.24 17.43
CA SER J 361 12.15 -111.40 16.31
C SER J 361 12.38 -110.08 15.59
N SER J 362 11.36 -109.24 15.50
CA SER J 362 11.49 -107.95 14.87
C SER J 362 12.42 -107.05 15.68
N THR J 363 13.36 -106.42 14.99
CA THR J 363 14.31 -105.54 15.64
C THR J 363 13.60 -104.26 16.10
N GLU J 364 14.07 -103.73 17.23
CA GLU J 364 13.47 -102.56 17.85
C GLU J 364 14.38 -101.34 17.75
N TYR J 365 15.43 -101.41 16.94
CA TYR J 365 16.37 -100.31 16.78
C TYR J 365 16.23 -99.59 15.45
N GLY J 366 15.88 -100.29 14.38
CA GLY J 366 15.71 -99.66 13.10
C GLY J 366 16.05 -100.62 11.99
N LEU J 367 15.90 -100.12 10.77
CA LEU J 367 16.17 -100.92 9.58
C LEU J 367 17.63 -101.34 9.56
N PHE J 368 17.88 -102.64 9.42
CA PHE J 368 19.21 -103.21 9.28
C PHE J 368 20.12 -102.85 10.46
N SER J 369 19.51 -102.59 11.62
CA SER J 369 20.31 -102.40 12.82
C SER J 369 21.01 -103.69 13.22
N ILE J 370 20.30 -104.81 13.15
CA ILE J 370 20.84 -106.11 13.55
C ILE J 370 20.46 -107.16 12.51
N PRO J 371 21.42 -107.92 11.99
CA PRO J 371 21.08 -109.03 11.11
C PRO J 371 20.57 -110.22 11.91
N LYS J 372 19.56 -110.89 11.35
CA LYS J 372 18.93 -111.99 12.06
C LYS J 372 19.84 -113.19 12.20
N ILE J 373 21.01 -113.18 11.56
CA ILE J 373 21.99 -114.24 11.78
C ILE J 373 22.46 -114.26 13.23
N PHE J 374 22.48 -113.11 13.90
CA PHE J 374 22.81 -113.05 15.32
C PHE J 374 21.55 -112.96 16.17
N SER J 375 20.74 -111.92 15.96
CA SER J 375 19.41 -111.80 16.53
C SER J 375 19.40 -112.22 18.01
N ILE J 376 20.09 -111.40 18.81
CA ILE J 376 20.30 -111.62 20.24
C ILE J 376 19.01 -112.17 20.85
N PRO J 377 19.10 -113.24 21.63
CA PRO J 377 17.92 -114.07 21.90
C PRO J 377 17.16 -113.64 23.15
N ILE J 378 16.18 -114.47 23.50
CA ILE J 378 15.33 -114.28 24.66
C ILE J 378 15.93 -114.90 25.91
N ASP J 379 17.09 -115.55 25.79
CA ASP J 379 17.62 -116.42 26.84
C ASP J 379 18.07 -115.56 28.02
N TYR J 380 17.20 -115.48 29.02
CA TYR J 380 17.58 -114.88 30.29
C TYR J 380 18.75 -115.63 30.91
N LYS J 381 19.82 -114.90 31.20
CA LYS J 381 20.98 -115.49 31.82
C LYS J 381 20.97 -115.25 33.32
N HIS J 382 21.93 -115.88 34.01
CA HIS J 382 22.00 -115.83 35.46
C HIS J 382 22.06 -114.39 35.97
N GLY J 383 22.99 -113.61 35.41
CA GLY J 383 23.25 -112.30 35.98
C GLY J 383 22.25 -111.23 35.57
N GLU J 384 21.69 -111.37 34.36
CA GLU J 384 20.97 -110.25 33.74
C GLU J 384 19.89 -109.67 34.63
N LYS J 385 19.06 -110.53 35.23
CA LYS J 385 17.92 -110.06 36.02
C LYS J 385 18.36 -109.18 37.18
N GLU J 386 19.56 -109.42 37.72
CA GLU J 386 20.09 -108.59 38.79
C GLU J 386 20.91 -107.42 38.27
N ASN J 387 21.67 -107.66 37.21
CA ASN J 387 22.59 -106.66 36.69
C ASN J 387 21.85 -105.48 36.10
N LEU J 388 20.72 -105.73 35.44
CA LEU J 388 19.94 -104.64 34.86
C LEU J 388 19.39 -103.71 35.93
N VAL J 389 18.71 -104.28 36.94
CA VAL J 389 18.15 -103.44 37.98
C VAL J 389 19.27 -102.74 38.74
N SER J 390 20.37 -103.43 38.99
CA SER J 390 21.50 -102.79 39.65
C SER J 390 22.04 -101.63 38.80
N TYR J 391 22.16 -101.84 37.49
CA TYR J 391 22.72 -100.82 36.62
C TYR J 391 21.84 -99.59 36.56
N VAL J 392 20.52 -99.77 36.48
CA VAL J 392 19.64 -98.60 36.45
C VAL J 392 19.68 -97.86 37.79
N ASP J 393 19.74 -98.60 38.91
CA ASP J 393 19.83 -97.93 40.21
C ASP J 393 21.14 -97.16 40.34
N PHE J 394 22.26 -97.78 39.93
CA PHE J 394 23.55 -97.08 39.95
C PHE J 394 23.53 -95.85 39.04
N LEU J 395 22.87 -95.95 37.89
CA LEU J 395 22.77 -94.79 37.01
C LEU J 395 22.06 -93.64 37.72
N TYR J 396 20.90 -93.92 38.30
CA TYR J 396 20.14 -92.85 38.96
C TYR J 396 20.90 -92.32 40.17
N SER J 397 21.61 -93.19 40.89
CA SER J 397 22.37 -92.74 42.05
C SER J 397 23.52 -91.82 41.63
N THR J 398 24.29 -92.23 40.62
CA THR J 398 25.37 -91.40 40.11
C THR J 398 24.84 -90.07 39.60
N ALA J 399 23.64 -90.07 39.01
CA ALA J 399 23.10 -88.83 38.47
C ALA J 399 22.61 -87.90 39.59
N HIS J 400 22.01 -88.46 40.64
CA HIS J 400 21.35 -87.62 41.64
C HIS J 400 22.32 -86.72 42.39
N GLU J 401 23.62 -87.05 42.36
CA GLU J 401 24.59 -86.29 43.15
C GLU J 401 24.96 -84.98 42.48
N ARG J 402 25.43 -85.05 41.23
CA ARG J 402 26.00 -83.88 40.57
C ARG J 402 24.95 -82.85 40.17
N ILE J 403 23.69 -83.25 40.05
CA ILE J 403 22.64 -82.30 39.68
C ILE J 403 22.46 -81.27 40.78
N LEU J 404 22.34 -80.01 40.40
CA LEU J 404 21.98 -78.98 41.36
C LEU J 404 20.47 -78.87 41.47
N GLN J 405 20.00 -78.52 42.65
CA GLN J 405 18.58 -78.57 42.98
C GLN J 405 18.07 -77.16 43.24
N ASP J 406 17.30 -76.64 42.28
CA ASP J 406 16.62 -75.36 42.45
C ASP J 406 15.49 -75.29 41.43
N ASN J 407 14.32 -74.83 41.90
CA ASN J 407 13.11 -74.97 41.11
C ASN J 407 13.19 -74.22 39.78
N SER J 408 13.95 -73.13 39.72
CA SER J 408 14.20 -72.49 38.44
C SER J 408 14.90 -73.44 37.46
N ILE J 409 15.84 -74.25 37.95
CA ILE J 409 16.52 -75.27 37.15
C ILE J 409 15.86 -76.65 37.28
N ASN J 410 15.09 -76.87 38.35
CA ASN J 410 14.47 -78.17 38.57
C ASN J 410 13.57 -78.58 37.40
N GLN J 411 13.05 -77.60 36.66
CA GLN J 411 12.05 -77.87 35.63
C GLN J 411 12.62 -78.69 34.47
N LEU J 412 13.94 -78.63 34.25
CA LEU J 412 14.46 -79.25 33.04
C LEU J 412 15.25 -80.52 33.30
N CYS J 413 15.72 -80.75 34.52
CA CYS J 413 16.55 -81.91 34.82
C CYS J 413 15.94 -82.84 35.85
N LEU J 414 15.27 -82.31 36.88
CA LEU J 414 14.68 -83.18 37.88
C LEU J 414 13.50 -83.97 37.32
N ASP J 415 12.47 -83.28 36.81
CA ASP J 415 11.27 -84.02 36.40
C ASP J 415 11.47 -85.00 35.24
N PRO J 416 12.37 -84.78 34.25
CA PRO J 416 12.58 -85.85 33.25
C PRO J 416 13.09 -87.13 33.89
N LEU J 417 14.05 -86.98 34.81
CA LEU J 417 14.61 -88.13 35.51
C LEU J 417 13.56 -88.81 36.37
N GLN J 418 12.73 -88.00 37.05
CA GLN J 418 11.69 -88.57 37.91
C GLN J 418 10.68 -89.36 37.09
N GLU J 419 10.21 -88.77 35.98
CA GLU J 419 9.25 -89.44 35.12
C GLU J 419 9.85 -90.71 34.51
N SER J 420 11.12 -90.64 34.10
CA SER J 420 11.75 -91.83 33.53
C SER J 420 11.90 -92.93 34.57
N LEU J 421 12.32 -92.57 35.79
CA LEU J 421 12.39 -93.56 36.86
C LEU J 421 11.01 -94.18 37.10
N ASN J 422 9.96 -93.38 37.01
CA ASN J 422 8.60 -93.91 37.19
C ASN J 422 8.25 -94.91 36.10
N ARG J 423 8.38 -94.50 34.84
CA ARG J 423 8.07 -95.40 33.73
C ARG J 423 8.89 -96.68 33.83
N ILE J 424 10.18 -96.55 34.15
CA ILE J 424 11.07 -97.69 34.17
C ILE J 424 10.73 -98.64 35.32
N LYS J 425 10.51 -98.09 36.52
CA LYS J 425 10.15 -98.93 37.65
C LYS J 425 8.78 -99.57 37.45
N SER J 426 7.91 -98.94 36.66
CA SER J 426 6.61 -99.53 36.40
C SER J 426 6.70 -100.66 35.37
N ASN J 427 7.52 -100.50 34.33
CA ASN J 427 7.50 -101.49 33.26
C ASN J 427 8.55 -102.58 33.43
N ILE J 428 9.56 -102.38 34.28
CA ILE J 428 10.55 -103.44 34.54
C ILE J 428 9.89 -104.74 34.99
N PRO J 429 9.02 -104.76 36.01
CA PRO J 429 8.49 -106.06 36.47
C PRO J 429 7.67 -106.77 35.41
N VAL J 430 6.70 -106.08 34.81
CA VAL J 430 5.76 -106.75 33.89
C VAL J 430 6.52 -107.47 32.79
N PHE J 431 7.62 -106.88 32.32
CA PHE J 431 8.50 -107.59 31.39
C PHE J 431 9.28 -108.69 32.10
N PHE J 432 9.60 -108.51 33.39
CA PHE J 432 10.39 -109.54 34.08
C PHE J 432 9.61 -110.82 34.31
N ASN J 433 8.29 -110.74 34.43
CA ASN J 433 7.50 -111.97 34.52
C ASN J 433 7.54 -112.72 33.20
N LEU J 434 7.06 -112.08 32.13
CA LEU J 434 6.96 -112.72 30.84
C LEU J 434 7.55 -111.81 29.77
PG ATP K . -5.72 35.73 15.34
O1G ATP K . -6.81 35.61 16.36
O2G ATP K . -4.36 35.35 15.83
O3G ATP K . -6.07 35.17 13.99
PB ATP K . -5.00 38.28 16.16
O1B ATP K . -6.02 38.52 17.23
O2B ATP K . -3.64 37.78 16.51
O3B ATP K . -5.62 37.31 15.07
PA ATP K . -3.36 40.03 14.82
O1A ATP K . -2.87 38.87 14.01
O2A ATP K . -2.50 40.56 15.91
O3A ATP K . -4.81 39.64 15.36
O5' ATP K . -3.67 41.21 13.80
C5' ATP K . -3.71 40.94 12.41
C4' ATP K . -3.22 42.16 11.65
O4' ATP K . -3.84 43.33 12.15
C3' ATP K . -1.73 42.34 11.87
O3' ATP K . -1.09 42.29 10.61
C2' ATP K . -1.56 43.74 12.43
O2' ATP K . -0.58 44.40 11.65
C1' ATP K . -2.90 44.38 12.21
N9 ATP K . -3.21 45.29 13.33
C8 ATP K . -3.70 44.92 14.51
N7 ATP K . -3.89 46.00 15.30
C5 ATP K . -3.51 47.08 14.62
C6 ATP K . -3.45 48.51 14.87
N6 ATP K . -3.84 49.04 16.05
N1 ATP K . -2.99 49.30 13.88
C2 ATP K . -2.61 48.80 12.70
N3 ATP K . -2.64 47.49 12.41
C4 ATP K . -3.08 46.60 13.32
PG ATP L . -3.63 3.58 39.05
O1G ATP L . -3.62 2.19 39.62
O2G ATP L . -2.26 4.13 38.76
O3G ATP L . -4.63 3.79 37.96
PB ATP L . -3.30 4.78 41.53
O1B ATP L . -3.32 3.57 42.41
O2B ATP L . -2.01 5.37 41.07
O3B ATP L . -4.19 4.47 40.25
PA ATP L . -3.62 7.45 42.09
O1A ATP L . -3.52 7.72 40.63
O2A ATP L . -2.45 7.73 42.97
O3A ATP L . -4.10 5.94 42.25
O5' ATP L . -4.86 8.29 42.64
C5' ATP L . -5.77 8.88 41.72
C4' ATP L . -6.30 10.16 42.31
O4' ATP L . -6.71 9.95 43.65
C3' ATP L . -5.21 11.20 42.36
O3' ATP L . -5.63 12.31 41.58
C2' ATP L . -5.12 11.64 43.78
O2' ATP L . -5.18 13.06 43.82
C1' ATP L . -6.35 11.08 44.43
N9 ATP L . -6.05 10.64 45.81
C8 ATP L . -5.46 9.51 46.17
N7 ATP L . -5.34 9.42 47.51
C5 ATP L . -5.87 10.53 48.02
C6 ATP L . -6.07 11.08 49.37
N6 ATP L . -5.66 10.39 50.46
N1 ATP L . -6.66 12.27 49.48
C2 ATP L . -7.07 12.95 48.40
N3 ATP L . -6.92 12.52 47.15
C4 ATP L . -6.34 11.33 46.90
PG ATP M . 37.78 -4.84 -9.97
O1G ATP M . 37.96 -4.19 -11.30
O2G ATP M . 37.84 -3.88 -8.81
O3G ATP M . 36.65 -5.82 -9.90
PB ATP M . 40.51 -5.10 -9.53
O1B ATP M . 41.04 -4.57 -10.82
O2B ATP M . 40.40 -4.23 -8.32
O3B ATP M . 39.09 -5.76 -9.80
PA ATP M . 41.70 -6.62 -7.56
O1A ATP M . 40.39 -6.65 -6.85
O2A ATP M . 42.78 -5.71 -7.06
O3A ATP M . 41.40 -6.36 -9.11
O5' ATP M . 42.27 -8.10 -7.56
C5' ATP M . 41.42 -9.17 -7.18
C4' ATP M . 42.25 -10.25 -6.50
O4' ATP M . 43.42 -10.52 -7.26
C3' ATP M . 42.72 -9.75 -5.16
O3' ATP M . 42.20 -10.64 -4.16
C2' ATP M . 44.20 -9.87 -5.16
O2' ATP M . 44.59 -10.58 -3.99
C1' ATP M . 44.51 -10.71 -6.37
N9 ATP M . 45.75 -10.25 -7.01
C8 ATP M . 45.88 -9.20 -7.82
N7 ATP M . 47.16 -9.06 -8.24
C5 ATP M . 47.87 -10.04 -7.68
C6 ATP M . 49.27 -10.48 -7.70
N6 ATP M . 50.19 -9.80 -8.41
N1 ATP M . 49.60 -11.55 -6.97
C2 ATP M . 48.70 -12.21 -6.26
N3 ATP M . 47.40 -11.88 -6.19
C4 ATP M . 46.94 -10.82 -6.87
PG ATP N . 19.87 30.55 -15.00
O1G ATP N . 18.88 31.67 -15.16
O2G ATP N . 20.42 30.41 -13.61
O3G ATP N . 19.43 29.26 -15.62
PB ATP N . 22.07 32.19 -15.42
O1B ATP N . 21.39 33.49 -15.70
O2B ATP N . 22.57 31.87 -14.05
O3B ATP N . 21.11 31.01 -15.90
PA ATP N . 24.64 31.35 -15.89
O1A ATP N . 24.25 30.01 -15.36
O2A ATP N . 25.45 32.27 -15.04
O3A ATP N . 23.31 32.05 -16.41
O5' ATP N . 25.45 31.09 -17.25
C5' ATP N . 25.45 29.81 -17.83
C4' ATP N . 26.78 29.58 -18.52
O4' ATP N . 27.12 30.70 -19.31
C3' ATP N . 27.87 29.43 -17.49
O3' ATP N . 28.46 28.14 -17.66
C2' ATP N . 28.90 30.46 -17.83
O2' ATP N . 30.17 29.82 -17.89
C1' ATP N . 28.51 30.94 -19.20
N9 ATP N . 28.79 32.38 -19.31
C8 ATP N . 28.01 33.37 -18.86
N7 ATP N . 28.54 34.57 -19.14
C5 ATP N . 29.68 34.37 -19.80
C6 ATP N . 30.73 35.20 -20.39
N6 ATP N . 30.67 36.55 -20.33
N1 ATP N . 31.76 34.59 -21.00
C2 ATP N . 31.83 33.25 -21.06
N3 ATP N . 30.91 32.43 -20.54
C4 ATP N . 29.83 32.92 -19.92
PG ATP O . 23.27 -21.53 23.35
O1G ATP O . 24.07 -22.44 22.46
O2G ATP O . 23.84 -20.15 23.47
O3G ATP O . 21.79 -21.58 23.12
PB ATP O . 24.84 -22.06 25.58
O1B ATP O . 25.78 -23.08 25.02
O2B ATP O . 25.22 -20.62 25.66
O3B ATP O . 23.45 -22.16 24.81
PA ATP O . 24.23 -21.39 28.18
O1A ATP O . 23.23 -20.42 27.65
O2A ATP O . 25.54 -20.87 28.70
O3A ATP O . 24.46 -22.50 27.06
O5' ATP O . 23.54 -22.20 29.36
C5' ATP O . 22.13 -22.11 29.52
C4' ATP O . 21.80 -22.24 30.99
O4' ATP O . 22.49 -23.33 31.56
C3' ATP O . 22.26 -21.00 31.73
O3' ATP O . 21.13 -20.40 32.34
C2' ATP O . 23.17 -21.49 32.82
O2' ATP O . 22.74 -20.92 34.05
C1' ATP O . 22.95 -22.97 32.86
N9 ATP O . 24.21 -23.67 33.15
C8 ATP O . 25.18 -23.94 32.28
N7 ATP O . 26.20 -24.59 32.88
C5 ATP O . 25.88 -24.76 34.16
C6 ATP O . 26.50 -25.36 35.34
N6 ATP O . 27.71 -25.95 35.26
N1 ATP O . 25.82 -25.32 36.50
C2 ATP O . 24.62 -24.74 36.58
N3 ATP O . 23.99 -24.17 35.56
C4 ATP O . 24.56 -24.14 34.33
#